data_6YMX
#
_entry.id   6YMX
#
_cell.length_a   1.00
_cell.length_b   1.00
_cell.length_c   1.00
_cell.angle_alpha   90.00
_cell.angle_beta   90.00
_cell.angle_gamma   90.00
#
_symmetry.space_group_name_H-M   'P 1'
#
loop_
_entity.id
_entity.type
_entity.pdbx_description
1 polymer 'Cytochrome c oxidase subunit 1'
2 polymer 'Cytochrome c oxidase subunit 2'
3 polymer 'Cytochrome c oxidase subunit 3'
4 polymer 'Cytochrome c oxidase subunit 4, mitochondrial'
5 polymer 'Cytochrome c oxidase subunit 5A, mitochondrial'
6 polymer 'Cytochrome c oxidase subunit 6, mitochondrial'
7 polymer 'Cytochrome c oxidase subunit 7, mitochondrial'
8 polymer 'Cytochrome c oxidase subunit 8, mitochondrial'
9 polymer 'Cytochrome c oxidase subunit 9, mitochondrial'
10 polymer 'Cytochrome c oxidase subunit 12, mitochondrial'
11 polymer 'Cytochrome c oxidase subunit 13, mitochondrial'
12 polymer 'Cytochrome c oxidase subunit 26, mitochondrial'
13 polymer 'Cytochrome b-c1 complex subunit 1, mitochondrial'
14 polymer 'Cytochrome b-c1 complex subunit 2, mitochondrial'
15 polymer 'Cytochrome b'
16 polymer 'Cytochrome c1, heme protein, mitochondrial'
17 polymer 'Cytochrome b-c1 complex subunit Rieske, mitochondrial'
18 polymer 'Cytochrome b-c1 complex subunit 6, mitochondrial'
19 polymer 'Cytochrome b-c1 complex subunit 7, mitochondrial'
20 polymer 'Cytochrome b-c1 complex subunit 8, mitochondrial'
21 polymer 'Cytochrome b-c1 complex subunit 9, mitochondrial'
22 polymer 'Cytochrome b-c1 complex subunit 6, mitochondrial'
23 polymer 'Cytochrome b-c1 complex subunit 9, mitochondrial'
24 polymer 'Cytochrome b-c1 complex subunit 10, mitochondrial'
25 polymer 'Cytochrome b-c1 complex subunit 10, mitochondrial'
26 non-polymer 'COPPER (II) ION'
27 non-polymer HEME-A
28 non-polymer PHOSPHATIDYLETHANOLAMINE
29 non-polymer '(2R,5S,11R,14R)-5,8,11-trihydroxy-2-(nonanoyloxy)-5,11-dioxido-16-oxo-14-[(propanoyloxy)methyl]-4,6,10,12,15-pentaoxa-5,11-diphosphanonadec-1-yl undecanoate'
30 non-polymer 'DINUCLEAR COPPER ION'
31 non-polymer 1,2-DIACYL-SN-GLYCERO-3-PHOSHOCHOLINE
32 non-polymer 'ZINC ION'
33 non-polymer '(1R)-2-(phosphonooxy)-1-[(tridecanoyloxy)methyl]ethyl pentadecanoate'
34 non-polymer 'PROTOPORPHYRIN IX CONTAINING FE'
35 non-polymer '(2R)-3-{[(S)-(2-aminoethoxy)(hydroxy)phosphoryl]oxy}-2-(tetradecanoyloxy)propyl octadecanoate'
36 non-polymer '(5S,11R)-5,8,11-trihydroxy-5,11-dioxido-17-oxo-4,6,10,12,16-pentaoxa-5,11-diphosphaoctadec-1-yl pentadecanoate'
37 non-polymer 5-(3,7,11,15,19,23-HEXAMETHYL-TETRACOSA-2,6,10,14,18,22-HEXAENYL)-2,3-DIMETHOXY-6-METHYL-BENZENE-1,4-DIOL
38 non-polymer '(1R)-2-{[(S)-(2-aminoethoxy)(hydroxy)phosphoryl]oxy}-1-[(heptanoyloxy)methyl]ethyl octadecanoate'
39 non-polymer '(1R)-2-(dodecanoyloxy)-1-[(phosphonooxy)methyl]ethyl tetradecanoate'
40 non-polymer 'FE2/S2 (INORGANIC) CLUSTER'
#
loop_
_entity_poly.entity_id
_entity_poly.type
_entity_poly.pdbx_seq_one_letter_code
_entity_poly.pdbx_strand_id
1 'polypeptide(L)'
;WLYSTNAKDIAVLYFMLAIFSGMAGTAMSLIIRLELAAPGSQYLHGNSQLFNVLVVGHAVLMIFFLVMPALIGGFGNYLL
PLMIGATDTAFPRINNIAFWVLPMGLVCLVTSTLVESGAGTGWTVYPPLSSIQAHSGPSVDLAIFALHLTSISSLLGAIN
FIVTTLNMRTNGMTMHKLPLFVWSIFITAFLLLLSLPVLSAGITMLLLDRNFNTSFFEVSGGGDPILYEHLFWFFGHPEV
YILIIPGFGIISHVVSTYSKKPVFGEISMVYAMASIGLLGFLVWSHHMYIVGLDADTRAYFTSATMIIAIPTGIKIFSWL
ATIHGGSIRLATPMLYAIAFLFLFTMGGLTGVALANASLDVAFHDTYYVVGHFHYVLSMGAIFSLFAGYYYWSPQILGLN
YNEKLAQIQFWLIFIGANVIFFPMHFLGINGMPRRIPDYPDAFAGWNYVASIGSFIATLSLFLFIYILYDQLVNGLNNKV
NNKSVIYNKAPDFVESNTIFNLNTVKSSSIEFLLTSPPAVHSFNTPAVQS
;
a
2 'polypeptide(L)'
;DVPTPYACYFQDSATPNQEGILELHDNIMFYLLVILGLVSWMLYTIVMTYSKNPIAYKYIKHGQTIEVIWTIFPAVILLI
IAFPSFILLYLCDEVISPAMTIKAIGYQWYWKYEYSDFINDSGETVEFESYVIPDELLEEGQLRLLDTDTSMVVPVDTHI
RFVVTAADVIHDFAIPSLGIKVDATPGRLNQVSALIQREGVFYGACSELCGTGHANMPIKIEAVSLPKFLEWLNEQ
;
b
3 'polypeptide(L)'
;THLERSRHQQHPFHMVMPSPWPIVVSFALLSLALSTALTMHGYIGNMNMVYLALFVLLTSSILWFRDIVAEATYLGDHTM
AVRKGINLGFLMFVLSEVLIFAGLFWAYFHSAMSPDVTLGACWPPVGIEAVQPTELPLLNTIILLSSGATVTYSHHALIA
GNRNKALSGLLITFWLIVIFVTCQYIEYTNAAFTISDGVYGSVFYAGTGLHFLHMVMLAAMLGVNYWRMRNYHLTAGHHV
GYETTIIYTHVLDVIWLFLYVVFYWWGV
;
c
4 'polypeptide(L)'
;VVKTAQNLAEVNGPETLIGPGAKEGTVPTDLDQETGLARLELLGKLEGIDVFDTKPLDSSRKGTMKDPIIIESYDDYRYV
GCTGSPAGSHTIMWLKPTVNEVARCWECGSVYKLNPV
;
d
5 'polypeptide(L)'
;ALSNAAVMDLQSRWENMPSTEQQDIVSKLSERQKLPWAQLTEPEKQAVWYISYGEWGPRRPVLNKGDSSFIAKGVAAGLL
FSVGLFAVVRMAGGQDAKTMNKEWQLKSDEYLKSKNANPWGGYSQVQS
;
e
6 'polypeptide(L)'
;ETFEEFTARYEKEFDEAYDLFEVQRVLNNCFSYDLVPAPAVIEKALRAARRVNDLPTAIRVFEALKYKVENEDQYKAYLD
ELKDVRQELGVPLKEELFP
;
f
7 'polypeptide(L)' NKVIQLQKIFQSSTKPLWWRHPRSALYLYPFYAIFAVAVVTPLLYIPNAIRGIKA g
8 'polypeptide(L)' VHFKDGVYENIPFKVKGRKTPYALSHFGFFAIGFAVPFVACYVQLKKSGAF h
9 'polypeptide(L)' IAPITGTIKRRVIMDIVLGFSLGGVMASYWWWGFHMDKINKREKFYAELAERK i
10 'polypeptide(L)' NSPLHTVGFDARFPQQNQTKHCWQSYVDYHKCVNMKGEDFAPCKVFWKTYNALCPLDWIEKWDDQREKGIFAGDINSD j
11 'polypeptide(L)'
;NALKPAFGPPDKVAAQKFKESLMATEKHAKDTSNMWVKISVWVALPAIALTAVNTYFVEKEHAEHREHLKHVPDSEWPRD
YEFMNIRSKPFFWGDGDKTLFWNPVVNRHIEHDD
;
k
12 'polypeptide(L)' ESWVITEGRRLIPEIFQWSAVLSVCLGWPGAVYFFSKA m
13 'polypeptide(L)'
;AEVTQLSNGIVVATEHNPSAHTASVGVVFGSGAANENPYNNGVSNLWKNIFLSKENSAVAAKEGLALSSNISRDFQSYIV
SSLPGSTDKSLDFLNQSFIQQKANLLSSSNFEATKKSVLKQVQDFEENDHPNRVLEHLHSTAFQNTPLSLPTRGTLESLE
NLVVADLESFANNHFLNSNAVVVGTGNIKHEDLVNSIESKNLSLQTGTKPVLKKKAAFLGSEVRLRDDTLPKAWISLAVE
GEPVNSPNYFVAKLAAQIFGSYNAFEPASRLQGIKLLDNIQEYQLCDNFNHFSLSYKDSGLWGFSTATRNVTMIDDLIHF
TLKQWNRLTISVTDTEVERAKSLLKLQLGQLYESGNPVNDANLLGAEVLIKGSKLSLGEAFKKIDAITVKDVKAWAGKRL
WDQDIAIAGTGQIEGLLDYMRIRSDMSMMRW
;
A,L
14 'polypeptide(L)'
;LTVSARDAPTKISTLAVKVHGGSRYATKDGVAHLLNRFNFQNTNTRSALKLVRESELLGGTFKSTLDREYITLKATFLKD
DLPYYVNALADVLYKTAFKPHELTESVLPAARYDYAVAEQCPVKSAEDQLYAITFRKGLGNPLLYDGVERVSLQDIKDFA
DKVYTKENLEVSGENVVEADLKRFVDESLLSTLPAGKSLVSKSEPKFFLGEENRVRFIGDSVAAIGIPVNKASLAQYEVL
ANYLTSALSELSGLISSAKLDKFTDGGLFTLFVRDQDSAVVSSNIKKIVADLKKGKDLSPAINYTKLKNAVQNESVSSPI
ELNFDAVKDFKLGKFNYVAVGDVSNLPYLDEL
;
B,M
15 'polypeptide(L)'
;MAFRKSNVYLSLVNSYIIDSPQPSSINYWWNMGSLLGLCLVIQIVTGIFMAMHYSSNIELAFSSVEHIMRDVHNGYILRY
LHANGASFFFMVMFMHMAKGLYYGSYRSPRVTLWNVGVIIFILTIATAFLGYCCVYGQMSHWGATVITNLFSAIPFVGND
IVSWLWGGFSVSNPTIQRFFALHYLVPFIIAAMVIMHLMALHIHGSSNPLGITGNLDRIPMHSYFIFKDLVTVFLFMLIL
ALFVFYSPNTLGHPDNYIPGNPLVTPASIVPEWYLLPFYAILRSIPDKLLGVITMFAAILVLLVLPFTDRSVVRGNTFKV
LSKFFFFIFVFNFVLLGQIGACHVEVPYVLMGQIATFIYFAYFLIIVPVISTIENVLFYIGRVNK
;
C,N
16 'polypeptide(L)'
;MTAAEHGLHAPAYAWSHNGPFETFDHASIRRGYQVYREVCAACHSLDRVAWRTLVGVSHTNEEVRNMAEEFEYDDEPDEQ
GNPKKRPGKLSDYIPGPYPNEQAARAANQGALPPDLSLIVKARHGGCDYIFSLLTGYPDEPPAGVALPPGSNYNPYFPGG
SIAMARVLFDDMVEYEDGTPATTSQMAKDVTTFLNWCAEPEHDERKRLGLKTVIILSSLYLLSIWVKKFKWAGIKTRKFV
FNPPKPRK
;
D,O
17 'polypeptide(L)'
;KSTYRTPNFDDVLKENNDADKGRSYAYFMVGAMGLLSSAGAKSTVETFISSMTATADVLAMAKVEVNLAAIPLGKNVVVK
WQGKPVFIRHRTPHEIQEANSVDMSALKDPQTDADRVKDPQWLIMLGICTHLGCVPIGEAGDFGGWFCPCHGSHYDISGR
IRKGPAPLNLEIPAYEFDGDKVIVG
;
E,P
18 'polypeptide(L)' VTDQLEDLREHFKNTEEGKALVHHYEECAERVKIQQQQPGYADLEHKEDCVEEFFHLQHYLDTATAPRLFDKLK F
19 'polypeptide(L)'
;PQSFTSIARIGDYILKSPVLSKLCVPVANQFINLAGYKKLGLKFDDLIAEENPIMQTALRRLPEDESYARAYRIIRAHQT
ELTHHLLPRNEWIKAQEDVPYLLPYILEAEAAAKEKDELDNIEVSK
;
G,R
20 'polypeptide(L)'
;GPPSGKTYMGWWGHMGGPKQKGITSYAVSPYAQKPLQGIFHNAVFNSFRRFKSQFLYVLIPAGIYWYWWKNGNEYNEFLY
SKAGREELERVNV
;
H,S
21 'polypeptide(L)' SLYKTFFKRNAVFVGTIFAGAFVFQTVFDTAITSWYENHNKGKLWKDVKARIAA I
22 'polypeptide(L)' EVTDQLEDLREHFKNTEEGKALVHHYEECAERVKIQQQQPGYADLEHKEDCVEEFFHLQHYLDTATAPRLFDKLK Q
23 'polypeptide(L)' SSLYKTFFKRNAVFVGTIFAGAFVFQTVFDTAITSWYENHNKGKLWKDVKARIA T
24 'polypeptide(L)' KTGLHFGRLSLRSLTAYAPNLMLWGGASMLGLFVFTEGWPKFQD U
25 'polypeptide(L)' TGLHFGRLSLRSLTAYAPNLMLWGGASMLGLFVFTEGWPKFQDTLYKKIPL V
#
# COMPACT_ATOMS: atom_id res chain seq x y z
N TRP A 1 1.65 9.79 -57.92
CA TRP A 1 1.82 9.01 -59.14
C TRP A 1 3.29 9.01 -59.57
N LEU A 2 3.68 8.03 -60.37
CA LEU A 2 5.09 7.72 -60.58
C LEU A 2 5.76 8.77 -61.47
N TYR A 3 5.31 8.92 -62.71
CA TYR A 3 5.99 9.76 -63.69
C TYR A 3 5.17 11.01 -64.04
N SER A 4 4.54 11.62 -63.04
CA SER A 4 3.93 12.93 -63.21
C SER A 4 5.00 14.00 -63.17
N THR A 5 4.95 14.92 -64.13
CA THR A 5 5.96 15.95 -64.31
C THR A 5 5.67 17.22 -63.53
N ASN A 6 4.75 17.18 -62.57
CA ASN A 6 4.50 18.35 -61.73
C ASN A 6 5.64 18.49 -60.74
N ALA A 7 6.17 19.72 -60.63
CA ALA A 7 7.33 19.97 -59.77
C ALA A 7 6.99 19.83 -58.30
N LYS A 8 5.71 19.93 -57.92
CA LYS A 8 5.34 19.70 -56.54
C LYS A 8 5.49 18.25 -56.15
N ASP A 9 4.99 17.34 -56.98
CA ASP A 9 5.00 15.92 -56.65
C ASP A 9 6.35 15.26 -56.91
N ILE A 10 7.27 15.94 -57.58
CA ILE A 10 8.64 15.44 -57.68
C ILE A 10 9.38 15.69 -56.37
N ALA A 11 9.18 16.88 -55.79
CA ALA A 11 9.88 17.22 -54.56
C ALA A 11 9.35 16.47 -53.35
N VAL A 12 8.17 15.86 -53.45
CA VAL A 12 7.75 14.97 -52.37
C VAL A 12 8.31 13.57 -52.58
N LEU A 13 8.79 13.26 -53.80
CA LEU A 13 9.51 12.01 -54.00
C LEU A 13 10.98 12.15 -53.59
N TYR A 14 11.54 13.35 -53.83
CA TYR A 14 12.86 13.71 -53.31
C TYR A 14 12.96 13.53 -51.82
N PHE A 15 11.95 14.02 -51.10
CA PHE A 15 11.97 13.95 -49.65
C PHE A 15 11.61 12.56 -49.15
N MET A 16 10.93 11.75 -49.97
CA MET A 16 10.62 10.38 -49.59
C MET A 16 11.84 9.47 -49.71
N LEU A 17 12.85 9.88 -50.47
CA LEU A 17 14.08 9.12 -50.63
C LEU A 17 15.19 9.59 -49.71
N ALA A 18 15.19 10.87 -49.34
CA ALA A 18 16.22 11.43 -48.48
C ALA A 18 16.07 11.05 -47.03
N ILE A 19 15.07 10.26 -46.67
CA ILE A 19 14.97 9.71 -45.33
C ILE A 19 15.28 8.22 -45.43
N PHE A 20 14.89 7.59 -46.53
CA PHE A 20 15.26 6.21 -46.79
C PHE A 20 16.77 6.07 -46.97
N SER A 21 17.38 7.00 -47.71
CA SER A 21 18.84 7.07 -47.76
C SER A 21 19.41 7.67 -46.49
N GLY A 22 18.58 8.29 -45.66
CA GLY A 22 19.01 8.79 -44.38
C GLY A 22 19.09 7.72 -43.33
N MET A 23 18.07 6.88 -43.27
CA MET A 23 18.06 5.76 -42.33
C MET A 23 18.94 4.60 -42.80
N ALA A 24 19.49 4.67 -44.00
CA ALA A 24 20.60 3.83 -44.39
C ALA A 24 21.94 4.51 -44.19
N GLY A 25 21.98 5.84 -44.37
CA GLY A 25 23.22 6.57 -44.18
C GLY A 25 23.62 6.73 -42.73
N THR A 26 22.69 6.53 -41.79
CA THR A 26 23.00 6.60 -40.38
C THR A 26 22.98 5.24 -39.70
N ALA A 27 22.45 4.21 -40.35
CA ALA A 27 22.62 2.86 -39.82
C ALA A 27 24.03 2.36 -40.07
N MET A 28 24.66 2.82 -41.15
CA MET A 28 26.06 2.52 -41.36
C MET A 28 26.93 3.24 -40.35
N SER A 29 26.60 4.50 -40.04
CA SER A 29 27.34 5.23 -39.01
C SER A 29 27.06 4.71 -37.61
N LEU A 30 25.99 3.94 -37.44
CA LEU A 30 25.78 3.25 -36.18
C LEU A 30 26.81 2.14 -35.99
N ILE A 31 27.01 1.32 -37.03
CA ILE A 31 27.95 0.21 -36.94
C ILE A 31 29.39 0.72 -36.94
N ILE A 32 29.64 1.85 -37.60
CA ILE A 32 30.96 2.47 -37.58
C ILE A 32 31.32 2.89 -36.16
N ARG A 33 30.39 3.54 -35.48
CA ARG A 33 30.64 4.00 -34.13
C ARG A 33 30.52 2.86 -33.12
N LEU A 34 29.78 1.79 -33.44
CA LEU A 34 29.78 0.63 -32.56
C LEU A 34 31.13 -0.08 -32.56
N GLU A 35 31.87 -0.02 -33.68
CA GLU A 35 33.16 -0.66 -33.73
C GLU A 35 34.25 0.15 -33.04
N LEU A 36 34.07 1.46 -32.91
CA LEU A 36 34.99 2.31 -32.17
C LEU A 36 34.64 2.43 -30.70
N ALA A 37 33.84 1.51 -30.18
CA ALA A 37 33.47 1.55 -28.77
C ALA A 37 34.58 1.04 -27.87
N ALA A 38 35.32 0.03 -28.32
CA ALA A 38 36.37 -0.58 -27.51
C ALA A 38 37.49 -1.03 -28.42
N PRO A 39 38.73 -1.09 -27.92
CA PRO A 39 39.83 -1.64 -28.73
C PRO A 39 39.64 -3.12 -29.00
N GLY A 40 40.05 -3.53 -30.20
CA GLY A 40 39.76 -4.86 -30.67
C GLY A 40 38.45 -4.89 -31.44
N SER A 41 38.41 -5.65 -32.52
CA SER A 41 37.24 -5.66 -33.39
C SER A 41 36.11 -6.43 -32.73
N GLN A 42 35.09 -5.71 -32.26
CA GLN A 42 34.04 -6.31 -31.45
C GLN A 42 32.97 -6.98 -32.30
N TYR A 43 32.27 -6.19 -33.12
CA TYR A 43 31.08 -6.67 -33.83
C TYR A 43 31.42 -7.16 -35.23
N LEU A 44 32.13 -6.34 -36.01
CA LEU A 44 32.96 -6.90 -37.06
C LEU A 44 33.99 -7.80 -36.38
N HIS A 45 34.13 -9.02 -36.89
CA HIS A 45 34.87 -10.03 -36.13
C HIS A 45 36.37 -9.76 -36.17
N GLY A 46 36.96 -9.76 -37.34
CA GLY A 46 38.36 -9.38 -37.47
C GLY A 46 38.59 -8.63 -38.75
N ASN A 47 37.51 -8.11 -39.33
CA ASN A 47 37.52 -7.65 -40.72
C ASN A 47 37.78 -6.14 -40.75
N SER A 48 38.96 -5.76 -41.23
CA SER A 48 39.25 -4.36 -41.50
C SER A 48 38.73 -3.91 -42.85
N GLN A 49 38.46 -4.85 -43.75
CA GLN A 49 37.50 -4.59 -44.81
C GLN A 49 36.09 -4.62 -44.21
N LEU A 50 35.13 -4.13 -45.01
CA LEU A 50 33.78 -3.78 -44.55
C LEU A 50 33.82 -2.76 -43.40
N PHE A 51 34.87 -1.94 -43.36
CA PHE A 51 34.91 -0.80 -42.46
C PHE A 51 35.42 0.40 -43.23
N ASN A 52 36.25 0.16 -44.23
CA ASN A 52 36.48 1.18 -45.24
C ASN A 52 35.47 1.07 -46.37
N VAL A 53 34.60 0.07 -46.31
CA VAL A 53 33.44 -0.02 -47.18
C VAL A 53 32.23 0.67 -46.54
N LEU A 54 32.05 0.48 -45.23
CA LEU A 54 30.94 1.12 -44.55
C LEU A 54 31.18 2.62 -44.39
N VAL A 55 32.43 3.03 -44.25
CA VAL A 55 32.72 4.46 -44.13
C VAL A 55 32.45 5.18 -45.45
N VAL A 56 32.87 4.58 -46.57
CA VAL A 56 32.49 5.18 -47.85
C VAL A 56 31.01 4.93 -48.13
N GLY A 57 30.44 3.85 -47.59
CA GLY A 57 29.02 3.60 -47.76
C GLY A 57 28.15 4.55 -46.99
N HIS A 58 28.68 5.13 -45.91
CA HIS A 58 27.95 6.09 -45.10
C HIS A 58 28.21 7.52 -45.51
N ALA A 59 29.46 7.86 -45.83
CA ALA A 59 29.80 9.25 -46.10
C ALA A 59 29.31 9.74 -47.44
N VAL A 60 28.93 8.84 -48.35
CA VAL A 60 28.38 9.28 -49.61
C VAL A 60 26.85 9.25 -49.62
N LEU A 61 26.23 8.47 -48.72
CA LEU A 61 24.79 8.56 -48.56
C LEU A 61 24.41 9.85 -47.84
N MET A 62 25.26 10.31 -46.92
CA MET A 62 24.97 11.55 -46.22
C MET A 62 25.20 12.76 -47.10
N ILE A 63 26.24 12.76 -47.92
CA ILE A 63 26.53 13.95 -48.71
C ILE A 63 25.65 14.00 -49.96
N PHE A 64 25.65 12.92 -50.74
CA PHE A 64 25.03 12.95 -52.06
C PHE A 64 23.60 12.43 -52.09
N PHE A 65 23.15 11.76 -51.03
CA PHE A 65 21.82 11.18 -51.03
C PHE A 65 20.96 11.68 -49.88
N LEU A 66 21.48 12.51 -48.98
CA LEU A 66 20.66 13.19 -47.99
C LEU A 66 20.69 14.70 -48.17
N VAL A 67 21.85 15.33 -48.10
CA VAL A 67 21.89 16.78 -48.00
C VAL A 67 21.81 17.42 -49.38
N MET A 68 22.33 16.74 -50.41
CA MET A 68 22.11 17.21 -51.77
C MET A 68 20.66 17.10 -52.23
N PRO A 69 19.95 15.96 -52.14
CA PRO A 69 18.58 15.94 -52.68
C PRO A 69 17.53 16.57 -51.79
N ALA A 70 17.88 17.00 -50.57
CA ALA A 70 16.88 17.67 -49.76
C ALA A 70 16.98 19.18 -49.86
N LEU A 71 18.18 19.74 -49.68
CA LEU A 71 18.33 21.18 -49.70
C LEU A 71 18.35 21.76 -51.11
N ILE A 72 18.49 20.92 -52.13
CA ILE A 72 18.43 21.35 -53.53
C ILE A 72 17.24 20.73 -54.25
N GLY A 73 17.00 19.44 -54.02
CA GLY A 73 15.90 18.77 -54.67
C GLY A 73 14.62 18.81 -53.86
N GLY A 74 14.69 18.43 -52.59
CA GLY A 74 13.48 18.33 -51.78
C GLY A 74 12.83 19.65 -51.47
N PHE A 75 13.60 20.74 -51.48
CA PHE A 75 13.10 22.08 -51.24
C PHE A 75 13.14 22.97 -52.47
N GLY A 76 14.22 22.93 -53.22
CA GLY A 76 14.36 23.77 -54.40
C GLY A 76 13.40 23.44 -55.52
N ASN A 77 12.94 22.19 -55.62
CA ASN A 77 11.89 21.86 -56.56
C ASN A 77 10.50 22.09 -55.99
N TYR A 78 10.40 22.56 -54.74
CA TYR A 78 9.12 22.92 -54.18
C TYR A 78 8.97 24.40 -53.92
N LEU A 79 10.04 25.09 -53.55
CA LEU A 79 9.95 26.48 -53.13
C LEU A 79 10.31 27.48 -54.21
N LEU A 80 11.30 27.19 -55.03
CA LEU A 80 11.66 28.06 -56.14
C LEU A 80 10.59 28.13 -57.24
N PRO A 81 9.79 27.08 -57.50
CA PRO A 81 8.56 27.33 -58.25
C PRO A 81 7.59 28.24 -57.52
N LEU A 82 7.52 28.13 -56.19
CA LEU A 82 6.41 28.73 -55.44
C LEU A 82 6.70 30.15 -54.99
N MET A 83 7.88 30.43 -54.44
CA MET A 83 8.15 31.75 -53.88
C MET A 83 8.34 32.80 -54.96
N ILE A 84 8.97 32.42 -56.07
CA ILE A 84 9.24 33.38 -57.13
C ILE A 84 7.94 33.78 -57.82
N GLY A 85 7.10 32.81 -58.17
CA GLY A 85 5.85 33.11 -58.81
C GLY A 85 5.64 32.31 -60.07
N ALA A 86 6.42 31.25 -60.22
CA ALA A 86 6.23 30.34 -61.34
C ALA A 86 5.10 29.37 -61.03
N THR A 87 4.62 28.69 -62.08
CA THR A 87 3.67 27.63 -61.85
C THR A 87 4.37 26.30 -61.57
N ASP A 88 5.42 26.00 -62.33
CA ASP A 88 6.37 24.93 -62.00
C ASP A 88 7.71 25.34 -62.60
N THR A 89 8.64 24.38 -62.71
CA THR A 89 9.98 24.68 -63.17
C THR A 89 10.00 25.00 -64.66
N ALA A 90 11.11 25.58 -65.12
CA ALA A 90 11.23 25.97 -66.51
C ALA A 90 11.43 24.79 -67.44
N PHE A 91 12.02 23.71 -66.95
CA PHE A 91 12.27 22.50 -67.73
C PHE A 91 11.65 21.32 -66.96
N PRO A 92 10.33 21.14 -67.05
CA PRO A 92 9.67 20.19 -66.14
C PRO A 92 9.82 18.74 -66.53
N ARG A 93 10.27 18.43 -67.76
CA ARG A 93 10.37 17.03 -68.13
C ARG A 93 11.71 16.44 -67.70
N ILE A 94 12.79 17.22 -67.77
CA ILE A 94 14.06 16.81 -67.17
C ILE A 94 14.06 16.97 -65.66
N ASN A 95 13.00 17.58 -65.11
CA ASN A 95 12.82 17.63 -63.67
C ASN A 95 12.54 16.26 -63.09
N ASN A 96 12.04 15.33 -63.90
CA ASN A 96 11.73 13.99 -63.43
C ASN A 96 12.90 13.02 -63.55
N ILE A 97 13.83 13.25 -64.49
CA ILE A 97 15.03 12.42 -64.52
C ILE A 97 16.00 12.82 -63.43
N ALA A 98 15.89 14.04 -62.92
CA ALA A 98 16.78 14.46 -61.84
C ALA A 98 16.43 13.79 -60.52
N PHE A 99 15.22 13.23 -60.41
CA PHE A 99 14.93 12.37 -59.27
C PHE A 99 15.11 10.89 -59.61
N TRP A 100 14.61 10.44 -60.75
CA TRP A 100 14.51 8.99 -60.96
C TRP A 100 15.84 8.34 -61.33
N VAL A 101 16.94 9.09 -61.41
CA VAL A 101 18.25 8.48 -61.52
C VAL A 101 18.86 8.26 -60.13
N LEU A 102 18.26 8.83 -59.09
CA LEU A 102 18.76 8.67 -57.72
C LEU A 102 18.47 7.30 -57.11
N PRO A 103 17.32 6.64 -57.32
CA PRO A 103 17.28 5.21 -56.94
C PRO A 103 18.16 4.35 -57.82
N MET A 104 18.38 4.75 -59.07
CA MET A 104 19.36 4.06 -59.90
C MET A 104 20.78 4.42 -59.49
N GLY A 105 20.97 5.54 -58.80
CA GLY A 105 22.20 5.81 -58.09
C GLY A 105 22.34 5.07 -56.78
N LEU A 106 21.27 4.42 -56.32
CA LEU A 106 21.33 3.56 -55.14
C LEU A 106 21.59 2.11 -55.49
N VAL A 107 20.99 1.60 -56.57
CA VAL A 107 21.27 0.24 -57.02
C VAL A 107 22.71 0.15 -57.54
N CYS A 108 23.25 1.24 -58.05
CA CYS A 108 24.67 1.33 -58.35
C CYS A 108 25.55 1.52 -57.11
N LEU A 109 25.01 1.48 -55.89
CA LEU A 109 25.86 1.64 -54.73
C LEU A 109 25.64 0.54 -53.69
N VAL A 110 24.40 0.09 -53.50
CA VAL A 110 24.18 -1.02 -52.57
C VAL A 110 24.70 -2.32 -53.14
N THR A 111 24.64 -2.50 -54.45
CA THR A 111 25.29 -3.64 -55.09
C THR A 111 26.79 -3.49 -55.19
N SER A 112 27.33 -2.29 -54.93
CA SER A 112 28.77 -2.11 -54.86
C SER A 112 29.38 -2.63 -53.57
N THR A 113 28.54 -3.01 -52.60
CA THR A 113 29.00 -3.61 -51.37
C THR A 113 28.75 -5.12 -51.34
N LEU A 114 27.65 -5.58 -51.93
CA LEU A 114 27.26 -6.98 -51.91
C LEU A 114 28.14 -7.88 -52.77
N VAL A 115 28.95 -7.30 -53.65
CA VAL A 115 29.84 -8.07 -54.52
C VAL A 115 31.05 -8.47 -53.69
N GLU A 116 31.88 -9.38 -54.22
CA GLU A 116 32.85 -10.14 -53.43
C GLU A 116 33.93 -9.29 -52.77
N SER A 117 34.27 -8.13 -53.34
CA SER A 117 35.39 -7.38 -52.82
C SER A 117 34.96 -6.38 -51.73
N GLY A 118 34.13 -5.42 -52.10
CA GLY A 118 33.81 -4.30 -51.23
C GLY A 118 34.77 -3.15 -51.48
N ALA A 119 34.23 -1.97 -51.79
CA ALA A 119 35.05 -0.81 -52.13
C ALA A 119 35.58 -0.19 -50.84
N GLY A 120 36.75 -0.64 -50.40
CA GLY A 120 37.35 -0.07 -49.22
C GLY A 120 38.29 1.07 -49.53
N THR A 121 37.78 2.11 -50.19
CA THR A 121 38.62 3.18 -50.71
C THR A 121 38.48 4.50 -49.97
N GLY A 122 37.50 4.63 -49.09
CA GLY A 122 37.22 5.90 -48.46
C GLY A 122 36.44 6.83 -49.38
N TRP A 123 35.91 7.91 -48.78
CA TRP A 123 35.09 8.85 -49.52
C TRP A 123 35.91 9.59 -50.58
N THR A 124 37.08 10.09 -50.19
CA THR A 124 38.03 10.61 -51.17
C THR A 124 38.69 9.41 -51.83
N VAL A 125 38.16 8.99 -52.98
CA VAL A 125 38.56 7.75 -53.62
C VAL A 125 39.91 7.98 -54.29
N TYR A 126 40.99 7.61 -53.62
CA TYR A 126 42.31 7.97 -54.09
C TYR A 126 42.81 6.98 -55.15
N PRO A 127 43.60 7.44 -56.11
CA PRO A 127 43.92 6.60 -57.30
C PRO A 127 44.72 5.33 -57.00
N PRO A 128 45.86 5.35 -56.28
CA PRO A 128 46.58 4.07 -56.14
C PRO A 128 45.92 3.13 -55.14
N LEU A 129 45.09 3.64 -54.23
CA LEU A 129 44.31 2.76 -53.37
C LEU A 129 43.18 2.11 -54.15
N SER A 130 42.60 2.84 -55.10
CA SER A 130 41.49 2.33 -55.89
C SER A 130 41.93 1.81 -57.25
N SER A 131 43.23 1.71 -57.49
CA SER A 131 43.72 1.18 -58.75
C SER A 131 43.42 -0.32 -58.84
N ILE A 132 43.52 -0.85 -60.06
CA ILE A 132 43.09 -2.21 -60.32
C ILE A 132 44.05 -3.23 -59.71
N GLN A 133 45.30 -2.86 -59.48
CA GLN A 133 46.22 -3.75 -58.78
C GLN A 133 45.92 -3.82 -57.30
N ALA A 134 45.28 -2.78 -56.75
CA ALA A 134 44.92 -2.77 -55.34
C ALA A 134 43.49 -3.27 -55.13
N HIS A 135 42.52 -2.64 -55.79
CA HIS A 135 41.13 -3.07 -55.73
C HIS A 135 40.79 -3.77 -57.05
N SER A 136 40.53 -5.07 -56.96
CA SER A 136 40.43 -5.90 -58.15
C SER A 136 39.01 -6.07 -58.67
N GLY A 137 38.04 -6.27 -57.79
CA GLY A 137 36.70 -6.65 -58.20
C GLY A 137 35.88 -5.50 -58.76
N PRO A 138 34.61 -5.76 -59.05
CA PRO A 138 33.72 -4.71 -59.56
C PRO A 138 33.08 -3.87 -58.47
N SER A 139 33.66 -3.88 -57.27
CA SER A 139 33.13 -3.09 -56.16
C SER A 139 33.33 -1.60 -56.38
N VAL A 140 34.57 -1.18 -56.64
CA VAL A 140 34.84 0.24 -56.82
C VAL A 140 34.42 0.69 -58.21
N ASP A 141 34.14 -0.25 -59.12
CA ASP A 141 33.59 0.10 -60.43
C ASP A 141 32.20 0.72 -60.31
N LEU A 142 31.37 0.20 -59.40
CA LEU A 142 30.05 0.77 -59.21
C LEU A 142 30.08 1.97 -58.29
N ALA A 143 31.05 2.05 -57.39
CA ALA A 143 31.14 3.20 -56.49
C ALA A 143 31.62 4.46 -57.19
N ILE A 144 32.21 4.33 -58.38
CA ILE A 144 32.58 5.50 -59.17
C ILE A 144 31.55 5.80 -60.25
N PHE A 145 30.44 5.06 -60.26
CA PHE A 145 29.30 5.33 -61.13
C PHE A 145 28.09 5.88 -60.39
N ALA A 146 27.85 5.44 -59.16
CA ALA A 146 26.81 6.05 -58.35
C ALA A 146 27.18 7.48 -57.99
N LEU A 147 28.47 7.79 -57.89
CA LEU A 147 28.93 9.16 -57.78
C LEU A 147 28.80 9.93 -59.08
N HIS A 148 28.67 9.24 -60.21
CA HIS A 148 28.44 9.89 -61.50
C HIS A 148 26.98 10.15 -61.79
N LEU A 149 26.07 9.28 -61.32
CA LEU A 149 24.65 9.52 -61.54
C LEU A 149 24.16 10.70 -60.72
N THR A 150 24.71 10.89 -59.52
CA THR A 150 24.35 12.05 -58.72
C THR A 150 25.04 13.30 -59.23
N SER A 151 26.21 13.15 -59.84
CA SER A 151 26.89 14.28 -60.46
C SER A 151 26.13 14.80 -61.66
N ILE A 152 25.36 13.93 -62.32
CA ILE A 152 24.62 14.36 -63.51
C ILE A 152 23.17 14.75 -63.19
N SER A 153 22.63 14.34 -62.05
CA SER A 153 21.29 14.77 -61.67
C SER A 153 21.33 16.20 -61.15
N SER A 154 22.24 16.45 -60.22
CA SER A 154 22.41 17.75 -59.61
C SER A 154 23.17 18.73 -60.50
N LEU A 155 23.54 18.34 -61.72
CA LEU A 155 24.04 19.27 -62.71
C LEU A 155 22.91 19.84 -63.56
N LEU A 156 22.04 18.99 -64.09
CA LEU A 156 20.87 19.48 -64.81
C LEU A 156 19.78 19.94 -63.86
N GLY A 157 19.88 19.57 -62.58
CA GLY A 157 19.07 20.15 -61.54
C GLY A 157 19.50 21.52 -61.10
N ALA A 158 20.50 22.10 -61.75
CA ALA A 158 20.89 23.48 -61.55
C ALA A 158 20.88 24.30 -62.83
N ILE A 159 20.82 23.65 -64.00
CA ILE A 159 20.43 24.37 -65.20
C ILE A 159 18.94 24.68 -65.17
N ASN A 160 18.17 23.87 -64.43
CA ASN A 160 16.76 24.08 -64.18
C ASN A 160 16.47 25.31 -63.31
N PHE A 161 17.50 25.91 -62.70
CA PHE A 161 17.35 27.01 -61.75
C PHE A 161 18.01 28.30 -62.19
N ILE A 162 18.79 28.29 -63.26
CA ILE A 162 19.30 29.56 -63.77
C ILE A 162 18.34 30.16 -64.78
N VAL A 163 17.65 29.33 -65.56
CA VAL A 163 16.64 29.82 -66.48
C VAL A 163 15.24 29.67 -65.90
N THR A 164 15.13 29.53 -64.59
CA THR A 164 13.89 29.77 -63.86
C THR A 164 13.92 31.14 -63.19
N THR A 165 15.04 31.49 -62.56
CA THR A 165 15.14 32.76 -61.87
C THR A 165 15.30 33.92 -62.84
N LEU A 166 16.01 33.71 -63.94
CA LEU A 166 16.39 34.85 -64.78
C LEU A 166 15.25 35.38 -65.65
N ASN A 167 14.22 34.58 -65.91
CA ASN A 167 13.14 35.03 -66.79
C ASN A 167 11.74 34.76 -66.30
N MET A 168 11.54 33.81 -65.39
CA MET A 168 10.20 33.33 -65.03
C MET A 168 9.73 33.91 -63.69
N ARG A 169 9.98 35.19 -63.46
CA ARG A 169 9.50 35.88 -62.28
C ARG A 169 8.15 36.53 -62.56
N THR A 170 7.65 37.30 -61.59
CA THR A 170 6.41 38.04 -61.73
C THR A 170 6.69 39.45 -62.24
N ASN A 171 5.70 40.33 -62.11
CA ASN A 171 5.78 41.66 -62.71
C ASN A 171 6.77 42.55 -61.97
N GLY A 172 6.51 42.81 -60.70
CA GLY A 172 7.34 43.72 -59.94
C GLY A 172 8.54 43.10 -59.27
N MET A 173 8.77 41.80 -59.48
CA MET A 173 9.89 41.11 -58.85
C MET A 173 11.16 41.43 -59.63
N THR A 174 11.76 42.56 -59.30
CA THR A 174 13.01 42.97 -59.92
C THR A 174 14.16 42.11 -59.39
N MET A 175 15.34 42.27 -60.00
CA MET A 175 16.47 41.41 -59.69
C MET A 175 17.08 41.71 -58.33
N HIS A 176 16.71 42.82 -57.70
CA HIS A 176 17.21 43.14 -56.37
C HIS A 176 16.24 42.74 -55.26
N LYS A 177 15.05 42.25 -55.61
CA LYS A 177 14.02 41.91 -54.62
C LYS A 177 13.56 40.47 -54.87
N LEU A 178 14.20 39.53 -54.18
CA LEU A 178 13.87 38.12 -54.22
C LEU A 178 13.94 37.59 -52.80
N PRO A 179 13.27 36.47 -52.52
CA PRO A 179 13.52 35.78 -51.25
C PRO A 179 14.93 35.23 -51.18
N LEU A 180 15.47 35.20 -49.97
CA LEU A 180 16.85 34.78 -49.79
C LEU A 180 17.05 33.29 -49.98
N PHE A 181 15.98 32.50 -49.90
CA PHE A 181 16.11 31.08 -50.25
C PHE A 181 16.30 30.89 -51.74
N VAL A 182 15.78 31.79 -52.56
CA VAL A 182 16.02 31.70 -54.00
C VAL A 182 17.44 32.16 -54.32
N TRP A 183 17.88 33.26 -53.70
CA TRP A 183 19.26 33.70 -53.86
C TRP A 183 20.27 32.76 -53.25
N SER A 184 19.86 31.87 -52.35
CA SER A 184 20.73 30.78 -51.94
C SER A 184 20.96 29.82 -53.09
N ILE A 185 19.89 29.28 -53.66
CA ILE A 185 20.01 28.23 -54.67
C ILE A 185 20.46 28.77 -56.03
N PHE A 186 20.06 30.00 -56.39
CA PHE A 186 20.54 30.59 -57.63
C PHE A 186 22.04 30.89 -57.57
N ILE A 187 22.57 31.24 -56.39
CA ILE A 187 24.01 31.35 -56.25
C ILE A 187 24.64 29.96 -56.23
N THR A 188 23.98 29.00 -55.57
CA THR A 188 24.43 27.61 -55.56
C THR A 188 24.44 27.01 -56.96
N ALA A 189 23.46 27.39 -57.80
CA ALA A 189 23.40 26.87 -59.16
C ALA A 189 24.53 27.37 -60.05
N PHE A 190 25.21 28.46 -59.67
CA PHE A 190 26.43 28.87 -60.33
C PHE A 190 27.68 28.27 -59.71
N LEU A 191 27.52 27.35 -58.77
CA LEU A 191 28.61 26.53 -58.29
C LEU A 191 28.42 25.07 -58.66
N LEU A 192 27.17 24.61 -58.73
CA LEU A 192 26.88 23.27 -59.23
C LEU A 192 27.22 23.16 -60.71
N LEU A 193 27.05 24.25 -61.45
CA LEU A 193 27.38 24.25 -62.86
C LEU A 193 28.88 24.25 -63.09
N LEU A 194 29.64 24.99 -62.26
CA LEU A 194 31.06 25.22 -62.51
C LEU A 194 31.97 24.41 -61.60
N SER A 195 31.49 23.30 -61.06
CA SER A 195 32.36 22.38 -60.34
C SER A 195 32.11 20.92 -60.63
N LEU A 196 30.95 20.54 -61.11
CA LEU A 196 30.64 19.14 -61.40
C LEU A 196 31.24 18.60 -62.71
N PRO A 197 31.34 19.37 -63.82
CA PRO A 197 32.15 18.85 -64.94
C PRO A 197 33.63 18.71 -64.63
N VAL A 198 34.16 19.45 -63.65
CA VAL A 198 35.53 19.20 -63.18
C VAL A 198 35.60 17.84 -62.50
N LEU A 199 34.58 17.50 -61.71
CA LEU A 199 34.53 16.20 -61.04
C LEU A 199 34.36 15.07 -62.05
N SER A 200 33.51 15.26 -63.06
CA SER A 200 33.18 14.19 -63.99
C SER A 200 34.35 13.78 -64.88
N ALA A 201 35.36 14.65 -65.02
CA ALA A 201 36.61 14.23 -65.62
C ALA A 201 37.54 13.56 -64.60
N GLY A 202 37.46 13.97 -63.34
CA GLY A 202 38.30 13.41 -62.29
C GLY A 202 37.90 12.04 -61.81
N ILE A 203 36.77 11.50 -62.28
CA ILE A 203 36.35 10.16 -61.97
C ILE A 203 36.47 9.24 -63.18
N THR A 204 36.09 9.74 -64.36
CA THR A 204 36.19 8.98 -65.60
C THR A 204 37.65 8.70 -65.97
N MET A 205 38.57 9.61 -65.62
CA MET A 205 39.99 9.33 -65.81
C MET A 205 40.45 8.19 -64.90
N LEU A 206 39.85 8.07 -63.71
CA LEU A 206 40.15 6.94 -62.85
C LEU A 206 39.54 5.65 -63.38
N LEU A 207 38.40 5.76 -64.09
CA LEU A 207 37.85 4.61 -64.79
C LEU A 207 38.75 4.17 -65.93
N LEU A 208 39.33 5.14 -66.64
CA LEU A 208 40.23 4.82 -67.74
C LEU A 208 41.54 4.20 -67.25
N ASP A 209 41.95 4.50 -66.03
CA ASP A 209 43.15 3.94 -65.44
C ASP A 209 42.90 2.65 -64.71
N ARG A 210 41.77 2.01 -64.93
CA ARG A 210 41.42 0.80 -64.20
C ARG A 210 41.03 -0.37 -65.08
N ASN A 211 40.42 -0.11 -66.23
CA ASN A 211 40.13 -1.17 -67.19
C ASN A 211 40.52 -0.82 -68.62
N PHE A 212 41.02 0.39 -68.86
CA PHE A 212 41.58 0.76 -70.15
C PHE A 212 43.05 1.12 -70.06
N ASN A 213 43.66 0.99 -68.87
CA ASN A 213 45.04 1.22 -68.44
C ASN A 213 45.73 2.38 -69.16
N THR A 214 45.10 3.55 -69.13
CA THR A 214 45.61 4.71 -69.86
C THR A 214 46.68 5.48 -69.12
N SER A 215 46.78 5.29 -67.79
CA SER A 215 47.81 5.89 -66.93
C SER A 215 47.73 7.42 -66.88
N PHE A 216 46.52 7.95 -66.63
CA PHE A 216 46.40 9.31 -66.14
C PHE A 216 46.97 9.43 -64.74
N PHE A 217 46.80 8.37 -63.94
CA PHE A 217 47.15 8.37 -62.52
C PHE A 217 48.13 7.26 -62.16
N GLU A 218 48.42 6.33 -63.06
CA GLU A 218 49.31 5.22 -62.76
C GLU A 218 50.75 5.70 -62.66
N VAL A 219 51.44 5.24 -61.61
CA VAL A 219 52.79 5.72 -61.33
C VAL A 219 53.77 5.17 -62.36
N SER A 220 53.58 3.93 -62.79
CA SER A 220 54.38 3.37 -63.88
C SER A 220 53.92 3.98 -65.19
N GLY A 221 54.47 5.14 -65.53
CA GLY A 221 54.03 5.89 -66.68
C GLY A 221 54.04 7.38 -66.43
N GLY A 222 54.40 7.77 -65.22
CA GLY A 222 54.52 9.17 -64.85
C GLY A 222 53.22 9.84 -64.46
N GLY A 223 52.11 9.10 -64.46
CA GLY A 223 50.84 9.68 -64.06
C GLY A 223 50.80 9.88 -62.57
N ASP A 224 50.64 11.11 -62.13
CA ASP A 224 50.63 11.40 -60.70
C ASP A 224 49.33 10.94 -60.06
N PRO A 225 49.40 10.46 -58.81
CA PRO A 225 48.22 10.48 -57.95
C PRO A 225 48.01 11.83 -57.28
N ILE A 226 48.96 12.77 -57.42
CA ILE A 226 48.80 14.10 -56.84
C ILE A 226 48.05 15.06 -57.76
N LEU A 227 47.87 14.70 -59.04
CA LEU A 227 46.94 15.44 -59.89
C LEU A 227 45.52 15.27 -59.41
N TYR A 228 45.19 14.07 -58.91
CA TYR A 228 43.88 13.81 -58.31
C TYR A 228 43.64 14.65 -57.08
N GLU A 229 44.70 14.99 -56.34
CA GLU A 229 44.54 15.71 -55.08
C GLU A 229 44.23 17.19 -55.30
N HIS A 230 44.43 17.70 -56.51
CA HIS A 230 43.97 19.05 -56.82
C HIS A 230 42.82 19.07 -57.79
N LEU A 231 42.47 17.94 -58.39
CA LEU A 231 41.38 17.93 -59.36
C LEU A 231 40.08 17.45 -58.73
N PHE A 232 40.16 16.49 -57.81
CA PHE A 232 38.97 16.14 -57.03
C PHE A 232 38.65 17.23 -56.01
N TRP A 233 39.66 17.77 -55.34
CA TRP A 233 39.43 18.81 -54.36
C TRP A 233 39.11 20.16 -54.99
N PHE A 234 39.26 20.31 -56.30
CA PHE A 234 38.70 21.48 -56.97
C PHE A 234 37.18 21.40 -57.03
N PHE A 235 36.64 20.18 -57.06
CA PHE A 235 35.22 19.98 -56.85
C PHE A 235 34.87 19.98 -55.37
N GLY A 236 35.81 19.53 -54.53
CA GLY A 236 35.46 19.16 -53.16
C GLY A 236 35.14 20.33 -52.25
N HIS A 237 35.92 21.41 -52.34
CA HIS A 237 35.58 22.56 -51.49
C HIS A 237 34.36 23.33 -51.97
N PRO A 238 34.10 23.53 -53.26
CA PRO A 238 32.77 24.03 -53.64
C PRO A 238 31.62 23.12 -53.27
N GLU A 239 31.84 21.80 -53.23
CA GLU A 239 30.78 20.87 -52.85
C GLU A 239 30.35 21.07 -51.40
N VAL A 240 31.30 21.34 -50.50
CA VAL A 240 30.92 21.61 -49.12
C VAL A 240 30.52 23.05 -48.88
N TYR A 241 30.65 23.91 -49.89
CA TYR A 241 30.01 25.21 -49.89
C TYR A 241 28.74 25.20 -50.73
N ILE A 242 28.09 24.04 -50.84
CA ILE A 242 26.84 23.88 -51.55
C ILE A 242 25.88 23.20 -50.58
N LEU A 243 26.45 22.52 -49.60
CA LEU A 243 25.64 21.99 -48.52
C LEU A 243 25.33 23.03 -47.45
N ILE A 244 25.78 24.26 -47.62
CA ILE A 244 25.64 25.28 -46.60
C ILE A 244 25.00 26.57 -47.11
N ILE A 245 24.97 26.82 -48.41
CA ILE A 245 24.38 28.06 -48.92
C ILE A 245 22.85 27.95 -48.95
N PRO A 246 22.21 26.84 -49.38
CA PRO A 246 20.78 26.67 -49.05
C PRO A 246 20.53 26.53 -47.56
N GLY A 247 21.53 26.06 -46.81
CA GLY A 247 21.45 26.15 -45.37
C GLY A 247 21.51 27.57 -44.85
N PHE A 248 22.08 28.48 -45.63
CA PHE A 248 22.07 29.90 -45.29
C PHE A 248 20.83 30.60 -45.82
N GLY A 249 19.97 29.90 -46.56
CA GLY A 249 18.75 30.49 -47.05
C GLY A 249 17.58 30.22 -46.15
N ILE A 250 17.51 28.99 -45.62
CA ILE A 250 16.42 28.61 -44.73
C ILE A 250 16.55 29.36 -43.40
N ILE A 251 17.77 29.52 -42.90
CA ILE A 251 17.97 30.19 -41.63
C ILE A 251 17.66 31.68 -41.74
N SER A 252 17.92 32.28 -42.90
CA SER A 252 17.56 33.68 -43.09
C SER A 252 16.05 33.91 -43.21
N HIS A 253 15.26 32.88 -43.50
CA HIS A 253 13.82 33.00 -43.48
C HIS A 253 13.21 32.67 -42.12
N VAL A 254 13.75 31.69 -41.42
CA VAL A 254 13.19 31.26 -40.14
C VAL A 254 13.47 32.31 -39.07
N VAL A 255 14.71 32.79 -38.99
CA VAL A 255 15.11 33.68 -37.91
C VAL A 255 14.51 35.06 -38.05
N SER A 256 13.95 35.39 -39.21
CA SER A 256 13.25 36.65 -39.43
C SER A 256 11.76 36.46 -39.61
N THR A 257 11.25 35.24 -39.40
CA THR A 257 9.82 35.00 -39.31
C THR A 257 9.39 34.82 -37.85
N TYR A 258 10.07 33.96 -37.11
CA TYR A 258 9.78 33.77 -35.71
C TYR A 258 10.28 34.91 -34.84
N SER A 259 11.06 35.82 -35.41
CA SER A 259 11.19 37.18 -34.93
C SER A 259 10.43 38.07 -35.89
N LYS A 260 9.46 38.81 -35.37
CA LYS A 260 8.58 39.61 -36.23
C LYS A 260 9.32 40.83 -36.76
N LYS A 261 10.25 40.63 -37.69
CA LYS A 261 11.16 41.67 -38.14
C LYS A 261 11.78 41.24 -39.46
N PRO A 262 11.94 42.13 -40.43
CA PRO A 262 12.72 41.78 -41.62
C PRO A 262 14.19 41.59 -41.28
N VAL A 263 14.88 40.88 -42.18
CA VAL A 263 16.25 40.47 -41.92
C VAL A 263 17.18 41.68 -42.03
N PHE A 264 18.23 41.70 -41.22
CA PHE A 264 19.12 42.84 -41.13
C PHE A 264 20.07 42.85 -42.32
N GLY A 265 20.01 43.90 -43.11
CA GLY A 265 20.88 44.06 -44.26
C GLY A 265 20.65 43.03 -45.34
N GLU A 266 19.48 43.09 -46.00
CA GLU A 266 19.16 42.10 -47.02
C GLU A 266 20.03 42.27 -48.25
N ILE A 267 20.29 43.52 -48.65
CA ILE A 267 21.21 43.78 -49.75
C ILE A 267 22.65 43.47 -49.35
N SER A 268 22.97 43.54 -48.06
CA SER A 268 24.29 43.13 -47.60
C SER A 268 24.42 41.62 -47.54
N MET A 269 23.28 40.91 -47.45
CA MET A 269 23.28 39.46 -47.34
C MET A 269 23.32 38.76 -48.68
N VAL A 270 23.06 39.46 -49.78
CA VAL A 270 23.13 38.84 -51.10
C VAL A 270 24.46 39.08 -51.79
N TYR A 271 25.21 40.10 -51.37
CA TYR A 271 26.54 40.32 -51.93
C TYR A 271 27.59 39.51 -51.21
N ALA A 272 27.42 39.29 -49.91
CA ALA A 272 28.30 38.41 -49.14
C ALA A 272 27.88 36.94 -49.23
N MET A 273 27.06 36.58 -50.20
CA MET A 273 26.60 35.20 -50.37
C MET A 273 27.05 34.60 -51.69
N ALA A 274 27.30 35.43 -52.70
CA ALA A 274 28.02 35.01 -53.89
C ALA A 274 29.52 35.12 -53.72
N SER A 275 29.97 36.04 -52.86
CA SER A 275 31.39 36.16 -52.54
C SER A 275 31.90 34.95 -51.78
N ILE A 276 31.03 34.25 -51.04
CA ILE A 276 31.39 32.92 -50.54
C ILE A 276 31.50 31.94 -51.70
N GLY A 277 30.58 32.03 -52.65
CA GLY A 277 30.59 31.10 -53.77
C GLY A 277 31.72 31.36 -54.74
N LEU A 278 32.03 32.64 -54.99
CA LEU A 278 33.10 32.97 -55.92
C LEU A 278 34.47 32.66 -55.32
N LEU A 279 34.74 33.16 -54.12
CA LEU A 279 36.03 32.96 -53.49
C LEU A 279 36.22 31.53 -52.99
N GLY A 280 35.15 30.74 -52.87
CA GLY A 280 35.29 29.33 -52.59
C GLY A 280 35.95 28.55 -53.72
N PHE A 281 35.90 29.07 -54.94
CA PHE A 281 36.61 28.45 -56.06
C PHE A 281 38.12 28.56 -55.89
N LEU A 282 38.59 29.70 -55.42
CA LEU A 282 40.01 29.98 -55.39
C LEU A 282 40.73 29.34 -54.22
N VAL A 283 40.06 28.54 -53.40
CA VAL A 283 40.68 27.83 -52.30
C VAL A 283 40.26 26.37 -52.36
N TRP A 284 41.15 25.53 -52.87
CA TRP A 284 40.83 24.13 -53.07
C TRP A 284 41.97 23.18 -52.71
N SER A 285 43.13 23.68 -52.31
CA SER A 285 44.22 22.81 -51.87
C SER A 285 44.57 23.04 -50.41
N HIS A 286 43.68 23.69 -49.65
CA HIS A 286 43.87 23.75 -48.20
C HIS A 286 43.64 22.40 -47.55
N HIS A 287 42.96 21.48 -48.23
CA HIS A 287 42.88 20.10 -47.79
C HIS A 287 44.22 19.40 -47.90
N MET A 288 45.06 19.81 -48.86
CA MET A 288 46.28 19.09 -49.23
C MET A 288 47.50 19.96 -48.96
N TYR A 289 47.58 20.51 -47.75
CA TYR A 289 48.75 21.30 -47.37
C TYR A 289 50.00 20.45 -47.23
N ILE A 290 49.86 19.21 -46.75
CA ILE A 290 51.03 18.39 -46.45
C ILE A 290 51.52 17.57 -47.62
N VAL A 291 50.89 17.68 -48.79
CA VAL A 291 51.13 16.73 -49.87
C VAL A 291 52.36 17.15 -50.67
N GLY A 292 53.02 18.23 -50.25
CA GLY A 292 54.28 18.59 -50.85
C GLY A 292 54.18 19.76 -51.80
N LEU A 293 53.36 20.74 -51.44
CA LEU A 293 53.27 21.94 -52.25
C LEU A 293 54.39 22.91 -51.90
N ASP A 294 54.46 24.00 -52.65
CA ASP A 294 55.56 24.94 -52.53
C ASP A 294 55.41 25.80 -51.28
N ALA A 295 56.52 26.44 -50.88
CA ALA A 295 56.52 27.26 -49.68
C ALA A 295 55.84 28.61 -49.89
N ASP A 296 55.61 29.02 -51.13
CA ASP A 296 54.80 30.20 -51.41
C ASP A 296 53.38 29.85 -51.83
N THR A 297 53.19 28.66 -52.42
CA THR A 297 51.85 28.19 -52.75
C THR A 297 51.04 27.94 -51.48
N ARG A 298 51.63 27.29 -50.48
CA ARG A 298 50.99 27.19 -49.18
C ARG A 298 50.93 28.52 -48.45
N ALA A 299 51.81 29.46 -48.79
CA ALA A 299 51.74 30.79 -48.18
C ALA A 299 50.59 31.60 -48.75
N TYR A 300 50.17 31.29 -49.97
CA TYR A 300 49.01 31.96 -50.54
C TYR A 300 47.72 31.43 -49.94
N PHE A 301 47.61 30.10 -49.85
CA PHE A 301 46.38 29.50 -49.35
C PHE A 301 46.15 29.72 -47.86
N THR A 302 47.22 29.86 -47.07
CA THR A 302 47.04 30.17 -45.66
C THR A 302 46.56 31.59 -45.42
N SER A 303 46.60 32.45 -46.44
CA SER A 303 46.00 33.77 -46.39
C SER A 303 44.71 33.85 -47.20
N ALA A 304 44.46 32.90 -48.09
CA ALA A 304 43.31 33.01 -48.98
C ALA A 304 42.07 32.28 -48.47
N THR A 305 42.21 31.20 -47.72
CA THR A 305 41.04 30.53 -47.17
C THR A 305 40.64 31.09 -45.82
N MET A 306 41.39 32.04 -45.28
CA MET A 306 40.88 32.82 -44.17
C MET A 306 39.93 33.92 -44.60
N ILE A 307 39.97 34.31 -45.88
CA ILE A 307 39.08 35.35 -46.38
C ILE A 307 37.68 34.81 -46.64
N ILE A 308 37.50 33.49 -46.63
CA ILE A 308 36.15 32.92 -46.60
C ILE A 308 35.46 33.25 -45.27
N ALA A 309 36.23 33.49 -44.21
CA ALA A 309 35.65 33.93 -42.95
C ALA A 309 35.32 35.42 -42.92
N ILE A 310 35.55 36.15 -44.01
CA ILE A 310 35.10 37.55 -44.07
C ILE A 310 33.61 37.64 -44.39
N PRO A 311 33.06 37.03 -45.47
CA PRO A 311 31.61 37.19 -45.67
C PRO A 311 30.77 36.30 -44.79
N THR A 312 31.32 35.24 -44.21
CA THR A 312 30.53 34.45 -43.28
C THR A 312 30.34 35.16 -41.95
N GLY A 313 31.25 36.06 -41.58
CA GLY A 313 31.02 36.88 -40.42
C GLY A 313 29.91 37.90 -40.63
N ILE A 314 29.75 38.36 -41.88
CA ILE A 314 28.63 39.25 -42.19
C ILE A 314 27.32 38.49 -42.12
N LYS A 315 27.28 37.27 -42.62
CA LYS A 315 26.07 36.46 -42.63
C LYS A 315 25.75 35.82 -41.29
N ILE A 316 26.53 36.08 -40.25
CA ILE A 316 26.22 35.62 -38.90
C ILE A 316 25.89 36.78 -37.98
N PHE A 317 26.70 37.85 -38.03
CA PHE A 317 26.44 39.04 -37.23
C PHE A 317 25.16 39.74 -37.64
N SER A 318 24.72 39.56 -38.88
CA SER A 318 23.41 40.07 -39.27
C SER A 318 22.28 39.18 -38.76
N TRP A 319 22.53 37.89 -38.58
CA TRP A 319 21.56 37.04 -37.89
C TRP A 319 21.58 37.25 -36.39
N LEU A 320 22.62 37.87 -35.85
CA LEU A 320 22.60 38.37 -34.48
C LEU A 320 22.17 39.82 -34.42
N ALA A 321 21.79 40.40 -35.55
CA ALA A 321 21.22 41.72 -35.59
C ALA A 321 19.74 41.73 -35.96
N THR A 322 19.28 40.69 -36.67
CA THR A 322 17.88 40.61 -37.04
C THR A 322 16.99 40.04 -35.95
N ILE A 323 17.55 39.63 -34.81
CA ILE A 323 16.76 39.20 -33.68
C ILE A 323 17.07 39.97 -32.43
N HIS A 324 17.84 41.06 -32.54
CA HIS A 324 18.16 41.84 -31.36
C HIS A 324 16.95 42.62 -30.87
N GLY A 325 16.35 43.42 -31.74
CA GLY A 325 15.23 44.23 -31.32
C GLY A 325 13.94 43.44 -31.19
N GLY A 326 13.69 42.53 -32.13
CA GLY A 326 12.39 41.94 -32.30
C GLY A 326 12.02 40.95 -31.21
N SER A 327 10.78 40.47 -31.32
CA SER A 327 10.29 39.42 -30.44
C SER A 327 10.95 38.09 -30.78
N ILE A 328 10.78 37.11 -29.90
CA ILE A 328 11.29 35.76 -30.16
C ILE A 328 10.18 34.78 -29.81
N ARG A 329 9.75 33.98 -30.79
CA ARG A 329 8.73 32.96 -30.58
C ARG A 329 9.39 31.60 -30.67
N LEU A 330 9.72 31.03 -29.52
CA LEU A 330 10.56 29.82 -29.47
C LEU A 330 9.74 28.57 -29.77
N ALA A 331 9.43 28.40 -31.05
CA ALA A 331 8.91 27.13 -31.54
C ALA A 331 10.07 26.31 -32.08
N THR A 332 9.77 25.17 -32.69
CA THR A 332 10.81 24.22 -33.09
C THR A 332 11.71 24.70 -34.23
N PRO A 333 11.23 25.36 -35.31
CA PRO A 333 12.20 25.95 -36.24
C PRO A 333 13.02 27.07 -35.65
N MET A 334 12.54 27.77 -34.63
CA MET A 334 13.37 28.76 -33.98
C MET A 334 14.39 28.13 -33.04
N LEU A 335 14.12 26.94 -32.52
CA LEU A 335 15.11 26.29 -31.67
C LEU A 335 16.27 25.76 -32.50
N TYR A 336 15.99 25.20 -33.68
CA TYR A 336 17.06 24.72 -34.54
C TYR A 336 17.86 25.88 -35.11
N ALA A 337 17.18 26.93 -35.55
CA ALA A 337 17.87 28.07 -36.13
C ALA A 337 18.61 28.93 -35.12
N ILE A 338 18.43 28.68 -33.82
CA ILE A 338 19.19 29.41 -32.82
C ILE A 338 20.28 28.54 -32.21
N ALA A 339 20.22 27.22 -32.39
CA ALA A 339 21.35 26.35 -32.10
C ALA A 339 22.21 26.11 -33.31
N PHE A 340 21.71 26.43 -34.51
CA PHE A 340 22.57 26.53 -35.67
C PHE A 340 23.52 27.71 -35.55
N LEU A 341 23.10 28.78 -34.88
CA LEU A 341 23.94 29.96 -34.75
C LEU A 341 25.01 29.83 -33.68
N PHE A 342 25.07 28.70 -32.98
CA PHE A 342 26.13 28.46 -32.00
C PHE A 342 27.02 27.29 -32.35
N LEU A 343 26.48 26.27 -33.01
CA LEU A 343 27.27 25.08 -33.32
C LEU A 343 27.87 25.11 -34.70
N PHE A 344 27.30 25.87 -35.63
CA PHE A 344 27.97 26.09 -36.90
C PHE A 344 29.15 27.04 -36.73
N THR A 345 28.99 28.06 -35.88
CA THR A 345 30.08 29.01 -35.73
C THR A 345 31.24 28.43 -34.93
N MET A 346 30.97 27.45 -34.06
CA MET A 346 32.08 26.72 -33.44
C MET A 346 32.70 25.73 -34.40
N GLY A 347 31.98 25.33 -35.44
CA GLY A 347 32.59 24.68 -36.57
C GLY A 347 33.22 25.63 -37.57
N GLY A 348 33.24 26.91 -37.26
CA GLY A 348 33.97 27.87 -38.07
C GLY A 348 35.28 28.26 -37.43
N LEU A 349 35.30 28.32 -36.10
CA LEU A 349 36.55 28.60 -35.40
C LEU A 349 37.55 27.47 -35.57
N THR A 350 37.07 26.23 -35.56
CA THR A 350 37.93 25.12 -35.93
C THR A 350 38.28 25.14 -37.41
N GLY A 351 37.53 25.89 -38.22
CA GLY A 351 37.90 26.06 -39.62
C GLY A 351 39.16 26.88 -39.79
N VAL A 352 39.21 28.05 -39.15
CA VAL A 352 40.36 28.92 -39.33
C VAL A 352 41.58 28.45 -38.56
N ALA A 353 41.41 27.51 -37.63
CA ALA A 353 42.59 26.87 -37.03
C ALA A 353 43.18 25.85 -37.98
N LEU A 354 42.33 25.13 -38.71
CA LEU A 354 42.80 24.20 -39.73
C LEU A 354 43.23 24.90 -41.00
N ALA A 355 42.78 26.14 -41.22
CA ALA A 355 43.03 26.86 -42.45
C ALA A 355 44.49 27.23 -42.67
N ASN A 356 45.29 27.24 -41.62
CA ASN A 356 46.68 27.64 -41.75
C ASN A 356 47.53 26.49 -42.27
N ALA A 357 48.46 26.81 -43.17
CA ALA A 357 49.46 25.83 -43.58
C ALA A 357 50.48 25.56 -42.48
N SER A 358 50.66 26.50 -41.57
CA SER A 358 51.57 26.33 -40.44
C SER A 358 50.96 25.54 -39.30
N LEU A 359 49.69 25.16 -39.39
CA LEU A 359 49.06 24.38 -38.34
C LEU A 359 48.33 23.15 -38.84
N ASP A 360 48.04 23.03 -40.14
CA ASP A 360 47.48 21.79 -40.66
C ASP A 360 48.49 20.67 -40.68
N VAL A 361 49.79 20.97 -40.58
CA VAL A 361 50.83 19.96 -40.56
C VAL A 361 50.91 19.20 -39.25
N ALA A 362 50.08 19.53 -38.27
CA ALA A 362 49.90 18.69 -37.09
C ALA A 362 48.44 18.32 -36.90
N PHE A 363 47.62 18.42 -37.95
CA PHE A 363 46.20 18.11 -37.82
C PHE A 363 45.60 17.30 -38.95
N HIS A 364 46.29 17.08 -40.06
CA HIS A 364 45.68 16.42 -41.21
C HIS A 364 45.42 14.95 -40.92
N ASP A 365 44.26 14.48 -41.39
CA ASP A 365 43.79 13.10 -41.31
C ASP A 365 43.64 12.61 -39.86
N THR A 366 43.59 13.52 -38.91
CA THR A 366 43.38 13.18 -37.51
C THR A 366 41.89 13.24 -37.22
N TYR A 367 41.50 13.09 -35.97
CA TYR A 367 40.10 13.25 -35.61
C TYR A 367 39.73 14.67 -35.24
N TYR A 368 40.69 15.59 -35.29
CA TYR A 368 40.36 17.01 -35.11
C TYR A 368 39.67 17.55 -36.35
N VAL A 369 39.92 16.95 -37.51
CA VAL A 369 39.20 17.34 -38.71
C VAL A 369 37.76 16.87 -38.64
N VAL A 370 37.54 15.64 -38.18
CA VAL A 370 36.19 15.09 -38.09
C VAL A 370 35.38 15.76 -36.99
N GLY A 371 36.06 16.33 -35.99
CA GLY A 371 35.35 17.20 -35.08
C GLY A 371 34.97 18.52 -35.72
N HIS A 372 35.74 18.97 -36.70
CA HIS A 372 35.44 20.25 -37.33
C HIS A 372 34.37 20.13 -38.39
N PHE A 373 34.45 19.13 -39.27
CA PHE A 373 33.50 19.11 -40.36
C PHE A 373 32.17 18.46 -39.99
N HIS A 374 32.00 18.00 -38.76
CA HIS A 374 30.70 17.53 -38.33
C HIS A 374 29.93 18.58 -37.55
N TYR A 375 30.60 19.64 -37.10
CA TYR A 375 29.91 20.79 -36.58
C TYR A 375 29.32 21.66 -37.68
N VAL A 376 29.66 21.40 -38.93
CA VAL A 376 29.15 22.14 -40.07
C VAL A 376 28.47 21.23 -41.08
N LEU A 377 28.24 19.96 -40.74
CA LEU A 377 27.47 19.07 -41.59
C LEU A 377 26.28 18.47 -40.88
N SER A 378 26.48 17.90 -39.71
CA SER A 378 25.35 17.42 -38.92
C SER A 378 24.83 18.47 -37.96
N MET A 379 25.40 19.67 -37.99
CA MET A 379 25.02 20.76 -37.13
C MET A 379 24.88 22.07 -37.90
N GLY A 380 25.13 22.05 -39.20
CA GLY A 380 24.97 23.22 -40.02
C GLY A 380 24.16 22.92 -41.25
N ALA A 381 24.00 21.64 -41.55
CA ALA A 381 23.21 21.20 -42.69
C ALA A 381 22.20 20.13 -42.30
N ILE A 382 22.02 19.89 -41.01
CA ILE A 382 20.90 19.10 -40.50
C ILE A 382 20.12 20.04 -39.59
N PHE A 383 20.83 21.01 -39.01
CA PHE A 383 20.16 22.05 -38.23
C PHE A 383 19.44 23.05 -39.11
N SER A 384 19.75 23.11 -40.40
CA SER A 384 18.97 23.88 -41.35
C SER A 384 18.05 23.02 -42.20
N LEU A 385 18.17 21.70 -42.10
CA LEU A 385 17.21 20.81 -42.74
C LEU A 385 16.06 20.46 -41.81
N PHE A 386 16.34 20.33 -40.51
CA PHE A 386 15.26 20.19 -39.55
C PHE A 386 14.52 21.51 -39.36
N ALA A 387 15.22 22.63 -39.52
CA ALA A 387 14.58 23.93 -39.45
C ALA A 387 13.92 24.33 -40.76
N GLY A 388 13.95 23.46 -41.76
CA GLY A 388 13.27 23.75 -43.00
C GLY A 388 12.09 22.81 -43.15
N TYR A 389 12.21 21.61 -42.61
CA TYR A 389 11.07 20.70 -42.60
C TYR A 389 9.99 21.22 -41.68
N TYR A 390 10.34 21.49 -40.41
CA TYR A 390 9.38 21.95 -39.41
C TYR A 390 8.81 23.33 -39.72
N TYR A 391 9.51 24.12 -40.53
CA TYR A 391 9.04 25.43 -40.94
C TYR A 391 8.04 25.36 -42.09
N TRP A 392 8.05 24.29 -42.88
CA TRP A 392 7.14 24.15 -44.01
C TRP A 392 6.43 22.81 -44.01
N SER A 393 6.35 22.12 -42.90
CA SER A 393 5.62 20.86 -42.93
C SER A 393 4.11 21.02 -42.93
N PRO A 394 3.46 21.76 -42.00
CA PRO A 394 2.00 21.82 -42.10
C PRO A 394 1.50 22.77 -43.16
N GLN A 395 2.36 23.64 -43.69
CA GLN A 395 1.96 24.48 -44.81
C GLN A 395 1.87 23.66 -46.09
N ILE A 396 2.68 22.61 -46.21
CA ILE A 396 2.78 21.84 -47.44
C ILE A 396 2.04 20.53 -47.35
N LEU A 397 2.18 19.81 -46.25
CA LEU A 397 1.39 18.59 -46.10
C LEU A 397 -0.04 18.89 -45.71
N GLY A 398 -0.26 19.96 -44.95
CA GLY A 398 -1.58 20.28 -44.46
C GLY A 398 -1.86 19.86 -43.03
N LEU A 399 -0.90 19.23 -42.36
CA LEU A 399 -1.12 18.62 -41.05
C LEU A 399 -0.01 19.01 -40.10
N ASN A 400 -0.38 19.29 -38.85
CA ASN A 400 0.56 19.76 -37.85
C ASN A 400 1.19 18.61 -37.07
N TYR A 401 2.40 18.85 -36.56
CA TYR A 401 3.35 17.78 -36.29
C TYR A 401 3.58 17.48 -34.81
N ASN A 402 2.60 17.79 -33.94
CA ASN A 402 2.69 17.56 -32.48
C ASN A 402 3.90 18.29 -31.88
N GLU A 403 3.77 19.61 -31.86
CA GLU A 403 4.81 20.53 -31.40
C GLU A 403 5.42 20.19 -30.05
N LYS A 404 4.64 19.63 -29.13
CA LYS A 404 5.19 19.23 -27.84
C LYS A 404 6.13 18.03 -27.95
N LEU A 405 6.07 17.29 -29.05
CA LEU A 405 6.94 16.15 -29.28
C LEU A 405 8.11 16.46 -30.18
N ALA A 406 8.09 17.60 -30.85
CA ALA A 406 9.22 18.05 -31.65
C ALA A 406 10.20 18.87 -30.84
N GLN A 407 9.87 19.23 -29.61
CA GLN A 407 10.86 19.89 -28.79
C GLN A 407 11.81 18.90 -28.16
N ILE A 408 11.33 17.69 -27.83
CA ILE A 408 12.23 16.69 -27.28
C ILE A 408 13.05 16.03 -28.38
N GLN A 409 12.64 16.15 -29.64
CA GLN A 409 13.48 15.70 -30.73
C GLN A 409 14.57 16.72 -31.04
N PHE A 410 14.39 17.97 -30.63
CA PHE A 410 15.47 18.93 -30.83
C PHE A 410 16.58 18.74 -29.81
N TRP A 411 16.21 18.56 -28.54
CA TRP A 411 17.23 18.49 -27.51
C TRP A 411 17.99 17.19 -27.55
N LEU A 412 17.35 16.09 -27.94
CA LEU A 412 18.08 14.84 -28.13
C LEU A 412 18.97 14.86 -29.35
N ILE A 413 18.76 15.79 -30.28
CA ILE A 413 19.70 16.01 -31.36
C ILE A 413 20.80 16.97 -30.95
N PHE A 414 20.45 18.00 -30.16
CA PHE A 414 21.42 19.01 -29.75
C PHE A 414 22.47 18.41 -28.82
N ILE A 415 22.04 17.93 -27.65
CA ILE A 415 23.00 17.42 -26.68
C ILE A 415 23.32 15.95 -26.93
N GLY A 416 22.56 15.28 -27.78
CA GLY A 416 22.85 13.91 -28.14
C GLY A 416 23.66 13.73 -29.40
N ALA A 417 24.12 14.82 -29.98
CA ALA A 417 25.14 14.77 -31.02
C ALA A 417 26.29 15.73 -30.74
N ASN A 418 26.16 16.61 -29.76
CA ASN A 418 27.31 17.34 -29.28
C ASN A 418 28.19 16.46 -28.42
N VAL A 419 27.61 15.45 -27.77
CA VAL A 419 28.37 14.50 -27.00
C VAL A 419 29.20 13.59 -27.91
N ILE A 420 28.82 13.45 -29.18
CA ILE A 420 29.65 12.68 -30.09
C ILE A 420 30.80 13.53 -30.60
N PHE A 421 30.50 14.73 -31.10
CA PHE A 421 31.44 15.43 -31.95
C PHE A 421 32.28 16.46 -31.20
N PHE A 422 32.01 16.70 -29.93
CA PHE A 422 32.94 17.53 -29.19
C PHE A 422 34.20 16.80 -28.70
N PRO A 423 34.15 15.55 -28.17
CA PRO A 423 35.42 14.91 -27.81
C PRO A 423 36.27 14.47 -28.98
N MET A 424 35.79 14.58 -30.22
CA MET A 424 36.62 14.30 -31.38
C MET A 424 37.78 15.28 -31.51
N HIS A 425 37.64 16.51 -30.99
CA HIS A 425 38.75 17.45 -30.99
C HIS A 425 39.86 17.03 -30.04
N PHE A 426 39.59 16.14 -29.09
CA PHE A 426 40.61 15.71 -28.15
C PHE A 426 41.36 14.48 -28.65
N LEU A 427 40.68 13.58 -29.34
CA LEU A 427 41.36 12.43 -29.94
C LEU A 427 42.23 12.84 -31.11
N GLY A 428 41.91 13.94 -31.76
CA GLY A 428 42.67 14.38 -32.92
C GLY A 428 43.83 15.27 -32.55
N ILE A 429 43.72 15.98 -31.43
CA ILE A 429 44.84 16.79 -30.97
C ILE A 429 45.94 15.93 -30.37
N ASN A 430 45.64 14.67 -30.04
CA ASN A 430 46.70 13.72 -29.72
C ASN A 430 47.23 13.06 -30.99
N GLY A 431 46.36 12.82 -31.96
CA GLY A 431 46.83 12.27 -33.23
C GLY A 431 46.27 10.93 -33.63
N MET A 432 45.03 10.66 -33.28
CA MET A 432 44.37 9.44 -33.75
C MET A 432 44.06 9.57 -35.23
N PRO A 433 44.56 8.68 -36.09
CA PRO A 433 44.27 8.78 -37.52
C PRO A 433 42.85 8.31 -37.84
N ARG A 434 42.44 8.57 -39.07
CA ARG A 434 41.06 8.33 -39.47
C ARG A 434 40.91 6.95 -40.10
N ARG A 435 39.64 6.54 -40.26
CA ARG A 435 39.21 5.38 -41.03
C ARG A 435 39.80 4.06 -40.52
N ILE A 436 40.10 3.98 -39.24
CA ILE A 436 40.80 2.82 -38.67
C ILE A 436 39.81 2.01 -37.85
N PRO A 437 39.76 0.68 -38.01
CA PRO A 437 38.88 -0.12 -37.17
C PRO A 437 39.36 -0.26 -35.74
N ASP A 438 40.66 -0.17 -35.50
CA ASP A 438 41.22 -0.25 -34.15
C ASP A 438 42.25 0.85 -33.99
N TYR A 439 42.66 1.06 -32.74
CA TYR A 439 43.42 2.24 -32.38
C TYR A 439 44.34 1.87 -31.22
N PRO A 440 45.35 2.70 -30.92
CA PRO A 440 46.09 2.51 -29.67
C PRO A 440 45.20 2.66 -28.46
N ASP A 441 45.60 2.03 -27.36
CA ASP A 441 44.74 1.89 -26.20
C ASP A 441 44.49 3.20 -25.47
N ALA A 442 45.32 4.21 -25.69
CA ALA A 442 45.08 5.51 -25.07
C ALA A 442 43.94 6.26 -25.73
N PHE A 443 43.50 5.84 -26.91
CA PHE A 443 42.36 6.43 -27.59
C PHE A 443 41.07 5.68 -27.31
N ALA A 444 41.01 4.91 -26.24
CA ALA A 444 39.77 4.30 -25.82
C ALA A 444 38.99 5.18 -24.86
N GLY A 445 39.54 6.33 -24.49
CA GLY A 445 38.88 7.22 -23.56
C GLY A 445 37.66 7.90 -24.15
N TRP A 446 37.88 8.83 -25.08
CA TRP A 446 36.77 9.57 -25.64
C TRP A 446 36.01 8.77 -26.69
N ASN A 447 36.61 7.71 -27.22
CA ASN A 447 35.90 6.89 -28.20
C ASN A 447 34.81 6.04 -27.57
N TYR A 448 34.77 5.94 -26.24
CA TYR A 448 33.60 5.43 -25.57
C TYR A 448 32.65 6.54 -25.15
N VAL A 449 33.15 7.77 -25.01
CA VAL A 449 32.26 8.91 -24.81
C VAL A 449 31.51 9.21 -26.09
N ALA A 450 32.20 9.21 -27.23
CA ALA A 450 31.53 9.45 -28.49
C ALA A 450 30.73 8.26 -28.99
N SER A 451 30.85 7.09 -28.35
CA SER A 451 30.03 5.95 -28.70
C SER A 451 28.72 5.90 -27.94
N ILE A 452 28.65 6.50 -26.76
CA ILE A 452 27.39 6.55 -26.04
C ILE A 452 26.43 7.53 -26.68
N GLY A 453 26.94 8.47 -27.49
CA GLY A 453 26.08 9.49 -28.05
C GLY A 453 25.41 9.10 -29.35
N SER A 454 26.00 8.17 -30.10
CA SER A 454 25.40 7.76 -31.35
C SER A 454 24.15 6.92 -31.14
N PHE A 455 23.95 6.38 -29.93
CA PHE A 455 22.63 5.86 -29.62
C PHE A 455 21.67 6.95 -29.18
N ILE A 456 22.17 8.12 -28.78
CA ILE A 456 21.25 9.19 -28.38
C ILE A 456 20.66 9.87 -29.61
N ALA A 457 21.51 10.21 -30.58
CA ALA A 457 21.04 10.89 -31.77
C ALA A 457 20.17 9.98 -32.63
N THR A 458 20.53 8.70 -32.71
CA THR A 458 19.73 7.74 -33.46
C THR A 458 18.62 7.10 -32.61
N LEU A 459 18.38 7.61 -31.40
CA LEU A 459 17.09 7.38 -30.75
C LEU A 459 16.15 8.53 -31.02
N SER A 460 16.69 9.75 -31.16
CA SER A 460 15.89 10.87 -31.62
C SER A 460 15.41 10.69 -33.04
N LEU A 461 16.23 10.07 -33.90
CA LEU A 461 15.79 9.80 -35.26
C LEU A 461 14.73 8.73 -35.29
N PHE A 462 14.74 7.79 -34.35
CA PHE A 462 13.63 6.86 -34.22
C PHE A 462 12.38 7.58 -33.75
N LEU A 463 12.55 8.63 -32.95
CA LEU A 463 11.42 9.44 -32.52
C LEU A 463 10.89 10.28 -33.67
N PHE A 464 11.79 10.78 -34.52
CA PHE A 464 11.41 11.57 -35.69
C PHE A 464 10.61 10.76 -36.69
N ILE A 465 10.75 9.44 -36.71
CA ILE A 465 9.88 8.61 -37.51
C ILE A 465 8.48 8.61 -36.94
N TYR A 466 8.36 8.64 -35.60
CA TYR A 466 7.04 8.66 -34.99
C TYR A 466 6.35 9.99 -35.15
N ILE A 467 7.11 11.08 -35.21
CA ILE A 467 6.53 12.39 -35.54
C ILE A 467 6.00 12.37 -36.96
N LEU A 468 6.71 11.72 -37.88
CA LEU A 468 6.21 11.51 -39.23
C LEU A 468 5.01 10.57 -39.27
N TYR A 469 4.83 9.73 -38.25
CA TYR A 469 3.63 8.91 -38.18
C TYR A 469 2.47 9.67 -37.57
N ASP A 470 2.74 10.48 -36.54
CA ASP A 470 1.71 11.32 -35.93
C ASP A 470 1.29 12.45 -36.86
N GLN A 471 2.11 12.81 -37.83
CA GLN A 471 1.72 13.88 -38.73
C GLN A 471 0.85 13.39 -39.86
N LEU A 472 0.97 12.13 -40.26
CA LEU A 472 0.17 11.61 -41.36
C LEU A 472 -1.09 10.91 -40.88
N VAL A 473 -1.01 10.16 -39.80
CA VAL A 473 -2.18 9.62 -39.13
C VAL A 473 -2.45 10.50 -37.92
N ASN A 474 -3.70 10.95 -37.80
CA ASN A 474 -4.17 12.05 -36.93
C ASN A 474 -3.18 13.22 -36.86
N GLY A 475 -2.92 13.77 -38.03
CA GLY A 475 -2.25 15.05 -38.12
C GLY A 475 -3.27 16.14 -38.40
N LEU A 476 -4.50 15.71 -38.70
CA LEU A 476 -5.64 16.59 -38.77
C LEU A 476 -6.25 16.86 -37.41
N ASN A 477 -6.13 15.91 -36.49
CA ASN A 477 -6.57 16.05 -35.12
C ASN A 477 -5.52 16.70 -34.24
N ASN A 478 -4.61 17.49 -34.82
CA ASN A 478 -3.61 18.21 -34.04
C ASN A 478 -3.94 19.69 -33.94
N LYS A 479 -4.42 20.30 -35.02
CA LYS A 479 -4.73 21.71 -34.96
C LYS A 479 -6.15 21.97 -34.47
N VAL A 480 -6.91 20.94 -34.12
CA VAL A 480 -8.21 21.14 -33.47
C VAL A 480 -8.15 20.91 -31.97
N ASN A 481 -7.05 20.36 -31.46
CA ASN A 481 -6.81 20.35 -30.03
C ASN A 481 -5.55 21.16 -29.74
N ASN A 482 -5.07 21.08 -28.50
CA ASN A 482 -3.95 21.88 -28.07
C ASN A 482 -2.63 21.14 -28.20
N LYS A 483 -2.49 20.31 -29.22
CA LYS A 483 -1.24 19.57 -29.40
C LYS A 483 -0.16 20.43 -30.03
N SER A 484 -0.48 21.14 -31.09
CA SER A 484 0.53 21.82 -31.89
C SER A 484 0.38 23.34 -31.78
N VAL A 485 1.27 24.04 -32.47
CA VAL A 485 1.15 25.47 -32.69
C VAL A 485 0.60 25.67 -34.09
N ILE A 486 -0.43 26.51 -34.21
CA ILE A 486 -1.09 26.70 -35.50
C ILE A 486 -0.48 27.91 -36.18
N TYR A 487 -0.60 29.08 -35.56
CA TYR A 487 -0.13 30.31 -36.17
C TYR A 487 1.32 30.53 -35.79
N ASN A 488 2.21 30.50 -36.78
CA ASN A 488 3.63 30.70 -36.52
C ASN A 488 3.99 32.15 -36.23
N LYS A 489 3.07 33.09 -36.46
CA LYS A 489 3.25 34.47 -36.06
C LYS A 489 2.10 34.85 -35.13
N ALA A 490 2.39 34.95 -33.84
CA ALA A 490 1.43 35.48 -32.89
C ALA A 490 1.23 36.97 -33.16
N PRO A 491 0.02 37.49 -32.93
CA PRO A 491 -0.25 38.89 -33.23
C PRO A 491 0.47 39.84 -32.28
N ASP A 492 0.39 41.12 -32.60
CA ASP A 492 1.16 42.14 -31.91
C ASP A 492 0.54 42.43 -30.54
N PHE A 493 1.10 43.42 -29.84
CA PHE A 493 0.59 43.73 -28.51
C PHE A 493 -0.76 44.42 -28.59
N VAL A 494 -0.94 45.29 -29.56
CA VAL A 494 -2.17 46.07 -29.68
C VAL A 494 -3.01 45.58 -30.85
N GLU A 495 -2.84 44.33 -31.23
CA GLU A 495 -3.62 43.71 -32.29
C GLU A 495 -4.68 42.82 -31.65
N SER A 496 -5.95 43.18 -31.82
CA SER A 496 -7.01 42.47 -31.12
C SER A 496 -7.24 41.09 -31.74
N ASN A 497 -7.75 40.18 -30.92
CA ASN A 497 -7.86 38.79 -31.35
C ASN A 497 -8.94 38.63 -32.42
N THR A 498 -10.00 39.43 -32.36
CA THR A 498 -11.06 39.30 -33.34
C THR A 498 -10.71 39.94 -34.67
N ILE A 499 -9.69 40.80 -34.71
CA ILE A 499 -9.25 41.38 -35.96
C ILE A 499 -8.11 40.57 -36.57
N PHE A 500 -7.53 39.65 -35.81
CA PHE A 500 -6.43 38.84 -36.31
C PHE A 500 -6.92 37.81 -37.32
N ASN A 501 -8.12 37.28 -37.13
CA ASN A 501 -8.62 36.24 -38.03
C ASN A 501 -9.04 36.77 -39.38
N LEU A 502 -9.05 38.09 -39.58
CA LEU A 502 -9.25 38.68 -40.89
C LEU A 502 -7.93 38.76 -41.66
N ASN A 503 -6.88 39.23 -41.00
CA ASN A 503 -5.55 39.43 -41.57
C ASN A 503 -4.61 38.51 -40.80
N THR A 504 -4.58 37.24 -41.19
CA THR A 504 -3.96 36.21 -40.36
C THR A 504 -2.46 36.07 -40.64
N VAL A 505 -2.09 35.75 -41.86
CA VAL A 505 -0.70 35.49 -42.22
C VAL A 505 -0.07 36.78 -42.72
N LYS A 506 0.80 37.36 -41.91
CA LYS A 506 1.55 38.56 -42.29
C LYS A 506 2.94 38.17 -42.78
N SER A 507 2.96 37.32 -43.80
CA SER A 507 4.22 36.80 -44.31
C SER A 507 4.92 37.82 -45.19
N SER A 508 6.16 37.51 -45.55
CA SER A 508 6.90 38.26 -46.55
C SER A 508 7.18 37.42 -47.78
N SER A 509 6.53 36.27 -47.90
CA SER A 509 6.74 35.37 -49.03
C SER A 509 5.41 34.76 -49.40
N ILE A 510 5.34 34.24 -50.63
CA ILE A 510 4.11 33.69 -51.16
C ILE A 510 3.80 32.34 -50.52
N GLU A 511 4.83 31.69 -49.96
CA GLU A 511 4.77 30.30 -49.48
C GLU A 511 3.70 30.06 -48.42
N PHE A 512 3.31 31.09 -47.66
CA PHE A 512 2.30 30.93 -46.63
C PHE A 512 0.96 31.48 -47.06
N LEU A 513 0.93 32.35 -48.07
CA LEU A 513 -0.32 32.86 -48.60
C LEU A 513 -1.05 31.81 -49.44
N LEU A 514 -0.36 30.76 -49.85
CA LEU A 514 -1.00 29.67 -50.54
C LEU A 514 -1.85 28.86 -49.57
N THR A 515 -2.62 27.93 -50.12
CA THR A 515 -3.40 27.03 -49.31
C THR A 515 -2.50 25.95 -48.72
N SER A 516 -3.04 25.20 -47.76
CA SER A 516 -2.31 24.11 -47.11
C SER A 516 -3.10 22.82 -47.27
N PRO A 517 -2.74 21.94 -48.23
CA PRO A 517 -1.63 21.98 -49.19
C PRO A 517 -1.92 22.89 -50.37
N PRO A 518 -0.88 23.33 -51.06
CA PRO A 518 -1.09 24.16 -52.25
C PRO A 518 -1.74 23.37 -53.37
N ALA A 519 -2.33 24.12 -54.31
CA ALA A 519 -3.11 23.51 -55.37
C ALA A 519 -2.19 22.87 -56.40
N VAL A 520 -2.80 22.03 -57.26
CA VAL A 520 -2.05 21.47 -58.38
C VAL A 520 -1.78 22.53 -59.44
N HIS A 521 -2.58 23.60 -59.45
CA HIS A 521 -2.29 24.80 -60.22
C HIS A 521 -2.45 25.97 -59.26
N SER A 522 -1.39 26.24 -58.50
CA SER A 522 -1.45 27.34 -57.55
C SER A 522 -1.14 28.69 -58.20
N PHE A 523 -0.78 28.69 -59.48
CA PHE A 523 -0.53 29.94 -60.21
C PHE A 523 -1.15 29.78 -61.61
N ASN A 524 -2.40 30.20 -61.75
CA ASN A 524 -3.06 30.27 -63.04
C ASN A 524 -3.35 31.70 -63.46
N THR A 525 -2.70 32.67 -62.81
CA THR A 525 -2.78 34.06 -63.19
C THR A 525 -1.45 34.71 -62.82
N PRO A 526 -0.94 35.63 -63.64
CA PRO A 526 0.31 36.29 -63.28
C PRO A 526 0.13 37.26 -62.13
N ALA A 527 0.64 36.86 -60.97
CA ALA A 527 0.59 37.63 -59.74
C ALA A 527 1.39 38.90 -59.89
N VAL A 528 1.15 39.86 -59.00
CA VAL A 528 1.85 41.13 -59.08
C VAL A 528 2.46 41.44 -57.73
N GLN A 529 3.60 42.13 -57.75
CA GLN A 529 4.28 42.53 -56.54
C GLN A 529 4.54 44.01 -56.65
N SER A 530 4.36 44.73 -55.54
CA SER A 530 4.57 46.18 -55.41
C SER A 530 4.37 47.05 -56.65
N ASP B 1 55.63 10.84 -28.94
CA ASP B 1 55.75 10.21 -27.64
C ASP B 1 54.59 9.27 -27.48
N VAL B 2 54.01 9.20 -26.29
CA VAL B 2 52.93 8.27 -25.98
C VAL B 2 51.65 9.06 -25.77
N PRO B 3 50.55 8.70 -26.40
CA PRO B 3 49.26 9.32 -26.06
C PRO B 3 48.80 8.89 -24.68
N THR B 4 48.01 9.74 -24.07
CA THR B 4 47.51 9.58 -22.72
C THR B 4 46.01 9.33 -22.75
N PRO B 5 45.49 8.38 -21.97
CA PRO B 5 44.03 8.20 -21.91
C PRO B 5 43.35 9.39 -21.25
N TYR B 6 42.23 9.81 -21.86
CA TYR B 6 41.44 10.97 -21.45
C TYR B 6 42.29 12.25 -21.43
N ALA B 7 43.03 12.47 -22.50
CA ALA B 7 43.84 13.67 -22.66
C ALA B 7 43.15 14.63 -23.61
N CYS B 8 43.57 15.89 -23.57
CA CYS B 8 42.96 16.92 -24.40
C CYS B 8 43.94 17.88 -25.02
N TYR B 9 45.25 17.67 -24.86
CA TYR B 9 46.21 18.63 -25.40
C TYR B 9 47.19 17.92 -26.31
N PHE B 10 48.21 18.65 -26.77
CA PHE B 10 49.23 18.09 -27.64
C PHE B 10 50.07 17.06 -26.89
N GLN B 11 50.74 16.22 -27.67
CA GLN B 11 51.83 15.42 -27.11
C GLN B 11 53.04 16.32 -26.87
N ASP B 12 53.97 15.82 -26.06
CA ASP B 12 55.03 16.66 -25.52
C ASP B 12 56.02 17.09 -26.60
N SER B 13 56.33 18.38 -26.61
CA SER B 13 57.12 18.95 -27.69
C SER B 13 58.59 18.56 -27.54
N ALA B 14 59.11 17.87 -28.54
CA ALA B 14 60.51 17.42 -28.56
C ALA B 14 61.28 17.99 -29.74
N THR B 15 60.75 19.04 -30.37
CA THR B 15 61.31 19.62 -31.57
C THR B 15 60.94 21.10 -31.56
N PRO B 16 61.86 22.00 -31.92
CA PRO B 16 61.47 23.41 -32.12
C PRO B 16 60.48 23.59 -33.25
N ASN B 17 60.48 22.72 -34.26
CA ASN B 17 59.41 22.72 -35.25
C ASN B 17 58.08 22.34 -34.60
N GLN B 18 58.11 21.36 -33.70
CA GLN B 18 56.91 21.04 -32.93
C GLN B 18 56.61 22.11 -31.91
N GLU B 19 57.64 22.73 -31.32
CA GLU B 19 57.43 23.75 -30.31
C GLU B 19 56.86 25.03 -30.91
N GLY B 20 57.07 25.26 -32.21
CA GLY B 20 56.43 26.40 -32.85
C GLY B 20 54.95 26.21 -33.06
N ILE B 21 54.51 24.96 -33.24
CA ILE B 21 53.10 24.66 -33.44
C ILE B 21 52.31 24.93 -32.16
N LEU B 22 52.89 24.60 -31.01
CA LEU B 22 52.18 24.80 -29.75
C LEU B 22 52.07 26.27 -29.38
N GLU B 23 52.98 27.10 -29.86
CA GLU B 23 52.82 28.53 -29.66
C GLU B 23 52.03 29.19 -30.78
N LEU B 24 51.63 28.43 -31.79
CA LEU B 24 50.69 28.92 -32.80
C LEU B 24 49.30 28.32 -32.64
N HIS B 25 49.18 27.14 -32.03
CA HIS B 25 47.87 26.64 -31.69
C HIS B 25 47.26 27.41 -30.52
N ASP B 26 48.09 27.99 -29.66
CA ASP B 26 47.59 28.83 -28.58
C ASP B 26 47.50 30.30 -28.98
N ASN B 27 48.26 30.74 -29.97
CA ASN B 27 48.09 32.09 -30.49
C ASN B 27 46.80 32.21 -31.27
N ILE B 28 46.34 31.12 -31.88
CA ILE B 28 45.10 31.14 -32.64
C ILE B 28 43.90 31.06 -31.71
N MET B 29 43.94 30.12 -30.76
CA MET B 29 42.81 29.88 -29.87
C MET B 29 42.65 30.99 -28.83
N PHE B 30 43.64 31.86 -28.65
CA PHE B 30 43.39 33.07 -27.86
C PHE B 30 42.49 34.04 -28.62
N TYR B 31 42.60 34.10 -29.94
CA TYR B 31 41.71 34.90 -30.76
C TYR B 31 40.47 34.14 -31.20
N LEU B 32 40.32 32.88 -30.79
CA LEU B 32 39.08 32.15 -31.01
C LEU B 32 38.16 32.17 -29.80
N LEU B 33 38.69 32.47 -28.62
CA LEU B 33 37.85 32.55 -27.44
C LEU B 33 37.20 33.91 -27.25
N VAL B 34 37.74 34.96 -27.89
CA VAL B 34 37.03 36.22 -27.92
C VAL B 34 35.83 36.12 -28.84
N ILE B 35 35.97 35.38 -29.94
CA ILE B 35 34.86 35.22 -30.88
C ILE B 35 33.84 34.24 -30.33
N LEU B 36 34.27 33.17 -29.68
CA LEU B 36 33.33 32.28 -29.01
C LEU B 36 32.78 32.92 -27.75
N GLY B 37 33.56 33.79 -27.10
CA GLY B 37 33.03 34.49 -25.94
C GLY B 37 32.01 35.55 -26.32
N LEU B 38 32.10 36.07 -27.53
CA LEU B 38 31.11 37.03 -28.00
C LEU B 38 29.83 36.34 -28.42
N VAL B 39 29.93 35.27 -29.19
CA VAL B 39 28.75 34.61 -29.74
C VAL B 39 27.97 33.90 -28.65
N SER B 40 28.65 33.28 -27.69
CA SER B 40 27.96 32.66 -26.57
C SER B 40 27.32 33.69 -25.64
N TRP B 41 27.80 34.93 -25.66
CA TRP B 41 27.13 35.98 -24.89
C TRP B 41 26.04 36.67 -25.68
N MET B 42 26.29 36.95 -26.95
CA MET B 42 25.33 37.65 -27.78
C MET B 42 24.19 36.76 -28.24
N LEU B 43 24.17 35.50 -27.83
CA LEU B 43 23.05 34.61 -28.10
C LEU B 43 22.29 34.28 -26.82
N TYR B 44 22.85 34.60 -25.65
CA TYR B 44 22.13 34.47 -24.39
C TYR B 44 21.43 35.76 -23.98
N THR B 45 21.91 36.90 -24.44
CA THR B 45 21.21 38.16 -24.21
C THR B 45 20.04 38.35 -25.17
N ILE B 46 19.86 37.46 -26.13
CA ILE B 46 18.78 37.57 -27.09
C ILE B 46 17.69 36.55 -26.83
N VAL B 47 18.06 35.30 -26.61
CA VAL B 47 17.08 34.27 -26.28
C VAL B 47 16.45 34.49 -24.92
N MET B 48 17.19 35.04 -23.95
CA MET B 48 16.60 35.28 -22.64
C MET B 48 15.96 36.65 -22.52
N THR B 49 16.68 37.72 -22.85
CA THR B 49 16.16 39.06 -22.56
C THR B 49 15.18 39.55 -23.61
N TYR B 50 15.15 38.96 -24.79
CA TYR B 50 14.30 39.45 -25.87
C TYR B 50 13.25 38.45 -26.32
N SER B 51 13.11 37.33 -25.62
CA SER B 51 11.93 36.49 -25.84
C SER B 51 10.72 36.98 -25.09
N LYS B 52 10.91 37.93 -24.19
CA LYS B 52 9.82 38.54 -23.44
C LYS B 52 9.58 39.96 -23.88
N ASN B 53 9.87 40.25 -25.15
CA ASN B 53 9.67 41.57 -25.73
C ASN B 53 8.53 41.48 -26.73
N PRO B 54 7.29 41.81 -26.34
CA PRO B 54 6.16 41.62 -27.28
C PRO B 54 6.07 42.67 -28.36
N ILE B 55 6.73 43.82 -28.21
CA ILE B 55 6.73 44.87 -29.21
C ILE B 55 8.03 44.77 -29.98
N ALA B 56 7.96 44.26 -31.21
CA ALA B 56 9.14 44.03 -32.01
C ALA B 56 9.59 45.32 -32.69
N TYR B 57 10.86 45.68 -32.49
CA TYR B 57 11.43 46.89 -33.09
C TYR B 57 11.68 46.61 -34.57
N LYS B 58 10.60 46.69 -35.35
CA LYS B 58 10.63 46.29 -36.75
C LYS B 58 11.00 47.43 -37.70
N TYR B 59 11.68 48.46 -37.20
CA TYR B 59 12.12 49.57 -38.04
C TYR B 59 13.59 49.87 -37.82
N ILE B 60 14.40 48.83 -37.73
CA ILE B 60 15.86 48.93 -37.75
C ILE B 60 16.38 47.86 -38.71
N LYS B 61 16.70 48.26 -39.94
CA LYS B 61 17.11 47.33 -40.98
C LYS B 61 18.54 47.55 -41.44
N HIS B 62 18.89 48.76 -41.87
CA HIS B 62 20.18 48.96 -42.54
C HIS B 62 21.34 48.98 -41.56
N GLY B 63 21.37 49.98 -40.67
CA GLY B 63 22.48 50.15 -39.74
C GLY B 63 23.81 50.42 -40.41
N GLN B 64 23.96 51.59 -41.05
CA GLN B 64 25.16 51.88 -41.82
C GLN B 64 26.37 52.08 -40.93
N THR B 65 26.17 52.54 -39.70
CA THR B 65 27.29 52.79 -38.78
C THR B 65 27.77 51.54 -38.07
N ILE B 66 27.20 50.37 -38.35
CA ILE B 66 27.67 49.13 -37.76
C ILE B 66 27.83 48.09 -38.86
N GLU B 67 27.40 48.43 -40.07
CA GLU B 67 27.66 47.57 -41.22
C GLU B 67 29.14 47.55 -41.56
N VAL B 68 29.80 48.71 -41.53
CA VAL B 68 31.20 48.80 -41.88
C VAL B 68 32.13 48.43 -40.73
N ILE B 69 31.59 48.24 -39.53
CA ILE B 69 32.46 47.94 -38.39
C ILE B 69 32.81 46.45 -38.37
N TRP B 70 31.83 45.57 -38.57
CA TRP B 70 32.11 44.14 -38.51
C TRP B 70 32.53 43.55 -39.85
N THR B 71 32.94 44.38 -40.82
CA THR B 71 33.64 43.87 -41.99
C THR B 71 35.11 44.21 -41.98
N ILE B 72 35.54 45.17 -41.16
CA ILE B 72 36.95 45.36 -40.87
C ILE B 72 37.38 44.60 -39.61
N PHE B 73 36.43 44.09 -38.84
CA PHE B 73 36.75 43.35 -37.63
C PHE B 73 37.28 41.95 -37.91
N PRO B 74 36.79 41.18 -38.90
CA PRO B 74 37.57 40.02 -39.35
C PRO B 74 38.74 40.40 -40.21
N ALA B 75 38.87 41.66 -40.62
CA ALA B 75 40.04 42.14 -41.35
C ALA B 75 41.05 42.84 -40.45
N VAL B 76 40.86 42.80 -39.13
CA VAL B 76 41.83 43.37 -38.21
C VAL B 76 42.45 42.30 -37.30
N ILE B 77 41.77 41.17 -37.08
CA ILE B 77 42.40 40.09 -36.33
C ILE B 77 43.19 39.19 -37.27
N LEU B 78 42.69 39.00 -38.49
CA LEU B 78 43.34 38.14 -39.46
C LEU B 78 44.61 38.76 -40.01
N LEU B 79 44.67 40.09 -40.08
CA LEU B 79 45.93 40.74 -40.45
C LEU B 79 46.95 40.64 -39.32
N ILE B 80 46.47 40.55 -38.08
CA ILE B 80 47.38 40.38 -36.95
C ILE B 80 47.86 38.94 -36.86
N ILE B 81 46.92 37.98 -36.92
CA ILE B 81 47.23 36.58 -36.63
C ILE B 81 48.02 35.90 -37.73
N ALA B 82 48.06 36.50 -38.93
CA ALA B 82 48.80 35.89 -40.03
C ALA B 82 50.30 36.11 -39.91
N PHE B 83 50.73 37.15 -39.20
CA PHE B 83 52.16 37.43 -39.06
C PHE B 83 52.88 36.40 -38.17
N PRO B 84 52.26 35.83 -37.11
CA PRO B 84 52.84 34.60 -36.55
C PRO B 84 52.56 33.36 -37.38
N SER B 85 51.67 33.42 -38.37
CA SER B 85 51.47 32.28 -39.26
C SER B 85 52.35 32.33 -40.50
N PHE B 86 52.86 33.51 -40.86
CA PHE B 86 53.87 33.57 -41.92
C PHE B 86 55.27 33.28 -41.40
N ILE B 87 55.55 33.63 -40.13
CA ILE B 87 56.88 33.40 -39.57
C ILE B 87 57.14 31.93 -39.28
N LEU B 88 56.11 31.09 -39.27
CA LEU B 88 56.33 29.66 -39.08
C LEU B 88 56.48 28.92 -40.40
N LEU B 89 55.86 29.41 -41.48
CA LEU B 89 56.03 28.75 -42.77
C LEU B 89 57.43 28.96 -43.34
N TYR B 90 57.90 30.21 -43.34
CA TYR B 90 59.20 30.50 -43.93
C TYR B 90 60.37 30.10 -43.03
N LEU B 91 60.10 29.68 -41.80
CA LEU B 91 61.14 29.17 -40.90
C LEU B 91 60.89 27.73 -40.50
N CYS B 92 60.22 26.95 -41.36
CA CYS B 92 60.16 25.51 -41.21
C CYS B 92 60.57 24.79 -42.49
N ASP B 93 61.27 25.48 -43.40
CA ASP B 93 61.98 24.84 -44.50
C ASP B 93 63.49 24.98 -44.35
N GLU B 94 63.96 25.08 -43.11
CA GLU B 94 65.37 25.32 -42.82
C GLU B 94 66.17 24.03 -43.05
N VAL B 95 66.49 23.81 -44.32
CA VAL B 95 67.30 22.67 -44.73
C VAL B 95 68.65 23.19 -45.21
N ILE B 96 69.07 24.33 -44.65
CA ILE B 96 70.27 25.03 -45.11
C ILE B 96 71.52 24.24 -44.76
N SER B 97 71.74 23.99 -43.47
CA SER B 97 72.92 23.29 -42.97
C SER B 97 72.47 22.04 -42.22
N PRO B 98 72.24 20.93 -42.91
CA PRO B 98 71.83 19.70 -42.23
C PRO B 98 73.03 18.89 -41.76
N ALA B 99 72.77 17.86 -40.96
CA ALA B 99 73.83 17.02 -40.42
C ALA B 99 73.65 15.54 -40.70
N MET B 100 72.46 15.08 -41.05
CA MET B 100 72.22 13.65 -41.21
C MET B 100 71.05 13.44 -42.16
N THR B 101 71.10 12.34 -42.91
CA THR B 101 70.06 11.99 -43.87
C THR B 101 69.59 10.57 -43.60
N ILE B 102 68.33 10.43 -43.20
CA ILE B 102 67.69 9.15 -42.92
C ILE B 102 66.53 9.00 -43.89
N LYS B 103 66.16 7.77 -44.19
CA LYS B 103 65.07 7.50 -45.12
C LYS B 103 63.91 6.84 -44.39
N ALA B 104 62.74 6.90 -45.02
CA ALA B 104 61.54 6.26 -44.48
C ALA B 104 60.61 5.98 -45.65
N ILE B 105 60.49 4.72 -46.05
CA ILE B 105 59.72 4.34 -47.21
C ILE B 105 58.71 3.28 -46.79
N GLY B 106 57.44 3.53 -47.09
CA GLY B 106 56.36 2.69 -46.62
C GLY B 106 55.78 1.82 -47.72
N TYR B 107 55.90 0.52 -47.56
CA TYR B 107 55.36 -0.44 -48.53
C TYR B 107 54.02 -1.02 -48.05
N GLN B 108 53.08 -0.12 -47.75
CA GLN B 108 51.64 -0.37 -47.57
C GLN B 108 51.30 -1.16 -46.29
N TRP B 109 52.28 -1.80 -45.66
CA TRP B 109 52.04 -2.48 -44.40
C TRP B 109 53.19 -2.34 -43.41
N TYR B 110 54.24 -1.60 -43.74
CA TYR B 110 55.37 -1.38 -42.85
C TYR B 110 56.10 -0.14 -43.33
N TRP B 111 57.22 0.16 -42.70
CA TRP B 111 58.15 1.16 -43.19
C TRP B 111 59.47 0.48 -43.52
N LYS B 112 60.36 1.23 -44.17
CA LYS B 112 61.64 0.64 -44.57
C LYS B 112 62.68 1.76 -44.57
N TYR B 113 63.35 1.92 -43.43
CA TYR B 113 64.37 2.95 -43.33
C TYR B 113 65.66 2.45 -43.94
N GLU B 114 66.51 3.39 -44.35
CA GLU B 114 67.88 3.07 -44.67
C GLU B 114 68.77 4.25 -44.31
N TYR B 115 69.91 3.97 -43.71
CA TYR B 115 70.83 5.00 -43.25
C TYR B 115 71.96 5.13 -44.26
N SER B 116 71.60 5.62 -45.45
CA SER B 116 72.50 5.56 -46.60
C SER B 116 73.65 6.54 -46.54
N ASP B 117 73.70 7.42 -45.54
CA ASP B 117 74.90 8.20 -45.30
C ASP B 117 76.00 7.27 -44.82
N PHE B 118 77.18 7.38 -45.40
CA PHE B 118 78.25 6.40 -45.23
C PHE B 118 79.29 6.86 -44.21
N ILE B 119 78.81 7.49 -43.13
CA ILE B 119 79.68 7.78 -42.00
C ILE B 119 80.06 6.47 -41.30
N ASN B 120 79.19 5.46 -41.38
CA ASN B 120 79.51 4.12 -40.87
C ASN B 120 80.67 3.50 -41.64
N ASP B 121 81.58 2.86 -40.91
CA ASP B 121 82.85 2.41 -41.45
C ASP B 121 82.70 1.24 -42.41
N SER B 122 81.59 0.49 -42.34
CA SER B 122 81.42 -0.65 -43.24
C SER B 122 81.15 -0.24 -44.68
N GLY B 123 80.70 0.98 -44.89
CA GLY B 123 80.45 1.47 -46.24
C GLY B 123 79.23 0.86 -46.90
N GLU B 124 78.22 0.52 -46.12
CA GLU B 124 76.98 -0.02 -46.65
C GLU B 124 75.80 0.58 -45.91
N THR B 125 74.68 0.70 -46.61
CA THR B 125 73.45 1.21 -45.99
C THR B 125 72.87 0.17 -45.05
N VAL B 126 72.17 0.63 -44.02
CA VAL B 126 71.55 -0.26 -43.05
C VAL B 126 70.05 -0.17 -43.27
N GLU B 127 69.50 -1.14 -44.00
CA GLU B 127 68.07 -1.17 -44.26
C GLU B 127 67.40 -2.19 -43.34
N PHE B 128 66.25 -1.80 -42.80
CA PHE B 128 65.49 -2.69 -41.93
C PHE B 128 64.04 -2.24 -41.93
N GLU B 129 63.13 -3.21 -41.89
CA GLU B 129 61.71 -2.96 -41.98
C GLU B 129 61.16 -2.58 -40.61
N SER B 130 59.85 -2.40 -40.53
CA SER B 130 59.22 -2.08 -39.24
C SER B 130 57.82 -2.68 -39.24
N TYR B 131 57.72 -3.91 -38.75
CA TYR B 131 56.42 -4.59 -38.65
C TYR B 131 55.86 -4.41 -37.25
N VAL B 132 54.54 -4.20 -37.18
CA VAL B 132 53.90 -4.22 -35.88
C VAL B 132 53.83 -5.67 -35.39
N ILE B 133 53.96 -5.84 -34.08
CA ILE B 133 53.89 -7.18 -33.51
C ILE B 133 52.42 -7.56 -33.33
N PRO B 134 52.01 -8.75 -33.75
CA PRO B 134 50.62 -9.14 -33.62
C PRO B 134 50.28 -9.48 -32.17
N ASP B 135 48.99 -9.69 -31.93
CA ASP B 135 48.53 -10.02 -30.59
C ASP B 135 48.96 -11.41 -30.14
N GLU B 136 49.25 -12.31 -31.07
CA GLU B 136 49.73 -13.63 -30.68
C GLU B 136 51.19 -13.58 -30.28
N LEU B 137 52.00 -12.78 -30.98
CA LEU B 137 53.40 -12.56 -30.63
C LEU B 137 53.58 -11.36 -29.73
N LEU B 138 52.54 -10.94 -29.02
CA LEU B 138 52.58 -9.72 -28.22
C LEU B 138 53.29 -10.02 -26.91
N GLU B 139 54.48 -9.41 -26.73
CA GLU B 139 55.17 -9.50 -25.45
C GLU B 139 54.39 -8.67 -24.43
N GLU B 140 54.25 -9.23 -23.23
CA GLU B 140 53.38 -8.62 -22.21
C GLU B 140 54.02 -7.34 -21.69
N GLY B 141 53.39 -6.21 -22.00
CA GLY B 141 53.95 -4.90 -21.71
C GLY B 141 54.16 -4.05 -22.94
N GLN B 142 53.95 -4.57 -24.13
CA GLN B 142 54.09 -3.79 -25.35
C GLN B 142 52.79 -3.08 -25.66
N LEU B 143 52.90 -1.89 -26.24
CA LEU B 143 51.74 -1.10 -26.63
C LEU B 143 51.12 -1.67 -27.89
N ARG B 144 49.82 -1.96 -27.84
CA ARG B 144 49.16 -2.60 -28.96
C ARG B 144 48.97 -1.62 -30.11
N LEU B 145 49.37 -2.03 -31.31
CA LEU B 145 49.31 -1.27 -32.56
C LEU B 145 50.07 0.05 -32.49
N LEU B 146 50.94 0.17 -31.49
CA LEU B 146 51.77 1.36 -31.33
C LEU B 146 53.26 1.05 -31.13
N ASP B 147 53.58 -0.22 -30.96
CA ASP B 147 54.94 -0.70 -30.72
C ASP B 147 55.28 -1.73 -31.79
N THR B 148 56.27 -1.41 -32.63
CA THR B 148 56.75 -2.33 -33.64
C THR B 148 57.81 -3.26 -33.04
N ASP B 149 58.38 -4.10 -33.92
CA ASP B 149 59.44 -4.99 -33.47
C ASP B 149 60.82 -4.38 -33.73
N THR B 150 61.02 -3.82 -34.92
CA THR B 150 62.29 -3.20 -35.29
C THR B 150 62.10 -1.70 -35.25
N SER B 151 62.62 -1.06 -34.22
CA SER B 151 62.49 0.37 -34.01
C SER B 151 63.54 1.12 -34.81
N MET B 152 63.72 2.40 -34.52
CA MET B 152 64.60 3.26 -35.29
C MET B 152 65.32 4.21 -34.36
N VAL B 153 66.62 4.36 -34.52
CA VAL B 153 67.44 5.19 -33.65
C VAL B 153 67.90 6.43 -34.41
N VAL B 154 67.83 7.58 -33.73
CA VAL B 154 68.25 8.89 -34.25
C VAL B 154 69.04 9.58 -33.15
N PRO B 155 70.13 10.31 -33.45
CA PRO B 155 70.83 11.06 -32.39
C PRO B 155 70.04 12.25 -31.86
N VAL B 156 70.62 12.99 -30.90
CA VAL B 156 70.03 14.20 -30.36
C VAL B 156 70.94 15.39 -30.68
N ASP B 157 70.31 16.57 -30.69
CA ASP B 157 70.95 17.85 -31.05
C ASP B 157 71.63 17.79 -32.42
N THR B 158 70.93 17.21 -33.39
CA THR B 158 71.47 16.99 -34.72
C THR B 158 70.47 17.43 -35.78
N HIS B 159 70.99 18.01 -36.86
CA HIS B 159 70.16 18.57 -37.92
C HIS B 159 69.90 17.48 -38.95
N ILE B 160 68.96 16.60 -38.61
CA ILE B 160 68.63 15.49 -39.50
C ILE B 160 67.77 15.98 -40.65
N ARG B 161 67.61 15.14 -41.67
CA ARG B 161 66.86 15.51 -42.87
C ARG B 161 66.29 14.22 -43.45
N PHE B 162 65.02 13.96 -43.18
CA PHE B 162 64.37 12.77 -43.69
C PHE B 162 64.18 12.86 -45.19
N VAL B 163 63.91 11.70 -45.80
CA VAL B 163 63.38 11.58 -47.15
C VAL B 163 62.29 10.53 -47.09
N VAL B 164 61.07 10.91 -47.41
CA VAL B 164 59.89 10.06 -47.25
C VAL B 164 59.24 9.86 -48.60
N THR B 165 59.04 8.60 -48.97
CA THR B 165 58.33 8.26 -50.21
C THR B 165 57.73 6.88 -50.05
N ALA B 166 57.24 6.33 -51.16
CA ALA B 166 56.71 4.98 -51.19
C ALA B 166 56.83 4.46 -52.61
N ALA B 167 56.54 3.17 -52.78
CA ALA B 167 56.51 2.53 -54.09
C ALA B 167 55.12 2.00 -54.41
N ASP B 168 54.14 2.37 -53.61
CA ASP B 168 52.76 1.90 -53.72
C ASP B 168 51.86 2.98 -53.13
N VAL B 169 50.64 2.58 -52.73
CA VAL B 169 49.55 3.39 -52.20
C VAL B 169 49.99 4.49 -51.23
N ILE B 170 49.43 5.70 -51.39
CA ILE B 170 49.83 6.84 -50.59
C ILE B 170 49.44 6.64 -49.13
N HIS B 171 50.41 6.86 -48.23
CA HIS B 171 50.16 6.88 -46.79
C HIS B 171 51.26 7.69 -46.13
N ASP B 172 50.89 8.59 -45.22
CA ASP B 172 51.81 9.62 -44.79
C ASP B 172 52.61 9.20 -43.56
N PHE B 173 53.45 10.12 -43.10
CA PHE B 173 54.53 9.84 -42.16
C PHE B 173 54.40 10.85 -41.02
N ALA B 174 53.77 10.45 -39.91
CA ALA B 174 53.32 11.40 -38.90
C ALA B 174 53.88 11.03 -37.54
N ILE B 175 54.69 11.92 -36.97
CA ILE B 175 55.03 11.85 -35.56
C ILE B 175 54.51 13.13 -34.92
N PRO B 176 53.51 13.07 -34.05
CA PRO B 176 52.95 14.30 -33.48
C PRO B 176 53.86 14.98 -32.48
N SER B 177 54.79 14.26 -31.86
CA SER B 177 55.68 14.92 -30.92
C SER B 177 56.85 15.63 -31.60
N LEU B 178 57.01 15.45 -32.91
CA LEU B 178 58.04 16.14 -33.65
C LEU B 178 57.50 17.05 -34.73
N GLY B 179 56.19 17.02 -35.01
CA GLY B 179 55.62 17.92 -35.98
C GLY B 179 56.01 17.62 -37.42
N ILE B 180 56.21 16.36 -37.76
CA ILE B 180 56.59 15.96 -39.10
C ILE B 180 55.42 15.24 -39.74
N LYS B 181 55.05 15.67 -40.94
CA LYS B 181 53.90 15.09 -41.62
C LYS B 181 54.06 15.32 -43.12
N VAL B 182 54.45 14.28 -43.86
CA VAL B 182 54.58 14.36 -45.31
C VAL B 182 53.96 13.10 -45.92
N ASP B 183 53.55 13.22 -47.17
CA ASP B 183 52.53 12.35 -47.75
C ASP B 183 53.03 10.95 -48.09
N ALA B 184 54.31 10.82 -48.42
CA ALA B 184 54.87 9.67 -49.13
C ALA B 184 54.09 9.38 -50.42
N THR B 185 54.23 10.31 -51.35
CA THR B 185 53.75 10.10 -52.70
C THR B 185 54.55 8.97 -53.36
N PRO B 186 53.92 8.16 -54.21
CA PRO B 186 54.66 7.05 -54.84
C PRO B 186 55.64 7.51 -55.91
N GLY B 187 55.21 8.49 -56.71
CA GLY B 187 56.04 8.93 -57.82
C GLY B 187 57.20 9.82 -57.40
N ARG B 188 57.07 10.51 -56.27
CA ARG B 188 58.08 11.47 -55.86
C ARG B 188 58.44 11.29 -54.40
N LEU B 189 59.18 12.24 -53.82
CA LEU B 189 59.61 12.12 -52.43
C LEU B 189 59.59 13.48 -51.75
N ASN B 190 59.50 13.45 -50.43
CA ASN B 190 59.41 14.65 -49.61
C ASN B 190 60.46 14.60 -48.51
N GLN B 191 60.83 15.79 -48.01
CA GLN B 191 61.79 15.92 -46.93
C GLN B 191 61.20 16.69 -45.77
N VAL B 192 61.72 16.42 -44.57
CA VAL B 192 61.50 17.21 -43.37
C VAL B 192 62.83 17.31 -42.64
N SER B 193 62.98 18.34 -41.82
CA SER B 193 64.20 18.55 -41.05
C SER B 193 63.82 18.92 -39.61
N ALA B 194 63.88 17.95 -38.71
CA ALA B 194 63.38 18.11 -37.34
C ALA B 194 64.49 17.81 -36.34
N LEU B 195 65.03 18.84 -35.71
CA LEU B 195 66.05 18.69 -34.68
C LEU B 195 65.41 18.21 -33.39
N ILE B 196 65.78 17.03 -32.92
CA ILE B 196 65.27 16.48 -31.67
C ILE B 196 66.14 16.97 -30.54
N GLN B 197 65.53 17.37 -29.43
CA GLN B 197 66.25 18.02 -28.33
C GLN B 197 66.15 17.28 -27.01
N ARG B 198 65.64 16.04 -26.99
CA ARG B 198 65.57 15.29 -25.76
C ARG B 198 65.62 13.80 -26.06
N GLU B 199 66.24 13.04 -25.16
CA GLU B 199 66.30 11.60 -25.30
C GLU B 199 64.98 10.97 -24.91
N GLY B 200 64.55 9.99 -25.66
CA GLY B 200 63.28 9.35 -25.41
C GLY B 200 62.66 8.83 -26.69
N VAL B 201 61.72 7.93 -26.52
CA VAL B 201 61.07 7.24 -27.62
C VAL B 201 59.80 7.99 -28.01
N PHE B 202 59.54 8.04 -29.32
CA PHE B 202 58.35 8.66 -29.89
C PHE B 202 57.66 7.65 -30.78
N TYR B 203 56.33 7.66 -30.79
CA TYR B 203 55.60 6.51 -31.32
C TYR B 203 54.79 6.77 -32.57
N GLY B 204 54.21 7.96 -32.72
CA GLY B 204 53.49 8.37 -33.92
C GLY B 204 52.34 7.47 -34.38
N ALA B 205 52.00 7.64 -35.65
CA ALA B 205 51.06 6.79 -36.38
C ALA B 205 51.17 7.14 -37.86
N CYS B 206 50.70 6.23 -38.70
CA CYS B 206 50.49 6.52 -40.10
C CYS B 206 49.07 7.00 -40.27
N SER B 207 48.89 8.16 -40.91
CA SER B 207 47.58 8.79 -40.93
C SER B 207 46.77 8.44 -42.18
N GLU B 208 47.35 8.62 -43.36
CA GLU B 208 46.60 8.46 -44.61
C GLU B 208 46.32 6.99 -44.89
N LEU B 209 45.09 6.71 -45.31
CA LEU B 209 44.62 5.34 -45.52
C LEU B 209 45.39 4.65 -46.64
N CYS B 210 45.68 3.37 -46.45
CA CYS B 210 46.37 2.57 -47.45
C CYS B 210 45.57 1.39 -47.95
N GLY B 211 44.74 0.80 -47.12
CA GLY B 211 43.99 -0.36 -47.53
C GLY B 211 43.44 -1.08 -46.31
N THR B 212 43.59 -2.40 -46.32
CA THR B 212 43.10 -3.20 -45.20
C THR B 212 43.98 -3.03 -43.97
N GLY B 213 45.30 -3.04 -44.16
CA GLY B 213 46.21 -2.87 -43.05
C GLY B 213 46.62 -1.43 -42.81
N HIS B 214 45.64 -0.56 -42.53
CA HIS B 214 45.98 0.81 -42.17
C HIS B 214 46.27 0.95 -40.68
N ALA B 215 45.58 0.18 -39.84
CA ALA B 215 45.85 0.25 -38.42
C ALA B 215 47.15 -0.44 -38.06
N ASN B 216 47.65 -1.33 -38.91
CA ASN B 216 48.87 -2.09 -38.64
C ASN B 216 50.10 -1.42 -39.25
N MET B 217 50.32 -0.14 -38.96
CA MET B 217 51.53 0.55 -39.40
C MET B 217 51.84 1.68 -38.44
N PRO B 218 52.68 1.41 -37.44
CA PRO B 218 53.19 2.49 -36.59
C PRO B 218 54.53 2.98 -37.10
N ILE B 219 55.00 4.08 -36.50
CA ILE B 219 56.32 4.64 -36.79
C ILE B 219 57.03 4.83 -35.46
N LYS B 220 57.74 3.80 -35.00
CA LYS B 220 58.46 3.90 -33.75
C LYS B 220 59.81 4.56 -33.98
N ILE B 221 60.15 5.51 -33.11
CA ILE B 221 61.42 6.22 -33.22
C ILE B 221 61.88 6.64 -31.84
N GLU B 222 63.09 6.26 -31.47
CA GLU B 222 63.70 6.68 -30.22
C GLU B 222 64.94 7.50 -30.49
N ALA B 223 65.20 8.45 -29.60
CA ALA B 223 66.36 9.32 -29.69
C ALA B 223 67.38 8.90 -28.65
N VAL B 224 68.60 8.62 -29.10
CA VAL B 224 69.70 8.28 -28.21
C VAL B 224 70.79 9.32 -28.40
N SER B 225 71.88 9.21 -27.64
CA SER B 225 72.95 10.18 -27.77
C SER B 225 73.87 9.79 -28.93
N LEU B 226 74.69 10.75 -29.36
CA LEU B 226 75.48 10.60 -30.58
C LEU B 226 76.62 9.59 -30.46
N PRO B 227 77.35 9.48 -29.32
CA PRO B 227 78.19 8.28 -29.18
C PRO B 227 77.38 7.01 -29.02
N LYS B 228 76.24 7.10 -28.33
CA LYS B 228 75.39 5.92 -28.13
C LYS B 228 74.74 5.47 -29.43
N PHE B 229 74.51 6.41 -30.36
CA PHE B 229 74.01 6.03 -31.68
C PHE B 229 75.09 5.34 -32.49
N LEU B 230 76.33 5.83 -32.41
CA LEU B 230 77.42 5.28 -33.20
C LEU B 230 77.78 3.88 -32.78
N GLU B 231 77.57 3.52 -31.51
CA GLU B 231 77.73 2.13 -31.10
C GLU B 231 76.68 1.22 -31.72
N TRP B 232 75.53 1.76 -32.11
CA TRP B 232 74.55 0.99 -32.87
C TRP B 232 74.86 0.96 -34.35
N LEU B 233 75.47 2.02 -34.88
CA LEU B 233 75.72 2.07 -36.32
C LEU B 233 76.90 1.19 -36.72
N ASN B 234 77.91 1.07 -35.86
CA ASN B 234 79.02 0.18 -36.16
C ASN B 234 78.66 -1.29 -35.99
N GLU B 235 77.56 -1.59 -35.29
CA GLU B 235 77.05 -2.95 -35.25
C GLU B 235 76.14 -3.20 -36.45
N GLN B 236 75.06 -2.43 -36.55
CA GLN B 236 74.15 -2.49 -37.68
C GLN B 236 73.37 -1.20 -37.79
N THR C 1 -12.74 41.08 -75.88
CA THR C 1 -13.64 40.07 -75.33
C THR C 1 -12.97 39.26 -74.24
N HIS C 2 -13.76 38.45 -73.55
CA HIS C 2 -13.28 37.68 -72.41
C HIS C 2 -13.64 36.22 -72.42
N LEU C 3 -14.59 35.79 -73.26
CA LEU C 3 -15.02 34.40 -73.22
C LEU C 3 -13.98 33.47 -73.82
N GLU C 4 -13.29 33.91 -74.88
CA GLU C 4 -12.16 33.14 -75.39
C GLU C 4 -10.95 33.27 -74.47
N ARG C 5 -10.83 34.39 -73.75
CA ARG C 5 -9.72 34.57 -72.83
C ARG C 5 -9.87 33.69 -71.60
N SER C 6 -11.09 33.29 -71.26
CA SER C 6 -11.29 32.30 -70.23
C SER C 6 -11.16 30.88 -70.73
N ARG C 7 -10.83 30.69 -72.01
CA ARG C 7 -10.62 29.37 -72.59
C ARG C 7 -9.17 29.12 -72.96
N HIS C 8 -8.25 30.01 -72.57
CA HIS C 8 -6.85 29.89 -72.94
C HIS C 8 -5.98 30.02 -71.70
N GLN C 9 -4.67 29.86 -71.92
CA GLN C 9 -3.69 30.01 -70.87
C GLN C 9 -3.38 31.49 -70.65
N GLN C 10 -3.12 31.85 -69.39
CA GLN C 10 -2.91 33.23 -69.00
C GLN C 10 -1.46 33.54 -68.67
N HIS C 11 -0.56 32.57 -68.75
CA HIS C 11 0.86 32.82 -68.55
C HIS C 11 1.63 32.24 -69.72
N PRO C 12 2.72 32.89 -70.15
CA PRO C 12 3.40 32.46 -71.39
C PRO C 12 4.18 31.16 -71.25
N PHE C 13 4.42 30.67 -70.04
CA PHE C 13 5.34 29.56 -69.83
C PHE C 13 4.64 28.21 -70.01
N HIS C 14 5.41 27.22 -70.43
CA HIS C 14 4.86 25.98 -70.95
C HIS C 14 4.50 24.99 -69.85
N MET C 15 3.36 24.31 -70.03
CA MET C 15 2.93 23.22 -69.18
C MET C 15 2.89 21.93 -69.98
N VAL C 16 3.60 20.91 -69.48
CA VAL C 16 3.83 19.67 -70.21
C VAL C 16 2.99 18.55 -69.60
N MET C 17 2.43 17.69 -70.45
CA MET C 17 1.73 16.50 -70.01
C MET C 17 2.73 15.50 -69.40
N PRO C 18 2.26 14.60 -68.50
CA PRO C 18 3.17 13.62 -67.93
C PRO C 18 3.63 12.58 -68.94
N SER C 19 4.91 12.63 -69.30
CA SER C 19 5.57 11.72 -70.23
C SER C 19 6.32 10.65 -69.46
N PRO C 20 6.39 9.41 -69.97
CA PRO C 20 7.10 8.34 -69.27
C PRO C 20 8.55 8.14 -69.71
N TRP C 21 9.01 8.80 -70.76
CA TRP C 21 10.41 8.78 -71.15
C TRP C 21 11.38 9.36 -70.11
N PRO C 22 10.95 10.21 -69.16
CA PRO C 22 11.75 10.40 -67.94
C PRO C 22 12.26 9.13 -67.27
N ILE C 23 11.42 8.14 -67.00
CA ILE C 23 11.95 6.93 -66.35
C ILE C 23 12.50 5.93 -67.35
N VAL C 24 12.34 6.17 -68.65
CA VAL C 24 12.94 5.29 -69.65
C VAL C 24 14.43 5.59 -69.81
N VAL C 25 14.78 6.88 -69.88
CA VAL C 25 16.19 7.28 -69.94
C VAL C 25 16.89 6.94 -68.63
N SER C 26 16.18 7.00 -67.51
CA SER C 26 16.76 6.65 -66.22
C SER C 26 17.07 5.17 -66.13
N PHE C 27 16.21 4.32 -66.70
CA PHE C 27 16.51 2.89 -66.71
C PHE C 27 17.63 2.55 -67.68
N ALA C 28 17.80 3.36 -68.73
CA ALA C 28 18.93 3.15 -69.64
C ALA C 28 20.25 3.54 -68.99
N LEU C 29 20.27 4.64 -68.23
CA LEU C 29 21.49 5.04 -67.52
C LEU C 29 21.86 4.07 -66.40
N LEU C 30 20.90 3.30 -65.88
CA LEU C 30 21.27 2.20 -65.00
C LEU C 30 21.94 1.08 -65.78
N SER C 31 21.29 0.61 -66.84
CA SER C 31 21.83 -0.50 -67.63
C SER C 31 23.01 -0.08 -68.49
N LEU C 32 23.27 1.22 -68.63
CA LEU C 32 24.57 1.63 -69.16
C LEU C 32 25.65 1.40 -68.12
N ALA C 33 25.51 2.02 -66.94
CA ALA C 33 26.57 2.06 -65.96
C ALA C 33 26.77 0.71 -65.27
N LEU C 34 25.69 -0.03 -65.03
CA LEU C 34 25.83 -1.33 -64.38
C LEU C 34 26.47 -2.34 -65.32
N SER C 35 26.03 -2.38 -66.58
CA SER C 35 26.55 -3.36 -67.52
C SER C 35 27.92 -3.00 -68.09
N THR C 36 28.33 -1.73 -68.06
CA THR C 36 29.68 -1.43 -68.51
C THR C 36 30.72 -1.78 -67.45
N ALA C 37 30.29 -1.99 -66.20
CA ALA C 37 31.19 -2.39 -65.14
C ALA C 37 31.17 -3.89 -64.89
N LEU C 38 30.25 -4.63 -65.50
CA LEU C 38 30.25 -6.08 -65.36
C LEU C 38 31.18 -6.73 -66.36
N THR C 39 31.08 -6.35 -67.64
CA THR C 39 31.88 -6.96 -68.71
C THR C 39 33.36 -6.62 -68.59
N MET C 40 33.72 -5.58 -67.83
CA MET C 40 35.12 -5.35 -67.50
C MET C 40 35.64 -6.38 -66.51
N HIS C 41 34.75 -7.09 -65.81
CA HIS C 41 35.13 -8.06 -64.79
C HIS C 41 34.50 -9.43 -65.02
N GLY C 42 33.94 -9.66 -66.20
CA GLY C 42 33.38 -10.95 -66.51
C GLY C 42 31.87 -10.99 -66.42
N TYR C 43 31.34 -12.09 -65.87
CA TYR C 43 29.93 -12.30 -65.50
C TYR C 43 28.95 -12.34 -66.67
N ILE C 44 29.42 -12.03 -67.89
CA ILE C 44 28.58 -12.02 -69.08
C ILE C 44 29.27 -12.83 -70.16
N GLY C 45 30.51 -12.47 -70.49
CA GLY C 45 31.28 -13.16 -71.50
C GLY C 45 31.48 -12.36 -72.76
N ASN C 46 30.47 -11.62 -73.18
CA ASN C 46 30.50 -10.89 -74.44
C ASN C 46 30.31 -9.40 -74.20
N MET C 47 30.92 -8.60 -75.08
CA MET C 47 30.82 -7.15 -75.02
C MET C 47 29.81 -6.69 -76.07
N ASN C 48 28.53 -6.90 -75.77
CA ASN C 48 27.47 -6.32 -76.59
C ASN C 48 26.34 -5.72 -75.77
N MET C 49 26.31 -5.92 -74.45
CA MET C 49 25.32 -5.27 -73.61
C MET C 49 25.55 -3.76 -73.55
N VAL C 50 26.81 -3.34 -73.63
CA VAL C 50 27.12 -1.92 -73.75
C VAL C 50 26.66 -1.40 -75.10
N TYR C 51 26.80 -2.21 -76.14
CA TYR C 51 26.24 -1.87 -77.46
C TYR C 51 24.72 -1.86 -77.42
N LEU C 52 24.11 -2.69 -76.58
CA LEU C 52 22.68 -2.58 -76.33
C LEU C 52 22.36 -1.31 -75.55
N ALA C 53 23.23 -0.95 -74.59
CA ALA C 53 22.99 0.21 -73.75
C ALA C 53 23.22 1.52 -74.49
N LEU C 54 23.93 1.49 -75.62
CA LEU C 54 24.04 2.67 -76.47
C LEU C 54 22.90 2.77 -77.47
N PHE C 55 22.11 1.70 -77.62
CA PHE C 55 20.98 1.68 -78.54
C PHE C 55 19.67 2.07 -77.86
N VAL C 56 19.40 1.52 -76.67
CA VAL C 56 18.18 1.87 -75.95
C VAL C 56 18.25 3.29 -75.41
N LEU C 57 19.45 3.81 -75.17
CA LEU C 57 19.58 5.19 -74.72
C LEU C 57 19.29 6.17 -75.85
N LEU C 58 19.87 5.92 -77.03
CA LEU C 58 19.76 6.90 -78.11
C LEU C 58 18.39 6.90 -78.77
N THR C 59 17.69 5.76 -78.79
CA THR C 59 16.32 5.78 -79.29
C THR C 59 15.38 6.38 -78.26
N SER C 60 15.77 6.38 -76.98
CA SER C 60 14.99 7.07 -75.97
C SER C 60 15.16 8.58 -76.06
N SER C 61 16.24 9.05 -76.67
CA SER C 61 16.42 10.49 -76.87
C SER C 61 15.53 11.01 -77.99
N ILE C 62 15.37 10.23 -79.06
CA ILE C 62 14.57 10.70 -80.17
C ILE C 62 13.08 10.54 -79.89
N LEU C 63 12.70 9.58 -79.04
CA LEU C 63 11.31 9.51 -78.59
C LEU C 63 11.00 10.62 -77.61
N TRP C 64 11.99 11.01 -76.81
CA TRP C 64 11.92 12.28 -76.09
C TRP C 64 11.86 13.44 -77.06
N PHE C 65 12.61 13.37 -78.16
CA PHE C 65 12.62 14.46 -79.13
C PHE C 65 11.40 14.46 -80.03
N ARG C 66 10.76 13.29 -80.22
CA ARG C 66 9.53 13.25 -81.01
C ARG C 66 8.38 13.93 -80.29
N ASP C 67 8.34 13.84 -78.97
CA ASP C 67 7.35 14.57 -78.21
C ASP C 67 7.67 16.06 -78.13
N ILE C 68 8.96 16.42 -78.23
CA ILE C 68 9.34 17.82 -78.16
C ILE C 68 9.01 18.53 -79.48
N VAL C 69 9.26 17.89 -80.62
CA VAL C 69 8.86 18.49 -81.89
C VAL C 69 7.35 18.45 -82.04
N ALA C 70 6.66 17.55 -81.34
CA ALA C 70 5.21 17.61 -81.26
C ALA C 70 4.76 18.81 -80.45
N GLU C 71 5.60 19.31 -79.55
CA GLU C 71 5.37 20.55 -78.85
C GLU C 71 5.97 21.76 -79.57
N ALA C 72 7.01 21.56 -80.37
CA ALA C 72 7.70 22.66 -81.03
C ALA C 72 6.90 23.22 -82.20
N THR C 73 6.35 22.36 -83.04
CA THR C 73 5.69 22.79 -84.27
C THR C 73 4.23 22.35 -84.33
N TYR C 74 3.78 21.50 -83.42
CA TYR C 74 2.43 20.96 -83.50
C TYR C 74 1.53 21.25 -82.30
N LEU C 75 2.08 21.72 -81.17
CA LEU C 75 1.25 22.23 -80.08
C LEU C 75 1.59 23.67 -79.73
N GLY C 76 2.86 23.99 -79.54
CA GLY C 76 3.34 25.37 -79.56
C GLY C 76 3.01 26.30 -78.40
N ASP C 77 3.63 26.06 -77.24
CA ASP C 77 3.67 27.05 -76.18
C ASP C 77 4.96 27.87 -76.20
N HIS C 78 5.59 28.00 -77.37
CA HIS C 78 6.87 28.68 -77.48
C HIS C 78 6.62 30.17 -77.67
N THR C 79 6.61 30.91 -76.57
CA THR C 79 6.46 32.35 -76.62
C THR C 79 7.85 32.99 -76.67
N MET C 80 7.93 34.30 -76.43
CA MET C 80 9.21 35.01 -76.45
C MET C 80 10.09 34.60 -75.28
N ALA C 81 9.50 34.48 -74.08
CA ALA C 81 10.28 34.12 -72.90
C ALA C 81 10.69 32.66 -72.93
N VAL C 82 9.80 31.77 -73.38
CA VAL C 82 10.13 30.35 -73.48
C VAL C 82 11.16 30.12 -74.58
N ARG C 83 11.13 30.93 -75.63
CA ARG C 83 12.22 30.91 -76.60
C ARG C 83 13.51 31.41 -75.97
N LYS C 84 13.43 32.42 -75.11
CA LYS C 84 14.61 32.86 -74.36
C LYS C 84 14.96 31.91 -73.23
N GLY C 85 14.04 31.01 -72.84
CA GLY C 85 14.35 30.07 -71.79
C GLY C 85 15.32 28.98 -72.24
N ILE C 86 15.07 28.40 -73.42
CA ILE C 86 15.96 27.36 -73.94
C ILE C 86 17.23 27.99 -74.50
N ASN C 87 17.11 29.18 -75.10
CA ASN C 87 18.28 29.84 -75.69
C ASN C 87 19.25 30.35 -74.64
N LEU C 88 18.79 30.57 -73.41
CA LEU C 88 19.70 30.75 -72.29
C LEU C 88 19.95 29.46 -71.53
N GLY C 89 19.03 28.50 -71.59
CA GLY C 89 19.26 27.20 -70.98
C GLY C 89 20.30 26.36 -71.68
N PHE C 90 20.56 26.65 -72.96
CA PHE C 90 21.62 25.98 -73.70
C PHE C 90 22.90 26.80 -73.77
N LEU C 91 22.80 28.12 -73.74
CA LEU C 91 24.00 28.95 -73.71
C LEU C 91 24.69 28.88 -72.36
N MET C 92 23.93 28.68 -71.28
CA MET C 92 24.54 28.44 -69.99
C MET C 92 24.95 26.99 -69.81
N PHE C 93 24.42 26.08 -70.64
CA PHE C 93 24.82 24.68 -70.54
C PHE C 93 26.22 24.46 -71.09
N VAL C 94 26.57 25.15 -72.17
CA VAL C 94 27.85 24.92 -72.84
C VAL C 94 28.98 25.58 -72.06
N LEU C 95 28.64 26.38 -71.04
CA LEU C 95 29.64 26.78 -70.07
C LEU C 95 30.10 25.61 -69.22
N SER C 96 29.25 24.59 -69.03
CA SER C 96 29.70 23.40 -68.32
C SER C 96 30.56 22.51 -69.20
N GLU C 97 30.20 22.36 -70.48
CA GLU C 97 30.95 21.50 -71.39
C GLU C 97 32.18 22.18 -71.98
N VAL C 98 32.40 23.46 -71.65
CA VAL C 98 33.69 24.09 -71.93
C VAL C 98 34.58 24.09 -70.69
N LEU C 99 34.01 23.79 -69.52
CA LEU C 99 34.80 23.65 -68.30
C LEU C 99 35.30 22.23 -68.10
N ILE C 100 34.65 21.24 -68.72
CA ILE C 100 35.14 19.87 -68.67
C ILE C 100 36.43 19.75 -69.47
N PHE C 101 36.65 20.64 -70.43
CA PHE C 101 37.95 20.73 -71.09
C PHE C 101 39.01 21.26 -70.14
N ALA C 102 38.63 22.10 -69.18
CA ALA C 102 39.57 22.55 -68.16
C ALA C 102 39.87 21.45 -67.15
N GLY C 103 39.07 20.38 -67.13
CA GLY C 103 39.44 19.15 -66.47
C GLY C 103 40.34 18.26 -67.28
N LEU C 104 40.63 18.65 -68.52
CA LEU C 104 41.54 17.93 -69.40
C LEU C 104 42.66 18.80 -69.95
N PHE C 105 42.48 20.12 -70.02
CA PHE C 105 43.57 21.01 -70.37
C PHE C 105 44.59 21.07 -69.24
N TRP C 106 44.12 21.00 -68.01
CA TRP C 106 44.94 21.22 -66.82
C TRP C 106 45.81 20.01 -66.50
N ALA C 107 45.50 18.83 -67.06
CA ALA C 107 46.43 17.71 -66.97
C ALA C 107 47.60 17.88 -67.93
N TYR C 108 47.37 18.52 -69.07
CA TYR C 108 48.46 18.82 -70.02
C TYR C 108 49.42 19.85 -69.45
N PHE C 109 48.92 20.77 -68.61
CA PHE C 109 49.76 21.70 -67.89
C PHE C 109 50.23 21.14 -66.55
N HIS C 110 49.98 19.86 -66.29
CA HIS C 110 50.48 19.19 -65.11
C HIS C 110 51.66 18.29 -65.37
N SER C 111 51.92 17.95 -66.64
CA SER C 111 53.03 17.07 -67.00
C SER C 111 54.00 17.73 -67.95
N ALA C 112 53.81 19.00 -68.29
CA ALA C 112 54.69 19.69 -69.23
C ALA C 112 55.16 21.02 -68.66
N MET C 113 54.34 21.64 -67.81
CA MET C 113 54.75 22.88 -67.16
C MET C 113 55.86 22.63 -66.14
N SER C 114 55.82 21.49 -65.46
CA SER C 114 56.90 21.06 -64.60
C SER C 114 57.36 19.68 -65.07
N PRO C 115 58.62 19.52 -65.47
CA PRO C 115 59.07 18.22 -65.97
C PRO C 115 59.18 17.18 -64.86
N ASP C 116 58.86 15.94 -65.23
CA ASP C 116 58.79 14.84 -64.27
C ASP C 116 60.02 13.95 -64.40
N VAL C 117 60.09 12.93 -63.56
CA VAL C 117 61.26 12.07 -63.47
C VAL C 117 61.05 10.70 -64.10
N THR C 118 59.81 10.18 -64.13
CA THR C 118 59.57 8.89 -64.74
C THR C 118 59.70 8.96 -66.25
N LEU C 119 59.35 10.10 -66.83
CA LEU C 119 59.56 10.37 -68.24
C LEU C 119 60.94 11.02 -68.39
N GLY C 120 61.21 11.56 -69.57
CA GLY C 120 62.39 12.38 -69.75
C GLY C 120 62.20 13.78 -69.21
N ALA C 121 63.23 14.60 -69.39
CA ALA C 121 63.16 16.02 -69.04
C ALA C 121 62.59 16.86 -70.17
N CYS C 122 62.10 16.25 -71.24
CA CYS C 122 61.51 16.96 -72.36
C CYS C 122 60.10 16.45 -72.63
N TRP C 123 59.27 17.32 -73.19
CA TRP C 123 57.89 17.01 -73.51
C TRP C 123 57.66 17.37 -74.97
N PRO C 124 57.29 16.42 -75.85
CA PRO C 124 57.04 15.00 -75.63
C PRO C 124 58.33 14.17 -75.46
N PRO C 125 58.27 13.11 -74.64
CA PRO C 125 59.49 12.42 -74.23
C PRO C 125 60.16 11.61 -75.33
N VAL C 126 61.29 11.00 -75.00
CA VAL C 126 62.00 10.15 -75.96
C VAL C 126 61.22 8.86 -76.18
N GLY C 127 61.31 8.33 -77.40
CA GLY C 127 60.45 7.24 -77.83
C GLY C 127 59.11 7.66 -78.37
N ILE C 128 58.67 8.88 -78.06
CA ILE C 128 57.37 9.39 -78.47
C ILE C 128 57.59 10.53 -79.46
N GLU C 129 57.00 10.42 -80.64
CA GLU C 129 57.19 11.38 -81.71
C GLU C 129 55.86 12.04 -82.05
N ALA C 130 55.84 13.37 -82.00
CA ALA C 130 54.61 14.14 -82.20
C ALA C 130 54.51 14.65 -83.63
N VAL C 131 53.29 14.99 -84.02
CA VAL C 131 53.02 15.51 -85.36
C VAL C 131 53.16 17.03 -85.33
N GLN C 132 53.91 17.57 -86.28
CA GLN C 132 54.13 19.00 -86.36
C GLN C 132 52.83 19.73 -86.74
N PRO C 133 52.66 20.98 -86.30
CA PRO C 133 51.49 21.76 -86.75
C PRO C 133 51.53 22.22 -88.20
N THR C 134 52.59 21.91 -88.96
CA THR C 134 52.68 22.27 -90.37
C THR C 134 52.36 21.04 -91.23
N GLU C 135 51.38 20.26 -90.78
CA GLU C 135 50.99 19.02 -91.44
C GLU C 135 49.47 18.95 -91.44
N LEU C 136 48.92 17.75 -91.65
CA LEU C 136 47.49 17.45 -91.69
C LEU C 136 46.69 17.94 -90.47
N PRO C 137 47.26 18.09 -89.25
CA PRO C 137 46.56 18.88 -88.23
C PRO C 137 46.26 20.33 -88.60
N LEU C 138 47.05 20.96 -89.48
CA LEU C 138 46.70 22.31 -89.93
C LEU C 138 45.51 22.31 -90.89
N LEU C 139 45.24 21.18 -91.53
CA LEU C 139 43.99 21.04 -92.29
C LEU C 139 42.79 21.03 -91.37
N ASN C 140 42.95 20.54 -90.14
CA ASN C 140 41.85 20.46 -89.19
C ASN C 140 41.45 21.82 -88.64
N THR C 141 42.33 22.82 -88.71
CA THR C 141 41.98 24.15 -88.22
C THR C 141 41.32 24.98 -89.32
N ILE C 142 41.79 24.84 -90.56
CA ILE C 142 41.25 25.62 -91.66
C ILE C 142 39.88 25.09 -92.07
N ILE C 143 39.65 23.77 -91.92
CA ILE C 143 38.36 23.20 -92.27
C ILE C 143 37.28 23.58 -91.26
N LEU C 144 37.68 24.05 -90.07
CA LEU C 144 36.72 24.62 -89.13
C LEU C 144 36.62 26.13 -89.27
N LEU C 145 37.68 26.79 -89.72
CA LEU C 145 37.57 28.20 -90.08
C LEU C 145 36.69 28.37 -91.31
N SER C 146 36.69 27.39 -92.21
CA SER C 146 35.72 27.37 -93.29
C SER C 146 34.35 26.90 -92.80
N SER C 147 34.30 26.10 -91.73
CA SER C 147 33.02 25.76 -91.13
C SER C 147 32.44 26.96 -90.37
N GLY C 148 33.31 27.75 -89.72
CA GLY C 148 32.89 28.95 -89.04
C GLY C 148 32.51 30.09 -89.96
N ALA C 149 32.81 29.96 -91.26
CA ALA C 149 32.37 30.91 -92.26
C ALA C 149 31.23 30.40 -93.12
N THR C 150 30.76 29.17 -92.90
CA THR C 150 29.57 28.68 -93.58
C THR C 150 28.41 28.38 -92.63
N VAL C 151 28.64 28.36 -91.32
CA VAL C 151 27.53 28.19 -90.41
C VAL C 151 26.80 29.53 -90.21
N THR C 152 27.50 30.64 -90.39
CA THR C 152 26.88 31.96 -90.37
C THR C 152 26.51 32.44 -91.77
N TYR C 153 27.06 31.82 -92.80
CA TYR C 153 26.62 32.04 -94.17
C TYR C 153 25.26 31.39 -94.42
N SER C 154 24.89 30.39 -93.61
CA SER C 154 23.58 29.79 -93.67
C SER C 154 22.73 30.09 -92.44
N HIS C 155 23.27 30.83 -91.46
CA HIS C 155 22.45 31.27 -90.33
C HIS C 155 21.47 32.35 -90.77
N HIS C 156 21.97 33.43 -91.35
CA HIS C 156 21.12 34.50 -91.82
C HIS C 156 20.38 34.12 -93.10
N ALA C 157 20.84 33.10 -93.81
CA ALA C 157 20.23 32.70 -95.07
C ALA C 157 18.89 32.02 -94.86
N LEU C 158 18.69 31.35 -93.73
CA LEU C 158 17.38 30.78 -93.42
C LEU C 158 16.40 31.88 -93.04
N ILE C 159 16.88 32.89 -92.32
CA ILE C 159 16.04 34.05 -91.99
C ILE C 159 15.77 34.88 -93.24
N ALA C 160 16.68 34.82 -94.22
CA ALA C 160 16.57 35.57 -95.46
C ALA C 160 15.36 35.18 -96.30
N GLY C 161 14.86 33.97 -96.16
CA GLY C 161 13.59 33.59 -96.75
C GLY C 161 13.68 32.65 -97.94
N ASN C 162 14.83 32.56 -98.60
CA ASN C 162 14.97 31.70 -99.76
C ASN C 162 15.49 30.33 -99.34
N ARG C 163 14.92 29.28 -99.93
CA ARG C 163 15.26 27.91 -99.58
C ARG C 163 16.35 27.32 -100.46
N ASN C 164 16.82 28.05 -101.47
CA ASN C 164 17.92 27.56 -102.28
C ASN C 164 19.24 27.65 -101.54
N LYS C 165 19.39 28.63 -100.66
CA LYS C 165 20.58 28.77 -99.84
C LYS C 165 20.39 28.18 -98.43
N ALA C 166 19.15 28.12 -97.95
CA ALA C 166 18.90 27.62 -96.59
C ALA C 166 18.94 26.10 -96.55
N LEU C 167 18.37 25.42 -97.55
CA LEU C 167 18.39 23.97 -97.53
C LEU C 167 19.74 23.44 -97.97
N SER C 168 20.26 23.94 -99.09
CA SER C 168 21.52 23.42 -99.63
C SER C 168 22.72 23.88 -98.82
N GLY C 169 22.60 24.99 -98.09
CA GLY C 169 23.69 25.47 -97.28
C GLY C 169 23.93 24.69 -96.01
N LEU C 170 22.99 23.84 -95.61
CA LEU C 170 23.19 22.98 -94.45
C LEU C 170 23.60 21.56 -94.82
N LEU C 171 23.37 21.15 -96.08
CA LEU C 171 23.91 19.87 -96.52
C LEU C 171 25.41 19.96 -96.78
N ILE C 172 25.89 21.12 -97.24
CA ILE C 172 27.33 21.29 -97.44
C ILE C 172 28.06 21.49 -96.12
N THR C 173 27.35 21.89 -95.07
CA THR C 173 27.96 21.99 -93.75
C THR C 173 27.95 20.65 -93.03
N PHE C 174 26.95 19.81 -93.32
CA PHE C 174 26.86 18.49 -92.70
C PHE C 174 27.97 17.57 -93.22
N TRP C 175 28.22 17.56 -94.53
CA TRP C 175 29.30 16.77 -95.07
C TRP C 175 30.66 17.42 -94.86
N LEU C 176 30.71 18.66 -94.38
CA LEU C 176 31.96 19.27 -93.96
C LEU C 176 32.36 18.76 -92.57
N ILE C 177 31.44 18.13 -91.85
CA ILE C 177 31.71 17.65 -90.51
C ILE C 177 31.94 16.13 -90.49
N VAL C 178 31.23 15.37 -91.35
CA VAL C 178 31.53 13.95 -91.51
C VAL C 178 32.91 13.77 -92.12
N ILE C 179 33.34 14.71 -92.96
CA ILE C 179 34.71 14.67 -93.47
C ILE C 179 35.70 15.10 -92.39
N PHE C 180 35.22 15.81 -91.35
CA PHE C 180 36.10 16.09 -90.22
C PHE C 180 36.23 14.90 -89.29
N VAL C 181 35.27 13.98 -89.31
CA VAL C 181 35.39 12.74 -88.54
C VAL C 181 36.49 11.87 -89.11
N THR C 182 36.59 11.81 -90.44
CA THR C 182 37.55 10.91 -91.08
C THR C 182 38.98 11.44 -91.02
N CYS C 183 39.21 12.74 -90.88
CA CYS C 183 40.59 13.19 -90.75
C CYS C 183 41.06 13.15 -89.30
N GLN C 184 40.15 13.13 -88.34
CA GLN C 184 40.47 12.71 -86.99
C GLN C 184 40.39 11.20 -86.82
N TYR C 185 40.08 10.48 -87.90
CA TYR C 185 40.22 9.03 -87.96
C TYR C 185 41.58 8.61 -88.51
N ILE C 186 42.31 9.52 -89.14
CA ILE C 186 43.66 9.21 -89.60
C ILE C 186 44.62 9.09 -88.42
N GLU C 187 44.62 10.09 -87.54
CA GLU C 187 45.46 10.03 -86.35
C GLU C 187 45.00 8.99 -85.35
N TYR C 188 43.76 8.50 -85.46
CA TYR C 188 43.33 7.33 -84.71
C TYR C 188 43.72 6.03 -85.40
N THR C 189 44.35 6.10 -86.58
CA THR C 189 44.79 4.92 -87.30
C THR C 189 46.23 5.00 -87.79
N ASN C 190 46.85 6.20 -87.86
CA ASN C 190 48.19 6.33 -88.42
C ASN C 190 49.21 6.95 -87.47
N ALA C 191 48.81 7.43 -86.30
CA ALA C 191 49.76 8.06 -85.39
C ALA C 191 50.50 7.00 -84.58
N ALA C 192 51.72 7.34 -84.16
CA ALA C 192 52.58 6.37 -83.50
C ALA C 192 52.12 6.07 -82.08
N PHE C 193 51.98 7.11 -81.26
CA PHE C 193 51.63 6.90 -79.86
C PHE C 193 50.16 6.53 -79.70
N THR C 194 49.88 5.69 -78.72
CA THR C 194 48.56 5.14 -78.49
C THR C 194 47.95 5.70 -77.21
N ILE C 195 46.77 5.17 -76.85
CA ILE C 195 46.09 5.62 -75.64
C ILE C 195 46.86 5.20 -74.39
N SER C 196 47.55 4.06 -74.44
CA SER C 196 48.31 3.56 -73.30
C SER C 196 49.77 3.97 -73.35
N ASP C 197 50.09 5.08 -74.00
CA ASP C 197 51.48 5.51 -74.19
C ASP C 197 51.90 6.49 -73.08
N GLY C 198 51.69 6.06 -71.84
CA GLY C 198 52.08 6.89 -70.72
C GLY C 198 51.16 8.10 -70.53
N VAL C 199 51.74 9.14 -69.94
CA VAL C 199 50.98 10.37 -69.70
C VAL C 199 50.82 11.22 -70.96
N TYR C 200 51.78 11.17 -71.90
CA TYR C 200 51.55 11.81 -73.20
C TYR C 200 50.53 11.03 -74.00
N GLY C 201 50.50 9.71 -73.85
CA GLY C 201 49.48 8.92 -74.51
C GLY C 201 48.12 9.00 -73.84
N SER C 202 48.07 9.49 -72.60
CA SER C 202 46.81 9.61 -71.88
C SER C 202 46.06 10.87 -72.30
N VAL C 203 46.65 12.04 -72.07
CA VAL C 203 45.95 13.29 -72.25
C VAL C 203 45.81 13.70 -73.72
N PHE C 204 46.60 13.13 -74.62
CA PHE C 204 46.49 13.54 -76.02
C PHE C 204 45.26 12.94 -76.67
N TYR C 205 44.92 11.70 -76.33
CA TYR C 205 43.68 11.09 -76.76
C TYR C 205 42.54 11.33 -75.77
N ALA C 206 42.69 12.33 -74.91
CA ALA C 206 41.61 12.83 -74.06
C ALA C 206 41.20 14.24 -74.47
N GLY C 207 42.17 15.15 -74.61
CA GLY C 207 41.85 16.50 -75.06
C GLY C 207 41.36 16.53 -76.50
N THR C 208 42.01 15.79 -77.39
CA THR C 208 41.48 15.54 -78.72
C THR C 208 40.53 14.36 -78.75
N GLY C 209 40.46 13.57 -77.67
CA GLY C 209 39.54 12.45 -77.65
C GLY C 209 38.10 12.90 -77.45
N LEU C 210 37.87 13.83 -76.53
CA LEU C 210 36.52 14.35 -76.30
C LEU C 210 36.08 15.29 -77.41
N HIS C 211 37.03 15.89 -78.13
CA HIS C 211 36.69 16.69 -79.31
C HIS C 211 36.25 15.83 -80.48
N PHE C 212 36.56 14.53 -80.45
CA PHE C 212 36.05 13.58 -81.43
C PHE C 212 34.71 12.99 -81.02
N LEU C 213 34.44 12.93 -79.72
CA LEU C 213 33.20 12.37 -79.20
C LEU C 213 32.04 13.36 -79.22
N HIS C 214 32.24 14.57 -79.74
CA HIS C 214 31.16 15.53 -79.90
C HIS C 214 30.70 15.64 -81.35
N MET C 215 31.52 15.23 -82.31
CA MET C 215 31.10 15.26 -83.71
C MET C 215 30.12 14.14 -84.04
N VAL C 216 30.09 13.08 -83.24
CA VAL C 216 29.11 12.02 -83.45
C VAL C 216 27.70 12.50 -83.11
N MET C 217 27.56 13.46 -82.19
CA MET C 217 26.29 14.06 -81.89
C MET C 217 26.03 15.34 -82.67
N LEU C 218 27.09 16.03 -83.12
CA LEU C 218 26.91 17.22 -83.94
C LEU C 218 26.42 16.84 -85.33
N ALA C 219 27.02 15.81 -85.93
CA ALA C 219 26.52 15.30 -87.21
C ALA C 219 25.15 14.67 -87.06
N ALA C 220 24.86 14.09 -85.89
CA ALA C 220 23.50 13.63 -85.61
C ALA C 220 22.55 14.79 -85.36
N MET C 221 23.07 15.97 -84.97
CA MET C 221 22.23 17.15 -84.87
C MET C 221 21.92 17.74 -86.23
N LEU C 222 22.86 17.66 -87.18
CA LEU C 222 22.55 18.00 -88.55
C LEU C 222 21.65 16.96 -89.23
N GLY C 223 21.63 15.74 -88.71
CA GLY C 223 20.79 14.69 -89.26
C GLY C 223 19.31 14.91 -89.09
N VAL C 224 18.92 15.78 -88.15
CA VAL C 224 17.53 16.20 -88.04
C VAL C 224 17.32 17.64 -88.52
N ASN C 225 18.37 18.46 -88.60
CA ASN C 225 18.20 19.82 -89.11
C ASN C 225 18.03 19.86 -90.63
N TYR C 226 18.44 18.80 -91.32
CA TYR C 226 18.14 18.67 -92.74
C TYR C 226 16.83 17.92 -92.98
N TRP C 227 16.51 16.96 -92.10
CA TRP C 227 15.26 16.22 -92.25
C TRP C 227 14.06 17.09 -91.91
N ARG C 228 14.19 17.95 -90.90
CA ARG C 228 13.09 18.81 -90.53
C ARG C 228 12.90 19.94 -91.53
N MET C 229 14.00 20.48 -92.07
CA MET C 229 13.89 21.54 -93.05
C MET C 229 13.40 21.03 -94.40
N ARG C 230 13.55 19.73 -94.66
CA ARG C 230 12.94 19.13 -95.84
C ARG C 230 11.48 18.76 -95.59
N ASN C 231 11.14 18.38 -94.37
CA ASN C 231 9.76 18.09 -94.00
C ASN C 231 9.06 19.33 -93.43
N TYR C 232 9.61 20.52 -93.68
CA TYR C 232 8.99 21.82 -93.43
C TYR C 232 8.68 22.06 -91.94
N HIS C 233 9.48 21.47 -91.05
CA HIS C 233 9.22 21.65 -89.63
C HIS C 233 9.74 22.98 -89.13
N LEU C 234 10.98 23.33 -89.47
CA LEU C 234 11.59 24.55 -88.97
C LEU C 234 11.06 25.77 -89.71
N THR C 235 10.99 26.89 -88.99
CA THR C 235 10.51 28.15 -89.52
C THR C 235 11.64 29.18 -89.49
N ALA C 236 11.36 30.35 -90.08
CA ALA C 236 12.35 31.40 -90.24
C ALA C 236 12.14 32.56 -89.27
N GLY C 237 11.29 32.40 -88.27
CA GLY C 237 11.14 33.41 -87.25
C GLY C 237 11.21 32.79 -85.86
N HIS C 238 11.14 31.47 -85.82
CA HIS C 238 11.15 30.71 -84.57
C HIS C 238 11.86 29.40 -84.86
N HIS C 239 13.13 29.31 -84.45
CA HIS C 239 13.95 28.12 -84.69
C HIS C 239 14.83 27.90 -83.46
N VAL C 240 14.54 26.84 -82.72
CA VAL C 240 15.36 26.48 -81.57
C VAL C 240 16.21 25.28 -81.96
N GLY C 241 15.60 24.33 -82.67
CA GLY C 241 16.32 23.16 -83.16
C GLY C 241 17.37 23.46 -84.22
N TYR C 242 17.39 24.68 -84.75
CA TYR C 242 18.44 25.16 -85.64
C TYR C 242 19.41 26.11 -84.95
N GLU C 243 18.96 26.84 -83.93
CA GLU C 243 19.82 27.81 -83.26
C GLU C 243 20.81 27.13 -82.32
N THR C 244 20.42 26.03 -81.68
CA THR C 244 21.34 25.28 -80.83
C THR C 244 22.44 24.57 -81.61
N THR C 245 22.29 24.43 -82.93
CA THR C 245 23.34 23.84 -83.74
C THR C 245 24.44 24.85 -84.05
N ILE C 246 24.07 26.12 -84.23
CA ILE C 246 25.06 27.14 -84.57
C ILE C 246 25.94 27.47 -83.37
N ILE C 247 25.34 27.56 -82.19
CA ILE C 247 26.14 27.83 -80.98
C ILE C 247 26.86 26.59 -80.51
N TYR C 248 26.52 25.41 -81.04
CA TYR C 248 27.33 24.22 -80.85
C TYR C 248 28.62 24.28 -81.66
N THR C 249 28.67 25.13 -82.69
CA THR C 249 29.81 25.23 -83.58
C THR C 249 30.51 26.57 -83.52
N HIS C 250 29.82 27.65 -83.13
CA HIS C 250 30.49 28.95 -83.05
C HIS C 250 31.40 29.04 -81.83
N VAL C 251 31.12 28.26 -80.79
CA VAL C 251 32.06 28.16 -79.66
C VAL C 251 33.12 27.11 -79.96
N LEU C 252 32.91 26.26 -80.96
CA LEU C 252 33.84 25.19 -81.27
C LEU C 252 35.11 25.72 -81.94
N ASP C 253 35.02 26.89 -82.57
CA ASP C 253 36.20 27.56 -83.09
C ASP C 253 37.11 28.01 -81.97
N VAL C 254 36.52 28.40 -80.83
CA VAL C 254 37.31 28.93 -79.73
C VAL C 254 38.03 27.80 -78.99
N ILE C 255 37.35 26.67 -78.78
CA ILE C 255 37.95 25.62 -77.97
C ILE C 255 38.98 24.82 -78.78
N TRP C 256 38.77 24.68 -80.10
CA TRP C 256 39.73 23.95 -80.92
C TRP C 256 40.99 24.78 -81.15
N LEU C 257 40.86 26.11 -81.22
CA LEU C 257 42.04 26.96 -81.33
C LEU C 257 42.85 26.97 -80.03
N PHE C 258 42.17 26.89 -78.88
CA PHE C 258 42.90 26.68 -77.64
C PHE C 258 43.41 25.25 -77.51
N LEU C 259 42.78 24.30 -78.22
CA LEU C 259 43.29 22.93 -78.22
C LEU C 259 44.46 22.78 -79.18
N TYR C 260 44.51 23.59 -80.23
CA TYR C 260 45.59 23.47 -81.21
C TYR C 260 46.88 24.15 -80.74
N VAL C 261 46.78 25.16 -79.89
CA VAL C 261 47.96 25.96 -79.56
C VAL C 261 48.84 25.24 -78.52
N VAL C 262 48.26 24.41 -77.65
CA VAL C 262 49.03 23.77 -76.60
C VAL C 262 49.30 22.30 -76.86
N PHE C 263 48.43 21.61 -77.61
CA PHE C 263 48.65 20.19 -77.86
C PHE C 263 49.66 19.98 -78.99
N TYR C 264 49.71 20.89 -79.96
CA TYR C 264 50.55 20.72 -81.13
C TYR C 264 51.65 21.77 -81.23
N TRP C 265 51.30 23.06 -81.09
CA TRP C 265 52.32 24.10 -81.19
C TRP C 265 53.21 24.13 -79.96
N TRP C 266 52.61 24.27 -78.78
CA TRP C 266 53.35 24.21 -77.53
C TRP C 266 53.65 22.77 -77.10
N GLY C 267 53.02 21.79 -77.73
CA GLY C 267 53.21 20.38 -77.42
C GLY C 267 54.31 19.68 -78.18
N VAL C 268 55.23 20.42 -78.79
CA VAL C 268 56.39 19.81 -79.45
C VAL C 268 57.67 20.42 -78.88
N VAL D 1 -15.21 25.47 -93.15
CA VAL D 1 -16.05 26.35 -92.34
C VAL D 1 -15.23 26.98 -91.23
N VAL D 2 -14.44 26.17 -90.55
CA VAL D 2 -13.57 26.66 -89.49
C VAL D 2 -12.38 27.36 -90.14
N LYS D 3 -12.45 28.68 -90.25
CA LYS D 3 -11.44 29.48 -90.92
C LYS D 3 -10.35 29.86 -89.93
N THR D 4 -9.39 30.67 -90.42
CA THR D 4 -8.35 31.19 -89.57
C THR D 4 -8.75 32.57 -89.03
N ALA D 5 -7.95 33.08 -88.12
CA ALA D 5 -8.26 34.35 -87.46
C ALA D 5 -7.64 35.54 -88.17
N GLN D 6 -6.32 35.49 -88.40
CA GLN D 6 -5.46 36.51 -89.05
C GLN D 6 -5.68 37.95 -88.50
N ASN D 7 -6.11 38.06 -87.25
CA ASN D 7 -6.32 39.32 -86.55
C ASN D 7 -6.47 39.01 -85.07
N LEU D 8 -6.19 40.00 -84.23
CA LEU D 8 -6.27 39.81 -82.79
C LEU D 8 -7.70 39.70 -82.29
N ALA D 9 -8.68 40.18 -83.05
CA ALA D 9 -10.04 40.30 -82.56
C ALA D 9 -10.75 38.95 -82.52
N GLU D 10 -10.84 38.27 -83.65
CA GLU D 10 -11.57 37.01 -83.71
C GLU D 10 -10.73 35.89 -83.13
N VAL D 11 -11.29 35.16 -82.17
CA VAL D 11 -10.72 33.90 -81.74
C VAL D 11 -11.79 32.83 -81.87
N ASN D 12 -12.86 32.97 -81.09
CA ASN D 12 -14.07 32.13 -81.13
C ASN D 12 -13.78 30.64 -80.96
N GLY D 13 -12.72 30.29 -80.23
CA GLY D 13 -12.38 28.91 -80.01
C GLY D 13 -10.95 28.58 -80.37
N PRO D 14 -10.47 27.40 -79.95
CA PRO D 14 -9.08 27.04 -80.21
C PRO D 14 -8.79 26.52 -81.62
N GLU D 15 -9.80 26.09 -82.37
CA GLU D 15 -9.54 25.54 -83.70
C GLU D 15 -9.28 26.62 -84.76
N THR D 16 -9.41 27.90 -84.42
CA THR D 16 -9.25 28.98 -85.37
C THR D 16 -7.93 29.72 -85.23
N LEU D 17 -6.94 29.13 -84.55
CA LEU D 17 -5.67 29.81 -84.32
C LEU D 17 -4.56 29.32 -85.25
N ILE D 18 -4.85 28.36 -86.11
CA ILE D 18 -3.84 27.84 -87.03
C ILE D 18 -3.69 28.76 -88.23
N GLY D 19 -2.64 28.52 -89.01
CA GLY D 19 -2.41 29.28 -90.23
C GLY D 19 -2.54 28.42 -91.47
N PRO D 20 -2.32 29.03 -92.64
CA PRO D 20 -2.46 28.29 -93.90
C PRO D 20 -1.15 27.67 -94.38
N GLY D 21 -1.29 26.59 -95.15
CA GLY D 21 -0.13 25.89 -95.65
C GLY D 21 0.60 26.65 -96.74
N ALA D 22 1.92 26.58 -96.69
CA ALA D 22 2.76 27.25 -97.67
C ALA D 22 3.21 26.28 -98.76
N LYS D 23 3.30 26.79 -99.98
CA LYS D 23 3.69 25.97 -101.11
C LYS D 23 5.19 25.67 -101.07
N GLU D 24 5.58 24.61 -101.77
CA GLU D 24 6.98 24.20 -101.83
C GLU D 24 7.81 25.21 -102.60
N GLY D 25 9.07 25.34 -102.22
CA GLY D 25 9.98 26.26 -102.85
C GLY D 25 10.35 27.46 -102.00
N THR D 26 9.52 27.81 -101.02
CA THR D 26 9.83 28.91 -100.10
C THR D 26 9.67 28.42 -98.68
N VAL D 27 10.27 29.16 -97.74
CA VAL D 27 10.29 28.76 -96.34
C VAL D 27 8.98 29.22 -95.71
N PRO D 28 8.61 28.72 -94.53
CA PRO D 28 7.54 29.36 -93.76
C PRO D 28 7.96 30.77 -93.34
N THR D 29 7.10 31.75 -93.64
CA THR D 29 7.39 33.16 -93.41
C THR D 29 6.77 33.70 -92.13
N ASP D 30 6.77 32.88 -91.05
CA ASP D 30 6.45 33.25 -89.67
C ASP D 30 4.95 33.54 -89.48
N LEU D 31 4.16 33.47 -90.54
CA LEU D 31 2.73 33.71 -90.46
C LEU D 31 1.89 32.60 -91.05
N ASP D 32 2.50 31.61 -91.70
CA ASP D 32 1.77 30.60 -92.45
C ASP D 32 1.70 29.26 -91.72
N GLN D 33 2.83 28.66 -91.39
CA GLN D 33 2.83 27.32 -90.82
C GLN D 33 2.94 27.36 -89.31
N GLU D 34 2.30 28.34 -88.67
CA GLU D 34 2.40 28.54 -87.23
C GLU D 34 1.58 27.48 -86.50
N THR D 35 1.46 27.64 -85.19
CA THR D 35 1.10 26.50 -84.35
C THR D 35 -0.16 26.67 -83.52
N GLY D 36 -0.49 27.87 -83.06
CA GLY D 36 -1.50 27.95 -82.02
C GLY D 36 -1.21 28.98 -80.94
N LEU D 37 -0.94 28.53 -79.71
CA LEU D 37 -0.70 29.46 -78.62
C LEU D 37 0.56 30.28 -78.83
N ALA D 38 1.55 29.72 -79.54
CA ALA D 38 2.67 30.54 -79.99
C ALA D 38 2.22 31.55 -81.05
N ARG D 39 1.33 31.13 -81.94
CA ARG D 39 0.72 32.05 -82.90
C ARG D 39 -0.21 33.02 -82.20
N LEU D 40 -0.86 32.59 -81.10
CA LEU D 40 -1.75 33.47 -80.34
C LEU D 40 -0.97 34.60 -79.68
N GLU D 41 0.21 34.29 -79.13
CA GLU D 41 1.07 35.35 -78.61
C GLU D 41 1.62 36.20 -79.73
N LEU D 42 1.87 35.60 -80.89
CA LEU D 42 2.39 36.36 -82.02
C LEU D 42 1.32 37.24 -82.64
N LEU D 43 0.06 36.78 -82.64
CA LEU D 43 -1.02 37.61 -83.15
C LEU D 43 -1.29 38.80 -82.24
N GLY D 44 -1.12 38.63 -80.93
CA GLY D 44 -1.15 39.78 -80.04
C GLY D 44 0.07 40.65 -80.20
N LYS D 45 1.23 40.03 -80.44
CA LYS D 45 2.43 40.79 -80.74
C LYS D 45 2.39 41.42 -82.12
N LEU D 46 1.53 40.90 -83.01
CA LEU D 46 1.30 41.56 -84.29
C LEU D 46 0.57 42.88 -84.12
N GLU D 47 -0.14 43.08 -83.01
CA GLU D 47 -0.86 44.31 -82.73
C GLU D 47 -0.20 45.04 -81.56
N GLY D 48 -0.81 46.15 -81.18
CA GLY D 48 -0.21 47.05 -80.20
C GLY D 48 -0.65 46.85 -78.76
N ILE D 49 -1.02 45.62 -78.39
CA ILE D 49 -1.45 45.32 -77.04
C ILE D 49 -0.93 43.94 -76.64
N ASP D 50 -0.29 43.88 -75.48
CA ASP D 50 0.32 42.64 -75.01
C ASP D 50 -0.73 41.69 -74.48
N VAL D 51 -0.54 40.39 -74.72
CA VAL D 51 -1.48 39.40 -74.22
C VAL D 51 -1.25 39.14 -72.75
N PHE D 52 -0.02 39.26 -72.27
CA PHE D 52 0.33 39.04 -70.88
C PHE D 52 0.96 40.30 -70.30
N ASP D 53 0.82 40.47 -68.99
CA ASP D 53 1.19 41.70 -68.31
C ASP D 53 2.56 41.56 -67.65
N THR D 54 3.43 42.53 -67.93
CA THR D 54 4.68 42.71 -67.18
C THR D 54 4.68 44.19 -66.77
N LYS D 55 4.04 44.46 -65.64
CA LYS D 55 3.82 45.80 -65.10
C LYS D 55 3.35 45.65 -63.66
N PRO D 56 3.90 46.40 -62.71
CA PRO D 56 3.48 46.26 -61.31
C PRO D 56 2.09 46.83 -61.09
N LEU D 57 1.55 46.54 -59.91
CA LEU D 57 0.26 47.10 -59.55
C LEU D 57 0.40 48.60 -59.27
N ASP D 58 -0.73 49.31 -59.35
CA ASP D 58 -0.75 50.77 -59.25
C ASP D 58 -0.47 51.18 -57.80
N SER D 59 0.80 51.22 -57.46
CA SER D 59 1.29 51.47 -56.12
C SER D 59 1.45 52.96 -55.80
N SER D 60 0.82 53.84 -56.59
CA SER D 60 0.95 55.27 -56.35
C SER D 60 0.12 55.71 -55.15
N ARG D 61 -1.19 55.47 -55.18
CA ARG D 61 -2.07 55.87 -54.10
C ARG D 61 -2.18 54.77 -53.06
N LYS D 62 -2.54 55.18 -51.84
CA LYS D 62 -2.60 54.23 -50.73
C LYS D 62 -3.80 53.31 -50.85
N GLY D 63 -5.01 53.87 -50.84
CA GLY D 63 -6.20 53.06 -50.99
C GLY D 63 -6.89 52.78 -49.68
N THR D 64 -7.93 53.55 -49.39
CA THR D 64 -8.69 53.39 -48.16
C THR D 64 -9.75 52.30 -48.34
N MET D 65 -10.65 52.15 -47.37
CA MET D 65 -11.72 51.19 -47.55
C MET D 65 -12.88 51.77 -48.34
N LYS D 66 -13.08 53.09 -48.28
CA LYS D 66 -14.05 53.73 -49.14
C LYS D 66 -13.53 53.86 -50.56
N ASP D 67 -12.23 54.10 -50.74
CA ASP D 67 -11.58 54.14 -52.04
C ASP D 67 -10.50 53.07 -52.05
N PRO D 68 -10.80 51.87 -52.50
CA PRO D 68 -9.80 50.80 -52.53
C PRO D 68 -9.03 50.76 -53.83
N ILE D 69 -7.99 49.93 -53.84
CA ILE D 69 -7.21 49.68 -55.04
C ILE D 69 -7.81 48.48 -55.77
N ILE D 70 -8.13 48.67 -57.04
CA ILE D 70 -8.73 47.61 -57.84
C ILE D 70 -7.63 46.94 -58.65
N ILE D 71 -7.57 45.61 -58.60
CA ILE D 71 -6.64 44.85 -59.40
C ILE D 71 -7.41 44.16 -60.52
N GLU D 72 -6.74 43.95 -61.65
CA GLU D 72 -7.34 43.29 -62.79
C GLU D 72 -7.11 41.79 -62.66
N SER D 73 -7.98 41.15 -61.89
CA SER D 73 -7.82 39.73 -61.65
C SER D 73 -8.44 38.93 -62.79
N TYR D 74 -8.12 37.64 -62.82
CA TYR D 74 -8.73 36.70 -63.73
C TYR D 74 -9.21 35.44 -63.02
N ASP D 75 -8.99 35.33 -61.72
CA ASP D 75 -9.53 34.23 -60.92
C ASP D 75 -9.79 34.79 -59.52
N ASP D 76 -9.94 33.90 -58.54
CA ASP D 76 -10.46 34.30 -57.24
C ASP D 76 -9.41 34.90 -56.32
N TYR D 77 -8.14 34.53 -56.46
CA TYR D 77 -7.19 34.73 -55.38
C TYR D 77 -5.88 35.32 -55.87
N ARG D 78 -5.95 36.41 -56.63
CA ARG D 78 -4.74 36.97 -57.23
C ARG D 78 -3.84 37.61 -56.19
N TYR D 79 -2.66 37.04 -55.99
CA TYR D 79 -1.75 37.47 -54.93
C TYR D 79 -1.11 38.80 -55.31
N VAL D 80 -0.95 39.68 -54.32
CA VAL D 80 -0.39 41.00 -54.57
C VAL D 80 0.70 41.31 -53.55
N GLY D 81 1.61 42.20 -53.95
CA GLY D 81 2.62 42.74 -53.06
C GLY D 81 2.24 44.15 -52.69
N CYS D 82 2.92 44.77 -51.73
CA CYS D 82 2.40 45.99 -51.13
C CYS D 82 3.50 46.99 -50.79
N THR D 83 4.58 47.00 -51.55
CA THR D 83 5.85 47.60 -51.14
C THR D 83 5.87 49.11 -50.87
N GLY D 84 4.74 49.80 -51.02
CA GLY D 84 4.63 51.15 -50.51
C GLY D 84 3.86 52.12 -51.36
N SER D 85 3.55 53.29 -50.81
CA SER D 85 3.01 54.37 -51.63
C SER D 85 4.10 55.01 -52.51
N PRO D 86 5.37 55.08 -52.12
CA PRO D 86 6.42 55.21 -53.14
C PRO D 86 6.97 53.89 -53.65
N ALA D 87 6.30 52.78 -53.32
CA ALA D 87 6.61 51.40 -53.75
C ALA D 87 7.96 50.89 -53.25
N GLY D 88 8.58 51.57 -52.28
CA GLY D 88 9.84 51.10 -51.77
C GLY D 88 10.04 51.38 -50.30
N SER D 89 8.98 51.79 -49.61
CA SER D 89 9.12 52.45 -48.32
C SER D 89 9.00 51.52 -47.12
N HIS D 90 8.71 50.24 -47.33
CA HIS D 90 8.53 49.33 -46.20
C HIS D 90 8.77 47.90 -46.67
N THR D 91 8.79 46.98 -45.71
CA THR D 91 8.97 45.56 -45.98
C THR D 91 7.74 45.04 -46.73
N ILE D 92 7.98 44.09 -47.65
CA ILE D 92 6.92 43.51 -48.43
C ILE D 92 6.00 42.68 -47.54
N MET D 93 4.74 42.54 -47.98
CA MET D 93 3.79 41.65 -47.32
C MET D 93 2.83 41.14 -48.38
N TRP D 94 2.74 39.83 -48.50
CA TRP D 94 1.95 39.24 -49.56
C TRP D 94 0.53 39.04 -49.08
N LEU D 95 -0.41 39.18 -50.02
CA LEU D 95 -1.83 39.23 -49.69
C LEU D 95 -2.59 38.28 -50.60
N LYS D 96 -3.88 38.18 -50.34
CA LYS D 96 -4.77 37.37 -51.18
C LYS D 96 -6.16 37.96 -51.09
N PRO D 97 -6.47 38.94 -51.95
CA PRO D 97 -7.85 39.40 -52.04
C PRO D 97 -8.74 38.34 -52.68
N THR D 98 -9.64 37.75 -51.90
CA THR D 98 -10.48 36.69 -52.41
C THR D 98 -11.79 37.27 -52.96
N VAL D 99 -12.76 36.41 -53.24
CA VAL D 99 -14.06 36.88 -53.72
C VAL D 99 -14.80 37.58 -52.60
N ASN D 100 -15.22 38.83 -52.87
CA ASN D 100 -15.89 39.83 -52.03
C ASN D 100 -15.45 39.86 -50.57
N GLU D 101 -14.15 39.67 -50.34
CA GLU D 101 -13.46 40.09 -49.14
C GLU D 101 -12.18 40.78 -49.56
N VAL D 102 -11.76 41.76 -48.78
CA VAL D 102 -10.64 42.61 -49.15
C VAL D 102 -9.39 42.16 -48.40
N ALA D 103 -8.24 42.39 -49.03
CA ALA D 103 -6.95 42.26 -48.38
C ALA D 103 -6.57 43.61 -47.80
N ARG D 104 -6.20 43.62 -46.53
CA ARG D 104 -6.15 44.87 -45.80
C ARG D 104 -4.76 45.42 -45.51
N CYS D 105 -3.70 44.59 -45.63
CA CYS D 105 -2.30 45.03 -45.58
C CYS D 105 -1.94 45.75 -44.28
N TRP D 106 -1.81 44.93 -43.22
CA TRP D 106 -1.62 45.38 -41.85
C TRP D 106 -0.50 46.41 -41.68
N GLU D 107 0.57 46.31 -42.46
CA GLU D 107 1.67 47.25 -42.24
C GLU D 107 1.42 48.57 -42.97
N CYS D 108 1.18 48.51 -44.28
CA CYS D 108 1.09 49.74 -45.05
C CYS D 108 -0.28 50.40 -44.95
N GLY D 109 -1.35 49.61 -44.93
CA GLY D 109 -2.69 50.15 -44.85
C GLY D 109 -3.42 50.24 -46.17
N SER D 110 -3.04 49.46 -47.17
CA SER D 110 -3.69 49.48 -48.47
C SER D 110 -4.79 48.44 -48.53
N VAL D 111 -5.89 48.80 -49.18
CA VAL D 111 -7.04 47.92 -49.32
C VAL D 111 -7.18 47.55 -50.79
N TYR D 112 -7.33 46.26 -51.05
CA TYR D 112 -7.43 45.74 -52.41
C TYR D 112 -8.74 44.99 -52.56
N LYS D 113 -9.42 45.18 -53.69
CA LYS D 113 -10.57 44.35 -54.03
C LYS D 113 -10.23 43.45 -55.21
N LEU D 114 -11.10 42.47 -55.46
CA LEU D 114 -10.73 41.40 -56.38
C LEU D 114 -10.94 41.78 -57.84
N ASN D 115 -12.18 42.19 -58.20
CA ASN D 115 -12.63 42.44 -59.58
C ASN D 115 -12.44 41.17 -60.40
N PRO D 116 -13.31 40.16 -60.18
CA PRO D 116 -12.94 38.78 -60.58
C PRO D 116 -12.93 38.51 -62.06
N VAL D 117 -13.66 39.28 -62.86
CA VAL D 117 -13.74 39.17 -64.33
C VAL D 117 -14.19 37.79 -64.82
N ALA E 1 -28.68 47.69 -21.07
CA ALA E 1 -27.78 47.04 -20.12
C ALA E 1 -27.60 45.57 -20.47
N LEU E 2 -26.70 44.89 -19.75
CA LEU E 2 -26.47 43.47 -19.97
C LEU E 2 -26.45 42.78 -18.61
N SER E 3 -27.03 41.60 -18.56
CA SER E 3 -27.27 40.90 -17.30
C SER E 3 -25.97 40.39 -16.69
N ASN E 4 -26.04 40.15 -15.39
CA ASN E 4 -24.85 39.69 -14.67
C ASN E 4 -24.54 38.23 -14.97
N ALA E 5 -25.55 37.42 -15.21
CA ALA E 5 -25.35 35.98 -15.37
C ALA E 5 -24.95 35.58 -16.76
N ALA E 6 -24.47 36.51 -17.58
CA ALA E 6 -23.90 36.18 -18.88
C ALA E 6 -22.45 36.58 -19.02
N VAL E 7 -21.98 37.55 -18.25
CA VAL E 7 -20.60 37.99 -18.26
C VAL E 7 -19.91 37.76 -16.93
N MET E 8 -20.54 37.04 -16.01
CA MET E 8 -19.89 36.69 -14.76
C MET E 8 -18.86 35.62 -15.05
N ASP E 9 -17.59 35.95 -14.77
CA ASP E 9 -16.43 35.07 -14.96
C ASP E 9 -16.31 34.63 -16.43
N LEU E 10 -16.02 35.61 -17.27
CA LEU E 10 -15.68 35.29 -18.66
C LEU E 10 -14.18 35.08 -18.80
N GLN E 11 -13.62 34.24 -17.94
CA GLN E 11 -12.26 33.75 -18.06
C GLN E 11 -12.27 32.24 -18.27
N SER E 12 -12.94 31.52 -17.37
CA SER E 12 -13.10 30.09 -17.51
C SER E 12 -14.27 29.71 -18.39
N ARG E 13 -15.02 30.69 -18.87
CA ARG E 13 -16.24 30.41 -19.61
C ARG E 13 -16.17 30.75 -21.08
N TRP E 14 -15.11 31.41 -21.55
CA TRP E 14 -15.07 31.80 -22.96
C TRP E 14 -14.86 30.61 -23.85
N GLU E 15 -13.87 29.79 -23.57
CA GLU E 15 -13.84 28.47 -24.17
C GLU E 15 -14.89 27.61 -23.51
N ASN E 16 -15.19 26.48 -24.16
CA ASN E 16 -16.36 25.61 -23.91
C ASN E 16 -17.67 26.38 -23.75
N MET E 17 -17.79 27.51 -24.44
CA MET E 17 -19.05 28.19 -24.65
C MET E 17 -19.50 27.87 -26.07
N PRO E 18 -20.79 27.62 -26.32
CA PRO E 18 -21.23 27.33 -27.68
C PRO E 18 -21.04 28.52 -28.60
N SER E 19 -20.73 28.23 -29.86
CA SER E 19 -20.17 29.26 -30.74
C SER E 19 -21.24 30.26 -31.19
N THR E 20 -22.50 29.85 -31.25
CA THR E 20 -23.54 30.81 -31.61
C THR E 20 -23.78 31.80 -30.48
N GLU E 21 -23.67 31.33 -29.24
CA GLU E 21 -23.76 32.22 -28.09
C GLU E 21 -22.47 33.00 -27.91
N GLN E 22 -21.34 32.43 -28.34
CA GLN E 22 -20.03 33.05 -28.15
C GLN E 22 -19.88 34.34 -28.94
N GLN E 23 -20.55 34.45 -30.08
CA GLN E 23 -20.57 35.71 -30.81
C GLN E 23 -21.88 36.45 -30.64
N ASP E 24 -22.79 35.92 -29.83
CA ASP E 24 -23.95 36.69 -29.43
C ASP E 24 -23.55 37.70 -28.36
N ILE E 25 -22.66 37.30 -27.46
CA ILE E 25 -22.23 38.19 -26.40
C ILE E 25 -21.35 39.30 -26.94
N VAL E 26 -20.58 39.04 -28.00
CA VAL E 26 -19.81 40.13 -28.61
C VAL E 26 -20.68 41.03 -29.47
N SER E 27 -21.91 40.61 -29.78
CA SER E 27 -22.84 41.49 -30.46
C SER E 27 -23.51 42.43 -29.48
N LYS E 28 -23.85 41.92 -28.29
CA LYS E 28 -24.42 42.79 -27.26
C LYS E 28 -23.37 43.73 -26.70
N LEU E 29 -22.13 43.28 -26.61
CA LEU E 29 -21.07 44.11 -26.07
C LEU E 29 -20.66 45.22 -27.04
N SER E 30 -20.77 44.97 -28.33
CA SER E 30 -20.41 45.98 -29.31
C SER E 30 -21.44 47.09 -29.41
N GLU E 31 -22.64 46.89 -28.87
CA GLU E 31 -23.62 47.95 -28.78
C GLU E 31 -23.48 48.75 -27.49
N ARG E 32 -22.92 48.13 -26.45
CA ARG E 32 -22.65 48.85 -25.22
C ARG E 32 -21.39 49.69 -25.31
N GLN E 33 -20.59 49.48 -26.34
CA GLN E 33 -19.42 50.31 -26.57
C GLN E 33 -19.74 51.57 -27.34
N LYS E 34 -20.92 51.67 -27.94
CA LYS E 34 -21.36 52.92 -28.55
C LYS E 34 -22.08 53.80 -27.54
N LEU E 35 -21.46 53.98 -26.39
CA LEU E 35 -21.95 54.77 -25.27
C LEU E 35 -20.77 55.54 -24.74
N PRO E 36 -21.01 56.58 -23.93
CA PRO E 36 -19.93 57.10 -23.10
C PRO E 36 -19.47 56.02 -22.13
N TRP E 37 -18.15 55.87 -22.01
CA TRP E 37 -17.61 54.82 -21.17
C TRP E 37 -17.71 55.22 -19.69
N ALA E 38 -17.17 54.35 -18.84
CA ALA E 38 -17.30 54.37 -17.37
C ALA E 38 -18.76 54.31 -16.92
N GLN E 39 -19.65 53.82 -17.79
CA GLN E 39 -20.99 53.42 -17.43
C GLN E 39 -21.20 51.93 -17.59
N LEU E 40 -20.31 51.24 -18.30
CA LEU E 40 -20.28 49.80 -18.35
C LEU E 40 -19.90 49.26 -16.98
N THR E 41 -20.60 48.23 -16.53
CA THR E 41 -20.24 47.64 -15.25
C THR E 41 -18.98 46.80 -15.41
N GLU E 42 -18.32 46.54 -14.29
CA GLU E 42 -17.00 45.91 -14.31
C GLU E 42 -16.96 44.45 -14.76
N PRO E 43 -17.97 43.60 -14.51
CA PRO E 43 -18.00 42.32 -15.24
C PRO E 43 -18.28 42.47 -16.73
N GLU E 44 -18.79 43.61 -17.18
CA GLU E 44 -18.96 43.88 -18.59
C GLU E 44 -17.79 44.64 -19.19
N LYS E 45 -16.91 45.19 -18.35
CA LYS E 45 -15.77 45.98 -18.77
C LYS E 45 -14.49 45.17 -18.83
N GLN E 46 -14.29 44.28 -17.85
CA GLN E 46 -13.12 43.40 -17.87
C GLN E 46 -13.33 42.19 -18.77
N ALA E 47 -14.54 41.96 -19.26
CA ALA E 47 -14.83 40.84 -20.14
C ALA E 47 -14.95 41.24 -21.58
N VAL E 48 -14.70 42.51 -21.91
CA VAL E 48 -14.48 42.89 -23.30
C VAL E 48 -12.99 43.00 -23.57
N TRP E 49 -12.17 43.10 -22.53
CA TRP E 49 -10.72 43.01 -22.72
C TRP E 49 -10.32 41.56 -22.94
N TYR E 50 -10.99 40.62 -22.30
CA TYR E 50 -10.67 39.22 -22.49
C TYR E 50 -11.05 38.74 -23.90
N ILE E 51 -12.05 39.37 -24.51
CA ILE E 51 -12.39 38.94 -25.87
C ILE E 51 -11.38 39.49 -26.86
N SER E 52 -11.01 40.76 -26.72
CA SER E 52 -10.12 41.33 -27.74
C SER E 52 -8.66 40.98 -27.48
N TYR E 53 -8.24 40.88 -26.23
CA TYR E 53 -6.83 40.74 -25.92
C TYR E 53 -6.58 39.67 -24.87
N GLY E 54 -7.37 38.61 -24.90
CA GLY E 54 -7.23 37.58 -23.88
C GLY E 54 -6.17 36.56 -24.23
N GLU E 55 -6.46 35.28 -24.00
CA GLU E 55 -5.53 34.21 -24.36
C GLU E 55 -6.36 33.00 -24.83
N TRP E 56 -6.66 32.96 -26.12
CA TRP E 56 -7.52 31.93 -26.69
C TRP E 56 -7.41 31.91 -28.21
N GLY E 57 -7.11 30.76 -28.80
CA GLY E 57 -6.93 30.70 -30.23
C GLY E 57 -5.64 31.36 -30.65
N PRO E 58 -5.72 32.54 -31.24
CA PRO E 58 -4.55 33.41 -31.31
C PRO E 58 -4.18 33.89 -29.92
N ARG E 59 -2.92 34.26 -29.77
CA ARG E 59 -2.27 34.59 -28.49
C ARG E 59 -2.30 33.45 -27.49
N ARG E 60 -2.57 32.25 -27.93
CA ARG E 60 -2.32 31.06 -27.16
C ARG E 60 -0.82 30.82 -27.15
N PRO E 61 -0.25 30.43 -26.02
CA PRO E 61 1.20 30.20 -25.98
C PRO E 61 1.60 28.99 -26.80
N VAL E 62 2.87 28.98 -27.20
CA VAL E 62 3.38 27.88 -28.02
C VAL E 62 3.42 26.59 -27.22
N LEU E 63 3.70 26.68 -25.93
CA LEU E 63 3.61 25.55 -25.02
C LEU E 63 2.49 25.79 -24.02
N ASN E 64 1.77 24.73 -23.68
CA ASN E 64 0.74 24.83 -22.66
C ASN E 64 1.41 24.92 -21.28
N LYS E 65 0.59 25.04 -20.24
CA LYS E 65 1.17 25.25 -18.91
C LYS E 65 1.79 23.97 -18.37
N GLY E 66 1.17 22.83 -18.64
CA GLY E 66 1.73 21.56 -18.18
C GLY E 66 2.51 20.87 -19.28
N ASP E 67 3.26 21.63 -20.06
CA ASP E 67 3.93 21.12 -21.24
C ASP E 67 5.42 21.34 -21.25
N SER E 68 5.94 22.31 -20.50
CA SER E 68 7.39 22.46 -20.41
C SER E 68 8.02 21.34 -19.61
N SER E 69 7.28 20.72 -18.70
CA SER E 69 7.80 19.57 -17.99
C SER E 69 7.75 18.32 -18.83
N PHE E 70 6.79 18.21 -19.74
CA PHE E 70 6.74 17.07 -20.65
C PHE E 70 7.87 17.13 -21.66
N ILE E 71 8.39 18.32 -21.96
CA ILE E 71 9.58 18.41 -22.79
C ILE E 71 10.79 17.88 -22.05
N ALA E 72 11.01 18.34 -20.81
CA ALA E 72 12.16 17.92 -20.03
C ALA E 72 12.02 16.52 -19.45
N LYS E 73 10.87 15.87 -19.61
CA LYS E 73 10.72 14.47 -19.25
C LYS E 73 10.78 13.55 -20.45
N GLY E 74 11.03 14.10 -21.64
CA GLY E 74 11.27 13.27 -22.81
C GLY E 74 12.74 13.31 -23.13
N VAL E 75 13.38 14.41 -22.77
CA VAL E 75 14.82 14.52 -22.89
C VAL E 75 15.50 13.61 -21.88
N ALA E 76 15.16 13.78 -20.60
CA ALA E 76 15.78 13.00 -19.54
C ALA E 76 15.30 11.57 -19.49
N ALA E 77 14.27 11.20 -20.26
CA ALA E 77 13.90 9.81 -20.46
C ALA E 77 14.27 9.32 -21.84
N GLY E 78 15.04 10.10 -22.60
CA GLY E 78 15.59 9.65 -23.85
C GLY E 78 17.05 9.30 -23.67
N LEU E 79 17.69 9.95 -22.70
CA LEU E 79 19.06 9.57 -22.35
C LEU E 79 19.08 8.27 -21.58
N LEU E 80 18.02 7.99 -20.82
CA LEU E 80 17.97 6.74 -20.08
C LEU E 80 17.70 5.57 -21.01
N PHE E 81 16.81 5.77 -21.99
CA PHE E 81 16.52 4.69 -22.92
C PHE E 81 17.62 4.57 -23.98
N SER E 82 18.50 5.56 -24.07
CA SER E 82 19.68 5.41 -24.91
C SER E 82 20.72 4.53 -24.24
N VAL E 83 21.12 4.88 -23.01
CA VAL E 83 22.17 4.15 -22.30
C VAL E 83 21.69 2.76 -21.92
N GLY E 84 20.40 2.62 -21.58
CA GLY E 84 19.86 1.31 -21.30
C GLY E 84 19.79 0.41 -22.52
N LEU E 85 19.75 1.02 -23.72
CA LEU E 85 19.81 0.22 -24.94
C LEU E 85 21.25 0.01 -25.38
N PHE E 86 22.17 0.80 -24.81
CA PHE E 86 23.57 0.60 -25.12
C PHE E 86 24.12 -0.64 -24.45
N ALA E 87 23.62 -0.98 -23.26
CA ALA E 87 24.12 -2.13 -22.52
C ALA E 87 23.73 -3.44 -23.18
N VAL E 88 22.60 -3.45 -23.89
CA VAL E 88 22.16 -4.68 -24.54
C VAL E 88 23.03 -4.99 -25.75
N VAL E 89 23.47 -3.97 -26.47
CA VAL E 89 24.36 -4.23 -27.60
C VAL E 89 25.79 -4.46 -27.14
N ARG E 90 26.16 -4.05 -25.92
CA ARG E 90 27.50 -4.34 -25.43
C ARG E 90 27.59 -5.72 -24.79
N MET E 91 26.54 -6.13 -24.06
CA MET E 91 26.51 -7.48 -23.53
C MET E 91 26.35 -8.51 -24.64
N ALA E 92 25.81 -8.11 -25.78
CA ALA E 92 25.93 -8.89 -27.01
C ALA E 92 27.11 -8.38 -27.84
N GLY E 93 28.29 -8.41 -27.21
CA GLY E 93 29.49 -7.91 -27.84
C GLY E 93 30.63 -8.90 -27.89
N GLY E 94 31.59 -8.66 -28.77
CA GLY E 94 32.75 -9.52 -28.88
C GLY E 94 33.71 -9.35 -27.71
N GLN E 95 34.66 -10.27 -27.62
CA GLN E 95 35.62 -10.24 -26.53
C GLN E 95 36.65 -9.14 -26.77
N ASP E 96 36.96 -8.40 -25.71
CA ASP E 96 37.73 -7.18 -25.82
C ASP E 96 39.22 -7.49 -25.97
N ALA E 97 40.02 -6.42 -26.02
CA ALA E 97 41.46 -6.57 -26.18
C ALA E 97 42.11 -7.05 -24.90
N LYS E 98 43.21 -7.79 -25.07
CA LYS E 98 43.93 -8.36 -23.94
C LYS E 98 44.85 -7.37 -23.26
N THR E 99 45.06 -6.19 -23.84
CA THR E 99 46.04 -5.24 -23.37
C THR E 99 45.44 -4.14 -22.51
N MET E 100 44.28 -4.38 -21.90
CA MET E 100 43.60 -3.34 -21.15
C MET E 100 43.45 -3.64 -19.66
N ASN E 101 43.65 -4.87 -19.22
CA ASN E 101 43.21 -5.27 -17.89
C ASN E 101 44.19 -4.95 -16.77
N LYS E 102 44.66 -3.69 -16.72
CA LYS E 102 45.28 -3.02 -15.58
C LYS E 102 46.67 -3.54 -15.22
N GLU E 103 47.08 -4.69 -15.76
CA GLU E 103 48.40 -5.21 -15.48
C GLU E 103 49.32 -5.12 -16.68
N TRP E 104 48.76 -5.28 -17.88
CA TRP E 104 49.47 -4.84 -19.08
C TRP E 104 49.69 -3.33 -19.04
N GLN E 105 48.70 -2.60 -18.52
CA GLN E 105 48.82 -1.15 -18.42
C GLN E 105 49.84 -0.74 -17.38
N LEU E 106 50.09 -1.57 -16.37
CA LEU E 106 51.05 -1.20 -15.33
C LEU E 106 52.48 -1.35 -15.81
N LYS E 107 52.81 -2.48 -16.43
CA LYS E 107 54.19 -2.72 -16.83
C LYS E 107 54.58 -1.92 -18.07
N SER E 108 53.63 -1.29 -18.74
CA SER E 108 53.91 -0.35 -19.81
C SER E 108 54.11 1.07 -19.32
N ASP E 109 54.44 1.24 -18.03
CA ASP E 109 54.75 2.54 -17.45
C ASP E 109 56.21 2.69 -17.07
N GLU E 110 56.80 1.71 -16.37
CA GLU E 110 58.24 1.75 -16.15
C GLU E 110 59.02 1.44 -17.41
N TYR E 111 58.36 0.86 -18.42
CA TYR E 111 58.97 0.84 -19.75
C TYR E 111 59.09 2.25 -20.30
N LEU E 112 58.13 3.11 -19.99
CA LEU E 112 58.20 4.51 -20.37
C LEU E 112 58.96 5.35 -19.37
N LYS E 113 58.94 4.96 -18.08
CA LYS E 113 59.71 5.69 -17.08
C LYS E 113 61.21 5.49 -17.30
N SER E 114 61.61 4.32 -17.76
CA SER E 114 63.01 4.07 -18.11
C SER E 114 63.41 4.71 -19.43
N LYS E 115 62.48 5.33 -20.15
CA LYS E 115 62.79 6.01 -21.39
C LYS E 115 62.47 7.49 -21.37
N ASN E 116 61.78 7.98 -20.33
CA ASN E 116 61.37 9.38 -20.16
C ASN E 116 60.53 9.87 -21.34
N ALA E 117 59.37 9.24 -21.49
CA ALA E 117 58.50 9.54 -22.63
C ALA E 117 57.84 10.90 -22.49
N ASN E 118 57.01 11.07 -21.46
CA ASN E 118 56.39 12.37 -21.20
C ASN E 118 57.00 12.93 -19.92
N PRO E 119 58.01 13.80 -20.02
CA PRO E 119 58.70 14.29 -18.82
C PRO E 119 57.85 15.21 -17.97
N TRP E 120 57.27 16.21 -18.63
CA TRP E 120 56.35 17.13 -18.00
C TRP E 120 55.05 16.64 -18.59
N GLY E 121 54.09 16.32 -17.73
CA GLY E 121 52.83 15.77 -18.17
C GLY E 121 52.70 14.35 -17.65
N GLY E 122 51.66 13.64 -18.06
CA GLY E 122 51.44 12.30 -17.56
C GLY E 122 51.49 11.20 -18.59
N TYR E 123 52.20 10.13 -18.28
CA TYR E 123 52.34 8.98 -19.14
C TYR E 123 51.74 7.80 -18.40
N SER E 124 50.74 8.04 -17.57
CA SER E 124 50.21 6.98 -16.72
C SER E 124 49.72 5.77 -17.49
N GLN E 125 49.02 5.97 -18.59
CA GLN E 125 48.65 4.80 -19.40
C GLN E 125 47.88 3.76 -18.59
N VAL E 126 47.09 4.21 -17.63
CA VAL E 126 46.35 3.27 -16.81
C VAL E 126 44.86 3.51 -16.75
N GLN E 127 44.12 2.71 -17.48
CA GLN E 127 42.69 2.86 -17.55
C GLN E 127 42.08 1.50 -17.75
N SER E 128 41.99 0.71 -16.70
CA SER E 128 41.46 -0.63 -16.82
C SER E 128 40.06 -0.61 -17.39
N GLU F 1 11.92 61.88 -38.27
CA GLU F 1 13.34 61.66 -37.99
C GLU F 1 13.68 61.98 -36.54
N THR F 2 13.43 63.22 -36.14
CA THR F 2 13.72 63.66 -34.78
C THR F 2 12.54 63.31 -33.88
N PHE F 3 12.58 63.80 -32.63
CA PHE F 3 11.48 63.56 -31.71
C PHE F 3 10.24 64.36 -32.11
N GLU F 4 10.44 65.55 -32.66
CA GLU F 4 9.30 66.40 -33.01
C GLU F 4 8.67 66.00 -34.33
N GLU F 5 9.49 65.56 -35.29
CA GLU F 5 8.95 65.04 -36.54
C GLU F 5 8.27 63.70 -36.33
N PHE F 6 8.66 62.97 -35.28
CA PHE F 6 7.91 61.79 -34.87
C PHE F 6 6.53 62.17 -34.36
N THR F 7 6.45 63.23 -33.57
CA THR F 7 5.19 63.62 -32.95
C THR F 7 4.21 64.16 -33.99
N ALA F 8 4.69 65.04 -34.88
CA ALA F 8 3.80 65.69 -35.84
C ALA F 8 3.30 64.73 -36.91
N ARG F 9 4.02 63.63 -37.16
CA ARG F 9 3.61 62.73 -38.22
C ARG F 9 2.55 61.74 -37.76
N TYR F 10 2.68 61.22 -36.52
CA TYR F 10 1.73 60.23 -36.05
C TYR F 10 0.52 60.83 -35.35
N GLU F 11 0.62 62.05 -34.84
CA GLU F 11 -0.56 62.77 -34.39
C GLU F 11 -1.42 63.24 -35.55
N LYS F 12 -0.86 63.28 -36.76
CA LYS F 12 -1.62 63.57 -37.97
C LYS F 12 -2.33 62.34 -38.50
N GLU F 13 -1.68 61.18 -38.46
CA GLU F 13 -2.29 59.98 -39.04
C GLU F 13 -3.41 59.41 -38.19
N PHE F 14 -3.47 59.75 -36.91
CA PHE F 14 -4.58 59.31 -36.06
C PHE F 14 -5.89 59.98 -36.43
N ASP F 15 -5.86 61.13 -37.10
CA ASP F 15 -7.09 61.84 -37.40
C ASP F 15 -7.89 61.16 -38.50
N GLU F 16 -7.22 60.68 -39.54
CA GLU F 16 -7.89 59.98 -40.64
C GLU F 16 -7.88 58.47 -40.41
N ALA F 17 -8.28 58.09 -39.20
CA ALA F 17 -8.26 56.69 -38.80
C ALA F 17 -9.49 55.95 -39.30
N TYR F 18 -10.68 56.50 -39.05
CA TYR F 18 -11.97 56.12 -39.65
C TYR F 18 -12.43 54.67 -39.39
N ASP F 19 -11.65 53.88 -38.65
CA ASP F 19 -11.93 52.46 -38.56
C ASP F 19 -11.15 51.89 -37.37
N LEU F 20 -11.55 50.71 -36.93
CA LEU F 20 -10.81 50.02 -35.88
C LEU F 20 -9.47 49.50 -36.39
N PHE F 21 -9.42 49.10 -37.66
CA PHE F 21 -8.19 48.56 -38.24
C PHE F 21 -7.11 49.62 -38.31
N GLU F 22 -7.44 50.79 -38.84
CA GLU F 22 -6.46 51.86 -38.98
C GLU F 22 -6.27 52.65 -37.70
N VAL F 23 -6.75 52.17 -36.56
CA VAL F 23 -6.21 52.62 -35.28
C VAL F 23 -5.14 51.65 -34.79
N GLN F 24 -5.43 50.35 -34.83
CA GLN F 24 -4.51 49.37 -34.27
C GLN F 24 -3.30 49.17 -35.16
N ARG F 25 -3.42 49.35 -36.47
CA ARG F 25 -2.24 49.27 -37.32
C ARG F 25 -1.41 50.53 -37.28
N VAL F 26 -1.93 51.62 -36.71
CA VAL F 26 -1.18 52.84 -36.56
C VAL F 26 -0.74 53.05 -35.12
N LEU F 27 -1.51 52.56 -34.14
CA LEU F 27 -1.02 52.48 -32.77
C LEU F 27 0.15 51.51 -32.65
N ASN F 28 0.22 50.52 -33.54
CA ASN F 28 1.32 49.56 -33.51
C ASN F 28 2.64 50.22 -33.90
N ASN F 29 2.69 50.85 -35.06
CA ASN F 29 3.93 51.47 -35.47
C ASN F 29 4.15 52.85 -34.86
N CYS F 30 3.26 53.30 -33.98
CA CYS F 30 3.58 54.41 -33.09
C CYS F 30 4.23 53.94 -31.80
N PHE F 31 4.35 52.63 -31.61
CA PHE F 31 5.01 52.05 -30.45
C PHE F 31 6.16 51.13 -30.82
N SER F 32 6.30 50.75 -32.08
CA SER F 32 7.32 49.80 -32.51
C SER F 32 8.54 50.51 -33.09
N TYR F 33 8.93 51.64 -32.53
CA TYR F 33 10.14 52.34 -32.92
C TYR F 33 11.15 52.26 -31.79
N ASP F 34 12.34 52.81 -32.05
CA ASP F 34 13.41 52.82 -31.06
C ASP F 34 13.06 53.70 -29.87
N LEU F 35 12.38 54.82 -30.11
CA LEU F 35 12.16 55.82 -29.08
C LEU F 35 10.84 55.57 -28.36
N VAL F 36 10.51 56.48 -27.45
CA VAL F 36 9.31 56.42 -26.64
C VAL F 36 8.39 57.55 -27.08
N PRO F 37 7.10 57.29 -27.34
CA PRO F 37 6.23 58.34 -27.85
C PRO F 37 5.83 59.37 -26.80
N ALA F 38 5.72 60.61 -27.23
CA ALA F 38 5.34 61.72 -26.38
C ALA F 38 3.89 61.58 -25.92
N PRO F 39 3.52 62.24 -24.82
CA PRO F 39 2.09 62.25 -24.43
C PRO F 39 1.21 63.10 -25.31
N ALA F 40 1.79 63.91 -26.20
CA ALA F 40 0.98 64.66 -27.15
C ALA F 40 0.36 63.73 -28.19
N VAL F 41 1.13 62.76 -28.67
CA VAL F 41 0.61 61.86 -29.69
C VAL F 41 -0.24 60.75 -29.07
N ILE F 42 0.01 60.41 -27.80
CA ILE F 42 -0.79 59.35 -27.18
C ILE F 42 -2.15 59.89 -26.72
N GLU F 43 -2.30 61.22 -26.62
CA GLU F 43 -3.62 61.78 -26.38
C GLU F 43 -4.52 61.59 -27.59
N LYS F 44 -3.94 61.65 -28.79
CA LYS F 44 -4.68 61.30 -29.99
C LYS F 44 -4.71 59.79 -30.22
N ALA F 45 -4.08 59.00 -29.37
CA ALA F 45 -4.22 57.55 -29.39
C ALA F 45 -5.35 57.08 -28.49
N LEU F 46 -5.87 57.94 -27.62
CA LEU F 46 -7.09 57.67 -26.88
C LEU F 46 -8.31 58.29 -27.54
N ARG F 47 -8.13 59.45 -28.16
CA ARG F 47 -9.20 60.05 -28.94
C ARG F 47 -9.47 59.23 -30.21
N ALA F 48 -8.48 58.50 -30.70
CA ALA F 48 -8.73 57.60 -31.81
C ALA F 48 -9.55 56.39 -31.36
N ALA F 49 -9.33 55.93 -30.13
CA ALA F 49 -10.11 54.82 -29.61
C ALA F 49 -11.52 55.25 -29.25
N ARG F 50 -11.72 56.54 -28.95
CA ARG F 50 -13.06 57.02 -28.69
C ARG F 50 -13.84 57.20 -29.98
N ARG F 51 -13.15 57.50 -31.08
CA ARG F 51 -13.82 57.67 -32.37
C ARG F 51 -14.28 56.35 -32.96
N VAL F 52 -13.78 55.22 -32.47
CA VAL F 52 -14.10 53.93 -33.06
C VAL F 52 -14.91 53.06 -32.11
N ASN F 53 -15.17 53.53 -30.90
CA ASN F 53 -16.01 52.87 -29.88
C ASN F 53 -15.48 51.49 -29.51
N ASP F 54 -14.22 51.45 -29.07
CA ASP F 54 -13.59 50.22 -28.65
C ASP F 54 -12.72 50.53 -27.43
N LEU F 55 -13.09 49.96 -26.29
CA LEU F 55 -12.38 50.24 -25.05
C LEU F 55 -11.09 49.42 -24.83
N PRO F 56 -11.03 48.09 -25.06
CA PRO F 56 -9.76 47.39 -24.79
C PRO F 56 -8.59 47.76 -25.70
N THR F 57 -8.81 48.45 -26.81
CA THR F 57 -7.67 49.03 -27.51
C THR F 57 -7.26 50.37 -26.92
N ALA F 58 -7.96 50.85 -25.90
CA ALA F 58 -7.49 51.94 -25.07
C ALA F 58 -6.97 51.47 -23.71
N ILE F 59 -7.30 50.25 -23.30
CA ILE F 59 -6.64 49.68 -22.14
C ILE F 59 -5.30 49.07 -22.55
N ARG F 60 -5.18 48.61 -23.79
CA ARG F 60 -3.92 48.08 -24.28
C ARG F 60 -2.91 49.18 -24.61
N VAL F 61 -3.34 50.44 -24.66
CA VAL F 61 -2.39 51.54 -24.80
C VAL F 61 -1.54 51.65 -23.55
N PHE F 62 -2.17 51.71 -22.38
CA PHE F 62 -1.47 51.87 -21.13
C PHE F 62 -0.75 50.61 -20.66
N GLU F 63 -0.99 49.46 -21.30
CA GLU F 63 -0.17 48.30 -21.01
C GLU F 63 1.03 48.21 -21.94
N ALA F 64 0.90 48.66 -23.18
CA ALA F 64 2.07 48.84 -24.03
C ALA F 64 2.95 49.97 -23.53
N LEU F 65 2.33 50.96 -22.88
CA LEU F 65 3.09 52.05 -22.27
C LEU F 65 3.82 51.60 -21.03
N LYS F 66 3.34 50.55 -20.35
CA LYS F 66 3.95 50.12 -19.11
C LYS F 66 5.23 49.33 -19.36
N TYR F 67 5.22 48.45 -20.37
CA TYR F 67 6.42 47.66 -20.66
C TYR F 67 7.50 48.51 -21.32
N LYS F 68 7.10 49.46 -22.17
CA LYS F 68 8.07 50.24 -22.95
C LYS F 68 8.24 51.64 -22.36
N VAL F 69 8.34 51.73 -21.03
CA VAL F 69 8.60 52.99 -20.37
C VAL F 69 10.03 53.07 -19.83
N GLU F 70 10.72 51.94 -19.70
CA GLU F 70 12.10 51.63 -19.25
C GLU F 70 12.41 52.09 -17.83
N ASN F 71 11.46 52.70 -17.10
CA ASN F 71 11.64 53.11 -15.73
C ASN F 71 10.28 53.34 -15.08
N GLU F 72 10.09 52.80 -13.87
CA GLU F 72 8.84 53.03 -13.15
C GLU F 72 8.73 54.46 -12.66
N ASP F 73 9.87 55.10 -12.37
CA ASP F 73 9.87 56.51 -11.99
C ASP F 73 9.45 57.39 -13.15
N GLN F 74 9.80 57.00 -14.38
CA GLN F 74 9.36 57.73 -15.56
C GLN F 74 8.01 57.26 -16.06
N TYR F 75 7.29 56.46 -15.27
CA TYR F 75 5.95 56.01 -15.62
C TYR F 75 4.88 56.68 -14.77
N LYS F 76 5.10 56.81 -13.47
CA LYS F 76 4.10 57.42 -12.60
C LYS F 76 4.01 58.92 -12.82
N ALA F 77 5.12 59.56 -13.15
CA ALA F 77 5.06 60.95 -13.61
C ALA F 77 4.42 61.03 -14.98
N TYR F 78 4.51 59.95 -15.77
CA TYR F 78 3.88 59.89 -17.08
C TYR F 78 2.42 59.48 -16.97
N LEU F 79 2.06 58.76 -15.91
CA LEU F 79 0.67 58.36 -15.69
C LEU F 79 -0.15 59.53 -15.17
N ASP F 80 0.40 60.27 -14.21
CA ASP F 80 -0.29 61.43 -13.65
C ASP F 80 -0.41 62.56 -14.65
N GLU F 81 0.45 62.60 -15.66
CA GLU F 81 0.32 63.61 -16.70
C GLU F 81 -0.89 63.36 -17.59
N LEU F 82 -1.23 62.09 -17.83
CA LEU F 82 -2.34 61.73 -18.70
C LEU F 82 -3.66 61.61 -17.95
N LYS F 83 -3.68 61.87 -16.64
CA LYS F 83 -4.88 61.66 -15.84
C LYS F 83 -5.95 62.72 -16.12
N ASP F 84 -5.61 63.80 -16.83
CA ASP F 84 -6.60 64.78 -17.21
C ASP F 84 -7.52 64.26 -18.31
N VAL F 85 -6.97 63.50 -19.27
CA VAL F 85 -7.74 62.98 -20.39
C VAL F 85 -8.08 61.50 -20.21
N ARG F 86 -7.63 60.90 -19.12
CA ARG F 86 -7.97 59.53 -18.80
C ARG F 86 -9.16 59.43 -17.86
N GLN F 87 -9.58 60.55 -17.26
CA GLN F 87 -10.77 60.53 -16.41
C GLN F 87 -12.02 61.01 -17.14
N GLU F 88 -11.86 61.70 -18.27
CA GLU F 88 -13.01 62.01 -19.11
C GLU F 88 -13.56 60.75 -19.75
N LEU F 89 -12.70 60.05 -20.50
CA LEU F 89 -13.10 58.86 -21.23
C LEU F 89 -13.31 57.65 -20.34
N GLY F 90 -12.91 57.71 -19.08
CA GLY F 90 -13.15 56.61 -18.17
C GLY F 90 -12.36 55.36 -18.46
N VAL F 91 -11.18 55.49 -19.05
CA VAL F 91 -10.35 54.35 -19.41
C VAL F 91 -9.63 53.80 -18.19
N PRO F 92 -9.93 52.58 -17.76
CA PRO F 92 -9.17 51.98 -16.66
C PRO F 92 -7.85 51.42 -17.16
N LEU F 93 -7.03 51.01 -16.21
CA LEU F 93 -5.82 50.26 -16.55
C LEU F 93 -6.03 48.80 -16.19
N LYS F 94 -5.12 47.96 -16.69
CA LYS F 94 -5.30 46.51 -16.57
C LYS F 94 -5.13 46.04 -15.13
N GLU F 95 -4.32 46.74 -14.33
CA GLU F 95 -4.17 46.34 -12.93
C GLU F 95 -5.37 46.75 -12.09
N GLU F 96 -6.03 47.86 -12.42
CA GLU F 96 -7.23 48.25 -11.68
C GLU F 96 -8.43 47.40 -12.05
N LEU F 97 -8.48 46.89 -13.28
CA LEU F 97 -9.60 46.03 -13.66
C LEU F 97 -9.54 44.69 -12.96
N PHE F 98 -8.33 44.19 -12.74
CA PHE F 98 -8.07 42.84 -12.25
C PHE F 98 -8.82 41.77 -13.04
N PRO F 99 -8.49 41.58 -14.34
CA PRO F 99 -9.28 40.64 -15.13
C PRO F 99 -8.86 39.18 -14.89
N ASN G 1 4.88 20.85 -95.76
CA ASN G 1 3.99 19.97 -96.52
C ASN G 1 3.04 19.18 -95.61
N LYS G 2 3.61 18.49 -94.62
CA LYS G 2 2.82 17.78 -93.63
C LYS G 2 2.71 18.54 -92.31
N VAL G 3 3.20 19.78 -92.28
CA VAL G 3 3.22 20.54 -91.04
C VAL G 3 1.82 21.02 -90.67
N ILE G 4 1.02 21.43 -91.66
CA ILE G 4 -0.37 21.76 -91.38
C ILE G 4 -1.19 20.48 -91.27
N GLN G 5 -0.80 19.44 -92.00
CA GLN G 5 -1.52 18.17 -91.98
C GLN G 5 -1.40 17.48 -90.63
N LEU G 6 -0.19 17.44 -90.06
CA LEU G 6 -0.01 16.85 -88.74
C LEU G 6 -0.62 17.73 -87.65
N GLN G 7 -0.72 19.03 -87.90
CA GLN G 7 -1.26 19.96 -86.91
C GLN G 7 -2.77 19.76 -86.72
N LYS G 8 -3.46 19.28 -87.76
CA LYS G 8 -4.83 18.81 -87.55
C LYS G 8 -4.87 17.55 -86.69
N ILE G 9 -3.86 16.70 -86.81
CA ILE G 9 -3.86 15.43 -86.10
C ILE G 9 -3.36 15.60 -84.67
N PHE G 10 -2.35 16.43 -84.47
CA PHE G 10 -1.76 16.59 -83.14
C PHE G 10 -2.66 17.43 -82.25
N GLN G 11 -3.11 18.58 -82.73
CA GLN G 11 -4.05 19.38 -81.96
C GLN G 11 -5.42 18.72 -81.95
N SER G 12 -6.05 18.72 -80.76
CA SER G 12 -7.33 18.06 -80.50
C SER G 12 -7.28 16.58 -80.87
N SER G 13 -6.31 15.87 -80.28
CA SER G 13 -6.14 14.45 -80.54
C SER G 13 -6.73 13.56 -79.47
N THR G 14 -6.81 14.06 -78.23
CA THR G 14 -7.30 13.33 -77.05
C THR G 14 -6.55 12.01 -76.84
N LYS G 15 -5.24 12.06 -77.03
CA LYS G 15 -4.35 10.93 -76.90
C LYS G 15 -3.13 11.36 -76.11
N PRO G 16 -2.37 10.42 -75.55
CA PRO G 16 -1.04 10.76 -75.05
C PRO G 16 -0.14 11.21 -76.19
N LEU G 17 0.72 12.20 -75.89
CA LEU G 17 1.52 12.86 -76.93
C LEU G 17 2.54 11.90 -77.55
N TRP G 18 2.94 10.85 -76.84
CA TRP G 18 3.78 9.82 -77.42
C TRP G 18 2.98 8.72 -78.12
N TRP G 19 1.66 8.89 -78.23
CA TRP G 19 0.83 8.07 -79.11
C TRP G 19 0.16 8.90 -80.20
N ARG G 20 0.53 10.18 -80.33
CA ARG G 20 -0.16 11.11 -81.21
C ARG G 20 0.43 11.19 -82.61
N HIS G 21 1.52 10.48 -82.87
CA HIS G 21 2.01 10.38 -84.24
C HIS G 21 1.25 9.28 -84.98
N PRO G 22 0.93 9.47 -86.26
CA PRO G 22 0.32 8.37 -87.03
C PRO G 22 1.28 7.22 -87.27
N ARG G 23 2.57 7.51 -87.39
CA ARG G 23 3.60 6.49 -87.49
C ARG G 23 4.23 6.25 -86.11
N SER G 24 3.41 5.72 -85.20
CA SER G 24 3.87 5.48 -83.83
C SER G 24 3.43 4.15 -83.25
N ALA G 25 2.59 3.37 -83.93
CA ALA G 25 2.18 2.08 -83.38
C ALA G 25 3.30 1.07 -83.46
N LEU G 26 4.06 1.08 -84.57
CA LEU G 26 5.22 0.20 -84.71
C LEU G 26 6.43 0.69 -83.93
N TYR G 27 6.41 1.92 -83.42
CA TYR G 27 7.54 2.49 -82.71
C TYR G 27 7.64 2.02 -81.27
N LEU G 28 6.63 1.32 -80.74
CA LEU G 28 6.55 1.06 -79.31
C LEU G 28 6.66 -0.41 -78.93
N TYR G 29 5.99 -1.31 -79.64
CA TYR G 29 6.00 -2.71 -79.24
C TYR G 29 7.34 -3.43 -79.50
N PRO G 30 8.11 -3.10 -80.55
CA PRO G 30 9.53 -3.51 -80.52
C PRO G 30 10.34 -2.73 -79.50
N PHE G 31 10.01 -1.46 -79.23
CA PHE G 31 10.72 -0.70 -78.22
C PHE G 31 10.42 -1.22 -76.81
N TYR G 32 9.19 -1.68 -76.57
CA TYR G 32 8.87 -2.32 -75.31
C TYR G 32 9.39 -3.75 -75.23
N ALA G 33 9.87 -4.31 -76.35
CA ALA G 33 10.53 -5.61 -76.30
C ALA G 33 11.98 -5.48 -75.88
N ILE G 34 12.68 -4.45 -76.37
CA ILE G 34 14.06 -4.22 -75.94
C ILE G 34 14.11 -3.54 -74.58
N PHE G 35 12.98 -2.99 -74.11
CA PHE G 35 12.94 -2.43 -72.76
C PHE G 35 12.62 -3.49 -71.73
N ALA G 36 11.91 -4.55 -72.12
CA ALA G 36 11.57 -5.63 -71.19
C ALA G 36 12.72 -6.60 -70.97
N VAL G 37 13.84 -6.44 -71.67
CA VAL G 37 14.98 -7.33 -71.52
C VAL G 37 16.21 -6.60 -70.97
N ALA G 38 16.38 -5.31 -71.28
CA ALA G 38 17.58 -4.58 -70.89
C ALA G 38 17.55 -4.12 -69.43
N VAL G 39 16.48 -4.38 -68.69
CA VAL G 39 16.39 -3.99 -67.29
C VAL G 39 16.29 -5.19 -66.36
N VAL G 40 16.29 -6.41 -66.89
CA VAL G 40 16.29 -7.61 -66.06
C VAL G 40 17.58 -8.41 -66.21
N THR G 41 18.08 -8.56 -67.42
CA THR G 41 19.31 -9.30 -67.66
C THR G 41 20.59 -8.61 -67.14
N PRO G 42 20.72 -7.28 -67.03
CA PRO G 42 21.81 -6.76 -66.18
C PRO G 42 21.62 -7.04 -64.71
N LEU G 43 20.39 -7.32 -64.27
CA LEU G 43 20.13 -7.54 -62.85
C LEU G 43 19.98 -9.01 -62.49
N LEU G 44 19.65 -9.87 -63.46
CA LEU G 44 19.55 -11.29 -63.18
C LEU G 44 20.93 -11.94 -63.01
N TYR G 45 21.97 -11.33 -63.54
CA TYR G 45 23.33 -11.83 -63.37
C TYR G 45 23.94 -11.40 -62.04
N ILE G 46 23.24 -10.61 -61.24
CA ILE G 46 23.73 -10.14 -59.95
C ILE G 46 23.78 -11.28 -58.92
N PRO G 47 22.78 -12.19 -58.81
CA PRO G 47 23.04 -13.39 -58.01
C PRO G 47 24.06 -14.34 -58.64
N ASN G 48 24.26 -14.26 -59.95
CA ASN G 48 25.40 -14.95 -60.54
C ASN G 48 26.71 -14.24 -60.23
N ALA G 49 26.66 -12.94 -60.00
CA ALA G 49 27.86 -12.17 -59.66
C ALA G 49 28.13 -12.12 -58.15
N ILE G 50 27.35 -12.82 -57.33
CA ILE G 50 27.64 -12.82 -55.90
C ILE G 50 28.44 -14.06 -55.50
N ARG G 51 28.30 -15.15 -56.26
CA ARG G 51 28.99 -16.40 -55.93
C ARG G 51 30.30 -16.59 -56.68
N GLY G 52 30.83 -15.56 -57.33
CA GLY G 52 32.05 -15.69 -58.10
C GLY G 52 31.90 -16.30 -59.46
N ILE G 53 30.68 -16.66 -59.86
CA ILE G 53 30.44 -17.31 -61.15
C ILE G 53 30.50 -16.25 -62.24
N LYS G 54 31.63 -16.15 -62.91
CA LYS G 54 31.83 -15.15 -63.96
C LYS G 54 32.03 -15.84 -65.30
N ALA G 55 32.30 -15.05 -66.33
CA ALA G 55 32.46 -15.57 -67.67
C ALA G 55 33.62 -14.91 -68.41
N VAL H 1 0.96 12.78 -59.36
CA VAL H 1 -0.34 13.36 -59.08
C VAL H 1 -0.57 14.56 -59.99
N HIS H 2 -1.68 14.53 -60.74
CA HIS H 2 -2.05 15.58 -61.66
C HIS H 2 -3.12 16.52 -61.11
N PHE H 3 -4.13 15.96 -60.43
CA PHE H 3 -5.26 16.75 -59.95
C PHE H 3 -5.58 16.41 -58.51
N LYS H 4 -6.75 16.88 -58.04
CA LYS H 4 -7.32 16.59 -56.72
C LYS H 4 -6.39 17.03 -55.59
N ASP H 5 -6.20 18.35 -55.50
CA ASP H 5 -5.40 18.93 -54.41
C ASP H 5 -6.21 18.94 -53.11
N GLY H 6 -6.35 17.76 -52.52
CA GLY H 6 -7.14 17.61 -51.31
C GLY H 6 -6.34 17.86 -50.06
N VAL H 7 -6.19 16.85 -49.22
CA VAL H 7 -5.31 16.91 -48.06
C VAL H 7 -4.26 15.79 -48.08
N TYR H 8 -4.67 14.57 -48.41
CA TYR H 8 -3.78 13.43 -48.47
C TYR H 8 -3.40 13.06 -49.89
N GLU H 9 -3.76 13.88 -50.88
CA GLU H 9 -3.64 13.51 -52.27
C GLU H 9 -2.54 14.26 -53.00
N ASN H 10 -1.55 14.79 -52.28
CA ASN H 10 -0.30 15.23 -52.88
C ASN H 10 0.85 14.31 -52.50
N ILE H 11 0.55 13.21 -51.83
CA ILE H 11 1.54 12.24 -51.38
C ILE H 11 1.23 10.93 -52.06
N PRO H 12 2.22 10.20 -52.59
CA PRO H 12 1.93 8.90 -53.21
C PRO H 12 1.64 7.76 -52.24
N PHE H 13 1.54 8.06 -50.95
CA PHE H 13 1.08 7.10 -49.95
C PHE H 13 -0.41 6.83 -50.11
N LYS H 14 -0.90 5.86 -49.34
CA LYS H 14 -2.33 5.62 -49.17
C LYS H 14 -2.57 5.56 -47.67
N VAL H 15 -2.81 6.72 -47.06
CA VAL H 15 -2.79 6.83 -45.61
C VAL H 15 -4.10 6.30 -45.02
N LYS H 16 -5.23 6.88 -45.44
CA LYS H 16 -6.52 6.48 -44.94
C LYS H 16 -7.25 5.62 -45.97
N GLY H 17 -8.09 4.72 -45.50
CA GLY H 17 -8.75 3.78 -46.37
C GLY H 17 -7.91 2.60 -46.79
N ARG H 18 -6.76 2.40 -46.15
CA ARG H 18 -5.91 1.26 -46.44
C ARG H 18 -6.53 0.00 -45.83
N LYS H 19 -6.29 -1.14 -46.48
CA LYS H 19 -6.84 -2.41 -46.01
C LYS H 19 -6.14 -2.85 -44.73
N THR H 20 -4.82 -2.75 -44.68
CA THR H 20 -3.88 -3.01 -43.60
C THR H 20 -3.58 -1.71 -42.84
N PRO H 21 -3.23 -1.79 -41.55
CA PRO H 21 -2.88 -0.57 -40.82
C PRO H 21 -1.62 0.09 -41.36
N TYR H 22 -1.59 1.42 -41.24
CA TYR H 22 -0.57 2.21 -41.90
C TYR H 22 0.79 2.09 -41.23
N ALA H 23 0.83 1.77 -39.93
CA ALA H 23 2.10 1.57 -39.23
C ALA H 23 2.87 0.36 -39.76
N LEU H 24 2.18 -0.58 -40.39
CA LEU H 24 2.86 -1.64 -41.14
C LEU H 24 3.59 -1.07 -42.34
N SER H 25 2.96 -0.17 -43.09
CA SER H 25 3.51 0.34 -44.32
C SER H 25 4.33 1.61 -44.14
N HIS H 26 4.43 2.12 -42.92
CA HIS H 26 5.23 3.31 -42.65
C HIS H 26 6.52 3.00 -41.92
N PHE H 27 6.44 2.23 -40.83
CA PHE H 27 7.66 1.71 -40.22
C PHE H 27 8.33 0.69 -41.14
N GLY H 28 7.54 -0.04 -41.94
CA GLY H 28 8.06 -0.97 -42.91
C GLY H 28 8.72 -0.35 -44.11
N PHE H 29 8.69 0.97 -44.24
CA PHE H 29 9.51 1.67 -45.21
C PHE H 29 10.78 2.22 -44.59
N PHE H 30 10.75 2.56 -43.31
CA PHE H 30 11.88 3.19 -42.64
C PHE H 30 12.72 2.22 -41.83
N ALA H 31 12.18 1.07 -41.42
CA ALA H 31 13.02 0.04 -40.84
C ALA H 31 13.69 -0.82 -41.89
N ILE H 32 13.05 -0.98 -43.05
CA ILE H 32 13.68 -1.64 -44.19
C ILE H 32 14.88 -0.83 -44.67
N GLY H 33 14.74 0.50 -44.69
CA GLY H 33 15.88 1.37 -44.94
C GLY H 33 16.91 1.35 -43.86
N PHE H 34 16.54 0.93 -42.65
CA PHE H 34 17.50 0.75 -41.58
C PHE H 34 18.20 -0.60 -41.63
N ALA H 35 17.59 -1.60 -42.26
CA ALA H 35 18.12 -2.95 -42.25
C ALA H 35 18.90 -3.29 -43.50
N VAL H 36 19.16 -2.33 -44.39
CA VAL H 36 20.02 -2.59 -45.54
C VAL H 36 21.52 -2.63 -45.20
N PRO H 37 22.11 -1.89 -44.23
CA PRO H 37 23.51 -2.19 -43.90
C PRO H 37 23.67 -3.47 -43.10
N PHE H 38 22.63 -3.94 -42.43
CA PHE H 38 22.68 -5.17 -41.67
C PHE H 38 22.53 -6.41 -42.55
N VAL H 39 22.34 -6.24 -43.85
CA VAL H 39 22.54 -7.32 -44.81
C VAL H 39 23.79 -7.11 -45.64
N ALA H 40 24.39 -5.92 -45.60
CA ALA H 40 25.74 -5.73 -46.10
C ALA H 40 26.79 -6.19 -45.09
N CYS H 41 26.42 -6.26 -43.81
CA CYS H 41 27.22 -6.86 -42.76
C CYS H 41 26.95 -8.35 -42.61
N TYR H 42 26.14 -8.92 -43.50
CA TYR H 42 25.80 -10.33 -43.46
C TYR H 42 26.41 -11.11 -44.61
N VAL H 43 26.15 -10.69 -45.87
CA VAL H 43 26.68 -11.41 -47.02
C VAL H 43 28.12 -11.07 -47.32
N GLN H 44 28.72 -10.13 -46.60
CA GLN H 44 30.14 -9.86 -46.73
C GLN H 44 30.97 -10.43 -45.60
N LEU H 45 30.33 -10.83 -44.49
CA LEU H 45 31.04 -11.57 -43.46
C LEU H 45 30.98 -13.07 -43.74
N LYS H 46 29.79 -13.58 -44.08
CA LYS H 46 29.62 -14.99 -44.38
C LYS H 46 30.40 -15.42 -45.62
N LYS H 47 30.58 -14.50 -46.57
CA LYS H 47 31.47 -14.77 -47.69
C LYS H 47 32.93 -14.78 -47.24
N SER H 48 33.30 -13.88 -46.34
CA SER H 48 34.68 -13.74 -45.90
C SER H 48 34.96 -14.47 -44.59
N GLY H 49 34.29 -15.60 -44.36
CA GLY H 49 34.63 -16.50 -43.28
C GLY H 49 33.91 -16.23 -41.96
N ALA H 50 33.71 -14.98 -41.60
CA ALA H 50 33.10 -14.64 -40.32
C ALA H 50 31.60 -14.90 -40.34
N PHE H 51 30.97 -14.76 -39.19
CA PHE H 51 29.54 -15.01 -39.07
C PHE H 51 28.86 -14.04 -38.12
N ILE I 1 7.23 64.81 -18.12
CA ILE I 1 7.58 64.89 -19.53
C ILE I 1 9.10 64.92 -19.72
N ALA I 2 9.60 63.99 -20.53
CA ALA I 2 11.01 63.88 -20.84
C ALA I 2 11.18 63.16 -22.17
N PRO I 3 11.86 63.75 -23.15
CA PRO I 3 12.00 63.11 -24.47
C PRO I 3 13.01 61.96 -24.43
N ILE I 4 12.57 60.82 -23.87
CA ILE I 4 13.48 59.70 -23.66
C ILE I 4 13.68 58.96 -24.97
N THR I 5 14.95 58.78 -25.35
CA THR I 5 15.34 58.15 -26.60
C THR I 5 16.58 57.32 -26.34
N GLY I 6 16.74 56.24 -27.10
CA GLY I 6 17.92 55.42 -26.95
C GLY I 6 17.82 54.38 -25.85
N THR I 7 16.84 53.48 -25.97
CA THR I 7 16.77 52.32 -25.11
C THR I 7 17.44 51.10 -25.75
N ILE I 8 17.47 51.04 -27.07
CA ILE I 8 18.19 49.98 -27.76
C ILE I 8 19.65 50.36 -27.99
N LYS I 9 19.93 51.64 -28.26
CA LYS I 9 21.30 52.10 -28.39
C LYS I 9 22.09 51.95 -27.10
N ARG I 10 21.44 52.14 -25.96
CA ARG I 10 22.06 51.87 -24.68
C ARG I 10 22.05 50.39 -24.33
N ARG I 11 21.46 49.55 -25.18
CA ARG I 11 21.51 48.10 -25.00
C ARG I 11 22.14 47.42 -26.21
N VAL I 12 22.99 48.14 -26.94
CA VAL I 12 23.94 47.54 -27.85
C VAL I 12 25.37 47.81 -27.43
N ILE I 13 25.70 49.05 -27.07
CA ILE I 13 27.04 49.39 -26.60
C ILE I 13 27.32 48.75 -25.25
N MET I 14 26.34 48.77 -24.33
CA MET I 14 26.41 47.99 -23.10
C MET I 14 26.42 46.49 -23.37
N ASP I 15 25.84 46.08 -24.49
CA ASP I 15 25.69 44.69 -24.87
C ASP I 15 26.89 44.13 -25.60
N ILE I 16 27.54 44.93 -26.46
CA ILE I 16 28.72 44.45 -27.18
C ILE I 16 29.92 44.38 -26.26
N VAL I 17 30.23 45.49 -25.58
CA VAL I 17 31.52 45.59 -24.89
C VAL I 17 31.58 44.78 -23.61
N LEU I 18 30.43 44.33 -23.10
CA LEU I 18 30.43 43.39 -21.99
C LEU I 18 30.51 41.94 -22.46
N GLY I 19 30.60 41.73 -23.77
CA GLY I 19 30.92 40.42 -24.32
C GLY I 19 32.39 40.36 -24.69
N PHE I 20 32.95 41.49 -25.12
CA PHE I 20 34.40 41.59 -25.28
C PHE I 20 35.09 41.50 -23.93
N SER I 21 34.50 42.10 -22.90
CA SER I 21 34.99 41.91 -21.54
C SER I 21 34.67 40.51 -21.03
N LEU I 22 33.71 39.82 -21.63
CA LEU I 22 33.48 38.42 -21.34
C LEU I 22 34.23 37.50 -22.28
N GLY I 23 34.74 38.01 -23.38
CA GLY I 23 35.63 37.26 -24.24
C GLY I 23 37.08 37.35 -23.82
N GLY I 24 37.37 38.10 -22.76
CA GLY I 24 38.71 38.23 -22.26
C GLY I 24 38.94 37.41 -21.02
N VAL I 25 37.94 37.35 -20.13
CA VAL I 25 38.07 36.59 -18.90
C VAL I 25 37.97 35.08 -19.10
N MET I 26 37.66 34.64 -20.32
CA MET I 26 37.81 33.25 -20.68
C MET I 26 39.07 33.00 -21.51
N ALA I 27 39.64 34.04 -22.11
CA ALA I 27 40.78 33.90 -23.00
C ALA I 27 42.11 34.29 -22.35
N SER I 28 42.11 35.32 -21.51
CA SER I 28 43.33 35.68 -20.81
C SER I 28 43.66 34.70 -19.70
N TYR I 29 42.68 33.95 -19.20
CA TYR I 29 42.99 32.83 -18.33
C TYR I 29 43.52 31.65 -19.13
N TRP I 30 43.01 31.47 -20.35
CA TRP I 30 43.43 30.36 -21.19
C TRP I 30 44.86 30.53 -21.69
N TRP I 31 45.31 31.76 -21.85
CA TRP I 31 46.67 32.02 -22.30
C TRP I 31 47.65 32.22 -21.15
N TRP I 32 47.16 32.38 -19.91
CA TRP I 32 48.03 32.53 -18.76
C TRP I 32 47.94 31.35 -17.80
N GLY I 33 46.74 30.99 -17.38
CA GLY I 33 46.58 29.87 -16.48
C GLY I 33 46.69 28.51 -17.12
N PHE I 34 46.70 28.44 -18.46
CA PHE I 34 46.91 27.18 -19.16
C PHE I 34 48.12 27.22 -20.08
N HIS I 35 48.25 28.23 -20.92
CA HIS I 35 49.33 28.25 -21.90
C HIS I 35 50.67 28.58 -21.23
N MET I 36 50.71 29.65 -20.43
CA MET I 36 51.91 29.96 -19.67
C MET I 36 52.16 28.95 -18.56
N ASP I 37 51.12 28.26 -18.09
CA ASP I 37 51.34 27.14 -17.18
C ASP I 37 51.99 25.97 -17.92
N LYS I 38 51.66 25.77 -19.19
CA LYS I 38 52.30 24.70 -19.95
C LYS I 38 53.72 25.06 -20.38
N ILE I 39 53.99 26.34 -20.65
CA ILE I 39 55.35 26.74 -20.97
C ILE I 39 56.21 26.83 -19.71
N ASN I 40 55.59 26.84 -18.52
CA ASN I 40 56.36 26.81 -17.28
C ASN I 40 57.02 25.45 -17.09
N LYS I 41 56.31 24.38 -17.44
CA LYS I 41 56.85 23.04 -17.26
C LYS I 41 57.95 22.74 -18.28
N ARG I 42 57.76 23.16 -19.53
CA ARG I 42 58.76 22.88 -20.55
C ARG I 42 59.98 23.77 -20.41
N GLU I 43 59.85 24.96 -19.83
CA GLU I 43 61.02 25.76 -19.50
C GLU I 43 61.75 25.17 -18.30
N LYS I 44 61.03 24.48 -17.42
CA LYS I 44 61.64 23.90 -16.24
C LYS I 44 62.44 22.64 -16.58
N PHE I 45 61.83 21.73 -17.36
CA PHE I 45 62.47 20.46 -17.65
C PHE I 45 63.67 20.63 -18.58
N TYR I 46 63.58 21.54 -19.54
CA TYR I 46 64.73 21.80 -20.41
C TYR I 46 65.85 22.51 -19.67
N ALA I 47 65.54 23.20 -18.57
CA ALA I 47 66.57 23.73 -17.68
C ALA I 47 67.12 22.65 -16.74
N GLU I 48 66.44 21.52 -16.61
CA GLU I 48 66.96 20.36 -15.89
C GLU I 48 67.62 19.35 -16.81
N LEU I 49 67.79 19.70 -18.09
CA LEU I 49 68.62 18.94 -19.00
C LEU I 49 69.94 19.64 -19.29
N ALA I 50 69.96 20.97 -19.22
CA ALA I 50 71.19 21.74 -19.34
C ALA I 50 71.99 21.76 -18.06
N GLU I 51 71.42 21.27 -16.96
CA GLU I 51 72.18 21.17 -15.70
C GLU I 51 73.22 20.07 -15.77
N ARG I 52 72.95 19.01 -16.53
CA ARG I 52 73.87 17.89 -16.65
C ARG I 52 75.08 18.31 -17.48
N LYS I 53 76.21 18.55 -16.83
CA LYS I 53 77.43 18.90 -17.53
C LYS I 53 78.60 18.02 -17.07
N ASN J 1 83.73 14.54 -32.05
CA ASN J 1 82.87 15.68 -31.77
C ASN J 1 81.67 15.71 -32.71
N SER J 2 81.90 16.17 -33.93
CA SER J 2 80.86 16.23 -34.97
C SER J 2 81.36 15.43 -36.18
N PRO J 3 81.21 14.10 -36.16
CA PRO J 3 81.75 13.29 -37.25
C PRO J 3 80.80 13.12 -38.43
N LEU J 4 79.55 13.57 -38.30
CA LEU J 4 78.56 13.36 -39.35
C LEU J 4 78.76 14.33 -40.50
N HIS J 5 78.37 13.88 -41.69
CA HIS J 5 78.54 14.67 -42.90
C HIS J 5 77.52 14.21 -43.93
N THR J 6 76.87 15.17 -44.60
CA THR J 6 75.86 14.87 -45.60
C THR J 6 75.78 16.05 -46.57
N VAL J 7 74.87 15.95 -47.54
CA VAL J 7 74.73 16.96 -48.56
C VAL J 7 74.04 18.20 -47.96
N GLY J 8 74.49 19.37 -48.39
CA GLY J 8 74.02 20.62 -47.81
C GLY J 8 72.67 21.10 -48.31
N PHE J 9 72.58 22.39 -48.61
CA PHE J 9 71.29 23.00 -48.94
C PHE J 9 70.83 22.64 -50.34
N ASP J 10 71.74 22.77 -51.33
CA ASP J 10 71.47 22.56 -52.76
C ASP J 10 70.36 23.52 -53.22
N ALA J 11 70.75 24.80 -53.30
CA ALA J 11 69.80 25.90 -53.48
C ALA J 11 69.04 25.86 -54.81
N ARG J 12 69.50 25.09 -55.80
CA ARG J 12 68.72 24.95 -57.03
C ARG J 12 67.51 24.05 -56.86
N PHE J 13 67.45 23.27 -55.78
CA PHE J 13 66.26 22.50 -55.41
C PHE J 13 65.95 22.77 -53.95
N PRO J 14 65.33 23.91 -53.62
CA PRO J 14 65.10 24.27 -52.23
C PRO J 14 63.75 23.87 -51.65
N GLN J 15 62.89 23.21 -52.43
CA GLN J 15 61.54 22.91 -52.00
C GLN J 15 61.51 21.62 -51.19
N GLN J 16 60.31 21.18 -50.81
CA GLN J 16 60.16 19.92 -50.10
C GLN J 16 60.35 18.73 -51.03
N ASN J 17 59.86 18.84 -52.26
CA ASN J 17 60.03 17.79 -53.26
C ASN J 17 61.47 17.80 -53.74
N GLN J 18 62.24 16.79 -53.31
CA GLN J 18 63.64 16.67 -53.69
C GLN J 18 63.87 15.52 -54.67
N THR J 19 62.90 15.26 -55.54
CA THR J 19 63.00 14.11 -56.43
C THR J 19 63.93 14.41 -57.61
N LYS J 20 63.87 15.63 -58.15
CA LYS J 20 64.82 16.03 -59.18
C LYS J 20 66.23 16.20 -58.62
N HIS J 21 66.35 16.43 -57.31
CA HIS J 21 67.67 16.37 -56.68
C HIS J 21 68.21 14.96 -56.70
N CYS J 22 67.35 13.96 -56.49
CA CYS J 22 67.77 12.57 -56.59
C CYS J 22 68.01 12.16 -58.03
N TRP J 23 67.28 12.76 -58.97
CA TRP J 23 67.38 12.38 -60.38
C TRP J 23 68.60 13.01 -61.04
N GLN J 24 68.79 14.32 -60.86
CA GLN J 24 69.86 15.01 -61.56
C GLN J 24 71.23 14.66 -61.01
N SER J 25 71.32 14.33 -59.70
CA SER J 25 72.59 13.89 -59.15
C SER J 25 72.95 12.49 -59.61
N TYR J 26 71.95 11.67 -59.95
CA TYR J 26 72.23 10.45 -60.70
C TYR J 26 72.69 10.77 -62.11
N VAL J 27 72.17 11.85 -62.69
CA VAL J 27 72.57 12.25 -64.04
C VAL J 27 73.95 12.87 -64.02
N ASP J 28 74.16 13.87 -63.14
CA ASP J 28 75.42 14.61 -63.11
C ASP J 28 76.60 13.76 -62.67
N TYR J 29 76.36 12.64 -61.98
CA TYR J 29 77.44 11.70 -61.73
C TYR J 29 77.77 10.90 -62.98
N HIS J 30 76.77 10.30 -63.60
CA HIS J 30 76.99 9.44 -64.76
C HIS J 30 77.22 10.21 -66.05
N LYS J 31 77.02 11.53 -66.05
CA LYS J 31 77.53 12.35 -67.14
C LYS J 31 78.97 12.74 -66.92
N CYS J 32 79.45 12.66 -65.68
CA CYS J 32 80.82 13.01 -65.36
C CYS J 32 81.77 11.85 -65.65
N VAL J 33 81.32 10.61 -65.48
CA VAL J 33 82.21 9.47 -65.64
C VAL J 33 82.52 9.18 -67.09
N ASN J 34 81.75 9.73 -68.03
CA ASN J 34 82.00 9.53 -69.45
C ASN J 34 82.65 10.74 -70.12
N MET J 35 82.36 11.94 -69.65
CA MET J 35 82.86 13.16 -70.26
C MET J 35 83.64 13.95 -69.21
N LYS J 36 84.85 14.39 -69.59
CA LYS J 36 85.79 15.16 -68.78
C LYS J 36 86.11 14.40 -67.48
N GLY J 37 86.80 13.29 -67.68
CA GLY J 37 87.32 12.51 -66.58
C GLY J 37 88.78 12.76 -66.32
N GLU J 38 89.10 13.63 -65.35
CA GLU J 38 90.48 13.85 -64.95
C GLU J 38 90.74 13.46 -63.50
N ASP J 39 89.71 13.44 -62.66
CA ASP J 39 89.82 12.99 -61.28
C ASP J 39 88.44 12.55 -60.81
N PHE J 40 88.37 12.10 -59.57
CA PHE J 40 87.11 11.63 -59.03
C PHE J 40 86.57 12.49 -57.89
N ALA J 41 87.38 13.36 -57.30
CA ALA J 41 86.96 14.11 -56.11
C ALA J 41 85.93 15.21 -56.40
N PRO J 42 85.99 15.98 -57.50
CA PRO J 42 84.79 16.73 -57.89
C PRO J 42 83.75 15.92 -58.64
N CYS J 43 84.07 14.67 -58.98
CA CYS J 43 83.14 13.76 -59.61
C CYS J 43 82.38 12.90 -58.61
N LYS J 44 82.85 12.77 -57.38
CA LYS J 44 82.14 12.01 -56.36
C LYS J 44 81.26 12.89 -55.48
N VAL J 45 81.21 14.20 -55.72
CA VAL J 45 80.24 15.02 -55.03
C VAL J 45 78.84 14.76 -55.60
N PHE J 46 78.77 14.26 -56.82
CA PHE J 46 77.52 13.77 -57.38
C PHE J 46 77.33 12.27 -57.15
N TRP J 47 78.38 11.57 -56.72
CA TRP J 47 78.21 10.20 -56.25
C TRP J 47 77.76 10.17 -54.80
N LYS J 48 78.37 11.00 -53.95
CA LYS J 48 77.97 11.06 -52.55
C LYS J 48 76.61 11.73 -52.36
N THR J 49 76.13 12.46 -53.36
CA THR J 49 74.81 13.09 -53.22
C THR J 49 73.69 12.09 -53.45
N TYR J 50 73.75 11.31 -54.54
CA TYR J 50 72.65 10.44 -54.92
C TYR J 50 72.62 9.12 -54.15
N ASN J 51 73.67 8.79 -53.38
CA ASN J 51 73.51 7.73 -52.41
C ASN J 51 72.62 8.18 -51.26
N ALA J 52 72.79 9.43 -50.83
CA ALA J 52 71.78 10.03 -49.97
C ALA J 52 70.54 10.38 -50.79
N LEU J 53 69.44 10.64 -50.07
CA LEU J 53 68.15 11.12 -50.58
C LEU J 53 67.62 10.34 -51.79
N CYS J 54 67.91 9.04 -51.85
CA CYS J 54 67.41 8.19 -52.91
C CYS J 54 67.14 6.81 -52.33
N PRO J 55 66.03 6.18 -52.70
CA PRO J 55 65.78 4.81 -52.22
C PRO J 55 66.64 3.79 -52.96
N LEU J 56 66.73 2.60 -52.37
CA LEU J 56 67.58 1.56 -52.94
C LEU J 56 66.93 0.88 -54.14
N ASP J 57 65.60 0.79 -54.17
CA ASP J 57 64.93 0.18 -55.31
C ASP J 57 64.97 1.10 -56.52
N TRP J 58 65.09 2.41 -56.30
CA TRP J 58 65.20 3.36 -57.40
C TRP J 58 66.57 3.27 -58.07
N ILE J 59 67.62 3.11 -57.27
CA ILE J 59 68.96 2.93 -57.82
C ILE J 59 69.07 1.59 -58.52
N GLU J 60 68.36 0.58 -58.02
CA GLU J 60 68.23 -0.68 -58.75
C GLU J 60 67.45 -0.48 -60.04
N LYS J 61 66.46 0.42 -60.02
CA LYS J 61 65.71 0.71 -61.24
C LYS J 61 66.57 1.47 -62.24
N TRP J 62 67.24 2.55 -61.78
CA TRP J 62 68.03 3.39 -62.67
C TRP J 62 69.25 2.68 -63.23
N ASP J 63 69.73 1.63 -62.57
CA ASP J 63 70.79 0.81 -63.11
C ASP J 63 70.28 -0.35 -63.96
N ASP J 64 68.97 -0.56 -64.01
CA ASP J 64 68.36 -1.54 -64.90
C ASP J 64 67.82 -0.90 -66.16
N GLN J 65 67.25 0.30 -66.06
CA GLN J 65 66.87 1.04 -67.27
C GLN J 65 68.10 1.48 -68.06
N ARG J 66 69.23 1.67 -67.38
CA ARG J 66 70.46 2.01 -68.07
C ARG J 66 71.04 0.81 -68.80
N GLU J 67 70.73 -0.41 -68.35
CA GLU J 67 71.43 -1.58 -68.86
C GLU J 67 70.84 -2.08 -70.18
N LYS J 68 69.52 -2.00 -70.33
CA LYS J 68 68.88 -2.32 -71.60
C LYS J 68 68.80 -1.11 -72.53
N GLY J 69 69.41 0.01 -72.17
CA GLY J 69 69.30 1.22 -72.96
C GLY J 69 67.95 1.89 -72.89
N ILE J 70 67.11 1.51 -71.94
CA ILE J 70 65.77 2.04 -71.80
C ILE J 70 65.71 3.13 -70.73
N PHE J 71 66.86 3.74 -70.41
CA PHE J 71 66.88 4.87 -69.50
C PHE J 71 66.21 6.08 -70.16
N ALA J 72 65.15 6.57 -69.53
CA ALA J 72 64.36 7.66 -70.11
C ALA J 72 65.13 8.97 -70.13
N GLY J 73 66.08 9.14 -69.24
CA GLY J 73 66.91 10.32 -69.26
C GLY J 73 68.08 10.19 -70.22
N ASP J 74 68.66 11.33 -70.56
CA ASP J 74 69.87 11.38 -71.38
C ASP J 74 71.02 10.85 -70.54
N ILE J 75 71.47 9.63 -70.84
CA ILE J 75 72.54 9.02 -70.07
C ILE J 75 73.90 9.20 -70.75
N ASN J 76 73.92 9.28 -72.08
CA ASN J 76 75.15 9.35 -72.86
C ASN J 76 75.42 10.80 -73.24
N SER J 77 76.38 11.43 -72.56
CA SER J 77 76.82 12.76 -72.95
C SER J 77 77.70 12.74 -74.18
N ASP J 78 78.52 11.70 -74.32
CA ASP J 78 79.41 11.56 -75.45
C ASP J 78 78.65 11.19 -76.73
N ASN K 1 -23.63 43.90 -71.20
CA ASN K 1 -23.74 42.68 -70.41
C ASN K 1 -22.89 42.76 -69.15
N ALA K 2 -22.67 41.61 -68.52
CA ALA K 2 -21.89 41.55 -67.30
C ALA K 2 -20.52 40.91 -67.54
N LEU K 3 -19.50 41.50 -66.93
CA LEU K 3 -18.15 40.96 -66.73
C LEU K 3 -17.36 40.60 -68.00
N LYS K 4 -17.90 40.85 -69.19
CA LYS K 4 -17.17 40.58 -70.44
C LYS K 4 -17.13 41.80 -71.36
N PRO K 5 -16.52 42.94 -70.91
CA PRO K 5 -16.46 44.11 -71.81
C PRO K 5 -15.49 43.96 -72.98
N ALA K 6 -14.22 43.69 -72.69
CA ALA K 6 -13.11 43.65 -73.64
C ALA K 6 -11.87 43.21 -72.86
N PHE K 7 -10.84 42.80 -73.60
CA PHE K 7 -9.57 42.44 -72.95
C PHE K 7 -8.85 43.68 -72.43
N GLY K 8 -8.49 44.59 -73.32
CA GLY K 8 -7.78 45.79 -72.96
C GLY K 8 -7.86 46.86 -74.03
N PRO K 9 -7.02 47.88 -73.92
CA PRO K 9 -7.03 48.96 -74.91
C PRO K 9 -6.11 48.65 -76.08
N PRO K 10 -6.64 48.62 -77.31
CA PRO K 10 -5.77 48.48 -78.50
C PRO K 10 -5.17 49.82 -78.91
N ASP K 11 -4.06 50.16 -78.25
CA ASP K 11 -3.46 51.48 -78.41
C ASP K 11 -2.70 51.62 -79.73
N LYS K 12 -2.19 50.50 -80.28
CA LYS K 12 -1.36 50.45 -81.49
C LYS K 12 -0.08 51.29 -81.36
N VAL K 13 0.45 51.41 -80.14
CA VAL K 13 1.72 52.09 -79.94
C VAL K 13 2.78 51.03 -79.70
N ALA K 14 2.37 49.90 -79.10
CA ALA K 14 3.28 48.77 -78.93
C ALA K 14 3.57 48.07 -80.25
N ALA K 15 2.76 48.30 -81.28
CA ALA K 15 3.09 47.84 -82.62
C ALA K 15 4.10 48.78 -83.27
N GLN K 16 4.35 48.52 -84.56
CA GLN K 16 5.27 49.26 -85.46
C GLN K 16 6.65 49.56 -84.85
N LYS K 17 7.11 48.69 -83.95
CA LYS K 17 8.49 48.70 -83.48
C LYS K 17 9.09 47.31 -83.58
N PHE K 18 8.25 46.30 -83.38
CA PHE K 18 8.65 44.90 -83.56
C PHE K 18 8.39 44.42 -84.98
N LYS K 19 7.33 44.93 -85.63
CA LYS K 19 6.96 44.47 -86.96
C LYS K 19 7.89 45.01 -88.04
N GLU K 20 8.19 46.31 -88.00
CA GLU K 20 9.06 46.89 -89.01
C GLU K 20 10.52 46.47 -88.81
N SER K 21 10.89 46.12 -87.58
CA SER K 21 12.24 45.61 -87.31
C SER K 21 12.41 44.18 -87.79
N LEU K 22 11.31 43.45 -88.01
CA LEU K 22 11.41 42.13 -88.62
C LEU K 22 11.81 42.21 -90.08
N MET K 23 11.49 43.32 -90.76
CA MET K 23 12.01 43.56 -92.10
C MET K 23 13.42 44.16 -92.05
N ALA K 24 13.74 44.88 -90.98
CA ALA K 24 15.08 45.45 -90.84
C ALA K 24 16.10 44.37 -90.51
N THR K 25 15.70 43.39 -89.70
CA THR K 25 16.56 42.24 -89.47
C THR K 25 16.63 41.35 -90.71
N GLU K 26 15.57 41.37 -91.52
CA GLU K 26 15.59 40.66 -92.81
C GLU K 26 16.62 41.27 -93.75
N LYS K 27 16.76 42.60 -93.73
CA LYS K 27 17.87 43.25 -94.42
C LYS K 27 19.20 42.81 -93.82
N HIS K 28 19.27 42.72 -92.49
CA HIS K 28 20.47 42.23 -91.83
C HIS K 28 20.64 40.73 -91.99
N ALA K 29 19.60 40.02 -92.43
CA ALA K 29 19.72 38.63 -92.86
C ALA K 29 20.03 38.52 -94.35
N LYS K 30 20.09 39.66 -95.07
CA LYS K 30 20.35 39.67 -96.50
C LYS K 30 21.77 40.12 -96.84
N ASP K 31 22.16 41.32 -96.42
CA ASP K 31 23.44 41.87 -96.84
C ASP K 31 24.60 41.30 -96.03
N THR K 32 24.33 40.89 -94.78
CA THR K 32 25.39 40.28 -93.98
C THR K 32 25.62 38.84 -94.39
N SER K 33 24.56 38.13 -94.79
CA SER K 33 24.73 36.78 -95.32
C SER K 33 25.42 36.81 -96.68
N ASN K 34 25.23 37.89 -97.45
CA ASN K 34 25.96 38.08 -98.69
C ASN K 34 27.36 38.63 -98.47
N MET K 35 27.71 39.01 -97.24
CA MET K 35 29.09 39.37 -96.94
C MET K 35 29.95 38.13 -96.75
N TRP K 36 29.35 37.00 -96.37
CA TRP K 36 30.10 35.77 -96.14
C TRP K 36 30.25 34.92 -97.40
N VAL K 37 29.51 35.21 -98.47
CA VAL K 37 29.66 34.43 -99.70
C VAL K 37 30.95 34.78 -100.43
N LYS K 38 31.50 35.99 -100.20
CA LYS K 38 32.77 36.37 -100.79
C LYS K 38 33.97 35.84 -100.03
N ILE K 39 33.75 35.16 -98.90
CA ILE K 39 34.84 34.67 -98.07
C ILE K 39 34.73 33.19 -97.74
N SER K 40 33.56 32.57 -97.90
CA SER K 40 33.41 31.14 -97.65
C SER K 40 33.70 30.31 -98.90
N VAL K 41 32.98 30.59 -99.98
CA VAL K 41 33.18 29.85 -101.24
C VAL K 41 34.21 30.53 -102.13
N TRP K 42 34.58 31.78 -101.84
CA TRP K 42 35.53 32.52 -102.67
C TRP K 42 36.92 32.65 -102.05
N VAL K 43 37.03 32.55 -100.72
CA VAL K 43 38.32 32.63 -100.04
C VAL K 43 38.66 31.31 -99.35
N ALA K 44 37.75 30.80 -98.53
CA ALA K 44 38.07 29.64 -97.69
C ALA K 44 38.12 28.35 -98.50
N LEU K 45 37.21 28.18 -99.46
CA LEU K 45 37.25 27.00 -100.31
C LEU K 45 38.42 27.01 -101.31
N PRO K 46 38.87 28.15 -101.85
CA PRO K 46 40.19 28.14 -102.50
C PRO K 46 41.36 28.01 -101.52
N ALA K 47 41.18 28.35 -100.25
CA ALA K 47 42.26 28.18 -99.28
C ALA K 47 42.49 26.70 -98.97
N ILE K 48 41.42 25.91 -98.91
CA ILE K 48 41.58 24.47 -98.77
C ILE K 48 41.86 23.81 -100.12
N ALA K 49 41.68 24.53 -101.22
CA ALA K 49 42.03 23.98 -102.53
C ALA K 49 43.53 23.96 -102.75
N LEU K 50 44.27 24.80 -102.01
CA LEU K 50 45.73 24.77 -102.03
C LEU K 50 46.31 24.06 -100.82
N THR K 51 45.50 23.73 -99.83
CA THR K 51 45.94 23.07 -98.60
C THR K 51 45.72 21.57 -98.64
N ALA K 52 44.59 21.11 -99.21
CA ALA K 52 44.32 19.68 -99.29
C ALA K 52 45.29 18.98 -100.24
N VAL K 53 45.61 19.61 -101.38
CA VAL K 53 46.60 19.04 -102.28
C VAL K 53 48.01 19.17 -101.71
N ASN K 54 48.23 20.13 -100.81
CA ASN K 54 49.48 20.18 -100.06
C ASN K 54 49.58 18.99 -99.10
N THR K 55 48.44 18.54 -98.58
CA THR K 55 48.38 17.36 -97.73
C THR K 55 47.97 16.10 -98.49
N TYR K 56 47.64 16.20 -99.78
CA TYR K 56 47.46 15.00 -100.58
C TYR K 56 48.80 14.41 -101.00
N PHE K 57 49.84 15.24 -101.06
CA PHE K 57 51.16 14.77 -101.46
C PHE K 57 52.01 14.32 -100.28
N VAL K 58 51.85 14.94 -99.10
CA VAL K 58 52.56 14.48 -97.92
C VAL K 58 51.88 13.32 -97.24
N GLU K 59 50.65 12.96 -97.67
CA GLU K 59 50.03 11.74 -97.19
C GLU K 59 50.68 10.51 -97.82
N LYS K 60 51.05 10.61 -99.10
CA LYS K 60 51.57 9.46 -99.83
C LYS K 60 52.99 9.10 -99.39
N GLU K 61 53.78 10.07 -98.93
CA GLU K 61 55.12 9.76 -98.45
C GLU K 61 55.08 9.13 -97.06
N HIS K 62 53.97 9.29 -96.33
CA HIS K 62 53.77 8.57 -95.08
C HIS K 62 53.01 7.27 -95.27
N ALA K 63 52.16 7.20 -96.30
CA ALA K 63 51.48 5.94 -96.62
C ALA K 63 52.47 4.88 -97.09
N GLU K 64 53.55 5.30 -97.74
CA GLU K 64 54.64 4.38 -98.07
C GLU K 64 55.60 4.17 -96.90
N HIS K 65 55.58 5.08 -95.92
CA HIS K 65 56.48 4.94 -94.77
C HIS K 65 56.02 3.84 -93.83
N ARG K 66 54.70 3.62 -93.73
CA ARG K 66 54.18 2.54 -92.90
C ARG K 66 54.46 1.17 -93.48
N GLU K 67 54.68 1.07 -94.79
CA GLU K 67 54.96 -0.22 -95.42
C GLU K 67 56.36 -0.72 -95.06
N HIS K 68 57.26 0.18 -94.65
CA HIS K 68 58.60 -0.24 -94.24
C HIS K 68 58.57 -0.97 -92.91
N LEU K 69 57.81 -0.45 -91.95
CA LEU K 69 57.88 -0.97 -90.59
C LEU K 69 57.07 -2.27 -90.45
N LYS K 70 55.98 -2.39 -91.20
CA LYS K 70 55.18 -3.62 -91.17
C LYS K 70 55.81 -4.75 -91.98
N HIS K 71 56.78 -4.45 -92.84
CA HIS K 71 57.42 -5.49 -93.63
C HIS K 71 58.38 -6.30 -92.79
N VAL K 72 59.50 -5.70 -92.38
CA VAL K 72 60.53 -6.32 -91.55
C VAL K 72 61.05 -5.31 -90.54
N PRO K 73 61.38 -5.73 -89.31
CA PRO K 73 62.18 -4.87 -88.43
C PRO K 73 63.67 -5.01 -88.67
N ASP K 74 64.09 -6.13 -89.28
CA ASP K 74 65.42 -6.51 -89.78
C ASP K 74 66.44 -6.83 -88.69
N SER K 75 66.16 -6.49 -87.44
CA SER K 75 66.73 -7.25 -86.33
C SER K 75 65.62 -7.67 -85.39
N GLU K 76 64.95 -6.68 -84.80
CA GLU K 76 63.87 -6.77 -83.82
C GLU K 76 63.32 -5.36 -83.65
N TRP K 77 62.46 -5.19 -82.66
CA TRP K 77 62.02 -3.87 -82.21
C TRP K 77 63.15 -3.16 -81.47
N PRO K 78 63.13 -1.82 -81.40
CA PRO K 78 64.15 -1.11 -80.60
C PRO K 78 63.96 -1.16 -79.09
N ARG K 79 63.11 -2.06 -78.58
CA ARG K 79 62.88 -2.29 -77.14
C ARG K 79 62.38 -1.03 -76.44
N ASP K 80 61.13 -0.70 -76.76
CA ASP K 80 60.40 0.46 -76.24
C ASP K 80 60.41 0.57 -74.70
N TYR K 81 60.17 1.78 -74.20
CA TYR K 81 60.37 2.08 -72.79
C TYR K 81 59.23 1.49 -71.94
N GLU K 82 59.33 1.72 -70.63
CA GLU K 82 58.39 1.14 -69.68
C GLU K 82 57.05 1.86 -69.63
N PHE K 83 56.99 3.12 -70.09
CA PHE K 83 55.75 3.86 -70.07
C PHE K 83 54.95 3.72 -71.35
N MET K 84 55.59 3.24 -72.42
CA MET K 84 54.91 3.18 -73.71
C MET K 84 53.91 2.04 -73.80
N ASN K 85 54.22 0.90 -73.21
CA ASN K 85 53.31 -0.25 -73.22
C ASN K 85 53.02 -0.65 -71.78
N ILE K 86 51.75 -0.59 -71.40
CA ILE K 86 51.29 -0.99 -70.08
C ILE K 86 50.13 -1.97 -70.26
N ARG K 87 50.18 -3.08 -69.54
CA ARG K 87 49.15 -4.11 -69.64
C ARG K 87 48.78 -4.62 -68.25
N SER K 88 48.53 -3.68 -67.33
CA SER K 88 47.87 -4.02 -66.08
C SER K 88 46.37 -4.09 -66.34
N LYS K 89 45.73 -5.22 -65.96
CA LYS K 89 44.34 -5.57 -66.27
C LYS K 89 44.12 -5.49 -67.78
N PRO K 90 44.53 -6.51 -68.54
CA PRO K 90 44.33 -6.50 -70.00
C PRO K 90 42.85 -6.45 -70.38
N PHE K 91 42.63 -6.09 -71.64
CA PHE K 91 41.33 -5.61 -72.11
C PHE K 91 40.29 -6.73 -72.15
N PHE K 92 39.03 -6.33 -72.23
CA PHE K 92 37.91 -7.22 -71.92
C PHE K 92 37.09 -7.64 -73.13
N TRP K 93 37.03 -6.84 -74.20
CA TRP K 93 36.26 -7.25 -75.37
C TRP K 93 36.94 -8.35 -76.16
N GLY K 94 38.26 -8.48 -76.05
CA GLY K 94 38.97 -9.55 -76.69
C GLY K 94 39.91 -10.26 -75.74
N ASP K 95 41.19 -10.37 -76.10
CA ASP K 95 42.20 -10.96 -75.23
C ASP K 95 43.27 -9.96 -74.84
N GLY K 96 43.86 -9.25 -75.81
CA GLY K 96 44.89 -8.27 -75.52
C GLY K 96 44.84 -7.11 -76.49
N ASP K 97 43.65 -6.78 -76.98
CA ASP K 97 43.51 -5.74 -77.99
C ASP K 97 43.76 -4.37 -77.40
N LYS K 98 44.56 -3.57 -78.12
CA LYS K 98 44.97 -2.27 -77.61
C LYS K 98 43.81 -1.28 -77.57
N THR K 99 42.99 -1.26 -78.62
CA THR K 99 41.85 -0.36 -78.69
C THR K 99 40.81 -0.97 -79.63
N LEU K 100 39.85 -0.15 -80.07
CA LEU K 100 38.80 -0.63 -80.96
C LEU K 100 39.32 -0.89 -82.36
N PHE K 101 40.36 -0.17 -82.77
CA PHE K 101 40.92 -0.31 -84.11
C PHE K 101 42.37 0.16 -84.06
N TRP K 102 43.30 -0.70 -84.46
CA TRP K 102 44.73 -0.40 -84.37
C TRP K 102 45.47 -1.28 -85.35
N ASN K 103 46.20 -0.67 -86.21
CA ASN K 103 47.00 -1.41 -87.16
C ASN K 103 48.38 -1.71 -86.57
N PRO K 104 48.98 -2.85 -86.92
CA PRO K 104 50.31 -3.19 -86.39
C PRO K 104 51.47 -2.45 -87.02
N VAL K 105 51.21 -1.43 -87.85
CA VAL K 105 52.30 -0.67 -88.43
C VAL K 105 52.92 0.27 -87.41
N VAL K 106 52.17 0.62 -86.36
CA VAL K 106 52.67 1.50 -85.30
C VAL K 106 52.47 0.91 -83.91
N ASN K 107 51.75 -0.20 -83.78
CA ASN K 107 51.32 -0.74 -82.49
C ASN K 107 51.65 -2.22 -82.39
N ARG K 108 52.91 -2.58 -82.64
CA ARG K 108 53.29 -3.99 -82.72
C ARG K 108 53.28 -4.65 -81.34
N HIS K 109 53.97 -4.04 -80.38
CA HIS K 109 53.99 -4.45 -78.96
C HIS K 109 54.47 -5.89 -78.80
N ILE K 110 55.74 -6.09 -79.16
CA ILE K 110 56.37 -7.39 -78.95
C ILE K 110 57.02 -7.39 -77.57
N GLU K 111 56.82 -8.48 -76.83
CA GLU K 111 57.34 -8.61 -75.46
C GLU K 111 58.83 -8.90 -75.52
N HIS K 112 59.61 -8.18 -74.72
CA HIS K 112 61.04 -8.44 -74.56
C HIS K 112 61.30 -8.84 -73.11
N ASP K 113 61.12 -10.14 -72.83
CA ASP K 113 61.44 -10.65 -71.51
C ASP K 113 62.94 -10.77 -71.33
N ASP K 114 63.59 -11.52 -72.22
CA ASP K 114 65.04 -11.74 -72.27
C ASP K 114 65.62 -12.29 -70.97
N GLU L 1 19.82 58.37 -14.21
CA GLU L 1 19.24 57.84 -12.98
C GLU L 1 18.49 56.55 -13.25
N SER L 2 18.10 56.34 -14.51
CA SER L 2 17.31 55.18 -14.89
C SER L 2 18.20 53.99 -15.28
N TRP L 3 19.14 54.21 -16.19
CA TRP L 3 19.96 53.14 -16.74
C TRP L 3 21.22 52.88 -15.92
N VAL L 4 21.25 53.29 -14.65
CA VAL L 4 22.42 53.09 -13.82
C VAL L 4 22.15 51.99 -12.80
N ILE L 5 20.88 51.69 -12.56
CA ILE L 5 20.51 50.65 -11.62
C ILE L 5 19.49 49.66 -12.18
N THR L 6 18.78 50.01 -13.26
CA THR L 6 17.87 49.07 -13.90
C THR L 6 18.56 48.27 -14.99
N GLU L 7 19.56 48.85 -15.65
CA GLU L 7 20.39 48.09 -16.58
C GLU L 7 21.33 47.16 -15.84
N GLY L 8 21.58 47.39 -14.55
CA GLY L 8 22.42 46.49 -13.79
C GLY L 8 21.70 45.21 -13.40
N ARG L 9 20.51 45.36 -12.79
CA ARG L 9 19.78 44.23 -12.22
C ARG L 9 19.30 43.23 -13.27
N ARG L 10 19.15 43.66 -14.52
CA ARG L 10 18.87 42.73 -15.60
C ARG L 10 20.09 41.88 -15.95
N LEU L 11 21.30 42.34 -15.60
CA LEU L 11 22.52 41.73 -16.08
C LEU L 11 23.35 41.03 -15.02
N ILE L 12 23.11 41.30 -13.73
CA ILE L 12 23.85 40.62 -12.66
C ILE L 12 23.50 39.13 -12.58
N PRO L 13 22.24 38.68 -12.54
CA PRO L 13 22.02 37.23 -12.57
C PRO L 13 22.07 36.64 -13.97
N GLU L 14 22.35 37.44 -14.99
CA GLU L 14 22.49 36.90 -16.34
C GLU L 14 23.84 36.24 -16.55
N ILE L 15 24.93 36.97 -16.25
CA ILE L 15 26.27 36.41 -16.33
C ILE L 15 26.52 35.41 -15.22
N PHE L 16 25.74 35.45 -14.14
CA PHE L 16 25.74 34.40 -13.14
C PHE L 16 25.09 33.12 -13.68
N GLN L 17 24.24 33.25 -14.69
CA GLN L 17 23.58 32.12 -15.33
C GLN L 17 24.23 31.73 -16.65
N TRP L 18 24.85 32.68 -17.34
CA TRP L 18 25.42 32.40 -18.65
C TRP L 18 26.66 31.53 -18.54
N SER L 19 27.47 31.74 -17.50
CA SER L 19 28.64 30.89 -17.29
C SER L 19 28.25 29.48 -16.88
N ALA L 20 27.06 29.31 -16.30
CA ALA L 20 26.57 27.98 -15.99
C ALA L 20 26.14 27.22 -17.24
N VAL L 21 25.90 27.91 -18.34
CA VAL L 21 25.59 27.21 -19.59
C VAL L 21 26.86 26.66 -20.22
N LEU L 22 27.91 27.48 -20.31
CA LEU L 22 29.15 27.06 -20.94
C LEU L 22 29.91 26.02 -20.11
N SER L 23 29.68 25.97 -18.81
CA SER L 23 30.26 24.91 -18.00
C SER L 23 29.53 23.59 -18.15
N VAL L 24 28.39 23.57 -18.85
CA VAL L 24 27.70 22.34 -19.19
C VAL L 24 27.75 22.08 -20.69
N CYS L 25 27.69 23.15 -21.49
CA CYS L 25 27.76 22.97 -22.95
C CYS L 25 29.19 22.66 -23.41
N LEU L 26 30.18 23.26 -22.77
CA LEU L 26 31.59 23.02 -23.11
C LEU L 26 32.37 22.32 -22.01
N GLY L 27 32.02 22.53 -20.74
CA GLY L 27 32.76 21.97 -19.64
C GLY L 27 32.32 20.60 -19.19
N TRP L 28 31.39 19.97 -19.91
CA TRP L 28 30.96 18.61 -19.57
C TRP L 28 32.01 17.50 -19.72
N PRO L 29 33.09 17.59 -20.53
CA PRO L 29 34.16 16.58 -20.38
C PRO L 29 34.99 16.76 -19.13
N GLY L 30 34.80 17.83 -18.36
CA GLY L 30 35.47 17.98 -17.08
C GLY L 30 34.73 17.31 -15.94
N ALA L 31 33.83 16.40 -16.28
CA ALA L 31 33.11 15.58 -15.31
C ALA L 31 33.26 14.11 -15.58
N VAL L 32 33.25 13.69 -16.85
CA VAL L 32 33.40 12.28 -17.17
C VAL L 32 34.84 11.83 -16.92
N TYR L 33 35.80 12.74 -17.05
CA TYR L 33 37.17 12.43 -16.66
C TYR L 33 37.30 12.41 -15.15
N PHE L 34 36.55 13.27 -14.46
CA PHE L 34 36.62 13.34 -13.00
C PHE L 34 35.95 12.12 -12.36
N PHE L 35 34.89 11.62 -12.97
CA PHE L 35 34.09 10.59 -12.31
C PHE L 35 34.74 9.22 -12.40
N SER L 36 35.29 8.86 -13.55
CA SER L 36 35.84 7.53 -13.78
C SER L 36 37.22 7.65 -14.39
N LYS L 37 38.23 7.77 -13.54
CA LYS L 37 39.61 7.67 -13.98
C LYS L 37 40.06 6.22 -14.04
N ALA L 38 39.41 5.35 -13.27
CA ALA L 38 39.66 3.91 -13.17
C ALA L 38 41.12 3.57 -12.87
N ALA M 1 -53.98 1.14 -31.17
CA ALA M 1 -52.97 1.96 -30.52
C ALA M 1 -51.81 2.24 -31.47
N GLU M 2 -51.71 3.46 -31.94
CA GLU M 2 -50.71 3.81 -32.93
C GLU M 2 -50.36 5.28 -32.79
N VAL M 3 -49.10 5.61 -33.05
CA VAL M 3 -48.59 6.96 -32.96
C VAL M 3 -48.00 7.34 -34.31
N THR M 4 -48.37 8.51 -34.82
CA THR M 4 -47.89 8.99 -36.11
C THR M 4 -47.02 10.23 -35.93
N GLN M 5 -46.28 10.55 -36.99
CA GLN M 5 -45.47 11.77 -37.04
C GLN M 5 -45.64 12.43 -38.39
N LEU M 6 -45.53 13.76 -38.40
CA LEU M 6 -45.32 14.50 -39.64
C LEU M 6 -44.24 15.55 -39.45
N SER M 7 -44.12 16.46 -40.40
CA SER M 7 -43.16 17.54 -40.34
C SER M 7 -43.68 18.66 -41.23
N ASN M 8 -43.63 19.89 -40.73
CA ASN M 8 -44.01 21.06 -41.53
C ASN M 8 -42.96 22.16 -41.43
N GLY M 9 -41.76 21.84 -40.96
CA GLY M 9 -40.91 22.77 -40.27
C GLY M 9 -40.97 22.60 -38.77
N ILE M 10 -41.95 21.84 -38.28
CA ILE M 10 -42.13 21.53 -36.87
C ILE M 10 -42.83 20.17 -36.79
N VAL M 11 -42.36 19.32 -35.89
CA VAL M 11 -42.81 17.93 -35.88
C VAL M 11 -44.09 17.83 -35.05
N VAL M 12 -45.07 17.11 -35.56
CA VAL M 12 -46.35 16.95 -34.89
C VAL M 12 -46.53 15.47 -34.57
N ALA M 13 -46.54 15.14 -33.29
CA ALA M 13 -46.71 13.76 -32.84
C ALA M 13 -48.06 13.62 -32.16
N THR M 14 -48.70 12.47 -32.35
CA THR M 14 -50.03 12.25 -31.77
C THR M 14 -50.20 10.78 -31.44
N GLU M 15 -50.47 10.49 -30.18
CA GLU M 15 -50.80 9.14 -29.74
C GLU M 15 -52.28 9.15 -29.39
N HIS M 16 -53.11 8.92 -30.40
CA HIS M 16 -54.56 9.01 -30.22
C HIS M 16 -55.07 7.83 -29.42
N ASN M 17 -55.91 8.13 -28.43
CA ASN M 17 -56.59 7.11 -27.64
C ASN M 17 -58.06 7.47 -27.61
N PRO M 18 -58.91 6.73 -28.32
CA PRO M 18 -60.32 7.11 -28.42
C PRO M 18 -61.18 6.69 -27.24
N SER M 19 -60.59 6.30 -26.12
CA SER M 19 -61.35 5.91 -24.94
C SER M 19 -61.32 6.96 -23.84
N ALA M 20 -60.19 7.62 -23.64
CA ALA M 20 -60.03 8.56 -22.54
C ALA M 20 -60.87 9.81 -22.78
N HIS M 21 -61.09 10.57 -21.70
CA HIS M 21 -61.97 11.73 -21.75
C HIS M 21 -61.23 13.03 -21.56
N THR M 22 -59.92 13.08 -21.81
CA THR M 22 -59.19 14.33 -21.86
C THR M 22 -58.30 14.36 -23.09
N ALA M 23 -57.71 15.51 -23.36
CA ALA M 23 -56.94 15.68 -24.59
C ALA M 23 -55.81 16.67 -24.29
N SER M 24 -54.64 16.13 -23.96
CA SER M 24 -53.48 16.96 -23.72
C SER M 24 -52.88 17.42 -25.04
N VAL M 25 -52.52 18.69 -25.12
CA VAL M 25 -51.88 19.28 -26.30
C VAL M 25 -50.78 20.18 -25.79
N GLY M 26 -49.55 19.95 -26.24
CA GLY M 26 -48.47 20.80 -25.78
C GLY M 26 -47.26 20.72 -26.69
N VAL M 27 -46.30 21.60 -26.40
CA VAL M 27 -45.02 21.59 -27.10
C VAL M 27 -43.97 21.00 -26.18
N VAL M 28 -43.02 20.29 -26.76
CA VAL M 28 -41.97 19.63 -25.99
C VAL M 28 -40.65 20.02 -26.64
N PHE M 29 -39.83 20.75 -25.91
CA PHE M 29 -38.60 21.29 -26.47
C PHE M 29 -37.44 20.33 -26.24
N GLY M 30 -36.42 20.47 -27.06
CA GLY M 30 -35.28 19.59 -27.00
C GLY M 30 -34.17 20.01 -26.09
N SER M 31 -34.34 21.11 -25.38
CA SER M 31 -33.37 21.56 -24.39
C SER M 31 -33.89 21.25 -23.00
N GLY M 32 -32.98 21.16 -22.06
CA GLY M 32 -33.34 20.85 -20.68
C GLY M 32 -32.42 21.52 -19.72
N ALA M 33 -31.99 20.78 -18.71
CA ALA M 33 -30.95 21.27 -17.83
C ALA M 33 -29.57 20.91 -18.32
N ALA M 34 -29.47 20.18 -19.43
CA ALA M 34 -28.19 19.88 -20.05
C ALA M 34 -27.85 20.85 -21.15
N ASN M 35 -28.53 21.98 -21.23
CA ASN M 35 -28.28 22.96 -22.27
C ASN M 35 -28.15 24.35 -21.67
N GLU M 36 -27.51 24.44 -20.52
CA GLU M 36 -27.31 25.74 -19.89
C GLU M 36 -26.03 25.70 -19.07
N ASN M 37 -25.37 26.85 -19.01
CA ASN M 37 -24.13 26.98 -18.26
C ASN M 37 -24.43 27.06 -16.78
N PRO M 38 -23.43 26.81 -15.92
CA PRO M 38 -23.69 26.90 -14.48
C PRO M 38 -23.90 28.30 -13.91
N TYR M 39 -23.96 29.32 -14.76
CA TYR M 39 -24.18 30.67 -14.30
C TYR M 39 -25.59 31.19 -14.57
N ASN M 40 -26.31 30.62 -15.53
CA ASN M 40 -27.71 30.93 -15.73
C ASN M 40 -28.60 29.77 -15.32
N ASN M 41 -28.08 28.84 -14.53
CA ASN M 41 -28.77 27.60 -14.25
C ASN M 41 -30.00 27.82 -13.40
N GLY M 42 -31.08 27.16 -13.77
CA GLY M 42 -32.37 27.44 -13.19
C GLY M 42 -33.27 28.27 -14.06
N VAL M 43 -32.80 28.73 -15.22
CA VAL M 43 -33.66 29.46 -16.13
C VAL M 43 -34.66 28.54 -16.81
N SER M 44 -34.36 27.24 -16.83
CA SER M 44 -35.34 26.30 -17.33
C SER M 44 -36.42 26.03 -16.30
N ASN M 45 -36.07 26.09 -15.02
CA ASN M 45 -37.05 25.95 -13.95
C ASN M 45 -37.84 27.23 -13.75
N LEU M 46 -37.25 28.38 -14.05
CA LEU M 46 -37.95 29.64 -13.91
C LEU M 46 -38.87 29.92 -15.09
N TRP M 47 -38.68 29.23 -16.21
CA TRP M 47 -39.61 29.37 -17.33
C TRP M 47 -40.83 28.51 -17.14
N LYS M 48 -40.72 27.44 -16.37
CA LYS M 48 -41.89 26.62 -16.09
C LYS M 48 -42.82 27.33 -15.13
N ASN M 49 -42.27 28.03 -14.15
CA ASN M 49 -43.08 28.63 -13.11
C ASN M 49 -43.68 29.97 -13.48
N ILE M 50 -43.24 30.60 -14.58
CA ILE M 50 -44.03 31.71 -15.09
C ILE M 50 -44.99 31.25 -16.15
N PHE M 51 -44.85 30.03 -16.64
CA PHE M 51 -45.92 29.44 -17.44
C PHE M 51 -47.06 28.98 -16.55
N LEU M 52 -46.74 28.44 -15.38
CA LEU M 52 -47.73 28.06 -14.38
C LEU M 52 -47.99 29.16 -13.37
N SER M 53 -47.74 30.42 -13.72
CA SER M 53 -47.92 31.49 -12.77
C SER M 53 -49.41 31.77 -12.57
N LYS M 54 -49.70 32.70 -11.66
CA LYS M 54 -51.08 32.90 -11.25
C LYS M 54 -51.89 33.60 -12.35
N GLU M 55 -51.31 34.59 -13.00
CA GLU M 55 -52.03 35.29 -14.05
C GLU M 55 -52.22 34.42 -15.28
N ASN M 56 -51.20 33.63 -15.63
CA ASN M 56 -51.29 32.80 -16.81
C ASN M 56 -52.21 31.62 -16.61
N SER M 57 -52.33 31.12 -15.39
CA SER M 57 -53.22 30.01 -15.13
C SER M 57 -54.63 30.45 -14.82
N ALA M 58 -54.85 31.73 -14.50
CA ALA M 58 -56.20 32.23 -14.29
C ALA M 58 -56.92 32.39 -15.62
N VAL M 59 -56.21 32.82 -16.65
CA VAL M 59 -56.81 32.91 -17.97
C VAL M 59 -57.01 31.52 -18.54
N ALA M 60 -56.11 30.59 -18.23
CA ALA M 60 -56.26 29.23 -18.73
C ALA M 60 -57.38 28.49 -18.03
N ALA M 61 -57.68 28.85 -16.78
CA ALA M 61 -58.76 28.16 -16.09
C ALA M 61 -60.13 28.65 -16.51
N LYS M 62 -60.23 29.78 -17.19
CA LYS M 62 -61.53 30.29 -17.58
C LYS M 62 -62.15 29.48 -18.71
N GLU M 63 -61.34 28.92 -19.59
CA GLU M 63 -61.86 28.06 -20.64
C GLU M 63 -61.87 26.61 -20.23
N GLY M 64 -61.43 26.29 -19.04
CA GLY M 64 -61.41 24.91 -18.62
C GLY M 64 -60.22 24.18 -19.17
N LEU M 65 -59.03 24.69 -18.86
CA LEU M 65 -57.76 24.17 -19.35
C LEU M 65 -56.78 24.16 -18.18
N ALA M 66 -56.17 23.02 -17.91
CA ALA M 66 -55.21 22.89 -16.83
C ALA M 66 -53.81 22.75 -17.39
N LEU M 67 -52.87 23.54 -16.86
CA LEU M 67 -51.53 23.64 -17.42
C LEU M 67 -50.56 22.78 -16.63
N SER M 68 -49.80 21.96 -17.33
CA SER M 68 -48.73 21.19 -16.74
C SER M 68 -47.43 21.51 -17.43
N SER M 69 -46.32 21.14 -16.80
CA SER M 69 -45.01 21.42 -17.33
C SER M 69 -44.01 20.50 -16.67
N ASN M 70 -42.92 20.21 -17.39
CA ASN M 70 -41.91 19.30 -16.88
C ASN M 70 -40.55 19.72 -17.39
N ILE M 71 -39.60 19.88 -16.49
CA ILE M 71 -38.24 20.30 -16.81
C ILE M 71 -37.31 19.15 -16.47
N SER M 72 -36.71 18.55 -17.48
CA SER M 72 -35.86 17.39 -17.25
C SER M 72 -34.45 17.72 -17.70
N ARG M 73 -33.60 16.69 -17.72
CA ARG M 73 -32.22 16.89 -18.17
C ARG M 73 -32.16 17.19 -19.65
N ASP M 74 -32.84 16.38 -20.46
CA ASP M 74 -32.71 16.53 -21.90
C ASP M 74 -33.81 17.40 -22.50
N PHE M 75 -35.02 17.33 -21.99
CA PHE M 75 -36.16 17.95 -22.65
C PHE M 75 -36.96 18.78 -21.66
N GLN M 76 -37.54 19.85 -22.17
CA GLN M 76 -38.57 20.61 -21.47
C GLN M 76 -39.93 20.19 -21.99
N SER M 77 -40.98 20.72 -21.36
CA SER M 77 -42.32 20.36 -21.78
C SER M 77 -43.29 21.41 -21.30
N TYR M 78 -44.30 21.70 -22.11
CA TYR M 78 -45.32 22.70 -21.75
C TYR M 78 -46.65 22.20 -22.31
N ILE M 79 -47.44 21.54 -21.48
CA ILE M 79 -48.65 20.84 -21.92
C ILE M 79 -49.88 21.54 -21.38
N VAL M 80 -50.92 21.63 -22.20
CA VAL M 80 -52.19 22.25 -21.86
C VAL M 80 -53.28 21.22 -22.09
N SER M 81 -53.81 20.65 -21.01
CA SER M 81 -54.79 19.58 -21.12
C SER M 81 -56.20 20.11 -20.94
N SER M 82 -57.16 19.47 -21.60
CA SER M 82 -58.54 19.93 -21.58
C SER M 82 -59.46 18.80 -21.98
N LEU M 83 -60.73 19.13 -22.19
CA LEU M 83 -61.73 18.17 -22.62
C LEU M 83 -61.51 17.83 -24.09
N PRO M 84 -62.08 16.73 -24.59
CA PRO M 84 -61.89 16.40 -26.01
C PRO M 84 -62.55 17.36 -26.99
N GLY M 85 -63.49 18.19 -26.54
CA GLY M 85 -64.09 19.16 -27.43
C GLY M 85 -63.34 20.47 -27.56
N SER M 86 -62.11 20.53 -27.09
CA SER M 86 -61.34 21.77 -27.09
C SER M 86 -59.93 21.51 -27.59
N THR M 87 -59.82 20.83 -28.73
CA THR M 87 -58.51 20.64 -29.33
C THR M 87 -57.98 21.89 -30.00
N ASP M 88 -58.80 22.91 -30.18
CA ASP M 88 -58.36 24.17 -30.76
C ASP M 88 -58.33 25.30 -29.76
N LYS M 89 -59.08 25.22 -28.67
CA LYS M 89 -59.04 26.24 -27.65
C LYS M 89 -57.77 26.18 -26.84
N SER M 90 -57.12 25.02 -26.79
CA SER M 90 -55.84 24.90 -26.10
C SER M 90 -54.66 25.24 -26.98
N LEU M 91 -54.79 25.03 -28.28
CA LEU M 91 -53.77 25.53 -29.20
C LEU M 91 -53.81 27.05 -29.26
N ASP M 92 -55.02 27.62 -29.21
CA ASP M 92 -55.14 29.07 -29.21
C ASP M 92 -54.66 29.67 -27.90
N PHE M 93 -54.68 28.91 -26.81
CA PHE M 93 -54.06 29.42 -25.61
C PHE M 93 -52.55 29.29 -25.68
N LEU M 94 -52.07 28.16 -26.18
CA LEU M 94 -50.64 27.91 -26.23
C LEU M 94 -49.95 28.83 -27.23
N ASN M 95 -50.66 29.21 -28.28
CA ASN M 95 -50.11 30.18 -29.22
C ASN M 95 -50.19 31.59 -28.66
N GLN M 96 -51.19 31.89 -27.84
CA GLN M 96 -51.31 33.25 -27.32
C GLN M 96 -50.30 33.51 -26.22
N SER M 97 -50.43 32.81 -25.10
CA SER M 97 -49.69 33.17 -23.90
C SER M 97 -48.42 32.36 -23.73
N PHE M 98 -47.90 31.77 -24.78
CA PHE M 98 -46.56 31.20 -24.68
C PHE M 98 -45.67 31.62 -25.84
N ILE M 99 -46.25 31.74 -27.02
CA ILE M 99 -45.50 31.94 -28.26
C ILE M 99 -45.56 33.38 -28.72
N GLN M 100 -46.76 33.94 -28.85
CA GLN M 100 -46.92 35.25 -29.45
C GLN M 100 -46.44 36.34 -28.52
N GLN M 101 -47.11 36.51 -27.38
CA GLN M 101 -46.77 37.58 -26.45
C GLN M 101 -46.04 36.99 -25.25
N LYS M 102 -44.93 37.62 -24.88
CA LYS M 102 -44.21 37.28 -23.68
C LYS M 102 -43.98 38.51 -22.80
N ALA M 103 -44.54 39.65 -23.16
CA ALA M 103 -44.48 40.85 -22.33
C ALA M 103 -45.56 40.89 -21.27
N ASN M 104 -46.45 39.90 -21.25
CA ASN M 104 -47.43 39.78 -20.18
C ASN M 104 -46.93 38.89 -19.06
N LEU M 105 -46.24 37.80 -19.40
CA LEU M 105 -45.70 36.92 -18.38
C LEU M 105 -44.45 37.52 -17.74
N LEU M 106 -43.62 38.18 -18.54
CA LEU M 106 -42.33 38.67 -18.08
C LEU M 106 -42.39 40.13 -17.66
N SER M 107 -43.51 40.55 -17.09
CA SER M 107 -43.58 41.89 -16.53
C SER M 107 -42.77 41.95 -15.23
N SER M 108 -42.56 43.16 -14.73
CA SER M 108 -41.75 43.33 -13.54
C SER M 108 -42.46 42.88 -12.28
N SER M 109 -43.78 42.70 -12.32
CA SER M 109 -44.49 42.19 -11.16
C SER M 109 -44.51 40.67 -11.18
N ASN M 110 -44.86 40.08 -12.32
CA ASN M 110 -44.98 38.63 -12.40
C ASN M 110 -43.63 37.93 -12.35
N PHE M 111 -42.54 38.62 -12.68
CA PHE M 111 -41.25 37.97 -12.61
C PHE M 111 -40.72 37.95 -11.18
N GLU M 112 -40.84 39.08 -10.46
CA GLU M 112 -40.33 39.12 -9.10
C GLU M 112 -41.17 38.28 -8.15
N ALA M 113 -42.46 38.17 -8.40
CA ALA M 113 -43.31 37.29 -7.60
C ALA M 113 -43.11 35.83 -7.92
N THR M 114 -42.44 35.51 -9.01
CA THR M 114 -42.09 34.14 -9.35
C THR M 114 -40.65 33.79 -8.98
N LYS M 115 -39.75 34.76 -9.05
CA LYS M 115 -38.38 34.54 -8.61
C LYS M 115 -38.32 34.27 -7.10
N LYS M 116 -39.23 34.86 -6.34
CA LYS M 116 -39.29 34.55 -4.91
C LYS M 116 -40.04 33.26 -4.64
N SER M 117 -40.75 32.73 -5.62
CA SER M 117 -41.51 31.50 -5.41
C SER M 117 -40.81 30.27 -5.96
N VAL M 118 -39.67 30.44 -6.58
CA VAL M 118 -38.93 29.28 -6.97
C VAL M 118 -37.90 29.23 -5.86
N LEU M 119 -37.23 30.35 -5.64
CA LEU M 119 -36.26 30.36 -4.56
C LEU M 119 -36.82 29.74 -3.28
N LYS M 120 -38.13 29.82 -3.10
CA LYS M 120 -38.76 29.13 -1.98
C LYS M 120 -38.74 27.62 -2.19
N GLN M 121 -39.05 27.16 -3.41
CA GLN M 121 -39.15 25.73 -3.66
C GLN M 121 -37.78 25.06 -3.70
N VAL M 122 -36.75 25.80 -4.10
CA VAL M 122 -35.42 25.23 -4.14
C VAL M 122 -34.84 25.12 -2.74
N GLN M 123 -35.06 26.14 -1.91
CA GLN M 123 -34.57 26.14 -0.54
C GLN M 123 -35.27 25.06 0.30
N ASP M 124 -36.54 24.82 0.03
CA ASP M 124 -37.26 23.73 0.69
C ASP M 124 -37.03 22.39 0.01
N PHE M 125 -36.24 22.35 -1.05
CA PHE M 125 -35.79 21.09 -1.64
C PHE M 125 -34.41 20.72 -1.12
N GLU M 126 -33.55 21.72 -0.94
CA GLU M 126 -32.17 21.48 -0.56
C GLU M 126 -32.04 21.03 0.89
N GLU M 127 -33.05 21.28 1.72
CA GLU M 127 -32.95 20.94 3.14
C GLU M 127 -34.10 20.06 3.61
N ASN M 128 -35.00 19.63 2.74
CA ASN M 128 -36.14 18.86 3.21
C ASN M 128 -36.50 17.70 2.31
N ASP M 129 -35.73 17.41 1.27
CA ASP M 129 -36.02 16.29 0.39
C ASP M 129 -34.70 15.56 0.16
N HIS M 130 -34.40 14.63 1.02
CA HIS M 130 -33.10 13.97 1.02
C HIS M 130 -32.91 12.83 0.03
N PRO M 131 -33.86 11.90 -0.22
CA PRO M 131 -33.58 10.87 -1.24
C PRO M 131 -33.58 11.37 -2.67
N ASN M 132 -33.86 12.65 -2.92
CA ASN M 132 -33.78 13.21 -4.27
C ASN M 132 -32.71 14.27 -4.42
N ARG M 133 -32.28 14.91 -3.34
CA ARG M 133 -31.14 15.81 -3.45
C ARG M 133 -29.82 15.07 -3.43
N VAL M 134 -29.85 13.76 -3.19
CA VAL M 134 -28.67 12.94 -3.41
C VAL M 134 -28.54 12.58 -4.88
N LEU M 135 -29.67 12.28 -5.53
CA LEU M 135 -29.65 11.94 -6.95
C LEU M 135 -29.24 13.12 -7.81
N GLU M 136 -29.48 14.35 -7.34
CA GLU M 136 -28.90 15.50 -8.03
C GLU M 136 -27.40 15.58 -7.77
N HIS M 137 -26.97 15.26 -6.55
CA HIS M 137 -25.55 15.24 -6.23
C HIS M 137 -24.86 14.00 -6.74
N LEU M 138 -25.60 13.01 -7.22
CA LEU M 138 -24.96 11.92 -7.94
C LEU M 138 -24.66 12.33 -9.37
N HIS M 139 -25.60 13.02 -10.03
CA HIS M 139 -25.33 13.54 -11.36
C HIS M 139 -24.32 14.66 -11.33
N SER M 140 -24.28 15.43 -10.25
CA SER M 140 -23.36 16.55 -10.17
C SER M 140 -21.93 16.13 -9.87
N THR M 141 -21.67 14.84 -9.66
CA THR M 141 -20.33 14.36 -9.43
C THR M 141 -19.95 13.16 -10.29
N ALA M 142 -20.90 12.50 -10.94
CA ALA M 142 -20.53 11.49 -11.91
C ALA M 142 -20.08 12.15 -13.20
N PHE M 143 -20.76 13.20 -13.62
CA PHE M 143 -20.46 13.90 -14.86
C PHE M 143 -19.98 15.33 -14.59
N GLN M 144 -19.10 15.52 -13.62
CA GLN M 144 -18.75 16.89 -13.23
C GLN M 144 -17.95 17.60 -14.32
N ASN M 145 -18.14 18.93 -14.37
CA ASN M 145 -17.56 19.83 -15.38
C ASN M 145 -17.93 19.41 -16.80
N THR M 146 -19.23 19.29 -17.03
CA THR M 146 -19.85 18.65 -18.19
C THR M 146 -21.36 18.93 -18.13
N PRO M 147 -22.03 19.12 -19.27
CA PRO M 147 -23.42 19.59 -19.24
C PRO M 147 -24.43 18.66 -18.57
N LEU M 148 -24.13 17.39 -18.37
CA LEU M 148 -25.10 16.50 -17.75
C LEU M 148 -25.02 16.50 -16.23
N SER M 149 -24.27 17.42 -15.64
CA SER M 149 -24.19 17.52 -14.20
C SER M 149 -25.02 18.66 -13.63
N LEU M 150 -25.79 19.33 -14.46
CA LEU M 150 -26.42 20.45 -13.78
C LEU M 150 -27.75 20.02 -13.19
N PRO M 151 -28.13 20.54 -12.03
CA PRO M 151 -29.43 20.18 -11.45
C PRO M 151 -30.56 20.80 -12.24
N THR M 152 -31.67 20.06 -12.32
CA THR M 152 -32.79 20.51 -13.12
C THR M 152 -33.51 21.68 -12.47
N ARG M 153 -33.52 21.73 -11.15
CA ARG M 153 -34.18 22.83 -10.45
C ARG M 153 -33.33 24.07 -10.36
N GLY M 154 -32.05 23.99 -10.68
CA GLY M 154 -31.19 25.14 -10.57
C GLY M 154 -30.62 25.28 -9.17
N THR M 155 -29.37 25.69 -9.07
CA THR M 155 -28.80 25.94 -7.77
C THR M 155 -29.37 27.24 -7.20
N LEU M 156 -29.33 27.35 -5.89
CA LEU M 156 -29.89 28.53 -5.25
C LEU M 156 -29.00 29.75 -5.44
N GLU M 157 -27.69 29.54 -5.60
CA GLU M 157 -26.78 30.66 -5.75
C GLU M 157 -26.84 31.28 -7.13
N SER M 158 -27.25 30.50 -8.14
CA SER M 158 -27.39 31.00 -9.50
C SER M 158 -28.78 31.49 -9.81
N LEU M 159 -29.77 31.07 -9.03
CA LEU M 159 -31.15 31.43 -9.30
C LEU M 159 -31.51 32.82 -8.85
N GLU M 160 -30.68 33.45 -8.01
CA GLU M 160 -30.93 34.83 -7.61
C GLU M 160 -30.06 35.81 -8.37
N ASN M 161 -29.54 35.40 -9.53
CA ASN M 161 -28.89 36.32 -10.45
C ASN M 161 -29.69 36.53 -11.72
N LEU M 162 -30.77 35.80 -11.91
CA LEU M 162 -31.49 35.80 -13.16
C LEU M 162 -32.38 37.03 -13.25
N VAL M 163 -32.29 37.75 -14.36
CA VAL M 163 -33.15 38.89 -14.63
C VAL M 163 -33.95 38.49 -15.87
N VAL M 164 -34.86 39.34 -16.33
CA VAL M 164 -35.69 38.98 -17.48
C VAL M 164 -34.90 38.94 -18.78
N ALA M 165 -33.69 39.48 -18.79
CA ALA M 165 -32.84 39.35 -19.98
C ALA M 165 -32.42 37.91 -20.19
N ASP M 166 -31.99 37.24 -19.13
CA ASP M 166 -31.57 35.84 -19.25
C ASP M 166 -32.75 34.91 -19.45
N LEU M 167 -33.95 35.34 -19.10
CA LEU M 167 -35.14 34.54 -19.40
C LEU M 167 -35.49 34.63 -20.87
N GLU M 168 -35.29 35.80 -21.47
CA GLU M 168 -35.58 35.97 -22.88
C GLU M 168 -34.45 35.47 -23.76
N SER M 169 -33.22 35.53 -23.26
CA SER M 169 -32.09 35.04 -24.04
C SER M 169 -32.08 33.52 -24.11
N PHE M 170 -32.65 32.85 -23.11
CA PHE M 170 -32.82 31.42 -23.21
C PHE M 170 -33.96 31.06 -24.16
N ALA M 171 -34.95 31.93 -24.27
CA ALA M 171 -36.10 31.63 -25.13
C ALA M 171 -35.70 31.69 -26.60
N ASN M 172 -34.95 32.73 -26.98
CA ASN M 172 -34.54 32.89 -28.36
C ASN M 172 -33.52 31.85 -28.79
N ASN M 173 -32.81 31.24 -27.85
CA ASN M 173 -31.82 30.25 -28.22
C ASN M 173 -32.36 28.83 -28.24
N HIS M 174 -33.47 28.54 -27.56
CA HIS M 174 -33.88 27.15 -27.44
C HIS M 174 -35.34 26.88 -27.73
N PHE M 175 -36.22 27.87 -27.70
CA PHE M 175 -37.63 27.64 -28.05
C PHE M 175 -37.81 27.91 -29.54
N LEU M 176 -37.27 26.99 -30.34
CA LEU M 176 -37.20 27.18 -31.78
C LEU M 176 -38.03 26.13 -32.50
N ASN M 177 -38.35 26.43 -33.76
CA ASN M 177 -39.18 25.55 -34.56
C ASN M 177 -38.47 24.27 -34.95
N SER M 178 -37.14 24.27 -34.97
CA SER M 178 -36.39 23.05 -35.22
C SER M 178 -36.15 22.25 -33.97
N ASN M 179 -36.39 22.84 -32.80
CA ASN M 179 -36.17 22.19 -31.53
C ASN M 179 -37.43 21.63 -30.91
N ALA M 180 -38.60 22.00 -31.41
CA ALA M 180 -39.86 21.70 -30.74
C ALA M 180 -40.54 20.52 -31.38
N VAL M 181 -41.43 19.90 -30.60
CA VAL M 181 -42.38 18.90 -31.09
C VAL M 181 -43.73 19.30 -30.51
N VAL M 182 -44.68 19.63 -31.37
CA VAL M 182 -46.04 19.86 -30.90
C VAL M 182 -46.67 18.49 -30.71
N VAL M 183 -46.88 18.11 -29.46
CA VAL M 183 -47.34 16.77 -29.12
C VAL M 183 -48.79 16.85 -28.69
N GLY M 184 -49.55 15.80 -28.97
CA GLY M 184 -50.92 15.75 -28.52
C GLY M 184 -51.38 14.35 -28.21
N THR M 185 -51.82 14.10 -26.99
CA THR M 185 -52.18 12.77 -26.55
C THR M 185 -53.61 12.83 -26.01
N GLY M 186 -54.22 11.67 -25.79
CA GLY M 186 -55.56 11.64 -25.26
C GLY M 186 -56.58 11.36 -26.33
N ASN M 187 -57.71 12.05 -26.30
CA ASN M 187 -58.77 11.84 -27.28
C ASN M 187 -58.72 12.90 -28.37
N ILE M 188 -57.64 12.94 -29.13
CA ILE M 188 -57.57 13.77 -30.33
C ILE M 188 -57.07 12.96 -31.50
N LYS M 189 -57.76 13.09 -32.62
CA LYS M 189 -57.29 12.48 -33.85
C LYS M 189 -56.06 13.23 -34.35
N HIS M 190 -55.27 12.55 -35.17
CA HIS M 190 -54.08 13.19 -35.72
C HIS M 190 -54.44 14.23 -36.75
N GLU M 191 -55.44 13.94 -37.58
CA GLU M 191 -55.81 14.87 -38.64
C GLU M 191 -56.50 16.11 -38.11
N ASP M 192 -57.09 16.06 -36.92
CA ASP M 192 -57.63 17.28 -36.34
C ASP M 192 -56.51 18.17 -35.80
N LEU M 193 -55.41 17.59 -35.34
CA LEU M 193 -54.34 18.41 -34.78
C LEU M 193 -53.56 19.12 -35.88
N VAL M 194 -53.22 18.41 -36.96
CA VAL M 194 -52.42 19.04 -38.00
C VAL M 194 -53.22 20.00 -38.84
N ASN M 195 -54.54 19.86 -38.88
CA ASN M 195 -55.35 20.87 -39.56
C ASN M 195 -55.57 22.08 -38.67
N SER M 196 -55.46 21.92 -37.36
CA SER M 196 -55.60 23.03 -36.44
C SER M 196 -54.28 23.73 -36.15
N ILE M 197 -53.18 23.28 -36.74
CA ILE M 197 -51.99 24.12 -36.77
C ILE M 197 -51.90 24.84 -38.10
N GLU M 198 -52.41 24.23 -39.17
CA GLU M 198 -52.43 24.90 -40.47
C GLU M 198 -53.54 25.94 -40.56
N SER M 199 -54.65 25.75 -39.86
CA SER M 199 -55.69 26.78 -39.85
C SER M 199 -55.30 27.95 -38.97
N LYS M 200 -54.53 27.69 -37.92
CA LYS M 200 -53.77 28.72 -37.22
C LYS M 200 -52.45 28.90 -37.97
N ASN M 201 -51.47 29.53 -37.35
CA ASN M 201 -50.13 29.49 -37.93
C ASN M 201 -49.15 28.76 -37.01
N LEU M 202 -48.98 29.23 -35.78
CA LEU M 202 -48.16 28.64 -34.73
C LEU M 202 -46.72 28.44 -35.21
N SER M 203 -46.06 29.56 -35.43
CA SER M 203 -44.64 29.58 -35.71
C SER M 203 -43.91 30.13 -34.50
N LEU M 204 -42.77 29.53 -34.16
CA LEU M 204 -42.03 29.95 -32.97
C LEU M 204 -40.85 30.84 -33.31
N GLN M 205 -39.88 30.33 -34.06
CA GLN M 205 -38.61 31.02 -34.23
C GLN M 205 -37.90 30.44 -35.46
N THR M 206 -36.64 30.83 -35.64
CA THR M 206 -35.91 30.44 -36.84
C THR M 206 -35.34 29.04 -36.73
N GLY M 207 -34.41 28.83 -35.81
CA GLY M 207 -33.76 27.55 -35.65
C GLY M 207 -32.36 27.73 -35.10
N THR M 208 -31.57 26.66 -35.24
CA THR M 208 -30.15 26.59 -34.85
C THR M 208 -29.94 26.87 -33.36
N LYS M 209 -30.37 25.92 -32.55
CA LYS M 209 -30.01 25.92 -31.14
C LYS M 209 -28.49 25.77 -30.99
N PRO M 210 -27.91 26.34 -29.94
CA PRO M 210 -26.45 26.28 -29.78
C PRO M 210 -25.99 24.88 -29.42
N VAL M 211 -24.99 24.39 -30.14
CA VAL M 211 -24.47 23.05 -29.94
C VAL M 211 -23.37 23.07 -28.89
N LEU M 212 -23.35 22.04 -28.06
CA LEU M 212 -22.46 22.01 -26.91
C LEU M 212 -21.05 21.62 -27.34
N LYS M 213 -20.07 22.14 -26.62
CA LYS M 213 -18.68 21.85 -26.95
C LYS M 213 -18.15 20.63 -26.22
N LYS M 214 -18.67 20.32 -25.04
CA LYS M 214 -18.22 19.17 -24.27
C LYS M 214 -19.33 18.13 -24.22
N LYS M 215 -19.00 16.90 -24.56
CA LYS M 215 -19.97 15.82 -24.45
C LYS M 215 -20.07 15.35 -23.01
N ALA M 216 -21.02 14.44 -22.76
CA ALA M 216 -21.14 13.85 -21.44
C ALA M 216 -20.13 12.74 -21.28
N ALA M 217 -19.38 12.78 -20.18
CA ALA M 217 -18.34 11.80 -19.93
C ALA M 217 -18.33 11.47 -18.46
N PHE M 218 -18.51 10.19 -18.14
CA PHE M 218 -18.55 9.72 -16.77
C PHE M 218 -17.18 9.90 -16.12
N LEU M 219 -17.19 10.27 -14.85
CA LEU M 219 -15.96 10.42 -14.08
C LEU M 219 -16.23 9.85 -12.71
N GLY M 220 -15.59 8.73 -12.38
CA GLY M 220 -15.83 8.06 -11.12
C GLY M 220 -15.33 8.91 -9.97
N SER M 221 -16.24 9.33 -9.10
CA SER M 221 -15.86 10.24 -8.04
C SER M 221 -16.74 9.95 -6.83
N GLU M 222 -16.66 10.82 -5.82
CA GLU M 222 -17.56 10.71 -4.69
C GLU M 222 -17.82 12.10 -4.14
N VAL M 223 -18.88 12.19 -3.35
CA VAL M 223 -19.22 13.42 -2.64
C VAL M 223 -19.94 13.01 -1.36
N ARG M 224 -19.60 13.64 -0.25
CA ARG M 224 -20.16 13.29 1.04
C ARG M 224 -20.77 14.53 1.66
N LEU M 225 -22.08 14.62 1.61
CA LEU M 225 -22.81 15.75 2.20
C LEU M 225 -23.25 15.38 3.61
N ARG M 226 -22.29 15.06 4.46
CA ARG M 226 -22.62 14.46 5.75
C ARG M 226 -23.25 15.48 6.68
N ASP M 227 -24.19 15.02 7.49
CA ASP M 227 -24.95 15.89 8.37
C ASP M 227 -25.42 15.00 9.52
N ASP M 228 -24.79 15.15 10.67
CA ASP M 228 -25.06 14.25 11.78
C ASP M 228 -26.40 14.51 12.44
N THR M 229 -27.05 15.63 12.15
CA THR M 229 -28.33 15.97 12.74
C THR M 229 -29.50 15.42 11.94
N LEU M 230 -29.29 14.38 11.13
CA LEU M 230 -30.34 13.78 10.34
C LEU M 230 -30.54 12.34 10.78
N PRO M 231 -31.78 11.85 10.80
CA PRO M 231 -32.07 10.55 11.40
C PRO M 231 -31.76 9.34 10.51
N LYS M 232 -31.20 9.51 9.33
CA LYS M 232 -31.01 8.38 8.42
C LYS M 232 -29.66 8.53 7.74
N ALA M 233 -29.47 7.78 6.67
CA ALA M 233 -28.27 7.90 5.85
C ALA M 233 -28.64 7.50 4.42
N TRP M 234 -28.81 8.49 3.55
CA TRP M 234 -29.17 8.23 2.17
C TRP M 234 -27.92 8.11 1.32
N ILE M 235 -27.92 7.16 0.40
CA ILE M 235 -26.74 6.80 -0.38
C ILE M 235 -27.19 6.46 -1.79
N SER M 236 -26.56 7.07 -2.78
CA SER M 236 -26.77 6.68 -4.16
C SER M 236 -25.42 6.36 -4.77
N LEU M 237 -25.33 5.21 -5.41
CA LEU M 237 -24.08 4.69 -5.93
C LEU M 237 -24.38 4.21 -7.35
N ALA M 238 -23.53 4.57 -8.30
CA ALA M 238 -23.87 4.28 -9.68
C ALA M 238 -22.62 4.13 -10.53
N VAL M 239 -22.76 3.37 -11.62
CA VAL M 239 -21.75 3.31 -12.66
C VAL M 239 -22.33 3.96 -13.90
N GLU M 240 -21.49 4.09 -14.93
CA GLU M 240 -21.96 4.67 -16.19
C GLU M 240 -22.88 3.69 -16.90
N GLY M 241 -24.08 4.16 -17.25
CA GLY M 241 -25.08 3.33 -17.87
C GLY M 241 -25.14 3.51 -19.38
N GLU M 242 -26.15 2.95 -19.94
CA GLU M 242 -26.34 3.01 -21.38
C GLU M 242 -27.18 4.21 -21.74
N PRO M 243 -26.78 5.03 -22.70
CA PRO M 243 -27.64 6.13 -23.13
C PRO M 243 -28.82 5.60 -23.92
N VAL M 244 -29.77 6.49 -24.19
CA VAL M 244 -30.92 6.12 -25.00
C VAL M 244 -30.45 5.89 -26.44
N ASN M 245 -31.27 5.17 -27.21
CA ASN M 245 -30.97 4.56 -28.52
C ASN M 245 -29.63 3.82 -28.54
N SER M 246 -29.33 3.13 -27.46
CA SER M 246 -28.24 2.17 -27.49
C SER M 246 -28.79 0.77 -27.78
N PRO M 247 -27.98 -0.12 -28.35
CA PRO M 247 -28.48 -1.49 -28.56
C PRO M 247 -28.61 -2.26 -27.26
N ASN M 248 -27.85 -1.87 -26.24
CA ASN M 248 -27.97 -2.43 -24.91
C ASN M 248 -28.83 -1.56 -24.02
N TYR M 249 -29.89 -0.98 -24.57
CA TYR M 249 -30.79 -0.16 -23.74
C TYR M 249 -31.63 -1.03 -22.84
N PHE M 250 -32.26 -2.06 -23.40
CA PHE M 250 -33.15 -2.88 -22.59
C PHE M 250 -32.41 -3.91 -21.77
N VAL M 251 -31.13 -4.15 -22.05
CA VAL M 251 -30.38 -5.02 -21.17
C VAL M 251 -30.04 -4.27 -19.90
N ALA M 252 -29.81 -2.97 -19.99
CA ALA M 252 -29.53 -2.20 -18.79
C ALA M 252 -30.76 -1.96 -17.95
N LYS M 253 -31.95 -2.02 -18.55
CA LYS M 253 -33.16 -1.93 -17.76
C LYS M 253 -33.51 -3.27 -17.13
N LEU M 254 -33.23 -4.37 -17.84
CA LEU M 254 -33.43 -5.69 -17.27
C LEU M 254 -32.38 -6.01 -16.22
N ALA M 255 -31.22 -5.36 -16.26
CA ALA M 255 -30.23 -5.62 -15.24
C ALA M 255 -30.60 -4.96 -13.92
N ALA M 256 -31.32 -3.85 -13.97
CA ALA M 256 -31.79 -3.23 -12.74
C ALA M 256 -33.14 -3.78 -12.29
N GLN M 257 -33.85 -4.47 -13.17
CA GLN M 257 -35.07 -5.16 -12.76
C GLN M 257 -34.77 -6.46 -12.04
N ILE M 258 -33.54 -6.97 -12.17
CA ILE M 258 -33.16 -8.19 -11.45
C ILE M 258 -33.11 -7.92 -9.96
N PHE M 259 -32.46 -6.84 -9.56
CA PHE M 259 -32.36 -6.51 -8.14
C PHE M 259 -33.50 -5.64 -7.66
N GLY M 260 -34.38 -5.20 -8.55
CA GLY M 260 -35.66 -4.55 -8.37
C GLY M 260 -35.66 -3.46 -7.33
N SER M 261 -36.79 -3.35 -6.63
CA SER M 261 -36.97 -2.39 -5.57
C SER M 261 -37.48 -3.09 -4.34
N TYR M 262 -37.29 -2.45 -3.19
CA TYR M 262 -37.57 -3.10 -1.92
C TYR M 262 -38.02 -2.04 -0.94
N ASN M 263 -38.96 -2.41 -0.09
CA ASN M 263 -39.39 -1.56 1.02
C ASN M 263 -39.55 -2.46 2.22
N ALA M 264 -38.80 -2.19 3.28
CA ALA M 264 -38.70 -3.12 4.39
C ALA M 264 -39.97 -3.20 5.20
N PHE M 265 -40.81 -2.18 5.14
CA PHE M 265 -42.01 -2.14 5.97
C PHE M 265 -43.21 -2.82 5.35
N GLU M 266 -43.25 -2.95 4.03
CA GLU M 266 -44.33 -3.70 3.41
C GLU M 266 -44.15 -5.18 3.68
N PRO M 267 -45.23 -5.91 3.95
CA PRO M 267 -45.09 -7.35 4.17
C PRO M 267 -44.96 -8.15 2.90
N ALA M 268 -45.25 -7.55 1.74
CA ALA M 268 -45.23 -8.25 0.48
C ALA M 268 -44.02 -7.90 -0.37
N SER M 269 -43.29 -6.85 -0.04
CA SER M 269 -42.03 -6.56 -0.70
C SER M 269 -40.87 -7.19 0.02
N ARG M 270 -41.13 -7.99 1.05
CA ARG M 270 -40.11 -8.74 1.74
C ARG M 270 -40.02 -10.17 1.27
N LEU M 271 -40.95 -10.61 0.45
CA LEU M 271 -41.00 -11.98 -0.03
C LEU M 271 -40.62 -12.08 -1.50
N GLN M 272 -39.83 -11.13 -1.98
CA GLN M 272 -39.54 -11.07 -3.40
C GLN M 272 -38.53 -12.14 -3.80
N GLY M 273 -38.28 -12.22 -5.10
CA GLY M 273 -37.38 -13.21 -5.65
C GLY M 273 -35.94 -12.79 -5.74
N ILE M 274 -35.57 -11.68 -5.16
CA ILE M 274 -34.19 -11.23 -5.21
C ILE M 274 -33.37 -12.03 -4.22
N LYS M 275 -32.20 -12.48 -4.65
CA LYS M 275 -31.33 -13.18 -3.73
C LYS M 275 -30.57 -12.25 -2.81
N LEU M 276 -30.63 -10.95 -3.06
CA LEU M 276 -29.97 -9.98 -2.18
C LEU M 276 -30.69 -9.89 -0.85
N LEU M 277 -31.98 -10.17 -0.82
CA LEU M 277 -32.79 -9.90 0.36
C LEU M 277 -32.49 -10.84 1.53
N ASP M 278 -31.85 -11.98 1.27
CA ASP M 278 -31.54 -12.87 2.38
C ASP M 278 -30.42 -12.31 3.24
N ASN M 279 -29.44 -11.65 2.64
CA ASN M 279 -28.37 -11.06 3.42
C ASN M 279 -28.78 -9.75 4.06
N ILE M 280 -29.84 -9.13 3.58
CA ILE M 280 -30.19 -7.77 3.99
C ILE M 280 -31.23 -7.76 5.09
N GLN M 281 -31.91 -8.88 5.35
CA GLN M 281 -33.01 -8.95 6.29
C GLN M 281 -32.61 -9.48 7.64
N GLU M 282 -31.40 -10.03 7.78
CA GLU M 282 -31.05 -10.70 9.03
C GLU M 282 -30.78 -9.69 10.13
N TYR M 283 -30.19 -8.55 9.78
CA TYR M 283 -29.96 -7.47 10.73
C TYR M 283 -30.63 -6.18 10.30
N GLN M 284 -31.42 -6.22 9.23
CA GLN M 284 -32.17 -5.09 8.66
C GLN M 284 -31.23 -3.93 8.32
N LEU M 285 -30.43 -4.19 7.29
CA LEU M 285 -29.39 -3.23 6.92
C LEU M 285 -29.96 -1.98 6.26
N CYS M 286 -31.13 -2.06 5.65
CA CYS M 286 -31.71 -0.91 4.98
C CYS M 286 -33.21 -0.87 5.22
N ASP M 287 -33.81 0.27 4.87
CA ASP M 287 -35.25 0.42 4.85
C ASP M 287 -35.83 0.31 3.45
N ASN M 288 -35.10 0.78 2.44
CA ASN M 288 -35.53 0.69 1.06
C ASN M 288 -34.32 0.86 0.16
N PHE M 289 -34.37 0.21 -0.99
CA PHE M 289 -33.45 0.50 -2.07
C PHE M 289 -34.19 0.34 -3.38
N ASN M 290 -33.92 1.22 -4.32
CA ASN M 290 -34.42 1.07 -5.67
C ASN M 290 -33.23 1.06 -6.62
N HIS M 291 -33.28 0.19 -7.61
CA HIS M 291 -32.26 0.14 -8.64
C HIS M 291 -32.78 0.89 -9.86
N PHE M 292 -31.99 1.81 -10.37
CA PHE M 292 -32.40 2.61 -11.50
C PHE M 292 -31.47 2.39 -12.67
N SER M 293 -31.99 2.57 -13.88
CA SER M 293 -31.18 2.64 -15.08
C SER M 293 -31.62 3.90 -15.82
N LEU M 294 -31.02 5.02 -15.47
CA LEU M 294 -31.29 6.27 -16.15
C LEU M 294 -30.61 6.27 -17.51
N SER M 295 -31.20 7.00 -18.45
CA SER M 295 -30.70 6.98 -19.81
C SER M 295 -30.99 8.34 -20.44
N TYR M 296 -29.94 9.11 -20.65
CA TYR M 296 -30.04 10.42 -21.27
C TYR M 296 -29.63 10.33 -22.72
N LYS M 297 -29.51 11.49 -23.38
CA LYS M 297 -29.22 11.52 -24.80
C LYS M 297 -27.76 11.16 -25.09
N ASP M 298 -26.84 11.65 -24.26
CA ASP M 298 -25.42 11.42 -24.47
C ASP M 298 -24.86 10.29 -23.62
N SER M 299 -25.39 10.07 -22.41
CA SER M 299 -24.84 9.08 -21.50
C SER M 299 -25.97 8.51 -20.66
N GLY M 300 -25.62 7.86 -19.56
CA GLY M 300 -26.61 7.31 -18.67
C GLY M 300 -26.01 7.02 -17.31
N LEU M 301 -26.82 6.40 -16.45
CA LEU M 301 -26.38 5.96 -15.15
C LEU M 301 -27.04 4.63 -14.83
N TRP M 302 -26.42 3.89 -13.93
CA TRP M 302 -26.92 2.58 -13.52
C TRP M 302 -26.38 2.32 -12.13
N GLY M 303 -27.26 2.03 -11.19
CA GLY M 303 -26.84 1.78 -9.83
C GLY M 303 -28.01 1.64 -8.89
N PHE M 304 -27.90 2.14 -7.68
CA PHE M 304 -29.02 2.01 -6.76
C PHE M 304 -28.99 3.15 -5.77
N SER M 305 -30.16 3.50 -5.27
CA SER M 305 -30.31 4.54 -4.27
C SER M 305 -30.96 3.91 -3.05
N THR M 306 -30.49 4.26 -1.86
CA THR M 306 -30.99 3.61 -0.67
C THR M 306 -31.13 4.58 0.48
N ALA M 307 -31.75 4.09 1.55
CA ALA M 307 -31.99 4.83 2.78
C ALA M 307 -31.90 3.87 3.94
N THR M 308 -31.37 4.32 5.06
CA THR M 308 -30.96 3.40 6.11
C THR M 308 -30.94 4.10 7.46
N ARG M 309 -31.58 3.49 8.45
CA ARG M 309 -31.46 3.93 9.84
C ARG M 309 -30.35 3.22 10.60
N ASN M 310 -29.97 2.03 10.14
CA ASN M 310 -28.90 1.24 10.74
C ASN M 310 -27.56 1.80 10.30
N VAL M 311 -27.16 2.90 10.93
CA VAL M 311 -25.99 3.66 10.46
C VAL M 311 -24.66 3.04 10.83
N THR M 312 -24.65 1.97 11.61
CA THR M 312 -23.39 1.32 11.94
C THR M 312 -23.02 0.22 10.96
N MET M 313 -23.99 -0.33 10.26
CA MET M 313 -23.77 -1.42 9.31
C MET M 313 -24.06 -0.97 7.88
N ILE M 314 -23.64 0.25 7.54
CA ILE M 314 -23.76 0.69 6.16
C ILE M 314 -22.79 -0.08 5.29
N ASP M 315 -21.56 -0.28 5.78
CA ASP M 315 -20.52 -0.96 5.03
C ASP M 315 -20.78 -2.45 4.84
N ASP M 316 -21.82 -3.01 5.46
CA ASP M 316 -22.29 -4.33 5.09
C ASP M 316 -23.48 -4.29 4.15
N LEU M 317 -24.16 -3.15 4.04
CA LEU M 317 -25.18 -3.00 3.02
C LEU M 317 -24.55 -2.81 1.65
N ILE M 318 -23.54 -1.94 1.57
CA ILE M 318 -22.87 -1.66 0.31
C ILE M 318 -22.07 -2.86 -0.15
N HIS M 319 -21.49 -3.61 0.79
CA HIS M 319 -20.73 -4.79 0.44
C HIS M 319 -21.63 -5.91 -0.06
N PHE M 320 -22.77 -6.14 0.60
CA PHE M 320 -23.62 -7.25 0.20
C PHE M 320 -24.38 -6.95 -1.07
N THR M 321 -24.61 -5.67 -1.37
CA THR M 321 -25.24 -5.31 -2.63
C THR M 321 -24.27 -5.47 -3.79
N LEU M 322 -23.07 -4.93 -3.64
CA LEU M 322 -22.09 -4.93 -4.73
C LEU M 322 -21.56 -6.32 -5.00
N LYS M 323 -21.63 -7.23 -4.04
CA LYS M 323 -21.29 -8.62 -4.31
C LYS M 323 -22.44 -9.37 -4.95
N GLN M 324 -23.59 -8.72 -5.15
CA GLN M 324 -24.64 -9.28 -5.98
C GLN M 324 -24.64 -8.70 -7.38
N TRP M 325 -24.09 -7.49 -7.55
CA TRP M 325 -23.86 -6.98 -8.90
C TRP M 325 -22.82 -7.81 -9.62
N ASN M 326 -21.87 -8.38 -8.88
CA ASN M 326 -20.86 -9.22 -9.48
C ASN M 326 -21.42 -10.54 -9.96
N ARG M 327 -22.59 -10.95 -9.45
CA ARG M 327 -23.23 -12.15 -9.93
C ARG M 327 -23.77 -12.00 -11.34
N LEU M 328 -23.96 -10.77 -11.81
CA LEU M 328 -24.40 -10.54 -13.18
C LEU M 328 -23.34 -10.96 -14.18
N THR M 329 -22.08 -10.71 -13.84
CA THR M 329 -21.00 -11.02 -14.76
C THR M 329 -20.75 -12.51 -14.87
N ILE M 330 -20.85 -13.23 -13.75
CA ILE M 330 -20.24 -14.54 -13.63
C ILE M 330 -21.28 -15.66 -13.54
N SER M 331 -22.33 -15.50 -12.73
CA SER M 331 -23.17 -16.64 -12.43
C SER M 331 -24.62 -16.26 -12.28
N VAL M 332 -25.14 -15.38 -13.13
CA VAL M 332 -26.55 -15.04 -13.06
C VAL M 332 -27.36 -16.19 -13.63
N THR M 333 -28.40 -16.60 -12.90
CA THR M 333 -29.18 -17.74 -13.32
C THR M 333 -30.21 -17.33 -14.37
N ASP M 334 -30.77 -18.33 -15.03
CA ASP M 334 -31.79 -18.06 -16.05
C ASP M 334 -33.11 -17.64 -15.42
N THR M 335 -33.42 -18.17 -14.23
CA THR M 335 -34.67 -17.79 -13.55
C THR M 335 -34.63 -16.35 -13.08
N GLU M 336 -33.45 -15.84 -12.71
CA GLU M 336 -33.34 -14.43 -12.37
C GLU M 336 -33.52 -13.52 -13.57
N VAL M 337 -33.34 -14.05 -14.78
CA VAL M 337 -33.61 -13.30 -15.99
C VAL M 337 -35.05 -13.49 -16.46
N GLU M 338 -35.57 -14.72 -16.39
CA GLU M 338 -36.95 -14.98 -16.75
C GLU M 338 -37.93 -14.31 -15.80
N ARG M 339 -37.53 -14.08 -14.54
CA ARG M 339 -38.36 -13.27 -13.66
C ARG M 339 -38.30 -11.80 -14.05
N ALA M 340 -37.10 -11.28 -14.26
CA ALA M 340 -36.96 -9.85 -14.56
C ALA M 340 -37.38 -9.49 -15.96
N LYS M 341 -37.57 -10.46 -16.85
CA LYS M 341 -38.29 -10.19 -18.08
C LYS M 341 -39.74 -9.85 -17.78
N SER M 342 -40.40 -10.70 -17.00
CA SER M 342 -41.82 -10.55 -16.75
C SER M 342 -42.14 -9.37 -15.87
N LEU M 343 -41.20 -8.92 -15.05
CA LEU M 343 -41.46 -7.71 -14.28
C LEU M 343 -41.17 -6.45 -15.09
N LEU M 344 -40.22 -6.51 -16.03
CA LEU M 344 -39.92 -5.33 -16.84
C LEU M 344 -41.02 -5.07 -17.84
N LYS M 345 -41.60 -6.12 -18.40
CA LYS M 345 -42.76 -5.93 -19.28
C LYS M 345 -43.97 -5.41 -18.52
N LEU M 346 -44.04 -5.63 -17.21
CA LEU M 346 -45.05 -4.95 -16.40
C LEU M 346 -44.58 -3.58 -15.96
N GLN M 347 -43.27 -3.37 -15.83
CA GLN M 347 -42.74 -2.09 -15.37
C GLN M 347 -43.01 -0.99 -16.38
N LEU M 348 -42.63 -1.22 -17.64
CA LEU M 348 -42.89 -0.27 -18.70
C LEU M 348 -44.14 -0.61 -19.48
N GLY M 349 -45.00 -1.44 -18.93
CA GLY M 349 -46.36 -1.49 -19.40
C GLY M 349 -47.30 -0.63 -18.61
N GLN M 350 -46.85 -0.22 -17.42
CA GLN M 350 -47.58 0.71 -16.58
C GLN M 350 -47.10 2.15 -16.76
N LEU M 351 -45.99 2.35 -17.46
CA LEU M 351 -45.43 3.67 -17.66
C LEU M 351 -45.91 4.30 -18.95
N TYR M 352 -45.96 3.54 -20.03
CA TYR M 352 -46.42 4.05 -21.30
C TYR M 352 -47.93 3.90 -21.47
N GLU M 353 -48.55 3.06 -20.67
CA GLU M 353 -49.94 2.67 -20.86
C GLU M 353 -50.72 2.79 -19.58
N SER M 354 -50.51 3.89 -18.86
CA SER M 354 -51.35 4.27 -17.74
C SER M 354 -52.56 5.04 -18.28
N GLY M 355 -53.30 5.68 -17.39
CA GLY M 355 -54.47 6.39 -17.84
C GLY M 355 -54.18 7.84 -18.22
N ASN M 356 -53.18 8.43 -17.59
CA ASN M 356 -52.95 9.86 -17.65
C ASN M 356 -52.39 10.28 -19.00
N PRO M 357 -53.03 11.18 -19.74
CA PRO M 357 -52.48 11.59 -21.03
C PRO M 357 -51.34 12.58 -20.90
N VAL M 358 -51.33 13.37 -19.82
CA VAL M 358 -50.26 14.36 -19.65
C VAL M 358 -48.95 13.71 -19.23
N ASN M 359 -48.98 12.45 -18.80
CA ASN M 359 -47.75 11.68 -18.67
C ASN M 359 -47.35 11.03 -19.97
N ASP M 360 -48.32 10.69 -20.82
CA ASP M 360 -47.96 10.10 -22.11
C ASP M 360 -47.45 11.16 -23.06
N ALA M 361 -47.88 12.41 -22.90
CA ALA M 361 -47.36 13.49 -23.71
C ALA M 361 -45.97 13.93 -23.27
N ASN M 362 -45.58 13.63 -22.03
CA ASN M 362 -44.19 13.84 -21.66
C ASN M 362 -43.29 12.78 -22.27
N LEU M 363 -43.78 11.56 -22.41
CA LEU M 363 -42.97 10.45 -22.88
C LEU M 363 -43.11 10.23 -24.38
N LEU M 364 -43.96 10.99 -25.06
CA LEU M 364 -43.98 10.96 -26.51
C LEU M 364 -43.08 12.03 -27.09
N GLY M 365 -43.10 13.23 -26.50
CA GLY M 365 -42.24 14.28 -26.99
C GLY M 365 -40.79 14.07 -26.65
N ALA M 366 -40.51 13.38 -25.55
CA ALA M 366 -39.13 13.13 -25.17
C ALA M 366 -38.50 11.99 -25.94
N GLU M 367 -39.27 11.30 -26.77
CA GLU M 367 -38.77 10.19 -27.56
C GLU M 367 -38.62 10.53 -29.03
N VAL M 368 -39.57 11.27 -29.60
CA VAL M 368 -39.43 11.64 -31.01
C VAL M 368 -38.47 12.80 -31.20
N LEU M 369 -38.07 13.46 -30.12
CA LEU M 369 -37.00 14.45 -30.24
C LEU M 369 -35.66 13.77 -30.44
N ILE M 370 -35.44 12.65 -29.78
CA ILE M 370 -34.16 11.96 -29.84
C ILE M 370 -34.17 10.90 -30.93
N LYS M 371 -35.11 9.98 -30.88
CA LYS M 371 -35.07 8.85 -31.80
C LYS M 371 -35.64 9.19 -33.17
N GLY M 372 -36.56 10.14 -33.24
CA GLY M 372 -37.24 10.44 -34.48
C GLY M 372 -38.59 9.78 -34.63
N SER M 373 -38.83 8.70 -33.89
CA SER M 373 -40.15 8.07 -33.82
C SER M 373 -40.22 7.27 -32.53
N LYS M 374 -41.44 7.13 -32.01
CA LYS M 374 -41.64 6.44 -30.75
C LYS M 374 -41.70 4.94 -30.97
N LEU M 375 -40.83 4.20 -30.30
CA LEU M 375 -40.84 2.75 -30.38
C LEU M 375 -42.07 2.22 -29.64
N SER M 376 -42.90 1.46 -30.34
CA SER M 376 -44.17 1.01 -29.79
C SER M 376 -43.94 -0.04 -28.72
N LEU M 377 -45.00 -0.34 -27.96
CA LEU M 377 -44.84 -1.28 -26.86
C LEU M 377 -44.87 -2.72 -27.31
N GLY M 378 -45.64 -3.03 -28.36
CA GLY M 378 -45.68 -4.40 -28.85
C GLY M 378 -44.40 -4.85 -29.51
N GLU M 379 -43.57 -3.91 -29.95
CA GLU M 379 -42.28 -4.22 -30.53
C GLU M 379 -41.17 -4.13 -29.51
N ALA M 380 -41.30 -3.26 -28.50
CA ALA M 380 -40.35 -3.24 -27.40
C ALA M 380 -40.56 -4.39 -26.42
N PHE M 381 -41.62 -5.18 -26.59
CA PHE M 381 -41.76 -6.43 -25.87
C PHE M 381 -41.02 -7.57 -26.53
N LYS M 382 -40.74 -7.47 -27.83
CA LYS M 382 -39.91 -8.45 -28.49
C LYS M 382 -38.43 -8.21 -28.25
N LYS M 383 -38.05 -7.02 -27.83
CA LYS M 383 -36.67 -6.76 -27.48
C LYS M 383 -36.34 -7.22 -26.06
N ILE M 384 -37.34 -7.40 -25.22
CA ILE M 384 -37.10 -7.97 -23.90
C ILE M 384 -37.27 -9.48 -23.93
N ASP M 385 -38.09 -10.00 -24.82
CA ASP M 385 -38.25 -11.45 -24.94
C ASP M 385 -37.04 -12.12 -25.59
N ALA M 386 -36.11 -11.35 -26.14
CA ALA M 386 -34.95 -11.92 -26.81
C ALA M 386 -33.65 -11.63 -26.09
N ILE M 387 -33.72 -11.29 -24.80
CA ILE M 387 -32.53 -11.10 -23.99
C ILE M 387 -32.20 -12.44 -23.34
N THR M 388 -30.96 -12.90 -23.53
CA THR M 388 -30.53 -14.19 -23.00
C THR M 388 -29.70 -13.93 -21.76
N VAL M 389 -29.26 -15.01 -21.10
CA VAL M 389 -28.37 -14.87 -19.96
C VAL M 389 -27.00 -14.40 -20.40
N LYS M 390 -26.59 -14.80 -21.61
CA LYS M 390 -25.29 -14.40 -22.10
C LYS M 390 -25.23 -12.92 -22.43
N ASP M 391 -26.36 -12.32 -22.80
CA ASP M 391 -26.36 -10.90 -23.12
C ASP M 391 -26.28 -10.04 -21.89
N VAL M 392 -26.76 -10.53 -20.75
CA VAL M 392 -26.56 -9.79 -19.50
C VAL M 392 -25.12 -9.93 -19.04
N LYS M 393 -24.54 -11.12 -19.19
CA LYS M 393 -23.14 -11.33 -18.83
C LYS M 393 -22.21 -10.54 -19.76
N ALA M 394 -22.55 -10.46 -21.04
CA ALA M 394 -21.76 -9.66 -21.96
C ALA M 394 -21.92 -8.18 -21.68
N TRP M 395 -23.07 -7.78 -21.14
CA TRP M 395 -23.24 -6.38 -20.80
C TRP M 395 -22.56 -6.05 -19.48
N ALA M 396 -22.68 -6.93 -18.49
CA ALA M 396 -22.25 -6.58 -17.14
C ALA M 396 -20.73 -6.54 -17.05
N GLY M 397 -20.06 -7.46 -17.74
CA GLY M 397 -18.61 -7.44 -17.77
C GLY M 397 -18.05 -6.25 -18.50
N LYS M 398 -18.82 -5.64 -19.39
CA LYS M 398 -18.39 -4.41 -20.03
C LYS M 398 -18.68 -3.21 -19.14
N ARG M 399 -19.84 -3.16 -18.50
CA ARG M 399 -20.31 -1.93 -17.88
C ARG M 399 -20.10 -1.87 -16.38
N LEU M 400 -20.06 -2.99 -15.66
CA LEU M 400 -19.89 -2.86 -14.21
C LEU M 400 -18.89 -3.80 -13.57
N TRP M 401 -18.30 -4.75 -14.26
CA TRP M 401 -17.22 -5.52 -13.67
C TRP M 401 -15.98 -4.64 -13.63
N ASP M 402 -15.53 -4.31 -12.41
CA ASP M 402 -14.32 -3.55 -12.12
C ASP M 402 -14.34 -2.14 -12.70
N GLN M 403 -15.51 -1.58 -12.95
CA GLN M 403 -15.55 -0.22 -13.47
C GLN M 403 -15.55 0.77 -12.33
N ASP M 404 -15.39 2.05 -12.67
CA ASP M 404 -15.45 3.10 -11.67
C ASP M 404 -16.89 3.31 -11.24
N ILE M 405 -17.05 3.90 -10.06
CA ILE M 405 -18.35 4.17 -9.47
C ILE M 405 -18.43 5.63 -9.07
N ALA M 406 -19.64 6.12 -8.95
CA ALA M 406 -19.90 7.46 -8.44
C ALA M 406 -20.78 7.35 -7.22
N ILE M 407 -20.35 7.94 -6.12
CA ILE M 407 -21.05 7.84 -4.84
C ILE M 407 -21.53 9.22 -4.43
N ALA M 408 -22.72 9.29 -3.85
CA ALA M 408 -23.21 10.52 -3.26
C ALA M 408 -24.00 10.15 -2.03
N GLY M 409 -23.75 10.82 -0.92
CA GLY M 409 -24.37 10.44 0.33
C GLY M 409 -24.66 11.64 1.18
N THR M 410 -25.66 11.50 2.05
CA THR M 410 -25.95 12.51 3.05
C THR M 410 -26.53 11.83 4.27
N GLY M 411 -26.70 12.60 5.34
CA GLY M 411 -27.19 12.05 6.58
C GLY M 411 -26.04 11.66 7.47
N GLN M 412 -26.15 10.52 8.15
CA GLN M 412 -25.06 10.03 9.00
C GLN M 412 -24.31 8.98 8.22
N ILE M 413 -23.40 9.43 7.36
CA ILE M 413 -22.61 8.52 6.54
C ILE M 413 -21.20 8.47 7.08
N GLU M 414 -21.05 8.63 8.40
CA GLU M 414 -19.78 8.31 9.04
C GLU M 414 -19.42 6.86 8.80
N GLY M 415 -20.39 5.96 8.89
CA GLY M 415 -20.16 4.54 8.70
C GLY M 415 -19.83 4.14 7.29
N LEU M 416 -20.04 5.02 6.32
CA LEU M 416 -19.68 4.73 4.95
C LEU M 416 -18.16 4.76 4.81
N LEU M 417 -17.58 3.66 4.38
CA LEU M 417 -16.14 3.60 4.18
C LEU M 417 -15.76 4.41 2.95
N ASP M 418 -14.46 4.62 2.79
CA ASP M 418 -13.98 5.53 1.75
C ASP M 418 -13.99 4.83 0.39
N TYR M 419 -13.35 5.46 -0.61
CA TYR M 419 -13.63 5.10 -2.00
C TYR M 419 -13.06 3.75 -2.37
N MET M 420 -11.78 3.53 -2.09
CA MET M 420 -11.13 2.34 -2.61
C MET M 420 -11.53 1.06 -1.91
N ARG M 421 -12.28 1.14 -0.81
CA ARG M 421 -12.87 -0.06 -0.24
C ARG M 421 -14.27 -0.31 -0.77
N ILE M 422 -14.82 0.59 -1.55
CA ILE M 422 -16.07 0.37 -2.26
C ILE M 422 -15.82 0.08 -3.73
N ARG M 423 -14.86 0.80 -4.32
CA ARG M 423 -14.50 0.58 -5.71
C ARG M 423 -13.90 -0.80 -5.92
N SER M 424 -13.18 -1.31 -4.93
CA SER M 424 -12.62 -2.65 -5.01
C SER M 424 -13.64 -3.74 -4.74
N ASP M 425 -14.88 -3.39 -4.40
CA ASP M 425 -15.91 -4.41 -4.26
C ASP M 425 -16.54 -4.79 -5.58
N MET M 426 -16.19 -4.10 -6.67
CA MET M 426 -16.79 -4.41 -7.96
C MET M 426 -16.26 -5.68 -8.56
N SER M 427 -15.07 -6.13 -8.17
CA SER M 427 -14.48 -7.35 -8.67
C SER M 427 -14.25 -8.31 -7.51
N MET M 428 -14.50 -9.59 -7.74
CA MET M 428 -14.71 -10.52 -6.65
C MET M 428 -13.44 -11.15 -6.10
N MET M 429 -12.31 -11.07 -6.83
CA MET M 429 -11.00 -11.61 -6.46
C MET M 429 -10.98 -13.13 -6.31
N ARG M 430 -12.05 -13.82 -6.67
CA ARG M 430 -12.05 -15.26 -6.74
C ARG M 430 -12.59 -15.74 -8.06
N TRP M 431 -13.02 -14.83 -8.92
CA TRP M 431 -13.39 -15.18 -10.27
C TRP M 431 -12.21 -14.94 -11.18
N LEU N 1 -72.44 -9.56 -6.35
CA LEU N 1 -71.46 -10.03 -7.32
C LEU N 1 -71.72 -9.45 -8.68
N THR N 2 -71.38 -8.16 -8.84
CA THR N 2 -71.47 -7.50 -10.12
C THR N 2 -70.11 -7.59 -10.80
N VAL N 3 -70.12 -8.01 -12.06
CA VAL N 3 -68.91 -8.17 -12.86
C VAL N 3 -69.00 -7.24 -14.05
N SER N 4 -68.13 -6.24 -14.09
CA SER N 4 -68.16 -5.24 -15.15
C SER N 4 -66.74 -4.92 -15.58
N ALA N 5 -66.47 -5.00 -16.88
CA ALA N 5 -65.12 -4.73 -17.36
C ALA N 5 -65.19 -4.24 -18.80
N ARG N 6 -64.21 -3.43 -19.18
CA ARG N 6 -64.12 -2.87 -20.51
C ARG N 6 -62.85 -3.34 -21.19
N ASP N 7 -62.89 -3.42 -22.51
CA ASP N 7 -61.78 -3.93 -23.30
C ASP N 7 -61.10 -2.81 -24.06
N ALA N 8 -59.80 -2.96 -24.25
CA ALA N 8 -58.97 -2.01 -24.97
C ALA N 8 -57.72 -2.77 -25.45
N PRO N 9 -57.01 -2.26 -26.46
CA PRO N 9 -55.83 -2.99 -26.95
C PRO N 9 -54.55 -2.78 -26.16
N THR N 10 -54.68 -2.25 -24.95
CA THR N 10 -53.56 -2.06 -24.03
C THR N 10 -52.91 -3.40 -23.68
N LYS N 11 -51.61 -3.37 -23.42
CA LYS N 11 -50.84 -4.60 -23.22
C LYS N 11 -51.16 -5.26 -21.88
N ILE N 12 -51.23 -4.48 -20.81
CA ILE N 12 -51.49 -5.01 -19.49
C ILE N 12 -52.96 -4.81 -19.15
N SER N 13 -53.42 -5.47 -18.10
CA SER N 13 -54.79 -5.29 -17.64
C SER N 13 -54.81 -5.10 -16.14
N THR N 14 -55.99 -5.06 -15.54
CA THR N 14 -56.13 -4.72 -14.12
C THR N 14 -57.45 -5.28 -13.61
N LEU N 15 -57.39 -6.03 -12.52
CA LEU N 15 -58.56 -6.52 -11.83
C LEU N 15 -58.69 -5.85 -10.48
N ALA N 16 -59.92 -5.65 -10.03
CA ALA N 16 -60.17 -5.02 -8.73
C ALA N 16 -61.43 -5.61 -8.14
N VAL N 17 -61.38 -5.90 -6.85
CA VAL N 17 -62.51 -6.45 -6.12
C VAL N 17 -62.86 -5.44 -5.03
N LYS N 18 -63.84 -4.60 -5.28
CA LYS N 18 -64.22 -3.57 -4.34
C LYS N 18 -65.34 -4.10 -3.45
N VAL N 19 -65.07 -4.19 -2.16
CA VAL N 19 -66.04 -4.71 -1.20
C VAL N 19 -66.38 -3.59 -0.21
N HIS N 20 -67.66 -3.46 0.12
CA HIS N 20 -68.14 -2.43 1.04
C HIS N 20 -67.76 -2.86 2.45
N GLY N 21 -66.51 -2.60 2.81
CA GLY N 21 -66.02 -3.02 4.10
C GLY N 21 -65.02 -2.06 4.69
N GLY N 22 -65.17 -0.78 4.39
CA GLY N 22 -64.19 0.19 4.80
C GLY N 22 -64.25 0.55 6.26
N SER N 23 -63.71 1.71 6.62
CA SER N 23 -63.70 2.08 8.03
C SER N 23 -65.07 2.48 8.54
N ARG N 24 -66.02 2.79 7.67
CA ARG N 24 -67.34 3.14 8.14
C ARG N 24 -68.20 1.93 8.47
N TYR N 25 -67.68 0.71 8.32
CA TYR N 25 -68.38 -0.48 8.76
C TYR N 25 -67.61 -1.22 9.83
N ALA N 26 -66.58 -0.60 10.41
CA ALA N 26 -65.71 -1.28 11.34
C ALA N 26 -66.41 -1.53 12.67
N THR N 27 -66.33 -2.76 13.17
CA THR N 27 -66.94 -3.10 14.44
C THR N 27 -66.19 -2.45 15.59
N LYS N 28 -64.90 -2.72 15.70
CA LYS N 28 -64.04 -2.04 16.66
C LYS N 28 -63.12 -1.10 15.91
N ASP N 29 -62.42 -0.26 16.66
CA ASP N 29 -61.67 0.85 16.07
C ASP N 29 -60.43 0.33 15.38
N GLY N 30 -60.49 0.22 14.06
CA GLY N 30 -59.36 -0.18 13.27
C GLY N 30 -59.35 -1.61 12.84
N VAL N 31 -60.49 -2.29 12.85
CA VAL N 31 -60.53 -3.67 12.38
C VAL N 31 -60.36 -3.72 10.88
N ALA N 32 -60.92 -2.74 10.17
CA ALA N 32 -60.81 -2.72 8.72
C ALA N 32 -59.40 -2.40 8.27
N HIS N 33 -58.61 -1.74 9.12
CA HIS N 33 -57.20 -1.56 8.80
C HIS N 33 -56.43 -2.85 9.00
N LEU N 34 -56.79 -3.64 10.01
CA LEU N 34 -56.10 -4.90 10.22
C LEU N 34 -56.57 -5.95 9.23
N LEU N 35 -57.81 -5.87 8.76
CA LEU N 35 -58.20 -6.77 7.69
C LEU N 35 -57.54 -6.38 6.39
N ASN N 36 -57.25 -5.10 6.21
CA ASN N 36 -56.56 -4.66 5.00
C ASN N 36 -55.10 -5.12 5.01
N ARG N 37 -54.52 -5.30 6.18
CA ARG N 37 -53.18 -5.85 6.19
C ARG N 37 -53.16 -7.36 6.17
N PHE N 38 -54.29 -8.01 6.48
CA PHE N 38 -54.34 -9.47 6.52
C PHE N 38 -54.65 -10.12 5.20
N ASN N 39 -55.21 -9.40 4.23
CA ASN N 39 -55.39 -10.03 2.95
C ASN N 39 -54.05 -10.02 2.22
N PHE N 40 -53.87 -11.00 1.34
CA PHE N 40 -52.59 -11.39 0.72
C PHE N 40 -51.58 -11.85 1.75
N GLN N 41 -52.05 -12.42 2.85
CA GLN N 41 -51.22 -13.23 3.73
C GLN N 41 -51.40 -14.69 3.31
N ASN N 42 -51.02 -15.63 4.17
CA ASN N 42 -51.12 -17.05 3.86
C ASN N 42 -52.56 -17.46 3.63
N THR N 43 -52.75 -18.35 2.67
CA THR N 43 -54.03 -18.91 2.31
C THR N 43 -53.97 -20.38 2.69
N ASN N 44 -55.13 -21.05 2.77
CA ASN N 44 -55.13 -22.46 3.11
C ASN N 44 -54.52 -23.34 2.02
N THR N 45 -54.56 -22.88 0.77
CA THR N 45 -53.99 -23.66 -0.32
C THR N 45 -52.52 -23.32 -0.54
N ARG N 46 -52.23 -22.07 -0.84
CA ARG N 46 -50.86 -21.63 -1.08
C ARG N 46 -50.46 -20.61 -0.03
N SER N 47 -49.18 -20.40 0.11
CA SER N 47 -48.70 -19.50 1.15
C SER N 47 -48.57 -18.10 0.58
N ALA N 48 -48.01 -17.19 1.37
CA ALA N 48 -47.72 -15.85 0.88
C ALA N 48 -46.42 -15.78 0.14
N LEU N 49 -45.57 -16.80 0.27
CA LEU N 49 -44.34 -16.85 -0.49
C LEU N 49 -44.57 -17.45 -1.87
N LYS N 50 -45.45 -18.44 -1.97
CA LYS N 50 -45.80 -19.01 -3.26
C LYS N 50 -46.87 -18.21 -3.98
N LEU N 51 -47.05 -16.96 -3.61
CA LEU N 51 -47.89 -16.03 -4.33
C LEU N 51 -47.09 -14.84 -4.82
N VAL N 52 -46.15 -14.34 -4.03
CA VAL N 52 -45.25 -13.31 -4.50
C VAL N 52 -44.25 -13.90 -5.48
N ARG N 53 -43.64 -15.03 -5.13
CA ARG N 53 -42.64 -15.63 -6.00
C ARG N 53 -43.24 -16.29 -7.22
N GLU N 54 -44.51 -16.66 -7.18
CA GLU N 54 -45.13 -17.33 -8.30
C GLU N 54 -45.78 -16.37 -9.28
N SER N 55 -46.17 -15.19 -8.83
CA SER N 55 -46.77 -14.21 -9.72
C SER N 55 -45.77 -13.26 -10.33
N GLU N 56 -44.57 -13.18 -9.76
CA GLU N 56 -43.53 -12.40 -10.42
C GLU N 56 -43.04 -13.07 -11.69
N LEU N 57 -43.07 -14.40 -11.74
CA LEU N 57 -42.75 -15.10 -12.97
C LEU N 57 -43.86 -14.95 -14.00
N LEU N 58 -45.10 -14.86 -13.54
CA LEU N 58 -46.21 -14.54 -14.42
C LEU N 58 -46.30 -13.05 -14.70
N GLY N 59 -45.52 -12.23 -14.02
CA GLY N 59 -45.44 -10.82 -14.33
C GLY N 59 -46.64 -10.04 -13.89
N GLY N 60 -46.82 -9.88 -12.59
CA GLY N 60 -47.91 -9.04 -12.11
C GLY N 60 -48.04 -8.99 -10.61
N THR N 61 -48.32 -7.82 -10.07
CA THR N 61 -48.26 -7.60 -8.64
C THR N 61 -49.65 -7.46 -8.02
N PHE N 62 -49.67 -7.40 -6.69
CA PHE N 62 -50.87 -7.33 -5.88
C PHE N 62 -50.82 -6.10 -4.99
N LYS N 63 -52.01 -5.65 -4.59
CA LYS N 63 -52.13 -4.43 -3.79
C LYS N 63 -53.51 -4.41 -3.16
N SER N 64 -53.58 -4.06 -1.88
CA SER N 64 -54.84 -3.89 -1.19
C SER N 64 -54.89 -2.49 -0.59
N THR N 65 -56.02 -1.82 -0.74
CA THR N 65 -56.14 -0.41 -0.39
C THR N 65 -57.37 -0.20 0.46
N LEU N 66 -57.22 0.49 1.59
CA LEU N 66 -58.31 0.76 2.51
C LEU N 66 -58.81 2.18 2.32
N ASP N 67 -60.11 2.32 2.09
CA ASP N 67 -60.76 3.61 1.97
C ASP N 67 -61.60 3.85 3.21
N ARG N 68 -62.40 4.93 3.19
CA ARG N 68 -63.42 5.08 4.21
C ARG N 68 -64.66 4.26 3.89
N GLU N 69 -64.77 3.73 2.71
CA GLU N 69 -65.91 2.89 2.40
C GLU N 69 -65.50 1.55 1.83
N TYR N 70 -64.45 1.51 1.03
CA TYR N 70 -64.09 0.32 0.28
C TYR N 70 -62.82 -0.32 0.81
N ILE N 71 -62.75 -1.64 0.66
CA ILE N 71 -61.50 -2.38 0.70
C ILE N 71 -61.32 -2.96 -0.70
N THR N 72 -60.23 -2.59 -1.36
CA THR N 72 -60.08 -2.92 -2.78
C THR N 72 -58.88 -3.83 -2.95
N LEU N 73 -59.14 -5.08 -3.29
CA LEU N 73 -58.09 -6.02 -3.66
C LEU N 73 -57.82 -5.81 -5.13
N LYS N 74 -56.75 -5.08 -5.44
CA LYS N 74 -56.41 -4.70 -6.80
C LYS N 74 -55.22 -5.51 -7.28
N ALA N 75 -55.26 -5.94 -8.53
CA ALA N 75 -54.18 -6.75 -9.10
C ALA N 75 -53.90 -6.27 -10.50
N THR N 76 -52.65 -5.84 -10.75
CA THR N 76 -52.20 -5.46 -12.08
C THR N 76 -51.33 -6.57 -12.65
N PHE N 77 -51.51 -6.87 -13.93
CA PHE N 77 -50.96 -8.09 -14.50
C PHE N 77 -51.02 -8.00 -16.02
N LEU N 78 -50.24 -8.85 -16.68
CA LEU N 78 -50.28 -8.91 -18.13
C LEU N 78 -51.60 -9.52 -18.60
N LYS N 79 -51.93 -9.30 -19.87
CA LYS N 79 -53.31 -9.51 -20.30
C LYS N 79 -53.68 -10.99 -20.40
N ASP N 80 -52.73 -11.86 -20.71
CA ASP N 80 -53.09 -13.22 -21.06
C ASP N 80 -53.26 -14.13 -19.85
N ASP N 81 -52.60 -13.86 -18.74
CA ASP N 81 -52.80 -14.66 -17.54
C ASP N 81 -53.86 -14.02 -16.65
N LEU N 82 -55.06 -13.93 -17.19
CA LEU N 82 -56.21 -13.53 -16.38
C LEU N 82 -56.61 -14.58 -15.35
N PRO N 83 -56.95 -15.84 -15.70
CA PRO N 83 -57.63 -16.69 -14.73
C PRO N 83 -56.75 -17.20 -13.61
N TYR N 84 -55.44 -16.92 -13.65
CA TYR N 84 -54.66 -17.11 -12.44
C TYR N 84 -55.03 -16.06 -11.41
N TYR N 85 -55.24 -14.82 -11.85
CA TYR N 85 -55.48 -13.73 -10.91
C TYR N 85 -56.93 -13.62 -10.48
N VAL N 86 -57.86 -14.20 -11.24
CA VAL N 86 -59.22 -14.30 -10.73
C VAL N 86 -59.28 -15.34 -9.61
N ASN N 87 -58.54 -16.44 -9.77
CA ASN N 87 -58.48 -17.44 -8.72
C ASN N 87 -57.62 -16.99 -7.55
N ALA N 88 -56.60 -16.18 -7.79
CA ALA N 88 -55.75 -15.74 -6.69
C ALA N 88 -56.36 -14.63 -5.86
N LEU N 89 -57.45 -14.01 -6.32
CA LEU N 89 -58.21 -13.10 -5.49
C LEU N 89 -59.41 -13.77 -4.86
N ALA N 90 -59.92 -14.83 -5.48
CA ALA N 90 -61.01 -15.57 -4.84
C ALA N 90 -60.52 -16.34 -3.63
N ASP N 91 -59.27 -16.81 -3.67
CA ASP N 91 -58.71 -17.53 -2.53
C ASP N 91 -58.43 -16.62 -1.36
N VAL N 92 -58.22 -15.32 -1.60
CA VAL N 92 -57.97 -14.40 -0.51
C VAL N 92 -59.27 -14.00 0.17
N LEU N 93 -60.35 -13.85 -0.59
CA LEU N 93 -61.64 -13.58 0.01
C LEU N 93 -62.17 -14.80 0.75
N TYR N 94 -62.02 -15.98 0.15
CA TYR N 94 -62.64 -17.17 0.71
C TYR N 94 -61.88 -17.70 1.92
N LYS N 95 -60.60 -17.98 1.77
CA LYS N 95 -59.89 -18.85 2.69
C LYS N 95 -58.53 -18.28 3.12
N THR N 96 -58.50 -17.02 3.54
CA THR N 96 -57.33 -16.50 4.21
C THR N 96 -57.14 -17.26 5.52
N ALA N 97 -55.88 -17.48 5.90
CA ALA N 97 -55.59 -18.38 7.01
C ALA N 97 -55.97 -17.77 8.35
N PHE N 98 -55.58 -16.50 8.57
CA PHE N 98 -55.67 -15.81 9.85
C PHE N 98 -54.98 -16.61 10.95
N LYS N 99 -53.73 -16.97 10.71
CA LYS N 99 -53.00 -17.67 11.73
C LYS N 99 -52.46 -16.68 12.75
N PRO N 100 -52.38 -17.06 14.03
CA PRO N 100 -51.97 -16.09 15.05
C PRO N 100 -50.52 -15.69 14.96
N HIS N 101 -49.67 -16.45 14.28
CA HIS N 101 -48.28 -16.06 14.18
C HIS N 101 -48.04 -15.01 13.12
N GLU N 102 -49.00 -14.77 12.22
CA GLU N 102 -48.86 -13.70 11.25
C GLU N 102 -49.27 -12.37 11.84
N LEU N 103 -50.21 -12.39 12.79
CA LEU N 103 -50.71 -11.15 13.36
C LEU N 103 -49.65 -10.46 14.19
N THR N 104 -48.82 -11.23 14.88
CA THR N 104 -47.81 -10.62 15.73
C THR N 104 -46.51 -10.35 15.00
N GLU N 105 -46.27 -10.98 13.86
CA GLU N 105 -45.00 -10.85 13.16
C GLU N 105 -45.06 -9.99 11.92
N SER N 106 -46.15 -10.01 11.18
CA SER N 106 -46.22 -9.30 9.91
C SER N 106 -47.32 -8.26 9.85
N VAL N 107 -48.49 -8.51 10.41
CA VAL N 107 -49.61 -7.59 10.30
C VAL N 107 -49.46 -6.41 11.23
N LEU N 108 -49.31 -6.67 12.52
CA LEU N 108 -49.15 -5.57 13.48
C LEU N 108 -47.86 -4.78 13.35
N PRO N 109 -46.72 -5.34 12.92
CA PRO N 109 -45.62 -4.44 12.55
C PRO N 109 -45.90 -3.60 11.32
N ALA N 110 -46.76 -4.07 10.41
CA ALA N 110 -47.14 -3.23 9.28
C ALA N 110 -48.11 -2.15 9.73
N ALA N 111 -49.12 -2.52 10.51
CA ALA N 111 -50.11 -1.56 10.94
C ALA N 111 -49.57 -0.55 11.95
N ARG N 112 -48.51 -0.90 12.68
CA ARG N 112 -47.85 0.09 13.52
C ARG N 112 -47.05 1.08 12.70
N TYR N 113 -46.76 0.76 11.44
CA TYR N 113 -46.01 1.66 10.58
C TYR N 113 -46.93 2.61 9.83
N ASP N 114 -48.11 2.12 9.42
CA ASP N 114 -49.08 2.99 8.76
C ASP N 114 -49.57 4.08 9.68
N TYR N 115 -49.74 3.75 10.97
CA TYR N 115 -50.18 4.76 11.90
C TYR N 115 -49.05 5.74 12.21
N ALA N 116 -47.82 5.26 12.28
CA ALA N 116 -46.70 6.14 12.59
C ALA N 116 -46.34 7.03 11.43
N VAL N 117 -46.74 6.67 10.21
CA VAL N 117 -46.60 7.59 9.08
C VAL N 117 -47.68 8.66 9.12
N ALA N 118 -48.93 8.26 9.33
CA ALA N 118 -50.04 9.20 9.29
C ALA N 118 -50.09 10.08 10.52
N GLU N 119 -49.42 9.71 11.61
CA GLU N 119 -49.40 10.58 12.78
C GLU N 119 -48.52 11.79 12.54
N GLN N 120 -47.52 11.67 11.69
CA GLN N 120 -46.59 12.78 11.47
C GLN N 120 -47.14 13.85 10.55
N CYS N 121 -48.24 13.58 9.85
CA CYS N 121 -48.80 14.56 8.93
C CYS N 121 -50.06 15.12 9.53
N PRO N 122 -50.06 16.38 10.01
CA PRO N 122 -51.23 16.89 10.74
C PRO N 122 -52.42 17.23 9.87
N VAL N 123 -52.34 17.15 8.54
CA VAL N 123 -53.54 17.24 7.72
C VAL N 123 -54.20 15.88 7.51
N LYS N 124 -53.58 14.81 8.00
CA LYS N 124 -54.26 13.53 8.10
C LYS N 124 -54.79 13.28 9.49
N SER N 125 -54.35 14.05 10.47
CA SER N 125 -54.97 14.03 11.79
C SER N 125 -56.07 15.05 11.91
N ALA N 126 -55.97 16.18 11.21
CA ALA N 126 -57.08 17.12 11.17
C ALA N 126 -58.22 16.62 10.31
N GLU N 127 -57.97 15.66 9.43
CA GLU N 127 -59.06 15.08 8.66
C GLU N 127 -59.78 14.03 9.46
N ASP N 128 -59.04 13.22 10.22
CA ASP N 128 -59.67 12.20 11.05
C ASP N 128 -60.42 12.82 12.22
N GLN N 129 -59.95 13.95 12.74
CA GLN N 129 -60.69 14.68 13.76
C GLN N 129 -61.88 15.43 13.17
N LEU N 130 -61.95 15.57 11.86
CA LEU N 130 -63.06 16.25 11.21
C LEU N 130 -64.15 15.30 10.77
N TYR N 131 -63.80 14.07 10.40
CA TYR N 131 -64.82 13.08 10.18
C TYR N 131 -65.48 12.66 11.48
N ALA N 132 -64.73 12.68 12.57
CA ALA N 132 -65.21 12.09 13.80
C ALA N 132 -66.16 12.98 14.58
N ILE N 133 -66.14 14.28 14.34
CA ILE N 133 -67.04 15.18 15.06
C ILE N 133 -68.24 15.60 14.25
N THR N 134 -68.31 15.23 12.97
CA THR N 134 -69.48 15.48 12.15
C THR N 134 -70.36 14.25 12.04
N PHE N 135 -69.79 13.16 11.55
CA PHE N 135 -70.43 11.85 11.57
C PHE N 135 -69.87 11.14 12.79
N ARG N 136 -70.72 10.78 13.74
CA ARG N 136 -70.14 10.36 15.01
C ARG N 136 -69.69 8.91 14.99
N LYS N 137 -70.62 7.97 14.82
CA LYS N 137 -70.25 6.56 14.88
C LYS N 137 -70.51 5.85 13.55
N GLY N 138 -70.73 6.59 12.49
CA GLY N 138 -70.90 5.99 11.19
C GLY N 138 -69.61 6.10 10.40
N LEU N 139 -69.54 7.14 9.58
CA LEU N 139 -68.32 7.45 8.83
C LEU N 139 -67.17 7.87 9.72
N GLY N 140 -67.45 8.38 10.91
CA GLY N 140 -66.40 8.97 11.72
C GLY N 140 -65.61 8.01 12.57
N ASN N 141 -65.58 6.74 12.20
CA ASN N 141 -64.68 5.79 12.81
C ASN N 141 -63.24 6.17 12.47
N PRO N 142 -62.27 5.77 13.28
CA PRO N 142 -60.88 5.96 12.89
C PRO N 142 -60.53 5.06 11.73
N LEU N 143 -59.74 5.60 10.81
CA LEU N 143 -59.34 4.82 9.64
C LEU N 143 -58.26 3.81 9.98
N LEU N 144 -57.33 4.17 10.86
CA LEU N 144 -56.15 3.37 11.14
C LEU N 144 -56.15 2.89 12.58
N TYR N 145 -55.71 1.65 12.76
CA TYR N 145 -55.64 1.03 14.08
C TYR N 145 -54.47 1.59 14.84
N ASP N 146 -54.74 2.36 15.90
CA ASP N 146 -53.68 2.91 16.73
C ASP N 146 -53.46 2.14 18.02
N GLY N 147 -54.46 1.43 18.50
CA GLY N 147 -54.31 0.59 19.67
C GLY N 147 -55.16 0.97 20.86
N VAL N 148 -56.02 1.98 20.78
CA VAL N 148 -56.84 2.35 21.92
C VAL N 148 -57.98 1.38 22.17
N GLU N 149 -58.25 0.48 21.23
CA GLU N 149 -59.22 -0.58 21.41
C GLU N 149 -58.55 -1.88 21.00
N ARG N 150 -58.49 -2.83 21.92
CA ARG N 150 -57.77 -4.06 21.66
C ARG N 150 -58.53 -4.93 20.68
N VAL N 151 -57.90 -5.22 19.55
CA VAL N 151 -58.51 -6.01 18.48
C VAL N 151 -57.85 -7.37 18.46
N SER N 152 -58.58 -8.39 18.90
CA SER N 152 -58.06 -9.74 18.90
C SER N 152 -58.17 -10.34 17.51
N LEU N 153 -57.68 -11.57 17.36
CA LEU N 153 -57.78 -12.24 16.08
C LEU N 153 -59.21 -12.65 15.78
N GLN N 154 -60.02 -12.89 16.79
CA GLN N 154 -61.41 -13.22 16.53
C GLN N 154 -62.22 -12.00 16.13
N ASP N 155 -61.75 -10.79 16.44
CA ASP N 155 -62.43 -9.60 15.92
C ASP N 155 -62.16 -9.44 14.43
N ILE N 156 -60.96 -9.77 13.98
CA ILE N 156 -60.66 -9.70 12.55
C ILE N 156 -61.40 -10.81 11.81
N LYS N 157 -61.42 -12.00 12.39
CA LYS N 157 -62.04 -13.13 11.72
C LYS N 157 -63.56 -13.03 11.69
N ASP N 158 -64.15 -12.22 12.57
CA ASP N 158 -65.59 -11.99 12.51
C ASP N 158 -65.96 -10.84 11.62
N PHE N 159 -65.02 -9.94 11.34
CA PHE N 159 -65.26 -8.91 10.35
C PHE N 159 -65.28 -9.50 8.95
N ALA N 160 -64.28 -10.32 8.64
CA ALA N 160 -64.14 -10.89 7.31
C ALA N 160 -65.21 -11.93 6.99
N ASP N 161 -65.89 -12.48 8.00
CA ASP N 161 -67.05 -13.30 7.70
C ASP N 161 -68.28 -12.46 7.41
N LYS N 162 -68.27 -11.20 7.83
CA LYS N 162 -69.38 -10.29 7.66
C LYS N 162 -69.23 -9.45 6.40
N VAL N 163 -68.01 -9.01 6.12
CA VAL N 163 -67.74 -8.18 4.96
C VAL N 163 -67.61 -8.99 3.69
N TYR N 164 -66.73 -10.00 3.67
CA TYR N 164 -66.47 -10.74 2.45
C TYR N 164 -67.62 -11.68 2.13
N THR N 165 -68.70 -11.14 1.58
CA THR N 165 -69.85 -11.95 1.23
C THR N 165 -70.14 -11.76 -0.25
N LYS N 166 -71.05 -12.58 -0.77
CA LYS N 166 -71.31 -12.56 -2.21
C LYS N 166 -72.21 -11.40 -2.62
N GLU N 167 -72.75 -10.63 -1.68
CA GLU N 167 -73.59 -9.51 -2.02
C GLU N 167 -72.96 -8.18 -1.64
N ASN N 168 -71.93 -8.18 -0.81
CA ASN N 168 -71.19 -6.98 -0.48
C ASN N 168 -70.10 -6.68 -1.49
N LEU N 169 -70.04 -7.44 -2.58
CA LEU N 169 -68.83 -7.61 -3.36
C LEU N 169 -69.06 -7.10 -4.78
N GLU N 170 -68.10 -6.35 -5.30
CA GLU N 170 -68.17 -5.84 -6.66
C GLU N 170 -66.83 -6.10 -7.34
N VAL N 171 -66.87 -6.83 -8.45
CA VAL N 171 -65.67 -7.18 -9.21
C VAL N 171 -65.63 -6.34 -10.47
N SER N 172 -64.54 -5.60 -10.65
CA SER N 172 -64.45 -4.66 -11.77
C SER N 172 -63.09 -4.78 -12.42
N GLY N 173 -63.07 -5.13 -13.70
CA GLY N 173 -61.85 -5.27 -14.45
C GLY N 173 -61.57 -4.05 -15.33
N GLU N 174 -60.30 -3.71 -15.45
CA GLU N 174 -59.84 -2.69 -16.39
C GLU N 174 -58.98 -3.38 -17.43
N ASN N 175 -59.26 -3.10 -18.71
CA ASN N 175 -58.63 -3.75 -19.86
C ASN N 175 -58.85 -5.26 -19.84
N VAL N 176 -60.01 -5.69 -19.37
CA VAL N 176 -60.37 -7.10 -19.32
C VAL N 176 -61.56 -7.30 -20.22
N VAL N 177 -61.53 -8.36 -21.03
CA VAL N 177 -62.75 -8.74 -21.75
C VAL N 177 -63.77 -9.24 -20.73
N GLU N 178 -64.97 -8.65 -20.77
CA GLU N 178 -65.93 -8.89 -19.70
C GLU N 178 -66.57 -10.26 -19.83
N ALA N 179 -66.86 -10.69 -21.06
CA ALA N 179 -67.53 -11.97 -21.28
C ALA N 179 -66.66 -13.16 -20.92
N ASP N 180 -65.36 -12.98 -20.74
CA ASP N 180 -64.50 -14.03 -20.21
C ASP N 180 -64.21 -13.86 -18.74
N LEU N 181 -64.28 -12.64 -18.21
CA LEU N 181 -64.17 -12.45 -16.77
C LEU N 181 -65.38 -13.04 -16.04
N LYS N 182 -66.54 -13.05 -16.69
CA LYS N 182 -67.71 -13.67 -16.09
C LYS N 182 -67.63 -15.18 -16.08
N ARG N 183 -66.78 -15.77 -16.91
CA ARG N 183 -66.61 -17.22 -16.86
C ARG N 183 -65.57 -17.63 -15.84
N PHE N 184 -64.60 -16.77 -15.56
CA PHE N 184 -63.62 -17.08 -14.53
C PHE N 184 -64.09 -16.71 -13.15
N VAL N 185 -64.96 -15.72 -13.03
CA VAL N 185 -65.59 -15.43 -11.74
C VAL N 185 -66.52 -16.57 -11.34
N ASP N 186 -67.33 -17.04 -12.29
CA ASP N 186 -68.31 -18.10 -12.02
C ASP N 186 -67.69 -19.48 -11.97
N GLU N 187 -66.37 -19.61 -11.98
CA GLU N 187 -65.71 -20.87 -11.75
C GLU N 187 -64.78 -20.85 -10.55
N SER N 188 -64.43 -19.68 -10.05
CA SER N 188 -63.50 -19.57 -8.95
C SER N 188 -64.21 -19.83 -7.62
N LEU N 189 -63.57 -19.48 -6.52
CA LEU N 189 -64.15 -19.74 -5.22
C LEU N 189 -65.11 -18.64 -4.77
N LEU N 190 -65.09 -17.47 -5.40
CA LEU N 190 -66.04 -16.43 -5.03
C LEU N 190 -67.38 -16.57 -5.74
N SER N 191 -67.65 -17.74 -6.31
CA SER N 191 -69.02 -18.14 -6.59
C SER N 191 -69.63 -18.95 -5.47
N THR N 192 -68.82 -19.39 -4.50
CA THR N 192 -69.31 -20.15 -3.35
C THR N 192 -69.07 -19.41 -2.04
N LEU N 193 -68.96 -18.10 -2.08
CA LEU N 193 -68.97 -17.30 -0.87
C LEU N 193 -70.38 -17.27 -0.30
N PRO N 194 -70.54 -16.99 0.99
CA PRO N 194 -71.89 -16.89 1.55
C PRO N 194 -72.59 -15.65 1.04
N ALA N 195 -73.80 -15.83 0.51
CA ALA N 195 -74.56 -14.72 -0.05
C ALA N 195 -75.13 -13.91 1.11
N GLY N 196 -74.33 -12.97 1.60
CA GLY N 196 -74.72 -12.18 2.75
C GLY N 196 -75.68 -11.07 2.40
N LYS N 197 -75.59 -9.95 3.12
CA LYS N 197 -76.39 -8.78 2.81
C LYS N 197 -75.46 -7.64 2.47
N SER N 198 -75.93 -6.76 1.58
CA SER N 198 -75.13 -5.62 1.18
C SER N 198 -75.13 -4.58 2.28
N LEU N 199 -73.95 -4.13 2.67
CA LEU N 199 -73.80 -3.31 3.86
C LEU N 199 -74.02 -1.83 3.60
N VAL N 200 -74.47 -1.44 2.41
CA VAL N 200 -74.72 -0.03 2.16
C VAL N 200 -76.05 0.36 2.79
N SER N 201 -76.13 1.60 3.24
CA SER N 201 -77.34 2.15 3.82
C SER N 201 -77.93 3.15 2.85
N LYS N 202 -79.21 2.99 2.51
CA LYS N 202 -79.83 3.88 1.54
C LYS N 202 -80.13 5.23 2.16
N SER N 203 -80.31 5.29 3.47
CA SER N 203 -80.61 6.55 4.13
C SER N 203 -79.37 7.41 4.24
N GLU N 204 -79.58 8.72 4.23
CA GLU N 204 -78.49 9.66 4.37
C GLU N 204 -77.94 9.64 5.79
N PRO N 205 -76.65 9.89 5.98
CA PRO N 205 -76.08 9.84 7.33
C PRO N 205 -76.52 11.03 8.16
N LYS N 206 -76.55 10.83 9.46
CA LYS N 206 -76.86 11.90 10.39
C LYS N 206 -75.57 12.64 10.72
N PHE N 207 -75.55 13.94 10.48
CA PHE N 207 -74.38 14.76 10.71
C PHE N 207 -74.64 15.70 11.87
N PHE N 208 -73.58 16.35 12.32
CA PHE N 208 -73.68 17.29 13.42
C PHE N 208 -72.92 18.56 13.05
N LEU N 209 -73.59 19.69 13.16
CA LEU N 209 -73.03 20.97 12.74
C LEU N 209 -72.62 21.80 13.95
N GLY N 210 -71.61 22.63 13.75
CA GLY N 210 -71.18 23.53 14.79
C GLY N 210 -70.28 22.93 15.84
N GLU N 211 -69.74 21.73 15.62
CA GLU N 211 -68.88 21.11 16.61
C GLU N 211 -67.46 21.67 16.49
N GLU N 212 -66.60 21.24 17.41
CA GLU N 212 -65.23 21.75 17.47
C GLU N 212 -64.39 20.76 18.28
N ASN N 213 -63.12 20.64 17.90
CA ASN N 213 -62.19 19.78 18.59
C ASN N 213 -60.79 20.31 18.34
N ARG N 214 -59.94 20.29 19.36
CA ARG N 214 -58.60 20.86 19.27
C ARG N 214 -57.59 19.87 19.81
N VAL N 215 -56.56 19.58 19.01
CA VAL N 215 -55.55 18.58 19.34
C VAL N 215 -54.19 19.25 19.38
N ARG N 216 -53.49 19.11 20.50
CA ARG N 216 -52.14 19.63 20.58
C ARG N 216 -51.19 18.76 19.76
N PHE N 217 -50.21 19.40 19.14
CA PHE N 217 -49.33 18.72 18.20
C PHE N 217 -48.04 19.53 18.08
N ILE N 218 -46.96 18.83 17.78
CA ILE N 218 -45.66 19.45 17.60
C ILE N 218 -45.37 19.50 16.10
N GLY N 219 -45.40 20.69 15.52
CA GLY N 219 -45.09 20.81 14.11
C GLY N 219 -45.96 21.83 13.40
N ASP N 220 -46.44 21.47 12.22
CA ASP N 220 -47.30 22.35 11.45
C ASP N 220 -48.65 22.50 12.13
N SER N 221 -49.30 23.63 11.90
CA SER N 221 -50.51 24.00 12.62
C SER N 221 -51.68 24.08 11.65
N VAL N 222 -52.38 22.98 11.46
CA VAL N 222 -53.53 22.93 10.57
C VAL N 222 -54.73 23.54 11.27
N ALA N 223 -55.57 24.25 10.51
CA ALA N 223 -56.87 24.70 11.02
C ALA N 223 -57.91 24.38 9.95
N ALA N 224 -58.50 23.21 10.04
CA ALA N 224 -59.42 22.73 9.03
C ALA N 224 -60.85 23.17 9.32
N ILE N 225 -61.66 23.26 8.27
CA ILE N 225 -63.10 23.40 8.40
C ILE N 225 -63.74 22.28 7.61
N GLY N 226 -64.98 21.97 7.95
CA GLY N 226 -65.67 20.87 7.30
C GLY N 226 -67.15 21.13 7.18
N ILE N 227 -67.76 20.71 6.08
CA ILE N 227 -69.17 20.90 5.84
C ILE N 227 -69.75 19.58 5.35
N PRO N 228 -70.72 18.99 6.02
CA PRO N 228 -71.39 17.81 5.47
C PRO N 228 -72.28 18.20 4.32
N VAL N 229 -72.28 17.36 3.29
CA VAL N 229 -73.02 17.59 2.06
C VAL N 229 -74.01 16.45 1.86
N ASN N 230 -75.25 16.78 1.51
CA ASN N 230 -76.21 15.75 1.16
C ASN N 230 -76.02 15.34 -0.29
N LYS N 231 -76.91 14.48 -0.79
CA LYS N 231 -76.75 13.94 -2.13
C LYS N 231 -77.07 14.99 -3.19
N ALA N 232 -78.04 15.86 -2.94
CA ALA N 232 -78.50 16.79 -3.96
C ALA N 232 -77.52 17.92 -4.17
N SER N 233 -76.93 18.44 -3.10
CA SER N 233 -76.02 19.57 -3.19
C SER N 233 -74.58 19.14 -3.34
N LEU N 234 -74.35 17.94 -3.87
CA LEU N 234 -72.99 17.44 -4.02
C LEU N 234 -72.29 18.07 -5.22
N ALA N 235 -73.03 18.56 -6.20
CA ALA N 235 -72.42 19.18 -7.37
C ALA N 235 -71.92 20.58 -7.06
N GLN N 236 -72.55 21.28 -6.12
CA GLN N 236 -72.13 22.66 -5.82
C GLN N 236 -70.83 22.68 -5.05
N TYR N 237 -70.65 21.76 -4.10
CA TYR N 237 -69.40 21.71 -3.37
C TYR N 237 -68.26 21.12 -4.19
N GLU N 238 -68.58 20.41 -5.26
CA GLU N 238 -67.53 19.92 -6.15
C GLU N 238 -66.92 21.06 -6.95
N VAL N 239 -67.75 22.01 -7.39
CA VAL N 239 -67.23 23.21 -8.05
C VAL N 239 -66.43 24.05 -7.07
N LEU N 240 -66.88 24.11 -5.82
CA LEU N 240 -66.18 24.92 -4.82
C LEU N 240 -64.84 24.30 -4.45
N ALA N 241 -64.74 22.98 -4.49
CA ALA N 241 -63.47 22.33 -4.20
C ALA N 241 -62.43 22.59 -5.26
N ASN N 242 -62.84 22.90 -6.49
CA ASN N 242 -61.91 23.25 -7.54
C ASN N 242 -61.78 24.75 -7.74
N TYR N 243 -62.75 25.53 -7.28
CA TYR N 243 -62.62 26.98 -7.34
C TYR N 243 -61.57 27.46 -6.36
N LEU N 244 -61.57 26.93 -5.15
CA LEU N 244 -60.71 27.46 -4.11
C LEU N 244 -59.26 27.04 -4.27
N THR N 245 -58.97 26.03 -5.07
CA THR N 245 -57.59 25.62 -5.27
C THR N 245 -57.02 26.12 -6.59
N SER N 246 -57.87 26.45 -7.56
CA SER N 246 -57.38 26.97 -8.83
C SER N 246 -56.96 28.42 -8.68
N ALA N 247 -56.38 28.96 -9.74
CA ALA N 247 -55.96 30.35 -9.74
C ALA N 247 -57.10 31.32 -10.01
N LEU N 248 -58.34 30.84 -10.05
CA LEU N 248 -59.47 31.74 -10.23
C LEU N 248 -59.74 32.54 -8.97
N SER N 249 -59.48 31.98 -7.80
CA SER N 249 -59.80 32.61 -6.54
C SER N 249 -58.59 33.35 -6.01
N GLU N 250 -58.84 34.49 -5.37
CA GLU N 250 -57.77 35.27 -4.75
C GLU N 250 -57.28 34.67 -3.45
N LEU N 251 -57.94 33.65 -2.93
CA LEU N 251 -57.55 33.01 -1.69
C LEU N 251 -57.19 31.55 -1.91
N SER N 252 -56.62 31.25 -3.08
CA SER N 252 -56.01 29.94 -3.28
C SER N 252 -54.60 29.88 -2.73
N GLY N 253 -53.94 31.02 -2.61
CA GLY N 253 -52.64 31.04 -1.99
C GLY N 253 -52.66 30.93 -0.50
N LEU N 254 -53.82 31.17 0.12
CA LEU N 254 -53.96 31.07 1.57
C LEU N 254 -54.20 29.63 2.00
N ILE N 255 -55.13 28.94 1.35
CA ILE N 255 -55.44 27.57 1.75
C ILE N 255 -54.34 26.64 1.27
N SER N 256 -54.32 25.44 1.85
CA SER N 256 -53.37 24.41 1.48
C SER N 256 -53.99 23.28 0.69
N SER N 257 -55.22 22.92 0.99
CA SER N 257 -55.93 21.85 0.29
C SER N 257 -57.41 22.03 0.53
N ALA N 258 -58.21 21.62 -0.44
CA ALA N 258 -59.66 21.66 -0.29
C ALA N 258 -60.24 20.61 -1.22
N LYS N 259 -60.76 19.54 -0.66
CA LYS N 259 -61.30 18.46 -1.47
C LYS N 259 -62.71 18.14 -1.00
N LEU N 260 -63.40 17.34 -1.80
CA LEU N 260 -64.73 16.86 -1.45
C LEU N 260 -64.74 15.36 -1.61
N ASP N 261 -65.13 14.65 -0.57
CA ASP N 261 -65.06 13.19 -0.53
C ASP N 261 -66.45 12.63 -0.82
N LYS N 262 -66.68 12.28 -2.07
CA LYS N 262 -68.00 11.84 -2.49
C LYS N 262 -68.21 10.39 -2.08
N PHE N 263 -69.21 10.14 -1.26
CA PHE N 263 -69.65 8.80 -0.92
C PHE N 263 -70.90 8.48 -1.72
N THR N 264 -71.50 7.33 -1.46
CA THR N 264 -72.69 6.94 -2.20
C THR N 264 -73.89 7.77 -1.78
N ASP N 265 -73.87 8.28 -0.56
CA ASP N 265 -75.07 8.91 0.00
C ASP N 265 -74.75 10.20 0.74
N GLY N 266 -73.73 10.92 0.31
CA GLY N 266 -73.37 12.18 0.95
C GLY N 266 -71.93 12.54 0.65
N GLY N 267 -71.33 13.26 1.58
CA GLY N 267 -69.95 13.66 1.43
C GLY N 267 -69.58 14.74 2.41
N LEU N 268 -68.28 15.06 2.43
CA LEU N 268 -67.75 16.02 3.39
C LEU N 268 -66.74 16.91 2.69
N PHE N 269 -67.08 18.19 2.54
CA PHE N 269 -66.16 19.16 2.00
C PHE N 269 -65.18 19.59 3.07
N THR N 270 -63.89 19.45 2.80
CA THR N 270 -62.85 19.86 3.73
C THR N 270 -62.09 21.05 3.18
N LEU N 271 -61.31 21.69 4.05
CA LEU N 271 -60.51 22.84 3.66
C LEU N 271 -59.41 23.02 4.69
N PHE N 272 -58.15 22.87 4.30
CA PHE N 272 -57.04 22.86 5.23
C PHE N 272 -56.17 24.09 5.02
N VAL N 273 -55.79 24.74 6.11
CA VAL N 273 -54.84 25.83 6.09
C VAL N 273 -53.66 25.38 6.94
N ARG N 274 -52.53 25.11 6.30
CA ARG N 274 -51.40 24.47 6.97
C ARG N 274 -50.17 25.35 6.89
N ASP N 275 -49.57 25.62 8.04
CA ASP N 275 -48.32 26.36 8.09
C ASP N 275 -47.61 26.02 9.38
N GLN N 276 -46.29 26.24 9.39
CA GLN N 276 -45.51 26.08 10.62
C GLN N 276 -45.63 27.27 11.53
N ASP N 277 -46.02 28.43 11.02
CA ASP N 277 -46.18 29.63 11.83
C ASP N 277 -47.64 29.71 12.22
N SER N 278 -47.91 29.67 13.52
CA SER N 278 -49.29 29.69 14.00
C SER N 278 -49.85 31.09 14.12
N ALA N 279 -49.15 32.09 13.61
CA ALA N 279 -49.69 33.43 13.51
C ALA N 279 -50.19 33.76 12.12
N VAL N 280 -49.81 32.98 11.11
CA VAL N 280 -50.37 33.13 9.78
C VAL N 280 -51.41 32.07 9.46
N VAL N 281 -51.57 31.07 10.31
CA VAL N 281 -52.75 30.24 10.21
C VAL N 281 -53.94 30.95 10.82
N SER N 282 -53.71 31.66 11.92
CA SER N 282 -54.77 32.41 12.56
C SER N 282 -55.17 33.65 11.78
N SER N 283 -54.34 34.09 10.84
CA SER N 283 -54.67 35.22 10.00
C SER N 283 -55.20 34.81 8.64
N ASN N 284 -55.09 33.52 8.29
CA ASN N 284 -55.66 33.05 7.05
C ASN N 284 -57.05 32.48 7.26
N ILE N 285 -57.23 31.63 8.27
CA ILE N 285 -58.53 31.02 8.50
C ILE N 285 -59.53 32.01 9.04
N LYS N 286 -59.09 33.16 9.55
CA LYS N 286 -60.01 34.23 9.85
C LYS N 286 -60.33 35.07 8.62
N LYS N 287 -59.74 34.76 7.48
CA LYS N 287 -60.00 35.43 6.23
C LYS N 287 -60.62 34.52 5.18
N ILE N 288 -60.38 33.21 5.24
CA ILE N 288 -61.07 32.29 4.36
C ILE N 288 -62.55 32.25 4.70
N VAL N 289 -62.86 32.12 5.99
CA VAL N 289 -64.26 32.04 6.40
C VAL N 289 -64.92 33.40 6.36
N ALA N 290 -64.16 34.48 6.50
CA ALA N 290 -64.76 35.80 6.40
C ALA N 290 -65.12 36.19 4.97
N ASP N 291 -64.59 35.49 3.99
CA ASP N 291 -64.96 35.72 2.59
C ASP N 291 -65.93 34.68 2.05
N LEU N 292 -65.87 33.45 2.57
CA LEU N 292 -66.84 32.45 2.14
C LEU N 292 -68.22 32.75 2.69
N LYS N 293 -68.31 33.39 3.86
CA LYS N 293 -69.59 33.86 4.34
C LYS N 293 -70.08 35.06 3.57
N LYS N 294 -69.18 35.79 2.93
CA LYS N 294 -69.57 36.95 2.13
C LYS N 294 -70.22 36.54 0.82
N GLY N 295 -69.99 35.33 0.36
CA GLY N 295 -70.59 34.84 -0.86
C GLY N 295 -69.57 34.79 -1.98
N LYS N 296 -69.58 33.71 -2.74
CA LYS N 296 -68.71 33.56 -3.90
C LYS N 296 -69.54 33.15 -5.11
N ASP N 297 -69.01 33.43 -6.28
CA ASP N 297 -69.69 33.13 -7.54
C ASP N 297 -68.92 32.02 -8.24
N LEU N 298 -69.51 30.83 -8.29
CA LEU N 298 -68.85 29.65 -8.82
C LEU N 298 -69.08 29.46 -10.31
N SER N 299 -69.73 30.39 -10.97
CA SER N 299 -69.94 30.33 -12.41
C SER N 299 -68.67 30.43 -13.28
N PRO N 300 -67.58 31.09 -12.87
CA PRO N 300 -66.33 30.91 -13.64
C PRO N 300 -65.81 29.49 -13.68
N ALA N 301 -65.77 28.79 -12.55
CA ALA N 301 -65.09 27.52 -12.46
C ALA N 301 -65.97 26.33 -12.84
N ILE N 302 -67.05 26.57 -13.59
CA ILE N 302 -67.92 25.46 -13.95
C ILE N 302 -67.35 24.68 -15.12
N ASN N 303 -66.55 25.31 -15.98
CA ASN N 303 -65.92 24.61 -17.08
C ASN N 303 -64.61 23.99 -16.69
N TYR N 304 -63.90 24.62 -15.77
CA TYR N 304 -62.64 24.06 -15.28
C TYR N 304 -62.87 22.81 -14.45
N THR N 305 -64.00 22.72 -13.75
CA THR N 305 -64.20 21.58 -12.89
C THR N 305 -64.82 20.39 -13.59
N LYS N 306 -65.27 20.53 -14.83
CA LYS N 306 -65.63 19.35 -15.59
C LYS N 306 -64.40 18.61 -16.07
N LEU N 307 -63.28 19.33 -16.21
CA LEU N 307 -62.02 18.70 -16.53
C LEU N 307 -61.54 17.84 -15.38
N LYS N 308 -61.38 18.45 -14.19
CA LYS N 308 -60.80 17.77 -13.05
C LYS N 308 -61.70 16.66 -12.54
N ASN N 309 -63.00 16.75 -12.79
CA ASN N 309 -63.87 15.64 -12.47
C ASN N 309 -63.69 14.50 -13.47
N ALA N 310 -63.45 14.82 -14.74
CA ALA N 310 -63.25 13.77 -15.73
C ALA N 310 -61.84 13.22 -15.73
N VAL N 311 -60.91 13.85 -15.01
CA VAL N 311 -59.60 13.25 -14.79
C VAL N 311 -59.63 12.24 -13.66
N GLN N 312 -60.33 12.55 -12.56
CA GLN N 312 -60.43 11.62 -11.45
C GLN N 312 -61.33 10.43 -11.75
N ASN N 313 -62.23 10.56 -12.72
CA ASN N 313 -63.06 9.44 -13.14
C ASN N 313 -62.44 8.65 -14.28
N GLU N 314 -61.11 8.63 -14.38
CA GLU N 314 -60.46 7.87 -15.44
C GLU N 314 -60.47 6.38 -15.19
N SER N 315 -60.57 5.95 -13.93
CA SER N 315 -60.50 4.53 -13.63
C SER N 315 -61.51 4.06 -12.59
N VAL N 316 -62.46 4.89 -12.19
CA VAL N 316 -63.39 4.52 -11.13
C VAL N 316 -64.79 4.34 -11.73
N SER N 317 -65.74 3.88 -10.90
CA SER N 317 -67.10 3.63 -11.34
C SER N 317 -67.93 4.89 -11.50
N SER N 318 -67.37 6.06 -11.18
CA SER N 318 -67.85 7.38 -11.59
C SER N 318 -69.27 7.73 -11.13
N PRO N 319 -69.48 8.11 -9.85
CA PRO N 319 -70.75 8.76 -9.49
C PRO N 319 -70.86 10.10 -10.18
N ILE N 320 -71.81 10.22 -11.13
CA ILE N 320 -71.84 11.40 -11.98
C ILE N 320 -72.54 12.55 -11.28
N GLU N 321 -72.12 13.76 -11.61
CA GLU N 321 -72.80 14.97 -11.15
C GLU N 321 -73.10 15.86 -12.33
N LEU N 322 -73.68 15.31 -13.38
CA LEU N 322 -73.84 16.03 -14.64
C LEU N 322 -75.00 17.02 -14.63
N ASN N 323 -75.47 17.41 -13.45
CA ASN N 323 -76.17 18.66 -13.23
C ASN N 323 -75.20 19.71 -12.72
N PHE N 324 -73.99 19.72 -13.27
CA PHE N 324 -73.02 20.78 -12.99
C PHE N 324 -73.57 22.15 -13.37
N ASP N 325 -74.34 22.21 -14.45
CA ASP N 325 -74.79 23.47 -15.03
C ASP N 325 -75.75 24.26 -14.13
N ALA N 326 -76.29 23.64 -13.08
CA ALA N 326 -77.16 24.36 -12.16
C ALA N 326 -76.39 25.10 -11.08
N VAL N 327 -75.07 24.96 -11.02
CA VAL N 327 -74.28 25.59 -9.96
C VAL N 327 -74.20 27.08 -10.22
N LYS N 328 -74.64 27.87 -9.28
CA LYS N 328 -74.60 29.31 -9.50
C LYS N 328 -73.89 30.09 -8.42
N ASP N 329 -74.08 29.74 -7.14
CA ASP N 329 -73.64 30.60 -6.07
C ASP N 329 -73.31 29.77 -4.85
N PHE N 330 -72.57 30.38 -3.93
CA PHE N 330 -72.23 29.74 -2.67
C PHE N 330 -72.19 30.78 -1.58
N LYS N 331 -72.69 30.41 -0.40
CA LYS N 331 -72.62 31.25 0.79
C LYS N 331 -72.57 30.33 1.99
N LEU N 332 -71.51 30.43 2.77
CA LEU N 332 -71.20 29.44 3.79
C LEU N 332 -72.18 29.50 4.94
N GLY N 333 -72.65 28.34 5.38
CA GLY N 333 -73.57 28.27 6.50
C GLY N 333 -72.88 27.97 7.81
N LYS N 334 -73.13 26.79 8.37
CA LYS N 334 -72.47 26.35 9.57
C LYS N 334 -71.51 25.23 9.24
N PHE N 335 -70.45 25.12 10.03
CA PHE N 335 -69.32 24.28 9.66
C PHE N 335 -68.65 23.78 10.93
N ASN N 336 -67.95 22.67 10.80
CA ASN N 336 -67.23 22.08 11.91
C ASN N 336 -65.74 22.31 11.71
N TYR N 337 -65.07 22.70 12.79
CA TYR N 337 -63.73 23.27 12.69
C TYR N 337 -62.82 22.59 13.68
N VAL N 338 -61.73 22.00 13.20
CA VAL N 338 -60.70 21.45 14.07
C VAL N 338 -59.47 22.33 13.98
N ALA N 339 -58.56 22.15 14.92
CA ALA N 339 -57.36 22.99 14.99
C ALA N 339 -56.24 22.18 15.62
N VAL N 340 -55.43 21.57 14.77
CA VAL N 340 -54.34 20.71 15.21
C VAL N 340 -53.04 21.50 15.14
N GLY N 341 -52.24 21.42 16.18
CA GLY N 341 -50.98 22.12 16.20
C GLY N 341 -50.83 22.96 17.46
N ASP N 342 -50.34 24.18 17.30
CA ASP N 342 -50.27 25.09 18.45
C ASP N 342 -51.66 25.59 18.78
N VAL N 343 -52.36 24.84 19.63
CA VAL N 343 -53.77 25.07 19.92
C VAL N 343 -54.00 26.41 20.59
N SER N 344 -53.07 26.86 21.42
CA SER N 344 -53.28 28.09 22.19
C SER N 344 -53.16 29.36 21.36
N ASN N 345 -52.80 29.28 20.08
CA ASN N 345 -52.70 30.45 19.23
C ASN N 345 -53.69 30.46 18.08
N LEU N 346 -54.16 29.30 17.63
CA LEU N 346 -55.15 29.23 16.58
C LEU N 346 -56.49 29.76 17.09
N PRO N 347 -57.33 30.31 16.21
CA PRO N 347 -58.58 30.92 16.67
C PRO N 347 -59.61 29.87 17.05
N TYR N 348 -60.54 30.28 17.89
CA TYR N 348 -61.64 29.42 18.30
C TYR N 348 -62.78 29.57 17.31
N LEU N 349 -63.77 28.68 17.42
CA LEU N 349 -64.89 28.68 16.50
C LEU N 349 -65.78 29.90 16.69
N ASP N 350 -65.75 30.48 17.89
CA ASP N 350 -66.58 31.65 18.17
C ASP N 350 -66.07 32.88 17.45
N GLU N 351 -64.76 32.99 17.25
CA GLU N 351 -64.15 34.17 16.68
C GLU N 351 -63.80 33.99 15.20
N LEU N 352 -64.38 33.00 14.53
CA LEU N 352 -64.18 32.84 13.10
C LEU N 352 -65.26 33.59 12.36
N MET O 1 -24.56 -10.23 8.28
CA MET O 1 -23.36 -9.42 8.16
C MET O 1 -22.25 -10.19 7.47
N ALA O 2 -21.15 -9.50 7.20
CA ALA O 2 -20.03 -10.08 6.48
C ALA O 2 -19.35 -11.13 7.33
N PHE O 3 -18.69 -12.09 6.65
CA PHE O 3 -18.02 -13.16 7.36
C PHE O 3 -16.79 -12.70 8.09
N ARG O 4 -16.18 -11.59 7.68
CA ARG O 4 -15.05 -11.08 8.43
C ARG O 4 -15.48 -10.45 9.74
N LYS O 5 -16.76 -10.11 9.89
CA LYS O 5 -17.31 -9.61 11.15
C LYS O 5 -18.03 -10.68 11.94
N SER O 6 -18.55 -11.71 11.27
CA SER O 6 -19.40 -12.70 11.90
C SER O 6 -18.65 -13.86 12.49
N ASN O 7 -17.35 -13.97 12.27
CA ASN O 7 -16.62 -15.09 12.82
C ASN O 7 -15.93 -14.70 14.12
N VAL O 8 -15.64 -15.71 14.94
CA VAL O 8 -15.03 -15.42 16.22
C VAL O 8 -13.55 -15.13 16.08
N TYR O 9 -12.88 -15.71 15.09
CA TYR O 9 -11.46 -15.45 14.90
C TYR O 9 -11.23 -14.28 13.97
N LEU O 10 -11.96 -14.24 12.86
CA LEU O 10 -11.72 -13.23 11.85
C LEU O 10 -12.12 -11.84 12.31
N SER O 11 -13.03 -11.73 13.27
CA SER O 11 -13.36 -10.41 13.81
C SER O 11 -12.25 -9.85 14.68
N LEU O 12 -11.31 -10.69 15.13
CA LEU O 12 -10.11 -10.14 15.74
C LEU O 12 -9.14 -9.67 14.68
N VAL O 13 -9.10 -10.36 13.55
CA VAL O 13 -8.34 -9.86 12.40
C VAL O 13 -9.01 -8.62 11.82
N ASN O 14 -10.34 -8.63 11.75
CA ASN O 14 -11.08 -7.51 11.19
C ASN O 14 -10.94 -6.25 12.03
N SER O 15 -11.06 -6.37 13.35
CA SER O 15 -11.03 -5.19 14.18
C SER O 15 -9.63 -4.67 14.44
N TYR O 16 -8.61 -5.33 13.92
CA TYR O 16 -7.24 -4.90 14.19
C TYR O 16 -6.46 -4.50 12.96
N ILE O 17 -6.58 -5.25 11.86
CA ILE O 17 -5.78 -4.96 10.68
C ILE O 17 -6.59 -4.61 9.44
N ILE O 18 -7.90 -4.81 9.43
CA ILE O 18 -8.71 -4.54 8.24
C ILE O 18 -9.58 -3.30 8.44
N ASP O 19 -10.38 -3.27 9.49
CA ASP O 19 -11.35 -2.20 9.67
C ASP O 19 -10.98 -1.23 10.77
N SER O 20 -9.76 -1.26 11.25
CA SER O 20 -9.39 -0.42 12.37
C SER O 20 -9.24 1.02 11.92
N PRO O 21 -10.00 1.95 12.44
CA PRO O 21 -9.96 3.33 11.93
C PRO O 21 -8.74 4.06 12.44
N GLN O 22 -7.84 4.25 11.61
CA GLN O 22 -6.65 5.01 11.90
C GLN O 22 -6.86 6.46 11.51
N PRO O 23 -6.22 7.41 12.20
CA PRO O 23 -6.36 8.81 11.80
C PRO O 23 -5.69 9.03 10.46
N SER O 24 -6.29 9.88 9.65
CA SER O 24 -5.85 10.01 8.27
C SER O 24 -4.72 11.00 8.10
N SER O 25 -3.95 11.27 9.14
CA SER O 25 -2.88 12.25 9.03
C SER O 25 -1.57 11.76 9.60
N ILE O 26 -1.45 10.47 9.87
CA ILE O 26 -0.26 9.96 10.54
C ILE O 26 0.86 9.77 9.52
N ASN O 27 2.05 10.28 9.85
CA ASN O 27 3.16 10.25 8.92
C ASN O 27 3.89 8.92 8.98
N TYR O 28 5.10 8.86 8.44
CA TYR O 28 5.81 7.59 8.32
C TYR O 28 6.43 7.11 9.62
N TRP O 29 6.41 7.92 10.67
CA TRP O 29 6.88 7.44 11.96
C TRP O 29 5.92 6.46 12.59
N TRP O 30 4.70 6.36 12.09
CA TRP O 30 3.72 5.41 12.56
C TRP O 30 3.84 4.05 11.92
N ASN O 31 4.92 3.81 11.18
CA ASN O 31 5.17 2.48 10.65
C ASN O 31 6.13 1.68 11.49
N MET O 32 6.80 2.31 12.46
CA MET O 32 7.77 1.62 13.30
C MET O 32 7.11 0.58 14.19
N GLY O 33 5.82 0.70 14.46
CA GLY O 33 5.13 -0.37 15.15
C GLY O 33 4.93 -1.58 14.27
N SER O 34 4.70 -1.37 12.98
CA SER O 34 4.52 -2.51 12.10
C SER O 34 5.85 -3.14 11.74
N LEU O 35 6.94 -2.38 11.80
CA LEU O 35 8.26 -2.96 11.56
C LEU O 35 8.68 -3.83 12.72
N LEU O 36 8.40 -3.41 13.95
CA LEU O 36 8.76 -4.20 15.11
C LEU O 36 7.97 -5.51 15.17
N GLY O 37 6.78 -5.54 14.60
CA GLY O 37 6.08 -6.79 14.48
C GLY O 37 6.72 -7.70 13.46
N LEU O 38 7.22 -7.13 12.36
CA LEU O 38 7.94 -7.94 11.39
C LEU O 38 9.31 -8.33 11.92
N CYS O 39 10.00 -7.40 12.57
CA CYS O 39 11.33 -7.67 13.09
C CYS O 39 11.31 -8.63 14.26
N LEU O 40 10.16 -8.86 14.88
CA LEU O 40 10.05 -9.90 15.89
C LEU O 40 9.89 -11.27 15.27
N VAL O 41 9.19 -11.37 14.15
CA VAL O 41 9.04 -12.65 13.47
C VAL O 41 10.36 -13.07 12.83
N ILE O 42 11.19 -12.09 12.44
CA ILE O 42 12.50 -12.40 11.86
C ILE O 42 13.40 -13.03 12.91
N GLN O 43 13.40 -12.49 14.14
CA GLN O 43 14.21 -13.08 15.19
C GLN O 43 13.70 -14.45 15.61
N ILE O 44 12.39 -14.63 15.67
CA ILE O 44 11.83 -15.88 16.14
C ILE O 44 11.99 -16.99 15.09
N VAL O 45 11.75 -16.71 13.82
CA VAL O 45 11.87 -17.75 12.80
C VAL O 45 13.34 -18.07 12.54
N THR O 46 14.20 -17.07 12.55
CA THR O 46 15.64 -17.34 12.53
C THR O 46 16.20 -17.59 13.91
N GLY O 47 15.38 -18.03 14.85
CA GLY O 47 15.89 -18.57 16.08
C GLY O 47 15.60 -20.05 16.14
N ILE O 48 14.42 -20.45 15.65
CA ILE O 48 14.05 -21.86 15.66
C ILE O 48 14.91 -22.62 14.67
N PHE O 49 15.07 -22.10 13.47
CA PHE O 49 15.87 -22.76 12.46
C PHE O 49 17.36 -22.71 12.75
N MET O 50 17.79 -21.86 13.67
CA MET O 50 19.17 -21.85 14.11
C MET O 50 19.39 -22.70 15.34
N ALA O 51 18.41 -22.82 16.22
CA ALA O 51 18.58 -23.64 17.41
C ALA O 51 18.33 -25.12 17.15
N MET O 52 18.11 -25.52 15.92
CA MET O 52 18.15 -26.94 15.59
C MET O 52 19.57 -27.44 15.40
N HIS O 53 20.57 -26.55 15.42
CA HIS O 53 21.95 -26.93 15.20
C HIS O 53 22.84 -26.48 16.35
N TYR O 54 22.28 -25.93 17.40
CA TYR O 54 23.04 -25.28 18.46
C TYR O 54 23.05 -26.16 19.70
N SER O 55 24.23 -26.53 20.16
CA SER O 55 24.40 -27.22 21.43
C SER O 55 24.90 -26.23 22.46
N SER O 56 24.35 -26.28 23.65
CA SER O 56 24.45 -25.17 24.59
C SER O 56 25.44 -25.42 25.71
N ASN O 57 26.23 -26.48 25.65
CA ASN O 57 27.28 -26.71 26.63
C ASN O 57 28.37 -25.65 26.49
N ILE O 58 29.18 -25.50 27.53
CA ILE O 58 30.26 -24.53 27.46
C ILE O 58 31.39 -25.03 26.56
N GLU O 59 31.45 -26.32 26.29
CA GLU O 59 32.45 -26.84 25.37
C GLU O 59 32.01 -26.75 23.93
N LEU O 60 30.70 -26.84 23.67
CA LEU O 60 30.20 -26.87 22.31
C LEU O 60 29.35 -25.65 21.97
N ALA O 61 29.55 -24.54 22.67
CA ALA O 61 28.77 -23.35 22.34
C ALA O 61 29.36 -22.63 21.15
N PHE O 62 30.61 -22.20 21.28
CA PHE O 62 31.25 -21.46 20.22
C PHE O 62 31.61 -22.35 19.05
N SER O 63 31.85 -23.64 19.30
CA SER O 63 32.16 -24.54 18.22
C SER O 63 30.93 -24.92 17.41
N SER O 64 29.73 -24.70 17.93
CA SER O 64 28.52 -24.99 17.18
C SER O 64 27.82 -23.75 16.67
N VAL O 65 28.35 -22.56 16.94
CA VAL O 65 27.98 -21.42 16.12
C VAL O 65 28.77 -21.45 14.83
N GLU O 66 30.03 -21.85 14.89
CA GLU O 66 30.83 -22.01 13.68
C GLU O 66 30.39 -23.21 12.87
N HIS O 67 29.74 -24.19 13.49
CA HIS O 67 29.15 -25.28 12.74
C HIS O 67 27.96 -24.79 11.93
N ILE O 68 27.26 -23.76 12.42
CA ILE O 68 26.17 -23.17 11.66
C ILE O 68 26.73 -22.40 10.47
N MET O 69 27.79 -21.62 10.69
CA MET O 69 28.31 -20.76 9.65
C MET O 69 29.17 -21.49 8.62
N ARG O 70 29.41 -22.78 8.77
CA ARG O 70 30.30 -23.46 7.85
C ARG O 70 29.66 -24.70 7.24
N ASP O 71 28.81 -25.39 8.00
CA ASP O 71 28.36 -26.71 7.61
C ASP O 71 26.90 -26.78 7.23
N VAL O 72 26.09 -25.85 7.64
CA VAL O 72 24.68 -25.86 7.33
C VAL O 72 24.44 -25.10 6.04
N HIS O 73 23.57 -25.63 5.18
CA HIS O 73 23.20 -24.93 3.96
C HIS O 73 22.48 -23.64 4.31
N ASN O 74 22.98 -22.53 3.75
CA ASN O 74 22.54 -21.17 4.05
C ASN O 74 22.64 -20.84 5.53
N GLY O 75 23.61 -21.43 6.22
CA GLY O 75 23.76 -21.15 7.63
C GLY O 75 24.32 -19.77 7.91
N TYR O 76 25.16 -19.27 7.02
CA TYR O 76 25.65 -17.90 7.12
C TYR O 76 24.55 -16.89 6.96
N ILE O 77 23.46 -17.24 6.28
CA ILE O 77 22.34 -16.33 6.16
C ILE O 77 21.61 -16.23 7.49
N LEU O 78 21.33 -17.38 8.11
CA LEU O 78 20.55 -17.40 9.36
C LEU O 78 21.29 -16.72 10.49
N ARG O 79 22.58 -16.99 10.65
CA ARG O 79 23.32 -16.40 11.75
C ARG O 79 23.51 -14.91 11.57
N TYR O 80 23.57 -14.43 10.32
CA TYR O 80 23.79 -13.01 10.07
C TYR O 80 22.49 -12.23 9.98
N LEU O 81 21.40 -12.87 9.56
CA LEU O 81 20.10 -12.21 9.56
C LEU O 81 19.61 -11.96 10.97
N HIS O 82 20.11 -12.73 11.91
CA HIS O 82 19.57 -12.78 13.26
C HIS O 82 20.50 -12.13 14.27
N ALA O 83 21.79 -12.05 13.97
CA ALA O 83 22.67 -11.25 14.80
C ALA O 83 22.63 -9.79 14.43
N ASN O 84 22.38 -9.48 13.15
CA ASN O 84 22.20 -8.10 12.72
C ASN O 84 20.75 -7.65 12.85
N GLY O 85 19.81 -8.56 12.64
CA GLY O 85 18.41 -8.23 12.81
C GLY O 85 18.05 -7.92 14.26
N ALA O 86 18.76 -8.52 15.20
CA ALA O 86 18.60 -8.16 16.60
C ALA O 86 19.14 -6.76 16.87
N SER O 87 20.14 -6.34 16.11
CA SER O 87 20.63 -4.99 16.23
C SER O 87 19.80 -4.01 15.42
N PHE O 88 18.93 -4.50 14.54
CA PHE O 88 17.93 -3.66 13.89
C PHE O 88 16.64 -3.62 14.68
N PHE O 89 16.43 -4.58 15.57
CA PHE O 89 15.31 -4.50 16.50
C PHE O 89 15.45 -3.28 17.39
N PHE O 90 16.63 -3.10 17.98
CA PHE O 90 16.82 -2.01 18.91
C PHE O 90 16.97 -0.66 18.22
N MET O 91 17.14 -0.62 16.91
CA MET O 91 17.20 0.68 16.25
C MET O 91 15.83 1.14 15.80
N VAL O 92 14.97 0.21 15.39
CA VAL O 92 13.58 0.55 15.13
C VAL O 92 12.87 0.88 16.43
N MET O 93 13.17 0.14 17.50
CA MET O 93 12.49 0.36 18.77
C MET O 93 12.92 1.67 19.42
N PHE O 94 14.19 2.05 19.30
CA PHE O 94 14.61 3.37 19.76
C PHE O 94 14.00 4.50 18.96
N MET O 95 13.60 4.25 17.72
CA MET O 95 12.82 5.23 16.97
C MET O 95 11.33 5.08 17.21
N HIS O 96 10.92 4.04 17.93
CA HIS O 96 9.54 3.86 18.31
C HIS O 96 9.24 4.42 19.69
N MET O 97 10.22 4.40 20.58
CA MET O 97 10.12 5.05 21.87
C MET O 97 10.41 6.54 21.78
N ALA O 98 10.87 7.01 20.63
CA ALA O 98 11.14 8.43 20.44
C ALA O 98 10.11 9.12 19.57
N LYS O 99 9.34 8.37 18.79
CA LYS O 99 8.11 8.91 18.23
C LYS O 99 7.14 9.23 19.35
N GLY O 100 6.86 8.24 20.20
CA GLY O 100 5.91 8.41 21.29
C GLY O 100 6.37 9.38 22.34
N LEU O 101 7.66 9.58 22.50
CA LEU O 101 8.13 10.61 23.41
C LEU O 101 8.03 11.98 22.80
N TYR O 102 7.98 12.07 21.48
CA TYR O 102 7.92 13.36 20.79
C TYR O 102 6.48 13.80 20.57
N TYR O 103 5.68 12.93 20.00
CA TYR O 103 4.31 13.26 19.65
C TYR O 103 3.35 13.14 20.82
N GLY O 104 3.85 13.01 22.04
CA GLY O 104 2.99 12.98 23.21
C GLY O 104 2.12 11.76 23.30
N SER O 105 2.58 10.62 22.80
CA SER O 105 1.77 9.41 22.88
C SER O 105 1.82 8.73 24.24
N TYR O 106 2.56 9.28 25.19
CA TYR O 106 2.59 8.75 26.54
C TYR O 106 1.49 9.31 27.41
N ARG O 107 0.86 10.41 27.02
CA ARG O 107 -0.06 11.11 27.87
C ARG O 107 -1.38 10.36 28.00
N SER O 108 -2.23 10.85 28.89
CA SER O 108 -3.52 10.23 29.11
C SER O 108 -4.41 10.48 27.89
N PRO O 109 -5.22 9.51 27.49
CA PRO O 109 -5.55 8.23 28.10
C PRO O 109 -4.69 7.05 27.68
N ARG O 110 -3.43 7.24 27.34
CA ARG O 110 -2.60 6.14 26.88
C ARG O 110 -1.44 5.91 27.84
N VAL O 111 -1.72 5.93 29.14
CA VAL O 111 -0.68 5.59 30.09
C VAL O 111 -0.58 4.08 30.23
N THR O 112 -1.67 3.37 30.03
CA THR O 112 -1.64 1.92 30.00
C THR O 112 -0.84 1.42 28.80
N LEU O 113 -0.90 2.13 27.68
CA LEU O 113 -0.12 1.75 26.51
C LEU O 113 1.35 2.02 26.71
N TRP O 114 1.69 3.06 27.46
CA TRP O 114 3.08 3.41 27.65
C TRP O 114 3.74 2.48 28.65
N ASN O 115 2.99 2.01 29.65
CA ASN O 115 3.58 1.16 30.67
C ASN O 115 3.84 -0.24 30.16
N VAL O 116 3.05 -0.72 29.20
CA VAL O 116 3.39 -1.97 28.54
C VAL O 116 4.54 -1.76 27.55
N GLY O 117 4.81 -0.51 27.17
CA GLY O 117 6.00 -0.26 26.38
C GLY O 117 7.27 -0.46 27.17
N VAL O 118 7.32 0.05 28.39
CA VAL O 118 8.51 -0.08 29.21
C VAL O 118 8.71 -1.52 29.67
N ILE O 119 7.62 -2.28 29.78
CA ILE O 119 7.75 -3.69 30.15
C ILE O 119 8.26 -4.51 28.97
N ILE O 120 7.84 -4.18 27.75
CA ILE O 120 8.38 -4.85 26.57
C ILE O 120 9.83 -4.45 26.35
N PHE O 121 10.17 -3.20 26.65
CA PHE O 121 11.54 -2.74 26.50
C PHE O 121 12.50 -3.42 27.47
N ILE O 122 12.04 -3.77 28.67
CA ILE O 122 12.92 -4.43 29.62
C ILE O 122 13.14 -5.88 29.25
N LEU O 123 12.08 -6.56 28.81
CA LEU O 123 12.24 -7.95 28.37
C LEU O 123 13.05 -8.06 27.08
N THR O 124 13.03 -7.03 26.25
CA THR O 124 13.81 -7.09 25.01
C THR O 124 15.28 -6.82 25.28
N ILE O 125 15.59 -5.95 26.24
CA ILE O 125 16.96 -5.82 26.70
C ILE O 125 17.45 -7.12 27.33
N ALA O 126 16.60 -7.75 28.13
CA ALA O 126 16.97 -9.01 28.75
C ALA O 126 16.99 -10.16 27.77
N THR O 127 16.26 -10.10 26.66
CA THR O 127 16.35 -11.18 25.67
C THR O 127 17.63 -11.09 24.86
N ALA O 128 17.94 -9.90 24.34
CA ALA O 128 19.11 -9.73 23.51
C ALA O 128 20.40 -9.87 24.27
N PHE O 129 20.38 -9.68 25.59
CA PHE O 129 21.55 -9.96 26.40
C PHE O 129 21.75 -11.44 26.60
N LEU O 130 20.68 -12.18 26.88
CA LEU O 130 20.80 -13.60 27.17
C LEU O 130 21.14 -14.42 25.93
N GLY O 131 20.86 -13.90 24.74
CA GLY O 131 21.36 -14.58 23.56
C GLY O 131 22.75 -14.18 23.16
N TYR O 132 23.21 -13.03 23.63
CA TYR O 132 24.59 -12.64 23.39
C TYR O 132 25.54 -13.55 24.13
N CYS O 133 25.19 -13.94 25.34
CA CYS O 133 26.01 -14.84 26.13
C CYS O 133 25.87 -16.30 25.72
N CYS O 134 25.14 -16.59 24.64
CA CYS O 134 25.02 -17.94 24.11
C CYS O 134 26.04 -18.24 23.03
N VAL O 135 26.69 -17.23 22.45
CA VAL O 135 27.75 -17.52 21.49
C VAL O 135 29.02 -17.97 22.20
N TYR O 136 29.13 -17.69 23.50
CA TYR O 136 30.30 -17.90 24.33
C TYR O 136 31.58 -17.39 23.67
N GLY O 137 31.53 -16.16 23.18
CA GLY O 137 32.71 -15.49 22.71
C GLY O 137 33.45 -14.86 23.87
N GLN O 138 34.49 -14.10 23.54
CA GLN O 138 35.29 -13.50 24.59
C GLN O 138 34.58 -12.29 25.20
N MET O 139 33.84 -11.54 24.40
CA MET O 139 33.05 -10.44 24.92
C MET O 139 31.77 -10.90 25.58
N SER O 140 31.39 -12.16 25.40
CA SER O 140 30.14 -12.63 25.97
C SER O 140 30.35 -13.38 27.26
N HIS O 141 31.50 -14.01 27.43
CA HIS O 141 31.86 -14.52 28.75
C HIS O 141 32.12 -13.37 29.71
N TRP O 142 32.94 -12.43 29.30
CA TRP O 142 33.24 -11.30 30.15
C TRP O 142 32.15 -10.25 30.15
N GLY O 143 31.14 -10.40 29.31
CA GLY O 143 29.94 -9.60 29.45
C GLY O 143 29.08 -10.14 30.57
N ALA O 144 28.88 -11.46 30.58
CA ALA O 144 28.07 -12.09 31.62
C ALA O 144 28.77 -12.05 32.97
N THR O 145 30.09 -12.00 32.99
CA THR O 145 30.80 -11.90 34.25
C THR O 145 30.63 -10.52 34.85
N VAL O 146 30.65 -9.47 34.03
CA VAL O 146 30.54 -8.12 34.56
C VAL O 146 29.11 -7.80 34.94
N ILE O 147 28.14 -8.30 34.18
CA ILE O 147 26.74 -7.97 34.44
C ILE O 147 26.24 -8.71 35.67
N THR O 148 26.40 -10.04 35.71
CA THR O 148 25.87 -10.79 36.84
C THR O 148 26.70 -10.66 38.10
N ASN O 149 27.81 -9.93 38.09
CA ASN O 149 28.51 -9.61 39.32
C ASN O 149 28.07 -8.28 39.89
N LEU O 150 27.11 -7.61 39.24
CA LEU O 150 26.54 -6.41 39.82
C LEU O 150 25.56 -6.74 40.92
N PHE O 151 24.96 -7.92 40.87
CA PHE O 151 24.02 -8.35 41.91
C PHE O 151 24.73 -8.83 43.17
N SER O 152 26.05 -8.81 43.20
CA SER O 152 26.80 -9.02 44.43
C SER O 152 26.94 -7.75 45.24
N ALA O 153 26.18 -6.71 44.91
CA ALA O 153 26.20 -5.47 45.67
C ALA O 153 24.98 -5.30 46.58
N ILE O 154 23.95 -6.12 46.39
CA ILE O 154 22.78 -6.10 47.28
C ILE O 154 23.21 -6.54 48.67
N PRO O 155 22.86 -5.81 49.73
CA PRO O 155 23.40 -6.11 51.06
C PRO O 155 22.83 -7.41 51.63
N PHE O 156 23.74 -8.33 51.97
CA PHE O 156 23.57 -9.61 52.68
C PHE O 156 22.89 -10.70 51.85
N VAL O 157 22.27 -10.33 50.73
CA VAL O 157 21.65 -11.28 49.81
C VAL O 157 22.37 -11.21 48.45
N GLY O 158 23.56 -10.62 48.45
CA GLY O 158 24.29 -10.45 47.22
C GLY O 158 24.84 -11.75 46.67
N ASN O 159 25.67 -12.41 47.46
CA ASN O 159 26.41 -13.56 46.96
C ASN O 159 25.51 -14.76 46.75
N ASP O 160 24.43 -14.88 47.52
CA ASP O 160 23.53 -16.01 47.34
C ASP O 160 22.68 -15.86 46.10
N ILE O 161 22.45 -14.64 45.64
CA ILE O 161 21.69 -14.43 44.41
C ILE O 161 22.56 -14.71 43.20
N VAL O 162 23.81 -14.22 43.24
CA VAL O 162 24.73 -14.38 42.12
C VAL O 162 25.09 -15.85 41.93
N SER O 163 25.43 -16.53 43.03
CA SER O 163 25.74 -17.95 42.97
C SER O 163 24.54 -18.78 42.59
N TRP O 164 23.33 -18.29 42.84
CA TRP O 164 22.15 -18.92 42.25
C TRP O 164 22.04 -18.60 40.78
N LEU O 165 22.41 -17.37 40.40
CA LEU O 165 22.27 -16.93 39.02
C LEU O 165 23.28 -17.60 38.12
N TRP O 166 24.52 -17.73 38.59
CA TRP O 166 25.53 -18.44 37.83
C TRP O 166 25.26 -19.93 37.79
N GLY O 167 24.59 -20.47 38.80
CA GLY O 167 24.44 -21.90 38.90
C GLY O 167 25.72 -22.60 39.26
N GLY O 168 26.62 -21.91 39.95
CA GLY O 168 27.91 -22.45 40.28
C GLY O 168 28.72 -21.46 41.08
N PHE O 169 29.98 -21.29 40.73
CA PHE O 169 30.83 -20.31 41.38
C PHE O 169 31.38 -19.28 40.43
N SER O 170 31.30 -19.51 39.13
CA SER O 170 31.63 -18.52 38.12
C SER O 170 30.81 -18.83 36.89
N VAL O 171 31.00 -18.02 35.84
CA VAL O 171 30.27 -18.24 34.60
C VAL O 171 30.83 -19.50 33.96
N SER O 172 30.08 -20.59 34.07
CA SER O 172 30.58 -21.91 33.76
C SER O 172 29.50 -22.60 32.94
N ASN O 173 29.60 -23.92 32.83
CA ASN O 173 28.64 -24.69 32.03
C ASN O 173 27.17 -24.53 32.44
N PRO O 174 26.76 -24.49 33.72
CA PRO O 174 25.33 -24.28 33.98
C PRO O 174 24.84 -22.87 33.70
N THR O 175 25.73 -21.87 33.61
CA THR O 175 25.24 -20.53 33.32
C THR O 175 24.90 -20.37 31.86
N ILE O 176 25.76 -20.85 30.96
CA ILE O 176 25.49 -20.74 29.54
C ILE O 176 24.37 -21.67 29.13
N GLN O 177 24.26 -22.81 29.80
CA GLN O 177 23.22 -23.77 29.42
C GLN O 177 21.85 -23.34 29.92
N ARG O 178 21.80 -22.47 30.93
CA ARG O 178 20.54 -21.88 31.37
C ARG O 178 20.30 -20.50 30.79
N PHE O 179 21.32 -19.87 30.22
CA PHE O 179 21.11 -18.64 29.49
C PHE O 179 20.62 -18.89 28.08
N PHE O 180 20.39 -20.15 27.70
CA PHE O 180 19.81 -20.49 26.42
C PHE O 180 18.34 -20.88 26.57
N ALA O 181 18.01 -21.70 27.57
CA ALA O 181 16.62 -22.09 27.76
C ALA O 181 15.80 -20.94 28.31
N LEU O 182 16.45 -19.97 28.96
CA LEU O 182 15.77 -18.72 29.28
C LEU O 182 15.61 -17.88 28.03
N HIS O 183 16.68 -17.73 27.25
CA HIS O 183 16.64 -16.89 26.07
C HIS O 183 15.77 -17.47 24.96
N TYR O 184 15.54 -18.76 24.96
CA TYR O 184 14.52 -19.31 24.08
C TYR O 184 13.13 -18.84 24.49
N LEU O 185 12.92 -18.61 25.80
CA LEU O 185 11.59 -18.47 26.36
C LEU O 185 11.06 -17.04 26.25
N VAL O 186 11.82 -16.08 26.75
CA VAL O 186 11.44 -14.67 26.89
C VAL O 186 10.92 -14.02 25.59
N PRO O 187 11.34 -14.43 24.38
CA PRO O 187 10.59 -14.00 23.19
C PRO O 187 9.13 -14.39 23.17
N PHE O 188 8.79 -15.56 23.70
CA PHE O 188 7.37 -15.89 23.79
C PHE O 188 6.66 -15.14 24.89
N ILE O 189 7.40 -14.53 25.81
CA ILE O 189 6.78 -13.61 26.75
C ILE O 189 6.66 -12.22 26.13
N ILE O 190 7.60 -11.83 25.28
CA ILE O 190 7.45 -10.59 24.52
C ILE O 190 6.32 -10.73 23.51
N ALA O 191 6.19 -11.90 22.89
CA ALA O 191 5.11 -12.13 21.93
C ALA O 191 3.75 -12.23 22.59
N ALA O 192 3.68 -12.34 23.90
CA ALA O 192 2.42 -12.21 24.61
C ALA O 192 2.20 -10.82 25.16
N MET O 193 3.26 -10.11 25.54
CA MET O 193 3.13 -8.73 25.97
C MET O 193 2.84 -7.80 24.80
N VAL O 194 3.11 -8.23 23.57
CA VAL O 194 2.73 -7.43 22.41
C VAL O 194 1.23 -7.51 22.17
N ILE O 195 0.65 -8.69 22.37
CA ILE O 195 -0.80 -8.83 22.31
C ILE O 195 -1.46 -8.07 23.47
N MET O 196 -0.80 -8.02 24.62
CA MET O 196 -1.26 -7.15 25.69
C MET O 196 -0.90 -5.69 25.45
N HIS O 197 -0.21 -5.38 24.37
CA HIS O 197 0.09 -4.01 23.98
C HIS O 197 -0.83 -3.50 22.88
N LEU O 198 -1.36 -4.39 22.04
CA LEU O 198 -2.33 -3.94 21.07
C LEU O 198 -3.71 -3.76 21.70
N MET O 199 -3.99 -4.47 22.78
CA MET O 199 -5.25 -4.28 23.46
C MET O 199 -5.30 -2.94 24.18
N ALA O 200 -4.17 -2.46 24.68
CA ALA O 200 -4.14 -1.16 25.32
C ALA O 200 -4.20 -0.03 24.32
N LEU O 201 -3.89 -0.30 23.07
CA LEU O 201 -3.95 0.68 22.01
C LEU O 201 -5.32 0.75 21.38
N HIS O 202 -5.98 -0.40 21.26
CA HIS O 202 -7.22 -0.50 20.52
C HIS O 202 -8.39 0.18 21.23
N ILE O 203 -8.28 0.47 22.52
CA ILE O 203 -9.42 1.07 23.17
C ILE O 203 -9.52 2.56 22.88
N HIS O 204 -8.38 3.23 22.68
CA HIS O 204 -8.41 4.66 22.40
C HIS O 204 -7.85 5.01 21.03
N GLY O 205 -7.28 4.07 20.31
CA GLY O 205 -6.77 4.32 18.98
C GLY O 205 -5.46 5.06 18.99
N SER O 206 -4.89 5.20 17.80
CA SER O 206 -3.60 5.85 17.66
C SER O 206 -3.75 7.36 17.80
N SER O 207 -2.63 8.01 18.07
CA SER O 207 -2.61 9.47 18.08
C SER O 207 -2.40 9.95 16.64
N ASN O 208 -2.08 11.23 16.48
CA ASN O 208 -1.84 11.80 15.17
C ASN O 208 -0.87 12.93 15.38
N PRO O 209 -0.04 13.27 14.38
CA PRO O 209 1.10 14.16 14.64
C PRO O 209 0.74 15.60 14.94
N LEU O 210 -0.52 15.99 14.92
CA LEU O 210 -0.89 17.32 15.36
C LEU O 210 -1.14 17.38 16.85
N GLY O 211 -1.66 16.31 17.44
CA GLY O 211 -2.03 16.32 18.84
C GLY O 211 -3.44 16.76 19.12
N ILE O 212 -4.34 16.64 18.15
CA ILE O 212 -5.72 17.03 18.31
C ILE O 212 -6.55 15.77 18.13
N THR O 213 -7.87 15.89 18.26
CA THR O 213 -8.73 14.72 18.18
C THR O 213 -8.77 14.17 16.77
N GLY O 214 -8.71 12.86 16.64
CA GLY O 214 -8.70 12.25 15.34
C GLY O 214 -9.96 11.48 15.06
N ASN O 215 -11.01 11.78 15.82
CA ASN O 215 -12.28 11.09 15.65
C ASN O 215 -13.08 11.62 14.47
N LEU O 216 -12.65 12.72 13.87
CA LEU O 216 -13.42 13.32 12.79
C LEU O 216 -13.12 12.65 11.46
N ASP O 217 -11.85 12.65 11.06
CA ASP O 217 -11.41 12.08 9.79
C ASP O 217 -10.68 10.78 10.08
N ARG O 218 -11.33 9.66 9.80
CA ARG O 218 -10.75 8.35 10.00
C ARG O 218 -10.86 7.57 8.70
N ILE O 219 -9.78 6.92 8.30
CA ILE O 219 -9.79 6.05 7.14
C ILE O 219 -9.45 4.65 7.64
N PRO O 220 -9.87 3.57 6.97
CA PRO O 220 -9.59 2.24 7.50
C PRO O 220 -8.14 1.83 7.43
N MET O 221 -7.84 0.62 7.87
CA MET O 221 -6.48 0.14 7.75
C MET O 221 -6.26 -0.58 6.43
N HIS O 222 -7.25 -1.32 5.94
CA HIS O 222 -7.03 -2.14 4.77
C HIS O 222 -6.95 -1.29 3.52
N SER O 223 -5.96 -1.60 2.68
CA SER O 223 -5.59 -0.95 1.43
C SER O 223 -5.17 0.50 1.59
N TYR O 224 -5.03 1.00 2.81
CA TYR O 224 -4.52 2.35 2.99
C TYR O 224 -3.26 2.37 3.81
N PHE O 225 -3.28 1.77 5.00
CA PHE O 225 -2.08 1.65 5.80
C PHE O 225 -1.48 0.26 5.74
N ILE O 226 -2.16 -0.69 5.10
CA ILE O 226 -1.50 -1.93 4.71
C ILE O 226 -0.46 -1.62 3.65
N PHE O 227 -0.83 -0.82 2.66
CA PHE O 227 0.06 -0.42 1.58
C PHE O 227 0.93 0.78 1.92
N LYS O 228 0.70 1.43 3.05
CA LYS O 228 1.67 2.39 3.55
C LYS O 228 2.69 1.74 4.46
N ASP O 229 2.40 0.53 4.92
CA ASP O 229 3.37 -0.25 5.68
C ASP O 229 4.26 -1.07 4.77
N LEU O 230 3.76 -1.46 3.60
CA LEU O 230 4.54 -2.22 2.65
C LEU O 230 5.65 -1.41 2.02
N VAL O 231 5.59 -0.08 2.10
CA VAL O 231 6.72 0.73 1.68
C VAL O 231 7.87 0.55 2.65
N THR O 232 7.62 0.70 3.95
CA THR O 232 8.69 0.61 4.92
C THR O 232 9.05 -0.81 5.29
N VAL O 233 8.22 -1.80 4.98
CA VAL O 233 8.67 -3.19 5.10
C VAL O 233 9.73 -3.47 4.05
N PHE O 234 9.46 -3.12 2.80
CA PHE O 234 10.42 -3.36 1.73
C PHE O 234 11.62 -2.45 1.78
N LEU O 235 11.59 -1.40 2.58
CA LEU O 235 12.78 -0.60 2.82
C LEU O 235 13.60 -1.16 3.95
N PHE O 236 12.95 -1.58 5.04
CA PHE O 236 13.67 -2.21 6.15
C PHE O 236 14.27 -3.53 5.73
N MET O 237 13.62 -4.25 4.82
CA MET O 237 14.24 -5.45 4.26
C MET O 237 15.44 -5.11 3.40
N LEU O 238 15.47 -3.91 2.82
CA LEU O 238 16.59 -3.55 1.97
C LEU O 238 17.81 -3.16 2.79
N ILE O 239 17.63 -2.32 3.81
CA ILE O 239 18.76 -1.90 4.63
C ILE O 239 19.23 -3.04 5.53
N LEU O 240 18.38 -4.02 5.81
CA LEU O 240 18.86 -5.21 6.47
C LEU O 240 19.70 -6.07 5.53
N ALA O 241 19.31 -6.16 4.26
CA ALA O 241 20.03 -7.02 3.33
C ALA O 241 21.38 -6.45 2.92
N LEU O 242 21.59 -5.15 3.06
CA LEU O 242 22.94 -4.62 2.89
C LEU O 242 23.80 -4.99 4.08
N PHE O 243 23.24 -4.95 5.28
CA PHE O 243 23.97 -5.26 6.50
C PHE O 243 24.07 -6.75 6.78
N VAL O 244 23.56 -7.60 5.90
CA VAL O 244 23.65 -9.04 6.06
C VAL O 244 24.57 -9.66 5.01
N PHE O 245 24.44 -9.25 3.76
CA PHE O 245 25.26 -9.82 2.70
C PHE O 245 26.53 -9.03 2.45
N TYR O 246 26.48 -7.71 2.53
CA TYR O 246 27.62 -6.91 2.09
C TYR O 246 28.53 -6.47 3.22
N SER O 247 28.03 -6.41 4.44
CA SER O 247 28.88 -5.95 5.53
C SER O 247 28.36 -6.52 6.85
N PRO O 248 28.46 -7.83 7.07
CA PRO O 248 27.69 -8.45 8.14
C PRO O 248 28.25 -8.22 9.54
N ASN O 249 29.56 -8.12 9.68
CA ASN O 249 30.18 -7.98 10.98
C ASN O 249 30.56 -6.53 11.29
N THR O 250 29.78 -5.58 10.79
CA THR O 250 30.10 -4.18 11.03
C THR O 250 29.64 -3.75 12.41
N LEU O 251 28.46 -4.22 12.82
CA LEU O 251 27.88 -3.77 14.07
C LEU O 251 28.49 -4.49 15.27
N GLY O 252 28.76 -5.79 15.13
CA GLY O 252 29.27 -6.56 16.26
C GLY O 252 30.72 -6.25 16.57
N HIS O 253 31.14 -6.72 17.73
CA HIS O 253 32.52 -6.53 18.17
C HIS O 253 33.40 -7.61 17.55
N PRO O 254 34.66 -7.29 17.23
CA PRO O 254 35.54 -8.33 16.67
C PRO O 254 35.99 -9.34 17.70
N ASP O 255 36.02 -8.97 18.98
CA ASP O 255 36.51 -9.88 20.01
C ASP O 255 35.57 -11.02 20.29
N ASN O 256 34.35 -10.99 19.79
CA ASN O 256 33.40 -12.07 20.00
C ASN O 256 33.68 -13.27 19.12
N TYR O 257 34.70 -13.23 18.27
CA TYR O 257 35.12 -14.40 17.52
C TYR O 257 36.29 -15.11 18.16
N ILE O 258 36.85 -14.57 19.23
CA ILE O 258 37.76 -15.34 20.07
C ILE O 258 36.92 -16.26 20.94
N PRO O 259 37.25 -17.55 21.04
CA PRO O 259 36.53 -18.43 21.96
C PRO O 259 36.75 -17.98 23.39
N GLY O 260 35.69 -18.08 24.19
CA GLY O 260 35.69 -17.45 25.50
C GLY O 260 36.63 -18.17 26.46
N ASN O 261 37.55 -17.42 27.04
CA ASN O 261 38.56 -17.98 27.93
C ASN O 261 38.47 -17.21 29.24
N PRO O 262 38.17 -17.88 30.36
CA PRO O 262 38.05 -17.16 31.63
C PRO O 262 39.36 -16.73 32.22
N LEU O 263 40.49 -17.22 31.69
CA LEU O 263 41.78 -16.91 32.26
C LEU O 263 42.39 -15.64 31.72
N VAL O 264 42.06 -15.24 30.51
CA VAL O 264 42.60 -14.03 29.90
C VAL O 264 41.48 -13.02 29.71
N THR O 265 41.64 -11.86 30.33
CA THR O 265 40.69 -10.79 30.18
C THR O 265 40.99 -10.01 28.90
N PRO O 266 39.97 -9.50 28.22
CA PRO O 266 40.21 -8.73 27.00
C PRO O 266 40.68 -7.32 27.34
N ALA O 267 40.86 -6.52 26.30
CA ALA O 267 41.38 -5.17 26.48
C ALA O 267 40.34 -4.27 27.14
N SER O 268 39.14 -4.22 26.59
CA SER O 268 38.07 -3.43 27.17
C SER O 268 36.77 -4.15 26.88
N ILE O 269 36.11 -4.62 27.94
CA ILE O 269 34.83 -5.31 27.79
C ILE O 269 33.75 -4.27 27.56
N VAL O 270 33.09 -4.34 26.41
CA VAL O 270 31.92 -3.51 26.17
C VAL O 270 30.76 -4.42 25.82
N PRO O 271 29.51 -4.03 26.08
CA PRO O 271 28.38 -4.82 25.58
C PRO O 271 28.14 -4.55 24.12
N GLU O 272 27.07 -5.09 23.55
CA GLU O 272 26.77 -4.75 22.18
C GLU O 272 26.24 -3.32 22.15
N TRP O 273 26.24 -2.71 20.96
CA TRP O 273 26.18 -1.25 20.82
C TRP O 273 24.93 -0.62 21.40
N TYR O 274 23.84 -1.36 21.54
CA TYR O 274 22.60 -0.77 22.00
C TYR O 274 22.49 -0.70 23.51
N LEU O 275 23.14 -1.60 24.25
CA LEU O 275 23.22 -1.46 25.69
C LEU O 275 24.31 -0.49 26.12
N LEU O 276 25.02 0.08 25.17
CA LEU O 276 26.13 0.98 25.48
C LEU O 276 25.73 2.28 26.16
N PRO O 277 24.55 2.90 25.91
CA PRO O 277 24.19 4.05 26.77
C PRO O 277 23.97 3.70 28.23
N PHE O 278 23.24 2.62 28.51
CA PHE O 278 22.99 2.26 29.90
C PHE O 278 24.25 1.76 30.58
N TYR O 279 25.20 1.22 29.81
CA TYR O 279 26.49 0.84 30.38
C TYR O 279 27.29 2.06 30.78
N ALA O 280 27.05 3.20 30.13
CA ALA O 280 27.72 4.43 30.52
C ALA O 280 27.04 5.11 31.69
N ILE O 281 25.78 4.79 31.95
CA ILE O 281 25.11 5.29 33.15
C ILE O 281 25.54 4.47 34.36
N LEU O 282 25.63 3.16 34.17
CA LEU O 282 26.13 2.24 35.19
C LEU O 282 27.54 2.58 35.62
N ARG O 283 28.39 2.97 34.67
CA ARG O 283 29.78 3.24 34.95
C ARG O 283 30.01 4.64 35.50
N SER O 284 29.00 5.49 35.49
CA SER O 284 29.20 6.88 35.87
C SER O 284 29.22 7.07 37.38
N ILE O 285 28.42 6.31 38.11
CA ILE O 285 28.32 6.44 39.56
C ILE O 285 29.54 5.78 40.20
N PRO O 286 30.30 6.48 41.03
CA PRO O 286 31.48 5.88 41.67
C PRO O 286 31.11 5.04 42.89
N ASP O 287 30.25 4.05 42.68
CA ASP O 287 29.75 3.18 43.71
C ASP O 287 29.14 1.98 43.01
N LYS O 288 29.14 0.84 43.67
CA LYS O 288 28.61 -0.34 43.01
C LYS O 288 27.13 -0.54 43.26
N LEU O 289 26.65 -0.18 44.44
CA LEU O 289 25.24 -0.40 44.76
C LEU O 289 24.36 0.61 44.06
N LEU O 290 24.78 1.87 44.02
CA LEU O 290 24.01 2.90 43.33
C LEU O 290 24.05 2.72 41.82
N GLY O 291 25.07 2.06 41.29
CA GLY O 291 25.15 1.86 39.86
C GLY O 291 24.11 0.88 39.34
N VAL O 292 23.83 -0.16 40.13
CA VAL O 292 22.81 -1.13 39.72
C VAL O 292 21.44 -0.50 39.74
N ILE O 293 21.21 0.41 40.70
CA ILE O 293 19.93 1.08 40.81
C ILE O 293 19.74 2.08 39.68
N THR O 294 20.74 2.93 39.46
CA THR O 294 20.62 4.01 38.48
C THR O 294 20.58 3.48 37.06
N MET O 295 21.26 2.36 36.79
CA MET O 295 21.13 1.73 35.48
C MET O 295 19.75 1.10 35.32
N PHE O 296 19.11 0.70 36.40
CA PHE O 296 17.72 0.25 36.36
C PHE O 296 16.74 1.40 36.49
N ALA O 297 17.13 2.51 37.12
CA ALA O 297 16.25 3.67 37.20
C ALA O 297 16.14 4.37 35.86
N ALA O 298 17.15 4.23 35.00
CA ALA O 298 17.15 4.90 33.72
C ALA O 298 16.17 4.30 32.73
N ILE O 299 15.61 3.13 33.01
CA ILE O 299 14.56 2.56 32.18
C ILE O 299 13.23 2.87 32.86
N LEU O 300 13.23 2.94 34.18
CA LEU O 300 12.02 3.21 34.92
C LEU O 300 11.70 4.69 35.05
N VAL O 301 12.59 5.58 34.62
CA VAL O 301 12.27 7.00 34.63
C VAL O 301 11.40 7.38 33.45
N LEU O 302 11.18 6.45 32.52
CA LEU O 302 10.20 6.67 31.48
C LEU O 302 8.78 6.63 32.02
N LEU O 303 8.57 6.05 33.19
CA LEU O 303 7.23 5.93 33.75
C LEU O 303 6.76 7.21 34.42
N VAL O 304 7.67 8.09 34.85
CA VAL O 304 7.24 9.37 35.42
C VAL O 304 6.98 10.42 34.36
N LEU O 305 7.09 10.06 33.11
CA LEU O 305 6.87 10.98 32.01
C LEU O 305 5.41 11.38 31.77
N PRO O 306 4.39 10.50 31.94
CA PRO O 306 3.01 11.01 31.87
C PRO O 306 2.64 11.98 32.97
N PHE O 307 3.33 11.97 34.10
CA PHE O 307 2.97 12.82 35.22
C PHE O 307 3.81 14.08 35.32
N THR O 308 4.90 14.17 34.56
CA THR O 308 5.73 15.36 34.59
C THR O 308 5.49 16.29 33.42
N ASP O 309 4.85 15.80 32.35
CA ASP O 309 4.50 16.65 31.21
C ASP O 309 3.31 17.51 31.60
N ARG O 310 3.55 18.80 31.81
CA ARG O 310 2.52 19.72 32.27
C ARG O 310 1.90 20.52 31.14
N SER O 311 1.75 19.93 29.96
CA SER O 311 1.27 20.67 28.81
C SER O 311 -0.17 20.35 28.53
N VAL O 312 -0.93 21.38 28.13
CA VAL O 312 -2.30 21.17 27.70
C VAL O 312 -2.38 20.78 26.24
N VAL O 313 -1.27 20.80 25.51
CA VAL O 313 -1.18 20.43 24.11
C VAL O 313 -0.44 19.11 24.02
N ARG O 314 -0.99 18.16 23.26
CA ARG O 314 -0.39 16.84 23.16
C ARG O 314 0.73 16.86 22.13
N GLY O 315 1.96 16.68 22.58
CA GLY O 315 3.07 16.50 21.66
C GLY O 315 3.82 17.79 21.41
N ASN O 316 5.01 17.64 20.83
CA ASN O 316 5.93 18.75 20.63
C ASN O 316 5.83 19.38 19.25
N THR O 317 4.77 19.08 18.50
CA THR O 317 4.73 19.50 17.09
C THR O 317 4.64 21.01 16.93
N PHE O 318 3.81 21.65 17.73
CA PHE O 318 3.61 23.09 17.66
C PHE O 318 4.28 23.81 18.81
N LYS O 319 5.45 23.36 19.22
CA LYS O 319 6.15 24.00 20.32
C LYS O 319 7.60 24.26 19.92
N VAL O 320 8.08 25.45 20.28
CA VAL O 320 9.43 25.83 19.89
C VAL O 320 10.45 25.27 20.88
N LEU O 321 10.24 25.51 22.17
CA LEU O 321 11.24 25.15 23.16
C LEU O 321 11.25 23.64 23.42
N SER O 322 10.08 23.02 23.45
CA SER O 322 10.01 21.59 23.71
C SER O 322 10.24 20.75 22.48
N LYS O 323 10.64 21.36 21.37
CA LYS O 323 11.17 20.62 20.24
C LYS O 323 12.67 20.76 20.15
N PHE O 324 13.21 21.88 20.63
CA PHE O 324 14.65 22.06 20.71
C PHE O 324 15.25 21.14 21.77
N PHE O 325 14.68 21.17 22.98
CA PHE O 325 15.18 20.36 24.07
C PHE O 325 14.91 18.89 23.91
N PHE O 326 14.08 18.50 22.95
CA PHE O 326 13.93 17.08 22.68
C PHE O 326 15.13 16.55 21.91
N PHE O 327 15.62 17.31 20.95
CA PHE O 327 16.76 16.85 20.17
C PHE O 327 18.06 17.01 20.91
N ILE O 328 18.10 17.81 21.97
CA ILE O 328 19.24 17.75 22.87
C ILE O 328 19.23 16.42 23.62
N PHE O 329 18.04 15.94 23.99
CA PHE O 329 17.97 14.65 24.67
C PHE O 329 18.36 13.50 23.76
N VAL O 330 18.01 13.56 22.47
CA VAL O 330 18.35 12.47 21.58
C VAL O 330 19.85 12.43 21.31
N PHE O 331 20.45 13.60 21.07
CA PHE O 331 21.89 13.64 20.87
C PHE O 331 22.67 13.57 22.15
N ASN O 332 22.01 13.64 23.31
CA ASN O 332 22.67 13.24 24.54
C ASN O 332 22.63 11.73 24.69
N PHE O 333 21.57 11.09 24.21
CA PHE O 333 21.50 9.64 24.28
C PHE O 333 22.49 8.98 23.33
N VAL O 334 22.83 9.64 22.23
CA VAL O 334 23.85 9.10 21.35
C VAL O 334 25.23 9.26 21.97
N LEU O 335 25.45 10.36 22.68
CA LEU O 335 26.73 10.58 23.33
C LEU O 335 26.97 9.59 24.45
N LEU O 336 25.92 9.21 25.17
CA LEU O 336 26.05 8.16 26.18
C LEU O 336 26.32 6.80 25.54
N GLY O 337 25.92 6.59 24.30
CA GLY O 337 26.33 5.42 23.58
C GLY O 337 27.74 5.49 23.02
N GLN O 338 28.44 6.58 23.29
CA GLN O 338 29.82 6.75 22.89
C GLN O 338 30.77 6.73 24.08
N ILE O 339 30.38 7.34 25.20
CA ILE O 339 31.17 7.24 26.42
C ILE O 339 31.13 5.82 26.96
N GLY O 340 30.09 5.05 26.63
CA GLY O 340 30.10 3.64 26.95
C GLY O 340 31.13 2.83 26.20
N ALA O 341 31.61 3.32 25.06
CA ALA O 341 32.62 2.62 24.30
C ALA O 341 34.03 3.06 24.63
N CYS O 342 34.23 4.31 25.06
CA CYS O 342 35.56 4.73 25.46
C CYS O 342 35.94 4.12 26.80
N HIS O 343 37.24 4.16 27.09
CA HIS O 343 37.72 3.61 28.34
C HIS O 343 37.42 4.58 29.48
N VAL O 344 37.72 4.14 30.69
CA VAL O 344 37.52 5.00 31.85
C VAL O 344 38.71 5.92 31.95
N GLU O 345 38.68 7.02 31.20
CA GLU O 345 39.82 7.91 31.08
C GLU O 345 39.37 9.35 31.15
N VAL O 346 40.28 10.21 31.58
CA VAL O 346 40.04 11.65 31.57
C VAL O 346 39.95 12.12 30.13
N PRO O 347 38.91 12.86 29.72
CA PRO O 347 37.80 13.35 30.52
C PRO O 347 36.49 12.64 30.26
N TYR O 348 36.51 11.36 29.92
CA TYR O 348 35.27 10.63 29.72
C TYR O 348 34.60 10.20 31.01
N VAL O 349 35.06 10.66 32.17
CA VAL O 349 34.31 10.45 33.40
C VAL O 349 33.59 11.72 33.81
N LEU O 350 34.14 12.89 33.50
CA LEU O 350 33.37 14.11 33.73
C LEU O 350 32.29 14.26 32.67
N MET O 351 32.52 13.73 31.46
CA MET O 351 31.48 13.75 30.45
C MET O 351 30.37 12.78 30.78
N GLY O 352 30.71 11.55 31.13
CA GLY O 352 29.70 10.55 31.43
C GLY O 352 28.92 10.81 32.70
N GLN O 353 29.43 11.68 33.57
CA GLN O 353 28.67 12.11 34.73
C GLN O 353 27.79 13.30 34.41
N ILE O 354 28.23 14.19 33.53
CA ILE O 354 27.39 15.30 33.12
C ILE O 354 26.34 14.82 32.15
N ALA O 355 26.72 14.01 31.16
CA ALA O 355 25.76 13.55 30.18
C ALA O 355 24.89 12.41 30.68
N THR O 356 25.01 12.01 31.94
CA THR O 356 23.95 11.23 32.57
C THR O 356 23.09 12.09 33.47
N PHE O 357 23.54 13.30 33.80
CA PHE O 357 22.68 14.22 34.50
C PHE O 357 21.64 14.81 33.56
N ILE O 358 22.00 14.98 32.29
CA ILE O 358 21.06 15.48 31.29
C ILE O 358 20.09 14.40 30.85
N TYR O 359 20.42 13.12 31.03
CA TYR O 359 19.42 12.09 30.78
C TYR O 359 18.32 12.13 31.84
N PHE O 360 18.68 12.45 33.07
CA PHE O 360 17.70 12.42 34.13
C PHE O 360 17.04 13.78 34.36
N ALA O 361 17.74 14.87 34.07
CA ALA O 361 17.11 16.17 34.18
C ALA O 361 16.21 16.50 33.01
N TYR O 362 16.15 15.64 31.99
CA TYR O 362 15.16 15.86 30.95
C TYR O 362 13.77 15.53 31.47
N PHE O 363 13.59 14.34 32.03
CA PHE O 363 12.27 13.94 32.49
C PHE O 363 11.87 14.66 33.77
N LEU O 364 12.81 14.96 34.65
CA LEU O 364 12.46 15.45 35.97
C LEU O 364 12.54 16.96 36.11
N ILE O 365 13.36 17.65 35.32
CA ILE O 365 13.55 19.07 35.48
C ILE O 365 13.20 19.84 34.21
N ILE O 366 13.64 19.36 33.05
CA ILE O 366 13.46 20.14 31.82
C ILE O 366 12.00 20.08 31.36
N VAL O 367 11.42 18.88 31.30
CA VAL O 367 10.07 18.75 30.75
C VAL O 367 8.99 19.40 31.62
N PRO O 368 9.02 19.32 32.95
CA PRO O 368 8.06 20.15 33.70
C PRO O 368 8.32 21.65 33.64
N VAL O 369 9.55 22.10 33.46
CA VAL O 369 9.79 23.54 33.48
C VAL O 369 9.47 24.17 32.15
N ILE O 370 10.02 23.63 31.05
CA ILE O 370 9.79 24.25 29.75
C ILE O 370 8.41 23.98 29.18
N SER O 371 7.61 23.13 29.81
CA SER O 371 6.23 22.99 29.38
C SER O 371 5.26 23.79 30.21
N THR O 372 5.69 24.35 31.34
CA THR O 372 4.89 25.36 32.01
C THR O 372 5.11 26.72 31.35
N ILE O 373 6.34 26.99 30.92
CA ILE O 373 6.63 28.22 30.20
C ILE O 373 6.01 28.18 28.81
N GLU O 374 5.83 27.00 28.26
CA GLU O 374 5.16 26.87 26.97
C GLU O 374 3.65 26.86 27.09
N ASN O 375 3.08 27.10 28.26
CA ASN O 375 1.65 27.28 28.40
C ASN O 375 1.28 28.70 28.77
N VAL O 376 2.17 29.42 29.43
CA VAL O 376 1.94 30.83 29.63
C VAL O 376 2.23 31.60 28.36
N LEU O 377 3.13 31.11 27.52
CA LEU O 377 3.39 31.82 26.27
C LEU O 377 2.32 31.57 25.23
N PHE O 378 1.66 30.40 25.27
CA PHE O 378 0.46 30.21 24.47
C PHE O 378 -0.72 31.04 24.95
N TYR O 379 -0.73 31.42 26.22
CA TYR O 379 -1.85 32.16 26.74
C TYR O 379 -1.69 33.66 26.54
N ILE O 380 -0.58 34.23 27.03
CA ILE O 380 -0.42 35.68 26.96
C ILE O 380 -0.05 36.18 25.57
N GLY O 381 0.16 35.28 24.61
CA GLY O 381 0.30 35.70 23.24
C GLY O 381 -1.00 36.03 22.55
N ARG O 382 -2.12 35.54 23.08
CA ARG O 382 -3.43 35.76 22.48
C ARG O 382 -4.34 36.63 23.31
N VAL O 383 -4.31 36.48 24.63
CA VAL O 383 -5.21 37.23 25.51
C VAL O 383 -4.68 38.65 25.68
N ASN O 384 -5.53 39.64 25.41
CA ASN O 384 -5.17 41.04 25.52
C ASN O 384 -5.76 41.64 26.79
N LYS O 385 -4.90 41.95 27.75
CA LYS O 385 -5.30 42.61 28.98
C LYS O 385 -4.26 43.65 29.39
N MET P 1 44.61 4.78 27.32
CA MET P 1 45.62 4.09 26.53
C MET P 1 46.32 5.06 25.62
N THR P 2 47.64 4.98 25.59
CA THR P 2 48.44 5.81 24.68
C THR P 2 48.44 5.17 23.30
N ALA P 3 49.28 5.69 22.40
CA ALA P 3 49.33 5.11 21.06
C ALA P 3 50.06 3.78 21.05
N ALA P 4 50.99 3.58 21.98
CA ALA P 4 51.74 2.32 22.00
C ALA P 4 50.88 1.17 22.52
N GLU P 5 50.09 1.40 23.56
CA GLU P 5 49.19 0.37 24.06
C GLU P 5 48.06 0.08 23.09
N HIS P 6 47.67 1.05 22.28
CA HIS P 6 46.57 0.87 21.36
C HIS P 6 47.00 0.18 20.09
N GLY P 7 48.27 0.22 19.76
CA GLY P 7 48.76 -0.30 18.50
C GLY P 7 48.67 0.73 17.39
N LEU P 8 49.63 0.64 16.47
CA LEU P 8 49.60 1.50 15.30
C LEU P 8 48.44 1.10 14.40
N HIS P 9 47.88 2.08 13.71
CA HIS P 9 46.73 1.84 12.84
C HIS P 9 47.16 1.05 11.61
N ALA P 10 46.33 0.09 11.22
CA ALA P 10 46.61 -0.68 10.01
C ALA P 10 46.12 0.07 8.80
N PRO P 11 46.99 0.41 7.84
CA PRO P 11 46.56 1.23 6.71
C PRO P 11 45.71 0.44 5.73
N ALA P 12 45.09 1.18 4.81
CA ALA P 12 44.07 0.62 3.92
C ALA P 12 44.73 0.13 2.65
N TYR P 13 45.05 -1.15 2.60
CA TYR P 13 45.61 -1.75 1.40
C TYR P 13 44.50 -2.11 0.43
N ALA P 14 44.80 -1.99 -0.85
CA ALA P 14 43.81 -2.21 -1.89
C ALA P 14 43.74 -3.70 -2.19
N TRP P 15 42.91 -4.41 -1.41
CA TRP P 15 42.78 -5.84 -1.60
C TRP P 15 41.98 -6.14 -2.86
N SER P 16 42.15 -7.36 -3.36
CA SER P 16 41.47 -7.77 -4.57
C SER P 16 40.11 -8.38 -4.31
N HIS P 17 39.66 -8.40 -3.06
CA HIS P 17 38.32 -8.88 -2.74
C HIS P 17 37.50 -7.82 -2.02
N ASN P 18 38.02 -6.61 -1.87
CA ASN P 18 37.20 -5.50 -1.44
C ASN P 18 36.24 -5.09 -2.55
N GLY P 19 35.27 -4.27 -2.20
CA GLY P 19 34.27 -3.87 -3.16
C GLY P 19 33.15 -4.86 -3.22
N PRO P 20 31.94 -4.38 -3.53
CA PRO P 20 30.75 -5.22 -3.40
C PRO P 20 30.56 -6.25 -4.50
N PHE P 21 31.44 -6.37 -5.47
CA PHE P 21 31.26 -7.38 -6.52
C PHE P 21 32.46 -8.29 -6.69
N GLU P 22 33.55 -8.05 -6.00
CA GLU P 22 34.77 -8.80 -6.20
C GLU P 22 34.83 -10.01 -5.28
N THR P 23 35.24 -11.14 -5.83
CA THR P 23 35.40 -12.36 -5.06
C THR P 23 36.85 -12.51 -4.63
N PHE P 24 37.17 -13.66 -4.05
CA PHE P 24 38.54 -13.97 -3.70
C PHE P 24 39.36 -14.29 -4.94
N ASP P 25 40.63 -13.96 -4.88
CA ASP P 25 41.59 -14.30 -5.93
C ASP P 25 42.01 -15.74 -5.64
N HIS P 26 41.34 -16.70 -6.27
CA HIS P 26 41.60 -18.11 -5.95
C HIS P 26 42.94 -18.60 -6.45
N ALA P 27 43.66 -17.83 -7.26
CA ALA P 27 45.04 -18.15 -7.54
C ALA P 27 45.96 -17.75 -6.41
N SER P 28 45.49 -16.91 -5.50
CA SER P 28 46.26 -16.51 -4.34
C SER P 28 45.85 -17.25 -3.08
N ILE P 29 44.84 -18.11 -3.15
CA ILE P 29 44.55 -19.03 -2.06
C ILE P 29 45.31 -20.33 -2.23
N ARG P 30 45.46 -20.79 -3.47
CA ARG P 30 46.31 -21.96 -3.73
C ARG P 30 47.76 -21.65 -3.41
N ARG P 31 48.20 -20.44 -3.70
CA ARG P 31 49.52 -20.00 -3.29
C ARG P 31 49.55 -19.51 -1.86
N GLY P 32 48.42 -19.48 -1.18
CA GLY P 32 48.40 -19.03 0.20
C GLY P 32 48.42 -20.21 1.13
N TYR P 33 47.98 -21.37 0.64
CA TYR P 33 48.10 -22.57 1.44
C TYR P 33 49.55 -23.02 1.55
N GLN P 34 50.31 -22.85 0.47
CA GLN P 34 51.69 -23.30 0.46
C GLN P 34 52.57 -22.47 1.38
N VAL P 35 52.23 -21.20 1.57
CA VAL P 35 52.95 -20.43 2.57
C VAL P 35 52.51 -20.84 3.97
N TYR P 36 51.29 -21.34 4.11
CA TYR P 36 50.83 -21.77 5.42
C TYR P 36 51.50 -23.08 5.82
N ARG P 37 51.56 -24.04 4.89
CA ARG P 37 52.06 -25.36 5.21
C ARG P 37 53.55 -25.36 5.49
N GLU P 38 54.30 -24.43 4.90
CA GLU P 38 55.74 -24.48 4.96
C GLU P 38 56.35 -23.44 5.88
N VAL P 39 55.55 -22.56 6.48
CA VAL P 39 56.09 -21.55 7.37
C VAL P 39 55.42 -21.65 8.73
N CYS P 40 54.10 -21.53 8.78
CA CYS P 40 53.37 -21.44 10.03
C CYS P 40 52.54 -22.67 10.34
N ALA P 41 52.66 -23.74 9.57
CA ALA P 41 52.05 -24.97 10.04
C ALA P 41 52.85 -25.60 11.15
N ALA P 42 54.08 -25.15 11.35
CA ALA P 42 54.90 -25.67 12.43
C ALA P 42 54.37 -25.25 13.79
N CYS P 43 53.70 -24.09 13.87
CA CYS P 43 53.28 -23.62 15.18
C CYS P 43 51.88 -22.99 15.20
N HIS P 44 51.02 -23.25 14.22
CA HIS P 44 49.68 -22.70 14.28
C HIS P 44 48.65 -23.73 13.86
N SER P 45 47.68 -23.96 14.72
CA SER P 45 46.59 -24.86 14.39
C SER P 45 45.65 -24.17 13.42
N LEU P 46 44.89 -24.98 12.70
CA LEU P 46 43.88 -24.48 11.78
C LEU P 46 42.63 -25.33 11.98
N ASP P 47 42.18 -25.40 13.24
CA ASP P 47 41.34 -26.48 13.74
C ASP P 47 39.99 -26.61 13.07
N ARG P 48 39.49 -25.57 12.43
CA ARG P 48 38.11 -25.57 11.99
C ARG P 48 37.94 -25.83 10.50
N VAL P 49 39.01 -26.05 9.76
CA VAL P 49 38.95 -26.20 8.32
C VAL P 49 39.03 -27.67 7.97
N ALA P 50 37.93 -28.23 7.48
CA ALA P 50 37.96 -29.60 6.98
C ALA P 50 38.72 -29.65 5.67
N TRP P 51 39.19 -30.86 5.33
CA TRP P 51 39.93 -31.03 4.08
C TRP P 51 39.01 -30.87 2.87
N ARG P 52 37.74 -31.22 3.02
CA ARG P 52 36.81 -31.16 1.91
C ARG P 52 36.45 -29.74 1.51
N THR P 53 36.72 -28.75 2.36
CA THR P 53 36.43 -27.37 1.98
C THR P 53 37.42 -26.84 0.98
N LEU P 54 38.60 -27.45 0.88
CA LEU P 54 39.60 -26.99 -0.07
C LEU P 54 39.37 -27.52 -1.48
N VAL P 55 38.62 -28.61 -1.62
CA VAL P 55 38.32 -29.16 -2.95
C VAL P 55 37.42 -28.19 -3.68
N GLY P 56 37.90 -27.64 -4.79
CA GLY P 56 37.11 -26.72 -5.56
C GLY P 56 37.26 -25.28 -5.19
N VAL P 57 38.11 -24.96 -4.21
CA VAL P 57 38.41 -23.58 -3.90
C VAL P 57 39.82 -23.25 -4.36
N SER P 58 40.78 -24.05 -3.91
CA SER P 58 42.17 -23.77 -4.22
C SER P 58 42.86 -25.00 -4.78
N HIS P 59 42.41 -26.19 -4.40
CA HIS P 59 43.01 -27.42 -4.86
C HIS P 59 41.94 -28.31 -5.49
N THR P 60 42.37 -29.20 -6.36
CA THR P 60 41.44 -30.13 -6.97
C THR P 60 41.25 -31.34 -6.07
N ASN P 61 40.40 -32.27 -6.50
CA ASN P 61 39.98 -33.36 -5.62
C ASN P 61 41.09 -34.39 -5.43
N GLU P 62 41.94 -34.59 -6.42
CA GLU P 62 43.03 -35.53 -6.25
C GLU P 62 44.17 -34.94 -5.43
N GLU P 63 44.31 -33.62 -5.41
CA GLU P 63 45.38 -33.01 -4.64
C GLU P 63 45.12 -33.05 -3.15
N VAL P 64 43.87 -33.03 -2.73
CA VAL P 64 43.59 -33.04 -1.31
C VAL P 64 43.61 -34.47 -0.76
N ARG P 65 43.31 -35.47 -1.59
CA ARG P 65 43.46 -36.84 -1.14
C ARG P 65 44.92 -37.29 -1.10
N ASN P 66 45.85 -36.46 -1.53
CA ASN P 66 47.27 -36.70 -1.27
C ASN P 66 47.85 -35.74 -0.26
N MET P 67 47.22 -34.59 -0.05
CA MET P 67 47.67 -33.69 1.01
C MET P 67 47.20 -34.17 2.37
N ALA P 68 46.10 -34.91 2.42
CA ALA P 68 45.56 -35.36 3.68
C ALA P 68 46.02 -36.76 4.07
N GLU P 69 46.61 -37.50 3.14
CA GLU P 69 47.15 -38.80 3.48
C GLU P 69 48.56 -38.72 4.05
N GLU P 70 49.13 -37.53 4.17
CA GLU P 70 50.41 -37.41 4.84
C GLU P 70 50.27 -37.53 6.34
N PHE P 71 49.23 -36.95 6.90
CA PHE P 71 49.03 -36.95 8.34
C PHE P 71 48.34 -38.23 8.78
N GLU P 72 48.30 -38.44 10.09
CA GLU P 72 47.72 -39.65 10.66
C GLU P 72 46.75 -39.27 11.77
N TYR P 73 45.54 -39.81 11.69
CA TYR P 73 44.51 -39.58 12.68
C TYR P 73 44.16 -40.88 13.38
N ASP P 74 43.32 -40.78 14.40
CA ASP P 74 42.95 -41.93 15.20
C ASP P 74 41.81 -42.68 14.55
N ASP P 75 41.92 -44.00 14.50
CA ASP P 75 40.86 -44.86 14.01
C ASP P 75 40.18 -45.54 15.19
N GLU P 76 39.01 -46.11 14.92
CA GLU P 76 38.37 -46.95 15.92
C GLU P 76 39.18 -48.23 16.09
N PRO P 77 39.36 -48.70 17.33
CA PRO P 77 40.38 -49.71 17.60
C PRO P 77 40.03 -51.08 17.03
N ASP P 78 41.01 -51.97 17.10
CA ASP P 78 40.94 -53.25 16.41
C ASP P 78 40.11 -54.24 17.22
N GLU P 79 40.21 -55.52 16.87
CA GLU P 79 39.45 -56.57 17.53
C GLU P 79 39.87 -56.81 18.99
N GLN P 80 40.96 -56.22 19.45
CA GLN P 80 41.39 -56.41 20.83
C GLN P 80 41.55 -55.09 21.57
N GLY P 81 40.92 -54.02 21.08
CA GLY P 81 40.90 -52.78 21.83
C GLY P 81 42.18 -51.99 21.82
N ASN P 82 43.14 -52.34 20.99
CA ASN P 82 44.38 -51.57 20.91
C ASN P 82 44.17 -50.37 19.99
N PRO P 83 44.62 -49.18 20.39
CA PRO P 83 44.40 -47.99 19.56
C PRO P 83 45.25 -48.03 18.31
N LYS P 84 44.60 -47.82 17.15
CA LYS P 84 45.29 -47.83 15.88
C LYS P 84 45.09 -46.51 15.17
N LYS P 85 45.99 -46.22 14.24
CA LYS P 85 45.99 -44.99 13.45
C LYS P 85 45.59 -45.29 12.02
N ARG P 86 45.39 -44.23 11.25
CA ARG P 86 44.97 -44.36 9.86
C ARG P 86 45.42 -43.12 9.11
N PRO P 87 45.60 -43.23 7.79
CA PRO P 87 45.82 -42.02 7.00
C PRO P 87 44.51 -41.27 6.83
N GLY P 88 44.62 -39.95 6.70
CA GLY P 88 43.46 -39.10 6.67
C GLY P 88 42.60 -39.25 5.44
N LYS P 89 41.50 -38.52 5.43
CA LYS P 89 40.63 -38.52 4.28
C LYS P 89 40.07 -37.12 4.11
N LEU P 90 39.13 -36.97 3.18
CA LEU P 90 38.59 -35.65 2.88
C LEU P 90 37.70 -35.11 3.98
N SER P 91 37.12 -35.98 4.79
CA SER P 91 36.17 -35.54 5.81
C SER P 91 36.83 -35.14 7.11
N ASP P 92 38.15 -35.23 7.21
CA ASP P 92 38.84 -34.89 8.44
C ASP P 92 39.29 -33.44 8.41
N TYR P 93 39.90 -32.99 9.51
CA TYR P 93 40.22 -31.59 9.69
C TYR P 93 41.72 -31.38 9.58
N ILE P 94 42.12 -30.13 9.38
CA ILE P 94 43.52 -29.80 9.24
C ILE P 94 44.17 -29.85 10.61
N PRO P 95 45.12 -30.74 10.84
CA PRO P 95 45.59 -30.98 12.21
C PRO P 95 46.63 -29.97 12.65
N GLY P 96 46.57 -29.61 13.91
CA GLY P 96 47.54 -28.73 14.49
C GLY P 96 48.85 -29.43 14.74
N PRO P 97 49.89 -28.65 15.03
CA PRO P 97 51.21 -29.23 15.27
C PRO P 97 51.48 -29.61 16.71
N TYR P 98 50.58 -29.29 17.64
CA TYR P 98 50.82 -29.54 19.04
C TYR P 98 49.69 -30.37 19.64
N PRO P 99 50.00 -31.38 20.46
CA PRO P 99 48.96 -32.28 20.92
C PRO P 99 48.06 -31.71 22.00
N ASN P 100 48.48 -30.67 22.72
CA ASN P 100 47.63 -30.04 23.72
C ASN P 100 48.06 -28.59 23.87
N GLU P 101 47.48 -27.90 24.83
CA GLU P 101 47.84 -26.51 25.05
C GLU P 101 49.20 -26.39 25.74
N GLN P 102 49.50 -27.26 26.69
CA GLN P 102 50.74 -27.16 27.43
C GLN P 102 51.95 -27.54 26.60
N ALA P 103 51.77 -28.35 25.56
CA ALA P 103 52.86 -28.61 24.64
C ALA P 103 53.09 -27.45 23.70
N ALA P 104 52.08 -26.59 23.52
CA ALA P 104 52.24 -25.40 22.70
C ALA P 104 52.98 -24.30 23.44
N ARG P 105 52.67 -24.10 24.71
CA ARG P 105 53.35 -23.08 25.49
C ARG P 105 54.76 -23.50 25.85
N ALA P 106 55.07 -24.79 25.82
CA ALA P 106 56.41 -25.23 26.15
C ALA P 106 57.38 -24.95 25.02
N ALA P 107 56.89 -24.90 23.78
CA ALA P 107 57.78 -24.72 22.65
C ALA P 107 58.03 -23.23 22.37
N ASN P 108 56.98 -22.41 22.42
CA ASN P 108 57.08 -21.00 22.04
C ASN P 108 57.26 -20.09 23.24
N GLN P 109 58.01 -20.55 24.25
CA GLN P 109 58.43 -19.75 25.41
C GLN P 109 57.26 -19.19 26.21
N GLY P 110 56.26 -20.03 26.45
CA GLY P 110 55.16 -19.61 27.30
C GLY P 110 53.94 -19.13 26.56
N ALA P 111 54.13 -18.38 25.48
CA ALA P 111 53.02 -17.78 24.75
C ALA P 111 52.33 -18.81 23.89
N LEU P 112 51.00 -18.78 23.90
CA LEU P 112 50.21 -19.75 23.15
C LEU P 112 49.92 -19.19 21.76
N PRO P 113 50.36 -19.84 20.70
CA PRO P 113 50.12 -19.32 19.36
C PRO P 113 48.70 -19.61 18.92
N PRO P 114 47.92 -18.57 18.62
CA PRO P 114 46.48 -18.74 18.46
C PRO P 114 46.10 -19.42 17.16
N ASP P 115 45.00 -20.15 17.24
CA ASP P 115 44.43 -20.83 16.08
C ASP P 115 43.95 -19.81 15.07
N LEU P 116 44.26 -20.05 13.80
CA LEU P 116 44.08 -19.05 12.75
C LEU P 116 42.81 -19.23 11.95
N SER P 117 41.90 -20.12 12.36
CA SER P 117 40.73 -20.38 11.53
C SER P 117 39.76 -19.22 11.51
N LEU P 118 39.79 -18.36 12.51
CA LEU P 118 38.92 -17.19 12.56
C LEU P 118 39.69 -15.94 12.92
N ILE P 119 41.00 -15.92 12.64
CA ILE P 119 41.82 -14.81 13.09
C ILE P 119 41.66 -13.57 12.24
N VAL P 120 41.03 -13.67 11.08
CA VAL P 120 40.77 -12.47 10.30
C VAL P 120 39.59 -11.70 10.88
N LYS P 121 38.51 -12.40 11.21
CA LYS P 121 37.35 -11.75 11.80
C LYS P 121 37.53 -11.41 13.26
N ALA P 122 38.55 -11.93 13.93
CA ALA P 122 38.72 -11.70 15.36
C ALA P 122 39.75 -10.63 15.67
N ARG P 123 40.08 -9.79 14.72
CA ARG P 123 41.06 -8.74 14.95
C ARG P 123 40.53 -7.42 14.40
N HIS P 124 40.73 -6.36 15.15
CA HIS P 124 40.30 -5.04 14.71
C HIS P 124 41.23 -4.55 13.64
N GLY P 125 40.74 -4.47 12.41
CA GLY P 125 41.58 -4.14 11.28
C GLY P 125 41.35 -5.12 10.17
N GLY P 126 41.18 -6.39 10.51
CA GLY P 126 40.85 -7.38 9.51
C GLY P 126 42.10 -7.80 8.78
N CYS P 127 41.99 -7.89 7.45
CA CYS P 127 43.11 -8.30 6.63
C CYS P 127 44.23 -7.26 6.62
N ASP P 128 43.88 -6.00 6.84
CA ASP P 128 44.91 -4.97 6.87
C ASP P 128 45.77 -5.06 8.12
N TYR P 129 45.29 -5.74 9.15
CA TYR P 129 46.12 -5.96 10.32
C TYR P 129 47.01 -7.18 10.15
N ILE P 130 46.47 -8.30 9.64
CA ILE P 130 47.24 -9.52 9.49
C ILE P 130 48.33 -9.36 8.45
N PHE P 131 48.07 -8.57 7.40
CA PHE P 131 49.14 -8.29 6.44
C PHE P 131 50.20 -7.41 7.07
N SER P 132 49.79 -6.31 7.67
CA SER P 132 50.76 -5.37 8.20
C SER P 132 51.40 -5.83 9.50
N LEU P 133 50.92 -6.92 10.11
CA LEU P 133 51.62 -7.47 11.25
C LEU P 133 52.89 -8.19 10.83
N LEU P 134 52.83 -8.93 9.72
CA LEU P 134 53.98 -9.71 9.27
C LEU P 134 55.04 -8.83 8.65
N THR P 135 54.62 -7.79 7.92
CA THR P 135 55.53 -6.85 7.30
C THR P 135 55.73 -5.61 8.15
N GLY P 136 55.62 -5.74 9.46
CA GLY P 136 55.73 -4.59 10.32
C GLY P 136 56.94 -4.66 11.22
N TYR P 137 57.70 -5.73 11.10
CA TYR P 137 58.85 -5.95 11.96
C TYR P 137 60.00 -5.05 11.57
N PRO P 138 60.42 -4.12 12.41
CA PRO P 138 61.60 -3.32 12.08
C PRO P 138 62.86 -4.12 12.33
N ASP P 139 63.98 -3.57 11.89
CA ASP P 139 65.25 -4.23 12.16
C ASP P 139 65.74 -4.00 13.58
N GLU P 140 65.17 -3.03 14.28
CA GLU P 140 65.48 -2.80 15.68
C GLU P 140 64.28 -2.08 16.30
N PRO P 141 64.11 -2.19 17.62
CA PRO P 141 63.09 -1.38 18.29
C PRO P 141 63.44 0.09 18.24
N PRO P 142 62.46 0.98 18.37
CA PRO P 142 62.76 2.40 18.44
C PRO P 142 63.54 2.72 19.70
N ALA P 143 64.39 3.73 19.58
CA ALA P 143 65.44 3.98 20.57
C ALA P 143 64.82 4.46 21.87
N GLY P 144 64.78 3.57 22.86
CA GLY P 144 64.23 3.90 24.15
C GLY P 144 63.37 2.80 24.71
N VAL P 145 63.09 1.78 23.90
CA VAL P 145 62.23 0.68 24.28
C VAL P 145 63.08 -0.52 24.62
N ALA P 146 62.91 -1.05 25.83
CA ALA P 146 63.61 -2.25 26.28
C ALA P 146 62.59 -3.38 26.33
N LEU P 147 62.66 -4.27 25.36
CA LEU P 147 61.76 -5.40 25.31
C LEU P 147 62.10 -6.40 26.42
N PRO P 148 61.11 -7.17 26.87
CA PRO P 148 61.43 -8.32 27.71
C PRO P 148 62.23 -9.34 26.93
N PRO P 149 63.02 -10.16 27.60
CA PRO P 149 63.83 -11.17 26.89
C PRO P 149 62.95 -12.25 26.30
N GLY P 150 63.15 -12.52 25.01
CA GLY P 150 62.38 -13.50 24.29
C GLY P 150 61.20 -12.96 23.53
N SER P 151 60.98 -11.65 23.53
CA SER P 151 59.86 -11.03 22.85
C SER P 151 60.36 -10.12 21.75
N ASN P 152 59.57 -9.99 20.69
CA ASN P 152 59.95 -9.26 19.50
C ASN P 152 59.07 -8.03 19.34
N TYR P 153 59.61 -7.00 18.70
CA TYR P 153 58.89 -5.75 18.49
C TYR P 153 58.32 -5.70 17.10
N ASN P 154 57.06 -5.28 16.99
CA ASN P 154 56.53 -4.66 15.79
C ASN P 154 55.38 -3.80 16.28
N PRO P 155 55.20 -2.60 15.71
CA PRO P 155 54.31 -1.63 16.34
C PRO P 155 52.84 -1.89 16.14
N TYR P 156 52.46 -2.71 15.16
CA TYR P 156 51.05 -2.92 14.91
C TYR P 156 50.41 -3.85 15.94
N PHE P 157 51.19 -4.60 16.67
CA PHE P 157 50.65 -5.41 17.76
C PHE P 157 50.34 -4.51 18.94
N PRO P 158 49.19 -4.70 19.60
CA PRO P 158 48.81 -3.81 20.70
C PRO P 158 49.69 -3.96 21.92
N GLY P 159 50.53 -2.97 22.16
CA GLY P 159 51.47 -3.01 23.25
C GLY P 159 52.91 -3.03 22.82
N GLY P 160 53.20 -3.29 21.56
CA GLY P 160 54.57 -3.32 21.11
C GLY P 160 55.17 -4.70 21.11
N SER P 161 55.31 -5.31 22.29
CA SER P 161 56.02 -6.57 22.43
C SER P 161 55.13 -7.71 21.98
N ILE P 162 55.50 -8.37 20.90
CA ILE P 162 54.85 -9.60 20.47
C ILE P 162 55.83 -10.73 20.77
N ALA P 163 55.32 -11.96 20.79
CA ALA P 163 56.17 -13.12 21.02
C ALA P 163 56.46 -13.91 19.75
N MET P 164 56.07 -13.40 18.59
CA MET P 164 56.37 -14.02 17.32
C MET P 164 57.50 -13.26 16.66
N ALA P 165 58.56 -13.95 16.27
CA ALA P 165 59.62 -13.29 15.52
C ALA P 165 59.31 -13.32 14.03
N ARG P 166 60.08 -12.56 13.27
CA ARG P 166 59.80 -12.37 11.85
C ARG P 166 60.03 -13.67 11.09
N VAL P 167 58.95 -14.25 10.58
CA VAL P 167 59.02 -15.56 9.94
C VAL P 167 58.87 -15.46 8.44
N LEU P 168 58.94 -14.27 7.88
CA LEU P 168 58.83 -14.10 6.43
C LEU P 168 60.08 -13.38 5.95
N PHE P 169 60.98 -14.14 5.36
CA PHE P 169 62.13 -13.59 4.65
C PHE P 169 61.99 -13.91 3.17
N ASP P 170 62.79 -13.22 2.36
CA ASP P 170 62.66 -13.32 0.91
C ASP P 170 63.07 -14.70 0.43
N ASP P 171 62.21 -15.31 -0.39
CA ASP P 171 62.44 -16.58 -1.08
C ASP P 171 62.70 -17.72 -0.11
N MET P 172 61.83 -17.85 0.89
CA MET P 172 61.90 -18.98 1.79
C MET P 172 60.96 -20.12 1.39
N VAL P 173 59.95 -19.84 0.57
CA VAL P 173 59.21 -20.88 -0.11
C VAL P 173 59.44 -20.71 -1.59
N GLU P 174 59.07 -21.72 -2.36
CA GLU P 174 59.18 -21.68 -3.81
C GLU P 174 57.82 -22.01 -4.40
N TYR P 175 57.24 -21.05 -5.10
CA TYR P 175 55.87 -21.19 -5.57
C TYR P 175 55.80 -22.19 -6.71
N GLU P 176 54.61 -22.73 -6.92
CA GLU P 176 54.43 -23.74 -7.95
C GLU P 176 54.20 -23.14 -9.32
N ASP P 177 54.08 -21.81 -9.44
CA ASP P 177 53.86 -21.17 -10.72
C ASP P 177 54.86 -20.07 -11.00
N GLY P 178 55.98 -20.05 -10.28
CA GLY P 178 57.05 -19.12 -10.58
C GLY P 178 56.81 -17.70 -10.17
N THR P 179 55.89 -17.46 -9.24
CA THR P 179 55.71 -16.14 -8.70
C THR P 179 56.90 -15.80 -7.80
N PRO P 180 57.44 -14.58 -7.86
CA PRO P 180 58.55 -14.21 -6.98
C PRO P 180 58.11 -14.17 -5.52
N ALA P 181 58.75 -15.00 -4.69
CA ALA P 181 58.30 -15.24 -3.33
C ALA P 181 58.99 -14.29 -2.36
N THR P 182 58.63 -13.02 -2.46
CA THR P 182 59.14 -12.04 -1.52
C THR P 182 58.31 -12.08 -0.23
N THR P 183 58.67 -11.24 0.74
CA THR P 183 57.88 -11.18 1.97
C THR P 183 56.52 -10.55 1.70
N SER P 184 56.50 -9.47 0.94
CA SER P 184 55.27 -8.77 0.63
C SER P 184 54.37 -9.58 -0.29
N GLN P 185 54.95 -10.49 -1.07
CA GLN P 185 54.12 -11.41 -1.84
C GLN P 185 53.60 -12.53 -0.96
N MET P 186 54.39 -12.96 0.01
CA MET P 186 53.98 -14.09 0.84
C MET P 186 52.99 -13.67 1.90
N ALA P 187 53.19 -12.50 2.51
CA ALA P 187 52.25 -12.03 3.52
C ALA P 187 50.90 -11.66 2.91
N LYS P 188 50.91 -11.25 1.65
CA LYS P 188 49.67 -11.03 0.92
C LYS P 188 48.97 -12.33 0.61
N ASP P 189 49.70 -13.43 0.48
CA ASP P 189 49.07 -14.69 0.11
C ASP P 189 48.47 -15.42 1.29
N VAL P 190 49.08 -15.38 2.47
CA VAL P 190 48.45 -16.00 3.63
C VAL P 190 47.25 -15.21 4.07
N THR P 191 47.33 -13.87 4.01
CA THR P 191 46.24 -13.04 4.49
C THR P 191 45.00 -13.18 3.63
N THR P 192 45.17 -13.49 2.35
CA THR P 192 44.04 -13.88 1.53
C THR P 192 43.61 -15.30 1.85
N PHE P 193 44.53 -16.17 2.23
CA PHE P 193 44.15 -17.52 2.60
C PHE P 193 43.43 -17.54 3.94
N LEU P 194 43.97 -16.82 4.93
CA LEU P 194 43.31 -16.79 6.24
C LEU P 194 42.00 -16.02 6.19
N ASN P 195 41.81 -15.17 5.19
CA ASN P 195 40.49 -14.60 4.97
C ASN P 195 39.54 -15.62 4.40
N TRP P 196 40.04 -16.59 3.63
CA TRP P 196 39.16 -17.64 3.18
C TRP P 196 38.85 -18.61 4.30
N CYS P 197 39.83 -18.85 5.18
CA CYS P 197 39.59 -19.73 6.31
C CYS P 197 38.57 -19.11 7.26
N ALA P 198 38.57 -17.79 7.39
CA ALA P 198 37.62 -17.14 8.28
C ALA P 198 36.25 -16.99 7.62
N GLU P 199 36.22 -16.70 6.33
CA GLU P 199 34.96 -16.46 5.62
C GLU P 199 34.87 -17.34 4.39
N PRO P 200 34.55 -18.62 4.54
CA PRO P 200 34.50 -19.50 3.37
C PRO P 200 33.27 -19.34 2.50
N GLU P 201 32.44 -18.35 2.79
CA GLU P 201 31.23 -18.08 2.04
C GLU P 201 31.32 -16.77 1.26
N HIS P 202 32.49 -16.14 1.24
CA HIS P 202 32.68 -14.78 0.71
C HIS P 202 32.41 -14.69 -0.79
N ASP P 203 32.44 -15.80 -1.51
CA ASP P 203 32.10 -15.76 -2.93
C ASP P 203 30.61 -15.89 -3.16
N GLU P 204 29.93 -16.75 -2.42
CA GLU P 204 28.51 -16.95 -2.62
C GLU P 204 27.67 -15.94 -1.88
N ARG P 205 28.20 -15.36 -0.80
CA ARG P 205 27.46 -14.34 -0.08
C ARG P 205 27.33 -13.08 -0.90
N LYS P 206 28.37 -12.74 -1.65
CA LYS P 206 28.36 -11.51 -2.42
C LYS P 206 27.62 -11.63 -3.75
N ARG P 207 27.17 -12.83 -4.15
CA ARG P 207 26.34 -12.95 -5.32
C ARG P 207 24.89 -13.25 -5.01
N LEU P 208 24.58 -13.76 -3.81
CA LEU P 208 23.21 -13.71 -3.35
C LEU P 208 22.86 -12.32 -2.85
N GLY P 209 23.87 -11.55 -2.42
CA GLY P 209 23.64 -10.17 -2.09
C GLY P 209 23.39 -9.31 -3.31
N LEU P 210 23.90 -9.71 -4.46
CA LEU P 210 23.55 -9.01 -5.69
C LEU P 210 22.14 -9.36 -6.13
N LYS P 211 21.73 -10.61 -5.93
CA LYS P 211 20.39 -11.04 -6.32
C LYS P 211 19.31 -10.49 -5.42
N THR P 212 19.66 -9.96 -4.25
CA THR P 212 18.67 -9.48 -3.30
C THR P 212 18.47 -7.98 -3.38
N VAL P 213 19.56 -7.21 -3.39
CA VAL P 213 19.47 -5.75 -3.50
C VAL P 213 18.96 -5.32 -4.87
N ILE P 214 19.03 -6.18 -5.88
CA ILE P 214 18.33 -5.86 -7.11
C ILE P 214 16.83 -6.06 -6.94
N ILE P 215 16.40 -7.15 -6.30
CA ILE P 215 14.98 -7.38 -6.12
C ILE P 215 14.41 -6.46 -5.06
N LEU P 216 15.07 -6.35 -3.91
CA LEU P 216 14.52 -5.57 -2.82
C LEU P 216 14.67 -4.05 -3.00
N SER P 217 15.34 -3.60 -4.05
CA SER P 217 15.27 -2.18 -4.40
C SER P 217 14.42 -1.96 -5.64
N SER P 218 13.93 -3.01 -6.26
CA SER P 218 12.91 -2.86 -7.28
C SER P 218 11.54 -3.21 -6.73
N LEU P 219 11.47 -4.01 -5.68
CA LEU P 219 10.20 -4.18 -4.97
C LEU P 219 9.86 -2.94 -4.18
N TYR P 220 10.87 -2.26 -3.63
CA TYR P 220 10.63 -1.06 -2.85
C TYR P 220 10.18 0.09 -3.75
N LEU P 221 10.75 0.20 -4.94
CA LEU P 221 10.34 1.26 -5.85
C LEU P 221 9.02 0.95 -6.53
N LEU P 222 8.61 -0.31 -6.60
CA LEU P 222 7.27 -0.60 -7.07
C LEU P 222 6.23 -0.24 -6.02
N SER P 223 6.56 -0.48 -4.75
CA SER P 223 5.61 -0.23 -3.67
C SER P 223 5.40 1.24 -3.39
N ILE P 224 6.31 2.11 -3.83
CA ILE P 224 6.04 3.54 -3.73
C ILE P 224 4.96 3.92 -4.73
N TRP P 225 4.90 3.25 -5.87
CA TRP P 225 3.84 3.55 -6.82
C TRP P 225 2.49 3.04 -6.34
N VAL P 226 2.44 1.79 -5.87
CA VAL P 226 1.17 1.23 -5.43
C VAL P 226 0.71 1.86 -4.12
N LYS P 227 1.60 2.42 -3.32
CA LYS P 227 1.14 3.26 -2.21
C LYS P 227 0.53 4.53 -2.74
N LYS P 228 1.23 5.22 -3.64
CA LYS P 228 0.73 6.48 -4.17
C LYS P 228 -0.48 6.28 -5.07
N PHE P 229 -0.63 5.09 -5.65
CA PHE P 229 -1.83 4.82 -6.44
C PHE P 229 -3.05 4.66 -5.54
N LYS P 230 -2.95 3.80 -4.53
CA LYS P 230 -4.08 3.55 -3.66
C LYS P 230 -4.34 4.67 -2.66
N TRP P 231 -3.51 5.71 -2.62
CA TRP P 231 -3.75 6.87 -1.78
C TRP P 231 -4.12 8.10 -2.57
N ALA P 232 -4.42 7.96 -3.85
CA ALA P 232 -4.70 9.15 -4.64
C ALA P 232 -6.09 9.70 -4.38
N GLY P 233 -6.98 8.92 -3.76
CA GLY P 233 -8.27 9.46 -3.42
C GLY P 233 -8.25 10.36 -2.21
N ILE P 234 -7.26 10.19 -1.34
CA ILE P 234 -7.24 10.91 -0.07
C ILE P 234 -6.17 11.99 -0.13
N LYS P 235 -5.18 11.79 -1.00
CA LYS P 235 -4.18 12.83 -1.19
C LYS P 235 -4.78 14.04 -1.88
N THR P 236 -5.77 13.83 -2.75
CA THR P 236 -6.40 14.89 -3.50
C THR P 236 -7.89 14.96 -3.21
N ARG P 237 -8.25 14.96 -1.93
CA ARG P 237 -9.64 15.05 -1.49
C ARG P 237 -9.89 16.45 -0.99
N LYS P 238 -10.93 17.10 -1.50
CA LYS P 238 -11.16 18.51 -1.24
C LYS P 238 -12.36 18.70 -0.34
N PHE P 239 -12.23 19.60 0.64
CA PHE P 239 -13.28 19.92 1.57
C PHE P 239 -13.74 21.35 1.35
N VAL P 240 -15.02 21.60 1.53
CA VAL P 240 -15.57 22.95 1.52
C VAL P 240 -16.53 23.05 2.69
N PHE P 241 -16.74 24.28 3.17
CA PHE P 241 -17.54 24.51 4.37
C PHE P 241 -18.55 25.61 4.09
N ASN P 242 -19.81 25.22 3.95
CA ASN P 242 -20.92 26.16 3.85
C ASN P 242 -21.59 26.21 5.21
N PRO P 243 -21.36 27.23 6.01
CA PRO P 243 -21.81 27.22 7.42
C PRO P 243 -23.32 27.26 7.54
N PRO P 244 -23.91 26.32 8.26
CA PRO P 244 -25.36 26.15 8.21
C PRO P 244 -26.09 27.23 8.96
N LYS P 245 -27.36 27.38 8.63
CA LYS P 245 -28.18 28.46 9.18
C LYS P 245 -28.58 28.12 10.61
N PRO P 246 -28.49 29.06 11.54
CA PRO P 246 -28.63 28.72 12.96
C PRO P 246 -30.06 28.61 13.46
N ARG P 247 -31.03 28.47 12.55
CA ARG P 247 -32.43 28.42 12.95
C ARG P 247 -32.75 27.15 13.74
N LYS P 248 -32.03 26.08 13.50
CA LYS P 248 -32.23 24.84 14.23
C LYS P 248 -31.61 24.93 15.62
N LYS Q 1 -20.42 29.70 -2.63
CA LYS Q 1 -20.38 28.67 -3.66
C LYS Q 1 -21.25 27.50 -3.26
N SER Q 2 -22.12 27.05 -4.17
CA SER Q 2 -23.02 25.97 -3.87
C SER Q 2 -22.28 24.64 -3.85
N THR Q 3 -22.98 23.60 -3.40
CA THR Q 3 -22.39 22.29 -3.30
C THR Q 3 -22.48 21.50 -4.59
N TYR Q 4 -23.03 22.08 -5.65
CA TYR Q 4 -23.05 21.42 -6.95
C TYR Q 4 -21.86 21.79 -7.80
N ARG Q 5 -21.14 22.85 -7.45
CA ARG Q 5 -19.96 23.26 -8.20
C ARG Q 5 -18.76 22.57 -7.61
N THR Q 6 -18.39 21.43 -8.19
CA THR Q 6 -17.24 20.69 -7.72
C THR Q 6 -15.96 21.45 -8.05
N PRO Q 7 -14.96 21.43 -7.18
CA PRO Q 7 -13.76 22.23 -7.39
C PRO Q 7 -12.86 21.61 -8.45
N ASN Q 8 -11.76 22.30 -8.75
CA ASN Q 8 -10.91 21.92 -9.86
C ASN Q 8 -9.98 20.79 -9.46
N PHE Q 9 -10.10 19.66 -10.15
CA PHE Q 9 -9.11 18.59 -10.08
C PHE Q 9 -8.34 18.46 -11.38
N ASP Q 10 -8.26 19.53 -12.17
CA ASP Q 10 -7.74 19.42 -13.52
C ASP Q 10 -6.24 19.28 -13.56
N ASP Q 11 -5.53 19.68 -12.52
CA ASP Q 11 -4.09 19.46 -12.44
C ASP Q 11 -3.73 18.14 -11.78
N VAL Q 12 -4.71 17.27 -11.54
CA VAL Q 12 -4.48 15.95 -10.96
C VAL Q 12 -5.04 14.92 -11.92
N LEU Q 13 -6.11 15.28 -12.63
CA LEU Q 13 -6.81 14.34 -13.48
C LEU Q 13 -6.00 14.03 -14.72
N LYS Q 14 -6.31 12.89 -15.32
CA LYS Q 14 -5.73 12.55 -16.61
C LYS Q 14 -6.35 13.43 -17.69
N GLU Q 15 -5.76 13.36 -18.88
CA GLU Q 15 -6.34 14.06 -20.01
C GLU Q 15 -7.13 13.13 -20.91
N ASN Q 16 -7.04 11.83 -20.70
CA ASN Q 16 -7.77 10.85 -21.48
C ASN Q 16 -7.89 9.60 -20.64
N ASN Q 17 -9.10 9.23 -20.22
CA ASN Q 17 -9.26 8.12 -19.30
C ASN Q 17 -9.00 6.78 -19.95
N ASP Q 18 -9.86 6.38 -20.90
CA ASP Q 18 -9.80 5.10 -21.60
C ASP Q 18 -9.69 3.94 -20.60
N ALA Q 19 -10.80 3.70 -19.91
CA ALA Q 19 -10.85 2.90 -18.69
C ALA Q 19 -10.36 1.45 -18.83
N ASP Q 20 -10.07 0.96 -20.02
CA ASP Q 20 -9.39 -0.32 -20.17
C ASP Q 20 -7.89 -0.17 -20.35
N LYS Q 21 -7.40 1.05 -20.43
CA LYS Q 21 -5.97 1.33 -20.53
C LYS Q 21 -5.40 1.86 -19.23
N GLY Q 22 -6.16 2.69 -18.51
CA GLY Q 22 -5.75 3.09 -17.17
C GLY Q 22 -5.89 1.98 -16.14
N ARG Q 23 -6.67 0.95 -16.45
CA ARG Q 23 -6.79 -0.20 -15.58
C ARG Q 23 -5.89 -1.36 -15.97
N SER Q 24 -5.42 -1.40 -17.22
CA SER Q 24 -4.41 -2.36 -17.61
C SER Q 24 -3.00 -1.87 -17.34
N TYR Q 25 -2.86 -0.69 -16.73
CA TYR Q 25 -1.60 -0.18 -16.27
C TYR Q 25 -1.48 -0.22 -14.76
N ALA Q 26 -2.57 -0.05 -14.05
CA ALA Q 26 -2.54 -0.17 -12.60
C ALA Q 26 -2.36 -1.63 -12.19
N TYR Q 27 -2.97 -2.55 -12.91
CA TYR Q 27 -2.80 -3.97 -12.60
C TYR Q 27 -1.51 -4.53 -13.15
N PHE Q 28 -0.78 -3.75 -13.93
CA PHE Q 28 0.55 -4.17 -14.33
C PHE Q 28 1.54 -3.94 -13.20
N MET Q 29 1.55 -2.73 -12.63
CA MET Q 29 2.47 -2.43 -11.54
C MET Q 29 2.09 -3.12 -10.25
N VAL Q 30 0.82 -3.50 -10.08
CA VAL Q 30 0.47 -4.38 -8.97
C VAL Q 30 0.96 -5.79 -9.23
N GLY Q 31 0.78 -6.26 -10.46
CA GLY Q 31 1.22 -7.59 -10.82
C GLY Q 31 2.72 -7.75 -10.84
N ALA Q 32 3.45 -6.67 -11.15
CA ALA Q 32 4.89 -6.75 -11.07
C ALA Q 32 5.37 -6.79 -9.63
N MET Q 33 4.61 -6.20 -8.70
CA MET Q 33 4.97 -6.31 -7.30
C MET Q 33 4.64 -7.69 -6.76
N GLY Q 34 3.64 -8.35 -7.33
CA GLY Q 34 3.37 -9.72 -6.95
C GLY Q 34 4.27 -10.73 -7.61
N LEU Q 35 4.96 -10.34 -8.69
CA LEU Q 35 5.85 -11.23 -9.39
C LEU Q 35 7.22 -11.30 -8.74
N LEU Q 36 7.65 -10.22 -8.10
CA LEU Q 36 8.89 -10.24 -7.35
C LEU Q 36 8.68 -10.55 -5.88
N SER Q 37 7.44 -10.59 -5.41
CA SER Q 37 7.12 -11.13 -4.11
C SER Q 37 6.77 -12.60 -4.16
N SER Q 38 6.95 -13.24 -5.31
CA SER Q 38 6.90 -14.68 -5.43
C SER Q 38 8.28 -15.28 -5.68
N ALA Q 39 9.11 -14.60 -6.48
CA ALA Q 39 10.50 -14.98 -6.56
C ALA Q 39 11.21 -14.67 -5.25
N GLY Q 40 10.81 -13.61 -4.57
CA GLY Q 40 11.39 -13.28 -3.29
C GLY Q 40 10.83 -14.07 -2.13
N ALA Q 41 9.72 -14.76 -2.30
CA ALA Q 41 9.15 -15.58 -1.25
C ALA Q 41 9.33 -17.07 -1.50
N LYS Q 42 9.69 -17.48 -2.71
CA LYS Q 42 10.23 -18.82 -2.86
C LYS Q 42 11.64 -18.87 -2.29
N SER Q 43 12.44 -17.86 -2.58
CA SER Q 43 13.82 -17.79 -2.14
C SER Q 43 13.97 -17.43 -0.66
N THR Q 44 12.89 -17.23 0.06
CA THR Q 44 12.94 -17.15 1.51
C THR Q 44 12.55 -18.46 2.15
N VAL Q 45 11.47 -19.10 1.69
CA VAL Q 45 11.12 -20.42 2.20
C VAL Q 45 11.99 -21.52 1.65
N GLU Q 46 12.86 -21.24 0.68
CA GLU Q 46 13.88 -22.19 0.30
C GLU Q 46 15.08 -22.10 1.23
N THR Q 47 15.34 -20.91 1.75
CA THR Q 47 16.47 -20.73 2.66
C THR Q 47 16.23 -21.47 3.97
N PHE Q 48 15.01 -21.41 4.50
CA PHE Q 48 14.76 -22.05 5.78
C PHE Q 48 14.54 -23.55 5.66
N ILE Q 49 13.97 -24.01 4.56
CA ILE Q 49 13.67 -25.43 4.43
C ILE Q 49 14.91 -26.22 4.04
N SER Q 50 15.75 -25.68 3.16
CA SER Q 50 16.99 -26.37 2.82
C SER Q 50 18.00 -26.31 3.95
N SER Q 51 17.86 -25.37 4.88
CA SER Q 51 18.72 -25.34 6.05
C SER Q 51 18.48 -26.50 7.01
N MET Q 52 17.31 -27.13 6.96
CA MET Q 52 17.03 -28.28 7.77
C MET Q 52 17.46 -29.59 7.14
N THR Q 53 18.03 -29.55 5.93
CA THR Q 53 18.46 -30.77 5.25
C THR Q 53 19.81 -31.21 5.81
N ALA Q 54 20.43 -32.17 5.14
CA ALA Q 54 21.70 -32.73 5.60
C ALA Q 54 22.80 -31.68 5.50
N THR Q 55 23.56 -31.52 6.58
CA THR Q 55 24.59 -30.51 6.61
C THR Q 55 25.78 -30.97 5.77
N ALA Q 56 26.82 -30.14 5.73
CA ALA Q 56 27.95 -30.45 4.87
C ALA Q 56 28.79 -31.58 5.44
N ASP Q 57 28.87 -31.72 6.75
CA ASP Q 57 29.71 -32.76 7.31
C ASP Q 57 29.04 -34.13 7.26
N VAL Q 58 27.73 -34.18 7.49
CA VAL Q 58 27.02 -35.45 7.44
C VAL Q 58 26.80 -35.90 6.01
N LEU Q 59 26.98 -35.02 5.03
CA LEU Q 59 27.03 -35.46 3.65
C LEU Q 59 28.37 -36.07 3.32
N ALA Q 60 29.43 -35.67 4.01
CA ALA Q 60 30.77 -36.13 3.70
C ALA Q 60 30.99 -37.56 4.14
N MET Q 61 30.30 -38.01 5.19
CA MET Q 61 30.46 -39.35 5.71
C MET Q 61 29.41 -40.30 5.18
N ALA Q 62 28.99 -40.11 3.93
CA ALA Q 62 28.02 -41.00 3.31
C ALA Q 62 28.67 -42.21 2.67
N LYS Q 63 29.95 -42.12 2.31
CA LYS Q 63 30.66 -43.20 1.65
C LYS Q 63 31.81 -43.69 2.53
N VAL Q 64 32.07 -44.98 2.47
CA VAL Q 64 33.19 -45.60 3.18
C VAL Q 64 33.84 -46.59 2.23
N GLU Q 65 35.16 -46.51 2.07
CA GLU Q 65 35.89 -47.50 1.31
C GLU Q 65 36.40 -48.61 2.23
N VAL Q 66 36.51 -49.81 1.69
CA VAL Q 66 37.09 -50.94 2.41
C VAL Q 66 38.10 -51.64 1.51
N ASN Q 67 39.14 -52.17 2.14
CA ASN Q 67 40.29 -52.73 1.45
C ASN Q 67 39.95 -54.06 0.79
N LEU Q 68 40.67 -54.37 -0.29
CA LEU Q 68 40.48 -55.61 -1.04
C LEU Q 68 41.37 -56.74 -0.57
N ALA Q 69 42.13 -56.54 0.52
CA ALA Q 69 43.01 -57.59 1.00
C ALA Q 69 42.86 -57.81 2.50
N ALA Q 70 42.47 -56.75 3.22
CA ALA Q 70 42.42 -56.81 4.68
C ALA Q 70 41.24 -57.63 5.20
N ILE Q 71 40.20 -57.79 4.40
CA ILE Q 71 39.02 -58.55 4.82
C ILE Q 71 39.31 -60.04 4.71
N PRO Q 72 39.30 -60.79 5.81
CA PRO Q 72 39.70 -62.19 5.76
C PRO Q 72 38.61 -63.09 5.20
N LEU Q 73 38.95 -64.37 5.07
CA LEU Q 73 38.04 -65.34 4.46
C LEU Q 73 36.91 -65.72 5.41
N GLY Q 74 37.26 -66.30 6.55
CA GLY Q 74 36.25 -66.71 7.52
C GLY Q 74 35.97 -65.68 8.58
N LYS Q 75 35.71 -64.44 8.17
CA LYS Q 75 35.46 -63.34 9.09
C LYS Q 75 34.31 -62.48 8.58
N ASN Q 76 33.52 -61.97 9.54
CA ASN Q 76 32.34 -61.15 9.27
C ASN Q 76 32.59 -59.73 9.73
N VAL Q 77 32.74 -58.80 8.79
CA VAL Q 77 32.87 -57.38 9.11
C VAL Q 77 31.48 -56.81 9.30
N VAL Q 78 31.20 -56.28 10.49
CA VAL Q 78 29.94 -55.62 10.80
C VAL Q 78 30.26 -54.14 10.99
N VAL Q 79 30.11 -53.36 9.94
CA VAL Q 79 30.49 -51.96 9.95
C VAL Q 79 29.24 -51.10 10.07
N LYS Q 80 29.37 -50.01 10.80
CA LYS Q 80 28.30 -49.02 10.93
C LYS Q 80 28.49 -48.00 9.82
N TRP Q 81 27.76 -48.17 8.72
CA TRP Q 81 27.83 -47.27 7.58
C TRP Q 81 26.51 -46.51 7.48
N GLN Q 82 26.59 -45.17 7.54
CA GLN Q 82 25.44 -44.26 7.53
C GLN Q 82 24.46 -44.57 8.64
N GLY Q 83 24.97 -44.94 9.80
CA GLY Q 83 24.11 -45.33 10.90
C GLY Q 83 23.37 -46.64 10.69
N LYS Q 84 23.83 -47.46 9.76
CA LYS Q 84 23.21 -48.74 9.46
C LYS Q 84 24.28 -49.82 9.51
N PRO Q 85 23.94 -51.01 10.00
CA PRO Q 85 24.89 -52.12 9.96
C PRO Q 85 25.02 -52.68 8.56
N VAL Q 86 26.20 -53.21 8.27
CA VAL Q 86 26.50 -53.84 6.98
C VAL Q 86 27.33 -55.07 7.27
N PHE Q 87 26.88 -56.23 6.78
CA PHE Q 87 27.55 -57.50 7.06
C PHE Q 87 28.43 -57.84 5.86
N ILE Q 88 29.70 -57.48 5.93
CA ILE Q 88 30.63 -57.79 4.85
C ILE Q 88 31.20 -59.18 5.10
N ARG Q 89 31.47 -59.90 4.02
CA ARG Q 89 32.13 -61.19 4.10
C ARG Q 89 32.90 -61.45 2.81
N HIS Q 90 34.23 -61.47 2.91
CA HIS Q 90 35.06 -61.89 1.78
C HIS Q 90 34.94 -63.40 1.63
N ARG Q 91 34.30 -63.83 0.55
CA ARG Q 91 33.91 -65.22 0.38
C ARG Q 91 35.06 -66.06 -0.13
N THR Q 92 34.76 -67.35 -0.32
CA THR Q 92 35.42 -68.52 -0.87
C THR Q 92 34.82 -68.87 -2.23
N PRO Q 93 35.60 -69.38 -3.17
CA PRO Q 93 35.06 -69.73 -4.50
C PRO Q 93 34.29 -71.05 -4.54
N HIS Q 94 34.01 -71.67 -3.40
CA HIS Q 94 33.26 -72.92 -3.38
C HIS Q 94 31.78 -72.72 -3.12
N GLU Q 95 31.41 -71.67 -2.40
CA GLU Q 95 30.01 -71.48 -2.01
C GLU Q 95 29.18 -70.79 -3.09
N ILE Q 96 29.77 -70.48 -4.25
CA ILE Q 96 29.01 -69.83 -5.32
C ILE Q 96 27.99 -70.79 -5.93
N GLN Q 97 28.38 -72.06 -6.11
CA GLN Q 97 27.42 -73.06 -6.55
C GLN Q 97 26.45 -73.41 -5.44
N GLU Q 98 26.87 -73.24 -4.18
CA GLU Q 98 26.01 -73.53 -3.04
C GLU Q 98 24.87 -72.53 -2.93
N ALA Q 99 25.10 -71.29 -3.37
CA ALA Q 99 24.06 -70.26 -3.28
C ALA Q 99 22.93 -70.53 -4.25
N ASN Q 100 23.25 -70.81 -5.51
CA ASN Q 100 22.25 -71.15 -6.52
C ASN Q 100 21.98 -72.65 -6.59
N SER Q 101 22.30 -73.39 -5.53
CA SER Q 101 22.04 -74.82 -5.51
C SER Q 101 20.56 -75.11 -5.35
N VAL Q 102 19.91 -74.40 -4.43
CA VAL Q 102 18.53 -74.70 -4.11
C VAL Q 102 17.61 -74.19 -5.21
N ASP Q 103 16.39 -74.74 -5.23
CA ASP Q 103 15.38 -74.33 -6.18
C ASP Q 103 14.85 -72.96 -5.80
N MET Q 104 14.20 -72.30 -6.77
CA MET Q 104 13.59 -71.00 -6.54
C MET Q 104 12.28 -71.10 -5.76
N SER Q 105 11.82 -72.31 -5.43
CA SER Q 105 10.65 -72.47 -4.58
C SER Q 105 11.00 -72.39 -3.10
N ALA Q 106 12.26 -72.58 -2.74
CA ALA Q 106 12.71 -72.49 -1.35
C ALA Q 106 13.04 -71.06 -0.93
N LEU Q 107 12.76 -70.08 -1.78
CA LEU Q 107 13.07 -68.68 -1.52
C LEU Q 107 12.06 -67.82 -2.25
N LYS Q 108 11.40 -66.92 -1.52
CA LYS Q 108 10.26 -66.21 -2.07
C LYS Q 108 10.65 -65.00 -2.90
N ASP Q 109 11.91 -64.57 -2.84
CA ASP Q 109 12.41 -63.51 -3.72
C ASP Q 109 13.46 -64.12 -4.64
N PRO Q 110 13.17 -64.30 -5.93
CA PRO Q 110 14.08 -65.05 -6.82
C PRO Q 110 15.23 -64.15 -7.28
N GLN Q 111 16.44 -64.49 -6.86
CA GLN Q 111 17.64 -63.79 -7.31
C GLN Q 111 18.84 -64.68 -7.04
N THR Q 112 19.71 -64.82 -8.03
CA THR Q 112 20.85 -65.73 -7.92
C THR Q 112 21.99 -65.04 -7.17
N ASP Q 113 23.15 -65.70 -7.14
CA ASP Q 113 24.29 -65.15 -6.43
C ASP Q 113 24.96 -64.03 -7.22
N ALA Q 114 25.02 -64.17 -8.54
CA ALA Q 114 25.75 -63.22 -9.37
C ALA Q 114 25.05 -61.86 -9.47
N ASP Q 115 23.75 -61.79 -9.18
CA ASP Q 115 23.09 -60.50 -9.16
C ASP Q 115 23.18 -59.83 -7.80
N ARG Q 116 23.25 -60.62 -6.73
CA ARG Q 116 23.31 -60.07 -5.39
C ARG Q 116 24.72 -59.63 -5.01
N VAL Q 117 25.72 -60.12 -5.70
CA VAL Q 117 27.09 -59.65 -5.54
C VAL Q 117 27.79 -59.78 -6.90
N LYS Q 118 28.51 -58.73 -7.30
CA LYS Q 118 29.12 -58.74 -8.63
C LYS Q 118 30.40 -59.55 -8.65
N ASP Q 119 31.38 -59.18 -7.82
CA ASP Q 119 32.59 -59.98 -7.70
C ASP Q 119 32.34 -61.05 -6.64
N PRO Q 120 32.32 -62.34 -7.00
CA PRO Q 120 31.91 -63.38 -6.06
C PRO Q 120 32.88 -63.65 -4.92
N GLN Q 121 34.03 -62.97 -4.89
CA GLN Q 121 34.95 -63.08 -3.77
C GLN Q 121 34.43 -62.41 -2.51
N TRP Q 122 33.39 -61.58 -2.61
CA TRP Q 122 32.86 -60.83 -1.49
C TRP Q 122 31.39 -61.16 -1.28
N LEU Q 123 30.83 -60.59 -0.20
CA LEU Q 123 29.39 -60.52 0.01
C LEU Q 123 29.15 -59.32 0.92
N ILE Q 124 28.57 -58.26 0.39
CA ILE Q 124 28.33 -57.03 1.13
C ILE Q 124 26.83 -56.86 1.25
N MET Q 125 26.32 -56.99 2.47
CA MET Q 125 24.89 -57.09 2.71
C MET Q 125 24.45 -55.99 3.66
N LEU Q 126 23.26 -55.46 3.44
CA LEU Q 126 22.70 -54.51 4.39
C LEU Q 126 22.23 -55.24 5.63
N GLY Q 127 22.61 -54.75 6.80
CA GLY Q 127 22.40 -55.47 8.04
C GLY Q 127 20.97 -55.48 8.54
N ILE Q 128 20.16 -54.52 8.11
CA ILE Q 128 18.77 -54.42 8.56
C ILE Q 128 17.98 -55.58 7.97
N CYS Q 129 17.57 -56.53 8.81
CA CYS Q 129 16.78 -57.65 8.34
C CYS Q 129 15.38 -57.20 7.91
N THR Q 130 14.85 -57.90 6.91
CA THR Q 130 13.60 -57.53 6.27
C THR Q 130 12.39 -57.68 7.18
N HIS Q 131 12.47 -58.54 8.20
CA HIS Q 131 11.34 -58.73 9.10
C HIS Q 131 11.29 -57.63 10.16
N LEU Q 132 12.31 -57.57 11.01
CA LEU Q 132 12.39 -56.59 12.09
C LEU Q 132 13.66 -55.76 12.08
N GLY Q 133 14.81 -56.36 11.78
CA GLY Q 133 16.04 -55.60 11.73
C GLY Q 133 17.10 -56.12 12.69
N CYS Q 134 16.95 -57.39 13.10
CA CYS Q 134 17.86 -57.99 14.07
C CYS Q 134 19.24 -58.23 13.47
N VAL Q 135 20.15 -58.68 14.31
CA VAL Q 135 21.50 -59.05 13.90
C VAL Q 135 21.59 -60.57 13.89
N PRO Q 136 21.64 -61.22 12.73
CA PRO Q 136 21.86 -62.66 12.70
C PRO Q 136 23.26 -63.02 13.18
N ILE Q 137 23.39 -64.24 13.70
CA ILE Q 137 24.67 -64.67 14.27
C ILE Q 137 25.67 -64.96 13.15
N GLY Q 138 26.93 -64.61 13.40
CA GLY Q 138 27.92 -64.57 12.32
C GLY Q 138 28.55 -65.93 12.08
N GLU Q 139 28.41 -66.43 10.84
CA GLU Q 139 28.97 -67.71 10.37
C GLU Q 139 28.51 -68.88 11.23
N ALA Q 140 27.26 -68.82 11.68
CA ALA Q 140 26.64 -69.93 12.39
C ALA Q 140 25.22 -70.09 11.88
N GLY Q 141 24.89 -71.31 11.51
CA GLY Q 141 23.63 -71.60 10.84
C GLY Q 141 23.74 -72.92 10.10
N ASP Q 142 22.89 -73.05 9.08
CA ASP Q 142 22.75 -74.31 8.36
C ASP Q 142 23.06 -74.23 6.88
N PHE Q 143 23.40 -73.06 6.35
CA PHE Q 143 23.66 -72.91 4.92
C PHE Q 143 24.97 -72.17 4.65
N GLY Q 144 25.85 -72.03 5.64
CA GLY Q 144 27.09 -71.32 5.48
C GLY Q 144 27.00 -69.82 5.61
N GLY Q 145 25.80 -69.25 5.55
CA GLY Q 145 25.62 -67.82 5.68
C GLY Q 145 25.25 -67.40 7.08
N TRP Q 146 24.06 -66.84 7.25
CA TRP Q 146 23.64 -66.28 8.52
C TRP Q 146 22.37 -66.97 9.02
N PHE Q 147 22.13 -66.80 10.32
CA PHE Q 147 20.93 -67.33 10.95
C PHE Q 147 20.42 -66.30 11.94
N CYS Q 148 19.23 -65.80 11.71
CA CYS Q 148 18.64 -64.80 12.60
C CYS Q 148 18.11 -65.48 13.85
N PRO Q 149 18.64 -65.16 15.04
CA PRO Q 149 18.14 -65.80 16.26
C PRO Q 149 16.84 -65.19 16.77
N CYS Q 150 16.38 -64.07 16.20
CA CYS Q 150 15.15 -63.45 16.67
C CYS Q 150 13.92 -64.24 16.22
N HIS Q 151 13.87 -64.60 14.93
CA HIS Q 151 12.70 -65.32 14.43
C HIS Q 151 13.05 -66.44 13.47
N GLY Q 152 14.30 -66.92 13.49
CA GLY Q 152 14.64 -68.15 12.79
C GLY Q 152 14.69 -68.07 11.29
N SER Q 153 15.01 -66.91 10.73
CA SER Q 153 15.14 -66.77 9.27
C SER Q 153 16.56 -67.12 8.87
N HIS Q 154 16.72 -68.21 8.13
CA HIS Q 154 18.04 -68.64 7.68
C HIS Q 154 18.48 -67.85 6.45
N TYR Q 155 19.74 -67.44 6.46
CA TYR Q 155 20.31 -66.66 5.37
C TYR Q 155 21.50 -67.39 4.78
N ASP Q 156 21.58 -67.43 3.45
CA ASP Q 156 22.59 -68.20 2.75
C ASP Q 156 23.86 -67.36 2.58
N ILE Q 157 24.77 -67.86 1.74
CA ILE Q 157 25.98 -67.13 1.41
C ILE Q 157 25.73 -66.03 0.38
N SER Q 158 24.57 -66.04 -0.26
CA SER Q 158 24.20 -64.97 -1.19
C SER Q 158 23.31 -63.93 -0.55
N GLY Q 159 22.76 -64.20 0.63
CA GLY Q 159 21.96 -63.24 1.35
C GLY Q 159 20.46 -63.42 1.23
N ARG Q 160 20.00 -64.42 0.49
CA ARG Q 160 18.58 -64.68 0.40
C ARG Q 160 18.08 -65.32 1.70
N ILE Q 161 16.76 -65.40 1.82
CA ILE Q 161 16.21 -66.26 2.85
C ILE Q 161 16.22 -67.70 2.35
N ARG Q 162 16.40 -68.62 3.28
CA ARG Q 162 16.21 -70.04 2.97
C ARG Q 162 15.06 -70.64 3.74
N LYS Q 163 15.13 -70.61 5.07
CA LYS Q 163 14.08 -71.12 5.95
C LYS Q 163 13.68 -69.99 6.88
N GLY Q 164 12.50 -69.41 6.66
CA GLY Q 164 12.03 -68.36 7.51
C GLY Q 164 10.89 -67.57 6.91
N PRO Q 165 10.18 -66.83 7.75
CA PRO Q 165 9.04 -66.02 7.28
C PRO Q 165 9.41 -64.61 6.84
N ALA Q 166 10.69 -64.36 6.59
CA ALA Q 166 11.12 -63.02 6.18
C ALA Q 166 10.63 -62.72 4.77
N PRO Q 167 10.19 -61.48 4.50
CA PRO Q 167 9.51 -61.21 3.22
C PRO Q 167 10.43 -61.16 2.01
N LEU Q 168 11.62 -60.58 2.11
CA LEU Q 168 12.49 -60.40 0.95
C LEU Q 168 13.87 -60.97 1.22
N ASN Q 169 14.65 -61.11 0.15
CA ASN Q 169 16.07 -61.33 0.30
C ASN Q 169 16.73 -60.07 0.85
N LEU Q 170 17.88 -60.24 1.49
CA LEU Q 170 18.47 -59.14 2.24
C LEU Q 170 19.13 -58.14 1.30
N GLU Q 171 19.05 -56.87 1.66
CA GLU Q 171 19.39 -55.79 0.73
C GLU Q 171 20.89 -55.70 0.52
N ILE Q 172 21.29 -55.33 -0.69
CA ILE Q 172 22.67 -55.14 -1.08
C ILE Q 172 22.91 -53.66 -1.33
N PRO Q 173 23.84 -53.01 -0.65
CA PRO Q 173 24.03 -51.58 -0.80
C PRO Q 173 24.76 -51.26 -2.10
N ALA Q 174 24.93 -49.98 -2.35
CA ALA Q 174 25.69 -49.53 -3.52
C ALA Q 174 27.17 -49.53 -3.21
N TYR Q 175 27.96 -50.19 -4.04
CA TYR Q 175 29.40 -50.25 -3.85
C TYR Q 175 30.08 -50.43 -5.19
N GLU Q 176 31.25 -49.80 -5.35
CA GLU Q 176 31.93 -49.74 -6.64
C GLU Q 176 33.43 -49.83 -6.41
N PHE Q 177 34.09 -50.70 -7.17
CA PHE Q 177 35.51 -50.92 -7.02
C PHE Q 177 36.29 -49.86 -7.77
N ASP Q 178 37.37 -49.37 -7.15
CA ASP Q 178 38.17 -48.32 -7.76
C ASP Q 178 39.67 -48.61 -7.67
N GLY Q 179 40.07 -49.84 -7.38
CA GLY Q 179 41.48 -50.15 -7.27
C GLY Q 179 41.92 -50.19 -5.83
N ASP Q 180 42.00 -51.39 -5.25
CA ASP Q 180 42.51 -51.59 -3.89
C ASP Q 180 41.50 -51.22 -2.82
N LYS Q 181 40.38 -50.69 -3.27
CA LYS Q 181 39.30 -50.29 -2.37
C LYS Q 181 37.98 -50.57 -3.06
N VAL Q 182 36.90 -50.49 -2.27
CA VAL Q 182 35.54 -50.44 -2.82
C VAL Q 182 34.68 -49.58 -1.90
N ILE Q 183 34.08 -48.53 -2.48
CA ILE Q 183 33.36 -47.53 -1.71
C ILE Q 183 31.89 -47.96 -1.56
N VAL Q 184 31.55 -48.53 -0.42
CA VAL Q 184 30.16 -48.88 -0.16
C VAL Q 184 29.40 -47.60 0.17
N GLY Q 185 28.36 -47.32 -0.61
CA GLY Q 185 27.68 -46.06 -0.53
C GLY Q 185 28.35 -44.98 -1.38
N VAL R 1 65.01 -11.03 -7.24
CA VAL R 1 64.02 -9.99 -7.10
C VAL R 1 63.83 -9.61 -5.65
N THR R 2 64.13 -8.35 -5.33
CA THR R 2 63.92 -7.83 -3.98
C THR R 2 62.43 -7.62 -3.73
N ASP R 3 62.09 -7.40 -2.47
CA ASP R 3 60.69 -7.29 -2.10
C ASP R 3 60.10 -5.96 -2.56
N GLN R 4 58.78 -5.92 -2.63
CA GLN R 4 58.08 -4.78 -3.22
C GLN R 4 57.75 -3.70 -2.22
N LEU R 5 57.74 -4.00 -0.93
CA LEU R 5 57.38 -2.99 0.05
C LEU R 5 58.58 -2.18 0.51
N GLU R 6 59.72 -2.85 0.73
CA GLU R 6 60.84 -2.19 1.39
C GLU R 6 61.50 -1.15 0.50
N ASP R 7 61.58 -1.42 -0.80
CA ASP R 7 62.09 -0.39 -1.72
C ASP R 7 61.07 0.73 -1.89
N LEU R 8 59.78 0.37 -1.87
CA LEU R 8 58.73 1.38 -1.90
C LEU R 8 58.72 2.20 -0.62
N ARG R 9 58.98 1.56 0.52
CA ARG R 9 59.14 2.27 1.77
C ARG R 9 60.46 3.02 1.82
N GLU R 10 61.45 2.61 1.04
CA GLU R 10 62.68 3.39 0.92
C GLU R 10 62.50 4.59 -0.01
N HIS R 11 61.61 4.48 -0.98
CA HIS R 11 61.41 5.59 -1.91
C HIS R 11 60.66 6.73 -1.25
N PHE R 12 59.70 6.42 -0.39
CA PHE R 12 58.99 7.44 0.35
C PHE R 12 59.70 7.85 1.63
N LYS R 13 60.80 7.18 1.97
CA LYS R 13 61.57 7.58 3.13
C LYS R 13 62.33 8.86 2.87
N ASN R 14 62.81 9.05 1.65
CA ASN R 14 63.70 10.16 1.32
C ASN R 14 63.02 11.15 0.36
N THR R 15 61.75 11.42 0.60
CA THR R 15 61.09 12.54 -0.05
C THR R 15 61.30 13.79 0.80
N GLU R 16 60.56 14.86 0.51
CA GLU R 16 60.73 16.07 1.31
C GLU R 16 59.98 15.96 2.63
N GLU R 17 58.80 15.37 2.62
CA GLU R 17 58.05 15.22 3.86
C GLU R 17 58.65 14.15 4.75
N GLY R 18 59.19 13.09 4.16
CA GLY R 18 59.77 12.03 4.96
C GLY R 18 61.09 12.42 5.60
N LYS R 19 61.91 13.19 4.89
CA LYS R 19 63.20 13.57 5.43
C LYS R 19 63.09 14.61 6.53
N ALA R 20 61.96 15.30 6.63
CA ALA R 20 61.70 16.13 7.80
C ALA R 20 61.16 15.34 8.97
N LEU R 21 60.77 14.08 8.75
CA LEU R 21 60.31 13.19 9.79
C LEU R 21 61.37 12.19 10.23
N VAL R 22 62.12 11.64 9.28
CA VAL R 22 63.15 10.67 9.64
C VAL R 22 64.36 11.38 10.23
N HIS R 23 64.48 12.69 10.04
CA HIS R 23 65.44 13.46 10.82
C HIS R 23 64.86 13.81 12.18
N HIS R 24 63.54 14.05 12.23
CA HIS R 24 62.91 14.40 13.49
C HIS R 24 62.86 13.22 14.45
N TYR R 25 62.72 12.00 13.94
CA TYR R 25 62.81 10.83 14.80
C TYR R 25 64.24 10.60 15.26
N GLU R 26 65.20 10.84 14.37
CA GLU R 26 66.60 10.63 14.72
C GLU R 26 67.08 11.64 15.75
N GLU R 27 66.46 12.82 15.80
CA GLU R 27 66.79 13.77 16.84
C GLU R 27 66.27 13.31 18.21
N CYS R 28 65.16 12.56 18.23
CA CYS R 28 64.73 11.94 19.47
C CYS R 28 65.68 10.83 19.89
N ALA R 29 66.21 10.08 18.91
CA ALA R 29 67.03 8.93 19.22
C ALA R 29 68.41 9.31 19.72
N GLU R 30 68.81 10.56 19.55
CA GLU R 30 70.08 11.01 20.12
C GLU R 30 69.89 11.41 21.58
N ARG R 31 68.77 12.06 21.90
CA ARG R 31 68.50 12.45 23.28
C ARG R 31 68.28 11.25 24.19
N VAL R 32 67.83 10.13 23.64
CA VAL R 32 67.78 8.89 24.40
C VAL R 32 69.19 8.39 24.69
N LYS R 33 70.08 8.45 23.69
CA LYS R 33 71.41 7.87 23.83
C LYS R 33 72.31 8.65 24.78
N ILE R 34 71.98 9.89 25.11
CA ILE R 34 72.69 10.59 26.17
C ILE R 34 71.95 10.49 27.50
N GLN R 35 70.69 10.06 27.50
CA GLN R 35 70.02 9.75 28.74
C GLN R 35 70.31 8.34 29.21
N GLN R 36 70.58 7.43 28.28
CA GLN R 36 70.89 6.04 28.62
C GLN R 36 72.32 5.86 29.11
N GLN R 37 73.14 6.91 29.14
CA GLN R 37 74.51 6.82 29.61
C GLN R 37 74.76 7.61 30.87
N GLN R 38 73.80 8.39 31.34
CA GLN R 38 73.96 9.16 32.56
C GLN R 38 73.84 8.24 33.78
N PRO R 39 74.43 8.63 34.91
CA PRO R 39 74.24 7.83 36.13
C PRO R 39 72.82 7.93 36.66
N GLY R 40 72.40 6.86 37.33
CA GLY R 40 71.07 6.82 37.91
C GLY R 40 69.96 6.60 36.91
N TYR R 41 70.27 6.04 35.75
CA TYR R 41 69.26 5.87 34.72
C TYR R 41 68.39 4.64 34.97
N ALA R 42 68.97 3.59 35.54
CA ALA R 42 68.22 2.34 35.72
C ALA R 42 67.17 2.43 36.81
N ASP R 43 67.24 3.44 37.67
CA ASP R 43 66.28 3.66 38.74
C ASP R 43 65.65 5.04 38.62
N LEU R 44 65.19 5.39 37.41
CA LEU R 44 64.70 6.73 37.11
C LEU R 44 63.19 6.82 37.01
N GLU R 45 62.51 5.71 36.67
CA GLU R 45 61.07 5.51 36.49
C GLU R 45 60.35 6.56 35.63
N HIS R 46 61.09 7.33 34.84
CA HIS R 46 60.54 8.20 33.82
C HIS R 46 61.55 8.17 32.67
N LYS R 47 61.34 7.25 31.74
CA LYS R 47 62.26 7.03 30.64
C LYS R 47 61.59 7.47 29.34
N GLU R 48 62.18 8.45 28.67
CA GLU R 48 61.64 8.92 27.41
C GLU R 48 62.02 7.94 26.31
N ASP R 49 61.03 7.35 25.66
CA ASP R 49 61.23 6.58 24.46
C ASP R 49 60.68 7.35 23.26
N CYS R 50 61.04 6.88 22.08
CA CYS R 50 60.70 7.58 20.85
C CYS R 50 59.67 6.79 20.05
N VAL R 51 58.70 6.20 20.74
CA VAL R 51 57.62 5.52 20.04
C VAL R 51 56.67 6.52 19.39
N GLU R 52 56.56 7.72 19.95
CA GLU R 52 55.71 8.73 19.32
C GLU R 52 56.35 9.26 18.05
N GLU R 53 57.65 9.50 18.06
CA GLU R 53 58.31 9.97 16.84
C GLU R 53 58.45 8.86 15.81
N PHE R 54 58.56 7.62 16.26
CA PHE R 54 58.56 6.52 15.32
C PHE R 54 57.17 6.32 14.72
N PHE R 55 56.12 6.64 15.47
CA PHE R 55 54.77 6.43 14.95
C PHE R 55 54.42 7.47 13.90
N HIS R 56 54.92 8.70 14.04
CA HIS R 56 54.68 9.70 13.02
C HIS R 56 55.40 9.34 11.73
N LEU R 57 56.61 8.80 11.85
CA LEU R 57 57.35 8.39 10.66
C LEU R 57 56.71 7.17 10.02
N GLN R 58 56.26 6.22 10.82
CA GLN R 58 55.68 5.02 10.24
C GLN R 58 54.28 5.26 9.69
N HIS R 59 53.55 6.24 10.24
CA HIS R 59 52.22 6.49 9.69
C HIS R 59 52.30 7.26 8.39
N TYR R 60 53.32 8.09 8.21
CA TYR R 60 53.48 8.77 6.94
C TYR R 60 53.80 7.80 5.81
N LEU R 61 54.64 6.81 6.09
CA LEU R 61 54.92 5.78 5.10
C LEU R 61 53.76 4.83 4.94
N ASP R 62 52.87 4.74 5.92
CA ASP R 62 51.74 3.84 5.79
C ASP R 62 50.67 4.42 4.87
N THR R 63 50.43 5.72 4.94
CA THR R 63 49.43 6.31 4.06
C THR R 63 49.94 6.45 2.63
N ALA R 64 51.25 6.57 2.46
CA ALA R 64 51.79 6.79 1.13
C ALA R 64 51.98 5.47 0.37
N THR R 65 52.28 4.38 1.07
CA THR R 65 52.53 3.11 0.42
C THR R 65 51.39 2.13 0.54
N ALA R 66 50.25 2.55 1.06
CA ALA R 66 49.12 1.62 1.08
C ALA R 66 48.47 1.45 -0.28
N PRO R 67 48.03 2.49 -1.02
CA PRO R 67 47.35 2.20 -2.29
C PRO R 67 48.28 1.83 -3.42
N ARG R 68 49.58 2.06 -3.27
CA ARG R 68 50.52 1.81 -4.35
C ARG R 68 51.13 0.42 -4.31
N LEU R 69 51.09 -0.25 -3.17
CA LEU R 69 51.87 -1.48 -3.01
C LEU R 69 51.25 -2.63 -3.79
N PHE R 70 49.93 -2.78 -3.74
CA PHE R 70 49.31 -3.97 -4.29
C PHE R 70 49.32 -4.00 -5.81
N ASP R 71 49.68 -2.89 -6.46
CA ASP R 71 49.92 -2.93 -7.89
C ASP R 71 51.21 -3.65 -8.23
N LYS R 72 52.17 -3.66 -7.31
CA LYS R 72 53.44 -4.31 -7.57
C LYS R 72 53.32 -5.82 -7.48
N LEU R 73 52.55 -6.32 -6.53
CA LEU R 73 52.50 -7.76 -6.27
C LEU R 73 51.69 -8.47 -7.33
N LYS R 74 52.19 -9.63 -7.75
CA LYS R 74 51.51 -10.44 -8.73
C LYS R 74 50.29 -11.10 -8.13
N PRO S 1 -2.71 18.76 31.80
CA PRO S 1 -2.44 18.68 33.23
C PRO S 1 -1.84 19.94 33.79
N GLN S 2 -2.31 21.11 33.35
CA GLN S 2 -1.81 22.38 33.85
C GLN S 2 -2.92 23.25 34.41
N SER S 3 -4.20 22.89 34.19
CA SER S 3 -5.35 23.46 34.89
C SER S 3 -5.51 24.95 34.68
N PHE S 4 -6.09 25.35 33.53
CA PHE S 4 -6.18 26.70 33.00
C PHE S 4 -6.48 27.84 33.97
N THR S 5 -7.11 27.53 35.11
CA THR S 5 -7.18 28.49 36.20
C THR S 5 -5.79 28.87 36.68
N SER S 6 -4.85 27.92 36.67
CA SER S 6 -3.50 28.22 37.12
C SER S 6 -2.69 28.93 36.05
N ILE S 7 -2.95 28.66 34.77
CA ILE S 7 -2.32 29.40 33.69
C ILE S 7 -2.75 30.85 33.73
N ALA S 8 -4.06 31.08 33.77
CA ALA S 8 -4.61 32.41 33.78
C ALA S 8 -4.35 33.15 35.09
N ARG S 9 -3.98 32.46 36.15
CA ARG S 9 -3.52 33.18 37.33
C ARG S 9 -2.12 33.70 37.12
N ILE S 10 -1.25 32.89 36.51
CA ILE S 10 0.08 33.37 36.14
C ILE S 10 -0.03 34.36 34.99
N GLY S 11 -0.82 34.02 33.98
CA GLY S 11 -0.89 34.81 32.77
C GLY S 11 -1.46 36.20 32.96
N ASP S 12 -2.45 36.33 33.84
CA ASP S 12 -2.95 37.67 34.12
C ASP S 12 -2.03 38.46 35.02
N TYR S 13 -1.09 37.81 35.71
CA TYR S 13 -0.12 38.57 36.47
C TYR S 13 0.90 39.22 35.55
N ILE S 14 1.21 38.57 34.44
CA ILE S 14 2.17 39.12 33.48
C ILE S 14 1.58 40.33 32.76
N LEU S 15 0.35 40.18 32.26
CA LEU S 15 -0.26 41.24 31.47
C LEU S 15 -0.63 42.44 32.34
N LYS S 16 -0.89 42.22 33.63
CA LYS S 16 -1.23 43.33 34.51
C LYS S 16 -0.02 44.20 34.82
N SER S 17 1.14 43.58 35.01
CA SER S 17 2.34 44.35 35.32
C SER S 17 2.80 45.12 34.09
N PRO S 18 3.19 46.37 34.22
CA PRO S 18 3.62 47.14 33.05
C PRO S 18 4.99 46.72 32.57
N VAL S 19 5.83 46.25 33.49
CA VAL S 19 7.21 45.90 33.15
C VAL S 19 7.24 44.58 32.38
N LEU S 20 6.54 43.57 32.90
CA LEU S 20 6.58 42.26 32.26
C LEU S 20 5.75 42.22 30.98
N SER S 21 4.79 43.12 30.81
CA SER S 21 4.04 43.14 29.57
C SER S 21 4.84 43.76 28.44
N LYS S 22 5.71 44.71 28.75
CA LYS S 22 6.64 45.25 27.76
C LYS S 22 7.70 44.22 27.39
N LEU S 23 7.98 43.27 28.26
CA LEU S 23 9.13 42.39 28.11
C LEU S 23 8.79 41.09 27.38
N CYS S 24 7.89 40.29 27.93
CA CYS S 24 7.69 38.93 27.45
C CYS S 24 6.37 38.73 26.72
N VAL S 25 5.66 39.79 26.38
CA VAL S 25 4.58 39.68 25.41
C VAL S 25 5.13 39.72 23.97
N PRO S 26 6.12 40.57 23.61
CA PRO S 26 6.75 40.37 22.29
C PRO S 26 7.51 39.08 22.14
N VAL S 27 7.98 38.45 23.22
CA VAL S 27 8.51 37.10 23.12
C VAL S 27 7.38 36.13 22.83
N ALA S 28 6.21 36.36 23.42
CA ALA S 28 5.07 35.47 23.24
C ALA S 28 4.52 35.53 21.83
N ASN S 29 4.56 36.71 21.20
CA ASN S 29 4.07 36.82 19.83
C ASN S 29 4.98 36.12 18.85
N GLN S 30 6.29 36.25 19.03
CA GLN S 30 7.24 35.55 18.17
C GLN S 30 7.23 34.06 18.42
N PHE S 31 6.81 33.63 19.60
CA PHE S 31 6.68 32.20 19.87
C PHE S 31 5.48 31.61 19.18
N ILE S 32 4.43 32.40 18.96
CA ILE S 32 3.18 31.88 18.41
C ILE S 32 3.34 31.55 16.94
N ASN S 33 3.85 32.49 16.14
CA ASN S 33 3.97 32.23 14.72
C ASN S 33 5.17 31.38 14.37
N LEU S 34 6.08 31.17 15.31
CA LEU S 34 7.12 30.16 15.10
C LEU S 34 6.56 28.76 15.30
N ALA S 35 5.52 28.63 16.12
CA ALA S 35 4.86 27.33 16.26
C ALA S 35 4.15 26.95 14.98
N GLY S 36 3.37 27.86 14.43
CA GLY S 36 2.80 27.65 13.12
C GLY S 36 1.64 26.69 13.13
N TYR S 37 0.69 26.91 14.03
CA TYR S 37 -0.61 26.29 13.88
C TYR S 37 -1.51 27.15 13.02
N LYS S 38 -1.19 28.45 12.92
CA LYS S 38 -1.92 29.32 12.01
C LYS S 38 -1.75 28.89 10.57
N LYS S 39 -0.56 28.40 10.23
CA LYS S 39 -0.28 27.99 8.86
C LYS S 39 -1.04 26.73 8.49
N LEU S 40 -1.39 25.91 9.46
CA LEU S 40 -2.28 24.80 9.17
C LEU S 40 -3.74 25.23 9.20
N GLY S 41 -4.03 26.47 9.57
CA GLY S 41 -5.38 26.93 9.59
C GLY S 41 -6.13 26.59 10.85
N LEU S 42 -5.47 26.60 11.99
CA LEU S 42 -6.07 26.29 13.27
C LEU S 42 -5.97 27.50 14.18
N LYS S 43 -6.92 27.63 15.11
CA LYS S 43 -6.74 28.53 16.23
C LYS S 43 -6.03 27.77 17.33
N PHE S 44 -5.75 28.41 18.46
CA PHE S 44 -5.09 27.67 19.52
C PHE S 44 -6.04 26.71 20.20
N ASP S 45 -7.29 27.08 20.35
CA ASP S 45 -8.21 26.24 21.10
C ASP S 45 -8.73 25.06 20.30
N ASP S 46 -8.15 24.75 19.14
CA ASP S 46 -8.29 23.45 18.53
C ASP S 46 -7.21 22.50 19.02
N LEU S 47 -6.09 23.04 19.49
CA LEU S 47 -4.92 22.26 19.85
C LEU S 47 -5.04 21.59 21.21
N ILE S 48 -5.93 22.09 22.07
CA ILE S 48 -6.03 21.58 23.43
C ILE S 48 -6.58 20.17 23.41
N ALA S 49 -5.93 19.27 24.14
CA ALA S 49 -6.32 17.87 24.13
C ALA S 49 -7.64 17.67 24.85
N GLU S 50 -8.53 16.89 24.23
CA GLU S 50 -9.93 16.84 24.61
C GLU S 50 -10.31 15.55 25.33
N GLU S 51 -9.36 14.91 26.00
CA GLU S 51 -9.63 13.63 26.64
C GLU S 51 -9.79 13.71 28.15
N ASN S 52 -9.49 14.81 28.75
CA ASN S 52 -9.91 14.90 30.14
C ASN S 52 -11.38 15.27 30.20
N PRO S 53 -12.11 14.91 31.27
CA PRO S 53 -13.54 15.20 31.32
C PRO S 53 -13.88 16.66 31.58
N ILE S 54 -12.93 17.50 31.97
CA ILE S 54 -13.20 18.93 32.04
C ILE S 54 -13.30 19.52 30.64
N MET S 55 -12.32 19.21 29.80
CA MET S 55 -12.35 19.64 28.41
C MET S 55 -13.41 18.89 27.60
N GLN S 56 -13.77 17.68 28.04
CA GLN S 56 -14.89 16.99 27.42
C GLN S 56 -16.22 17.66 27.76
N THR S 57 -16.29 18.31 28.91
CA THR S 57 -17.49 19.06 29.26
C THR S 57 -17.60 20.33 28.43
N ALA S 58 -16.52 21.11 28.35
CA ALA S 58 -16.53 22.41 27.69
C ALA S 58 -16.70 22.32 26.19
N LEU S 59 -16.63 21.13 25.60
CA LEU S 59 -16.95 20.95 24.19
C LEU S 59 -18.40 20.54 23.99
N ARG S 60 -19.17 20.42 25.07
CA ARG S 60 -20.62 20.26 24.95
C ARG S 60 -21.35 21.56 25.22
N ARG S 61 -20.79 22.42 26.06
CA ARG S 61 -21.38 23.73 26.31
C ARG S 61 -21.14 24.71 25.17
N LEU S 62 -20.33 24.34 24.19
CA LEU S 62 -20.05 25.23 23.07
C LEU S 62 -21.30 25.37 22.21
N PRO S 63 -21.56 26.55 21.64
CA PRO S 63 -22.69 26.70 20.74
C PRO S 63 -22.50 25.90 19.46
N GLU S 64 -23.59 25.75 18.71
CA GLU S 64 -23.55 24.92 17.52
C GLU S 64 -22.73 25.58 16.41
N ASP S 65 -22.85 26.89 16.25
CA ASP S 65 -22.17 27.56 15.15
C ASP S 65 -20.66 27.61 15.34
N GLU S 66 -20.18 27.54 16.58
CA GLU S 66 -18.75 27.49 16.82
C GLU S 66 -18.23 26.08 16.88
N SER S 67 -19.06 25.10 17.21
CA SER S 67 -18.63 23.71 17.20
C SER S 67 -18.76 23.07 15.83
N TYR S 68 -19.34 23.77 14.86
CA TYR S 68 -19.31 23.33 13.49
C TYR S 68 -18.09 23.85 12.76
N ALA S 69 -17.66 25.07 13.06
CA ALA S 69 -16.46 25.61 12.44
C ALA S 69 -15.21 24.97 13.02
N ARG S 70 -15.21 24.75 14.33
CA ARG S 70 -14.10 24.05 14.99
C ARG S 70 -13.97 22.63 14.49
N ALA S 71 -15.07 22.00 14.15
CA ALA S 71 -15.01 20.66 13.58
C ALA S 71 -14.69 20.68 12.10
N TYR S 72 -14.48 21.85 11.51
CA TYR S 72 -14.02 21.95 10.14
C TYR S 72 -12.54 22.29 10.05
N ARG S 73 -12.06 23.21 10.88
CA ARG S 73 -10.65 23.56 10.88
C ARG S 73 -9.78 22.41 11.33
N ILE S 74 -10.33 21.46 12.08
CA ILE S 74 -9.59 20.25 12.39
C ILE S 74 -9.46 19.37 11.16
N ILE S 75 -10.55 19.21 10.40
CA ILE S 75 -10.48 18.36 9.21
C ILE S 75 -9.69 19.01 8.08
N ARG S 76 -9.62 20.34 8.03
CA ARG S 76 -8.72 20.96 7.07
C ARG S 76 -7.27 20.77 7.49
N ALA S 77 -7.02 20.52 8.78
CA ALA S 77 -5.65 20.33 9.24
C ALA S 77 -5.21 18.89 9.07
N HIS S 78 -6.13 17.95 9.24
CA HIS S 78 -5.81 16.55 8.94
C HIS S 78 -5.68 16.31 7.45
N GLN S 79 -6.24 17.18 6.63
CA GLN S 79 -6.10 17.07 5.19
C GLN S 79 -4.87 17.80 4.68
N THR S 80 -4.53 18.93 5.28
CA THR S 80 -3.34 19.65 4.87
C THR S 80 -2.08 18.91 5.29
N GLU S 81 -2.04 18.44 6.55
CA GLU S 81 -0.86 17.72 7.04
C GLU S 81 -0.71 16.37 6.35
N LEU S 82 -1.79 15.81 5.83
CA LEU S 82 -1.69 14.59 5.05
C LEU S 82 -0.96 14.80 3.74
N THR S 83 -1.15 15.95 3.10
CA THR S 83 -0.44 16.22 1.86
C THR S 83 0.97 16.76 2.10
N HIS S 84 1.38 16.88 3.36
CA HIS S 84 2.68 17.44 3.79
C HIS S 84 2.88 18.85 3.27
N HIS S 85 1.80 19.60 3.14
CA HIS S 85 1.83 20.96 2.65
C HIS S 85 1.39 21.89 3.76
N LEU S 86 1.29 23.17 3.42
CA LEU S 86 0.73 24.19 4.28
C LEU S 86 -0.49 24.78 3.60
N LEU S 87 -1.25 25.54 4.34
CA LEU S 87 -2.36 26.21 3.70
C LEU S 87 -1.84 27.41 2.93
N PRO S 88 -2.53 27.78 1.84
CA PRO S 88 -2.15 28.98 1.11
C PRO S 88 -2.33 30.22 1.97
N ARG S 89 -1.51 31.24 1.69
CA ARG S 89 -1.33 32.36 2.60
C ARG S 89 -2.57 33.23 2.78
N ASN S 90 -3.61 33.03 1.98
CA ASN S 90 -4.88 33.66 2.30
C ASN S 90 -5.64 32.86 3.34
N GLU S 91 -5.47 31.54 3.38
CA GLU S 91 -6.24 30.70 4.30
C GLU S 91 -5.64 30.61 5.68
N TRP S 92 -4.54 31.31 5.96
CA TRP S 92 -3.94 31.23 7.28
C TRP S 92 -4.78 31.98 8.29
N ILE S 93 -4.80 31.47 9.51
CA ILE S 93 -5.50 32.15 10.59
C ILE S 93 -4.73 33.40 10.94
N LYS S 94 -5.40 34.55 10.84
CA LYS S 94 -4.75 35.82 11.10
C LYS S 94 -4.63 36.05 12.60
N ALA S 95 -4.12 37.21 12.98
CA ALA S 95 -3.92 37.48 14.39
C ALA S 95 -5.23 37.75 15.10
N GLN S 96 -6.13 38.50 14.48
CA GLN S 96 -7.38 38.89 15.15
C GLN S 96 -8.36 37.73 15.22
N GLU S 97 -8.28 36.80 14.28
CA GLU S 97 -9.17 35.64 14.32
C GLU S 97 -8.73 34.58 15.31
N ASP S 98 -7.56 34.75 15.94
CA ASP S 98 -7.07 33.81 16.93
C ASP S 98 -7.44 34.35 18.31
N VAL S 99 -8.67 34.05 18.73
CA VAL S 99 -9.17 34.52 20.01
C VAL S 99 -9.47 33.33 20.90
N PRO S 100 -9.35 33.46 22.21
CA PRO S 100 -9.70 32.34 23.09
C PRO S 100 -11.20 32.15 23.21
N TYR S 101 -11.79 31.42 22.27
CA TYR S 101 -13.24 31.24 22.28
C TYR S 101 -13.66 30.15 23.26
N LEU S 102 -12.79 29.18 23.52
CA LEU S 102 -13.10 28.07 24.41
C LEU S 102 -12.51 28.26 25.80
N LEU S 103 -11.78 29.33 26.03
CA LEU S 103 -11.29 29.60 27.37
C LEU S 103 -12.40 29.88 28.39
N PRO S 104 -13.43 30.70 28.12
CA PRO S 104 -14.44 30.89 29.18
C PRO S 104 -15.35 29.70 29.39
N TYR S 105 -15.41 28.75 28.47
CA TYR S 105 -16.15 27.54 28.76
C TYR S 105 -15.35 26.54 29.58
N ILE S 106 -14.05 26.74 29.70
CA ILE S 106 -13.21 25.87 30.52
C ILE S 106 -13.08 26.41 31.93
N LEU S 107 -12.93 27.73 32.08
CA LEU S 107 -12.78 28.31 33.40
C LEU S 107 -14.06 28.24 34.23
N GLU S 108 -15.21 28.02 33.60
CA GLU S 108 -16.42 27.76 34.36
C GLU S 108 -16.68 26.27 34.55
N ALA S 109 -15.97 25.41 33.84
CA ALA S 109 -16.01 23.99 34.14
C ALA S 109 -14.90 23.57 35.07
N GLU S 110 -13.78 24.30 35.09
CA GLU S 110 -12.72 24.01 36.05
C GLU S 110 -13.09 24.48 37.43
N ALA S 111 -13.68 25.66 37.55
CA ALA S 111 -14.11 26.13 38.86
C ALA S 111 -15.32 25.40 39.38
N ALA S 112 -16.04 24.69 38.53
CA ALA S 112 -17.16 23.86 38.96
C ALA S 112 -16.75 22.46 39.36
N ALA S 113 -15.52 22.04 39.02
CA ALA S 113 -14.97 20.80 39.55
C ALA S 113 -13.97 21.04 40.66
N LYS S 114 -13.49 22.27 40.81
CA LYS S 114 -12.74 22.63 41.99
C LYS S 114 -13.65 22.76 43.20
N GLU S 115 -14.82 23.37 43.00
CA GLU S 115 -15.81 23.50 44.05
C GLU S 115 -16.42 22.17 44.44
N LYS S 116 -16.45 21.20 43.52
CA LYS S 116 -16.97 19.88 43.85
C LYS S 116 -16.03 19.11 44.76
N ASP S 117 -14.73 19.42 44.73
CA ASP S 117 -13.78 18.74 45.58
C ASP S 117 -13.39 19.54 46.81
N GLU S 118 -13.55 20.86 46.78
CA GLU S 118 -13.44 21.63 48.01
C GLU S 118 -14.61 21.36 48.94
N LEU S 119 -15.75 20.97 48.38
CA LEU S 119 -16.93 20.67 49.17
C LEU S 119 -17.04 19.19 49.49
N ASP S 120 -16.24 18.34 48.88
CA ASP S 120 -16.27 16.94 49.23
C ASP S 120 -15.28 16.61 50.34
N ASN S 121 -14.53 17.60 50.82
CA ASN S 121 -13.59 17.42 51.92
C ASN S 121 -13.77 18.49 52.97
N ILE S 122 -14.97 19.05 53.07
CA ILE S 122 -15.21 20.12 54.02
C ILE S 122 -15.27 19.54 55.42
N GLU S 123 -14.64 20.21 56.37
CA GLU S 123 -14.63 19.78 57.77
C GLU S 123 -15.39 20.80 58.59
N VAL S 124 -16.56 20.41 59.07
CA VAL S 124 -17.47 21.33 59.76
C VAL S 124 -16.97 21.53 61.18
N SER S 125 -16.64 22.78 61.51
CA SER S 125 -16.21 23.12 62.86
C SER S 125 -17.42 23.18 63.78
N LYS S 126 -17.49 22.25 64.74
CA LYS S 126 -18.62 22.20 65.66
C LYS S 126 -18.60 23.34 66.67
N GLY T 1 -21.25 -10.62 25.58
CA GLY T 1 -20.09 -10.02 26.23
C GLY T 1 -20.46 -8.91 27.18
N PRO T 2 -19.57 -8.63 28.14
CA PRO T 2 -19.88 -7.64 29.16
C PRO T 2 -19.74 -6.23 28.60
N PRO T 3 -20.40 -5.26 29.21
CA PRO T 3 -20.20 -3.87 28.78
C PRO T 3 -18.91 -3.31 29.35
N SER T 4 -18.16 -2.63 28.51
CA SER T 4 -16.87 -2.08 28.92
C SER T 4 -17.01 -0.61 29.26
N GLY T 5 -15.88 0.05 29.48
CA GLY T 5 -15.87 1.41 29.97
C GLY T 5 -16.18 2.43 28.90
N LYS T 6 -15.96 3.69 29.25
CA LYS T 6 -16.14 4.80 28.32
C LYS T 6 -14.78 5.11 27.70
N THR T 7 -14.68 4.93 26.40
CA THR T 7 -13.46 5.19 25.65
C THR T 7 -13.66 6.39 24.74
N TYR T 8 -12.54 6.92 24.24
CA TYR T 8 -12.57 8.08 23.36
C TYR T 8 -12.46 7.70 21.90
N MET T 9 -12.91 6.51 21.54
CA MET T 9 -13.00 6.10 20.14
C MET T 9 -14.09 5.05 20.04
N GLY T 10 -14.91 5.16 19.01
CA GLY T 10 -15.97 4.20 18.83
C GLY T 10 -15.71 3.25 17.69
N TRP T 11 -16.58 3.29 16.69
CA TRP T 11 -16.39 2.50 15.49
C TRP T 11 -17.03 3.26 14.34
N TRP T 12 -17.28 2.57 13.24
CA TRP T 12 -17.85 3.22 12.07
C TRP T 12 -19.33 3.50 12.33
N GLY T 13 -19.66 4.76 12.50
CA GLY T 13 -21.04 5.14 12.69
C GLY T 13 -21.23 5.94 13.96
N HIS T 14 -20.56 5.51 15.03
CA HIS T 14 -20.67 6.16 16.33
C HIS T 14 -19.28 6.48 16.86
N MET T 15 -18.45 7.10 16.03
CA MET T 15 -17.04 7.31 16.33
C MET T 15 -16.82 8.23 17.52
N GLY T 16 -17.77 9.08 17.85
CA GLY T 16 -17.65 9.87 19.06
C GLY T 16 -16.99 11.20 18.89
N GLY T 17 -16.89 11.72 17.68
CA GLY T 17 -16.47 13.07 17.49
C GLY T 17 -17.62 14.04 17.69
N PRO T 18 -17.34 15.32 17.50
CA PRO T 18 -18.41 16.31 17.55
C PRO T 18 -19.33 16.16 16.36
N LYS T 19 -20.56 16.64 16.51
CA LYS T 19 -21.50 16.59 15.42
C LYS T 19 -21.11 17.62 14.37
N GLN T 20 -20.96 17.17 13.14
CA GLN T 20 -20.49 17.99 12.04
C GLN T 20 -21.56 18.11 10.98
N LYS T 21 -21.66 19.30 10.39
CA LYS T 21 -22.76 19.62 9.49
C LYS T 21 -22.31 20.68 8.52
N GLY T 22 -22.49 20.41 7.23
CA GLY T 22 -22.13 21.36 6.21
C GLY T 22 -20.71 21.26 5.72
N ILE T 23 -20.12 20.07 5.76
CA ILE T 23 -18.77 19.84 5.29
C ILE T 23 -18.86 18.85 4.14
N THR T 24 -18.62 19.32 2.92
CA THR T 24 -18.73 18.51 1.73
C THR T 24 -17.35 18.03 1.31
N SER T 25 -17.25 16.77 0.92
CA SER T 25 -15.95 16.12 0.72
C SER T 25 -15.87 15.49 -0.66
N TYR T 26 -15.46 16.28 -1.65
CA TYR T 26 -15.32 15.77 -3.00
C TYR T 26 -14.01 15.02 -3.17
N ALA T 27 -14.05 13.93 -3.92
CA ALA T 27 -12.85 13.14 -4.17
C ALA T 27 -13.05 12.38 -5.47
N VAL T 28 -11.95 12.21 -6.20
CA VAL T 28 -11.98 11.53 -7.49
C VAL T 28 -11.34 10.17 -7.31
N SER T 29 -11.70 9.24 -8.19
CA SER T 29 -11.14 7.90 -8.14
C SER T 29 -9.66 7.94 -8.50
N PRO T 30 -8.85 7.07 -7.91
CA PRO T 30 -7.44 7.00 -8.29
C PRO T 30 -7.21 6.37 -9.64
N TYR T 31 -8.20 5.69 -10.21
CA TYR T 31 -8.05 5.17 -11.56
C TYR T 31 -8.16 6.25 -12.62
N ALA T 32 -8.67 7.42 -12.27
CA ALA T 32 -8.90 8.47 -13.23
C ALA T 32 -7.93 9.62 -13.09
N GLN T 33 -7.07 9.60 -12.08
CA GLN T 33 -6.04 10.61 -11.94
C GLN T 33 -4.69 9.95 -12.00
N LYS T 34 -3.65 10.77 -12.18
CA LYS T 34 -2.32 10.22 -12.33
C LYS T 34 -1.60 10.26 -11.00
N PRO T 35 -1.21 9.13 -10.43
CA PRO T 35 -0.24 9.15 -9.35
C PRO T 35 1.11 9.56 -9.89
N LEU T 36 1.98 10.02 -8.97
CA LEU T 36 3.25 10.67 -9.29
C LEU T 36 3.02 11.88 -10.19
N GLN T 37 1.97 12.65 -9.89
CA GLN T 37 1.71 13.84 -10.70
C GLN T 37 2.67 14.97 -10.34
N GLY T 38 3.11 15.03 -9.10
CA GLY T 38 3.98 16.09 -8.67
C GLY T 38 5.17 15.57 -7.90
N ILE T 39 5.77 14.45 -8.33
CA ILE T 39 6.92 13.94 -7.60
C ILE T 39 8.14 14.84 -7.81
N PHE T 40 8.29 15.41 -9.00
CA PHE T 40 9.15 16.56 -9.13
C PHE T 40 8.36 17.80 -8.74
N HIS T 41 9.08 18.85 -8.34
CA HIS T 41 8.62 20.13 -7.78
C HIS T 41 8.12 19.95 -6.34
N ASN T 42 7.95 18.71 -5.88
CA ASN T 42 7.82 18.46 -4.46
C ASN T 42 9.10 17.92 -3.87
N ALA T 43 9.86 17.17 -4.63
CA ALA T 43 11.17 16.72 -4.18
C ALA T 43 12.22 17.82 -4.24
N VAL T 44 11.90 18.95 -4.85
CA VAL T 44 12.81 20.08 -4.94
C VAL T 44 12.30 21.27 -4.14
N PHE T 45 11.06 21.68 -4.38
CA PHE T 45 10.57 22.92 -3.78
C PHE T 45 9.84 22.68 -2.47
N ASN T 46 9.10 21.60 -2.35
CA ASN T 46 8.43 21.30 -1.09
C ASN T 46 9.42 20.77 -0.06
N SER T 47 10.29 19.85 -0.48
CA SER T 47 11.26 19.27 0.42
C SER T 47 12.35 20.23 0.84
N PHE T 48 12.46 21.38 0.22
CA PHE T 48 13.27 22.45 0.77
C PHE T 48 12.53 23.25 1.81
N ARG T 49 11.21 23.39 1.67
CA ARG T 49 10.45 24.13 2.66
C ARG T 49 10.33 23.36 3.97
N ARG T 50 10.24 22.05 3.90
CA ARG T 50 10.26 21.25 5.11
C ARG T 50 11.63 21.32 5.78
N PHE T 51 12.68 21.29 4.98
CA PHE T 51 14.04 21.37 5.53
C PHE T 51 14.33 22.74 6.10
N LYS T 52 13.74 23.78 5.53
CA LYS T 52 14.04 25.14 6.00
C LYS T 52 13.47 25.39 7.39
N SER T 53 12.39 24.69 7.74
CA SER T 53 11.78 24.87 9.05
C SER T 53 12.50 24.05 10.11
N GLN T 54 12.49 22.73 9.98
CA GLN T 54 13.08 21.85 10.97
C GLN T 54 14.51 21.48 10.56
N PHE T 55 15.40 22.45 10.67
CA PHE T 55 16.82 22.12 10.68
C PHE T 55 17.60 22.89 11.73
N LEU T 56 17.13 24.02 12.22
CA LEU T 56 17.78 24.61 13.39
C LEU T 56 17.34 23.95 14.69
N TYR T 57 16.44 22.98 14.64
CA TYR T 57 16.14 22.17 15.80
C TYR T 57 16.92 20.88 15.82
N VAL T 58 17.60 20.52 14.74
CA VAL T 58 18.45 19.35 14.69
C VAL T 58 19.92 19.73 14.68
N LEU T 59 20.28 20.83 14.00
CA LEU T 59 21.69 21.17 13.86
C LEU T 59 22.27 21.74 15.15
N ILE T 60 21.56 22.62 15.83
CA ILE T 60 22.08 23.21 17.07
C ILE T 60 22.12 22.18 18.20
N PRO T 61 21.21 21.21 18.33
CA PRO T 61 21.50 20.10 19.25
C PRO T 61 22.58 19.15 18.77
N ALA T 62 23.00 19.19 17.52
CA ALA T 62 24.14 18.42 17.07
C ALA T 62 25.36 19.28 16.82
N GLY T 63 25.31 20.56 17.14
CA GLY T 63 26.45 21.42 16.98
C GLY T 63 26.93 21.86 18.33
N ILE T 64 26.16 21.51 19.35
CA ILE T 64 26.60 21.65 20.73
C ILE T 64 27.28 20.38 21.20
N TYR T 65 26.74 19.23 20.82
CA TYR T 65 27.26 17.95 21.28
C TYR T 65 28.41 17.43 20.44
N TRP T 66 28.41 17.66 19.13
CA TRP T 66 29.55 17.22 18.34
C TRP T 66 30.76 18.09 18.58
N TYR T 67 30.56 19.37 18.90
CA TYR T 67 31.69 20.17 19.35
C TYR T 67 32.14 19.75 20.73
N TRP T 68 31.22 19.23 21.55
CA TRP T 68 31.60 18.83 22.89
C TRP T 68 32.35 17.51 22.87
N TRP T 69 31.93 16.59 22.01
CA TRP T 69 32.62 15.30 21.92
C TRP T 69 33.99 15.45 21.28
N LYS T 70 34.12 16.34 20.29
CA LYS T 70 35.39 16.51 19.61
C LYS T 70 36.37 17.30 20.47
N ASN T 71 35.89 18.20 21.32
CA ASN T 71 36.79 18.93 22.21
C ASN T 71 37.15 18.14 23.45
N GLY T 72 36.69 16.91 23.57
CA GLY T 72 37.16 16.05 24.63
C GLY T 72 38.04 14.97 24.07
N ASN T 73 37.67 14.47 22.89
CA ASN T 73 38.44 13.43 22.23
C ASN T 73 39.80 13.92 21.74
N GLU T 74 39.97 15.22 21.59
CA GLU T 74 41.28 15.79 21.30
C GLU T 74 41.96 16.34 22.55
N TYR T 75 41.28 16.33 23.69
CA TYR T 75 41.95 16.51 24.96
C TYR T 75 42.34 15.20 25.59
N ASN T 76 41.62 14.13 25.26
CA ASN T 76 42.03 12.80 25.69
C ASN T 76 43.31 12.38 24.98
N GLU T 77 43.45 12.77 23.72
CA GLU T 77 44.64 12.44 22.95
C GLU T 77 45.79 13.40 23.21
N PHE T 78 45.57 14.48 23.93
CA PHE T 78 46.70 15.29 24.37
C PHE T 78 47.30 14.75 25.64
N LEU T 79 46.46 14.21 26.53
CA LEU T 79 46.95 13.68 27.80
C LEU T 79 47.77 12.42 27.58
N TYR T 80 47.41 11.62 26.60
CA TYR T 80 48.09 10.35 26.33
C TYR T 80 49.13 10.49 25.24
N SER T 81 49.79 11.64 25.19
CA SER T 81 50.92 11.89 24.31
C SER T 81 52.19 11.97 25.14
N LYS T 82 53.32 12.16 24.46
CA LYS T 82 54.54 12.45 25.19
C LYS T 82 54.59 13.87 25.70
N ALA T 83 53.76 14.75 25.15
CA ALA T 83 53.75 16.15 25.55
C ALA T 83 52.82 16.43 26.70
N GLY T 84 51.95 15.48 27.05
CA GLY T 84 50.99 15.72 28.11
C GLY T 84 51.04 14.71 29.22
N ARG T 85 52.22 14.23 29.56
CA ARG T 85 52.35 13.35 30.72
C ARG T 85 52.60 14.11 32.00
N GLU T 86 53.04 15.37 31.91
CA GLU T 86 53.17 16.20 33.09
C GLU T 86 51.86 16.85 33.50
N GLU T 87 50.82 16.73 32.67
CA GLU T 87 49.49 17.16 33.04
C GLU T 87 48.62 16.00 33.48
N LEU T 88 48.86 14.81 32.91
CA LEU T 88 48.13 13.62 33.32
C LEU T 88 48.49 13.20 34.74
N GLU T 89 49.69 13.52 35.21
CA GLU T 89 50.06 13.16 36.57
C GLU T 89 49.36 14.02 37.61
N ARG T 90 48.79 15.15 37.20
CA ARG T 90 48.12 16.03 38.15
C ARG T 90 46.59 15.95 38.06
N VAL T 91 46.04 15.33 37.01
CA VAL T 91 44.60 15.19 36.91
C VAL T 91 44.13 13.76 37.11
N ASN T 92 44.97 12.77 36.88
CA ASN T 92 44.55 11.40 37.17
C ASN T 92 44.65 11.10 38.65
N VAL T 93 45.48 11.84 39.36
CA VAL T 93 45.66 11.66 40.79
C VAL T 93 45.24 12.92 41.51
N SER U 1 -9.69 -7.09 -26.26
CA SER U 1 -8.86 -6.23 -25.44
C SER U 1 -7.75 -7.01 -24.77
N LEU U 2 -6.90 -6.28 -24.06
CA LEU U 2 -5.88 -6.89 -23.21
C LEU U 2 -6.40 -7.14 -21.81
N TYR U 3 -7.28 -6.26 -21.32
CA TYR U 3 -7.86 -6.44 -20.01
C TYR U 3 -8.76 -7.66 -19.96
N LYS U 4 -9.48 -7.93 -21.05
CA LYS U 4 -10.45 -9.02 -21.07
C LYS U 4 -9.78 -10.39 -21.04
N THR U 5 -8.52 -10.48 -21.45
CA THR U 5 -7.80 -11.75 -21.43
C THR U 5 -7.05 -11.94 -20.12
N PHE U 6 -6.20 -10.99 -19.76
CA PHE U 6 -5.31 -11.19 -18.63
C PHE U 6 -5.91 -10.73 -17.31
N PHE U 7 -6.22 -9.45 -17.20
CA PHE U 7 -6.55 -8.87 -15.90
C PHE U 7 -8.02 -8.98 -15.53
N LYS U 8 -8.85 -9.67 -16.31
CA LYS U 8 -10.26 -9.71 -15.95
C LYS U 8 -10.53 -10.77 -14.89
N ARG U 9 -10.34 -12.03 -15.25
CA ARG U 9 -10.46 -13.09 -14.26
C ARG U 9 -9.25 -13.07 -13.35
N ASN U 10 -9.46 -13.15 -12.05
CA ASN U 10 -8.32 -13.26 -11.16
C ASN U 10 -7.70 -14.63 -11.20
N ALA U 11 -8.38 -15.62 -11.77
CA ALA U 11 -7.81 -16.95 -11.91
C ALA U 11 -6.70 -16.98 -12.95
N VAL U 12 -6.70 -16.06 -13.91
CA VAL U 12 -5.62 -15.95 -14.89
C VAL U 12 -4.77 -14.74 -14.67
N PHE U 13 -5.11 -13.90 -13.69
CA PHE U 13 -4.17 -12.87 -13.31
C PHE U 13 -3.02 -13.47 -12.51
N VAL U 14 -3.32 -14.20 -11.44
CA VAL U 14 -2.26 -14.85 -10.67
C VAL U 14 -1.70 -16.08 -11.36
N GLY U 15 -2.33 -16.54 -12.44
CA GLY U 15 -1.71 -17.59 -13.22
C GLY U 15 -0.51 -17.08 -13.99
N THR U 16 -0.58 -15.85 -14.49
CA THR U 16 0.53 -15.23 -15.19
C THR U 16 1.36 -14.33 -14.30
N ILE U 17 1.13 -14.36 -12.99
CA ILE U 17 2.13 -13.86 -12.06
C ILE U 17 3.07 -14.96 -11.66
N PHE U 18 2.53 -16.15 -11.42
CA PHE U 18 3.36 -17.30 -11.10
C PHE U 18 4.12 -17.80 -12.32
N ALA U 19 3.48 -17.80 -13.49
CA ALA U 19 4.20 -18.16 -14.71
C ALA U 19 5.16 -17.07 -15.15
N GLY U 20 5.10 -15.89 -14.57
CA GLY U 20 6.06 -14.85 -14.86
C GLY U 20 7.08 -14.73 -13.76
N ALA U 21 6.84 -15.41 -12.63
CA ALA U 21 7.85 -15.52 -11.59
C ALA U 21 8.58 -16.85 -11.66
N PHE U 22 8.08 -17.80 -12.44
CA PHE U 22 8.83 -19.02 -12.70
C PHE U 22 9.88 -18.80 -13.77
N VAL U 23 9.56 -17.99 -14.77
CA VAL U 23 10.54 -17.66 -15.80
C VAL U 23 11.57 -16.69 -15.23
N PHE U 24 11.13 -15.74 -14.41
CA PHE U 24 12.05 -14.81 -13.76
C PHE U 24 12.99 -15.50 -12.78
N GLN U 25 12.62 -16.66 -12.25
CA GLN U 25 13.50 -17.31 -11.30
C GLN U 25 14.70 -17.93 -11.98
N THR U 26 14.49 -18.59 -13.12
CA THR U 26 15.59 -19.27 -13.79
C THR U 26 16.39 -18.32 -14.66
N VAL U 27 15.79 -17.22 -15.13
CA VAL U 27 16.49 -16.31 -16.02
C VAL U 27 17.35 -15.34 -15.23
N PHE U 28 16.80 -14.74 -14.18
CA PHE U 28 17.55 -13.78 -13.37
C PHE U 28 18.64 -14.45 -12.56
N ASP U 29 18.51 -15.74 -12.24
CA ASP U 29 19.60 -16.42 -11.57
C ASP U 29 20.74 -16.71 -12.53
N THR U 30 20.42 -17.07 -13.78
CA THR U 30 21.45 -17.33 -14.76
C THR U 30 22.14 -16.04 -15.18
N ALA U 31 21.39 -14.96 -15.32
CA ALA U 31 21.94 -13.70 -15.79
C ALA U 31 22.67 -12.93 -14.71
N ILE U 32 22.65 -13.39 -13.47
CA ILE U 32 23.47 -12.81 -12.42
C ILE U 32 24.77 -13.61 -12.24
N THR U 33 24.65 -14.93 -12.23
CA THR U 33 25.81 -15.81 -12.22
C THR U 33 26.71 -15.55 -13.42
N SER U 34 26.12 -15.41 -14.61
CA SER U 34 26.91 -15.16 -15.79
C SER U 34 27.50 -13.77 -15.83
N TRP U 35 27.00 -12.85 -15.01
CA TRP U 35 27.64 -11.55 -14.90
C TRP U 35 28.70 -11.55 -13.80
N TYR U 36 28.40 -12.18 -12.67
CA TYR U 36 29.28 -12.12 -11.52
C TYR U 36 30.54 -12.92 -11.74
N GLU U 37 30.47 -13.97 -12.54
CA GLU U 37 31.68 -14.69 -12.92
C GLU U 37 32.46 -13.92 -13.97
N ASN U 38 31.76 -13.25 -14.89
CA ASN U 38 32.43 -12.49 -15.93
C ASN U 38 33.04 -11.21 -15.39
N HIS U 39 32.54 -10.68 -14.30
CA HIS U 39 33.18 -9.53 -13.68
C HIS U 39 34.48 -9.90 -13.02
N ASN U 40 34.62 -11.15 -12.60
CA ASN U 40 35.82 -11.60 -11.91
C ASN U 40 36.54 -12.66 -12.73
N LYS U 41 36.71 -12.43 -14.01
CA LYS U 41 37.49 -13.34 -14.83
C LYS U 41 38.95 -13.27 -14.41
N GLY U 42 39.59 -14.44 -14.33
CA GLY U 42 40.96 -14.54 -13.89
C GLY U 42 41.12 -14.83 -12.41
N LYS U 43 40.05 -14.73 -11.63
CA LYS U 43 40.12 -14.94 -10.20
C LYS U 43 39.37 -16.17 -9.72
N LEU U 44 38.47 -16.72 -10.52
CA LEU U 44 37.71 -17.86 -10.05
C LEU U 44 38.53 -19.13 -10.18
N TRP U 45 37.96 -20.23 -9.67
CA TRP U 45 38.73 -21.47 -9.59
C TRP U 45 38.92 -22.11 -10.95
N LYS U 46 37.89 -22.09 -11.79
CA LYS U 46 38.02 -22.69 -13.11
C LYS U 46 38.93 -21.91 -14.04
N ASP U 47 39.30 -20.68 -13.70
CA ASP U 47 40.38 -20.00 -14.39
C ASP U 47 41.74 -20.44 -13.87
N VAL U 48 41.84 -20.74 -12.58
CA VAL U 48 43.09 -21.29 -12.05
C VAL U 48 43.27 -22.73 -12.50
N LYS U 49 42.17 -23.46 -12.65
CA LYS U 49 42.24 -24.86 -13.05
C LYS U 49 42.73 -24.99 -14.49
N ALA U 50 42.35 -24.05 -15.36
CA ALA U 50 42.86 -24.07 -16.71
C ALA U 50 44.29 -23.55 -16.78
N ARG U 51 44.64 -22.59 -15.92
CA ARG U 51 45.98 -22.04 -15.92
C ARG U 51 47.00 -22.94 -15.23
N ILE U 52 46.56 -24.02 -14.62
CA ILE U 52 47.48 -25.11 -14.25
C ILE U 52 47.45 -26.05 -15.45
N ALA U 53 48.26 -25.71 -16.44
CA ALA U 53 48.37 -26.46 -17.70
C ALA U 53 49.83 -26.88 -17.84
N ALA U 54 50.15 -28.05 -17.29
CA ALA U 54 51.49 -28.60 -17.38
C ALA U 54 51.47 -30.04 -17.86
N ALA V 1 -44.62 21.01 72.99
CA ALA V 1 -45.66 20.01 73.18
C ALA V 1 -45.21 18.97 74.19
N GLU V 2 -46.07 18.68 75.15
CA GLU V 2 -45.78 17.76 76.24
C GLU V 2 -46.89 16.72 76.31
N VAL V 3 -46.55 15.46 76.08
CA VAL V 3 -47.52 14.39 76.16
C VAL V 3 -47.83 14.11 77.63
N THR V 4 -48.96 13.45 77.89
CA THR V 4 -49.38 13.18 79.25
C THR V 4 -50.07 11.83 79.27
N GLN V 5 -49.84 11.06 80.34
CA GLN V 5 -50.36 9.72 80.47
C GLN V 5 -51.19 9.57 81.73
N LEU V 6 -52.07 8.58 81.72
CA LEU V 6 -52.88 8.20 82.88
C LEU V 6 -53.42 6.81 82.58
N SER V 7 -53.60 6.02 83.64
CA SER V 7 -54.05 4.65 83.49
C SER V 7 -55.12 4.33 84.52
N ASN V 8 -56.18 3.65 84.09
CA ASN V 8 -57.11 2.96 84.97
C ASN V 8 -57.50 1.62 84.37
N GLY V 9 -56.50 0.89 83.85
CA GLY V 9 -56.73 -0.27 83.04
C GLY V 9 -56.80 0.04 81.55
N ILE V 10 -57.30 1.22 81.21
CA ILE V 10 -57.36 1.71 79.84
C ILE V 10 -56.51 2.98 79.82
N VAL V 11 -55.32 2.87 79.27
CA VAL V 11 -54.34 3.96 79.36
C VAL V 11 -54.69 5.04 78.34
N VAL V 12 -54.64 6.30 78.79
CA VAL V 12 -55.07 7.44 77.99
C VAL V 12 -53.85 8.30 77.70
N ALA V 13 -53.60 8.56 76.42
CA ALA V 13 -52.49 9.41 76.01
C ALA V 13 -53.06 10.66 75.34
N THR V 14 -52.42 11.80 75.58
CA THR V 14 -52.89 13.06 75.02
C THR V 14 -51.69 13.91 74.66
N GLU V 15 -51.79 14.65 73.56
CA GLU V 15 -50.78 15.65 73.23
C GLU V 15 -51.53 16.92 72.81
N HIS V 16 -51.77 17.79 73.78
CA HIS V 16 -52.55 18.99 73.54
C HIS V 16 -51.78 19.98 72.68
N ASN V 17 -52.47 20.51 71.67
CA ASN V 17 -51.85 21.44 70.71
C ASN V 17 -52.90 22.47 70.34
N PRO V 18 -52.90 23.63 70.98
CA PRO V 18 -54.00 24.58 70.77
C PRO V 18 -53.96 25.29 69.42
N SER V 19 -52.83 25.26 68.72
CA SER V 19 -52.72 25.95 67.44
C SER V 19 -53.15 25.09 66.26
N ALA V 20 -53.94 24.06 66.50
CA ALA V 20 -54.54 23.28 65.44
C ALA V 20 -56.06 23.47 65.47
N HIS V 21 -56.71 23.03 64.39
CA HIS V 21 -58.13 23.24 64.24
C HIS V 21 -58.92 21.95 64.11
N THR V 22 -58.32 20.82 64.46
CA THR V 22 -59.01 19.54 64.52
C THR V 22 -58.64 18.83 65.81
N ALA V 23 -59.25 17.67 66.05
CA ALA V 23 -59.00 16.96 67.30
C ALA V 23 -59.25 15.48 67.05
N SER V 24 -58.18 14.73 66.83
CA SER V 24 -58.29 13.29 66.64
C SER V 24 -58.49 12.61 67.98
N VAL V 25 -59.42 11.66 68.02
CA VAL V 25 -59.68 10.85 69.20
C VAL V 25 -59.78 9.40 68.73
N GLY V 26 -58.91 8.54 69.25
CA GLY V 26 -58.95 7.18 68.76
C GLY V 26 -58.36 6.21 69.74
N VAL V 27 -58.62 4.93 69.48
CA VAL V 27 -58.10 3.83 70.28
C VAL V 27 -57.09 3.07 69.46
N VAL V 28 -55.93 2.80 70.06
CA VAL V 28 -54.80 2.18 69.36
C VAL V 28 -54.47 0.89 70.08
N PHE V 29 -54.60 -0.23 69.37
CA PHE V 29 -54.32 -1.53 69.94
C PHE V 29 -52.88 -1.93 69.65
N GLY V 30 -52.38 -2.88 70.43
CA GLY V 30 -51.00 -3.29 70.29
C GLY V 30 -50.87 -4.66 69.67
N SER V 31 -51.79 -5.01 68.81
CA SER V 31 -51.80 -6.33 68.17
C SER V 31 -52.07 -6.15 66.69
N GLY V 32 -51.01 -5.93 65.92
CA GLY V 32 -51.18 -5.68 64.51
C GLY V 32 -51.08 -6.94 63.70
N ALA V 33 -50.35 -6.88 62.59
CA ALA V 33 -50.26 -8.03 61.70
C ALA V 33 -49.30 -9.09 62.20
N ALA V 34 -48.51 -8.81 63.22
CA ALA V 34 -47.61 -9.80 63.80
C ALA V 34 -48.24 -10.54 64.96
N ASN V 35 -49.56 -10.70 64.96
CA ASN V 35 -50.25 -11.47 65.98
C ASN V 35 -51.26 -12.41 65.35
N GLU V 36 -50.99 -12.86 64.13
CA GLU V 36 -51.89 -13.73 63.39
C GLU V 36 -51.13 -14.94 62.89
N ASN V 37 -51.82 -16.07 62.84
CA ASN V 37 -51.28 -17.25 62.19
C ASN V 37 -51.57 -17.17 60.69
N PRO V 38 -50.87 -17.94 59.86
CA PRO V 38 -51.11 -17.83 58.41
C PRO V 38 -52.41 -18.44 57.90
N TYR V 39 -53.33 -18.81 58.79
CA TYR V 39 -54.66 -19.23 58.35
C TYR V 39 -55.73 -18.18 58.63
N ASN V 40 -55.45 -17.20 59.49
CA ASN V 40 -56.36 -16.08 59.67
C ASN V 40 -55.68 -14.77 59.29
N ASN V 41 -54.64 -14.84 58.47
CA ASN V 41 -53.92 -13.65 58.05
C ASN V 41 -54.78 -12.79 57.15
N GLY V 42 -54.86 -11.51 57.47
CA GLY V 42 -55.77 -10.60 56.80
C GLY V 42 -56.99 -10.24 57.60
N VAL V 43 -57.16 -10.79 58.80
CA VAL V 43 -58.32 -10.46 59.61
C VAL V 43 -58.17 -9.10 60.26
N SER V 44 -56.96 -8.57 60.35
CA SER V 44 -56.82 -7.21 60.83
C SER V 44 -56.91 -6.21 59.70
N ASN V 45 -56.57 -6.62 58.48
CA ASN V 45 -56.84 -5.78 57.31
C ASN V 45 -58.32 -5.72 57.02
N LEU V 46 -59.07 -6.73 57.42
CA LEU V 46 -60.50 -6.76 57.21
C LEU V 46 -61.25 -6.11 58.37
N TRP V 47 -60.65 -6.03 59.54
CA TRP V 47 -61.25 -5.26 60.62
C TRP V 47 -61.06 -3.77 60.40
N LYS V 48 -60.10 -3.37 59.58
CA LYS V 48 -59.99 -1.97 59.21
C LYS V 48 -61.09 -1.57 58.24
N ASN V 49 -61.41 -2.44 57.29
CA ASN V 49 -62.31 -2.03 56.23
C ASN V 49 -63.77 -2.10 56.62
N ILE V 50 -64.14 -2.90 57.63
CA ILE V 50 -65.51 -2.82 58.13
C ILE V 50 -65.67 -1.70 59.14
N PHE V 51 -64.58 -1.13 59.62
CA PHE V 51 -64.69 0.11 60.37
C PHE V 51 -64.85 1.28 59.42
N LEU V 52 -64.23 1.18 58.25
CA LEU V 52 -64.34 2.20 57.21
C LEU V 52 -65.37 1.85 56.15
N SER V 53 -66.32 0.99 56.48
CA SER V 53 -67.30 0.59 55.49
C SER V 53 -68.27 1.73 55.21
N LYS V 54 -69.04 1.59 54.13
CA LYS V 54 -69.89 2.69 53.68
C LYS V 54 -71.06 2.91 54.63
N GLU V 55 -71.56 1.84 55.24
CA GLU V 55 -72.66 1.98 56.18
C GLU V 55 -72.21 2.68 57.45
N ASN V 56 -70.99 2.39 57.90
CA ASN V 56 -70.51 2.96 59.16
C ASN V 56 -69.96 4.35 58.98
N SER V 57 -69.35 4.65 57.83
CA SER V 57 -68.75 5.97 57.64
C SER V 57 -69.83 7.01 57.41
N ALA V 58 -70.96 6.62 56.83
CA ALA V 58 -72.05 7.56 56.61
C ALA V 58 -72.71 7.98 57.90
N VAL V 59 -72.74 7.08 58.89
CA VAL V 59 -73.25 7.45 60.21
C VAL V 59 -72.30 8.44 60.87
N ALA V 60 -71.01 8.27 60.65
CA ALA V 60 -70.03 9.18 61.24
C ALA V 60 -70.03 10.53 60.54
N ALA V 61 -70.28 10.54 59.23
CA ALA V 61 -70.23 11.80 58.49
C ALA V 61 -71.42 12.69 58.77
N LYS V 62 -72.49 12.15 59.36
CA LYS V 62 -73.63 12.98 59.74
C LYS V 62 -73.28 13.95 60.84
N GLU V 63 -72.44 13.56 61.78
CA GLU V 63 -72.02 14.45 62.85
C GLU V 63 -70.80 15.28 62.49
N GLY V 64 -70.19 15.03 61.34
CA GLY V 64 -69.01 15.78 60.95
C GLY V 64 -67.76 15.12 61.45
N LEU V 65 -67.71 13.80 61.35
CA LEU V 65 -66.63 12.99 61.90
C LEU V 65 -66.03 12.16 60.78
N ALA V 66 -64.75 12.36 60.50
CA ALA V 66 -64.06 11.56 59.52
C ALA V 66 -63.35 10.41 60.22
N LEU V 67 -63.33 9.25 59.57
CA LEU V 67 -62.77 8.05 60.15
C LEU V 67 -61.45 7.70 59.48
N SER V 68 -60.51 7.19 60.25
CA SER V 68 -59.25 6.74 59.71
C SER V 68 -58.69 5.64 60.58
N SER V 69 -57.99 4.71 59.95
CA SER V 69 -57.42 3.57 60.66
C SER V 69 -56.11 3.21 60.01
N ASN V 70 -55.37 2.32 60.66
CA ASN V 70 -54.05 1.95 60.18
C ASN V 70 -53.70 0.57 60.70
N ILE V 71 -53.23 -0.29 59.82
CA ILE V 71 -52.87 -1.67 60.17
C ILE V 71 -51.39 -1.84 59.86
N SER V 72 -50.57 -1.85 60.89
CA SER V 72 -49.14 -2.01 60.78
C SER V 72 -48.74 -3.43 61.16
N ARG V 73 -47.44 -3.63 61.37
CA ARG V 73 -46.96 -4.92 61.84
C ARG V 73 -47.42 -5.20 63.26
N ASP V 74 -47.12 -4.30 64.19
CA ASP V 74 -47.37 -4.55 65.59
C ASP V 74 -48.60 -3.83 66.13
N PHE V 75 -48.88 -2.60 65.74
CA PHE V 75 -50.01 -1.88 66.26
C PHE V 75 -51.09 -1.70 65.19
N GLN V 76 -52.35 -1.80 65.64
CA GLN V 76 -53.50 -1.32 64.90
C GLN V 76 -53.86 0.06 65.40
N SER V 77 -54.79 0.70 64.71
CA SER V 77 -55.19 2.04 65.09
C SER V 77 -56.56 2.31 64.53
N TYR V 78 -57.37 3.07 65.26
CA TYR V 78 -58.75 3.38 64.86
C TYR V 78 -59.07 4.79 65.33
N ILE V 79 -58.87 5.77 64.45
CA ILE V 79 -58.89 7.19 64.81
C ILE V 79 -60.16 7.83 64.26
N VAL V 80 -60.77 8.70 65.05
CA VAL V 80 -61.93 9.47 64.64
C VAL V 80 -61.57 10.95 64.75
N SER V 81 -61.63 11.66 63.63
CA SER V 81 -61.32 13.08 63.63
C SER V 81 -62.60 13.89 63.79
N SER V 82 -62.44 15.12 64.28
CA SER V 82 -63.58 16.01 64.48
C SER V 82 -63.09 17.44 64.55
N LEU V 83 -64.03 18.34 64.72
CA LEU V 83 -63.74 19.71 65.09
C LEU V 83 -63.49 19.78 66.58
N PRO V 84 -62.72 20.76 67.07
CA PRO V 84 -62.34 20.76 68.48
C PRO V 84 -63.47 20.93 69.46
N GLY V 85 -64.58 21.54 69.06
CA GLY V 85 -65.69 21.61 69.98
C GLY V 85 -66.52 20.35 70.08
N SER V 86 -66.19 19.33 69.31
CA SER V 86 -67.04 18.16 69.19
C SER V 86 -66.28 16.87 69.47
N THR V 87 -65.49 16.85 70.54
CA THR V 87 -64.72 15.65 70.87
C THR V 87 -65.55 14.61 71.60
N ASP V 88 -66.52 15.04 72.40
CA ASP V 88 -67.37 14.07 73.09
C ASP V 88 -68.30 13.36 72.13
N LYS V 89 -68.61 13.99 71.01
CA LYS V 89 -69.40 13.31 69.98
C LYS V 89 -68.59 12.22 69.31
N SER V 90 -67.28 12.40 69.20
CA SER V 90 -66.44 11.38 68.57
C SER V 90 -66.28 10.17 69.46
N LEU V 91 -66.21 10.37 70.78
CA LEU V 91 -66.13 9.23 71.68
C LEU V 91 -67.45 8.48 71.72
N ASP V 92 -68.58 9.20 71.60
CA ASP V 92 -69.89 8.54 71.60
C ASP V 92 -70.07 7.71 70.34
N PHE V 93 -69.43 8.10 69.24
CA PHE V 93 -69.48 7.24 68.06
C PHE V 93 -68.51 6.08 68.19
N LEU V 94 -67.33 6.35 68.74
CA LEU V 94 -66.32 5.32 68.91
C LEU V 94 -66.75 4.28 69.92
N ASN V 95 -67.54 4.69 70.91
CA ASN V 95 -68.12 3.75 71.86
C ASN V 95 -69.09 2.79 71.18
N GLN V 96 -69.83 3.26 70.18
CA GLN V 96 -70.86 2.47 69.54
C GLN V 96 -70.42 1.97 68.17
N SER V 97 -69.15 1.69 68.02
CA SER V 97 -68.61 1.00 66.86
C SER V 97 -67.80 -0.22 67.24
N PHE V 98 -67.08 -0.15 68.35
CA PHE V 98 -66.33 -1.27 68.90
C PHE V 98 -66.89 -1.73 70.23
N ILE V 99 -67.01 -0.81 71.19
CA ILE V 99 -67.15 -1.19 72.59
C ILE V 99 -68.58 -1.59 72.91
N GLN V 100 -69.55 -0.71 72.61
CA GLN V 100 -70.93 -1.03 72.90
C GLN V 100 -71.45 -2.13 71.98
N GLN V 101 -70.97 -2.18 70.75
CA GLN V 101 -71.54 -3.12 69.80
C GLN V 101 -70.54 -3.42 68.70
N LYS V 102 -70.65 -4.62 68.15
CA LYS V 102 -69.97 -4.99 66.93
C LYS V 102 -70.89 -5.76 65.99
N ALA V 103 -72.14 -6.00 66.39
CA ALA V 103 -73.07 -6.79 65.59
C ALA V 103 -73.71 -6.01 64.46
N ASN V 104 -73.70 -4.68 64.53
CA ASN V 104 -74.25 -3.91 63.41
C ASN V 104 -73.29 -3.87 62.24
N LEU V 105 -71.99 -3.80 62.51
CA LEU V 105 -71.01 -3.79 61.43
C LEU V 105 -70.87 -5.17 60.80
N LEU V 106 -71.06 -6.23 61.59
CA LEU V 106 -70.79 -7.58 61.15
C LEU V 106 -72.05 -8.28 60.63
N SER V 107 -72.95 -7.52 60.01
CA SER V 107 -74.09 -8.14 59.36
C SER V 107 -73.63 -8.87 58.10
N SER V 108 -74.47 -9.79 57.63
CA SER V 108 -74.12 -10.61 56.48
C SER V 108 -74.07 -9.81 55.18
N SER V 109 -74.77 -8.69 55.12
CA SER V 109 -74.72 -7.84 53.94
C SER V 109 -73.46 -6.99 53.94
N ASN V 110 -73.14 -6.41 55.10
CA ASN V 110 -71.99 -5.54 55.21
C ASN V 110 -70.67 -6.31 55.22
N PHE V 111 -70.69 -7.59 55.58
CA PHE V 111 -69.45 -8.35 55.62
C PHE V 111 -69.01 -8.75 54.23
N GLU V 112 -69.89 -9.45 53.49
CA GLU V 112 -69.51 -9.97 52.19
C GLU V 112 -69.28 -8.88 51.16
N ALA V 113 -69.90 -7.72 51.35
CA ALA V 113 -69.61 -6.59 50.49
C ALA V 113 -68.30 -5.91 50.86
N THR V 114 -67.78 -6.16 52.06
CA THR V 114 -66.50 -5.59 52.46
C THR V 114 -65.36 -6.57 52.22
N LYS V 115 -65.61 -7.86 52.44
CA LYS V 115 -64.61 -8.87 52.10
C LYS V 115 -64.35 -8.92 50.61
N LYS V 116 -65.37 -8.65 49.80
CA LYS V 116 -65.17 -8.51 48.36
C LYS V 116 -64.39 -7.25 48.03
N SER V 117 -64.50 -6.21 48.84
CA SER V 117 -63.76 -4.98 48.59
C SER V 117 -62.29 -5.11 48.95
N VAL V 118 -61.98 -5.87 50.00
CA VAL V 118 -60.58 -6.08 50.37
C VAL V 118 -59.92 -7.04 49.40
N LEU V 119 -60.67 -8.05 48.94
CA LEU V 119 -60.13 -9.05 48.03
C LEU V 119 -59.81 -8.48 46.67
N LYS V 120 -60.35 -7.31 46.33
CA LYS V 120 -59.91 -6.57 45.17
C LYS V 120 -58.73 -5.68 45.47
N GLN V 121 -58.61 -5.19 46.71
CA GLN V 121 -57.50 -4.32 47.08
C GLN V 121 -56.20 -5.08 47.12
N VAL V 122 -56.24 -6.33 47.57
CA VAL V 122 -55.03 -7.14 47.63
C VAL V 122 -54.64 -7.61 46.25
N GLN V 123 -55.63 -7.99 45.43
CA GLN V 123 -55.36 -8.40 44.05
C GLN V 123 -54.86 -7.25 43.21
N ASP V 124 -55.22 -6.02 43.57
CA ASP V 124 -54.64 -4.86 42.92
C ASP V 124 -53.26 -4.54 43.48
N PHE V 125 -53.03 -4.82 44.76
CA PHE V 125 -51.72 -4.57 45.35
C PHE V 125 -50.70 -5.57 44.87
N GLU V 126 -51.14 -6.80 44.60
CA GLU V 126 -50.22 -7.88 44.28
C GLU V 126 -49.60 -7.73 42.90
N GLU V 127 -50.19 -6.94 42.01
CA GLU V 127 -49.65 -6.83 40.67
C GLU V 127 -49.56 -5.41 40.15
N ASN V 128 -49.68 -4.40 41.01
CA ASN V 128 -49.53 -3.02 40.56
C ASN V 128 -48.67 -2.16 41.47
N ASP V 129 -48.49 -2.50 42.74
CA ASP V 129 -47.65 -1.73 43.63
C ASP V 129 -46.34 -2.49 43.78
N HIS V 130 -45.42 -2.23 42.89
CA HIS V 130 -44.20 -3.02 42.83
C HIS V 130 -43.11 -2.67 43.84
N PRO V 131 -42.79 -1.41 44.15
CA PRO V 131 -41.77 -1.18 45.19
C PRO V 131 -42.23 -1.49 46.59
N ASN V 132 -43.52 -1.77 46.81
CA ASN V 132 -44.00 -2.13 48.14
C ASN V 132 -44.25 -3.60 48.30
N ARG V 133 -44.60 -4.32 47.24
CA ARG V 133 -44.76 -5.76 47.35
C ARG V 133 -43.42 -6.48 47.42
N VAL V 134 -42.33 -5.79 47.14
CA VAL V 134 -41.01 -6.33 47.43
C VAL V 134 -40.69 -6.17 48.90
N LEU V 135 -41.00 -5.01 49.47
CA LEU V 135 -40.74 -4.77 50.88
C LEU V 135 -41.62 -5.62 51.78
N GLU V 136 -42.76 -6.10 51.29
CA GLU V 136 -43.53 -7.09 52.02
C GLU V 136 -43.09 -8.50 51.70
N HIS V 137 -42.28 -8.69 50.66
CA HIS V 137 -41.61 -9.96 50.44
C HIS V 137 -40.26 -10.01 51.12
N LEU V 138 -39.67 -8.87 51.43
CA LEU V 138 -38.45 -8.86 52.20
C LEU V 138 -38.69 -9.31 53.62
N HIS V 139 -39.80 -8.88 54.22
CA HIS V 139 -40.15 -9.36 55.55
C HIS V 139 -40.58 -10.81 55.51
N SER V 140 -41.17 -11.25 54.41
CA SER V 140 -41.64 -12.63 54.33
C SER V 140 -40.53 -13.63 54.14
N THR V 141 -39.31 -13.19 53.84
CA THR V 141 -38.18 -14.08 53.69
C THR V 141 -37.04 -13.81 54.65
N ALA V 142 -37.04 -12.66 55.33
CA ALA V 142 -36.06 -12.46 56.38
C ALA V 142 -36.50 -13.15 57.66
N PHE V 143 -37.77 -13.05 57.99
CA PHE V 143 -38.33 -13.59 59.21
C PHE V 143 -39.22 -14.80 58.94
N GLN V 144 -38.79 -15.69 58.06
CA GLN V 144 -39.68 -16.76 57.60
C GLN V 144 -39.95 -17.79 58.71
N ASN V 145 -41.18 -18.31 58.69
CA ASN V 145 -41.73 -19.22 59.72
C ASN V 145 -41.63 -18.63 61.12
N THR V 146 -42.19 -17.43 61.26
CA THR V 146 -42.04 -16.53 62.40
C THR V 146 -43.05 -15.40 62.26
N PRO V 147 -43.70 -14.94 63.34
CA PRO V 147 -44.86 -14.06 63.20
C PRO V 147 -44.58 -12.67 62.64
N LEU V 148 -43.32 -12.27 62.48
CA LEU V 148 -43.06 -11.00 61.82
C LEU V 148 -43.02 -11.12 60.31
N SER V 149 -43.26 -12.30 59.76
CA SER V 149 -43.26 -12.51 58.32
C SER V 149 -44.58 -12.23 57.66
N LEU V 150 -45.62 -12.03 58.42
CA LEU V 150 -46.92 -12.04 57.77
C LEU V 150 -47.22 -10.66 57.19
N PRO V 151 -47.71 -10.60 55.96
CA PRO V 151 -48.00 -9.31 55.35
C PRO V 151 -49.20 -8.65 56.00
N THR V 152 -49.14 -7.32 56.10
CA THR V 152 -50.20 -6.57 56.76
C THR V 152 -51.46 -6.56 55.93
N ARG V 153 -51.33 -6.60 54.61
CA ARG V 153 -52.49 -6.59 53.73
C ARG V 153 -53.24 -7.91 53.77
N GLY V 154 -52.58 -8.99 54.16
CA GLY V 154 -53.21 -10.29 54.13
C GLY V 154 -53.09 -10.93 52.77
N THR V 155 -52.68 -12.18 52.72
CA THR V 155 -52.53 -12.86 51.45
C THR V 155 -53.89 -13.22 50.88
N LEU V 156 -53.96 -13.27 49.55
CA LEU V 156 -55.24 -13.52 48.90
C LEU V 156 -55.67 -14.96 49.04
N GLU V 157 -54.72 -15.88 49.17
CA GLU V 157 -55.07 -17.28 49.33
C GLU V 157 -55.57 -17.60 50.72
N SER V 158 -55.29 -16.74 51.69
CA SER V 158 -55.73 -16.94 53.06
C SER V 158 -56.88 -16.04 53.45
N LEU V 159 -57.22 -15.07 52.62
CA LEU V 159 -58.26 -14.10 52.96
C LEU V 159 -59.64 -14.56 52.53
N GLU V 160 -59.73 -15.44 51.55
CA GLU V 160 -61.01 -15.93 51.07
C GLU V 160 -61.52 -17.12 51.88
N ASN V 161 -60.90 -17.42 53.01
CA ASN V 161 -61.43 -18.42 53.92
C ASN V 161 -62.06 -17.81 55.16
N LEU V 162 -62.00 -16.50 55.32
CA LEU V 162 -62.47 -15.86 56.55
C LEU V 162 -63.99 -15.78 56.59
N VAL V 163 -64.54 -16.19 57.72
CA VAL V 163 -65.98 -16.10 57.97
C VAL V 163 -66.07 -15.03 59.04
N VAL V 164 -67.29 -14.66 59.46
CA VAL V 164 -67.47 -13.71 60.55
C VAL V 164 -66.92 -14.26 61.86
N ALA V 165 -66.96 -15.59 62.03
CA ALA V 165 -66.50 -16.20 63.26
C ALA V 165 -64.99 -16.09 63.45
N ASP V 166 -64.24 -15.82 62.38
CA ASP V 166 -62.83 -15.48 62.55
C ASP V 166 -62.64 -13.98 62.78
N LEU V 167 -63.61 -13.17 62.41
CA LEU V 167 -63.51 -11.73 62.66
C LEU V 167 -63.76 -11.44 64.12
N GLU V 168 -64.56 -12.27 64.79
CA GLU V 168 -64.88 -12.08 66.20
C GLU V 168 -63.90 -12.76 67.12
N SER V 169 -63.31 -13.88 66.70
CA SER V 169 -62.33 -14.56 67.54
C SER V 169 -61.06 -13.76 67.66
N PHE V 170 -60.72 -12.99 66.62
CA PHE V 170 -59.62 -12.04 66.74
C PHE V 170 -59.99 -10.87 67.63
N ALA V 171 -61.28 -10.53 67.67
CA ALA V 171 -61.70 -9.40 68.50
C ALA V 171 -61.70 -9.76 69.97
N ASN V 172 -62.11 -10.97 70.31
CA ASN V 172 -62.15 -11.38 71.69
C ASN V 172 -60.79 -11.71 72.26
N ASN V 173 -59.75 -11.77 71.43
CA ASN V 173 -58.41 -12.10 71.89
C ASN V 173 -57.46 -10.93 71.90
N HIS V 174 -57.68 -9.91 71.08
CA HIS V 174 -56.73 -8.82 70.97
C HIS V 174 -57.33 -7.45 71.20
N PHE V 175 -58.63 -7.26 70.97
CA PHE V 175 -59.27 -5.99 71.27
C PHE V 175 -59.69 -5.99 72.74
N LEU V 176 -58.69 -5.88 73.61
CA LEU V 176 -58.91 -6.02 75.03
C LEU V 176 -58.54 -4.74 75.76
N ASN V 177 -58.88 -4.73 77.05
CA ASN V 177 -58.62 -3.56 77.88
C ASN V 177 -57.15 -3.41 78.19
N SER V 178 -56.44 -4.53 78.35
CA SER V 178 -55.03 -4.53 78.68
C SER V 178 -54.14 -4.48 77.45
N ASN V 179 -54.67 -3.97 76.35
CA ASN V 179 -53.97 -3.93 75.08
C ASN V 179 -54.02 -2.59 74.41
N ALA V 180 -54.92 -1.71 74.81
CA ALA V 180 -55.27 -0.54 74.04
C ALA V 180 -54.84 0.73 74.74
N VAL V 181 -54.52 1.75 73.95
CA VAL V 181 -54.34 3.10 74.45
C VAL V 181 -55.34 4.00 73.71
N VAL V 182 -56.02 4.86 74.46
CA VAL V 182 -56.92 5.83 73.87
C VAL V 182 -56.14 7.14 73.72
N VAL V 183 -55.86 7.51 72.48
CA VAL V 183 -55.05 8.68 72.18
C VAL V 183 -55.95 9.84 71.83
N GLY V 184 -55.56 11.04 72.25
CA GLY V 184 -56.18 12.23 71.75
C GLY V 184 -55.12 13.24 71.32
N THR V 185 -55.06 13.53 70.04
CA THR V 185 -54.10 14.49 69.53
C THR V 185 -54.85 15.70 68.98
N GLY V 186 -54.09 16.69 68.55
CA GLY V 186 -54.77 17.87 68.07
C GLY V 186 -55.29 18.69 69.25
N ASN V 187 -56.23 19.57 68.96
CA ASN V 187 -56.73 20.51 69.94
C ASN V 187 -57.69 19.79 70.90
N ILE V 188 -57.11 19.11 71.88
CA ILE V 188 -57.88 18.46 72.93
C ILE V 188 -57.06 18.45 74.21
N LYS V 189 -57.70 18.76 75.33
CA LYS V 189 -57.02 18.76 76.62
C LYS V 189 -57.10 17.38 77.26
N HIS V 190 -56.05 17.06 78.03
CA HIS V 190 -55.99 15.76 78.69
C HIS V 190 -57.05 15.64 79.79
N GLU V 191 -57.42 16.76 80.41
CA GLU V 191 -58.46 16.71 81.42
C GLU V 191 -59.83 16.50 80.80
N ASP V 192 -60.05 17.04 79.60
CA ASP V 192 -61.33 16.83 78.93
C ASP V 192 -61.46 15.41 78.40
N LEU V 193 -60.35 14.80 78.01
CA LEU V 193 -60.42 13.44 77.48
C LEU V 193 -60.59 12.42 78.59
N VAL V 194 -59.95 12.63 79.73
CA VAL V 194 -60.05 11.68 80.83
C VAL V 194 -61.43 11.75 81.47
N ASN V 195 -61.95 12.95 81.69
CA ASN V 195 -63.25 13.10 82.33
C ASN V 195 -64.38 12.62 81.44
N SER V 196 -64.21 12.66 80.12
CA SER V 196 -65.26 12.15 79.25
C SER V 196 -65.30 10.63 79.23
N ILE V 197 -64.16 9.97 79.35
CA ILE V 197 -64.17 8.51 79.46
C ILE V 197 -64.68 8.12 80.84
N GLU V 198 -64.42 8.92 81.86
CA GLU V 198 -64.95 8.63 83.18
C GLU V 198 -66.44 8.93 83.28
N SER V 199 -66.93 9.91 82.52
CA SER V 199 -68.37 10.21 82.55
C SER V 199 -69.18 9.12 81.89
N LYS V 200 -68.65 8.53 80.82
CA LYS V 200 -69.19 7.31 80.27
C LYS V 200 -68.51 6.14 80.96
N ASN V 201 -68.64 4.93 80.41
CA ASN V 201 -67.86 3.81 80.92
C ASN V 201 -66.66 3.52 80.04
N LEU V 202 -66.89 3.19 78.76
CA LEU V 202 -65.87 2.85 77.78
C LEU V 202 -64.92 1.77 78.28
N SER V 203 -65.48 0.62 78.62
CA SER V 203 -64.72 -0.53 79.07
C SER V 203 -64.73 -1.57 77.97
N LEU V 204 -63.55 -1.93 77.48
CA LEU V 204 -63.51 -2.77 76.30
C LEU V 204 -63.71 -4.24 76.64
N GLN V 205 -62.77 -4.82 77.38
CA GLN V 205 -62.79 -6.26 77.68
C GLN V 205 -62.12 -6.48 79.03
N THR V 206 -61.69 -7.71 79.28
CA THR V 206 -61.08 -8.09 80.54
C THR V 206 -59.56 -7.95 80.51
N GLY V 207 -58.90 -8.71 79.64
CA GLY V 207 -57.46 -8.65 79.51
C GLY V 207 -56.91 -9.99 79.07
N THR V 208 -55.59 -10.13 79.23
CA THR V 208 -54.79 -11.32 78.94
C THR V 208 -54.91 -11.73 77.46
N LYS V 209 -54.31 -10.91 76.61
CA LYS V 209 -54.07 -11.29 75.22
C LYS V 209 -53.11 -12.47 75.16
N PRO V 210 -53.16 -13.27 74.09
CA PRO V 210 -52.30 -14.45 73.99
C PRO V 210 -50.81 -14.11 73.89
N VAL V 211 -50.00 -15.17 73.97
CA VAL V 211 -48.60 -15.04 74.35
C VAL V 211 -47.64 -15.04 73.16
N LEU V 212 -48.02 -15.67 72.03
CA LEU V 212 -47.20 -15.75 70.81
C LEU V 212 -45.85 -16.42 71.06
N LYS V 213 -45.89 -17.75 71.24
CA LYS V 213 -44.75 -18.52 71.75
C LYS V 213 -43.49 -18.43 70.90
N LYS V 214 -43.60 -18.13 69.61
CA LYS V 214 -42.42 -17.92 68.80
C LYS V 214 -41.88 -16.50 68.98
N LYS V 215 -40.57 -16.37 68.90
CA LYS V 215 -39.93 -15.06 68.96
C LYS V 215 -39.32 -14.77 67.60
N ALA V 216 -39.28 -13.49 67.23
CA ALA V 216 -38.82 -13.12 65.90
C ALA V 216 -37.31 -13.30 65.80
N ALA V 217 -36.87 -13.93 64.73
CA ALA V 217 -35.46 -14.21 64.51
C ALA V 217 -35.13 -14.00 63.04
N PHE V 218 -34.10 -13.21 62.77
CA PHE V 218 -33.66 -12.97 61.41
C PHE V 218 -33.05 -14.22 60.84
N LEU V 219 -33.35 -14.50 59.58
CA LEU V 219 -32.79 -15.66 58.89
C LEU V 219 -32.46 -15.23 57.47
N GLY V 220 -31.17 -15.05 57.21
CA GLY V 220 -30.70 -14.54 55.94
C GLY V 220 -31.03 -15.44 54.78
N SER V 221 -31.72 -14.90 53.79
CA SER V 221 -32.25 -15.71 52.72
C SER V 221 -32.40 -14.84 51.49
N GLU V 222 -33.08 -15.35 50.48
CA GLU V 222 -33.41 -14.56 49.31
C GLU V 222 -34.68 -15.08 48.69
N VAL V 223 -35.33 -14.23 47.92
CA VAL V 223 -36.52 -14.60 47.15
C VAL V 223 -36.51 -13.79 45.87
N ARG V 224 -36.77 -14.44 44.75
CA ARG V 224 -36.65 -13.80 43.44
C ARG V 224 -37.96 -13.99 42.70
N LEU V 225 -38.80 -12.96 42.71
CA LEU V 225 -40.05 -13.00 41.97
C LEU V 225 -39.81 -12.52 40.54
N ARG V 226 -39.04 -13.32 39.81
CA ARG V 226 -38.57 -12.91 38.50
C ARG V 226 -39.71 -12.91 37.50
N ASP V 227 -39.81 -11.82 36.74
CA ASP V 227 -40.93 -11.63 35.83
C ASP V 227 -40.48 -10.63 34.76
N ASP V 228 -40.19 -11.14 33.57
CA ASP V 228 -39.50 -10.35 32.55
C ASP V 228 -40.38 -9.30 31.89
N THR V 229 -41.70 -9.32 32.07
CA THR V 229 -42.58 -8.42 31.35
C THR V 229 -42.80 -7.11 32.09
N LEU V 230 -41.84 -6.67 32.89
CA LEU V 230 -41.92 -5.41 33.62
C LEU V 230 -40.83 -4.47 33.12
N PRO V 231 -41.06 -3.16 33.17
CA PRO V 231 -40.06 -2.23 32.67
C PRO V 231 -38.84 -2.06 33.54
N LYS V 232 -38.93 -2.35 34.84
CA LYS V 232 -37.82 -2.09 35.73
C LYS V 232 -37.42 -3.34 36.50
N ALA V 233 -36.60 -3.17 37.52
CA ALA V 233 -36.21 -4.29 38.38
C ALA V 233 -36.10 -3.75 39.80
N TRP V 234 -37.09 -4.06 40.62
CA TRP V 234 -37.14 -3.56 42.00
C TRP V 234 -36.44 -4.54 42.92
N ILE V 235 -35.63 -4.01 43.83
CA ILE V 235 -34.75 -4.79 44.69
C ILE V 235 -34.71 -4.16 46.06
N SER V 236 -34.96 -4.95 47.10
CA SER V 236 -34.70 -4.55 48.46
C SER V 236 -33.72 -5.51 49.09
N LEU V 237 -32.94 -5.02 50.03
CA LEU V 237 -31.83 -5.79 50.57
C LEU V 237 -31.59 -5.31 51.99
N ALA V 238 -31.58 -6.23 52.95
CA ALA V 238 -31.58 -5.75 54.32
C ALA V 238 -30.86 -6.72 55.24
N VAL V 239 -30.21 -6.16 56.26
CA VAL V 239 -29.65 -6.91 57.36
C VAL V 239 -30.56 -6.73 58.57
N GLU V 240 -30.28 -7.48 59.63
CA GLU V 240 -31.09 -7.38 60.84
C GLU V 240 -30.71 -6.12 61.58
N GLY V 241 -31.61 -5.15 61.59
CA GLY V 241 -31.39 -3.88 62.26
C GLY V 241 -31.72 -3.94 63.73
N GLU V 242 -32.06 -2.80 64.28
CA GLU V 242 -32.30 -2.77 65.71
C GLU V 242 -33.79 -2.62 66.00
N PRO V 243 -34.29 -3.28 67.03
CA PRO V 243 -35.69 -3.08 67.43
C PRO V 243 -35.84 -1.78 68.19
N VAL V 244 -37.09 -1.40 68.44
CA VAL V 244 -37.35 -0.28 69.32
C VAL V 244 -37.00 -0.66 70.75
N ASN V 245 -36.88 0.37 71.60
CA ASN V 245 -36.40 0.25 72.98
C ASN V 245 -35.03 -0.41 73.02
N SER V 246 -34.09 0.20 72.31
CA SER V 246 -32.73 -0.27 72.17
C SER V 246 -31.79 0.92 72.27
N PRO V 247 -30.58 0.74 72.79
CA PRO V 247 -29.63 1.86 72.80
C PRO V 247 -29.14 2.23 71.42
N ASN V 248 -29.16 1.29 70.48
CA ASN V 248 -28.78 1.56 69.10
C ASN V 248 -29.97 1.90 68.23
N TYR V 249 -31.00 2.52 68.79
CA TYR V 249 -32.15 2.90 67.98
C TYR V 249 -31.78 4.05 67.04
N PHE V 250 -31.27 5.14 67.61
CA PHE V 250 -30.98 6.31 66.80
C PHE V 250 -29.72 6.19 65.98
N VAL V 251 -28.79 5.31 66.36
CA VAL V 251 -27.62 5.11 65.53
C VAL V 251 -28.00 4.32 64.29
N ALA V 252 -28.99 3.44 64.40
CA ALA V 252 -29.44 2.70 63.22
C ALA V 252 -30.20 3.60 62.25
N LYS V 253 -30.84 4.65 62.75
CA LYS V 253 -31.48 5.60 61.86
C LYS V 253 -30.47 6.58 61.27
N LEU V 254 -29.52 7.02 62.09
CA LEU V 254 -28.48 7.92 61.60
C LEU V 254 -27.56 7.23 60.62
N ALA V 255 -27.36 5.92 60.76
CA ALA V 255 -26.58 5.21 59.76
C ALA V 255 -27.35 5.03 58.47
N ALA V 256 -28.67 5.01 58.52
CA ALA V 256 -29.48 4.96 57.32
C ALA V 256 -29.77 6.35 56.76
N GLN V 257 -29.30 7.40 57.44
CA GLN V 257 -29.40 8.74 56.92
C GLN V 257 -28.12 9.17 56.24
N ILE V 258 -27.02 8.46 56.50
CA ILE V 258 -25.74 8.75 55.84
C ILE V 258 -25.85 8.51 54.36
N PHE V 259 -26.44 7.39 53.96
CA PHE V 259 -26.60 7.09 52.56
C PHE V 259 -27.90 7.62 51.97
N GLY V 260 -28.81 8.09 52.82
CA GLY V 260 -30.00 8.89 52.49
C GLY V 260 -30.90 8.24 51.46
N SER V 261 -31.52 9.10 50.66
CA SER V 261 -32.36 8.66 49.56
C SER V 261 -32.03 9.50 48.33
N TYR V 262 -32.44 8.99 47.17
CA TYR V 262 -31.99 9.56 45.92
C TYR V 262 -33.10 9.41 44.89
N ASN V 263 -33.18 10.37 43.98
CA ASN V 263 -34.13 10.32 42.89
C ASN V 263 -33.46 10.89 41.66
N ALA V 264 -33.29 10.06 40.63
CA ALA V 264 -32.39 10.41 39.54
C ALA V 264 -32.93 11.51 38.65
N PHE V 265 -34.23 11.73 38.67
CA PHE V 265 -34.84 12.73 37.82
C PHE V 265 -34.95 14.09 38.49
N GLU V 266 -34.74 14.17 39.77
CA GLU V 266 -34.72 15.48 40.38
C GLU V 266 -33.35 16.12 40.21
N PRO V 267 -33.29 17.42 39.91
CA PRO V 267 -32.00 18.07 39.73
C PRO V 267 -31.36 18.52 41.04
N ALA V 268 -32.01 18.31 42.17
CA ALA V 268 -31.46 18.70 43.45
C ALA V 268 -31.19 17.52 44.36
N SER V 269 -31.65 16.32 44.01
CA SER V 269 -31.28 15.12 44.72
C SER V 269 -30.06 14.47 44.11
N ARG V 270 -29.46 15.09 43.11
CA ARG V 270 -28.25 14.61 42.50
C ARG V 270 -27.02 15.32 43.03
N LEU V 271 -27.19 16.39 43.80
CA LEU V 271 -26.09 17.16 44.32
C LEU V 271 -25.89 16.92 45.80
N GLN V 272 -26.39 15.81 46.33
CA GLN V 272 -26.35 15.56 47.76
C GLN V 272 -24.94 15.21 48.21
N GLY V 273 -24.77 15.12 49.52
CA GLY V 273 -23.47 14.86 50.09
C GLY V 273 -23.13 13.41 50.26
N ILE V 274 -23.75 12.55 49.49
CA ILE V 274 -23.47 11.13 49.54
C ILE V 274 -22.27 10.84 48.65
N LYS V 275 -21.36 10.00 49.12
CA LYS V 275 -20.26 9.57 48.27
C LYS V 275 -20.71 8.49 47.30
N LEU V 276 -21.88 7.90 47.50
CA LEU V 276 -22.35 6.85 46.62
C LEU V 276 -22.74 7.39 45.26
N LEU V 277 -23.08 8.67 45.19
CA LEU V 277 -23.57 9.26 43.94
C LEU V 277 -22.45 9.45 42.93
N ASP V 278 -21.20 9.50 43.37
CA ASP V 278 -20.10 9.62 42.43
C ASP V 278 -19.88 8.34 41.63
N ASN V 279 -20.29 7.19 42.16
CA ASN V 279 -20.20 5.95 41.42
C ASN V 279 -21.47 5.62 40.67
N ILE V 280 -22.60 6.15 41.12
CA ILE V 280 -23.90 5.70 40.64
C ILE V 280 -24.44 6.57 39.52
N GLN V 281 -23.86 7.75 39.30
CA GLN V 281 -24.36 8.68 38.29
C GLN V 281 -23.55 8.63 37.00
N GLU V 282 -22.48 7.85 36.96
CA GLU V 282 -21.65 7.83 35.76
C GLU V 282 -22.34 7.09 34.64
N TYR V 283 -22.89 5.91 34.93
CA TYR V 283 -23.60 5.13 33.93
C TYR V 283 -25.09 5.03 34.23
N GLN V 284 -25.57 5.80 35.20
CA GLN V 284 -26.98 5.85 35.63
C GLN V 284 -27.47 4.45 36.02
N LEU V 285 -26.89 3.96 37.11
CA LEU V 285 -27.16 2.60 37.55
C LEU V 285 -28.56 2.43 38.15
N CYS V 286 -29.14 3.50 38.70
CA CYS V 286 -30.44 3.38 39.33
C CYS V 286 -31.26 4.63 39.06
N ASP V 287 -32.56 4.51 39.31
CA ASP V 287 -33.47 5.65 39.26
C ASP V 287 -33.78 6.23 40.63
N ASN V 288 -33.84 5.40 41.66
CA ASN V 288 -34.08 5.85 43.02
C ASN V 288 -33.66 4.76 43.98
N PHE V 289 -33.16 5.18 45.13
CA PHE V 289 -33.04 4.29 46.27
C PHE V 289 -33.44 5.03 47.52
N ASN V 290 -33.72 4.28 48.58
CA ASN V 290 -33.92 4.87 49.89
C ASN V 290 -33.39 3.89 50.92
N HIS V 291 -32.69 4.40 51.92
CA HIS V 291 -32.16 3.58 52.99
C HIS V 291 -33.10 3.69 54.18
N PHE V 292 -33.61 2.55 54.64
CA PHE V 292 -34.56 2.52 55.74
C PHE V 292 -33.96 1.84 56.95
N SER V 293 -34.46 2.19 58.12
CA SER V 293 -34.17 1.45 59.35
C SER V 293 -35.50 1.17 60.04
N LEU V 294 -36.14 0.08 59.67
CA LEU V 294 -37.40 -0.31 60.29
C LEU V 294 -37.12 -0.97 61.63
N SER V 295 -37.94 -0.64 62.63
CA SER V 295 -37.73 -1.12 63.99
C SER V 295 -39.07 -1.60 64.54
N TYR V 296 -39.27 -2.91 64.55
CA TYR V 296 -40.47 -3.48 65.12
C TYR V 296 -40.23 -3.79 66.59
N LYS V 297 -41.15 -4.54 67.20
CA LYS V 297 -41.11 -4.74 68.63
C LYS V 297 -40.05 -5.76 69.04
N ASP V 298 -39.95 -6.87 68.31
CA ASP V 298 -39.02 -7.93 68.65
C ASP V 298 -37.71 -7.83 67.89
N SER V 299 -37.75 -7.39 66.64
CA SER V 299 -36.56 -7.29 65.82
C SER V 299 -36.71 -6.09 64.90
N GLY V 300 -35.87 -6.01 63.88
CA GLY V 300 -35.92 -4.89 62.98
C GLY V 300 -35.28 -5.22 61.66
N LEU V 301 -35.19 -4.20 60.81
CA LEU V 301 -34.53 -4.32 59.53
C LEU V 301 -33.73 -3.06 59.26
N TRP V 302 -32.71 -3.20 58.41
CA TRP V 302 -31.86 -2.09 58.03
C TRP V 302 -31.32 -2.41 56.66
N GLY V 303 -31.49 -1.50 55.71
CA GLY V 303 -31.00 -1.77 54.37
C GLY V 303 -31.53 -0.74 53.40
N PHE V 304 -31.61 -1.13 52.14
CA PHE V 304 -32.03 -0.19 51.12
C PHE V 304 -32.93 -0.89 50.11
N SER V 305 -33.89 -0.13 49.59
CA SER V 305 -34.71 -0.54 48.47
C SER V 305 -34.29 0.25 47.26
N THR V 306 -34.49 -0.29 46.06
CA THR V 306 -34.13 0.45 44.87
C THR V 306 -35.01 0.04 43.70
N ALA V 307 -34.76 0.69 42.57
CA ALA V 307 -35.53 0.47 41.35
C ALA V 307 -34.69 0.99 40.21
N THR V 308 -34.55 0.21 39.15
CA THR V 308 -33.69 0.65 38.07
C THR V 308 -34.16 0.06 36.75
N ARG V 309 -33.91 0.80 35.68
CA ARG V 309 -34.15 0.31 34.34
C ARG V 309 -32.90 -0.25 33.70
N ASN V 310 -31.73 0.05 34.26
CA ASN V 310 -30.46 -0.45 33.74
C ASN V 310 -30.25 -1.87 34.21
N VAL V 311 -31.00 -2.79 33.61
CA VAL V 311 -31.10 -4.16 34.12
C VAL V 311 -29.88 -5.01 33.81
N THR V 312 -28.92 -4.50 33.04
CA THR V 312 -27.71 -5.26 32.79
C THR V 312 -26.60 -4.91 33.76
N MET V 313 -26.72 -3.80 34.47
CA MET V 313 -25.72 -3.36 35.42
C MET V 313 -26.29 -3.29 36.82
N ILE V 314 -27.11 -4.27 37.18
CA ILE V 314 -27.61 -4.35 38.55
C ILE V 314 -26.49 -4.76 39.48
N ASP V 315 -25.64 -5.68 39.04
CA ASP V 315 -24.53 -6.17 39.87
C ASP V 315 -23.44 -5.13 40.12
N ASP V 316 -23.51 -3.94 39.52
CA ASP V 316 -22.72 -2.81 39.96
C ASP V 316 -23.51 -1.85 40.83
N LEU V 317 -24.84 -1.87 40.73
CA LEU V 317 -25.64 -1.13 41.70
C LEU V 317 -25.51 -1.74 43.08
N ILE V 318 -25.56 -3.07 43.16
CA ILE V 318 -25.47 -3.74 44.44
C ILE V 318 -24.07 -3.64 45.00
N HIS V 319 -23.06 -3.85 44.16
CA HIS V 319 -21.68 -3.88 44.63
C HIS V 319 -21.19 -2.50 45.04
N PHE V 320 -21.66 -1.45 44.38
CA PHE V 320 -21.18 -0.12 44.75
C PHE V 320 -21.86 0.43 45.98
N THR V 321 -23.07 -0.02 46.30
CA THR V 321 -23.68 0.44 47.54
C THR V 321 -23.35 -0.46 48.71
N LEU V 322 -22.88 -1.68 48.46
CA LEU V 322 -22.46 -2.54 49.55
C LEU V 322 -21.03 -2.26 49.94
N LYS V 323 -20.24 -1.66 49.05
CA LYS V 323 -18.93 -1.18 49.43
C LYS V 323 -19.03 0.08 50.26
N GLN V 324 -20.08 0.87 50.06
CA GLN V 324 -20.24 2.05 50.88
C GLN V 324 -20.75 1.69 52.27
N TRP V 325 -21.46 0.58 52.39
CA TRP V 325 -21.86 0.10 53.70
C TRP V 325 -20.65 -0.34 54.52
N ASN V 326 -19.60 -0.84 53.85
CA ASN V 326 -18.39 -1.25 54.54
C ASN V 326 -17.64 -0.06 55.09
N ARG V 327 -17.81 1.12 54.52
CA ARG V 327 -17.12 2.30 55.02
C ARG V 327 -17.63 2.74 56.37
N LEU V 328 -18.81 2.28 56.78
CA LEU V 328 -19.31 2.60 58.11
C LEU V 328 -18.49 1.93 59.18
N THR V 329 -17.93 0.77 58.89
CA THR V 329 -17.11 0.08 59.88
C THR V 329 -15.75 0.72 60.01
N ILE V 330 -15.17 1.16 58.90
CA ILE V 330 -13.74 1.36 58.81
C ILE V 330 -13.36 2.84 58.69
N SER V 331 -14.02 3.60 57.82
CA SER V 331 -13.49 4.89 57.46
C SER V 331 -14.59 5.91 57.21
N VAL V 332 -15.69 5.82 57.96
CA VAL V 332 -16.70 6.87 57.89
C VAL V 332 -16.13 8.15 58.49
N THR V 333 -16.30 9.26 57.78
CA THR V 333 -15.68 10.50 58.17
C THR V 333 -16.48 11.18 59.28
N ASP V 334 -15.99 12.33 59.73
CA ASP V 334 -16.73 13.08 60.73
C ASP V 334 -17.78 13.97 60.10
N THR V 335 -17.52 14.47 58.90
CA THR V 335 -18.49 15.32 58.20
C THR V 335 -19.69 14.49 57.75
N GLU V 336 -19.45 13.26 57.29
CA GLU V 336 -20.52 12.39 56.82
C GLU V 336 -21.44 11.94 57.93
N VAL V 337 -21.05 12.11 59.18
CA VAL V 337 -21.95 11.97 60.32
C VAL V 337 -22.63 13.29 60.63
N GLU V 338 -21.89 14.40 60.54
CA GLU V 338 -22.41 15.70 60.94
C GLU V 338 -23.45 16.24 59.98
N ARG V 339 -23.55 15.70 58.76
CA ARG V 339 -24.71 16.03 57.95
C ARG V 339 -25.85 15.06 58.24
N ALA V 340 -25.53 13.84 58.63
CA ALA V 340 -26.59 12.89 58.92
C ALA V 340 -27.22 13.12 60.28
N LYS V 341 -26.55 13.85 61.16
CA LYS V 341 -27.24 14.35 62.34
C LYS V 341 -28.29 15.37 61.93
N SER V 342 -27.88 16.38 61.19
CA SER V 342 -28.76 17.51 60.88
C SER V 342 -29.84 17.15 59.87
N LEU V 343 -29.69 16.05 59.14
CA LEU V 343 -30.80 15.58 58.34
C LEU V 343 -31.76 14.72 59.15
N LEU V 344 -31.24 13.97 60.12
CA LEU V 344 -32.12 13.16 60.95
C LEU V 344 -32.89 14.02 61.93
N LYS V 345 -32.30 15.12 62.39
CA LYS V 345 -33.05 16.02 63.26
C LYS V 345 -34.15 16.73 62.50
N LEU V 346 -34.02 16.85 61.19
CA LEU V 346 -35.06 17.46 60.39
C LEU V 346 -36.16 16.46 60.07
N GLN V 347 -35.81 15.30 59.52
CA GLN V 347 -36.86 14.39 59.10
C GLN V 347 -37.46 13.59 60.24
N LEU V 348 -37.07 13.87 61.48
CA LEU V 348 -37.88 13.52 62.64
C LEU V 348 -38.78 14.67 63.06
N GLY V 349 -38.30 15.90 62.97
CA GLY V 349 -39.15 17.05 63.20
C GLY V 349 -40.24 17.21 62.16
N GLN V 350 -40.02 16.69 60.97
CA GLN V 350 -41.05 16.62 59.93
C GLN V 350 -41.96 15.42 60.08
N LEU V 351 -41.79 14.63 61.12
CA LEU V 351 -42.61 13.44 61.33
C LEU V 351 -43.40 13.50 62.62
N TYR V 352 -42.76 13.82 63.74
CA TYR V 352 -43.47 13.87 65.00
C TYR V 352 -44.15 15.21 65.21
N GLU V 353 -43.78 16.23 64.46
CA GLU V 353 -44.28 17.58 64.68
C GLU V 353 -44.66 18.21 63.35
N SER V 354 -45.31 17.42 62.49
CA SER V 354 -45.93 17.92 61.27
C SER V 354 -47.35 18.38 61.60
N GLY V 355 -48.15 18.58 60.56
CA GLY V 355 -49.47 19.12 60.76
C GLY V 355 -50.55 18.15 61.18
N ASN V 356 -50.65 17.02 60.49
CA ASN V 356 -51.83 16.17 60.54
C ASN V 356 -52.00 15.47 61.89
N PRO V 357 -53.08 15.72 62.62
CA PRO V 357 -53.25 15.06 63.92
C PRO V 357 -53.65 13.60 63.82
N VAL V 358 -54.02 13.10 62.65
CA VAL V 358 -54.25 11.67 62.50
C VAL V 358 -52.92 10.93 62.56
N ASN V 359 -51.90 11.47 61.92
CA ASN V 359 -50.59 10.81 61.94
C ASN V 359 -49.95 10.92 63.31
N ASP V 360 -50.19 12.00 64.04
CA ASP V 360 -49.63 12.12 65.38
C ASP V 360 -50.29 11.18 66.37
N ALA V 361 -51.50 10.73 66.09
CA ALA V 361 -52.14 9.76 66.97
C ALA V 361 -51.63 8.36 66.75
N ASN V 362 -51.13 8.05 65.56
CA ASN V 362 -50.55 6.73 65.35
C ASN V 362 -49.18 6.64 65.99
N LEU V 363 -48.40 7.73 65.94
CA LEU V 363 -47.06 7.69 66.53
C LEU V 363 -47.12 7.72 68.04
N LEU V 364 -48.06 8.48 68.61
CA LEU V 364 -48.25 8.43 70.06
C LEU V 364 -48.83 7.10 70.48
N GLY V 365 -49.66 6.49 69.65
CA GLY V 365 -50.21 5.20 69.99
C GLY V 365 -49.22 4.07 69.87
N ALA V 366 -48.32 4.15 68.90
CA ALA V 366 -47.31 3.11 68.75
C ALA V 366 -46.20 3.21 69.77
N GLU V 367 -46.00 4.38 70.37
CA GLU V 367 -44.90 4.56 71.30
C GLU V 367 -45.28 4.13 72.70
N VAL V 368 -46.42 4.57 73.21
CA VAL V 368 -46.77 4.27 74.60
C VAL V 368 -47.31 2.86 74.79
N LEU V 369 -47.52 2.12 73.71
CA LEU V 369 -47.82 0.70 73.85
C LEU V 369 -46.55 -0.10 74.04
N ILE V 370 -45.50 0.23 73.30
CA ILE V 370 -44.28 -0.56 73.34
C ILE V 370 -43.45 -0.21 74.57
N LYS V 371 -43.17 1.07 74.79
CA LYS V 371 -42.24 1.47 75.82
C LYS V 371 -42.90 2.32 76.91
N GLY V 372 -44.21 2.21 77.08
CA GLY V 372 -44.85 2.76 78.26
C GLY V 372 -45.10 4.25 78.30
N SER V 373 -44.29 5.03 77.58
CA SER V 373 -44.48 6.47 77.49
C SER V 373 -43.87 6.95 76.18
N LYS V 374 -43.98 8.25 75.93
CA LYS V 374 -43.50 8.83 74.69
C LYS V 374 -42.26 9.67 74.96
N LEU V 375 -41.17 9.32 74.28
CA LEU V 375 -39.95 10.11 74.34
C LEU V 375 -40.12 11.38 73.51
N SER V 376 -39.94 12.54 74.14
CA SER V 376 -40.23 13.80 73.48
C SER V 376 -39.18 14.13 72.44
N LEU V 377 -39.54 15.03 71.53
CA LEU V 377 -38.64 15.39 70.44
C LEU V 377 -37.48 16.25 70.92
N GLY V 378 -37.70 17.08 71.94
CA GLY V 378 -36.62 17.88 72.46
C GLY V 378 -35.56 17.07 73.19
N GLU V 379 -35.94 15.91 73.72
CA GLU V 379 -35.02 15.02 74.39
C GLU V 379 -34.60 13.85 73.53
N ALA V 380 -35.12 13.76 72.31
CA ALA V 380 -34.58 12.86 71.30
C ALA V 380 -33.66 13.58 70.35
N PHE V 381 -33.47 14.89 70.54
CA PHE V 381 -32.42 15.60 69.82
C PHE V 381 -31.09 15.50 70.54
N LYS V 382 -31.11 15.33 71.86
CA LYS V 382 -29.86 15.13 72.59
C LYS V 382 -29.26 13.76 72.29
N LYS V 383 -30.09 12.78 71.96
CA LYS V 383 -29.56 11.47 71.61
C LYS V 383 -28.94 11.47 70.22
N ILE V 384 -29.38 12.36 69.34
CA ILE V 384 -28.74 12.49 68.04
C ILE V 384 -27.58 13.47 68.08
N ASP V 385 -27.57 14.40 69.02
CA ASP V 385 -26.45 15.31 69.17
C ASP V 385 -25.32 14.72 70.01
N ALA V 386 -25.29 13.41 70.18
CA ALA V 386 -24.22 12.79 70.96
C ALA V 386 -23.68 11.52 70.32
N ILE V 387 -24.12 11.19 69.11
CA ILE V 387 -23.64 10.01 68.41
C ILE V 387 -22.31 10.35 67.76
N THR V 388 -21.23 9.75 68.25
CA THR V 388 -19.93 10.03 67.68
C THR V 388 -19.60 9.03 66.58
N VAL V 389 -18.48 9.26 65.91
CA VAL V 389 -18.06 8.38 64.83
C VAL V 389 -17.51 7.06 65.38
N LYS V 390 -17.19 7.00 66.66
CA LYS V 390 -16.88 5.72 67.27
C LYS V 390 -18.14 4.89 67.43
N ASP V 391 -19.27 5.53 67.75
CA ASP V 391 -20.51 4.79 68.00
C ASP V 391 -21.10 4.26 66.72
N VAL V 392 -20.85 4.91 65.59
CA VAL V 392 -21.30 4.36 64.32
C VAL V 392 -20.40 3.22 63.89
N LYS V 393 -19.10 3.35 64.13
CA LYS V 393 -18.17 2.28 63.79
C LYS V 393 -18.34 1.08 64.71
N ALA V 394 -18.64 1.31 65.98
CA ALA V 394 -18.93 0.19 66.87
C ALA V 394 -20.24 -0.47 66.52
N TRP V 395 -21.20 0.29 66.02
CA TRP V 395 -22.45 -0.31 65.59
C TRP V 395 -22.31 -1.06 64.28
N ALA V 396 -21.47 -0.55 63.37
CA ALA V 396 -21.41 -1.11 62.03
C ALA V 396 -20.75 -2.47 62.02
N GLY V 397 -19.68 -2.65 62.79
CA GLY V 397 -19.09 -3.96 62.93
C GLY V 397 -19.97 -4.94 63.67
N LYS V 398 -20.90 -4.43 64.48
CA LYS V 398 -21.86 -5.29 65.15
C LYS V 398 -22.89 -5.83 64.17
N ARG V 399 -23.46 -4.98 63.32
CA ARG V 399 -24.59 -5.36 62.50
C ARG V 399 -24.31 -5.47 61.02
N LEU V 400 -23.34 -4.74 60.49
CA LEU V 400 -23.14 -4.70 59.04
C LEU V 400 -21.97 -5.55 58.57
N TRP V 401 -20.84 -5.49 59.27
CA TRP V 401 -19.59 -6.07 58.79
C TRP V 401 -19.68 -7.59 58.79
N ASP V 402 -19.78 -8.16 57.59
CA ASP V 402 -19.82 -9.60 57.35
C ASP V 402 -20.97 -10.26 58.10
N GLN V 403 -22.18 -9.84 57.76
CA GLN V 403 -23.37 -10.40 58.36
C GLN V 403 -24.29 -10.91 57.27
N ASP V 404 -25.28 -11.70 57.67
CA ASP V 404 -26.19 -12.29 56.72
C ASP V 404 -27.23 -11.28 56.29
N ILE V 405 -27.55 -11.29 55.00
CA ILE V 405 -28.46 -10.34 54.42
C ILE V 405 -29.70 -11.06 53.93
N ALA V 406 -30.77 -10.31 53.73
CA ALA V 406 -32.00 -10.81 53.14
C ALA V 406 -32.30 -10.00 51.90
N ILE V 407 -32.58 -10.67 50.79
CA ILE V 407 -32.78 -10.04 49.50
C ILE V 407 -34.16 -10.40 48.98
N ALA V 408 -34.83 -9.44 48.35
CA ALA V 408 -36.09 -9.71 47.66
C ALA V 408 -36.11 -8.87 46.41
N GLY V 409 -36.51 -9.47 45.30
CA GLY V 409 -36.51 -8.74 44.05
C GLY V 409 -37.60 -9.19 43.12
N THR V 410 -38.00 -8.30 42.23
CA THR V 410 -38.94 -8.64 41.17
C THR V 410 -38.62 -7.84 39.94
N GLY V 411 -39.25 -8.20 38.84
CA GLY V 411 -38.98 -7.53 37.59
C GLY V 411 -37.96 -8.28 36.77
N GLN V 412 -37.02 -7.58 36.16
CA GLN V 412 -35.99 -8.21 35.35
C GLN V 412 -34.72 -8.31 36.20
N ILE V 413 -34.74 -9.27 37.13
CA ILE V 413 -33.65 -9.42 38.08
C ILE V 413 -32.75 -10.57 37.66
N GLU V 414 -32.72 -10.86 36.36
CA GLU V 414 -31.75 -11.82 35.87
C GLU V 414 -30.33 -11.30 36.06
N GLY V 415 -30.14 -9.99 35.86
CA GLY V 415 -28.85 -9.38 36.06
C GLY V 415 -28.43 -9.29 37.50
N LEU V 416 -29.36 -9.46 38.42
CA LEU V 416 -29.01 -9.56 39.84
C LEU V 416 -28.26 -10.85 40.06
N LEU V 417 -27.11 -10.75 40.69
CA LEU V 417 -26.17 -11.86 40.75
C LEU V 417 -26.60 -12.79 41.87
N ASP V 418 -25.88 -13.88 42.10
CA ASP V 418 -26.36 -14.90 43.02
C ASP V 418 -26.11 -14.45 44.47
N TYR V 419 -26.45 -15.31 45.43
CA TYR V 419 -26.40 -14.90 46.84
C TYR V 419 -24.98 -14.71 47.33
N MET V 420 -24.13 -15.70 47.11
CA MET V 420 -22.80 -15.69 47.72
C MET V 420 -21.84 -14.73 47.04
N ARG V 421 -22.24 -14.05 45.97
CA ARG V 421 -21.49 -12.92 45.47
C ARG V 421 -22.09 -11.58 45.89
N ILE V 422 -23.21 -11.61 46.62
CA ILE V 422 -23.72 -10.44 47.30
C ILE V 422 -23.41 -10.49 48.78
N ARG V 423 -23.47 -11.67 49.37
CA ARG V 423 -23.11 -11.85 50.78
C ARG V 423 -21.63 -11.58 50.99
N SER V 424 -20.80 -11.92 50.01
CA SER V 424 -19.37 -11.70 50.13
C SER V 424 -18.96 -10.25 49.98
N ASP V 425 -19.87 -9.36 49.58
CA ASP V 425 -19.53 -7.95 49.51
C ASP V 425 -19.64 -7.26 50.85
N MET V 426 -20.20 -7.90 51.86
CA MET V 426 -20.35 -7.25 53.16
C MET V 426 -19.03 -7.15 53.90
N SER V 427 -18.05 -7.97 53.56
CA SER V 427 -16.73 -7.94 54.16
C SER V 427 -15.73 -7.55 53.09
N MET V 428 -14.86 -6.60 53.40
CA MET V 428 -14.18 -5.89 52.33
C MET V 428 -13.02 -6.67 51.73
N MET V 429 -12.37 -7.55 52.50
CA MET V 429 -11.21 -8.39 52.15
C MET V 429 -9.93 -7.57 51.95
N ARG V 430 -10.03 -6.24 51.95
CA ARG V 430 -8.90 -5.34 51.74
C ARG V 430 -8.68 -4.50 52.98
N TRP V 431 -9.18 -4.95 54.11
CA TRP V 431 -9.10 -4.24 55.37
C TRP V 431 -8.62 -5.18 56.45
N LEU W 1 -44.43 42.00 48.90
CA LEU W 1 -43.70 41.93 50.16
C LEU W 1 -44.66 42.07 51.32
N THR W 2 -45.57 41.11 51.45
CA THR W 2 -46.50 41.03 52.55
C THR W 2 -46.01 39.92 53.47
N VAL W 3 -45.27 40.28 54.50
CA VAL W 3 -44.63 39.31 55.38
C VAL W 3 -45.58 38.95 56.51
N SER W 4 -45.77 37.66 56.73
CA SER W 4 -46.66 37.19 57.79
C SER W 4 -46.16 35.86 58.30
N ALA W 5 -46.25 35.66 59.62
CA ALA W 5 -45.71 34.47 60.22
C ALA W 5 -46.40 34.22 61.55
N ARG W 6 -46.54 32.94 61.90
CA ARG W 6 -47.09 32.53 63.18
C ARG W 6 -46.01 31.86 64.01
N ASP W 7 -46.16 31.91 65.32
CA ASP W 7 -45.16 31.37 66.23
C ASP W 7 -45.66 30.10 66.90
N ALA W 8 -44.72 29.24 67.25
CA ALA W 8 -45.01 27.95 67.88
C ALA W 8 -43.75 27.49 68.60
N PRO W 9 -43.87 26.60 69.57
CA PRO W 9 -42.68 25.98 70.17
C PRO W 9 -42.17 24.72 69.46
N THR W 10 -42.64 24.45 68.26
CA THR W 10 -42.17 23.30 67.49
C THR W 10 -40.72 23.52 67.04
N LYS W 11 -39.93 22.45 67.06
CA LYS W 11 -38.49 22.49 66.77
C LYS W 11 -38.17 22.86 65.33
N ILE W 12 -39.11 22.72 64.39
CA ILE W 12 -38.82 22.89 62.97
C ILE W 12 -39.70 23.99 62.42
N SER W 13 -39.30 24.55 61.28
CA SER W 13 -40.04 25.67 60.71
C SER W 13 -39.90 25.69 59.20
N THR W 14 -40.89 26.27 58.54
CA THR W 14 -40.89 26.41 57.09
C THR W 14 -40.93 27.88 56.71
N LEU W 15 -40.66 28.14 55.44
CA LEU W 15 -40.74 29.49 54.90
C LEU W 15 -41.12 29.40 53.44
N ALA W 16 -42.15 30.13 53.05
CA ALA W 16 -42.67 30.06 51.69
C ALA W 16 -42.74 31.45 51.11
N VAL W 17 -42.33 31.56 49.84
CA VAL W 17 -42.45 32.79 49.07
C VAL W 17 -43.35 32.50 47.89
N LYS W 18 -44.50 33.15 47.84
CA LYS W 18 -45.54 32.84 46.87
C LYS W 18 -45.66 33.98 45.87
N VAL W 19 -45.11 33.80 44.70
CA VAL W 19 -45.27 34.80 43.65
C VAL W 19 -46.51 34.45 42.85
N HIS W 20 -47.17 35.47 42.31
CA HIS W 20 -48.32 35.27 41.42
C HIS W 20 -47.79 35.03 40.01
N GLY W 21 -47.20 33.87 39.83
CA GLY W 21 -46.57 33.56 38.58
C GLY W 21 -46.85 32.16 38.11
N GLY W 22 -48.06 31.69 38.32
CA GLY W 22 -48.38 30.33 37.94
C GLY W 22 -48.53 30.15 36.44
N SER W 23 -49.16 29.07 36.02
CA SER W 23 -49.31 28.87 34.58
C SER W 23 -50.32 29.83 33.96
N ARG W 24 -51.21 30.42 34.75
CA ARG W 24 -52.20 31.34 34.18
C ARG W 24 -51.62 32.69 33.83
N TYR W 25 -50.40 33.01 34.28
CA TYR W 25 -49.74 34.24 33.88
C TYR W 25 -48.65 34.00 32.86
N ALA W 26 -48.55 32.79 32.32
CA ALA W 26 -47.47 32.45 31.41
C ALA W 26 -47.65 33.15 30.08
N THR W 27 -46.56 33.73 29.56
CA THR W 27 -46.63 34.39 28.27
C THR W 27 -46.76 33.38 27.14
N LYS W 28 -45.86 32.40 27.10
CA LYS W 28 -45.95 31.29 26.16
C LYS W 28 -46.37 30.04 26.92
N ASP W 29 -46.52 28.95 26.19
CA ASP W 29 -47.05 27.71 26.78
C ASP W 29 -45.95 26.98 27.52
N GLY W 30 -45.99 27.03 28.84
CA GLY W 30 -45.08 26.27 29.67
C GLY W 30 -43.89 27.04 30.17
N VAL W 31 -43.89 28.36 30.10
CA VAL W 31 -42.78 29.13 30.63
C VAL W 31 -42.78 29.06 32.15
N ALA W 32 -43.96 29.01 32.76
CA ALA W 32 -44.04 28.92 34.20
C ALA W 32 -43.59 27.56 34.70
N HIS W 33 -43.67 26.52 33.88
CA HIS W 33 -43.07 25.25 34.28
C HIS W 33 -41.57 25.30 34.16
N LEU W 34 -41.06 25.89 33.07
CA LEU W 34 -39.62 26.00 32.88
C LEU W 34 -38.97 27.04 33.75
N LEU W 35 -39.73 27.95 34.34
CA LEU W 35 -39.15 28.80 35.38
C LEU W 35 -39.16 28.09 36.72
N ASN W 36 -40.19 27.28 36.97
CA ASN W 36 -40.26 26.51 38.21
C ASN W 36 -39.15 25.50 38.31
N ARG W 37 -38.81 24.85 37.20
CA ARG W 37 -37.69 23.93 37.22
C ARG W 37 -36.36 24.64 37.14
N PHE W 38 -36.34 25.97 37.06
CA PHE W 38 -35.10 26.69 36.88
C PHE W 38 -34.59 27.32 38.16
N ASN W 39 -35.46 27.63 39.11
CA ASN W 39 -34.91 28.22 40.31
C ASN W 39 -34.38 27.12 41.22
N PHE W 40 -33.47 27.54 42.11
CA PHE W 40 -32.47 26.71 42.80
C PHE W 40 -31.54 26.01 41.83
N GLN W 41 -31.29 26.63 40.67
CA GLN W 41 -30.08 26.33 39.91
C GLN W 41 -29.03 27.35 40.32
N ASN W 42 -27.96 27.45 39.54
CA ASN W 42 -26.82 28.30 39.90
C ASN W 42 -27.23 29.75 39.96
N THR W 43 -26.62 30.49 40.87
CA THR W 43 -26.80 31.92 40.97
C THR W 43 -25.45 32.58 40.69
N ASN W 44 -25.39 33.89 40.90
CA ASN W 44 -24.12 34.58 40.74
C ASN W 44 -23.22 34.41 41.95
N THR W 45 -23.80 34.37 43.14
CA THR W 45 -23.00 34.36 44.36
C THR W 45 -22.61 32.95 44.78
N ARG W 46 -23.50 31.98 44.64
CA ARG W 46 -23.16 30.60 44.97
C ARG W 46 -23.74 29.69 43.92
N SER W 47 -23.21 28.48 43.86
CA SER W 47 -23.64 27.53 42.84
C SER W 47 -24.92 26.85 43.28
N ALA W 48 -25.35 25.84 42.53
CA ALA W 48 -26.45 25.01 43.01
C ALA W 48 -25.94 23.94 43.95
N LEU W 49 -24.75 23.41 43.66
CA LEU W 49 -24.17 22.37 44.50
C LEU W 49 -23.72 22.94 45.83
N LYS W 50 -23.24 24.18 45.85
CA LYS W 50 -22.91 24.80 47.13
C LYS W 50 -24.15 25.17 47.92
N LEU W 51 -25.31 25.23 47.29
CA LEU W 51 -26.53 25.47 48.04
C LEU W 51 -27.06 24.19 48.66
N VAL W 52 -26.90 23.06 47.99
CA VAL W 52 -27.37 21.79 48.54
C VAL W 52 -26.49 21.36 49.70
N ARG W 53 -25.16 21.40 49.50
CA ARG W 53 -24.26 20.86 50.52
C ARG W 53 -24.15 21.76 51.74
N GLU W 54 -24.32 23.07 51.57
CA GLU W 54 -24.30 23.94 52.74
C GLU W 54 -25.57 23.81 53.57
N SER W 55 -26.68 23.46 52.92
CA SER W 55 -27.95 23.42 53.62
C SER W 55 -28.11 22.15 54.43
N GLU W 56 -27.58 21.02 53.94
CA GLU W 56 -27.71 19.77 54.68
C GLU W 56 -26.89 19.79 55.95
N LEU W 57 -25.75 20.48 55.94
CA LEU W 57 -24.99 20.67 57.18
C LEU W 57 -25.70 21.63 58.12
N LEU W 58 -26.61 22.45 57.61
CA LEU W 58 -27.47 23.28 58.43
C LEU W 58 -28.85 22.65 58.65
N GLY W 59 -29.13 21.53 57.98
CA GLY W 59 -30.38 20.84 58.23
C GLY W 59 -31.57 21.48 57.56
N GLY W 60 -31.61 21.45 56.23
CA GLY W 60 -32.76 22.00 55.56
C GLY W 60 -32.84 21.74 54.07
N THR W 61 -34.05 21.55 53.55
CA THR W 61 -34.23 21.24 52.14
C THR W 61 -35.01 22.35 51.45
N PHE W 62 -34.99 22.31 50.13
CA PHE W 62 -35.62 23.31 49.29
C PHE W 62 -36.60 22.65 48.33
N LYS W 63 -37.67 23.37 48.01
CA LYS W 63 -38.72 22.80 47.19
C LYS W 63 -39.40 23.92 46.43
N SER W 64 -39.63 23.71 45.14
CA SER W 64 -40.29 24.71 44.29
C SER W 64 -41.40 24.02 43.50
N THR W 65 -42.65 24.33 43.82
CA THR W 65 -43.80 23.79 43.13
C THR W 65 -44.57 24.92 42.48
N LEU W 66 -45.19 24.63 41.34
CA LEU W 66 -46.05 25.60 40.69
C LEU W 66 -47.49 25.12 40.73
N ASP W 67 -48.39 26.07 40.89
CA ASP W 67 -49.82 25.84 40.86
C ASP W 67 -50.34 26.28 39.51
N ARG W 68 -51.67 26.29 39.38
CA ARG W 68 -52.28 27.02 38.29
C ARG W 68 -52.19 28.53 38.51
N GLU W 69 -51.94 28.97 39.74
CA GLU W 69 -51.90 30.38 40.08
C GLU W 69 -50.59 30.82 40.68
N TYR W 70 -49.96 29.97 41.49
CA TYR W 70 -48.80 30.35 42.29
C TYR W 70 -47.55 29.61 41.83
N ILE W 71 -46.40 30.21 42.13
CA ILE W 71 -45.13 29.50 42.21
C ILE W 71 -44.62 29.69 43.63
N THR W 72 -44.39 28.60 44.33
CA THR W 72 -44.08 28.62 45.75
C THR W 72 -42.66 28.11 45.95
N LEU W 73 -41.88 28.83 46.74
CA LEU W 73 -40.53 28.43 47.10
C LEU W 73 -40.51 28.09 48.58
N LYS W 74 -40.43 26.80 48.89
CA LYS W 74 -40.55 26.33 50.26
C LYS W 74 -39.18 25.90 50.77
N ALA W 75 -38.88 26.27 52.02
CA ALA W 75 -37.64 25.88 52.67
C ALA W 75 -37.98 25.44 54.08
N THR W 76 -37.89 24.15 54.36
CA THR W 76 -38.03 23.64 55.72
C THR W 76 -36.65 23.62 56.35
N PHE W 77 -36.57 23.99 57.62
CA PHE W 77 -35.26 24.07 58.28
C PHE W 77 -35.43 24.02 59.77
N LEU W 78 -34.34 23.73 60.47
CA LEU W 78 -34.34 23.80 61.93
C LEU W 78 -34.50 25.25 62.36
N LYS W 79 -35.22 25.45 63.46
CA LYS W 79 -35.81 26.75 63.78
C LYS W 79 -34.78 27.84 64.06
N ASP W 80 -33.57 27.47 64.47
CA ASP W 80 -32.59 28.49 64.78
C ASP W 80 -31.89 29.02 63.53
N ASP W 81 -31.91 28.28 62.43
CA ASP W 81 -31.22 28.69 61.21
C ASP W 81 -32.17 29.45 60.28
N LEU W 82 -32.74 30.54 60.82
CA LEU W 82 -33.60 31.37 59.98
C LEU W 82 -32.83 32.14 58.90
N PRO W 83 -31.95 33.09 59.22
CA PRO W 83 -31.57 34.07 58.20
C PRO W 83 -30.62 33.54 57.14
N TYR W 84 -30.19 32.29 57.23
CA TYR W 84 -29.54 31.70 56.07
C TYR W 84 -30.56 31.41 54.98
N TYR W 85 -31.78 31.05 55.36
CA TYR W 85 -32.77 30.64 54.39
C TYR W 85 -33.63 31.79 53.88
N VAL W 86 -33.55 32.94 54.50
CA VAL W 86 -34.15 34.13 53.90
C VAL W 86 -33.24 34.66 52.81
N ASN W 87 -31.93 34.68 53.06
CA ASN W 87 -30.97 35.11 52.06
C ASN W 87 -30.61 34.02 51.07
N ALA W 88 -31.23 32.85 51.15
CA ALA W 88 -31.10 31.85 50.11
C ALA W 88 -32.32 31.79 49.21
N LEU W 89 -33.44 32.36 49.63
CA LEU W 89 -34.59 32.55 48.77
C LEU W 89 -34.59 33.91 48.11
N ALA W 90 -34.06 34.93 48.78
CA ALA W 90 -33.91 36.22 48.12
C ALA W 90 -32.79 36.20 47.10
N ASP W 91 -31.86 35.26 47.19
CA ASP W 91 -30.81 35.10 46.21
C ASP W 91 -31.18 34.13 45.11
N VAL W 92 -32.44 33.78 44.98
CA VAL W 92 -32.90 33.06 43.79
C VAL W 92 -33.95 33.85 43.03
N LEU W 93 -34.62 34.80 43.65
CA LEU W 93 -35.47 35.70 42.88
C LEU W 93 -34.65 36.79 42.23
N TYR W 94 -33.65 37.28 42.94
CA TYR W 94 -32.92 38.45 42.47
C TYR W 94 -31.88 38.10 41.43
N LYS W 95 -31.09 37.06 41.66
CA LYS W 95 -29.87 36.86 40.88
C LYS W 95 -29.68 35.41 40.46
N THR W 96 -30.70 34.77 39.91
CA THR W 96 -30.48 33.47 39.30
C THR W 96 -29.65 33.66 38.03
N ALA W 97 -28.78 32.69 37.73
CA ALA W 97 -27.79 32.88 36.67
C ALA W 97 -28.44 32.85 35.29
N PHE W 98 -29.30 31.85 35.05
CA PHE W 98 -29.90 31.55 33.75
C PHE W 98 -28.82 31.33 32.69
N LYS W 99 -28.01 30.32 32.92
CA LYS W 99 -26.97 30.01 31.95
C LYS W 99 -27.50 28.99 30.94
N PRO W 100 -27.12 29.09 29.66
CA PRO W 100 -27.74 28.25 28.65
C PRO W 100 -27.32 26.80 28.70
N HIS W 101 -26.30 26.45 29.48
CA HIS W 101 -25.96 25.05 29.65
C HIS W 101 -26.74 24.41 30.78
N GLU W 102 -27.27 25.19 31.71
CA GLU W 102 -28.15 24.62 32.72
C GLU W 102 -29.51 24.28 32.13
N LEU W 103 -29.90 24.98 31.06
CA LEU W 103 -31.21 24.75 30.48
C LEU W 103 -31.27 23.41 29.77
N THR W 104 -30.23 23.06 29.04
CA THR W 104 -30.28 21.84 28.26
C THR W 104 -29.72 20.63 28.96
N GLU W 105 -29.11 20.80 30.13
CA GLU W 105 -28.55 19.67 30.86
C GLU W 105 -29.44 19.23 32.02
N SER W 106 -29.86 20.17 32.85
CA SER W 106 -30.65 19.84 34.03
C SER W 106 -32.10 20.23 33.94
N VAL W 107 -32.41 21.38 33.34
CA VAL W 107 -33.76 21.93 33.45
C VAL W 107 -34.69 21.27 32.46
N LEU W 108 -34.31 21.21 31.20
CA LEU W 108 -35.14 20.53 30.22
C LEU W 108 -35.30 19.02 30.45
N PRO W 109 -34.27 18.22 30.79
CA PRO W 109 -34.56 16.81 31.06
C PRO W 109 -35.33 16.57 32.34
N ALA W 110 -35.39 17.56 33.24
CA ALA W 110 -36.34 17.46 34.34
C ALA W 110 -37.75 17.73 33.85
N ALA W 111 -37.92 18.70 32.96
CA ALA W 111 -39.24 19.03 32.45
C ALA W 111 -39.76 18.01 31.46
N ARG W 112 -38.89 17.27 30.78
CA ARG W 112 -39.38 16.13 30.01
C ARG W 112 -39.89 15.04 30.92
N TYR W 113 -39.32 14.93 32.12
CA TYR W 113 -39.78 13.92 33.06
C TYR W 113 -41.11 14.30 33.68
N ASP W 114 -41.29 15.58 34.00
CA ASP W 114 -42.52 16.03 34.62
C ASP W 114 -43.71 15.92 33.68
N TYR W 115 -43.48 16.07 32.38
CA TYR W 115 -44.57 15.92 31.44
C TYR W 115 -44.83 14.45 31.13
N ALA W 116 -43.80 13.63 31.05
CA ALA W 116 -44.00 12.23 30.72
C ALA W 116 -44.57 11.42 31.87
N VAL W 117 -44.52 11.94 33.10
CA VAL W 117 -45.20 11.28 34.20
C VAL W 117 -46.64 11.79 34.34
N ALA W 118 -46.97 12.91 33.69
CA ALA W 118 -48.32 13.43 33.77
C ALA W 118 -49.17 13.07 32.55
N GLU W 119 -48.56 12.68 31.44
CA GLU W 119 -49.36 12.18 30.34
C GLU W 119 -49.69 10.71 30.50
N GLN W 120 -49.14 10.05 31.50
CA GLN W 120 -49.52 8.68 31.81
C GLN W 120 -50.72 8.60 32.73
N CYS W 121 -51.02 9.68 33.46
CA CYS W 121 -52.21 9.71 34.30
C CYS W 121 -53.31 10.40 33.52
N PRO W 122 -54.31 9.67 33.01
CA PRO W 122 -55.31 10.31 32.14
C PRO W 122 -56.27 11.21 32.87
N VAL W 123 -56.38 11.11 34.19
CA VAL W 123 -57.14 12.10 34.93
C VAL W 123 -56.41 13.43 34.96
N LYS W 124 -55.08 13.40 35.06
CA LYS W 124 -54.30 14.61 34.98
C LYS W 124 -54.27 15.21 33.59
N SER W 125 -54.62 14.45 32.56
CA SER W 125 -54.76 15.01 31.23
C SER W 125 -56.18 15.47 30.95
N ALA W 126 -57.18 14.80 31.50
CA ALA W 126 -58.56 15.24 31.33
C ALA W 126 -58.87 16.47 32.15
N GLU W 127 -58.04 16.80 33.14
CA GLU W 127 -58.22 18.05 33.86
C GLU W 127 -57.68 19.21 33.06
N ASP W 128 -56.59 19.00 32.34
CA ASP W 128 -56.01 20.08 31.55
C ASP W 128 -56.84 20.39 30.31
N GLN W 129 -57.56 19.40 29.77
CA GLN W 129 -58.55 19.72 28.73
C GLN W 129 -59.70 20.52 29.32
N LEU W 130 -60.10 20.18 30.52
CA LEU W 130 -61.27 20.80 31.12
C LEU W 130 -61.01 22.23 31.53
N TYR W 131 -59.77 22.55 31.89
CA TYR W 131 -59.41 23.93 32.14
C TYR W 131 -59.21 24.72 30.87
N ALA W 132 -58.82 24.06 29.79
CA ALA W 132 -58.52 24.76 28.56
C ALA W 132 -59.75 25.05 27.71
N ILE W 133 -60.85 24.36 27.96
CA ILE W 133 -62.09 24.61 27.22
C ILE W 133 -63.13 25.31 28.06
N THR W 134 -62.88 25.52 29.34
CA THR W 134 -63.78 26.33 30.16
C THR W 134 -63.30 27.78 30.17
N PHE W 135 -62.09 27.99 30.65
CA PHE W 135 -61.40 29.24 30.45
C PHE W 135 -60.52 29.06 29.21
N ARG W 136 -60.01 30.15 28.69
CA ARG W 136 -59.27 29.89 27.45
C ARG W 136 -57.88 30.47 27.41
N LYS W 137 -57.66 31.67 27.94
CA LYS W 137 -56.35 32.30 27.88
C LYS W 137 -55.68 32.35 29.25
N GLY W 138 -56.31 33.00 30.22
CA GLY W 138 -55.90 32.84 31.61
C GLY W 138 -56.62 31.63 32.15
N LEU W 139 -55.94 30.90 33.04
CA LEU W 139 -56.38 29.64 33.64
C LEU W 139 -56.66 28.57 32.60
N GLY W 140 -56.06 28.66 31.43
CA GLY W 140 -56.35 27.70 30.39
C GLY W 140 -55.07 27.30 29.72
N ASN W 141 -53.99 27.97 30.12
CA ASN W 141 -52.67 27.59 29.66
C ASN W 141 -52.34 26.21 30.21
N PRO W 142 -51.51 25.45 29.50
CA PRO W 142 -51.09 24.15 30.04
C PRO W 142 -50.18 24.35 31.24
N LEU W 143 -50.29 23.42 32.18
CA LEU W 143 -49.49 23.52 33.39
C LEU W 143 -48.04 23.18 33.14
N LEU W 144 -47.77 22.28 32.19
CA LEU W 144 -46.44 21.72 31.99
C LEU W 144 -45.95 21.97 30.57
N TYR W 145 -44.66 22.25 30.44
CA TYR W 145 -44.04 22.47 29.15
C TYR W 145 -43.93 21.17 28.39
N ASP W 146 -44.48 21.12 27.19
CA ASP W 146 -44.45 19.92 26.37
C ASP W 146 -43.78 20.12 25.02
N GLY W 147 -43.46 21.34 24.62
CA GLY W 147 -42.68 21.57 23.44
C GLY W 147 -43.44 22.02 22.22
N VAL W 148 -44.76 22.14 22.29
CA VAL W 148 -45.52 22.58 21.13
C VAL W 148 -45.38 24.07 20.89
N GLU W 149 -44.84 24.81 21.85
CA GLU W 149 -44.51 26.22 21.69
C GLU W 149 -43.09 26.40 22.19
N ARG W 150 -42.19 26.77 21.28
CA ARG W 150 -40.77 26.77 21.60
C ARG W 150 -40.42 27.92 22.52
N VAL W 151 -39.81 27.59 23.65
CA VAL W 151 -39.42 28.57 24.65
C VAL W 151 -37.90 28.62 24.71
N SER W 152 -37.33 29.79 24.50
CA SER W 152 -35.89 29.96 24.54
C SER W 152 -35.49 30.40 25.94
N LEU W 153 -34.21 30.69 26.13
CA LEU W 153 -33.75 31.17 27.41
C LEU W 153 -34.10 32.63 27.64
N GLN W 154 -34.36 33.38 26.58
CA GLN W 154 -34.70 34.78 26.77
C GLN W 154 -36.15 34.95 27.23
N ASP W 155 -37.02 34.02 26.88
CA ASP W 155 -38.40 34.09 27.38
C ASP W 155 -38.45 33.85 28.88
N ILE W 156 -37.65 32.91 29.36
CA ILE W 156 -37.59 32.63 30.79
C ILE W 156 -36.95 33.78 31.54
N LYS W 157 -35.97 34.44 30.94
CA LYS W 157 -35.39 35.62 31.58
C LYS W 157 -36.33 36.82 31.53
N ASP W 158 -37.27 36.84 30.59
CA ASP W 158 -38.27 37.91 30.55
C ASP W 158 -39.53 37.57 31.31
N PHE W 159 -39.80 36.28 31.51
CA PHE W 159 -40.88 35.92 32.44
C PHE W 159 -40.47 36.18 33.88
N ALA W 160 -39.21 35.90 34.22
CA ALA W 160 -38.75 36.08 35.58
C ALA W 160 -38.64 37.55 35.97
N ASP W 161 -38.43 38.45 35.02
CA ASP W 161 -38.49 39.86 35.34
C ASP W 161 -39.91 40.32 35.55
N LYS W 162 -40.87 39.65 34.92
CA LYS W 162 -42.26 40.04 35.02
C LYS W 162 -42.87 39.56 36.33
N VAL W 163 -42.55 38.35 36.75
CA VAL W 163 -43.16 37.72 37.91
C VAL W 163 -42.45 38.11 39.19
N TYR W 164 -41.14 37.91 39.27
CA TYR W 164 -40.40 38.08 40.50
C TYR W 164 -40.24 39.55 40.86
N THR W 165 -41.32 40.19 41.25
CA THR W 165 -41.31 41.60 41.56
C THR W 165 -41.86 41.82 42.97
N LYS W 166 -41.47 42.94 43.57
CA LYS W 166 -41.74 43.20 44.98
C LYS W 166 -43.20 43.45 45.27
N GLU W 167 -44.02 43.73 44.28
CA GLU W 167 -45.46 43.87 44.48
C GLU W 167 -46.21 42.60 44.15
N ASN W 168 -45.50 41.54 43.79
CA ASN W 168 -46.13 40.33 43.31
C ASN W 168 -46.02 39.16 44.26
N LEU W 169 -45.27 39.28 45.34
CA LEU W 169 -44.94 38.14 46.17
C LEU W 169 -45.42 38.32 47.59
N GLU W 170 -45.75 37.20 48.22
CA GLU W 170 -46.15 37.13 49.60
C GLU W 170 -45.18 36.20 50.33
N VAL W 171 -44.68 36.63 51.48
CA VAL W 171 -43.71 35.86 52.24
C VAL W 171 -44.43 35.35 53.48
N SER W 172 -44.68 34.05 53.53
CA SER W 172 -45.38 33.43 54.63
C SER W 172 -44.47 32.41 55.29
N GLY W 173 -44.38 32.47 56.61
CA GLY W 173 -43.53 31.55 57.34
C GLY W 173 -44.23 30.86 58.48
N GLU W 174 -44.31 29.54 58.42
CA GLU W 174 -44.86 28.75 59.51
C GLU W 174 -43.78 28.55 60.56
N ASN W 175 -44.14 28.76 61.83
CA ASN W 175 -43.26 28.58 62.99
C ASN W 175 -42.05 29.49 62.94
N VAL W 176 -42.25 30.72 62.47
CA VAL W 176 -41.20 31.73 62.44
C VAL W 176 -41.65 32.89 63.31
N VAL W 177 -40.74 33.46 64.08
CA VAL W 177 -41.04 34.70 64.78
C VAL W 177 -41.24 35.79 63.74
N GLU W 178 -42.41 36.42 63.76
CA GLU W 178 -42.74 37.36 62.70
C GLU W 178 -41.97 38.67 62.84
N ALA W 179 -41.62 39.05 64.07
CA ALA W 179 -40.83 40.26 64.24
C ALA W 179 -39.38 40.09 63.83
N ASP W 180 -38.94 38.87 63.58
CA ASP W 180 -37.62 38.59 63.06
C ASP W 180 -37.64 38.11 61.62
N LEU W 181 -38.80 37.73 61.09
CA LEU W 181 -38.89 37.52 59.65
C LEU W 181 -38.91 38.85 58.91
N LYS W 182 -39.51 39.88 59.50
CA LYS W 182 -39.51 41.20 58.89
C LYS W 182 -38.12 41.81 58.89
N ARG W 183 -37.40 41.70 60.01
CA ARG W 183 -36.07 42.30 60.09
C ARG W 183 -35.04 41.54 59.27
N PHE W 184 -35.30 40.29 58.92
CA PHE W 184 -34.39 39.54 58.08
C PHE W 184 -34.79 39.56 56.61
N VAL W 185 -36.01 39.99 56.29
CA VAL W 185 -36.38 40.24 54.90
C VAL W 185 -35.93 41.61 54.45
N ASP W 186 -36.08 42.62 55.31
CA ASP W 186 -35.68 43.98 54.97
C ASP W 186 -34.18 44.11 54.81
N GLU W 187 -33.40 43.26 55.46
CA GLU W 187 -31.95 43.27 55.32
C GLU W 187 -31.45 42.25 54.32
N SER W 188 -32.28 41.88 53.35
CA SER W 188 -31.89 40.92 52.32
C SER W 188 -32.00 41.56 50.96
N LEU W 189 -31.81 40.75 49.93
CA LEU W 189 -32.03 41.18 48.56
C LEU W 189 -33.49 41.06 48.13
N LEU W 190 -34.37 40.73 49.06
CA LEU W 190 -35.80 40.77 48.81
C LEU W 190 -36.37 42.16 48.97
N SER W 191 -35.55 43.12 49.38
CA SER W 191 -35.98 44.50 49.49
C SER W 191 -35.54 45.36 48.32
N THR W 192 -34.59 44.91 47.51
CA THR W 192 -34.13 45.65 46.34
C THR W 192 -34.56 44.98 45.05
N LEU W 193 -35.65 44.24 45.08
CA LEU W 193 -36.25 43.74 43.86
C LEU W 193 -36.91 44.91 43.13
N PRO W 194 -37.12 44.78 41.80
CA PRO W 194 -37.90 45.80 41.09
C PRO W 194 -39.34 45.80 41.55
N ALA W 195 -39.79 46.92 42.09
CA ALA W 195 -41.16 47.00 42.57
C ALA W 195 -42.12 47.10 41.39
N GLY W 196 -42.58 45.96 40.89
CA GLY W 196 -43.43 45.96 39.73
C GLY W 196 -44.87 46.28 40.05
N LYS W 197 -45.80 45.54 39.47
CA LYS W 197 -47.22 45.69 39.78
C LYS W 197 -47.81 44.33 40.05
N SER W 198 -48.89 44.33 40.81
CA SER W 198 -49.53 43.09 41.23
C SER W 198 -50.27 42.45 40.06
N LEU W 199 -49.84 41.27 39.66
CA LEU W 199 -50.36 40.67 38.43
C LEU W 199 -51.76 40.12 38.55
N VAL W 200 -52.30 39.94 39.75
CA VAL W 200 -53.61 39.32 39.89
C VAL W 200 -54.69 40.32 39.48
N SER W 201 -55.58 39.87 38.60
CA SER W 201 -56.67 40.70 38.13
C SER W 201 -57.83 40.63 39.11
N LYS W 202 -58.45 41.78 39.38
CA LYS W 202 -59.53 41.82 40.35
C LYS W 202 -60.85 41.36 39.74
N SER W 203 -61.02 41.50 38.43
CA SER W 203 -62.25 41.10 37.78
C SER W 203 -62.33 39.59 37.66
N GLU W 204 -63.54 39.11 37.44
CA GLU W 204 -63.76 37.69 37.29
C GLU W 204 -63.34 37.22 35.90
N PRO W 205 -62.92 35.96 35.76
CA PRO W 205 -62.57 35.46 34.43
C PRO W 205 -63.82 35.23 33.60
N LYS W 206 -63.61 35.18 32.30
CA LYS W 206 -64.67 34.92 31.34
C LYS W 206 -64.64 33.44 31.00
N PHE W 207 -65.70 32.72 31.34
CA PHE W 207 -65.76 31.29 31.11
C PHE W 207 -66.65 30.99 29.92
N PHE W 208 -66.66 29.73 29.53
CA PHE W 208 -67.48 29.28 28.41
C PHE W 208 -68.13 27.96 28.78
N LEU W 209 -69.44 27.89 28.64
CA LEU W 209 -70.20 26.73 29.08
C LEU W 209 -70.71 25.94 27.89
N GLY W 210 -71.01 24.67 28.14
CA GLY W 210 -71.52 23.79 27.12
C GLY W 210 -70.49 23.27 26.15
N GLU W 211 -69.21 23.57 26.36
CA GLU W 211 -68.19 23.12 25.43
C GLU W 211 -67.89 21.65 25.64
N GLU W 212 -67.04 21.11 24.78
CA GLU W 212 -66.74 19.69 24.81
C GLU W 212 -65.40 19.46 24.13
N ASN W 213 -64.72 18.40 24.53
CA ASN W 213 -63.46 18.03 23.91
C ASN W 213 -63.27 16.54 24.09
N ARG W 214 -62.50 15.93 23.19
CA ARG W 214 -62.35 14.49 23.16
C ARG W 214 -60.93 14.13 22.76
N VAL W 215 -60.27 13.32 23.57
CA VAL W 215 -58.88 12.95 23.38
C VAL W 215 -58.80 11.44 23.29
N ARG W 216 -58.11 10.92 22.28
CA ARG W 216 -57.84 9.49 22.23
C ARG W 216 -56.69 9.15 23.16
N PHE W 217 -56.75 7.96 23.74
CA PHE W 217 -55.77 7.55 24.74
C PHE W 217 -55.76 6.05 24.85
N ILE W 218 -54.60 5.49 25.13
CA ILE W 218 -54.41 4.06 25.30
C ILE W 218 -54.40 3.77 26.79
N GLY W 219 -55.43 3.07 27.27
CA GLY W 219 -55.45 2.68 28.67
C GLY W 219 -56.76 2.96 29.38
N ASP W 220 -56.68 3.68 30.49
CA ASP W 220 -57.84 3.91 31.33
C ASP W 220 -58.69 5.05 30.78
N SER W 221 -59.99 4.85 30.71
CA SER W 221 -60.89 5.90 30.29
C SER W 221 -61.26 6.78 31.45
N VAL W 222 -61.55 8.04 31.16
CA VAL W 222 -61.92 9.02 32.17
C VAL W 222 -62.84 10.05 31.51
N ALA W 223 -63.96 10.36 32.16
CA ALA W 223 -64.99 11.22 31.59
C ALA W 223 -65.35 12.31 32.58
N ALA W 224 -64.61 13.40 32.54
CA ALA W 224 -64.83 14.48 33.49
C ALA W 224 -66.02 15.32 33.08
N ILE W 225 -66.59 16.03 34.06
CA ILE W 225 -67.42 17.20 33.80
C ILE W 225 -66.82 18.34 34.62
N GLY W 226 -67.18 19.56 34.26
CA GLY W 226 -66.58 20.70 34.93
C GLY W 226 -67.43 21.94 34.87
N ILE W 227 -67.66 22.58 36.01
CA ILE W 227 -68.57 23.71 36.13
C ILE W 227 -67.80 24.88 36.70
N PRO W 228 -67.73 26.01 36.02
CA PRO W 228 -67.14 27.21 36.64
C PRO W 228 -68.11 27.84 37.62
N VAL W 229 -67.54 28.40 38.69
CA VAL W 229 -68.31 28.97 39.79
C VAL W 229 -68.02 30.46 39.87
N ASN W 230 -68.83 31.15 40.65
CA ASN W 230 -68.64 32.58 40.91
C ASN W 230 -67.76 32.75 42.14
N LYS W 231 -67.74 33.95 42.71
CA LYS W 231 -67.15 34.12 44.03
C LYS W 231 -68.15 33.83 45.13
N ALA W 232 -69.40 34.24 44.93
CA ALA W 232 -70.42 34.05 45.96
C ALA W 232 -71.02 32.66 45.93
N SER W 233 -70.92 31.95 44.83
CA SER W 233 -71.39 30.57 44.72
C SER W 233 -70.26 29.58 44.93
N LEU W 234 -69.30 29.92 45.77
CA LEU W 234 -68.12 29.09 45.98
C LEU W 234 -68.32 28.08 47.09
N ALA W 235 -69.17 28.38 48.07
CA ALA W 235 -69.39 27.45 49.16
C ALA W 235 -70.34 26.33 48.77
N GLN W 236 -71.30 26.60 47.89
CA GLN W 236 -72.28 25.59 47.49
C GLN W 236 -71.62 24.48 46.69
N TYR W 237 -70.69 24.83 45.82
CA TYR W 237 -69.92 23.83 45.11
C TYR W 237 -68.81 23.24 45.96
N GLU W 238 -68.52 23.85 47.12
CA GLU W 238 -67.52 23.27 48.01
C GLU W 238 -68.10 22.08 48.78
N VAL W 239 -69.30 22.24 49.33
CA VAL W 239 -69.93 21.13 50.04
C VAL W 239 -70.45 20.07 49.09
N LEU W 240 -70.54 20.38 47.80
CA LEU W 240 -70.90 19.36 46.84
C LEU W 240 -69.74 18.42 46.59
N ALA W 241 -68.52 18.97 46.54
CA ALA W 241 -67.35 18.13 46.30
C ALA W 241 -67.05 17.22 47.48
N ASN W 242 -67.48 17.59 48.68
CA ASN W 242 -67.38 16.70 49.82
C ASN W 242 -68.58 15.80 49.97
N TYR W 243 -69.70 16.13 49.32
CA TYR W 243 -70.87 15.27 49.38
C TYR W 243 -70.65 14.03 48.53
N LEU W 244 -70.11 14.20 47.33
CA LEU W 244 -70.05 13.08 46.40
C LEU W 244 -68.93 12.10 46.72
N THR W 245 -67.93 12.52 47.48
CA THR W 245 -66.87 11.61 47.87
C THR W 245 -67.04 11.03 49.26
N SER W 246 -67.95 11.56 50.06
CA SER W 246 -68.22 11.00 51.37
C SER W 246 -69.08 9.75 51.22
N ALA W 247 -69.41 9.14 52.34
CA ALA W 247 -70.29 7.98 52.32
C ALA W 247 -71.77 8.35 52.32
N LEU W 248 -72.08 9.65 52.25
CA LEU W 248 -73.48 10.06 52.27
C LEU W 248 -74.14 9.81 50.92
N SER W 249 -73.48 10.20 49.84
CA SER W 249 -74.04 10.03 48.50
C SER W 249 -73.99 8.58 48.08
N GLU W 250 -75.08 8.10 47.52
CA GLU W 250 -75.15 6.73 47.01
C GLU W 250 -74.39 6.54 45.72
N LEU W 251 -73.96 7.63 45.08
CA LEU W 251 -73.14 7.58 43.88
C LEU W 251 -71.67 7.81 44.17
N SER W 252 -71.26 7.55 45.41
CA SER W 252 -69.86 7.78 45.79
C SER W 252 -68.95 6.69 45.26
N GLY W 253 -69.46 5.47 45.12
CA GLY W 253 -68.67 4.41 44.52
C GLY W 253 -68.61 4.48 43.02
N LEU W 254 -69.34 5.40 42.42
CA LEU W 254 -69.40 5.57 40.98
C LEU W 254 -68.35 6.55 40.48
N ILE W 255 -68.17 7.67 41.17
CA ILE W 255 -67.18 8.67 40.78
C ILE W 255 -65.81 8.20 41.24
N SER W 256 -64.76 8.85 40.73
CA SER W 256 -63.41 8.55 41.17
C SER W 256 -62.80 9.66 42.01
N SER W 257 -62.99 10.91 41.61
CA SER W 257 -62.41 12.04 42.33
C SER W 257 -63.20 13.28 41.95
N ALA W 258 -63.76 13.96 42.95
CA ALA W 258 -64.55 15.16 42.72
C ALA W 258 -64.05 16.25 43.64
N LYS W 259 -63.41 17.27 43.07
CA LYS W 259 -62.78 18.30 43.86
C LYS W 259 -63.15 19.67 43.31
N LEU W 260 -63.01 20.69 44.15
CA LEU W 260 -63.23 22.06 43.76
C LEU W 260 -61.94 22.83 43.95
N ASP W 261 -61.44 23.44 42.89
CA ASP W 261 -60.29 24.32 42.99
C ASP W 261 -60.77 25.72 43.33
N LYS W 262 -59.97 26.44 44.10
CA LYS W 262 -60.39 27.73 44.66
C LYS W 262 -59.34 28.77 44.38
N PHE W 263 -59.58 29.60 43.37
CA PHE W 263 -58.76 30.77 43.13
C PHE W 263 -59.38 31.97 43.82
N THR W 264 -58.73 33.11 43.71
CA THR W 264 -59.17 34.29 44.44
C THR W 264 -60.37 34.98 43.81
N ASP W 265 -60.83 34.50 42.66
CA ASP W 265 -61.97 35.12 41.98
C ASP W 265 -62.97 34.13 41.40
N GLY W 266 -62.69 32.84 41.41
CA GLY W 266 -63.58 31.88 40.82
C GLY W 266 -63.24 30.47 41.24
N GLY W 267 -63.32 29.53 40.31
CA GLY W 267 -62.98 28.16 40.62
C GLY W 267 -63.72 27.21 39.71
N LEU W 268 -63.20 25.99 39.60
CA LEU W 268 -63.71 25.02 38.65
C LEU W 268 -63.96 23.71 39.37
N PHE W 269 -65.22 23.39 39.63
CA PHE W 269 -65.57 22.12 40.23
C PHE W 269 -65.47 21.02 39.17
N THR W 270 -64.62 20.04 39.40
CA THR W 270 -64.46 18.93 38.47
C THR W 270 -65.04 17.66 39.06
N LEU W 271 -65.21 16.65 38.21
CA LEU W 271 -65.85 15.39 38.63
C LEU W 271 -65.39 14.30 37.68
N PHE W 272 -64.41 13.50 38.10
CA PHE W 272 -63.81 12.51 37.22
C PHE W 272 -64.39 11.13 37.51
N VAL W 273 -64.71 10.42 36.45
CA VAL W 273 -65.17 9.04 36.53
C VAL W 273 -64.17 8.20 35.74
N ARG W 274 -63.30 7.50 36.44
CA ARG W 274 -62.19 6.80 35.80
C ARG W 274 -62.35 5.31 35.99
N ASP W 275 -62.29 4.57 34.89
CA ASP W 275 -62.25 3.12 34.96
C ASP W 275 -61.57 2.59 33.71
N GLN W 276 -61.11 1.34 33.79
CA GLN W 276 -60.41 0.76 32.66
C GLN W 276 -61.34 0.23 31.59
N ASP W 277 -62.65 0.19 31.86
CA ASP W 277 -63.62 -0.34 30.92
C ASP W 277 -64.52 0.79 30.46
N SER W 278 -64.69 0.92 29.14
CA SER W 278 -65.49 2.00 28.59
C SER W 278 -66.98 1.80 28.81
N ALA W 279 -67.42 0.57 29.03
CA ALA W 279 -68.83 0.35 29.33
C ALA W 279 -69.17 0.74 30.76
N VAL W 280 -68.20 0.69 31.67
CA VAL W 280 -68.45 1.08 33.04
C VAL W 280 -68.46 2.60 33.16
N VAL W 281 -67.56 3.28 32.44
CA VAL W 281 -67.49 4.74 32.48
C VAL W 281 -68.75 5.34 31.86
N SER W 282 -69.19 4.80 30.73
CA SER W 282 -70.36 5.35 30.05
C SER W 282 -71.65 5.07 30.81
N SER W 283 -71.67 4.02 31.61
CA SER W 283 -72.86 3.73 32.41
C SER W 283 -72.83 4.41 33.76
N ASN W 284 -71.69 4.95 34.19
CA ASN W 284 -71.63 5.68 35.43
C ASN W 284 -71.86 7.17 35.22
N ILE W 285 -71.18 7.76 34.23
CA ILE W 285 -71.32 9.19 33.96
C ILE W 285 -72.70 9.53 33.42
N LYS W 286 -73.43 8.54 32.88
CA LYS W 286 -74.83 8.79 32.58
C LYS W 286 -75.65 8.84 33.86
N LYS W 287 -75.21 8.18 34.92
CA LYS W 287 -75.98 8.17 36.15
C LYS W 287 -75.61 9.29 37.09
N ILE W 288 -74.37 9.81 37.02
CA ILE W 288 -74.01 10.96 37.84
C ILE W 288 -74.72 12.20 37.34
N VAL W 289 -74.70 12.41 36.03
CA VAL W 289 -75.24 13.63 35.46
C VAL W 289 -76.75 13.64 35.53
N ALA W 290 -77.39 12.51 35.22
CA ALA W 290 -78.85 12.46 35.26
C ALA W 290 -79.41 12.45 36.67
N ASP W 291 -78.57 12.38 37.71
CA ASP W 291 -79.01 12.54 39.08
C ASP W 291 -78.76 13.94 39.60
N LEU W 292 -77.63 14.55 39.23
CA LEU W 292 -77.39 15.94 39.61
C LEU W 292 -78.33 16.90 38.88
N LYS W 293 -78.81 16.51 37.70
CA LYS W 293 -79.84 17.30 37.04
C LYS W 293 -81.18 17.11 37.71
N LYS W 294 -81.38 16.03 38.45
CA LYS W 294 -82.61 15.85 39.20
C LYS W 294 -82.63 16.69 40.46
N GLY W 295 -81.47 16.92 41.07
CA GLY W 295 -81.39 17.73 42.26
C GLY W 295 -80.85 16.98 43.45
N LYS W 296 -80.00 17.64 44.24
CA LYS W 296 -79.43 17.02 45.44
C LYS W 296 -79.64 17.94 46.62
N ASP W 297 -79.74 17.33 47.79
CA ASP W 297 -79.92 18.06 49.05
C ASP W 297 -78.60 18.00 49.81
N LEU W 298 -77.97 19.17 49.99
CA LEU W 298 -76.64 19.25 50.57
C LEU W 298 -76.67 19.60 52.04
N SER W 299 -77.83 19.64 52.66
CA SER W 299 -77.93 19.93 54.09
C SER W 299 -77.37 18.85 55.03
N PRO W 300 -77.36 17.54 54.72
CA PRO W 300 -76.62 16.63 55.61
C PRO W 300 -75.13 16.83 55.63
N ALA W 301 -74.50 17.15 54.50
CA ALA W 301 -73.05 17.14 54.40
C ALA W 301 -72.43 18.47 54.71
N ILE W 302 -72.99 19.23 55.63
CA ILE W 302 -72.45 20.56 55.92
C ILE W 302 -71.55 20.51 57.15
N ASN W 303 -71.82 19.59 58.07
CA ASN W 303 -70.93 19.45 59.21
C ASN W 303 -69.68 18.66 58.83
N TYR W 304 -69.82 17.73 57.89
CA TYR W 304 -68.69 16.95 57.44
C TYR W 304 -67.70 17.78 56.66
N THR W 305 -68.17 18.83 56.01
CA THR W 305 -67.30 19.63 55.18
C THR W 305 -66.74 20.84 55.90
N LYS W 306 -67.23 21.16 57.09
CA LYS W 306 -66.49 22.11 57.91
C LYS W 306 -65.24 21.45 58.45
N LEU W 307 -65.28 20.15 58.69
CA LEU W 307 -64.10 19.42 59.12
C LEU W 307 -63.13 19.21 57.98
N LYS W 308 -63.62 18.73 56.83
CA LYS W 308 -62.76 18.42 55.71
C LYS W 308 -62.14 19.66 55.09
N ASN W 309 -62.73 20.82 55.31
CA ASN W 309 -62.09 22.06 54.88
C ASN W 309 -61.07 22.54 55.89
N ALA W 310 -61.28 22.25 57.18
CA ALA W 310 -60.33 22.69 58.18
C ALA W 310 -59.04 21.90 58.16
N VAL W 311 -59.06 20.68 57.62
CA VAL W 311 -57.80 19.93 57.47
C VAL W 311 -57.03 20.37 56.24
N GLN W 312 -57.63 21.14 55.35
CA GLN W 312 -56.91 21.68 54.21
C GLN W 312 -56.34 23.06 54.46
N ASN W 313 -56.93 23.81 55.38
CA ASN W 313 -56.43 25.12 55.75
C ASN W 313 -55.50 25.07 56.95
N GLU W 314 -54.74 23.99 57.11
CA GLU W 314 -53.84 23.87 58.24
C GLU W 314 -52.65 24.82 58.11
N SER W 315 -51.98 24.80 56.98
CA SER W 315 -50.97 25.79 56.67
C SER W 315 -51.21 26.37 55.30
N VAL W 316 -52.17 27.30 55.21
CA VAL W 316 -52.43 28.19 54.07
C VAL W 316 -52.87 29.49 54.72
N SER W 317 -52.56 30.63 54.10
CA SER W 317 -53.28 31.87 54.39
C SER W 317 -54.52 31.87 53.51
N SER W 318 -55.50 31.08 53.93
CA SER W 318 -56.52 30.59 53.01
C SER W 318 -57.73 31.53 52.96
N PRO W 319 -58.38 31.62 51.79
CA PRO W 319 -59.65 32.35 51.72
C PRO W 319 -60.76 31.57 52.40
N ILE W 320 -61.37 32.17 53.41
CA ILE W 320 -62.39 31.51 54.22
C ILE W 320 -63.75 31.86 53.62
N GLU W 321 -64.67 30.89 53.67
CA GLU W 321 -66.06 31.14 53.33
C GLU W 321 -66.93 30.72 54.51
N LEU W 322 -67.69 31.66 55.04
CA LEU W 322 -68.63 31.41 56.12
C LEU W 322 -70.04 31.22 55.57
N ASN W 323 -70.13 30.95 54.28
CA ASN W 323 -71.41 30.71 53.63
C ASN W 323 -71.84 29.26 53.78
N PHE W 324 -71.14 28.49 54.62
CA PHE W 324 -71.52 27.10 54.88
C PHE W 324 -72.88 27.01 55.54
N ASP W 325 -73.22 27.99 56.38
CA ASP W 325 -74.48 27.94 57.12
C ASP W 325 -75.72 28.08 56.23
N ALA W 326 -75.56 28.57 55.01
CA ALA W 326 -76.71 28.90 54.17
C ALA W 326 -76.77 28.13 52.87
N VAL W 327 -76.04 27.03 52.71
CA VAL W 327 -76.15 26.22 51.52
C VAL W 327 -77.17 25.12 51.76
N LYS W 328 -78.14 25.01 50.87
CA LYS W 328 -79.23 24.08 51.06
C LYS W 328 -79.41 23.11 49.90
N ASP W 329 -79.46 23.61 48.68
CA ASP W 329 -79.92 22.82 47.56
C ASP W 329 -78.96 22.96 46.39
N PHE W 330 -79.09 22.05 45.44
CA PHE W 330 -78.25 22.07 44.26
C PHE W 330 -78.95 21.40 43.10
N LYS W 331 -78.83 21.99 41.92
CA LYS W 331 -79.37 21.42 40.70
C LYS W 331 -78.42 21.77 39.58
N LEU W 332 -78.03 20.77 38.78
CA LEU W 332 -76.96 20.95 37.81
C LEU W 332 -77.45 21.73 36.61
N GLY W 333 -76.76 22.82 36.29
CA GLY W 333 -77.14 23.62 35.14
C GLY W 333 -76.42 23.17 33.88
N LYS W 334 -75.62 24.06 33.31
CA LYS W 334 -74.75 23.67 32.21
C LYS W 334 -73.39 23.29 32.74
N PHE W 335 -72.64 22.57 31.91
CA PHE W 335 -71.33 22.08 32.32
C PHE W 335 -70.49 21.85 31.08
N ASN W 336 -69.18 21.72 31.29
CA ASN W 336 -68.26 21.37 30.22
C ASN W 336 -67.76 19.96 30.46
N TYR W 337 -67.67 19.17 29.39
CA TYR W 337 -67.46 17.74 29.50
C TYR W 337 -66.31 17.35 28.59
N VAL W 338 -65.31 16.66 29.13
CA VAL W 338 -64.24 16.11 28.32
C VAL W 338 -64.31 14.60 28.38
N ALA W 339 -63.52 13.94 27.54
CA ALA W 339 -63.55 12.49 27.46
C ALA W 339 -62.22 12.02 26.93
N VAL W 340 -61.52 11.22 27.72
CA VAL W 340 -60.17 10.76 27.40
C VAL W 340 -60.17 9.25 27.51
N GLY W 341 -59.70 8.57 26.46
CA GLY W 341 -59.59 7.14 26.54
C GLY W 341 -60.11 6.47 25.29
N ASP W 342 -60.82 5.35 25.44
CA ASP W 342 -61.51 4.72 24.32
C ASP W 342 -62.69 5.61 23.99
N VAL W 343 -62.41 6.65 23.19
CA VAL W 343 -63.34 7.77 23.06
C VAL W 343 -64.47 7.47 22.11
N SER W 344 -64.43 6.34 21.41
CA SER W 344 -65.50 5.95 20.53
C SER W 344 -66.60 5.19 21.23
N ASN W 345 -66.47 4.94 22.53
CA ASN W 345 -67.53 4.32 23.32
C ASN W 345 -68.03 5.22 24.44
N LEU W 346 -67.25 6.19 24.87
CA LEU W 346 -67.69 7.15 25.86
C LEU W 346 -68.77 8.04 25.26
N PRO W 347 -69.75 8.45 26.05
CA PRO W 347 -70.89 9.17 25.49
C PRO W 347 -70.55 10.61 25.17
N TYR W 348 -71.37 11.21 24.30
CA TYR W 348 -71.21 12.58 23.89
C TYR W 348 -72.06 13.49 24.77
N LEU W 349 -71.84 14.79 24.63
CA LEU W 349 -72.49 15.75 25.50
C LEU W 349 -73.99 15.85 25.26
N ASP W 350 -74.45 15.49 24.06
CA ASP W 350 -75.87 15.60 23.76
C ASP W 350 -76.69 14.56 24.51
N GLU W 351 -76.14 13.36 24.67
CA GLU W 351 -76.83 12.27 25.33
C GLU W 351 -76.53 12.19 26.81
N LEU W 352 -76.12 13.30 27.42
CA LEU W 352 -76.04 13.42 28.87
C LEU W 352 -77.12 14.38 29.35
N MET X 1 -18.70 2.07 36.59
CA MET X 1 -18.80 0.63 36.76
C MET X 1 -17.64 0.11 37.57
N ALA X 2 -17.63 -1.20 37.83
CA ALA X 2 -16.60 -1.81 38.63
C ALA X 2 -15.27 -1.80 37.88
N PHE X 3 -14.18 -1.85 38.64
CA PHE X 3 -12.87 -1.83 38.01
C PHE X 3 -12.57 -3.14 37.31
N ARG X 4 -13.20 -4.23 37.73
CA ARG X 4 -12.95 -5.50 37.07
C ARG X 4 -13.62 -5.57 35.71
N LYS X 5 -14.55 -4.68 35.42
CA LYS X 5 -15.13 -4.57 34.09
C LYS X 5 -14.64 -3.36 33.31
N SER X 6 -14.02 -2.40 33.98
CA SER X 6 -13.59 -1.18 33.31
C SER X 6 -12.15 -1.23 32.81
N ASN X 7 -11.31 -2.09 33.38
CA ASN X 7 -9.95 -2.18 32.90
C ASN X 7 -9.91 -2.97 31.60
N VAL X 8 -8.85 -2.74 30.83
CA VAL X 8 -8.77 -3.37 29.52
C VAL X 8 -8.36 -4.83 29.65
N TYR X 9 -7.53 -5.16 30.64
CA TYR X 9 -7.05 -6.52 30.84
C TYR X 9 -7.93 -7.30 31.79
N LEU X 10 -8.40 -6.65 32.85
CA LEU X 10 -9.25 -7.31 33.83
C LEU X 10 -10.62 -7.63 33.27
N SER X 11 -11.07 -6.97 32.21
CA SER X 11 -12.33 -7.34 31.59
C SER X 11 -12.23 -8.66 30.85
N LEU X 12 -11.04 -9.10 30.50
CA LEU X 12 -10.88 -10.44 29.97
C LEU X 12 -10.82 -11.47 31.08
N VAL X 13 -10.26 -11.10 32.22
CA VAL X 13 -10.28 -12.00 33.37
C VAL X 13 -11.69 -12.10 33.93
N ASN X 14 -12.41 -10.98 33.97
CA ASN X 14 -13.77 -10.97 34.49
C ASN X 14 -14.72 -11.78 33.64
N SER X 15 -14.65 -11.63 32.33
CA SER X 15 -15.60 -12.30 31.47
C SER X 15 -15.27 -13.76 31.23
N TYR X 16 -14.17 -14.26 31.76
CA TYR X 16 -13.77 -15.64 31.52
C TYR X 16 -13.74 -16.47 32.78
N ILE X 17 -13.15 -15.97 33.85
CA ILE X 17 -13.00 -16.77 35.07
C ILE X 17 -13.75 -16.18 36.26
N ILE X 18 -14.34 -15.00 36.11
CA ILE X 18 -15.09 -14.44 37.23
C ILE X 18 -16.57 -14.29 37.07
N ASP X 19 -17.04 -13.74 35.97
CA ASP X 19 -18.46 -13.53 35.75
C ASP X 19 -19.00 -14.35 34.59
N SER X 20 -18.28 -15.37 34.15
CA SER X 20 -18.73 -16.16 33.03
C SER X 20 -19.92 -17.02 33.43
N PRO X 21 -21.08 -16.86 32.82
CA PRO X 21 -22.27 -17.56 33.30
C PRO X 21 -22.26 -19.03 32.92
N GLN X 22 -21.99 -19.82 33.82
CA GLN X 22 -22.00 -21.25 33.59
C GLN X 22 -23.36 -21.82 33.94
N PRO X 23 -23.80 -22.88 33.26
CA PRO X 23 -25.08 -23.50 33.61
C PRO X 23 -24.99 -24.14 34.97
N SER X 24 -26.10 -24.16 35.68
CA SER X 24 -26.01 -24.58 37.07
C SER X 24 -25.93 -26.08 37.21
N SER X 25 -26.30 -26.84 36.20
CA SER X 25 -26.45 -28.28 36.37
C SER X 25 -25.31 -29.07 35.80
N ILE X 26 -24.16 -28.47 35.58
CA ILE X 26 -23.04 -29.20 35.01
C ILE X 26 -22.35 -29.99 36.11
N ASN X 27 -22.01 -31.25 35.83
CA ASN X 27 -21.49 -32.14 36.84
C ASN X 27 -19.96 -32.05 36.85
N TYR X 28 -19.31 -33.03 37.47
CA TYR X 28 -17.86 -32.96 37.66
C TYR X 28 -17.07 -33.23 36.39
N TRP X 29 -17.70 -33.72 35.33
CA TRP X 29 -16.98 -33.92 34.09
C TRP X 29 -16.61 -32.63 33.41
N TRP X 30 -17.19 -31.51 33.80
CA TRP X 30 -16.81 -30.21 33.27
C TRP X 30 -15.58 -29.64 33.96
N ASN X 31 -15.01 -30.35 34.91
CA ASN X 31 -13.78 -29.92 35.54
C ASN X 31 -12.54 -30.34 34.78
N MET X 32 -12.68 -31.15 33.74
CA MET X 32 -11.53 -31.58 32.96
C MET X 32 -10.93 -30.45 32.14
N GLY X 33 -11.68 -29.39 31.90
CA GLY X 33 -11.12 -28.25 31.21
C GLY X 33 -10.14 -27.49 32.07
N SER X 34 -10.42 -27.37 33.36
CA SER X 34 -9.49 -26.68 34.24
C SER X 34 -8.33 -27.57 34.62
N LEU X 35 -8.51 -28.88 34.57
CA LEU X 35 -7.39 -29.78 34.85
C LEU X 35 -6.36 -29.73 33.74
N LEU X 36 -6.80 -29.67 32.48
CA LEU X 36 -5.87 -29.58 31.36
C LEU X 36 -5.14 -28.25 31.35
N GLY X 37 -5.77 -27.19 31.86
CA GLY X 37 -5.07 -25.94 31.99
C GLY X 37 -4.02 -25.99 33.07
N LEU X 38 -4.28 -26.73 34.14
CA LEU X 38 -3.26 -26.94 35.16
C LEU X 38 -2.19 -27.88 34.66
N CYS X 39 -2.58 -28.94 33.97
CA CYS X 39 -1.64 -29.94 33.50
C CYS X 39 -0.82 -29.44 32.32
N LEU X 40 -1.20 -28.33 31.69
CA LEU X 40 -0.32 -27.74 30.68
C LEU X 40 0.76 -26.90 31.32
N VAL X 41 0.43 -26.22 32.42
CA VAL X 41 1.42 -25.38 33.11
C VAL X 41 2.47 -26.24 33.79
N ILE X 42 2.10 -27.44 34.25
CA ILE X 42 3.07 -28.34 34.84
C ILE X 42 4.04 -28.87 33.79
N GLN X 43 3.56 -29.11 32.57
CA GLN X 43 4.47 -29.52 31.52
C GLN X 43 5.30 -28.38 30.97
N ILE X 44 5.03 -27.13 31.35
CA ILE X 44 5.85 -26.03 30.90
C ILE X 44 6.77 -25.52 31.99
N VAL X 45 6.27 -25.36 33.22
CA VAL X 45 7.10 -24.88 34.30
C VAL X 45 8.16 -25.91 34.68
N THR X 46 7.80 -27.19 34.66
CA THR X 46 8.81 -28.23 34.82
C THR X 46 9.44 -28.63 33.50
N GLY X 47 9.34 -27.80 32.47
CA GLY X 47 10.08 -28.03 31.26
C GLY X 47 11.19 -27.04 31.14
N ILE X 48 10.92 -25.79 31.51
CA ILE X 48 11.97 -24.78 31.52
C ILE X 48 13.00 -25.09 32.58
N PHE X 49 12.55 -25.51 33.76
CA PHE X 49 13.48 -25.83 34.83
C PHE X 49 14.19 -27.16 34.61
N MET X 50 13.79 -27.92 33.62
CA MET X 50 14.49 -29.13 33.23
C MET X 50 15.31 -28.96 31.97
N ALA X 51 15.04 -27.93 31.18
CA ALA X 51 15.86 -27.63 30.01
C ALA X 51 17.01 -26.70 30.32
N MET X 52 17.19 -26.31 31.57
CA MET X 52 18.41 -25.65 31.97
C MET X 52 19.52 -26.63 32.32
N HIS X 53 19.26 -27.93 32.19
CA HIS X 53 20.24 -28.95 32.51
C HIS X 53 20.33 -30.00 31.41
N TYR X 54 19.68 -29.78 30.29
CA TYR X 54 19.58 -30.79 29.24
C TYR X 54 20.44 -30.37 28.06
N SER X 55 21.41 -31.21 27.72
CA SER X 55 22.22 -31.05 26.52
C SER X 55 21.67 -31.95 25.44
N SER X 56 21.51 -31.42 24.24
CA SER X 56 20.69 -32.05 23.22
C SER X 56 21.47 -32.84 22.18
N ASN X 57 22.80 -32.93 22.30
CA ASN X 57 23.56 -33.76 21.36
C ASN X 57 23.26 -35.23 21.59
N ILE X 58 23.55 -36.05 20.58
CA ILE X 58 23.18 -37.46 20.68
C ILE X 58 24.11 -38.22 21.62
N GLU X 59 25.31 -37.70 21.87
CA GLU X 59 26.19 -38.35 22.83
C GLU X 59 25.89 -37.93 24.25
N LEU X 60 25.23 -36.79 24.43
CA LEU X 60 24.96 -36.22 25.75
C LEU X 60 23.47 -36.09 25.99
N ALA X 61 22.63 -36.78 25.22
CA ALA X 61 21.20 -36.72 25.47
C ALA X 61 20.84 -37.55 26.69
N PHE X 62 21.10 -38.85 26.61
CA PHE X 62 20.74 -39.76 27.69
C PHE X 62 21.62 -39.55 28.92
N SER X 63 22.84 -39.10 28.75
CA SER X 63 23.70 -38.88 29.89
C SER X 63 23.34 -37.62 30.66
N SER X 64 22.58 -36.71 30.05
CA SER X 64 22.17 -35.51 30.75
C SER X 64 20.84 -35.68 31.46
N VAL X 65 20.01 -36.62 31.01
CA VAL X 65 18.83 -37.00 31.77
C VAL X 65 19.23 -37.65 33.08
N GLU X 66 20.25 -38.51 33.04
CA GLU X 66 20.80 -39.05 34.27
C GLU X 66 21.54 -38.00 35.07
N HIS X 67 22.01 -36.94 34.44
CA HIS X 67 22.56 -35.83 35.20
C HIS X 67 21.46 -35.08 35.93
N ILE X 68 20.26 -35.04 35.37
CA ILE X 68 19.13 -34.42 36.06
C ILE X 68 18.73 -35.25 37.26
N MET X 69 18.60 -36.56 37.07
CA MET X 69 18.07 -37.40 38.14
C MET X 69 19.07 -37.74 39.23
N ARG X 70 20.32 -37.33 39.11
CA ARG X 70 21.28 -37.73 40.12
C ARG X 70 22.00 -36.53 40.71
N ASP X 71 22.19 -35.49 39.90
CA ASP X 71 23.01 -34.37 40.33
C ASP X 71 22.23 -33.11 40.66
N VAL X 72 21.17 -32.82 39.94
CA VAL X 72 20.43 -31.58 40.19
C VAL X 72 19.57 -31.76 41.42
N HIS X 73 19.52 -30.72 42.26
CA HIS X 73 18.69 -30.74 43.46
C HIS X 73 17.22 -30.84 43.08
N ASN X 74 16.55 -31.87 43.62
CA ASN X 74 15.18 -32.23 43.28
C ASN X 74 15.01 -32.47 41.79
N GLY X 75 16.02 -33.10 41.18
CA GLY X 75 15.88 -33.49 39.79
C GLY X 75 14.97 -34.68 39.62
N TYR X 76 14.91 -35.56 40.62
CA TYR X 76 13.99 -36.68 40.57
C TYR X 76 12.56 -36.22 40.67
N ILE X 77 12.32 -35.08 41.31
CA ILE X 77 10.99 -34.49 41.33
C ILE X 77 10.65 -33.91 39.98
N LEU X 78 11.60 -33.20 39.37
CA LEU X 78 11.34 -32.48 38.14
C LEU X 78 11.12 -33.41 36.96
N ARG X 79 11.88 -34.49 36.88
CA ARG X 79 11.71 -35.37 35.74
C ARG X 79 10.45 -36.22 35.89
N TYR X 80 10.22 -36.75 37.09
CA TYR X 80 9.06 -37.63 37.27
C TYR X 80 7.76 -36.85 37.25
N LEU X 81 7.80 -35.56 37.57
CA LEU X 81 6.63 -34.71 37.31
C LEU X 81 6.42 -34.50 35.83
N HIS X 82 7.47 -34.62 35.03
CA HIS X 82 7.35 -34.36 33.61
C HIS X 82 7.01 -35.61 32.82
N ALA X 83 7.45 -36.77 33.26
CA ALA X 83 7.14 -38.00 32.56
C ALA X 83 5.81 -38.58 32.98
N ASN X 84 5.39 -38.38 34.23
CA ASN X 84 4.09 -38.82 34.68
C ASN X 84 3.05 -37.73 34.57
N GLY X 85 3.44 -36.48 34.60
CA GLY X 85 2.50 -35.43 34.29
C GLY X 85 2.19 -35.28 32.84
N ALA X 86 2.87 -36.02 31.97
CA ALA X 86 2.50 -36.10 30.57
C ALA X 86 1.63 -37.31 30.26
N SER X 87 1.74 -38.37 31.06
CA SER X 87 0.74 -39.43 30.98
C SER X 87 -0.57 -38.98 31.57
N PHE X 88 -0.52 -38.07 32.52
CA PHE X 88 -1.76 -37.53 33.06
C PHE X 88 -2.33 -36.42 32.20
N PHE X 89 -1.55 -35.90 31.25
CA PHE X 89 -2.12 -35.03 30.25
C PHE X 89 -3.05 -35.80 29.34
N PHE X 90 -2.62 -36.98 28.91
CA PHE X 90 -3.39 -37.76 27.96
C PHE X 90 -4.45 -38.61 28.62
N MET X 91 -4.57 -38.59 29.93
CA MET X 91 -5.68 -39.26 30.58
C MET X 91 -6.80 -38.31 30.94
N VAL X 92 -6.48 -37.06 31.25
CA VAL X 92 -7.52 -36.05 31.36
C VAL X 92 -8.05 -35.68 29.99
N MET X 93 -7.17 -35.62 28.99
CA MET X 93 -7.60 -35.29 27.63
C MET X 93 -8.42 -36.41 27.01
N PHE X 94 -8.18 -37.65 27.39
CA PHE X 94 -9.04 -38.71 26.91
C PHE X 94 -10.37 -38.76 27.61
N MET X 95 -10.46 -38.18 28.80
CA MET X 95 -11.74 -38.05 29.49
C MET X 95 -12.37 -36.70 29.22
N HIS X 96 -11.76 -35.88 28.38
CA HIS X 96 -12.33 -34.63 27.93
C HIS X 96 -12.93 -34.73 26.54
N MET X 97 -12.39 -35.59 25.70
CA MET X 97 -13.01 -35.89 24.44
C MET X 97 -14.02 -37.00 24.54
N ALA X 98 -14.12 -37.68 25.67
CA ALA X 98 -15.19 -38.63 25.87
C ALA X 98 -16.39 -38.01 26.55
N LYS X 99 -16.17 -36.95 27.34
CA LYS X 99 -17.28 -36.11 27.75
C LYS X 99 -17.88 -35.39 26.55
N GLY X 100 -17.06 -34.99 25.59
CA GLY X 100 -17.56 -34.31 24.41
C GLY X 100 -18.38 -35.21 23.51
N LEU X 101 -17.95 -36.46 23.35
CA LEU X 101 -18.74 -37.41 22.57
C LEU X 101 -20.04 -37.76 23.27
N TYR X 102 -20.01 -37.86 24.59
CA TYR X 102 -21.15 -38.38 25.31
C TYR X 102 -22.24 -37.33 25.43
N TYR X 103 -21.88 -36.14 25.86
CA TYR X 103 -22.86 -35.10 26.14
C TYR X 103 -23.18 -34.27 24.93
N GLY X 104 -22.79 -34.70 23.74
CA GLY X 104 -23.18 -34.04 22.50
C GLY X 104 -22.61 -32.66 22.32
N SER X 105 -21.43 -32.39 22.88
CA SER X 105 -20.87 -31.06 22.80
C SER X 105 -20.20 -30.76 21.48
N TYR X 106 -20.27 -31.65 20.50
CA TYR X 106 -19.75 -31.41 19.17
C TYR X 106 -20.77 -30.80 18.23
N ARG X 107 -22.06 -30.89 18.56
CA ARG X 107 -23.11 -30.47 17.65
C ARG X 107 -23.15 -28.95 17.54
N SER X 108 -23.99 -28.48 16.63
CA SER X 108 -24.11 -27.06 16.40
C SER X 108 -24.76 -26.38 17.61
N PRO X 109 -24.34 -25.17 17.97
CA PRO X 109 -23.42 -24.25 17.29
C PRO X 109 -21.96 -24.39 17.67
N ARG X 110 -21.56 -25.50 18.26
CA ARG X 110 -20.20 -25.64 18.78
C ARG X 110 -19.32 -26.51 17.90
N VAL X 111 -19.48 -26.41 16.57
CA VAL X 111 -18.62 -27.20 15.71
C VAL X 111 -17.26 -26.54 15.59
N THR X 112 -17.20 -25.21 15.64
CA THR X 112 -15.90 -24.55 15.63
C THR X 112 -15.17 -24.65 16.94
N LEU X 113 -15.75 -25.28 17.96
CA LEU X 113 -15.08 -25.63 19.19
C LEU X 113 -14.51 -27.03 19.14
N TRP X 114 -15.24 -27.94 18.49
CA TRP X 114 -14.75 -29.29 18.31
C TRP X 114 -13.57 -29.32 17.36
N ASN X 115 -13.55 -28.45 16.35
CA ASN X 115 -12.49 -28.49 15.35
C ASN X 115 -11.18 -27.97 15.91
N VAL X 116 -11.23 -26.96 16.77
CA VAL X 116 -10.01 -26.53 17.46
C VAL X 116 -9.67 -27.52 18.56
N GLY X 117 -10.60 -28.37 18.97
CA GLY X 117 -10.26 -29.45 19.85
C GLY X 117 -9.36 -30.48 19.20
N VAL X 118 -9.70 -30.89 17.98
CA VAL X 118 -8.90 -31.88 17.27
C VAL X 118 -7.56 -31.32 16.83
N ILE X 119 -7.44 -30.00 16.68
CA ILE X 119 -6.15 -29.40 16.37
C ILE X 119 -5.23 -29.42 17.58
N ILE X 120 -5.77 -29.14 18.77
CA ILE X 120 -4.97 -29.21 19.99
C ILE X 120 -4.61 -30.65 20.32
N PHE X 121 -5.49 -31.59 19.99
CA PHE X 121 -5.19 -33.00 20.21
C PHE X 121 -4.09 -33.49 19.29
N ILE X 122 -3.93 -32.88 18.12
CA ILE X 122 -2.87 -33.28 17.21
C ILE X 122 -1.54 -32.73 17.69
N LEU X 123 -1.50 -31.46 18.07
CA LEU X 123 -0.26 -30.84 18.52
C LEU X 123 0.22 -31.35 19.87
N THR X 124 -0.57 -32.14 20.59
CA THR X 124 -0.14 -32.75 21.83
C THR X 124 0.35 -34.18 21.64
N ILE X 125 -0.22 -34.90 20.67
CA ILE X 125 0.38 -36.15 20.23
C ILE X 125 1.75 -35.88 19.62
N ALA X 126 1.87 -34.80 18.86
CA ALA X 126 3.15 -34.42 18.29
C ALA X 126 4.16 -34.03 19.37
N THR X 127 3.72 -33.32 20.40
CA THR X 127 4.66 -32.87 21.42
C THR X 127 5.12 -34.00 22.32
N ALA X 128 4.22 -34.91 22.67
CA ALA X 128 4.59 -36.03 23.51
C ALA X 128 5.45 -37.04 22.77
N PHE X 129 5.44 -37.01 21.44
CA PHE X 129 6.32 -37.86 20.65
C PHE X 129 7.69 -37.24 20.47
N LEU X 130 7.76 -35.92 20.28
CA LEU X 130 9.05 -35.26 20.17
C LEU X 130 9.78 -35.28 21.50
N GLY X 131 9.05 -35.09 22.60
CA GLY X 131 9.71 -35.07 23.89
C GLY X 131 10.14 -36.44 24.35
N TYR X 132 9.44 -37.47 23.92
CA TYR X 132 9.88 -38.83 24.22
C TYR X 132 11.16 -39.14 23.48
N CYS X 133 11.33 -38.56 22.29
CA CYS X 133 12.51 -38.78 21.48
C CYS X 133 13.71 -37.97 21.96
N CYS X 134 13.53 -37.06 22.89
CA CYS X 134 14.64 -36.29 23.42
C CYS X 134 15.40 -37.02 24.52
N VAL X 135 14.88 -38.12 25.05
CA VAL X 135 15.60 -38.84 26.09
C VAL X 135 16.62 -39.79 25.49
N TYR X 136 16.42 -40.21 24.24
CA TYR X 136 17.30 -41.11 23.49
C TYR X 136 17.61 -42.39 24.24
N GLY X 137 16.56 -43.09 24.64
CA GLY X 137 16.67 -44.46 25.09
C GLY X 137 16.44 -45.42 23.94
N GLN X 138 16.47 -46.69 24.28
CA GLN X 138 16.31 -47.73 23.26
C GLN X 138 14.89 -47.79 22.73
N MET X 139 13.89 -47.36 23.50
CA MET X 139 12.54 -47.19 22.97
C MET X 139 12.34 -45.83 22.35
N SER X 140 13.20 -44.87 22.65
CA SER X 140 13.08 -43.53 22.13
C SER X 140 13.80 -43.33 20.81
N HIS X 141 14.94 -44.00 20.63
CA HIS X 141 15.58 -44.01 19.33
C HIS X 141 14.76 -44.83 18.35
N TRP X 142 14.52 -46.09 18.69
CA TRP X 142 13.81 -47.00 17.79
C TRP X 142 12.34 -46.67 17.64
N GLY X 143 11.79 -45.82 18.50
CA GLY X 143 10.47 -45.29 18.22
C GLY X 143 10.50 -44.22 17.14
N ALA X 144 11.56 -43.41 17.13
CA ALA X 144 11.69 -42.38 16.10
C ALA X 144 11.98 -42.97 14.73
N THR X 145 12.56 -44.16 14.70
CA THR X 145 12.83 -44.80 13.41
C THR X 145 11.54 -45.27 12.76
N VAL X 146 10.72 -46.02 13.50
CA VAL X 146 9.53 -46.65 12.91
C VAL X 146 8.47 -45.60 12.58
N ILE X 147 8.38 -44.53 13.35
CA ILE X 147 7.42 -43.49 13.04
C ILE X 147 7.85 -42.69 11.83
N THR X 148 9.09 -42.21 11.79
CA THR X 148 9.50 -41.39 10.67
C THR X 148 9.90 -42.20 9.44
N ASN X 149 9.94 -43.52 9.52
CA ASN X 149 10.05 -44.29 8.28
C ASN X 149 8.71 -44.47 7.60
N LEU X 150 7.61 -44.08 8.24
CA LEU X 150 6.31 -44.19 7.62
C LEU X 150 6.11 -43.16 6.54
N PHE X 151 6.83 -42.05 6.59
CA PHE X 151 6.70 -41.02 5.57
C PHE X 151 7.44 -41.36 4.29
N SER X 152 8.13 -42.49 4.24
CA SER X 152 8.73 -42.98 3.01
C SER X 152 7.76 -43.82 2.20
N ALA X 153 6.47 -43.71 2.47
CA ALA X 153 5.44 -44.35 1.68
C ALA X 153 4.59 -43.36 0.91
N ILE X 154 4.77 -42.06 1.14
CA ILE X 154 4.14 -41.03 0.33
C ILE X 154 4.64 -41.16 -1.11
N PRO X 155 3.76 -41.21 -2.11
CA PRO X 155 4.20 -41.55 -3.47
C PRO X 155 5.02 -40.43 -4.09
N PHE X 156 6.21 -40.81 -4.57
CA PHE X 156 7.15 -40.01 -5.36
C PHE X 156 7.79 -38.86 -4.61
N VAL X 157 7.38 -38.59 -3.36
CA VAL X 157 7.99 -37.54 -2.55
C VAL X 157 8.36 -38.21 -1.24
N GLY X 158 8.53 -39.53 -1.27
CA GLY X 158 8.70 -40.29 -0.04
C GLY X 158 10.03 -40.08 0.64
N ASN X 159 11.10 -40.47 -0.03
CA ASN X 159 12.42 -40.51 0.59
C ASN X 159 13.02 -39.13 0.80
N ASP X 160 12.43 -38.08 0.24
CA ASP X 160 12.99 -36.75 0.38
C ASP X 160 12.40 -35.97 1.53
N ILE X 161 11.31 -36.43 2.12
CA ILE X 161 10.81 -35.84 3.36
C ILE X 161 11.43 -36.52 4.57
N VAL X 162 11.57 -37.85 4.48
CA VAL X 162 12.21 -38.63 5.53
C VAL X 162 13.66 -38.18 5.71
N SER X 163 14.39 -38.07 4.61
CA SER X 163 15.76 -37.57 4.68
C SER X 163 15.84 -36.07 4.89
N TRP X 164 14.71 -35.38 4.95
CA TRP X 164 14.67 -34.00 5.42
C TRP X 164 14.35 -33.91 6.90
N LEU X 165 13.50 -34.80 7.40
CA LEU X 165 13.22 -34.86 8.83
C LEU X 165 14.45 -35.28 9.60
N TRP X 166 15.13 -36.34 9.13
CA TRP X 166 16.27 -36.88 9.84
C TRP X 166 17.45 -35.93 9.82
N GLY X 167 17.57 -35.11 8.78
CA GLY X 167 18.76 -34.32 8.61
C GLY X 167 19.97 -35.16 8.29
N GLY X 168 19.77 -36.25 7.57
CA GLY X 168 20.85 -37.17 7.27
C GLY X 168 20.32 -38.46 6.71
N PHE X 169 20.83 -39.59 7.19
CA PHE X 169 20.46 -40.89 6.67
C PHE X 169 19.83 -41.81 7.68
N SER X 170 19.96 -41.53 8.97
CA SER X 170 19.25 -42.24 10.01
C SER X 170 19.07 -41.28 11.17
N VAL X 171 18.46 -41.77 12.25
CA VAL X 171 18.18 -40.94 13.41
C VAL X 171 19.50 -40.63 14.10
N SER X 172 19.95 -39.40 13.96
CA SER X 172 21.30 -39.08 14.38
C SER X 172 21.34 -37.77 15.15
N ASN X 173 22.53 -37.25 15.38
CA ASN X 173 22.69 -35.95 16.02
C ASN X 173 21.97 -34.78 15.34
N PRO X 174 21.79 -34.72 14.01
CA PRO X 174 20.89 -33.69 13.48
C PRO X 174 19.44 -33.89 13.83
N THR X 175 19.02 -35.09 14.20
CA THR X 175 17.61 -35.33 14.47
C THR X 175 17.22 -35.01 15.90
N ILE X 176 17.99 -35.50 16.88
CA ILE X 176 17.67 -35.24 18.27
C ILE X 176 17.86 -33.77 18.61
N GLN X 177 18.78 -33.10 17.93
CA GLN X 177 18.96 -31.67 18.15
C GLN X 177 17.81 -30.87 17.57
N ARG X 178 17.18 -31.35 16.50
CA ARG X 178 16.00 -30.66 16.01
C ARG X 178 14.71 -31.18 16.62
N PHE X 179 14.72 -32.38 17.20
CA PHE X 179 13.56 -32.81 17.96
C PHE X 179 13.52 -32.21 19.36
N PHE X 180 14.56 -31.49 19.77
CA PHE X 180 14.42 -30.76 21.01
C PHE X 180 13.96 -29.33 20.76
N ALA X 181 14.54 -28.66 19.77
CA ALA X 181 14.14 -27.29 19.50
C ALA X 181 12.75 -27.19 18.90
N LEU X 182 12.25 -28.28 18.32
CA LEU X 182 10.84 -28.33 17.94
C LEU X 182 9.96 -28.64 19.14
N HIS X 183 10.44 -29.47 20.05
CA HIS X 183 9.61 -29.86 21.18
C HIS X 183 9.51 -28.77 22.22
N TYR X 184 10.52 -27.94 22.35
CA TYR X 184 10.41 -26.71 23.12
C TYR X 184 9.36 -25.76 22.55
N LEU X 185 9.14 -25.77 21.23
CA LEU X 185 8.30 -24.76 20.59
C LEU X 185 6.81 -25.04 20.75
N VAL X 186 6.36 -26.21 20.30
CA VAL X 186 4.94 -26.58 20.15
C VAL X 186 4.07 -26.35 21.39
N PRO X 187 4.55 -26.49 22.64
CA PRO X 187 3.72 -26.03 23.76
C PRO X 187 3.52 -24.53 23.85
N PHE X 188 4.18 -23.72 23.02
CA PHE X 188 3.78 -22.34 22.87
C PHE X 188 2.94 -22.13 21.63
N ILE X 189 2.60 -23.21 20.93
CA ILE X 189 1.54 -23.20 19.95
C ILE X 189 0.25 -23.74 20.55
N ILE X 190 0.37 -24.76 21.42
CA ILE X 190 -0.78 -25.25 22.17
C ILE X 190 -1.31 -24.18 23.10
N ALA X 191 -0.42 -23.46 23.78
CA ALA X 191 -0.85 -22.41 24.68
C ALA X 191 -1.39 -21.18 23.96
N ALA X 192 -1.22 -21.09 22.64
CA ALA X 192 -1.89 -20.08 21.85
C ALA X 192 -3.02 -20.66 21.02
N MET X 193 -3.20 -21.97 21.04
CA MET X 193 -4.39 -22.59 20.48
C MET X 193 -5.45 -22.82 21.53
N VAL X 194 -5.07 -22.86 22.80
CA VAL X 194 -6.06 -22.92 23.87
C VAL X 194 -6.76 -21.58 24.00
N ILE X 195 -6.04 -20.48 23.77
CA ILE X 195 -6.70 -19.17 23.73
C ILE X 195 -7.61 -19.08 22.52
N MET X 196 -7.27 -19.75 21.43
CA MET X 196 -8.21 -19.88 20.33
C MET X 196 -9.27 -20.95 20.58
N HIS X 197 -9.19 -21.64 21.70
CA HIS X 197 -10.18 -22.64 22.09
C HIS X 197 -11.13 -22.14 23.15
N LEU X 198 -10.71 -21.20 23.98
CA LEU X 198 -11.64 -20.56 24.88
C LEU X 198 -12.44 -19.47 24.20
N MET X 199 -11.98 -18.97 23.06
CA MET X 199 -12.72 -17.93 22.37
C MET X 199 -13.92 -18.52 21.65
N ALA X 200 -13.77 -19.72 21.09
CA ALA X 200 -14.88 -20.37 20.41
C ALA X 200 -15.89 -20.93 21.39
N LEU X 201 -15.49 -21.11 22.64
CA LEU X 201 -16.41 -21.58 23.67
C LEU X 201 -17.23 -20.43 24.24
N HIS X 202 -16.60 -19.27 24.41
CA HIS X 202 -17.21 -18.16 25.11
C HIS X 202 -18.33 -17.49 24.32
N ILE X 203 -18.46 -17.76 23.03
CA ILE X 203 -19.53 -17.09 22.30
C ILE X 203 -20.85 -17.80 22.51
N HIS X 204 -20.84 -19.09 22.83
CA HIS X 204 -22.07 -19.82 23.04
C HIS X 204 -22.17 -20.45 24.41
N GLY X 205 -21.13 -20.38 25.23
CA GLY X 205 -21.18 -20.93 26.55
C GLY X 205 -21.04 -22.44 26.57
N SER X 206 -20.85 -22.96 27.77
CA SER X 206 -20.74 -24.40 27.93
C SER X 206 -22.09 -25.06 27.72
N SER X 207 -22.06 -26.33 27.34
CA SER X 207 -23.27 -27.12 27.31
C SER X 207 -23.54 -27.62 28.73
N ASN X 208 -24.53 -28.49 28.88
CA ASN X 208 -24.89 -28.99 30.20
C ASN X 208 -25.47 -30.38 29.99
N PRO X 209 -25.38 -31.27 31.00
CA PRO X 209 -25.65 -32.69 30.74
C PRO X 209 -27.08 -33.05 30.44
N LEU X 210 -28.01 -32.12 30.35
CA LEU X 210 -29.35 -32.47 29.91
C LEU X 210 -29.54 -32.26 28.43
N GLY X 211 -28.75 -31.39 27.82
CA GLY X 211 -28.94 -31.11 26.41
C GLY X 211 -30.05 -30.15 26.12
N ILE X 212 -30.50 -29.39 27.11
CA ILE X 212 -31.52 -28.37 26.92
C ILE X 212 -30.82 -27.05 27.09
N THR X 213 -31.52 -25.94 26.89
CA THR X 213 -30.88 -24.64 27.02
C THR X 213 -30.53 -24.34 28.46
N GLY X 214 -29.38 -23.69 28.64
CA GLY X 214 -28.95 -23.25 29.94
C GLY X 214 -29.09 -21.78 30.17
N ASN X 215 -29.76 -21.05 29.29
CA ASN X 215 -29.92 -19.61 29.43
C ASN X 215 -30.87 -19.21 30.54
N LEU X 216 -31.63 -20.15 31.08
CA LEU X 216 -32.60 -19.83 32.11
C LEU X 216 -31.93 -19.71 33.47
N ASP X 217 -31.30 -20.79 33.92
CA ASP X 217 -30.67 -20.84 35.24
C ASP X 217 -29.15 -20.85 35.08
N ARG X 218 -28.56 -19.66 35.10
CA ARG X 218 -27.12 -19.50 35.08
C ARG X 218 -26.64 -19.05 36.44
N ILE X 219 -25.42 -19.46 36.79
CA ILE X 219 -24.76 -18.98 37.99
C ILE X 219 -23.37 -18.54 37.57
N PRO X 220 -22.74 -17.58 38.25
CA PRO X 220 -21.42 -17.10 37.79
C PRO X 220 -20.34 -18.13 38.03
N MET X 221 -19.16 -17.82 37.51
CA MET X 221 -18.03 -18.72 37.71
C MET X 221 -17.44 -18.54 39.08
N HIS X 222 -17.24 -17.30 39.51
CA HIS X 222 -16.47 -17.03 40.71
C HIS X 222 -17.28 -17.41 41.94
N SER X 223 -16.58 -18.01 42.90
CA SER X 223 -17.08 -18.50 44.18
C SER X 223 -18.10 -19.62 44.04
N TYR X 224 -18.33 -20.14 42.84
CA TYR X 224 -19.17 -21.32 42.66
C TYR X 224 -18.45 -22.42 41.92
N PHE X 225 -17.83 -22.11 40.78
CA PHE X 225 -17.07 -23.07 40.02
C PHE X 225 -15.57 -22.87 40.14
N ILE X 226 -15.14 -21.81 40.80
CA ILE X 226 -13.76 -21.76 41.26
C ILE X 226 -13.53 -22.84 42.30
N PHE X 227 -14.40 -22.90 43.30
CA PHE X 227 -14.25 -23.86 44.37
C PHE X 227 -14.77 -25.24 44.03
N LYS X 228 -15.44 -25.41 42.89
CA LYS X 228 -15.70 -26.74 42.38
C LYS X 228 -14.55 -27.25 41.53
N ASP X 229 -13.85 -26.36 40.84
CA ASP X 229 -12.63 -26.74 40.16
C ASP X 229 -11.46 -26.94 41.11
N LEU X 230 -11.57 -26.44 42.34
CA LEU X 230 -10.53 -26.66 43.33
C LEU X 230 -10.65 -27.99 44.03
N VAL X 231 -11.76 -28.72 43.84
CA VAL X 231 -11.85 -30.07 44.36
C VAL X 231 -11.05 -31.02 43.51
N THR X 232 -11.12 -30.88 42.19
CA THR X 232 -10.40 -31.77 41.30
C THR X 232 -8.99 -31.30 40.99
N VAL X 233 -8.62 -30.07 41.32
CA VAL X 233 -7.21 -29.72 41.30
C VAL X 233 -6.49 -30.48 42.40
N PHE X 234 -7.03 -30.47 43.61
CA PHE X 234 -6.42 -31.16 44.71
C PHE X 234 -6.61 -32.67 44.66
N LEU X 235 -7.44 -33.16 43.76
CA LEU X 235 -7.47 -34.60 43.52
C LEU X 235 -6.46 -34.99 42.45
N PHE X 236 -6.32 -34.15 41.44
CA PHE X 236 -5.32 -34.40 40.40
C PHE X 236 -3.91 -34.28 40.96
N MET X 237 -3.69 -33.37 41.89
CA MET X 237 -2.40 -33.29 42.54
C MET X 237 -2.20 -34.38 43.58
N LEU X 238 -3.19 -35.23 43.82
CA LEU X 238 -3.03 -36.35 44.73
C LEU X 238 -2.76 -37.65 44.01
N ILE X 239 -3.44 -37.90 42.90
CA ILE X 239 -3.11 -39.09 42.12
C ILE X 239 -1.86 -38.87 41.29
N LEU X 240 -1.42 -37.62 41.11
CA LEU X 240 -0.09 -37.40 40.57
C LEU X 240 0.96 -37.71 41.63
N ALA X 241 0.72 -37.31 42.87
CA ALA X 241 1.72 -37.48 43.92
C ALA X 241 1.84 -38.90 44.41
N LEU X 242 1.07 -39.84 43.90
CA LEU X 242 1.38 -41.25 44.09
C LEU X 242 2.22 -41.77 42.95
N PHE X 243 2.04 -41.23 41.75
CA PHE X 243 2.77 -41.69 40.58
C PHE X 243 4.06 -40.92 40.35
N VAL X 244 4.42 -40.01 41.23
CA VAL X 244 5.71 -39.35 41.19
C VAL X 244 6.60 -39.81 42.33
N PHE X 245 6.04 -39.93 43.53
CA PHE X 245 6.84 -40.27 44.70
C PHE X 245 6.83 -41.76 45.00
N TYR X 246 5.69 -42.43 44.86
CA TYR X 246 5.57 -43.79 45.36
C TYR X 246 5.67 -44.85 44.28
N SER X 247 5.36 -44.53 43.04
CA SER X 247 5.54 -45.50 41.97
C SER X 247 5.78 -44.79 40.66
N PRO X 248 6.98 -44.29 40.43
CA PRO X 248 7.17 -43.35 39.33
C PRO X 248 7.38 -43.98 37.97
N ASN X 249 7.94 -45.19 37.92
CA ASN X 249 8.25 -45.84 36.65
C ASN X 249 7.22 -46.91 36.28
N THR X 250 5.97 -46.71 36.66
CA THR X 250 4.95 -47.70 36.34
C THR X 250 4.40 -47.48 34.95
N LEU X 251 4.21 -46.23 34.55
CA LEU X 251 3.63 -45.93 33.26
C LEU X 251 4.67 -46.01 32.14
N GLY X 252 5.93 -45.75 32.45
CA GLY X 252 6.97 -45.79 31.45
C GLY X 252 7.37 -47.20 31.07
N HIS X 253 8.29 -47.28 30.13
CA HIS X 253 8.80 -48.55 29.65
C HIS X 253 10.17 -48.81 30.21
N PRO X 254 10.51 -50.06 30.53
CA PRO X 254 11.83 -50.33 31.11
C PRO X 254 12.96 -50.15 30.12
N ASP X 255 12.73 -50.38 28.83
CA ASP X 255 13.80 -50.30 27.83
C ASP X 255 14.32 -48.90 27.63
N ASN X 256 13.60 -47.89 28.06
CA ASN X 256 14.02 -46.52 27.87
C ASN X 256 15.17 -46.11 28.77
N TYR X 257 15.60 -46.96 29.69
CA TYR X 257 16.80 -46.71 30.47
C TYR X 257 18.03 -47.37 29.88
N ILE X 258 17.87 -48.19 28.85
CA ILE X 258 18.99 -48.61 28.02
C ILE X 258 19.34 -47.46 27.08
N PRO X 259 20.60 -47.06 26.96
CA PRO X 259 20.95 -45.94 26.09
C PRO X 259 20.71 -46.28 24.63
N GLY X 260 20.53 -45.23 23.83
CA GLY X 260 20.10 -45.41 22.46
C GLY X 260 21.20 -46.00 21.62
N ASN X 261 21.00 -47.22 21.12
CA ASN X 261 22.01 -47.92 20.35
C ASN X 261 21.39 -48.32 19.02
N PRO X 262 21.84 -47.77 17.90
CA PRO X 262 21.20 -48.03 16.61
C PRO X 262 21.55 -49.37 15.97
N LEU X 263 22.28 -50.25 16.64
CA LEU X 263 22.71 -51.50 16.05
C LEU X 263 22.06 -52.73 16.65
N VAL X 264 21.12 -52.57 17.57
CA VAL X 264 20.41 -53.69 18.16
C VAL X 264 18.93 -53.37 18.23
N THR X 265 18.10 -54.25 17.69
CA THR X 265 16.69 -54.00 17.84
C THR X 265 16.20 -54.60 19.16
N PRO X 266 15.32 -53.91 19.88
CA PRO X 266 14.74 -54.50 21.08
C PRO X 266 13.73 -55.57 20.72
N ALA X 267 13.22 -56.24 21.75
CA ALA X 267 12.33 -57.37 21.53
C ALA X 267 10.97 -56.89 21.03
N SER X 268 10.31 -56.02 21.78
CA SER X 268 9.03 -55.45 21.41
C SER X 268 9.20 -53.95 21.32
N ILE X 269 8.97 -53.40 20.13
CA ILE X 269 9.30 -52.03 19.82
C ILE X 269 8.00 -51.21 19.81
N VAL X 270 7.71 -50.55 20.92
CA VAL X 270 6.36 -50.10 21.25
C VAL X 270 6.41 -48.69 21.84
N PRO X 271 5.65 -47.73 21.31
CA PRO X 271 5.61 -46.40 21.90
C PRO X 271 4.76 -46.42 23.17
N GLU X 272 4.86 -45.33 23.93
CA GLU X 272 4.25 -45.18 25.27
C GLU X 272 2.78 -45.31 25.19
N TRP X 273 2.18 -45.68 26.30
CA TRP X 273 0.81 -46.12 26.23
C TRP X 273 -0.22 -45.32 25.55
N TYR X 274 -0.16 -44.03 25.65
CA TYR X 274 -1.29 -43.30 25.09
C TYR X 274 -1.31 -43.31 23.58
N LEU X 275 -0.16 -43.45 22.94
CA LEU X 275 -0.14 -43.58 21.48
C LEU X 275 -0.36 -45.00 21.03
N LEU X 276 -0.71 -45.90 21.92
CA LEU X 276 -0.96 -47.29 21.56
C LEU X 276 -2.22 -47.52 20.71
N PRO X 277 -3.39 -46.91 20.97
CA PRO X 277 -4.52 -47.19 20.08
C PRO X 277 -4.41 -46.56 18.70
N PHE X 278 -3.51 -45.60 18.52
CA PHE X 278 -3.16 -45.13 17.20
C PHE X 278 -1.99 -45.91 16.62
N TYR X 279 -1.56 -46.96 17.30
CA TYR X 279 -0.53 -47.84 16.79
C TYR X 279 -1.06 -49.20 16.42
N ALA X 280 -2.18 -49.62 16.99
CA ALA X 280 -2.84 -50.83 16.51
C ALA X 280 -3.75 -50.57 15.33
N ILE X 281 -3.96 -49.30 14.98
CA ILE X 281 -4.66 -48.96 13.77
C ILE X 281 -3.69 -48.95 12.59
N LEU X 282 -2.55 -48.29 12.79
CA LEU X 282 -1.46 -48.26 11.81
C LEU X 282 -0.96 -49.66 11.47
N ARG X 283 -0.84 -50.51 12.48
CA ARG X 283 -0.26 -51.82 12.27
C ARG X 283 -1.25 -52.85 11.76
N SER X 284 -2.54 -52.50 11.68
CA SER X 284 -3.53 -53.47 11.26
C SER X 284 -3.79 -53.46 9.77
N ILE X 285 -3.42 -52.39 9.08
CA ILE X 285 -3.56 -52.33 7.62
C ILE X 285 -2.35 -53.03 7.02
N PRO X 286 -2.53 -54.08 6.23
CA PRO X 286 -1.38 -54.80 5.65
C PRO X 286 -0.82 -54.11 4.41
N ASP X 287 -0.44 -52.85 4.58
CA ASP X 287 0.09 -51.99 3.53
C ASP X 287 0.72 -50.80 4.21
N LYS X 288 1.66 -50.16 3.53
CA LYS X 288 2.35 -49.05 4.18
C LYS X 288 1.73 -47.71 3.87
N LEU X 289 1.20 -47.50 2.68
CA LEU X 289 0.59 -46.22 2.37
C LEU X 289 -0.75 -46.06 3.08
N LEU X 290 -1.60 -47.10 3.02
CA LEU X 290 -2.90 -47.02 3.67
C LEU X 290 -2.77 -47.02 5.18
N GLY X 291 -1.72 -47.65 5.72
CA GLY X 291 -1.52 -47.64 7.15
C GLY X 291 -1.20 -46.27 7.70
N VAL X 292 -0.55 -45.43 6.91
CA VAL X 292 -0.30 -44.06 7.35
C VAL X 292 -1.58 -43.25 7.28
N ILE X 293 -2.38 -43.48 6.23
CA ILE X 293 -3.61 -42.70 6.05
C ILE X 293 -4.65 -43.09 7.09
N THR X 294 -4.82 -44.38 7.34
CA THR X 294 -5.79 -44.86 8.33
C THR X 294 -5.41 -44.42 9.73
N MET X 295 -4.12 -44.29 10.02
CA MET X 295 -3.71 -43.73 11.30
C MET X 295 -3.99 -42.24 11.37
N PHE X 296 -3.78 -41.51 10.27
CA PHE X 296 -4.09 -40.09 10.25
C PHE X 296 -5.57 -39.82 10.08
N ALA X 297 -6.34 -40.74 9.51
CA ALA X 297 -7.78 -40.59 9.48
C ALA X 297 -8.45 -41.10 10.74
N ALA X 298 -7.69 -41.61 11.70
CA ALA X 298 -8.26 -41.98 12.98
C ALA X 298 -8.42 -40.79 13.90
N ILE X 299 -7.74 -39.69 13.60
CA ILE X 299 -7.95 -38.43 14.30
C ILE X 299 -8.90 -37.53 13.52
N LEU X 300 -8.84 -37.57 12.19
CA LEU X 300 -9.68 -36.72 11.38
C LEU X 300 -11.05 -37.31 11.12
N VAL X 301 -11.38 -38.46 11.71
CA VAL X 301 -12.76 -38.92 11.67
C VAL X 301 -13.53 -38.29 12.82
N LEU X 302 -12.85 -37.60 13.73
CA LEU X 302 -13.52 -36.83 14.76
C LEU X 302 -14.21 -35.59 14.21
N LEU X 303 -13.91 -35.20 12.97
CA LEU X 303 -14.53 -34.04 12.37
C LEU X 303 -15.85 -34.35 11.67
N VAL X 304 -16.09 -35.61 11.30
CA VAL X 304 -17.36 -35.97 10.66
C VAL X 304 -18.46 -36.20 11.67
N LEU X 305 -18.17 -36.07 12.93
CA LEU X 305 -19.11 -36.33 14.01
C LEU X 305 -20.23 -35.28 14.16
N PRO X 306 -20.02 -33.98 13.93
CA PRO X 306 -21.18 -33.07 13.90
C PRO X 306 -22.15 -33.34 12.77
N PHE X 307 -21.70 -33.94 11.67
CA PHE X 307 -22.55 -34.14 10.51
C PHE X 307 -23.11 -35.55 10.41
N THR X 308 -22.65 -36.47 11.26
CA THR X 308 -23.21 -37.81 11.28
C THR X 308 -24.11 -38.07 12.47
N ASP X 309 -24.13 -37.19 13.46
CA ASP X 309 -25.04 -37.33 14.59
C ASP X 309 -26.40 -36.85 14.15
N ARG X 310 -27.30 -37.79 13.86
CA ARG X 310 -28.62 -37.48 13.35
C ARG X 310 -29.67 -37.32 14.44
N SER X 311 -29.27 -37.39 15.71
CA SER X 311 -30.25 -37.29 16.79
C SER X 311 -30.72 -35.85 16.90
N VAL X 312 -32.01 -35.68 17.20
CA VAL X 312 -32.58 -34.35 17.29
C VAL X 312 -32.51 -33.81 18.71
N VAL X 313 -32.25 -34.67 19.70
CA VAL X 313 -31.90 -34.22 21.04
C VAL X 313 -30.39 -34.31 21.20
N ARG X 314 -29.83 -33.43 22.01
CA ARG X 314 -28.38 -33.31 22.12
C ARG X 314 -27.87 -34.15 23.27
N GLY X 315 -26.91 -35.01 22.99
CA GLY X 315 -26.26 -35.76 24.04
C GLY X 315 -26.93 -37.09 24.32
N ASN X 316 -26.17 -37.99 24.92
CA ASN X 316 -26.59 -39.36 25.14
C ASN X 316 -27.34 -39.56 26.44
N THR X 317 -27.71 -38.48 27.13
CA THR X 317 -28.19 -38.60 28.51
C THR X 317 -29.54 -39.28 28.59
N PHE X 318 -30.45 -38.93 27.69
CA PHE X 318 -31.80 -39.47 27.70
C PHE X 318 -32.01 -40.48 26.57
N LYS X 319 -30.96 -41.16 26.16
CA LYS X 319 -31.06 -42.16 25.10
C LYS X 319 -30.55 -43.48 25.62
N VAL X 320 -31.23 -44.56 25.27
CA VAL X 320 -30.84 -45.88 25.76
C VAL X 320 -29.85 -46.55 24.83
N LEU X 321 -30.19 -46.62 23.55
CA LEU X 321 -29.39 -47.39 22.60
C LEU X 321 -28.07 -46.69 22.29
N SER X 322 -28.08 -45.38 22.17
CA SER X 322 -26.86 -44.64 21.89
C SER X 322 -26.08 -44.33 23.15
N LYS X 323 -26.44 -44.91 24.27
CA LYS X 323 -25.63 -44.90 25.48
C LYS X 323 -24.90 -46.21 25.69
N PHE X 324 -25.50 -47.30 25.23
CA PHE X 324 -24.83 -48.59 25.22
C PHE X 324 -23.69 -48.60 24.23
N PHE X 325 -23.95 -48.15 23.00
CA PHE X 325 -22.95 -48.15 21.94
C PHE X 325 -21.87 -47.12 22.15
N PHE X 326 -22.03 -46.19 23.08
CA PHE X 326 -20.92 -45.35 23.46
C PHE X 326 -19.89 -46.14 24.23
N PHE X 327 -20.34 -46.91 25.22
CA PHE X 327 -19.40 -47.67 26.03
C PHE X 327 -18.88 -48.89 25.31
N ILE X 328 -19.56 -49.34 24.25
CA ILE X 328 -18.96 -50.32 23.34
C ILE X 328 -17.75 -49.69 22.66
N PHE X 329 -17.84 -48.41 22.32
CA PHE X 329 -16.70 -47.73 21.71
C PHE X 329 -15.60 -47.46 22.73
N VAL X 330 -15.96 -47.11 23.97
CA VAL X 330 -14.95 -46.72 24.94
C VAL X 330 -14.13 -47.92 25.39
N PHE X 331 -14.78 -49.07 25.57
CA PHE X 331 -14.06 -50.31 25.82
C PHE X 331 -13.63 -51.00 24.55
N ASN X 332 -13.72 -50.32 23.41
CA ASN X 332 -13.02 -50.71 22.20
C ASN X 332 -11.75 -49.90 22.00
N PHE X 333 -11.72 -48.67 22.50
CA PHE X 333 -10.50 -47.91 22.49
C PHE X 333 -9.48 -48.45 23.48
N VAL X 334 -9.94 -49.15 24.50
CA VAL X 334 -9.02 -49.73 25.48
C VAL X 334 -8.42 -51.01 24.95
N LEU X 335 -9.24 -51.85 24.31
CA LEU X 335 -8.75 -53.07 23.67
C LEU X 335 -7.77 -52.75 22.56
N LEU X 336 -8.05 -51.69 21.82
CA LEU X 336 -7.16 -51.25 20.76
C LEU X 336 -5.84 -50.73 21.30
N GLY X 337 -5.80 -50.32 22.56
CA GLY X 337 -4.53 -50.03 23.19
C GLY X 337 -3.77 -51.28 23.56
N GLN X 338 -4.48 -52.37 23.84
CA GLN X 338 -3.80 -53.59 24.25
C GLN X 338 -3.29 -54.38 23.06
N ILE X 339 -3.98 -54.30 21.92
CA ILE X 339 -3.48 -54.94 20.70
C ILE X 339 -2.24 -54.21 20.20
N GLY X 340 -2.15 -52.92 20.46
CA GLY X 340 -0.96 -52.17 20.09
C GLY X 340 0.26 -52.48 20.93
N ALA X 341 0.10 -53.15 22.06
CA ALA X 341 1.23 -53.51 22.91
C ALA X 341 1.51 -55.01 22.93
N CYS X 342 0.79 -55.79 22.12
CA CYS X 342 1.08 -57.20 21.95
C CYS X 342 1.80 -57.42 20.63
N HIS X 343 2.47 -58.56 20.53
CA HIS X 343 3.27 -58.85 19.35
C HIS X 343 2.36 -59.18 18.17
N VAL X 344 2.93 -59.12 16.97
CA VAL X 344 2.15 -59.31 15.77
C VAL X 344 1.99 -60.79 15.55
N GLU X 345 1.05 -61.40 16.28
CA GLU X 345 0.87 -62.83 16.32
C GLU X 345 -0.60 -63.13 16.19
N VAL X 346 -0.91 -64.36 15.82
CA VAL X 346 -2.31 -64.77 15.73
C VAL X 346 -2.79 -65.01 17.15
N PRO X 347 -4.01 -64.62 17.53
CA PRO X 347 -5.08 -63.92 16.83
C PRO X 347 -5.10 -62.42 17.03
N TYR X 348 -3.99 -61.82 17.48
CA TYR X 348 -3.99 -60.38 17.64
C TYR X 348 -3.95 -59.64 16.32
N VAL X 349 -3.58 -60.31 15.24
CA VAL X 349 -3.59 -59.64 13.95
C VAL X 349 -4.99 -59.60 13.37
N LEU X 350 -5.90 -60.42 13.91
CA LEU X 350 -7.30 -60.36 13.53
C LEU X 350 -8.13 -59.54 14.51
N MET X 351 -7.77 -59.54 15.78
CA MET X 351 -8.43 -58.68 16.76
C MET X 351 -8.20 -57.22 16.43
N GLY X 352 -7.00 -56.86 16.00
CA GLY X 352 -6.71 -55.49 15.67
C GLY X 352 -7.34 -55.01 14.38
N GLN X 353 -7.87 -55.92 13.57
CA GLN X 353 -8.57 -55.53 12.37
C GLN X 353 -10.07 -55.43 12.56
N ILE X 354 -10.65 -56.22 13.46
CA ILE X 354 -12.04 -56.02 13.82
C ILE X 354 -12.19 -54.78 14.68
N ALA X 355 -11.32 -54.63 15.69
CA ALA X 355 -11.38 -53.49 16.58
C ALA X 355 -10.89 -52.19 15.96
N THR X 356 -10.41 -52.22 14.72
CA THR X 356 -10.22 -51.00 13.95
C THR X 356 -11.46 -50.68 13.14
N PHE X 357 -12.15 -51.72 12.67
CA PHE X 357 -13.41 -51.52 11.98
C PHE X 357 -14.47 -50.94 12.91
N ILE X 358 -14.46 -51.34 14.17
CA ILE X 358 -15.43 -50.81 15.13
C ILE X 358 -15.08 -49.37 15.50
N TYR X 359 -13.81 -48.99 15.42
CA TYR X 359 -13.45 -47.59 15.62
C TYR X 359 -13.93 -46.72 14.47
N PHE X 360 -13.97 -47.27 13.26
CA PHE X 360 -14.35 -46.52 12.08
C PHE X 360 -15.77 -46.78 11.62
N ALA X 361 -16.50 -47.66 12.29
CA ALA X 361 -17.92 -47.79 12.03
C ALA X 361 -18.75 -47.24 13.16
N TYR X 362 -18.13 -46.77 14.22
CA TYR X 362 -18.90 -46.01 15.21
C TYR X 362 -19.25 -44.65 14.65
N PHE X 363 -18.25 -43.94 14.12
CA PHE X 363 -18.48 -42.58 13.66
C PHE X 363 -19.24 -42.52 12.35
N LEU X 364 -19.29 -43.62 11.60
CA LEU X 364 -19.83 -43.58 10.25
C LEU X 364 -21.00 -44.53 10.00
N ILE X 365 -21.24 -45.50 10.87
CA ILE X 365 -22.37 -46.39 10.68
C ILE X 365 -23.23 -46.44 11.93
N ILE X 366 -22.60 -46.69 13.08
CA ILE X 366 -23.36 -46.96 14.29
C ILE X 366 -24.03 -45.69 14.83
N VAL X 367 -23.33 -44.56 14.80
CA VAL X 367 -23.96 -43.31 15.23
C VAL X 367 -25.05 -42.84 14.26
N PRO X 368 -24.88 -42.73 12.94
CA PRO X 368 -25.99 -42.24 12.12
C PRO X 368 -27.10 -43.25 11.84
N VAL X 369 -27.09 -44.43 12.46
CA VAL X 369 -28.20 -45.36 12.37
C VAL X 369 -28.93 -45.48 13.70
N ILE X 370 -28.18 -45.57 14.81
CA ILE X 370 -28.80 -45.60 16.12
C ILE X 370 -29.44 -44.26 16.45
N SER X 371 -28.81 -43.17 16.06
CA SER X 371 -29.42 -41.87 16.28
C SER X 371 -30.44 -41.50 15.22
N THR X 372 -30.92 -42.45 14.44
CA THR X 372 -32.10 -42.33 13.61
C THR X 372 -33.23 -43.20 14.11
N ILE X 373 -32.91 -44.42 14.56
CA ILE X 373 -33.88 -45.28 15.21
C ILE X 373 -34.39 -44.65 16.50
N GLU X 374 -33.55 -43.88 17.18
CA GLU X 374 -33.99 -43.21 18.39
C GLU X 374 -34.90 -42.02 18.11
N ASN X 375 -34.70 -41.34 16.98
CA ASN X 375 -35.57 -40.22 16.65
C ASN X 375 -36.96 -40.69 16.26
N VAL X 376 -37.08 -41.89 15.70
CA VAL X 376 -38.38 -42.42 15.37
C VAL X 376 -39.05 -42.97 16.62
N LEU X 377 -38.28 -43.59 17.52
CA LEU X 377 -38.88 -44.20 18.70
C LEU X 377 -39.33 -43.16 19.72
N PHE X 378 -38.70 -41.98 19.73
CA PHE X 378 -39.22 -40.90 20.56
C PHE X 378 -40.52 -40.36 20.00
N TYR X 379 -40.67 -40.36 18.69
CA TYR X 379 -41.88 -39.83 18.07
C TYR X 379 -43.05 -40.79 18.25
N ILE X 380 -42.89 -42.03 17.81
CA ILE X 380 -44.01 -42.97 17.84
C ILE X 380 -44.32 -43.50 19.22
N GLY X 381 -43.51 -43.18 20.23
CA GLY X 381 -43.83 -43.59 21.58
C GLY X 381 -44.86 -42.73 22.23
N ARG X 382 -44.98 -41.47 21.82
CA ARG X 382 -45.92 -40.52 22.39
C ARG X 382 -47.08 -40.19 21.46
N VAL X 383 -46.82 -39.99 20.18
CA VAL X 383 -47.84 -39.56 19.23
C VAL X 383 -48.71 -40.76 18.89
N ASN X 384 -49.86 -40.84 19.55
CA ASN X 384 -50.83 -41.89 19.25
C ASN X 384 -51.71 -41.46 18.08
N LYS X 385 -51.99 -42.43 17.21
CA LYS X 385 -52.72 -42.17 15.97
C LYS X 385 -53.32 -43.45 15.43
N MET Y 1 5.00 -65.01 21.38
CA MET Y 1 6.28 -65.61 21.61
C MET Y 1 6.11 -66.82 22.50
N THR Y 2 6.98 -67.80 22.34
CA THR Y 2 6.96 -68.97 23.19
C THR Y 2 7.42 -68.57 24.60
N ALA Y 3 7.04 -69.36 25.59
CA ALA Y 3 7.45 -69.07 26.96
C ALA Y 3 8.95 -69.17 27.14
N ALA Y 4 9.61 -70.02 26.34
CA ALA Y 4 11.07 -70.09 26.39
C ALA Y 4 11.71 -68.83 25.86
N GLU Y 5 11.18 -68.28 24.77
CA GLU Y 5 11.71 -67.04 24.19
C GLU Y 5 11.25 -65.81 24.92
N HIS Y 6 10.47 -65.97 25.99
CA HIS Y 6 10.01 -64.86 26.80
C HIS Y 6 10.75 -64.76 28.11
N GLY Y 7 11.39 -65.82 28.55
CA GLY Y 7 11.96 -65.88 29.88
C GLY Y 7 10.93 -66.27 30.91
N LEU Y 8 11.40 -66.95 31.95
CA LEU Y 8 10.50 -67.35 33.01
C LEU Y 8 10.16 -66.12 33.83
N HIS Y 9 8.95 -66.12 34.39
CA HIS Y 9 8.47 -64.98 35.16
C HIS Y 9 9.21 -64.94 36.49
N ALA Y 10 9.98 -63.89 36.71
CA ALA Y 10 10.69 -63.73 37.96
C ALA Y 10 9.69 -63.48 39.09
N PRO Y 11 9.73 -64.24 40.17
CA PRO Y 11 8.67 -64.21 41.17
C PRO Y 11 8.77 -62.97 42.05
N ALA Y 12 7.86 -62.89 43.00
CA ALA Y 12 7.72 -61.71 43.85
C ALA Y 12 8.37 -61.99 45.20
N TYR Y 13 9.60 -61.54 45.37
CA TYR Y 13 10.31 -61.73 46.62
C TYR Y 13 9.92 -60.64 47.62
N ALA Y 14 10.26 -60.88 48.88
CA ALA Y 14 9.90 -59.96 49.96
C ALA Y 14 11.09 -59.07 50.27
N TRP Y 15 11.31 -58.08 49.42
CA TRP Y 15 12.45 -57.19 49.61
C TRP Y 15 12.22 -56.28 50.80
N SER Y 16 13.31 -55.88 51.44
CA SER Y 16 13.22 -55.03 52.61
C SER Y 16 12.95 -53.58 52.28
N HIS Y 17 13.00 -53.20 51.01
CA HIS Y 17 12.69 -51.84 50.61
C HIS Y 17 11.41 -51.73 49.80
N ASN Y 18 10.64 -52.81 49.69
CA ASN Y 18 9.29 -52.66 49.16
C ASN Y 18 8.38 -52.02 50.21
N GLY Y 19 7.19 -51.70 49.79
CA GLY Y 19 6.27 -50.97 50.63
C GLY Y 19 6.52 -49.49 50.51
N PRO Y 20 5.57 -48.68 50.99
CA PRO Y 20 5.68 -47.24 50.82
C PRO Y 20 6.43 -46.49 51.90
N PHE Y 21 6.62 -47.06 53.08
CA PHE Y 21 7.28 -46.34 54.16
C PHE Y 21 8.66 -46.87 54.47
N GLU Y 22 9.17 -47.82 53.70
CA GLU Y 22 10.44 -48.46 54.01
C GLU Y 22 11.54 -47.89 53.13
N THR Y 23 12.76 -47.94 53.65
CA THR Y 23 13.95 -47.48 52.96
C THR Y 23 14.89 -48.64 52.71
N PHE Y 24 16.04 -48.33 52.14
CA PHE Y 24 17.03 -49.35 51.84
C PHE Y 24 17.68 -49.86 53.12
N ASP Y 25 18.25 -51.04 53.03
CA ASP Y 25 19.02 -51.62 54.12
C ASP Y 25 20.47 -51.21 53.92
N HIS Y 26 20.91 -50.15 54.63
CA HIS Y 26 22.25 -49.62 54.40
C HIS Y 26 23.36 -50.47 54.98
N ALA Y 27 23.05 -51.59 55.63
CA ALA Y 27 24.05 -52.61 55.92
C ALA Y 27 24.02 -53.72 54.90
N SER Y 28 23.07 -53.68 53.98
CA SER Y 28 23.04 -54.61 52.86
C SER Y 28 23.53 -53.97 51.58
N ILE Y 29 23.77 -52.68 51.58
CA ILE Y 29 24.46 -52.03 50.48
C ILE Y 29 25.97 -52.04 50.72
N ARG Y 30 26.38 -51.78 51.97
CA ARG Y 30 27.79 -51.88 52.32
C ARG Y 30 28.31 -53.30 52.18
N ARG Y 31 27.48 -54.29 52.45
CA ARG Y 31 27.82 -55.65 52.10
C ARG Y 31 27.54 -55.96 50.64
N GLY Y 32 27.02 -55.02 49.88
CA GLY Y 32 26.68 -55.27 48.50
C GLY Y 32 27.60 -54.54 47.56
N TYR Y 33 28.41 -53.63 48.08
CA TYR Y 33 29.51 -53.11 47.30
C TYR Y 33 30.68 -54.07 47.31
N GLN Y 34 30.88 -54.76 48.43
CA GLN Y 34 31.97 -55.71 48.55
C GLN Y 34 31.79 -56.88 47.60
N VAL Y 35 30.54 -57.27 47.33
CA VAL Y 35 30.32 -58.33 46.36
C VAL Y 35 30.42 -57.77 44.94
N TYR Y 36 30.18 -56.48 44.76
CA TYR Y 36 30.42 -55.88 43.45
C TYR Y 36 31.91 -55.81 43.14
N ARG Y 37 32.72 -55.41 44.12
CA ARG Y 37 34.15 -55.25 43.86
C ARG Y 37 34.83 -56.59 43.70
N GLU Y 38 34.53 -57.55 44.57
CA GLU Y 38 35.27 -58.79 44.54
C GLU Y 38 34.76 -59.79 43.51
N VAL Y 39 33.64 -59.53 42.84
CA VAL Y 39 33.11 -60.52 41.91
C VAL Y 39 32.86 -59.95 40.53
N CYS Y 40 32.08 -58.87 40.42
CA CYS Y 40 31.72 -58.35 39.12
C CYS Y 40 32.36 -57.02 38.79
N ALA Y 41 33.38 -56.60 39.53
CA ALA Y 41 34.17 -55.51 39.02
C ALA Y 41 35.15 -55.96 37.97
N ALA Y 42 35.26 -57.27 37.74
CA ALA Y 42 36.12 -57.77 36.69
C ALA Y 42 35.56 -57.44 35.32
N CYS Y 43 34.25 -57.52 35.14
CA CYS Y 43 33.67 -57.32 33.82
C CYS Y 43 32.37 -56.54 33.83
N HIS Y 44 32.23 -55.52 34.68
CA HIS Y 44 31.02 -54.69 34.64
C HIS Y 44 31.35 -53.28 35.10
N SER Y 45 31.16 -52.32 34.22
CA SER Y 45 31.41 -50.95 34.60
C SER Y 45 30.27 -50.43 35.44
N LEU Y 46 30.52 -49.32 36.12
CA LEU Y 46 29.50 -48.68 36.95
C LEU Y 46 29.57 -47.18 36.71
N ASP Y 47 29.58 -46.80 35.43
CA ASP Y 47 30.15 -45.52 35.00
C ASP Y 47 29.30 -44.30 35.35
N ARG Y 48 28.17 -44.45 36.03
CA ARG Y 48 27.40 -43.26 36.39
C ARG Y 48 27.46 -42.95 37.87
N VAL Y 49 28.09 -43.80 38.68
CA VAL Y 49 28.13 -43.62 40.12
C VAL Y 49 29.41 -42.90 40.48
N ALA Y 50 29.29 -41.66 40.97
CA ALA Y 50 30.45 -40.95 41.46
C ALA Y 50 30.90 -41.54 42.79
N TRP Y 51 32.13 -41.24 43.17
CA TRP Y 51 32.62 -41.76 44.44
C TRP Y 51 32.01 -41.04 45.62
N ARG Y 52 31.52 -39.81 45.42
CA ARG Y 52 30.99 -39.04 46.55
C ARG Y 52 29.64 -39.54 47.02
N THR Y 53 28.89 -40.23 46.17
CA THR Y 53 27.56 -40.69 46.59
C THR Y 53 27.65 -41.85 47.57
N LEU Y 54 28.77 -42.57 47.59
CA LEU Y 54 28.92 -43.65 48.56
C LEU Y 54 29.19 -43.11 49.95
N VAL Y 55 29.61 -41.86 50.08
CA VAL Y 55 29.86 -41.26 51.38
C VAL Y 55 28.53 -41.03 52.08
N GLY Y 56 28.38 -41.58 53.26
CA GLY Y 56 27.19 -41.40 54.04
C GLY Y 56 26.06 -42.36 53.72
N VAL Y 57 26.12 -43.05 52.60
CA VAL Y 57 25.11 -44.04 52.28
C VAL Y 57 25.52 -45.41 52.77
N SER Y 58 26.71 -45.86 52.41
CA SER Y 58 27.20 -47.13 52.91
C SER Y 58 28.66 -47.11 53.32
N HIS Y 59 29.38 -46.00 53.17
CA HIS Y 59 30.76 -45.92 53.61
C HIS Y 59 31.01 -44.55 54.20
N THR Y 60 32.03 -44.45 55.05
CA THR Y 60 32.35 -43.19 55.70
C THR Y 60 33.14 -42.30 54.75
N ASN Y 61 33.69 -41.21 55.26
CA ASN Y 61 34.43 -40.31 54.38
C ASN Y 61 35.87 -40.77 54.16
N GLU Y 62 36.44 -41.49 55.12
CA GLU Y 62 37.79 -42.00 54.95
C GLU Y 62 37.82 -43.35 54.24
N GLU Y 63 36.71 -44.08 54.24
CA GLU Y 63 36.68 -45.35 53.55
C GLU Y 63 36.53 -45.18 52.04
N VAL Y 64 36.13 -43.99 51.59
CA VAL Y 64 36.05 -43.75 50.15
C VAL Y 64 37.30 -43.02 49.64
N ARG Y 65 37.93 -42.21 50.48
CA ARG Y 65 39.23 -41.65 50.11
C ARG Y 65 40.36 -42.67 50.20
N ASN Y 66 40.10 -43.89 50.64
CA ASN Y 66 41.07 -44.97 50.53
C ASN Y 66 40.57 -46.07 49.60
N MET Y 67 39.43 -45.86 48.95
CA MET Y 67 38.98 -46.74 47.90
C MET Y 67 39.11 -46.14 46.52
N ALA Y 68 39.15 -44.81 46.42
CA ALA Y 68 39.36 -44.15 45.15
C ALA Y 68 40.83 -43.91 44.87
N GLU Y 69 41.69 -44.03 45.88
CA GLU Y 69 43.13 -43.89 45.69
C GLU Y 69 43.78 -45.20 45.30
N GLU Y 70 43.00 -46.23 45.05
CA GLU Y 70 43.53 -47.47 44.46
C GLU Y 70 43.57 -47.41 42.95
N PHE Y 71 42.64 -46.69 42.34
CA PHE Y 71 42.59 -46.58 40.89
C PHE Y 71 43.37 -45.35 40.45
N GLU Y 72 43.47 -45.15 39.14
CA GLU Y 72 44.26 -44.06 38.60
C GLU Y 72 43.55 -43.45 37.41
N TYR Y 73 43.43 -42.12 37.43
CA TYR Y 73 42.74 -41.38 36.40
C TYR Y 73 43.70 -40.44 35.70
N ASP Y 74 43.23 -39.86 34.61
CA ASP Y 74 44.05 -38.98 33.78
C ASP Y 74 44.08 -37.57 34.36
N ASP Y 75 45.25 -37.15 34.82
CA ASP Y 75 45.44 -35.77 35.22
C ASP Y 75 45.57 -34.88 34.00
N GLU Y 76 45.46 -33.58 34.22
CA GLU Y 76 45.84 -32.62 33.20
C GLU Y 76 47.35 -32.73 32.96
N PRO Y 77 47.82 -32.57 31.74
CA PRO Y 77 49.22 -32.84 31.42
C PRO Y 77 50.15 -31.80 32.05
N ASP Y 78 51.43 -32.17 32.11
CA ASP Y 78 52.41 -31.37 32.83
C ASP Y 78 52.85 -30.19 31.98
N GLU Y 79 53.92 -29.51 32.39
CA GLU Y 79 54.40 -28.33 31.68
C GLU Y 79 55.22 -28.66 30.44
N GLN Y 80 55.27 -29.92 30.02
CA GLN Y 80 55.80 -30.29 28.71
C GLN Y 80 54.77 -31.01 27.86
N GLY Y 81 53.52 -31.06 28.29
CA GLY Y 81 52.49 -31.68 27.49
C GLY Y 81 52.51 -33.20 27.48
N ASN Y 82 53.27 -33.82 28.36
CA ASN Y 82 53.19 -35.27 28.44
C ASN Y 82 51.99 -35.67 29.29
N PRO Y 83 51.29 -36.73 28.92
CA PRO Y 83 50.19 -37.20 29.76
C PRO Y 83 50.70 -37.81 31.05
N LYS Y 84 49.86 -37.76 32.08
CA LYS Y 84 50.25 -38.28 33.38
C LYS Y 84 49.00 -38.74 34.13
N LYS Y 85 49.21 -39.57 35.14
CA LYS Y 85 48.13 -40.13 35.94
C LYS Y 85 48.16 -39.57 37.35
N ARG Y 86 47.03 -39.67 38.03
CA ARG Y 86 46.89 -39.24 39.41
C ARG Y 86 46.00 -40.22 40.15
N PRO Y 87 46.16 -40.35 41.46
CA PRO Y 87 45.21 -41.17 42.21
C PRO Y 87 43.88 -40.44 42.31
N GLY Y 88 42.81 -41.23 42.44
CA GLY Y 88 41.48 -40.69 42.34
C GLY Y 88 41.05 -39.90 43.56
N LYS Y 89 39.94 -39.20 43.39
CA LYS Y 89 39.40 -38.39 44.47
C LYS Y 89 37.91 -38.66 44.63
N LEU Y 90 37.24 -37.86 45.45
CA LEU Y 90 35.83 -38.07 45.73
C LEU Y 90 34.93 -37.59 44.62
N SER Y 91 35.44 -36.86 43.63
CA SER Y 91 34.62 -36.30 42.59
C SER Y 91 34.67 -37.09 41.30
N ASP Y 92 35.20 -38.31 41.33
CA ASP Y 92 35.37 -39.10 40.14
C ASP Y 92 34.40 -40.28 40.14
N TYR Y 93 34.19 -40.84 38.96
CA TYR Y 93 33.29 -41.97 38.80
C TYR Y 93 34.05 -43.27 38.96
N ILE Y 94 33.31 -44.33 39.25
CA ILE Y 94 33.89 -45.65 39.48
C ILE Y 94 34.37 -46.19 38.14
N PRO Y 95 35.66 -46.53 38.02
CA PRO Y 95 36.19 -46.84 36.70
C PRO Y 95 35.84 -48.26 36.27
N GLY Y 96 35.43 -48.37 35.00
CA GLY Y 96 35.13 -49.65 34.42
C GLY Y 96 36.38 -50.45 34.19
N PRO Y 97 36.23 -51.77 34.00
CA PRO Y 97 37.41 -52.62 33.85
C PRO Y 97 37.96 -52.73 32.45
N TYR Y 98 37.29 -52.15 31.46
CA TYR Y 98 37.74 -52.27 30.09
C TYR Y 98 37.91 -50.88 29.48
N PRO Y 99 38.96 -50.68 28.67
CA PRO Y 99 39.20 -49.32 28.15
C PRO Y 99 38.24 -48.89 27.07
N ASN Y 100 37.80 -49.81 26.21
CA ASN Y 100 36.82 -49.46 25.19
C ASN Y 100 35.88 -50.63 25.00
N GLU Y 101 34.94 -50.46 24.07
CA GLU Y 101 33.93 -51.48 23.83
C GLU Y 101 34.51 -52.73 23.21
N GLN Y 102 35.49 -52.58 22.33
CA GLN Y 102 36.06 -53.74 21.64
C GLN Y 102 36.92 -54.57 22.56
N ALA Y 103 37.52 -53.95 23.58
CA ALA Y 103 38.23 -54.73 24.59
C ALA Y 103 37.26 -55.52 25.45
N ALA Y 104 36.04 -55.00 25.63
CA ALA Y 104 35.04 -55.70 26.41
C ALA Y 104 34.49 -56.90 25.64
N ARG Y 105 34.30 -56.74 24.34
CA ARG Y 105 33.79 -57.85 23.54
C ARG Y 105 34.83 -58.94 23.36
N ALA Y 106 36.11 -58.56 23.33
CA ALA Y 106 37.15 -59.55 23.08
C ALA Y 106 37.35 -60.48 24.26
N ALA Y 107 37.07 -60.02 25.47
CA ALA Y 107 37.35 -60.80 26.66
C ALA Y 107 36.21 -61.72 27.05
N ASN Y 108 35.01 -61.51 26.53
CA ASN Y 108 33.86 -62.31 26.92
C ASN Y 108 33.18 -62.97 25.72
N GLN Y 109 34.00 -63.41 24.75
CA GLN Y 109 33.57 -64.18 23.59
C GLN Y 109 32.54 -63.44 22.74
N GLY Y 110 32.76 -62.14 22.55
CA GLY Y 110 31.93 -61.33 21.70
C GLY Y 110 30.86 -60.53 22.42
N ALA Y 111 30.47 -60.96 23.61
CA ALA Y 111 29.33 -60.40 24.32
C ALA Y 111 29.77 -59.21 25.15
N LEU Y 112 29.19 -58.05 24.87
CA LEU Y 112 29.48 -56.86 25.65
C LEU Y 112 28.69 -56.89 26.94
N PRO Y 113 29.32 -56.91 28.10
CA PRO Y 113 28.57 -56.93 29.35
C PRO Y 113 28.05 -55.55 29.69
N PRO Y 114 26.78 -55.43 30.01
CA PRO Y 114 26.16 -54.10 30.13
C PRO Y 114 26.60 -53.39 31.39
N ASP Y 115 26.55 -52.07 31.33
CA ASP Y 115 26.93 -51.26 32.47
C ASP Y 115 25.83 -51.29 33.51
N LEU Y 116 26.21 -51.53 34.77
CA LEU Y 116 25.25 -51.83 35.82
C LEU Y 116 24.79 -50.60 36.59
N SER Y 117 24.77 -49.43 35.98
CA SER Y 117 24.29 -48.26 36.71
C SER Y 117 22.78 -48.29 36.83
N LEU Y 118 22.08 -48.58 35.74
CA LEU Y 118 20.62 -48.54 35.72
C LEU Y 118 20.04 -49.90 35.35
N ILE Y 119 20.69 -50.98 35.78
CA ILE Y 119 20.28 -52.29 35.27
C ILE Y 119 19.05 -52.82 35.98
N VAL Y 120 18.65 -52.24 37.10
CA VAL Y 120 17.41 -52.71 37.73
C VAL Y 120 16.21 -51.95 37.19
N LYS Y 121 16.39 -50.71 36.76
CA LYS Y 121 15.27 -49.99 36.15
C LYS Y 121 15.09 -50.37 34.70
N ALA Y 122 16.09 -50.97 34.07
CA ALA Y 122 16.04 -51.27 32.65
C ALA Y 122 15.73 -52.72 32.37
N ARG Y 123 15.16 -53.44 33.33
CA ARG Y 123 14.80 -54.83 33.13
C ARG Y 123 13.40 -55.08 33.65
N HIS Y 124 12.67 -55.93 32.93
CA HIS Y 124 11.30 -56.25 33.31
C HIS Y 124 11.27 -57.09 34.57
N GLY Y 125 11.00 -56.44 35.70
CA GLY Y 125 10.94 -57.18 36.94
C GLY Y 125 11.64 -56.43 38.03
N GLY Y 126 12.58 -55.57 37.65
CA GLY Y 126 13.32 -54.84 38.65
C GLY Y 126 14.28 -55.76 39.36
N CYS Y 127 14.44 -55.55 40.67
CA CYS Y 127 15.37 -56.35 41.44
C CYS Y 127 14.89 -57.77 41.67
N ASP Y 128 13.63 -58.08 41.40
CA ASP Y 128 13.18 -59.46 41.47
C ASP Y 128 13.75 -60.31 40.35
N TYR Y 129 14.22 -59.68 39.28
CA TYR Y 129 14.79 -60.39 38.15
C TYR Y 129 16.31 -60.50 38.27
N ILE Y 130 16.97 -59.42 38.66
CA ILE Y 130 18.41 -59.40 38.86
C ILE Y 130 18.82 -60.35 39.97
N PHE Y 131 17.99 -60.51 40.99
CA PHE Y 131 18.26 -61.54 41.98
C PHE Y 131 18.07 -62.92 41.39
N SER Y 132 16.94 -63.14 40.73
CA SER Y 132 16.62 -64.48 40.28
C SER Y 132 17.37 -64.88 39.03
N LEU Y 133 18.03 -63.94 38.36
CA LEU Y 133 18.96 -64.30 37.30
C LEU Y 133 20.19 -64.99 37.88
N LEU Y 134 20.77 -64.39 38.92
CA LEU Y 134 22.05 -64.84 39.46
C LEU Y 134 21.95 -66.18 40.17
N THR Y 135 20.77 -66.53 40.69
CA THR Y 135 20.59 -67.81 41.35
C THR Y 135 19.80 -68.78 40.49
N GLY Y 136 19.51 -68.43 39.26
CA GLY Y 136 18.68 -69.24 38.41
C GLY Y 136 19.39 -70.19 37.50
N TYR Y 137 20.69 -70.39 37.68
CA TYR Y 137 21.44 -71.26 36.79
C TYR Y 137 21.23 -72.71 37.19
N PRO Y 138 20.67 -73.55 36.32
CA PRO Y 138 20.61 -74.97 36.64
C PRO Y 138 21.97 -75.61 36.54
N ASP Y 139 22.10 -76.76 37.18
CA ASP Y 139 23.35 -77.52 37.09
C ASP Y 139 23.55 -78.06 35.68
N GLU Y 140 22.47 -78.48 35.04
CA GLU Y 140 22.49 -78.94 33.68
C GLU Y 140 21.19 -78.49 33.02
N PRO Y 141 21.25 -78.03 31.77
CA PRO Y 141 20.05 -77.52 31.12
C PRO Y 141 19.08 -78.64 30.80
N PRO Y 142 17.80 -78.32 30.55
CA PRO Y 142 16.82 -79.36 30.23
C PRO Y 142 17.13 -80.06 28.92
N ALA Y 143 16.54 -81.24 28.78
CA ALA Y 143 16.85 -82.13 27.67
C ALA Y 143 16.38 -81.54 26.35
N GLY Y 144 17.10 -81.84 25.29
CA GLY Y 144 16.77 -81.35 23.97
C GLY Y 144 17.29 -79.97 23.65
N VAL Y 145 17.62 -79.16 24.66
CA VAL Y 145 18.13 -77.83 24.41
C VAL Y 145 19.58 -77.94 23.95
N ALA Y 146 19.86 -77.47 22.75
CA ALA Y 146 21.22 -77.45 22.22
C ALA Y 146 21.79 -76.06 22.48
N LEU Y 147 22.69 -75.97 23.42
CA LEU Y 147 23.34 -74.70 23.67
C LEU Y 147 24.48 -74.50 22.68
N PRO Y 148 24.68 -73.27 22.20
CA PRO Y 148 25.87 -73.00 21.42
C PRO Y 148 27.11 -73.11 22.29
N PRO Y 149 28.27 -73.40 21.69
CA PRO Y 149 29.49 -73.48 22.48
C PRO Y 149 29.90 -72.12 23.03
N GLY Y 150 29.84 -71.98 24.35
CA GLY Y 150 30.12 -70.73 25.00
C GLY Y 150 28.91 -69.91 25.38
N SER Y 151 27.79 -70.55 25.71
CA SER Y 151 26.62 -69.85 26.21
C SER Y 151 25.99 -70.68 27.31
N ASN Y 152 25.76 -70.04 28.45
CA ASN Y 152 25.22 -70.72 29.61
C ASN Y 152 23.71 -70.62 29.61
N TYR Y 153 23.07 -71.59 30.26
CA TYR Y 153 21.62 -71.64 30.33
C TYR Y 153 21.15 -71.14 31.69
N ASN Y 154 20.10 -70.32 31.68
CA ASN Y 154 19.24 -70.13 32.83
C ASN Y 154 17.91 -69.64 32.27
N PRO Y 155 16.78 -70.07 32.84
CA PRO Y 155 15.50 -69.77 32.20
C PRO Y 155 15.06 -68.33 32.34
N TYR Y 156 15.55 -67.59 33.33
CA TYR Y 156 15.06 -66.24 33.55
C TYR Y 156 15.60 -65.24 32.54
N PHE Y 157 16.60 -65.60 31.74
CA PHE Y 157 17.05 -64.70 30.69
C PHE Y 157 16.17 -64.87 29.46
N PRO Y 158 15.79 -63.78 28.78
CA PRO Y 158 14.91 -63.90 27.62
C PRO Y 158 15.58 -64.55 26.43
N GLY Y 159 15.22 -65.80 26.15
CA GLY Y 159 15.84 -66.59 25.11
C GLY Y 159 16.39 -67.91 25.61
N GLY Y 160 16.82 -67.96 26.86
CA GLY Y 160 17.33 -69.18 27.43
C GLY Y 160 18.85 -69.22 27.49
N SER Y 161 19.51 -68.72 26.45
CA SER Y 161 20.95 -68.77 26.36
C SER Y 161 21.52 -67.45 26.83
N ILE Y 162 22.34 -67.48 27.88
CA ILE Y 162 23.01 -66.28 28.37
C ILE Y 162 24.51 -66.49 28.22
N ALA Y 163 25.23 -65.39 28.14
CA ALA Y 163 26.68 -65.46 27.96
C ALA Y 163 27.46 -65.41 29.25
N MET Y 164 26.88 -64.86 30.32
CA MET Y 164 27.53 -64.86 31.62
C MET Y 164 27.49 -66.24 32.24
N ALA Y 165 28.63 -66.73 32.68
CA ALA Y 165 28.64 -68.03 33.34
C ALA Y 165 28.22 -67.89 34.79
N ARG Y 166 27.89 -69.03 35.42
CA ARG Y 166 27.45 -69.00 36.80
C ARG Y 166 28.60 -68.57 37.69
N VAL Y 167 28.40 -67.46 38.41
CA VAL Y 167 29.54 -66.77 38.97
C VAL Y 167 29.50 -66.78 40.50
N LEU Y 168 28.31 -66.76 41.08
CA LEU Y 168 28.21 -66.72 42.54
C LEU Y 168 28.28 -68.14 43.08
N PHE Y 169 29.37 -68.43 43.79
CA PHE Y 169 29.52 -69.68 44.51
C PHE Y 169 29.65 -69.38 45.98
N ASP Y 170 29.41 -70.39 46.81
CA ASP Y 170 29.30 -70.18 48.25
C ASP Y 170 30.65 -69.83 48.86
N ASP Y 171 30.61 -68.85 49.77
CA ASP Y 171 31.74 -68.41 50.59
C ASP Y 171 32.90 -67.90 49.75
N MET Y 172 32.60 -67.32 48.59
CA MET Y 172 33.67 -66.76 47.76
C MET Y 172 34.10 -65.38 48.23
N VAL Y 173 33.28 -64.72 49.05
CA VAL Y 173 33.69 -63.48 49.71
C VAL Y 173 33.58 -63.71 51.21
N GLU Y 174 34.28 -62.86 51.95
CA GLU Y 174 34.22 -62.89 53.41
C GLU Y 174 33.81 -61.51 53.90
N TYR Y 175 32.59 -61.42 54.42
CA TYR Y 175 32.02 -60.15 54.81
C TYR Y 175 32.72 -59.60 56.04
N GLU Y 176 32.64 -58.29 56.20
CA GLU Y 176 33.36 -57.63 57.28
C GLU Y 176 32.68 -57.88 58.62
N ASP Y 177 31.36 -57.88 58.66
CA ASP Y 177 30.62 -57.95 59.90
C ASP Y 177 30.28 -59.37 60.34
N GLY Y 178 30.85 -60.37 59.67
CA GLY Y 178 30.58 -61.74 60.05
C GLY Y 178 29.19 -62.20 59.66
N THR Y 179 28.93 -62.23 58.36
CA THR Y 179 27.67 -62.68 57.80
C THR Y 179 27.92 -63.93 56.97
N PRO Y 180 27.05 -64.94 57.04
CA PRO Y 180 27.23 -66.13 56.22
C PRO Y 180 27.04 -65.88 54.75
N ALA Y 181 28.14 -65.87 54.00
CA ALA Y 181 28.14 -65.51 52.58
C ALA Y 181 27.77 -66.72 51.76
N THR Y 182 26.47 -66.95 51.60
CA THR Y 182 26.00 -67.99 50.71
C THR Y 182 25.73 -67.40 49.34
N THR Y 183 25.21 -68.23 48.44
CA THR Y 183 24.89 -67.74 47.11
C THR Y 183 23.69 -66.82 47.14
N SER Y 184 22.71 -67.12 47.99
CA SER Y 184 21.53 -66.29 48.09
C SER Y 184 21.79 -65.05 48.93
N GLN Y 185 22.73 -65.12 49.86
CA GLN Y 185 23.06 -63.95 50.66
C GLN Y 185 23.84 -62.94 49.84
N MET Y 186 24.70 -63.41 48.94
CA MET Y 186 25.47 -62.50 48.10
C MET Y 186 24.61 -61.93 47.00
N ALA Y 187 23.72 -62.73 46.43
CA ALA Y 187 22.88 -62.26 45.34
C ALA Y 187 21.82 -61.29 45.81
N LYS Y 188 21.42 -61.37 47.08
CA LYS Y 188 20.51 -60.37 47.63
C LYS Y 188 21.22 -59.06 47.86
N ASP Y 189 22.52 -59.09 48.14
CA ASP Y 189 23.21 -57.88 48.54
C ASP Y 189 23.63 -57.01 47.36
N VAL Y 190 24.04 -57.61 46.24
CA VAL Y 190 24.29 -56.78 45.06
C VAL Y 190 22.99 -56.25 44.50
N THR Y 191 21.92 -57.04 44.56
CA THR Y 191 20.67 -56.63 43.97
C THR Y 191 20.04 -55.49 44.77
N THR Y 192 20.35 -55.40 46.05
CA THR Y 192 20.04 -54.18 46.78
C THR Y 192 20.99 -53.06 46.36
N PHE Y 193 22.27 -53.39 46.16
CA PHE Y 193 23.26 -52.36 45.83
C PHE Y 193 23.04 -51.82 44.43
N LEU Y 194 22.73 -52.69 43.47
CA LEU Y 194 22.40 -52.19 42.14
C LEU Y 194 21.06 -51.48 42.12
N ASN Y 195 20.18 -51.78 43.06
CA ASN Y 195 18.97 -50.99 43.22
C ASN Y 195 19.28 -49.61 43.76
N TRP Y 196 20.31 -49.50 44.58
CA TRP Y 196 20.68 -48.18 45.08
C TRP Y 196 21.33 -47.35 44.00
N CYS Y 197 22.15 -47.98 43.16
CA CYS Y 197 22.92 -47.26 42.15
C CYS Y 197 22.02 -46.65 41.09
N ALA Y 198 20.88 -47.27 40.83
CA ALA Y 198 19.93 -46.72 39.87
C ALA Y 198 18.91 -45.80 40.51
N GLU Y 199 18.79 -45.83 41.84
CA GLU Y 199 17.82 -44.99 42.54
C GLU Y 199 18.46 -44.46 43.81
N PRO Y 200 19.38 -43.49 43.71
CA PRO Y 200 20.01 -42.95 44.92
C PRO Y 200 19.10 -42.05 45.73
N GLU Y 201 17.90 -41.74 45.24
CA GLU Y 201 16.95 -40.88 45.95
C GLU Y 201 15.89 -41.68 46.71
N HIS Y 202 15.95 -43.02 46.66
CA HIS Y 202 14.88 -43.88 47.14
C HIS Y 202 14.62 -43.74 48.64
N ASP Y 203 15.61 -43.30 49.41
CA ASP Y 203 15.34 -43.01 50.80
C ASP Y 203 14.52 -41.74 50.94
N GLU Y 204 14.85 -40.72 50.15
CA GLU Y 204 14.22 -39.42 50.29
C GLU Y 204 13.07 -39.19 49.34
N ARG Y 205 12.95 -39.97 48.28
CA ARG Y 205 11.75 -39.89 47.46
C ARG Y 205 10.54 -40.44 48.20
N LYS Y 206 10.75 -41.39 49.09
CA LYS Y 206 9.64 -41.98 49.82
C LYS Y 206 9.25 -41.20 51.06
N ARG Y 207 10.10 -40.31 51.56
CA ARG Y 207 9.71 -39.47 52.68
C ARG Y 207 9.31 -38.08 52.27
N LEU Y 208 9.61 -37.65 51.05
CA LEU Y 208 8.91 -36.47 50.54
C LEU Y 208 7.50 -36.84 50.11
N GLY Y 209 7.29 -38.08 49.70
CA GLY Y 209 5.94 -38.52 49.42
C GLY Y 209 5.06 -38.63 50.64
N LEU Y 210 5.66 -38.88 51.81
CA LEU Y 210 4.86 -38.89 53.02
C LEU Y 210 4.44 -37.48 53.42
N LYS Y 211 5.24 -36.48 53.10
CA LYS Y 211 4.82 -35.11 53.35
C LYS Y 211 3.73 -34.69 52.39
N THR Y 212 3.79 -35.17 51.15
CA THR Y 212 2.90 -34.67 50.11
C THR Y 212 1.54 -35.35 50.17
N VAL Y 213 1.49 -36.66 50.39
CA VAL Y 213 0.22 -37.35 50.45
C VAL Y 213 -0.55 -36.96 51.72
N ILE Y 214 0.16 -36.59 52.77
CA ILE Y 214 -0.53 -36.12 53.98
C ILE Y 214 -1.08 -34.71 53.78
N ILE Y 215 -0.34 -33.83 53.11
CA ILE Y 215 -0.86 -32.50 52.85
C ILE Y 215 -1.90 -32.52 51.74
N LEU Y 216 -1.60 -33.16 50.61
CA LEU Y 216 -2.52 -33.10 49.48
C LEU Y 216 -3.65 -34.11 49.57
N SER Y 217 -3.89 -34.74 50.71
CA SER Y 217 -5.15 -35.39 50.96
C SER Y 217 -5.85 -34.84 52.18
N SER Y 218 -5.23 -33.92 52.90
CA SER Y 218 -5.92 -33.08 53.85
C SER Y 218 -6.17 -31.70 53.30
N LEU Y 219 -5.69 -31.43 52.09
CA LEU Y 219 -6.13 -30.30 51.30
C LEU Y 219 -7.25 -30.66 50.37
N TYR Y 220 -7.55 -31.95 50.23
CA TYR Y 220 -8.65 -32.40 49.41
C TYR Y 220 -9.90 -32.64 50.22
N LEU Y 221 -9.78 -33.09 51.46
CA LEU Y 221 -10.95 -33.16 52.32
C LEU Y 221 -11.39 -31.78 52.76
N LEU Y 222 -10.46 -30.83 52.86
CA LEU Y 222 -10.86 -29.48 53.20
C LEU Y 222 -11.58 -28.82 52.05
N SER Y 223 -11.06 -29.00 50.84
CA SER Y 223 -11.67 -28.40 49.66
C SER Y 223 -12.98 -29.07 49.26
N ILE Y 224 -13.28 -30.25 49.79
CA ILE Y 224 -14.62 -30.80 49.63
C ILE Y 224 -15.58 -30.03 50.52
N TRP Y 225 -15.13 -29.65 51.71
CA TRP Y 225 -16.01 -28.96 52.65
C TRP Y 225 -16.32 -27.54 52.17
N VAL Y 226 -15.32 -26.82 51.66
CA VAL Y 226 -15.56 -25.46 51.20
C VAL Y 226 -16.35 -25.45 49.90
N LYS Y 227 -16.32 -26.53 49.13
CA LYS Y 227 -17.25 -26.64 48.01
C LYS Y 227 -18.66 -26.85 48.50
N LYS Y 228 -18.84 -27.75 49.47
CA LYS Y 228 -20.17 -27.99 50.01
C LYS Y 228 -20.67 -26.83 50.84
N PHE Y 229 -19.77 -26.01 51.36
CA PHE Y 229 -20.20 -24.82 52.09
C PHE Y 229 -20.71 -23.77 51.13
N LYS Y 230 -19.94 -23.46 50.09
CA LYS Y 230 -20.32 -22.37 49.19
C LYS Y 230 -21.47 -22.75 48.26
N TRP Y 231 -21.70 -24.03 48.04
CA TRP Y 231 -22.81 -24.47 47.19
C TRP Y 231 -24.04 -24.83 47.97
N ALA Y 232 -24.12 -24.47 49.24
CA ALA Y 232 -25.32 -24.81 50.01
C ALA Y 232 -26.48 -23.91 49.67
N GLY Y 233 -26.23 -22.74 49.09
CA GLY Y 233 -27.33 -21.91 48.66
C GLY Y 233 -27.94 -22.31 47.34
N ILE Y 234 -27.25 -23.15 46.58
CA ILE Y 234 -27.74 -23.62 45.29
C ILE Y 234 -28.31 -25.03 45.39
N LYS Y 235 -27.70 -25.88 46.20
CA LYS Y 235 -28.20 -27.24 46.31
C LYS Y 235 -29.48 -27.33 47.13
N THR Y 236 -29.84 -26.28 47.87
CA THR Y 236 -31.12 -26.26 48.53
C THR Y 236 -31.92 -25.05 48.11
N ARG Y 237 -32.00 -24.81 46.81
CA ARG Y 237 -32.91 -23.82 46.27
C ARG Y 237 -34.27 -24.47 46.07
N LYS Y 238 -35.32 -23.66 46.12
CA LYS Y 238 -36.67 -24.17 45.98
C LYS Y 238 -37.43 -23.31 44.97
N PHE Y 239 -38.01 -23.96 43.98
CA PHE Y 239 -38.81 -23.28 42.96
C PHE Y 239 -40.27 -23.68 43.12
N VAL Y 240 -41.15 -22.69 43.19
CA VAL Y 240 -42.58 -22.92 43.10
C VAL Y 240 -43.13 -22.12 41.93
N PHE Y 241 -44.08 -22.71 41.22
CA PHE Y 241 -44.62 -22.12 40.00
C PHE Y 241 -46.13 -22.13 40.09
N ASN Y 242 -46.71 -20.94 40.14
CA ASN Y 242 -48.14 -20.77 39.99
C ASN Y 242 -48.41 -19.95 38.73
N PRO Y 243 -49.14 -20.50 37.76
CA PRO Y 243 -49.18 -19.93 36.42
C PRO Y 243 -49.94 -18.62 36.39
N PRO Y 244 -49.48 -17.65 35.63
CA PRO Y 244 -50.00 -16.28 35.76
C PRO Y 244 -51.39 -16.13 35.12
N LYS Y 245 -51.91 -14.92 35.23
CA LYS Y 245 -53.25 -14.62 34.74
C LYS Y 245 -53.27 -14.65 33.22
N PRO Y 246 -54.09 -15.48 32.59
CA PRO Y 246 -54.01 -15.66 31.14
C PRO Y 246 -54.65 -14.54 30.33
N ARG Y 247 -55.20 -13.51 30.98
CA ARG Y 247 -55.85 -12.43 30.24
C ARG Y 247 -54.83 -11.56 29.51
N LYS Y 248 -53.59 -11.51 30.02
CA LYS Y 248 -52.52 -10.78 29.37
C LYS Y 248 -52.14 -11.47 28.07
N LYS Z 1 -51.03 -22.08 46.50
CA LYS Z 1 -50.10 -21.63 47.53
C LYS Z 1 -49.60 -20.23 47.20
N SER Z 2 -49.53 -19.36 48.20
CA SER Z 2 -49.09 -18.00 48.00
C SER Z 2 -47.57 -17.95 47.84
N THR Z 3 -47.07 -16.76 47.53
CA THR Z 3 -45.63 -16.54 47.49
C THR Z 3 -45.13 -15.92 48.79
N TYR Z 4 -45.97 -15.87 49.81
CA TYR Z 4 -45.56 -15.44 51.15
C TYR Z 4 -45.42 -16.61 52.10
N ARG Z 5 -45.59 -17.83 51.63
CA ARG Z 5 -45.42 -19.03 52.44
C ARG Z 5 -44.19 -19.76 51.92
N THR Z 6 -43.08 -19.56 52.58
CA THR Z 6 -41.83 -20.18 52.17
C THR Z 6 -41.87 -21.67 52.47
N PRO Z 7 -41.29 -22.51 51.62
CA PRO Z 7 -41.40 -23.96 51.79
C PRO Z 7 -40.52 -24.47 52.92
N ASN Z 8 -40.51 -25.79 53.08
CA ASN Z 8 -39.92 -26.41 54.25
C ASN Z 8 -38.40 -26.47 54.10
N PHE Z 9 -37.71 -25.55 54.75
CA PHE Z 9 -36.27 -25.56 54.84
C PHE Z 9 -35.78 -26.17 56.14
N ASP Z 10 -36.66 -26.82 56.89
CA ASP Z 10 -36.33 -27.20 58.26
C ASP Z 10 -35.39 -28.39 58.35
N ASP Z 11 -35.30 -29.20 57.31
CA ASP Z 11 -34.40 -30.34 57.37
C ASP Z 11 -32.94 -29.97 57.18
N VAL Z 12 -32.63 -28.75 56.72
CA VAL Z 12 -31.25 -28.34 56.52
C VAL Z 12 -30.84 -27.18 57.41
N LEU Z 13 -31.76 -26.53 58.10
CA LEU Z 13 -31.39 -25.38 58.90
C LEU Z 13 -30.72 -25.81 60.20
N LYS Z 14 -29.86 -24.94 60.71
CA LYS Z 14 -29.23 -25.21 61.99
C LYS Z 14 -30.26 -25.05 63.11
N GLU Z 15 -29.94 -25.65 64.26
CA GLU Z 15 -30.80 -25.50 65.42
C GLU Z 15 -30.50 -24.23 66.21
N ASN Z 16 -29.39 -23.57 65.91
CA ASN Z 16 -29.01 -22.33 66.58
C ASN Z 16 -28.05 -21.61 65.67
N ASN Z 17 -28.41 -20.40 65.22
CA ASN Z 17 -27.58 -19.73 64.22
C ASN Z 17 -26.30 -19.18 64.84
N ASP Z 18 -26.41 -18.17 65.70
CA ASP Z 18 -25.32 -17.59 66.50
C ASP Z 18 -24.15 -17.16 65.59
N ALA Z 19 -24.37 -16.09 64.85
CA ALA Z 19 -23.50 -15.67 63.76
C ALA Z 19 -22.04 -15.38 64.13
N ASP Z 20 -21.70 -15.35 65.42
CA ASP Z 20 -20.30 -15.36 65.82
C ASP Z 20 -19.69 -16.75 65.80
N LYS Z 21 -20.53 -17.79 65.79
CA LYS Z 21 -20.06 -19.17 65.74
C LYS Z 21 -20.09 -19.73 64.33
N GLY Z 22 -21.15 -19.43 63.57
CA GLY Z 22 -21.25 -19.95 62.22
C GLY Z 22 -20.24 -19.34 61.27
N ARG Z 23 -19.80 -18.11 61.56
CA ARG Z 23 -18.69 -17.50 60.86
C ARG Z 23 -17.36 -17.81 61.51
N SER Z 24 -17.32 -18.78 62.41
CA SER Z 24 -16.08 -19.28 62.97
C SER Z 24 -15.89 -20.78 62.79
N TYR Z 25 -16.96 -21.52 62.56
CA TYR Z 25 -16.83 -22.88 62.07
C TYR Z 25 -16.68 -22.93 60.56
N ALA Z 26 -16.60 -21.77 59.91
CA ALA Z 26 -16.44 -21.69 58.47
C ALA Z 26 -15.26 -20.85 58.05
N TYR Z 27 -14.73 -20.00 58.93
CA TYR Z 27 -13.46 -19.37 58.66
C TYR Z 27 -12.30 -20.13 59.27
N PHE Z 28 -12.58 -21.15 60.06
CA PHE Z 28 -11.54 -22.10 60.42
C PHE Z 28 -11.20 -22.97 59.23
N MET Z 29 -12.20 -23.59 58.60
CA MET Z 29 -11.96 -24.50 57.50
C MET Z 29 -11.60 -23.80 56.20
N VAL Z 30 -11.75 -22.48 56.11
CA VAL Z 30 -11.15 -21.73 55.01
C VAL Z 30 -9.72 -21.35 55.36
N GLY Z 31 -9.50 -20.98 56.63
CA GLY Z 31 -8.16 -20.67 57.07
C GLY Z 31 -7.26 -21.88 57.17
N ALA Z 32 -7.82 -23.06 57.39
CA ALA Z 32 -7.00 -24.25 57.40
C ALA Z 32 -6.58 -24.65 55.99
N MET Z 33 -7.46 -24.45 55.01
CA MET Z 33 -7.07 -24.69 53.62
C MET Z 33 -6.09 -23.65 53.15
N GLY Z 34 -6.15 -22.44 53.69
CA GLY Z 34 -5.14 -21.46 53.35
C GLY Z 34 -3.81 -21.73 54.01
N LEU Z 35 -3.81 -22.42 55.13
CA LEU Z 35 -2.56 -22.68 55.84
C LEU Z 35 -1.75 -23.75 55.14
N LEU Z 36 -2.40 -24.82 54.70
CA LEU Z 36 -1.67 -25.85 53.99
C LEU Z 36 -1.35 -25.45 52.56
N SER Z 37 -2.06 -24.48 52.00
CA SER Z 37 -1.73 -23.98 50.68
C SER Z 37 -0.68 -22.88 50.72
N SER Z 38 -0.28 -22.45 51.92
CA SER Z 38 0.89 -21.60 52.06
C SER Z 38 2.11 -22.37 52.51
N ALA Z 39 1.93 -23.51 53.16
CA ALA Z 39 2.99 -24.47 53.40
C ALA Z 39 3.16 -25.43 52.25
N GLY Z 40 2.30 -25.34 51.24
CA GLY Z 40 2.39 -26.22 50.10
C GLY Z 40 2.83 -25.48 48.87
N ALA Z 41 2.70 -24.16 48.90
CA ALA Z 41 3.23 -23.32 47.84
C ALA Z 41 4.55 -22.68 48.21
N LYS Z 42 5.03 -22.90 49.44
CA LYS Z 42 6.44 -22.67 49.69
C LYS Z 42 7.28 -23.75 49.07
N SER Z 43 6.85 -25.01 49.23
CA SER Z 43 7.63 -26.13 48.75
C SER Z 43 7.62 -26.22 47.23
N THR Z 44 6.56 -25.75 46.59
CA THR Z 44 6.53 -25.75 45.13
C THR Z 44 7.46 -24.70 44.56
N VAL Z 45 7.55 -23.54 45.20
CA VAL Z 45 8.51 -22.53 44.79
C VAL Z 45 9.93 -22.97 45.11
N GLU Z 46 10.13 -23.49 46.32
CA GLU Z 46 11.47 -23.89 46.75
C GLU Z 46 11.98 -25.12 46.02
N THR Z 47 11.10 -25.93 45.42
CA THR Z 47 11.58 -27.00 44.56
C THR Z 47 12.21 -26.45 43.30
N PHE Z 48 11.51 -25.55 42.62
CA PHE Z 48 12.01 -25.06 41.35
C PHE Z 48 13.14 -24.04 41.52
N ILE Z 49 13.12 -23.26 42.59
CA ILE Z 49 14.16 -22.25 42.78
C ILE Z 49 15.47 -22.91 43.18
N SER Z 50 15.41 -23.89 44.08
CA SER Z 50 16.62 -24.60 44.46
C SER Z 50 17.11 -25.57 43.41
N SER Z 51 16.30 -25.84 42.38
CA SER Z 51 16.80 -26.63 41.27
C SER Z 51 17.83 -25.87 40.46
N MET Z 52 17.73 -24.54 40.40
CA MET Z 52 18.68 -23.74 39.65
C MET Z 52 19.98 -23.48 40.40
N THR Z 53 20.11 -23.90 41.66
CA THR Z 53 21.32 -23.61 42.40
C THR Z 53 22.44 -24.54 41.97
N ALA Z 54 23.57 -24.44 42.66
CA ALA Z 54 24.77 -25.19 42.31
C ALA Z 54 24.53 -26.67 42.49
N THR Z 55 24.69 -27.43 41.42
CA THR Z 55 24.33 -28.84 41.41
C THR Z 55 25.35 -29.67 42.19
N ALA Z 56 25.21 -30.98 42.14
CA ALA Z 56 26.01 -31.83 43.02
C ALA Z 56 27.45 -31.91 42.54
N ASP Z 57 27.66 -32.17 41.25
CA ASP Z 57 29.01 -32.31 40.72
C ASP Z 57 29.74 -30.99 40.57
N VAL Z 58 29.05 -29.86 40.63
CA VAL Z 58 29.73 -28.58 40.72
C VAL Z 58 30.23 -28.35 42.14
N LEU Z 59 29.44 -28.75 43.13
CA LEU Z 59 29.84 -28.63 44.53
C LEU Z 59 31.00 -29.55 44.89
N ALA Z 60 31.18 -30.65 44.16
CA ALA Z 60 32.31 -31.53 44.44
C ALA Z 60 33.62 -30.91 44.00
N MET Z 61 33.58 -30.02 43.01
CA MET Z 61 34.77 -29.36 42.51
C MET Z 61 34.99 -27.99 43.15
N ALA Z 62 34.49 -27.78 44.35
CA ALA Z 62 34.71 -26.54 45.06
C ALA Z 62 35.95 -26.58 45.95
N LYS Z 63 36.66 -27.71 45.97
CA LYS Z 63 37.84 -27.88 46.80
C LYS Z 63 38.93 -28.51 45.96
N VAL Z 64 40.10 -27.88 45.91
CA VAL Z 64 41.27 -28.50 45.30
C VAL Z 64 42.22 -28.92 46.41
N GLU Z 65 42.91 -30.03 46.18
CA GLU Z 65 43.67 -30.73 47.21
C GLU Z 65 45.10 -30.97 46.76
N VAL Z 66 45.79 -29.91 46.33
CA VAL Z 66 47.19 -30.04 45.96
C VAL Z 66 48.03 -30.36 47.19
N ASN Z 67 49.14 -31.05 46.97
CA ASN Z 67 49.87 -31.73 48.02
C ASN Z 67 50.75 -30.77 48.80
N LEU Z 68 51.22 -31.24 49.96
CA LEU Z 68 52.18 -30.52 50.79
C LEU Z 68 53.62 -30.94 50.50
N ALA Z 69 53.87 -31.48 49.31
CA ALA Z 69 55.23 -31.80 48.89
C ALA Z 69 55.47 -31.56 47.40
N ALA Z 70 54.51 -30.97 46.68
CA ALA Z 70 54.57 -30.91 45.23
C ALA Z 70 55.05 -29.58 44.68
N ILE Z 71 54.82 -28.48 45.38
CA ILE Z 71 55.11 -27.13 44.88
C ILE Z 71 56.60 -26.88 45.03
N PRO Z 72 57.32 -26.60 43.95
CA PRO Z 72 58.76 -26.35 44.05
C PRO Z 72 59.03 -24.89 44.41
N LEU Z 73 60.30 -24.59 44.68
CA LEU Z 73 60.67 -23.28 45.18
C LEU Z 73 60.59 -22.21 44.09
N GLY Z 74 61.35 -22.38 43.03
CA GLY Z 74 61.51 -21.33 42.04
C GLY Z 74 60.59 -21.38 40.84
N LYS Z 75 59.49 -22.13 40.93
CA LYS Z 75 58.49 -22.18 39.87
C LYS Z 75 57.15 -21.70 40.42
N ASN Z 76 56.51 -20.82 39.66
CA ASN Z 76 55.30 -20.13 40.10
C ASN Z 76 54.08 -20.86 39.56
N VAL Z 77 53.39 -21.59 40.43
CA VAL Z 77 52.24 -22.38 40.02
C VAL Z 77 51.02 -21.47 39.85
N VAL Z 78 50.35 -21.59 38.70
CA VAL Z 78 49.12 -20.85 38.39
C VAL Z 78 48.06 -21.87 38.02
N VAL Z 79 47.12 -22.12 38.93
CA VAL Z 79 46.10 -23.14 38.71
C VAL Z 79 44.75 -22.44 38.62
N LYS Z 80 43.78 -23.11 38.02
CA LYS Z 80 42.39 -22.66 37.97
C LYS Z 80 41.63 -23.45 39.02
N TRP Z 81 41.49 -22.87 40.21
CA TRP Z 81 40.64 -23.42 41.25
C TRP Z 81 39.28 -22.74 41.18
N GLN Z 82 38.22 -23.55 41.17
CA GLN Z 82 36.83 -23.08 41.27
C GLN Z 82 36.47 -22.12 40.14
N GLY Z 83 37.04 -22.33 38.97
CA GLY Z 83 36.87 -21.39 37.87
C GLY Z 83 37.57 -20.07 38.06
N LYS Z 84 38.61 -20.01 38.89
CA LYS Z 84 39.34 -18.77 39.14
C LYS Z 84 40.84 -19.04 39.18
N PRO Z 85 41.65 -18.11 38.68
CA PRO Z 85 43.11 -18.31 38.70
C PRO Z 85 43.69 -18.14 40.10
N VAL Z 86 44.47 -19.13 40.54
CA VAL Z 86 45.12 -19.11 41.83
C VAL Z 86 46.62 -19.21 41.61
N PHE Z 87 47.38 -18.32 42.27
CA PHE Z 87 48.80 -18.13 41.98
C PHE Z 87 49.60 -18.61 43.18
N ILE Z 88 50.39 -19.67 42.99
CA ILE Z 88 51.04 -20.37 44.09
C ILE Z 88 52.55 -20.34 43.85
N ARG Z 89 53.30 -20.17 44.94
CA ARG Z 89 54.74 -20.38 44.95
C ARG Z 89 55.10 -21.01 46.29
N HIS Z 90 56.27 -21.64 46.35
CA HIS Z 90 56.84 -22.10 47.62
C HIS Z 90 58.06 -21.25 47.93
N ARG Z 91 58.11 -20.73 49.16
CA ARG Z 91 59.10 -19.72 49.53
C ARG Z 91 60.17 -20.32 50.44
N THR Z 92 61.20 -19.52 50.67
CA THR Z 92 62.31 -19.80 51.58
C THR Z 92 62.13 -19.02 52.88
N PRO Z 93 62.73 -19.48 53.98
CA PRO Z 93 62.64 -18.71 55.24
C PRO Z 93 63.24 -17.30 55.18
N HIS Z 94 64.17 -17.03 54.27
CA HIS Z 94 64.69 -15.67 54.15
C HIS Z 94 63.74 -14.73 53.41
N GLU Z 95 62.78 -15.26 52.66
CA GLU Z 95 61.81 -14.43 51.97
C GLU Z 95 60.68 -13.96 52.87
N ILE Z 96 60.61 -14.44 54.11
CA ILE Z 96 59.58 -13.96 55.03
C ILE Z 96 59.89 -12.54 55.48
N GLN Z 97 61.12 -12.29 55.94
CA GLN Z 97 61.53 -10.96 56.31
C GLN Z 97 61.83 -10.09 55.11
N GLU Z 98 62.08 -10.70 53.95
CA GLU Z 98 62.28 -9.93 52.72
C GLU Z 98 60.97 -9.36 52.20
N ALA Z 99 59.85 -10.00 52.52
CA ALA Z 99 58.56 -9.61 51.96
C ALA Z 99 58.05 -8.31 52.57
N ASN Z 100 57.98 -8.24 53.89
CA ASN Z 100 57.49 -7.06 54.58
C ASN Z 100 58.61 -6.10 54.99
N SER Z 101 59.74 -6.12 54.26
CA SER Z 101 60.84 -5.22 54.58
C SER Z 101 60.52 -3.78 54.25
N VAL Z 102 59.65 -3.56 53.26
CA VAL Z 102 59.19 -2.22 52.93
C VAL Z 102 58.24 -1.74 54.02
N ASP Z 103 58.32 -0.45 54.35
CA ASP Z 103 57.46 0.13 55.37
C ASP Z 103 56.01 0.18 54.86
N MET Z 104 55.06 0.23 55.80
CA MET Z 104 53.66 0.36 55.46
C MET Z 104 53.32 1.71 54.84
N SER Z 105 54.10 2.75 55.13
CA SER Z 105 53.85 4.07 54.56
C SER Z 105 54.19 4.13 53.07
N ALA Z 106 55.05 3.24 52.58
CA ALA Z 106 55.37 3.16 51.16
C ALA Z 106 54.39 2.25 50.41
N LEU Z 107 53.28 1.87 51.02
CA LEU Z 107 52.21 1.14 50.36
C LEU Z 107 50.92 1.94 50.45
N LYS Z 108 50.03 1.72 49.49
CA LYS Z 108 48.70 2.32 49.51
C LYS Z 108 47.73 1.58 50.41
N ASP Z 109 48.14 0.46 51.01
CA ASP Z 109 47.39 -0.17 52.09
C ASP Z 109 48.33 -0.86 53.08
N PRO Z 110 48.09 -0.70 54.38
CA PRO Z 110 48.94 -1.39 55.35
C PRO Z 110 48.54 -2.84 55.52
N GLN Z 111 49.50 -3.73 55.32
CA GLN Z 111 49.29 -5.17 55.44
C GLN Z 111 50.64 -5.85 55.61
N THR Z 112 50.74 -6.73 56.59
CA THR Z 112 51.97 -7.47 56.81
C THR Z 112 51.84 -8.88 56.23
N ASP Z 113 52.91 -9.67 56.38
CA ASP Z 113 52.89 -11.02 55.86
C ASP Z 113 52.12 -11.98 56.76
N ALA Z 114 51.82 -11.57 58.00
CA ALA Z 114 51.19 -12.47 58.97
C ALA Z 114 49.73 -12.71 58.63
N ASP Z 115 48.95 -11.64 58.47
CA ASP Z 115 47.53 -11.80 58.17
C ASP Z 115 47.28 -12.22 56.74
N ARG Z 116 48.26 -12.07 55.85
CA ARG Z 116 48.07 -12.50 54.46
C ARG Z 116 48.27 -14.00 54.32
N VAL Z 117 49.42 -14.50 54.76
CA VAL Z 117 49.79 -15.91 54.61
C VAL Z 117 49.98 -16.49 56.01
N LYS Z 118 49.30 -17.60 56.28
CA LYS Z 118 49.40 -18.23 57.60
C LYS Z 118 50.76 -18.89 57.79
N ASP Z 119 51.11 -19.81 56.90
CA ASP Z 119 52.40 -20.50 56.95
C ASP Z 119 53.25 -19.80 55.91
N PRO Z 120 54.14 -18.89 56.31
CA PRO Z 120 54.80 -18.00 55.33
C PRO Z 120 55.81 -18.69 54.45
N GLN Z 121 56.17 -19.93 54.74
CA GLN Z 121 56.91 -20.74 53.78
C GLN Z 121 56.02 -21.12 52.60
N TRP Z 122 54.76 -21.50 52.88
CA TRP Z 122 53.82 -21.95 51.86
C TRP Z 122 53.00 -20.75 51.40
N LEU Z 123 53.37 -20.19 50.25
CA LEU Z 123 52.70 -19.02 49.72
C LEU Z 123 51.45 -19.43 48.95
N ILE Z 124 50.28 -18.96 49.39
CA ILE Z 124 49.00 -19.25 48.74
C ILE Z 124 48.32 -17.93 48.42
N MET Z 125 48.19 -17.62 47.13
CA MET Z 125 47.64 -16.35 46.69
C MET Z 125 46.57 -16.56 45.63
N LEU Z 126 45.54 -15.70 45.68
CA LEU Z 126 44.57 -15.59 44.61
C LEU Z 126 44.94 -14.40 43.74
N GLY Z 127 45.21 -14.67 42.46
CA GLY Z 127 45.77 -13.66 41.59
C GLY Z 127 44.79 -13.00 40.64
N ILE Z 128 43.53 -12.85 41.04
CA ILE Z 128 42.61 -11.98 40.34
C ILE Z 128 42.95 -10.56 40.80
N CYS Z 129 43.45 -9.74 39.88
CA CYS Z 129 43.87 -8.40 40.26
C CYS Z 129 42.67 -7.47 40.40
N THR Z 130 42.88 -6.38 41.15
CA THR Z 130 41.79 -5.54 41.62
C THR Z 130 41.23 -4.61 40.55
N HIS Z 131 41.91 -4.47 39.42
CA HIS Z 131 41.47 -3.53 38.38
C HIS Z 131 40.58 -4.21 37.35
N LEU Z 132 41.11 -5.22 36.66
CA LEU Z 132 40.39 -5.90 35.59
C LEU Z 132 40.38 -7.41 35.81
N GLY Z 133 41.40 -7.92 36.49
CA GLY Z 133 41.57 -9.34 36.64
C GLY Z 133 42.64 -9.85 35.71
N CYS Z 134 43.67 -9.04 35.50
CA CYS Z 134 44.71 -9.37 34.55
C CYS Z 134 45.67 -10.38 35.18
N VAL Z 135 46.64 -10.83 34.38
CA VAL Z 135 47.44 -12.01 34.71
C VAL Z 135 48.85 -11.55 35.07
N PRO Z 136 49.28 -11.65 36.33
CA PRO Z 136 50.70 -11.48 36.64
C PRO Z 136 51.54 -12.64 36.10
N ILE Z 137 52.80 -12.32 35.81
CA ILE Z 137 53.77 -13.32 35.33
C ILE Z 137 54.74 -13.65 36.45
N GLY Z 138 55.10 -14.94 36.54
CA GLY Z 138 55.93 -15.41 37.64
C GLY Z 138 57.38 -14.99 37.50
N GLU Z 139 57.96 -14.55 38.62
CA GLU Z 139 59.39 -14.17 38.75
C GLU Z 139 59.77 -13.05 37.78
N ALA Z 140 58.91 -12.04 37.70
CA ALA Z 140 59.15 -10.86 36.88
C ALA Z 140 58.76 -9.62 37.66
N GLY Z 141 59.44 -8.52 37.36
CA GLY Z 141 59.16 -7.26 38.02
C GLY Z 141 60.39 -6.57 38.58
N ASP Z 142 60.25 -6.00 39.78
CA ASP Z 142 61.32 -5.22 40.38
C ASP Z 142 61.72 -5.70 41.78
N PHE Z 143 61.19 -6.84 42.23
CA PHE Z 143 61.59 -7.40 43.51
C PHE Z 143 61.72 -8.91 43.49
N GLY Z 144 61.60 -9.56 42.33
CA GLY Z 144 61.56 -11.00 42.29
C GLY Z 144 60.24 -11.58 42.73
N GLY Z 145 59.14 -10.86 42.49
CA GLY Z 145 57.82 -11.33 42.85
C GLY Z 145 56.96 -11.60 41.63
N TRP Z 146 56.01 -10.70 41.36
CA TRP Z 146 55.10 -10.86 40.23
C TRP Z 146 54.83 -9.51 39.59
N PHE Z 147 54.93 -9.45 38.26
CA PHE Z 147 54.69 -8.23 37.52
C PHE Z 147 53.39 -8.40 36.75
N CYS Z 148 52.49 -7.44 36.89
CA CYS Z 148 51.26 -7.46 36.13
C CYS Z 148 51.42 -6.55 34.93
N PRO Z 149 51.59 -7.09 33.72
CA PRO Z 149 51.81 -6.26 32.53
C PRO Z 149 50.55 -5.64 31.97
N CYS Z 150 49.43 -5.77 32.67
CA CYS Z 150 48.16 -5.21 32.20
C CYS Z 150 48.14 -3.70 32.40
N HIS Z 151 48.45 -3.23 33.62
CA HIS Z 151 48.64 -1.80 33.87
C HIS Z 151 49.97 -1.50 34.54
N GLY Z 152 50.92 -2.42 34.56
CA GLY Z 152 52.18 -2.16 35.24
C GLY Z 152 52.07 -2.21 36.75
N SER Z 153 51.26 -3.09 37.29
CA SER Z 153 51.09 -3.22 38.73
C SER Z 153 52.12 -4.20 39.27
N HIS Z 154 53.24 -3.69 39.76
CA HIS Z 154 54.27 -4.55 40.31
C HIS Z 154 53.85 -5.10 41.66
N TYR Z 155 54.10 -6.39 41.87
CA TYR Z 155 53.79 -7.05 43.12
C TYR Z 155 55.02 -7.78 43.63
N ASP Z 156 55.13 -7.85 44.95
CA ASP Z 156 56.29 -8.43 45.60
C ASP Z 156 56.14 -9.94 45.69
N ILE Z 157 57.00 -10.56 46.51
CA ILE Z 157 56.81 -11.97 46.87
C ILE Z 157 55.72 -12.14 47.90
N SER Z 158 55.20 -11.05 48.47
CA SER Z 158 54.03 -11.10 49.34
C SER Z 158 52.76 -10.66 48.62
N GLY Z 159 52.84 -10.34 47.34
CA GLY Z 159 51.65 -10.04 46.55
C GLY Z 159 50.93 -8.76 46.90
N ARG Z 160 51.65 -7.75 47.38
CA ARG Z 160 51.06 -6.47 47.71
C ARG Z 160 51.47 -5.44 46.67
N ILE Z 161 50.58 -4.48 46.43
CA ILE Z 161 50.84 -3.46 45.41
C ILE Z 161 51.81 -2.43 45.98
N ARG Z 162 52.94 -2.26 45.31
CA ARG Z 162 53.91 -1.22 45.61
C ARG Z 162 54.04 -0.22 44.46
N LYS Z 163 54.26 -0.72 43.25
CA LYS Z 163 54.39 0.09 42.05
C LYS Z 163 53.26 -0.29 41.11
N GLY Z 164 52.35 0.65 40.85
CA GLY Z 164 51.25 0.39 39.96
C GLY Z 164 49.97 1.05 40.42
N PRO Z 165 48.98 1.16 39.52
CA PRO Z 165 47.72 1.84 39.85
C PRO Z 165 46.64 0.96 40.46
N ALA Z 166 46.94 -0.28 40.82
CA ALA Z 166 45.94 -1.13 41.48
C ALA Z 166 45.78 -0.68 42.94
N PRO Z 167 44.58 -0.26 43.35
CA PRO Z 167 44.47 0.39 44.67
C PRO Z 167 44.54 -0.56 45.85
N LEU Z 168 44.30 -1.86 45.65
CA LEU Z 168 44.33 -2.83 46.74
C LEU Z 168 45.23 -3.99 46.38
N ASN Z 169 45.61 -4.77 47.40
CA ASN Z 169 46.38 -5.98 47.19
C ASN Z 169 45.50 -7.06 46.58
N LEU Z 170 46.15 -8.09 46.03
CA LEU Z 170 45.42 -9.24 45.52
C LEU Z 170 44.99 -10.15 46.66
N GLU Z 171 43.82 -10.75 46.50
CA GLU Z 171 43.15 -11.39 47.62
C GLU Z 171 43.75 -12.76 47.91
N ILE Z 172 43.28 -13.36 49.01
CA ILE Z 172 43.75 -14.64 49.50
C ILE Z 172 42.54 -15.56 49.65
N PRO Z 173 42.54 -16.75 49.07
CA PRO Z 173 41.41 -17.66 49.26
C PRO Z 173 41.51 -18.35 50.61
N ALA Z 174 40.40 -18.96 51.02
CA ALA Z 174 40.34 -19.65 52.30
C ALA Z 174 41.00 -21.02 52.13
N TYR Z 175 42.30 -21.09 52.36
CA TYR Z 175 43.05 -22.33 52.29
C TYR Z 175 43.34 -22.79 53.71
N GLU Z 176 43.25 -24.11 53.93
CA GLU Z 176 43.42 -24.69 55.25
C GLU Z 176 44.39 -25.86 55.20
N PHE Z 177 45.30 -25.91 56.17
CA PHE Z 177 46.21 -27.04 56.32
C PHE Z 177 45.60 -28.08 57.23
N ASP Z 178 45.75 -29.35 56.85
CA ASP Z 178 45.38 -30.47 57.71
C ASP Z 178 46.43 -31.56 57.71
N GLY Z 179 47.63 -31.29 57.22
CA GLY Z 179 48.66 -32.32 57.13
C GLY Z 179 48.58 -33.07 55.83
N ASP Z 180 49.69 -33.05 55.07
CA ASP Z 180 49.90 -33.75 53.79
C ASP Z 180 48.93 -33.28 52.70
N LYS Z 181 48.30 -32.11 52.88
CA LYS Z 181 47.31 -31.58 51.97
C LYS Z 181 47.02 -30.13 52.35
N VAL Z 182 46.37 -29.42 51.44
CA VAL Z 182 45.80 -28.10 51.71
C VAL Z 182 44.42 -28.05 51.07
N ILE Z 183 43.45 -27.54 51.82
CA ILE Z 183 42.06 -27.50 51.38
C ILE Z 183 41.81 -26.05 50.95
N VAL Z 184 42.03 -25.79 49.65
CA VAL Z 184 41.86 -24.46 49.10
C VAL Z 184 40.41 -24.34 48.63
N GLY Z 185 39.57 -23.74 49.47
CA GLY Z 185 38.17 -23.60 49.15
C GLY Z 185 37.45 -22.44 49.82
N GLU AA 1 29.98 -74.20 57.75
CA GLU AA 1 28.91 -75.09 58.18
C GLU AA 1 27.63 -74.84 57.40
N VAL AA 2 27.24 -73.57 57.34
CA VAL AA 2 25.95 -73.20 56.78
C VAL AA 2 25.99 -73.29 55.26
N THR AA 3 25.02 -74.01 54.69
CA THR AA 3 24.91 -74.15 53.24
C THR AA 3 24.08 -73.01 52.69
N ASP AA 4 23.65 -73.13 51.44
CA ASP AA 4 22.83 -72.11 50.83
C ASP AA 4 21.40 -72.21 51.33
N GLN AA 5 20.77 -71.04 51.53
CA GLN AA 5 19.40 -71.04 52.03
C GLN AA 5 18.38 -71.39 50.96
N LEU AA 6 18.64 -71.05 49.70
CA LEU AA 6 17.63 -71.24 48.67
C LEU AA 6 17.52 -72.70 48.24
N GLU AA 7 18.65 -73.39 48.14
CA GLU AA 7 18.57 -74.81 47.81
C GLU AA 7 18.16 -75.66 49.00
N ASP AA 8 18.08 -75.09 50.20
CA ASP AA 8 17.41 -75.80 51.27
C ASP AA 8 15.91 -75.88 51.03
N LEU AA 9 15.34 -74.85 50.40
CA LEU AA 9 13.91 -74.82 50.16
C LEU AA 9 13.50 -75.54 48.88
N ARG AA 10 14.34 -75.51 47.85
CA ARG AA 10 13.96 -76.18 46.61
C ARG AA 10 13.96 -77.68 46.78
N GLU AA 11 14.92 -78.22 47.52
CA GLU AA 11 14.87 -79.64 47.85
C GLU AA 11 13.77 -79.95 48.85
N HIS AA 12 13.34 -78.95 49.61
CA HIS AA 12 12.20 -79.14 50.50
C HIS AA 12 10.89 -79.18 49.73
N PHE AA 13 10.81 -78.44 48.61
CA PHE AA 13 9.58 -78.36 47.84
C PHE AA 13 9.59 -79.27 46.63
N LYS AA 14 10.68 -79.98 46.36
CA LYS AA 14 10.67 -81.01 45.33
C LYS AA 14 10.41 -82.38 45.91
N ASN AA 15 9.91 -82.45 47.14
CA ASN AA 15 9.58 -83.72 47.77
C ASN AA 15 8.18 -83.71 48.38
N THR AA 16 7.38 -82.69 48.08
CA THR AA 16 6.00 -82.66 48.54
C THR AA 16 5.14 -83.47 47.56
N GLU AA 17 3.82 -83.37 47.70
CA GLU AA 17 2.96 -84.15 46.82
C GLU AA 17 2.84 -83.52 45.44
N GLU AA 18 3.06 -82.22 45.32
CA GLU AA 18 3.02 -81.58 44.01
C GLU AA 18 4.39 -81.49 43.37
N GLY AA 19 5.44 -81.30 44.17
CA GLY AA 19 6.78 -81.26 43.62
C GLY AA 19 7.21 -82.60 43.06
N LYS AA 20 6.79 -83.70 43.69
CA LYS AA 20 7.11 -85.01 43.16
C LYS AA 20 6.28 -85.33 41.93
N ALA AA 21 5.08 -84.75 41.83
CA ALA AA 21 4.24 -85.00 40.68
C ALA AA 21 4.66 -84.19 39.46
N LEU AA 22 5.47 -83.14 39.65
CA LEU AA 22 5.97 -82.35 38.53
C LEU AA 22 7.35 -82.76 38.08
N VAL AA 23 8.21 -83.24 38.98
CA VAL AA 23 9.48 -83.80 38.53
C VAL AA 23 9.26 -85.14 37.86
N HIS AA 24 8.12 -85.79 38.11
CA HIS AA 24 7.79 -86.97 37.35
C HIS AA 24 7.36 -86.64 35.93
N HIS AA 25 6.87 -85.41 35.69
CA HIS AA 25 6.61 -85.02 34.32
C HIS AA 25 7.90 -84.63 33.61
N TYR AA 26 8.82 -83.99 34.33
CA TYR AA 26 10.12 -83.68 33.75
C TYR AA 26 10.93 -84.93 33.52
N GLU AA 27 10.72 -85.98 34.32
CA GLU AA 27 11.37 -87.24 34.05
C GLU AA 27 10.65 -88.07 33.02
N GLU AA 28 9.40 -87.73 32.69
CA GLU AA 28 8.74 -88.37 31.57
C GLU AA 28 9.03 -87.69 30.25
N CYS AA 29 9.53 -86.45 30.29
CA CYS AA 29 10.02 -85.80 29.09
C CYS AA 29 11.48 -86.16 28.83
N ALA AA 30 12.35 -85.91 29.82
CA ALA AA 30 13.78 -86.08 29.64
C ALA AA 30 14.21 -87.54 29.57
N GLU AA 31 13.30 -88.48 29.75
CA GLU AA 31 13.57 -89.85 29.33
C GLU AA 31 13.08 -90.09 27.92
N ARG AA 32 11.98 -89.45 27.52
CA ARG AA 32 11.50 -89.59 26.16
C ARG AA 32 12.44 -88.90 25.17
N VAL AA 33 13.00 -87.76 25.57
CA VAL AA 33 13.87 -87.00 24.67
C VAL AA 33 15.19 -87.73 24.46
N LYS AA 34 15.69 -88.40 25.50
CA LYS AA 34 16.98 -89.07 25.39
C LYS AA 34 16.90 -90.30 24.49
N ILE AA 35 15.81 -91.07 24.59
CA ILE AA 35 15.64 -92.18 23.67
C ILE AA 35 15.20 -91.74 22.29
N GLN AA 36 14.86 -90.45 22.12
CA GLN AA 36 14.60 -89.89 20.81
C GLN AA 36 15.87 -89.32 20.19
N GLN AA 37 16.73 -88.70 20.98
CA GLN AA 37 17.96 -88.10 20.47
C GLN AA 37 19.10 -89.11 20.36
N GLN AA 38 18.85 -90.38 20.62
CA GLN AA 38 19.76 -91.44 20.25
C GLN AA 38 19.30 -92.20 19.01
N GLN AA 39 18.17 -91.82 18.43
CA GLN AA 39 17.70 -92.46 17.23
C GLN AA 39 18.53 -92.03 16.03
N PRO AA 40 18.73 -92.91 15.05
CA PRO AA 40 19.46 -92.50 13.84
C PRO AA 40 18.66 -91.53 13.02
N GLY AA 41 19.36 -90.54 12.47
CA GLY AA 41 18.69 -89.47 11.76
C GLY AA 41 18.09 -88.42 12.65
N TYR AA 42 18.72 -88.14 13.78
CA TYR AA 42 18.16 -87.17 14.71
C TYR AA 42 18.59 -85.75 14.37
N ALA AA 43 19.81 -85.57 13.89
CA ALA AA 43 20.32 -84.22 13.66
C ALA AA 43 19.65 -83.57 12.45
N ASP AA 44 19.22 -84.36 11.48
CA ASP AA 44 18.48 -83.84 10.33
C ASP AA 44 16.98 -84.03 10.53
N LEU AA 45 16.46 -83.34 11.54
CA LEU AA 45 15.03 -83.34 11.81
C LEU AA 45 14.50 -81.91 11.75
N GLU AA 46 13.22 -81.80 11.42
CA GLU AA 46 12.58 -80.50 11.26
C GLU AA 46 12.32 -79.82 12.60
N HIS AA 47 12.15 -80.59 13.67
CA HIS AA 47 12.04 -80.03 15.01
C HIS AA 47 12.40 -81.12 16.01
N LYS AA 48 12.95 -80.71 17.14
CA LYS AA 48 13.33 -81.62 18.20
C LYS AA 48 12.57 -81.25 19.46
N GLU AA 49 11.96 -82.25 20.08
CA GLU AA 49 11.22 -82.02 21.32
C GLU AA 49 12.20 -81.74 22.45
N ASP AA 50 11.97 -80.63 23.15
CA ASP AA 50 12.74 -80.31 24.33
C ASP AA 50 11.83 -80.28 25.55
N CYS AA 51 12.44 -80.28 26.72
CA CYS AA 51 11.70 -80.27 27.98
C CYS AA 51 11.70 -78.89 28.61
N VAL AA 52 11.61 -77.83 27.81
CA VAL AA 52 11.55 -76.51 28.40
C VAL AA 52 10.19 -76.23 29.00
N GLU AA 53 9.13 -76.82 28.45
CA GLU AA 53 7.80 -76.58 29.01
C GLU AA 53 7.61 -77.31 30.33
N GLU AA 54 8.10 -78.54 30.44
CA GLU AA 54 7.99 -79.25 31.70
C GLU AA 54 8.91 -78.65 32.77
N PHE AA 55 10.08 -78.16 32.35
CA PHE AA 55 10.96 -77.48 33.28
C PHE AA 55 10.40 -76.15 33.71
N PHE AA 56 9.66 -75.47 32.84
CA PHE AA 56 9.06 -74.20 33.24
C PHE AA 56 7.88 -74.40 34.17
N HIS AA 57 7.23 -75.57 34.10
CA HIS AA 57 6.18 -75.84 35.06
C HIS AA 57 6.76 -76.12 36.43
N LEU AA 58 7.84 -76.91 36.49
CA LEU AA 58 8.47 -77.22 37.76
C LEU AA 58 9.14 -76.01 38.35
N GLN AA 59 9.84 -75.23 37.54
CA GLN AA 59 10.50 -74.05 38.07
C GLN AA 59 9.53 -72.94 38.42
N HIS AA 60 8.28 -73.01 38.00
CA HIS AA 60 7.32 -72.02 38.44
C HIS AA 60 6.64 -72.42 39.74
N TYR AA 61 6.48 -73.71 40.00
CA TYR AA 61 5.91 -74.13 41.28
C TYR AA 61 6.90 -73.90 42.41
N LEU AA 62 8.19 -74.10 42.15
CA LEU AA 62 9.19 -73.95 43.19
C LEU AA 62 9.35 -72.49 43.59
N ASP AA 63 9.53 -71.62 42.62
CA ASP AA 63 9.83 -70.23 42.95
C ASP AA 63 8.61 -69.43 43.34
N THR AA 64 7.41 -70.00 43.31
CA THR AA 64 6.26 -69.35 43.91
C THR AA 64 5.99 -69.82 45.32
N ALA AA 65 6.65 -70.88 45.76
CA ALA AA 65 6.59 -71.29 47.15
C ALA AA 65 7.77 -70.78 47.96
N THR AA 66 8.89 -70.50 47.30
CA THR AA 66 10.06 -69.92 47.95
C THR AA 66 10.18 -68.44 47.68
N ALA AA 67 9.18 -67.82 47.10
CA ALA AA 67 9.24 -66.37 46.95
C ALA AA 67 9.00 -65.63 48.27
N PRO AA 68 7.98 -65.90 49.08
CA PRO AA 68 7.90 -65.20 50.36
C PRO AA 68 8.56 -65.94 51.52
N ARG AA 69 9.07 -67.14 51.28
CA ARG AA 69 9.66 -67.96 52.33
C ARG AA 69 11.16 -67.76 52.46
N LEU AA 70 11.78 -66.99 51.56
CA LEU AA 70 13.22 -66.98 51.51
C LEU AA 70 13.82 -65.86 52.34
N PHE AA 71 13.29 -64.64 52.20
CA PHE AA 71 14.03 -63.47 52.64
C PHE AA 71 14.04 -63.29 54.16
N ASP AA 72 13.32 -64.10 54.91
CA ASP AA 72 13.49 -64.08 56.36
C ASP AA 72 14.73 -64.86 56.76
N LYS AA 73 15.06 -65.90 56.00
CA LYS AA 73 16.24 -66.70 56.33
C LYS AA 73 17.53 -65.98 55.99
N LEU AA 74 17.52 -65.14 54.95
CA LEU AA 74 18.70 -64.38 54.61
C LEU AA 74 18.89 -63.25 55.62
N LYS AA 75 20.07 -63.19 56.21
CA LYS AA 75 20.35 -62.17 57.21
C LYS AA 75 20.51 -60.82 56.54
N PRO BA 1 -30.71 -32.34 13.24
CA PRO BA 1 -30.37 -32.48 11.83
C PRO BA 1 -31.07 -33.64 11.17
N GLN BA 2 -32.25 -33.97 11.70
CA GLN BA 2 -33.08 -35.05 11.16
C GLN BA 2 -34.33 -34.52 10.44
N SER BA 3 -34.80 -33.34 10.81
CA SER BA 3 -35.88 -32.63 10.11
C SER BA 3 -37.23 -33.30 10.23
N PHE BA 4 -37.94 -33.04 11.34
CA PHE BA 4 -39.20 -33.66 11.79
C PHE BA 4 -40.24 -34.02 10.74
N THR BA 5 -40.24 -33.31 9.61
CA THR BA 5 -40.99 -33.73 8.44
C THR BA 5 -40.59 -35.14 8.01
N SER BA 6 -39.32 -35.51 8.19
CA SER BA 6 -38.89 -36.83 7.79
C SER BA 6 -39.37 -37.89 8.78
N ILE BA 7 -39.20 -37.67 10.09
CA ILE BA 7 -39.60 -38.70 11.04
C ILE BA 7 -41.10 -38.78 11.21
N ALA BA 8 -41.84 -37.72 10.87
CA ALA BA 8 -43.27 -37.86 10.79
C ALA BA 8 -43.70 -38.59 9.54
N ARG BA 9 -42.81 -38.77 8.57
CA ARG BA 9 -43.14 -39.62 7.43
C ARG BA 9 -42.89 -41.09 7.75
N ILE BA 10 -41.80 -41.37 8.46
CA ILE BA 10 -41.53 -42.75 8.86
C ILE BA 10 -42.42 -43.14 10.03
N GLY BA 11 -42.72 -42.19 10.90
CA GLY BA 11 -43.55 -42.49 12.06
C GLY BA 11 -44.97 -42.82 11.68
N ASP BA 12 -45.60 -41.97 10.86
CA ASP BA 12 -46.98 -42.18 10.46
C ASP BA 12 -47.15 -43.34 9.49
N TYR BA 13 -46.08 -43.86 8.92
CA TYR BA 13 -46.18 -45.12 8.20
C TYR BA 13 -46.16 -46.31 9.16
N ILE BA 14 -45.45 -46.18 10.28
CA ILE BA 14 -45.43 -47.24 11.27
C ILE BA 14 -46.75 -47.32 12.02
N LEU BA 15 -47.31 -46.17 12.40
CA LEU BA 15 -48.58 -46.14 13.13
C LEU BA 15 -49.73 -46.65 12.28
N LYS BA 16 -49.71 -46.38 10.98
CA LYS BA 16 -50.82 -46.82 10.14
C LYS BA 16 -50.74 -48.30 9.80
N SER BA 17 -49.55 -48.87 9.81
CA SER BA 17 -49.43 -50.29 9.52
C SER BA 17 -49.88 -51.09 10.74
N PRO BA 18 -50.80 -52.04 10.58
CA PRO BA 18 -51.26 -52.81 11.74
C PRO BA 18 -50.26 -53.82 12.24
N VAL BA 19 -49.33 -54.26 11.41
CA VAL BA 19 -48.33 -55.24 11.84
C VAL BA 19 -47.22 -54.56 12.63
N LEU BA 20 -46.72 -53.44 12.13
CA LEU BA 20 -45.63 -52.75 12.81
C LEU BA 20 -46.08 -52.02 14.06
N SER BA 21 -47.34 -51.60 14.11
CA SER BA 21 -47.83 -50.93 15.32
C SER BA 21 -48.03 -51.90 16.46
N LYS BA 22 -48.35 -53.16 16.14
CA LYS BA 22 -48.38 -54.18 17.18
C LYS BA 22 -46.97 -54.53 17.64
N LEU BA 23 -45.99 -54.42 16.75
CA LEU BA 23 -44.66 -54.93 17.01
C LEU BA 23 -43.75 -53.94 17.71
N CYS BA 24 -43.61 -52.73 17.16
CA CYS BA 24 -42.55 -51.83 17.62
C CYS BA 24 -43.07 -50.61 18.37
N VAL BA 25 -44.36 -50.48 18.59
CA VAL BA 25 -44.89 -49.49 19.54
C VAL BA 25 -44.74 -49.98 20.98
N PRO BA 26 -44.93 -51.27 21.34
CA PRO BA 26 -44.52 -51.69 22.68
C PRO BA 26 -43.03 -51.59 22.96
N VAL BA 27 -42.18 -51.60 21.94
CA VAL BA 27 -40.78 -51.29 22.17
C VAL BA 27 -40.57 -49.79 22.33
N ALA BA 28 -41.48 -48.97 21.79
CA ALA BA 28 -41.28 -47.53 21.80
C ALA BA 28 -41.48 -46.95 23.19
N ASN BA 29 -42.60 -47.27 23.83
CA ASN BA 29 -42.85 -46.73 25.16
C ASN BA 29 -41.99 -47.39 26.22
N GLN BA 30 -41.47 -48.59 25.96
CA GLN BA 30 -40.45 -49.17 26.83
C GLN BA 30 -39.14 -48.42 26.71
N PHE BA 31 -38.87 -47.84 25.54
CA PHE BA 31 -37.70 -47.01 25.38
C PHE BA 31 -37.85 -45.67 26.09
N ILE BA 32 -39.09 -45.23 26.31
CA ILE BA 32 -39.34 -43.90 26.86
C ILE BA 32 -39.08 -43.88 28.37
N ASN BA 33 -39.67 -44.82 29.10
CA ASN BA 33 -39.47 -44.84 30.54
C ASN BA 33 -38.10 -45.36 30.93
N LEU BA 34 -37.42 -46.08 30.03
CA LEU BA 34 -36.01 -46.41 30.26
C LEU BA 34 -35.13 -45.21 30.03
N ALA BA 35 -35.56 -44.28 29.18
CA ALA BA 35 -34.79 -43.05 28.97
C ALA BA 35 -34.82 -42.18 30.21
N GLY BA 36 -35.98 -42.08 30.85
CA GLY BA 36 -36.06 -41.46 32.15
C GLY BA 36 -35.99 -39.96 32.13
N TYR BA 37 -36.63 -39.32 31.15
CA TYR BA 37 -36.76 -37.87 31.19
C TYR BA 37 -38.01 -37.44 31.92
N LYS BA 38 -39.00 -38.32 32.04
CA LYS BA 38 -40.18 -38.00 32.83
C LYS BA 38 -39.83 -37.88 34.30
N LYS BA 39 -38.85 -38.66 34.77
CA LYS BA 39 -38.49 -38.67 36.18
C LYS BA 39 -37.84 -37.38 36.62
N LEU BA 40 -37.33 -36.59 35.70
CA LEU BA 40 -36.92 -35.24 36.01
C LEU BA 40 -38.05 -34.23 35.79
N GLY BA 41 -39.21 -34.68 35.36
CA GLY BA 41 -40.30 -33.76 35.07
C GLY BA 41 -40.05 -32.97 33.82
N LEU BA 42 -40.01 -33.64 32.68
CA LEU BA 42 -39.83 -32.99 31.39
C LEU BA 42 -40.73 -33.69 30.40
N LYS BA 43 -41.41 -32.93 29.55
CA LYS BA 43 -41.99 -33.55 28.38
C LYS BA 43 -40.90 -33.65 27.32
N PHE BA 44 -41.17 -34.42 26.27
CA PHE BA 44 -40.10 -34.72 25.30
C PHE BA 44 -39.71 -33.49 24.51
N ASP BA 45 -40.67 -32.62 24.21
CA ASP BA 45 -40.34 -31.44 23.40
C ASP BA 45 -39.62 -30.36 24.18
N ASP BA 46 -39.29 -30.61 25.45
CA ASP BA 46 -38.31 -29.80 26.14
C ASP BA 46 -36.90 -30.16 25.72
N LEU BA 47 -36.71 -31.40 25.27
CA LEU BA 47 -35.38 -31.93 25.00
C LEU BA 47 -34.85 -31.57 23.63
N ILE BA 48 -35.72 -31.20 22.68
CA ILE BA 48 -35.33 -30.91 21.32
C ILE BA 48 -34.42 -29.70 21.31
N ALA BA 49 -33.24 -29.83 20.68
CA ALA BA 49 -32.20 -28.82 20.80
C ALA BA 49 -32.60 -27.53 20.09
N GLU BA 50 -32.57 -26.43 20.83
CA GLU BA 50 -33.21 -25.18 20.45
C GLU BA 50 -32.23 -24.14 19.95
N GLU BA 51 -31.23 -24.55 19.17
CA GLU BA 51 -30.22 -23.61 18.69
C GLU BA 51 -30.13 -23.55 17.17
N ASN BA 52 -31.18 -23.95 16.47
CA ASN BA 52 -31.27 -23.78 15.03
C ASN BA 52 -32.46 -22.90 14.70
N PRO BA 53 -32.40 -22.12 13.61
CA PRO BA 53 -33.47 -21.15 13.35
C PRO BA 53 -34.78 -21.74 12.89
N ILE BA 54 -34.88 -23.05 12.65
CA ILE BA 54 -36.17 -23.67 12.37
C ILE BA 54 -36.88 -24.03 13.66
N MET BA 55 -36.14 -24.13 14.76
CA MET BA 55 -36.73 -24.44 16.05
C MET BA 55 -36.75 -23.23 16.97
N GLN BA 56 -35.82 -22.30 16.82
CA GLN BA 56 -35.95 -21.00 17.47
C GLN BA 56 -37.13 -20.21 16.94
N THR BA 57 -37.54 -20.48 15.70
CA THR BA 57 -38.77 -19.91 15.17
C THR BA 57 -39.98 -20.47 15.89
N ALA BA 58 -40.05 -21.79 16.03
CA ALA BA 58 -41.21 -22.42 16.65
C ALA BA 58 -41.28 -22.24 18.15
N LEU BA 59 -40.30 -21.58 18.76
CA LEU BA 59 -40.40 -21.19 20.16
C LEU BA 59 -40.89 -19.76 20.34
N ARG BA 60 -41.05 -19.02 19.26
CA ARG BA 60 -41.73 -17.73 19.34
C ARG BA 60 -43.22 -17.86 19.04
N ARG BA 61 -43.60 -18.79 18.17
CA ARG BA 61 -45.00 -19.01 17.86
C ARG BA 61 -45.72 -19.80 18.94
N LEU BA 62 -45.03 -20.26 19.96
CA LEU BA 62 -45.68 -20.94 21.08
C LEU BA 62 -46.47 -19.92 21.89
N PRO BA 63 -47.66 -20.28 22.38
CA PRO BA 63 -48.45 -19.33 23.18
C PRO BA 63 -47.77 -19.00 24.49
N GLU BA 64 -48.23 -17.92 25.11
CA GLU BA 64 -47.59 -17.44 26.33
C GLU BA 64 -47.80 -18.40 27.49
N ASP BA 65 -48.96 -19.03 27.58
CA ASP BA 65 -49.25 -19.87 28.72
C ASP BA 65 -48.47 -21.17 28.71
N GLU BA 66 -48.08 -21.65 27.52
CA GLU BA 66 -47.26 -22.85 27.47
C GLU BA 66 -45.77 -22.55 27.46
N SER BA 67 -45.39 -21.32 27.13
CA SER BA 67 -43.99 -20.93 27.19
C SER BA 67 -43.59 -20.42 28.56
N TYR BA 68 -44.52 -20.43 29.52
CA TYR BA 68 -44.18 -20.24 30.92
C TYR BA 68 -44.07 -21.54 31.66
N ALA BA 69 -44.86 -22.55 31.28
CA ALA BA 69 -44.68 -23.87 31.86
C ALA BA 69 -43.38 -24.50 31.39
N ARG BA 70 -43.07 -24.35 30.09
CA ARG BA 70 -41.84 -24.89 29.54
C ARG BA 70 -40.62 -24.24 30.13
N ALA BA 71 -40.72 -22.98 30.53
CA ALA BA 71 -39.62 -22.34 31.24
C ALA BA 71 -39.58 -22.69 32.71
N TYR BA 72 -40.50 -23.51 33.20
CA TYR BA 72 -40.44 -24.00 34.56
C TYR BA 72 -39.94 -25.43 34.65
N ARG BA 73 -40.37 -26.29 33.73
CA ARG BA 73 -39.90 -27.67 33.74
C ARG BA 73 -38.44 -27.78 33.35
N ILE BA 74 -37.87 -26.77 32.73
CA ILE BA 74 -36.44 -26.76 32.47
C ILE BA 74 -35.67 -26.39 33.73
N ILE BA 75 -36.11 -25.37 34.47
CA ILE BA 75 -35.41 -25.01 35.70
C ILE BA 75 -35.70 -26.02 36.79
N ARG BA 76 -36.85 -26.67 36.76
CA ARG BA 76 -37.06 -27.77 37.69
C ARG BA 76 -36.21 -28.98 37.37
N ALA BA 77 -35.73 -29.11 36.13
CA ALA BA 77 -34.81 -30.18 35.79
C ALA BA 77 -33.35 -29.78 35.96
N HIS BA 78 -33.01 -28.50 35.82
CA HIS BA 78 -31.66 -28.07 36.17
C HIS BA 78 -31.45 -28.12 37.66
N GLN BA 79 -32.49 -27.88 38.44
CA GLN BA 79 -32.35 -27.90 39.89
C GLN BA 79 -32.33 -29.33 40.41
N THR BA 80 -33.09 -30.22 39.78
CA THR BA 80 -33.12 -31.60 40.24
C THR BA 80 -31.84 -32.33 39.87
N GLU BA 81 -31.22 -31.95 38.76
CA GLU BA 81 -29.99 -32.65 38.36
C GLU BA 81 -28.79 -32.19 39.17
N LEU BA 82 -28.76 -30.93 39.62
CA LEU BA 82 -27.58 -30.55 40.37
C LEU BA 82 -27.66 -30.94 41.83
N THR BA 83 -28.80 -31.39 42.32
CA THR BA 83 -28.84 -32.08 43.59
C THR BA 83 -28.60 -33.57 43.43
N HIS BA 84 -28.46 -34.04 42.19
CA HIS BA 84 -28.22 -35.44 41.82
C HIS BA 84 -29.31 -36.36 42.32
N HIS BA 85 -30.52 -35.84 42.42
CA HIS BA 85 -31.68 -36.60 42.82
C HIS BA 85 -32.63 -36.74 41.65
N LEU BA 86 -33.76 -37.38 41.92
CA LEU BA 86 -34.87 -37.44 40.98
C LEU BA 86 -36.07 -36.77 41.62
N LEU BA 87 -37.03 -36.38 40.79
CA LEU BA 87 -38.25 -35.83 41.31
C LEU BA 87 -39.06 -36.93 41.98
N PRO BA 88 -39.82 -36.60 43.02
CA PRO BA 88 -40.67 -37.60 43.67
C PRO BA 88 -41.74 -38.14 42.73
N ARG BA 89 -42.30 -39.28 43.10
CA ARG BA 89 -43.15 -40.04 42.18
C ARG BA 89 -44.48 -39.34 41.90
N ASN BA 90 -44.88 -38.37 42.70
CA ASN BA 90 -46.07 -37.59 42.42
C ASN BA 90 -45.79 -36.32 41.63
N GLU BA 91 -44.58 -36.17 41.09
CA GLU BA 91 -44.24 -35.05 40.23
C GLU BA 91 -43.70 -35.49 38.88
N TRP BA 92 -43.70 -36.78 38.59
CA TRP BA 92 -43.25 -37.24 37.30
C TRP BA 92 -44.30 -36.92 36.24
N ILE BA 93 -43.84 -36.65 35.03
CA ILE BA 93 -44.76 -36.46 33.91
C ILE BA 93 -45.37 -37.80 33.57
N LYS BA 94 -46.69 -37.89 33.63
CA LYS BA 94 -47.36 -39.15 33.38
C LYS BA 94 -47.43 -39.41 31.88
N ALA BA 95 -48.01 -40.55 31.51
CA ALA BA 95 -48.04 -40.96 30.11
C ALA BA 95 -48.99 -40.14 29.27
N GLN BA 96 -49.90 -39.40 29.88
CA GLN BA 96 -50.89 -38.62 29.15
C GLN BA 96 -50.54 -37.15 29.05
N GLU BA 97 -49.78 -36.61 30.00
CA GLU BA 97 -49.32 -35.24 29.87
C GLU BA 97 -48.13 -35.11 28.94
N ASP BA 98 -47.54 -36.23 28.52
CA ASP BA 98 -46.43 -36.22 27.56
C ASP BA 98 -47.01 -36.10 26.15
N VAL BA 99 -47.39 -34.88 25.79
CA VAL BA 99 -48.04 -34.63 24.51
C VAL BA 99 -47.08 -33.89 23.60
N PRO BA 100 -47.15 -34.10 22.29
CA PRO BA 100 -46.33 -33.31 21.37
C PRO BA 100 -46.88 -31.90 21.18
N TYR BA 101 -46.54 -31.02 22.12
CA TYR BA 101 -47.07 -29.67 22.09
C TYR BA 101 -46.26 -28.75 21.18
N LEU BA 102 -45.05 -29.13 20.80
CA LEU BA 102 -44.21 -28.34 19.92
C LEU BA 102 -44.06 -28.99 18.56
N LEU BA 103 -44.73 -30.11 18.34
CA LEU BA 103 -44.69 -30.72 17.00
C LEU BA 103 -45.46 -29.93 15.94
N PRO BA 104 -46.69 -29.44 16.17
CA PRO BA 104 -47.33 -28.67 15.10
C PRO BA 104 -46.67 -27.33 14.82
N TYR BA 105 -46.03 -26.71 15.80
CA TYR BA 105 -45.32 -25.47 15.51
C TYR BA 105 -44.02 -25.70 14.78
N ILE BA 106 -43.42 -26.88 14.92
CA ILE BA 106 -42.20 -27.17 14.18
C ILE BA 106 -42.53 -27.60 12.76
N LEU BA 107 -43.50 -28.51 12.61
CA LEU BA 107 -43.86 -29.04 11.30
C LEU BA 107 -44.43 -28.00 10.36
N GLU BA 108 -45.00 -26.92 10.89
CA GLU BA 108 -45.47 -25.84 10.05
C GLU BA 108 -44.40 -24.78 9.81
N ALA BA 109 -43.34 -24.77 10.60
CA ALA BA 109 -42.22 -23.86 10.38
C ALA BA 109 -41.04 -24.57 9.75
N GLU BA 110 -41.12 -25.87 9.53
CA GLU BA 110 -40.15 -26.64 8.78
C GLU BA 110 -40.57 -26.86 7.34
N ALA BA 111 -41.86 -27.05 7.10
CA ALA BA 111 -42.40 -27.15 5.77
C ALA BA 111 -42.66 -25.80 5.14
N ALA BA 112 -42.41 -24.71 5.86
CA ALA BA 112 -42.45 -23.38 5.30
C ALA BA 112 -41.05 -22.83 5.08
N ALA BA 113 -40.03 -23.65 5.31
CA ALA BA 113 -38.68 -23.34 4.88
C ALA BA 113 -38.15 -24.38 3.90
N LYS BA 114 -38.79 -25.54 3.81
CA LYS BA 114 -38.58 -26.40 2.65
C LYS BA 114 -39.14 -25.75 1.40
N GLU BA 115 -40.28 -25.08 1.54
CA GLU BA 115 -40.91 -24.38 0.42
C GLU BA 115 -40.08 -23.19 -0.03
N LYS BA 116 -39.35 -22.54 0.87
CA LYS BA 116 -38.50 -21.43 0.47
C LYS BA 116 -37.30 -21.91 -0.34
N ASP BA 117 -36.81 -23.12 -0.10
CA ASP BA 117 -35.73 -23.66 -0.91
C ASP BA 117 -36.21 -24.31 -2.19
N GLU BA 118 -37.49 -24.63 -2.30
CA GLU BA 118 -38.06 -25.05 -3.57
C GLU BA 118 -38.59 -23.88 -4.37
N LEU BA 119 -38.18 -22.66 -4.02
CA LEU BA 119 -38.56 -21.47 -4.75
C LEU BA 119 -37.39 -20.57 -5.07
N ASP BA 120 -36.25 -20.77 -4.45
CA ASP BA 120 -35.01 -20.20 -4.95
C ASP BA 120 -34.35 -21.10 -5.98
N ASN BA 121 -34.92 -22.27 -6.25
CA ASN BA 121 -34.35 -23.24 -7.15
C ASN BA 121 -35.43 -23.79 -8.08
N ILE BA 122 -36.18 -22.91 -8.71
CA ILE BA 122 -37.14 -23.30 -9.73
C ILE BA 122 -36.55 -23.03 -11.10
N GLU BA 123 -36.68 -24.00 -11.98
CA GLU BA 123 -36.24 -23.92 -13.36
C GLU BA 123 -37.51 -23.84 -14.20
N VAL BA 124 -38.00 -22.62 -14.41
CA VAL BA 124 -39.26 -22.45 -15.09
C VAL BA 124 -39.08 -22.71 -16.59
N SER BA 125 -39.98 -23.50 -17.16
CA SER BA 125 -39.93 -23.78 -18.59
C SER BA 125 -40.34 -22.54 -19.38
N LYS BA 126 -39.98 -22.55 -20.66
CA LYS BA 126 -40.26 -21.42 -21.53
C LYS BA 126 -41.73 -21.37 -21.92
N GLY CA 1 -16.96 -0.60 20.06
CA GLY CA 1 -16.23 -1.43 19.12
C GLY CA 1 -17.11 -2.00 18.03
N PRO CA 2 -16.57 -2.95 17.26
CA PRO CA 2 -17.33 -3.54 16.17
C PRO CA 2 -18.40 -4.47 16.71
N PRO CA 3 -19.44 -4.74 15.94
CA PRO CA 3 -20.46 -5.68 16.42
C PRO CA 3 -20.03 -7.12 16.26
N SER CA 4 -20.91 -8.06 16.57
CA SER CA 4 -20.65 -9.46 16.26
C SER CA 4 -21.98 -10.11 15.91
N GLY CA 5 -21.91 -11.39 15.56
CA GLY CA 5 -23.07 -12.11 15.10
C GLY CA 5 -24.03 -12.46 16.21
N LYS CA 6 -25.11 -13.15 15.84
CA LYS CA 6 -26.04 -13.63 16.83
C LYS CA 6 -25.44 -14.85 17.51
N THR CA 7 -25.67 -14.96 18.81
CA THR CA 7 -25.20 -16.07 19.61
C THR CA 7 -26.40 -16.75 20.23
N TYR CA 8 -26.13 -17.72 21.10
CA TYR CA 8 -27.17 -18.33 21.89
C TYR CA 8 -26.86 -18.20 23.37
N MET CA 9 -26.12 -17.16 23.72
CA MET CA 9 -25.88 -16.80 25.11
C MET CA 9 -25.54 -15.33 25.16
N GLY CA 10 -26.21 -14.58 26.01
CA GLY CA 10 -25.93 -13.17 26.14
C GLY CA 10 -25.06 -12.89 27.34
N TRP CA 11 -25.59 -12.11 28.27
CA TRP CA 11 -24.88 -11.80 29.50
C TRP CA 11 -25.92 -11.62 30.58
N TRP CA 12 -25.54 -11.00 31.70
CA TRP CA 12 -26.46 -10.87 32.82
C TRP CA 12 -27.48 -9.79 32.51
N GLY CA 13 -28.72 -10.21 32.31
CA GLY CA 13 -29.80 -9.27 32.06
C GLY CA 13 -30.46 -9.51 30.73
N HIS CA 14 -29.67 -9.82 29.72
CA HIS CA 14 -30.18 -10.13 28.39
C HIS CA 14 -29.61 -11.46 27.93
N MET CA 15 -29.77 -12.49 28.78
CA MET CA 15 -29.18 -13.79 28.51
C MET CA 15 -29.79 -14.47 27.29
N GLY CA 16 -31.00 -14.10 26.91
CA GLY CA 16 -31.57 -14.62 25.68
C GLY CA 16 -32.37 -15.89 25.83
N GLY CA 17 -32.78 -16.23 27.04
CA GLY CA 17 -33.74 -17.28 27.21
C GLY CA 17 -35.13 -16.78 26.98
N PRO CA 18 -36.10 -17.68 27.10
CA PRO CA 18 -37.49 -17.27 26.98
C PRO CA 18 -37.90 -16.43 28.18
N LYS CA 19 -38.93 -15.60 27.96
CA LYS CA 19 -39.44 -14.76 29.02
C LYS CA 19 -40.14 -15.65 30.05
N GLN CA 20 -39.69 -15.56 31.30
CA GLN CA 20 -40.27 -16.37 32.37
C GLN CA 20 -41.03 -15.48 33.32
N LYS CA 21 -42.05 -16.06 33.96
CA LYS CA 21 -42.99 -15.26 34.73
C LYS CA 21 -43.72 -16.19 35.69
N GLY CA 22 -43.84 -15.75 36.94
CA GLY CA 22 -44.56 -16.54 37.91
C GLY CA 22 -43.79 -17.70 38.46
N ILE CA 23 -42.47 -17.66 38.39
CA ILE CA 23 -41.62 -18.68 38.98
C ILE CA 23 -40.72 -18.00 39.99
N THR CA 24 -40.93 -18.34 41.26
CA THR CA 24 -40.24 -17.68 42.36
C THR CA 24 -39.35 -18.67 43.09
N SER CA 25 -38.17 -18.19 43.49
CA SER CA 25 -37.11 -19.07 43.97
C SER CA 25 -36.65 -18.60 45.33
N TYR CA 26 -36.76 -19.46 46.32
CA TYR CA 26 -36.28 -19.17 47.66
C TYR CA 26 -34.97 -19.91 47.91
N ALA CA 27 -34.09 -19.29 48.67
CA ALA CA 27 -32.83 -19.92 49.03
C ALA CA 27 -32.37 -19.34 50.35
N VAL CA 28 -31.73 -20.15 51.17
CA VAL CA 28 -31.27 -19.73 52.49
C VAL CA 28 -29.78 -19.54 52.42
N SER CA 29 -29.25 -18.66 53.26
CA SER CA 29 -27.82 -18.38 53.25
C SER CA 29 -27.05 -19.59 53.74
N PRO CA 30 -25.87 -19.88 53.17
CA PRO CA 30 -25.12 -21.06 53.58
C PRO CA 30 -24.46 -20.91 54.93
N TYR CA 31 -24.42 -19.71 55.51
CA TYR CA 31 -24.02 -19.55 56.90
C TYR CA 31 -25.12 -19.95 57.86
N ALA CA 32 -26.32 -20.22 57.37
CA ALA CA 32 -27.46 -20.51 58.22
C ALA CA 32 -27.96 -21.93 58.07
N GLN CA 33 -27.35 -22.74 57.23
CA GLN CA 33 -27.69 -24.14 57.11
C GLN CA 33 -26.44 -24.97 57.32
N LYS CA 34 -26.63 -26.21 57.73
CA LYS CA 34 -25.49 -27.09 57.98
C LYS CA 34 -25.02 -27.69 56.66
N PRO CA 35 -23.80 -27.42 56.24
CA PRO CA 35 -23.27 -28.12 55.07
C PRO CA 35 -22.93 -29.55 55.44
N LEU CA 36 -23.06 -30.42 54.45
CA LEU CA 36 -22.90 -31.84 54.62
C LEU CA 36 -23.84 -32.40 55.64
N GLN CA 37 -25.10 -32.00 55.55
CA GLN CA 37 -26.09 -32.55 56.46
C GLN CA 37 -26.48 -33.96 56.07
N GLY CA 38 -26.32 -34.31 54.80
CA GLY CA 38 -26.77 -35.59 54.31
C GLY CA 38 -25.69 -36.37 53.61
N ILE CA 39 -24.48 -36.38 54.17
CA ILE CA 39 -23.43 -37.23 53.61
C ILE CA 39 -23.79 -38.70 53.80
N PHE CA 40 -24.25 -39.06 54.98
CA PHE CA 40 -24.89 -40.35 55.11
C PHE CA 40 -26.32 -40.24 54.62
N HIS CA 41 -26.89 -41.38 54.22
CA HIS CA 41 -28.14 -41.59 53.49
C HIS CA 41 -28.05 -41.12 52.04
N ASN CA 42 -26.95 -40.51 51.62
CA ASN CA 42 -26.71 -40.25 50.21
C ASN CA 42 -25.53 -41.03 49.68
N ALA CA 43 -24.46 -41.17 50.47
CA ALA CA 43 -23.37 -42.03 50.06
C ALA CA 43 -23.75 -43.49 50.13
N VAL CA 44 -24.76 -43.85 50.92
CA VAL CA 44 -25.20 -45.22 51.02
C VAL CA 44 -26.42 -45.43 50.12
N PHE CA 45 -27.48 -44.67 50.36
CA PHE CA 45 -28.75 -44.97 49.75
C PHE CA 45 -28.96 -44.28 48.41
N ASN CA 46 -28.40 -43.09 48.20
CA ASN CA 46 -28.53 -42.46 46.91
C ASN CA 46 -27.48 -42.94 45.93
N SER CA 47 -26.26 -43.22 46.40
CA SER CA 47 -25.21 -43.73 45.53
C SER CA 47 -25.49 -45.14 45.04
N PHE CA 48 -26.32 -45.90 45.74
CA PHE CA 48 -26.78 -47.15 45.17
C PHE CA 48 -27.82 -46.91 44.09
N ARG CA 49 -28.64 -45.87 44.24
CA ARG CA 49 -29.67 -45.59 43.25
C ARG CA 49 -29.07 -45.14 41.94
N ARG CA 50 -27.97 -44.38 41.99
CA ARG CA 50 -27.29 -44.00 40.76
C ARG CA 50 -26.60 -45.20 40.14
N PHE CA 51 -26.03 -46.07 40.98
CA PHE CA 51 -25.36 -47.25 40.49
C PHE CA 51 -26.32 -48.29 39.96
N LYS CA 52 -27.57 -48.30 40.41
CA LYS CA 52 -28.51 -49.29 39.88
C LYS CA 52 -28.91 -48.96 38.46
N SER CA 53 -28.93 -47.68 38.11
CA SER CA 53 -29.41 -47.30 36.78
C SER CA 53 -28.32 -47.42 35.73
N GLN CA 54 -27.16 -46.82 35.97
CA GLN CA 54 -26.10 -46.72 34.97
C GLN CA 54 -24.97 -47.71 35.19
N PHE CA 55 -25.25 -48.93 35.62
CA PHE CA 55 -24.20 -49.94 35.64
C PHE CA 55 -24.36 -50.97 34.55
N LEU CA 56 -25.56 -51.18 34.04
CA LEU CA 56 -25.77 -52.20 33.03
C LEU CA 56 -25.37 -51.70 31.64
N TYR CA 57 -24.97 -50.44 31.53
CA TYR CA 57 -24.33 -49.93 30.33
C TYR CA 57 -22.82 -49.88 30.44
N VAL CA 58 -22.24 -50.12 31.62
CA VAL CA 58 -20.81 -50.15 31.81
C VAL CA 58 -20.33 -51.53 32.25
N LEU CA 59 -21.20 -52.53 32.20
CA LEU CA 59 -20.81 -53.90 32.51
C LEU CA 59 -20.91 -54.81 31.31
N ILE CA 60 -21.94 -54.68 30.50
CA ILE CA 60 -22.06 -55.47 29.29
C ILE CA 60 -21.12 -54.97 28.17
N PRO CA 61 -20.87 -53.66 27.99
CA PRO CA 61 -19.76 -53.29 27.10
C PRO CA 61 -18.37 -53.57 27.66
N ALA CA 62 -18.26 -53.92 28.94
CA ALA CA 62 -17.01 -54.41 29.48
C ALA CA 62 -17.08 -55.90 29.78
N GLY CA 63 -18.19 -56.55 29.45
CA GLY CA 63 -18.28 -57.98 29.60
C GLY CA 63 -18.16 -58.62 28.25
N ILE CA 64 -18.54 -57.87 27.22
CA ILE CA 64 -18.32 -58.35 25.86
C ILE CA 64 -16.86 -58.25 25.49
N TYR CA 65 -16.21 -57.16 25.87
CA TYR CA 65 -14.83 -56.93 25.43
C TYR CA 65 -13.82 -57.65 26.30
N TRP CA 66 -14.11 -57.85 27.58
CA TRP CA 66 -13.16 -58.57 28.42
C TRP CA 66 -13.29 -60.08 28.23
N TYR CA 67 -14.46 -60.58 27.89
CA TYR CA 67 -14.54 -61.99 27.52
C TYR CA 67 -13.90 -62.22 26.16
N TRP CA 68 -13.90 -61.21 25.30
CA TRP CA 68 -13.24 -61.35 24.01
C TRP CA 68 -11.73 -61.33 24.16
N TRP CA 69 -11.23 -60.49 25.07
CA TRP CA 69 -9.79 -60.41 25.28
C TRP CA 69 -9.26 -61.66 25.98
N LYS CA 70 -9.99 -62.16 26.97
CA LYS CA 70 -9.53 -63.32 27.70
C LYS CA 70 -9.72 -64.61 26.90
N ASN CA 71 -10.52 -64.60 25.86
CA ASN CA 71 -10.64 -65.78 25.02
C ASN CA 71 -9.65 -65.78 23.87
N GLY CA 72 -8.86 -64.72 23.73
CA GLY CA 72 -7.82 -64.71 22.72
C GLY CA 72 -6.45 -64.77 23.35
N ASN CA 73 -6.29 -64.09 24.49
CA ASN CA 73 -5.06 -64.17 25.26
C ASN CA 73 -4.85 -65.54 25.86
N GLU CA 74 -5.91 -66.32 26.02
CA GLU CA 74 -5.79 -67.72 26.38
C GLU CA 74 -5.61 -68.58 25.12
N TYR CA 75 -6.10 -68.12 23.98
CA TYR CA 75 -5.86 -68.84 22.74
C TYR CA 75 -4.45 -68.64 22.23
N ASN CA 76 -3.87 -67.46 22.46
CA ASN CA 76 -2.48 -67.22 22.06
C ASN CA 76 -1.53 -68.14 22.79
N GLU CA 77 -1.76 -68.38 24.07
CA GLU CA 77 -0.91 -69.25 24.85
C GLU CA 77 -1.16 -70.72 24.59
N PHE CA 78 -2.18 -71.07 23.81
CA PHE CA 78 -2.33 -72.46 23.44
C PHE CA 78 -1.44 -72.82 22.27
N LEU CA 79 -1.51 -72.05 21.19
CA LEU CA 79 -0.76 -72.40 19.99
C LEU CA 79 0.73 -72.12 20.11
N TYR CA 80 1.15 -71.33 21.09
CA TYR CA 80 2.58 -71.20 21.39
C TYR CA 80 3.03 -72.12 22.50
N SER CA 81 2.45 -73.30 22.58
CA SER CA 81 2.85 -74.30 23.55
C SER CA 81 3.43 -75.50 22.84
N LYS CA 82 3.75 -76.52 23.62
CA LYS CA 82 4.14 -77.81 23.05
C LYS CA 82 2.96 -78.58 22.51
N ALA CA 83 1.75 -78.28 23.00
CA ALA CA 83 0.58 -79.04 22.58
C ALA CA 83 0.00 -78.51 21.27
N GLY CA 84 0.16 -77.22 21.01
CA GLY CA 84 -0.46 -76.63 19.85
C GLY CA 84 0.53 -76.12 18.83
N ARG CA 85 1.60 -76.85 18.57
CA ARG CA 85 2.47 -76.45 17.48
C ARG CA 85 1.98 -76.97 16.14
N GLU CA 86 1.23 -78.07 16.14
CA GLU CA 86 0.66 -78.56 14.89
C GLU CA 86 -0.50 -77.70 14.42
N GLU CA 87 -1.16 -76.99 15.33
CA GLU CA 87 -2.13 -75.99 14.92
C GLU CA 87 -1.48 -74.67 14.56
N LEU CA 88 -0.26 -74.44 15.03
CA LEU CA 88 0.44 -73.20 14.69
C LEU CA 88 0.95 -73.24 13.26
N GLU CA 89 1.44 -74.40 12.81
CA GLU CA 89 2.07 -74.49 11.50
C GLU CA 89 1.06 -74.49 10.35
N ARG CA 90 -0.24 -74.51 10.64
CA ARG CA 90 -1.24 -74.35 9.60
C ARG CA 90 -1.93 -73.00 9.65
N VAL CA 91 -1.82 -72.26 10.75
CA VAL CA 91 -2.43 -70.95 10.82
C VAL CA 91 -1.52 -69.88 10.24
N ASN CA 92 -0.24 -69.89 10.60
CA ASN CA 92 0.71 -68.99 9.96
C ASN CA 92 1.04 -69.41 8.53
N VAL CA 93 0.76 -70.65 8.15
CA VAL CA 93 0.91 -71.09 6.77
C VAL CA 93 -0.45 -71.41 6.17
N SER DA 1 -17.45 -17.02 69.66
CA SER DA 1 -17.33 -16.17 70.83
C SER DA 1 -16.86 -14.77 70.43
N SER DA 2 -15.94 -14.20 71.22
CA SER DA 2 -15.16 -13.05 70.80
C SER DA 2 -13.91 -13.46 70.04
N LEU DA 3 -13.83 -14.72 69.62
CA LEU DA 3 -12.78 -15.19 68.74
C LEU DA 3 -12.90 -14.55 67.37
N TYR DA 4 -14.11 -14.17 66.97
CA TYR DA 4 -14.31 -13.60 65.65
C TYR DA 4 -13.72 -12.19 65.56
N LYS DA 5 -13.82 -11.43 66.65
CA LYS DA 5 -13.42 -10.02 66.57
C LYS DA 5 -11.92 -9.88 66.46
N THR DA 6 -11.17 -10.71 67.19
CA THR DA 6 -9.72 -10.56 67.19
C THR DA 6 -9.10 -11.21 65.97
N PHE DA 7 -9.63 -12.35 65.53
CA PHE DA 7 -8.95 -13.12 64.51
C PHE DA 7 -9.58 -12.95 63.13
N PHE DA 8 -10.88 -13.22 63.00
CA PHE DA 8 -11.47 -13.29 61.68
C PHE DA 8 -12.10 -11.99 61.20
N LYS DA 9 -12.12 -10.94 62.01
CA LYS DA 9 -12.80 -9.73 61.58
C LYS DA 9 -11.98 -8.97 60.54
N ARG DA 10 -10.81 -8.48 60.92
CA ARG DA 10 -9.94 -7.80 60.00
C ARG DA 10 -9.22 -8.82 59.16
N ASN DA 11 -9.27 -8.67 57.84
CA ASN DA 11 -8.57 -9.60 56.97
C ASN DA 11 -7.07 -9.43 57.04
N ALA DA 12 -6.59 -8.28 57.50
CA ALA DA 12 -5.16 -8.08 57.67
C ALA DA 12 -4.60 -8.91 58.81
N VAL DA 13 -5.42 -9.28 59.77
CA VAL DA 13 -5.00 -10.13 60.87
C VAL DA 13 -5.52 -11.56 60.70
N PHE DA 14 -6.46 -11.79 59.79
CA PHE DA 14 -6.81 -13.16 59.44
C PHE DA 14 -5.70 -13.81 58.65
N VAL DA 15 -5.24 -13.15 57.59
CA VAL DA 15 -4.19 -13.73 56.78
C VAL DA 15 -2.82 -13.60 57.45
N GLY DA 16 -2.69 -12.73 58.44
CA GLY DA 16 -1.48 -12.73 59.23
C GLY DA 16 -1.39 -13.86 60.22
N THR DA 17 -2.51 -14.53 60.46
CA THR DA 17 -2.55 -15.75 61.26
C THR DA 17 -2.39 -16.99 60.41
N ILE DA 18 -2.68 -16.90 59.12
CA ILE DA 18 -2.41 -18.01 58.21
C ILE DA 18 -0.92 -18.16 58.00
N PHE DA 19 -0.20 -17.05 57.83
CA PHE DA 19 1.22 -17.12 57.60
C PHE DA 19 1.99 -17.41 58.88
N ALA DA 20 1.55 -16.88 60.01
CA ALA DA 20 2.18 -17.26 61.27
C ALA DA 20 1.75 -18.63 61.75
N GLY DA 21 0.74 -19.22 61.11
CA GLY DA 21 0.35 -20.58 61.44
C GLY DA 21 0.95 -21.55 60.46
N ALA DA 22 1.45 -21.05 59.33
CA ALA DA 22 2.20 -21.90 58.41
C ALA DA 22 3.69 -21.89 58.70
N PHE DA 23 4.18 -20.89 59.43
CA PHE DA 23 5.57 -20.89 59.84
C PHE DA 23 5.83 -21.89 60.95
N VAL DA 24 4.82 -22.17 61.76
CA VAL DA 24 4.94 -23.21 62.76
C VAL DA 24 4.63 -24.58 62.16
N PHE DA 25 3.77 -24.64 61.15
CA PHE DA 25 3.44 -25.92 60.54
C PHE DA 25 4.58 -26.45 59.70
N GLN DA 26 5.44 -25.58 59.17
CA GLN DA 26 6.57 -26.06 58.38
C GLN DA 26 7.60 -26.77 59.26
N THR DA 27 7.99 -26.12 60.35
CA THR DA 27 9.06 -26.64 61.19
C THR DA 27 8.63 -27.87 61.96
N VAL DA 28 7.37 -27.94 62.36
CA VAL DA 28 6.92 -29.00 63.25
C VAL DA 28 6.54 -30.26 62.47
N PHE DA 29 5.78 -30.10 61.39
CA PHE DA 29 5.32 -31.26 60.62
C PHE DA 29 6.46 -31.93 59.89
N ASP DA 30 7.49 -31.18 59.52
CA ASP DA 30 8.65 -31.80 58.90
C ASP DA 30 9.46 -32.61 59.91
N THR DA 31 9.67 -32.07 61.11
CA THR DA 31 10.36 -32.82 62.14
C THR DA 31 9.53 -34.00 62.64
N ALA DA 32 8.21 -33.85 62.65
CA ALA DA 32 7.37 -34.95 63.10
C ALA DA 32 7.27 -36.06 62.07
N ILE DA 33 7.50 -35.75 60.80
CA ILE DA 33 7.45 -36.80 59.79
C ILE DA 33 8.83 -37.37 59.50
N THR DA 34 9.91 -36.67 59.87
CA THR DA 34 11.24 -37.24 59.77
C THR DA 34 11.49 -38.19 60.92
N SER DA 35 11.16 -37.77 62.14
CA SER DA 35 11.37 -38.60 63.31
C SER DA 35 10.45 -39.80 63.37
N TRP DA 36 9.40 -39.86 62.55
CA TRP DA 36 8.64 -41.08 62.42
C TRP DA 36 9.24 -41.99 61.36
N TYR DA 37 9.71 -41.40 60.27
CA TYR DA 37 10.18 -42.19 59.13
C TYR DA 37 11.47 -42.91 59.45
N GLU DA 38 12.32 -42.33 60.28
CA GLU DA 38 13.52 -43.01 60.70
C GLU DA 38 13.25 -43.98 61.84
N ASN DA 39 12.25 -43.70 62.66
CA ASN DA 39 11.93 -44.61 63.75
C ASN DA 39 11.21 -45.84 63.24
N HIS DA 40 10.46 -45.71 62.16
CA HIS DA 40 9.87 -46.88 61.53
C HIS DA 40 10.92 -47.74 60.85
N ASN DA 41 12.01 -47.12 60.41
CA ASN DA 41 13.10 -47.79 59.73
C ASN DA 41 14.34 -47.88 60.61
N LYS DA 42 14.13 -48.15 61.90
CA LYS DA 42 15.26 -48.25 62.80
C LYS DA 42 16.04 -49.52 62.52
N GLY DA 43 17.34 -49.38 62.34
CA GLY DA 43 18.20 -50.50 62.01
C GLY DA 43 18.63 -50.58 60.57
N LYS DA 44 17.99 -49.83 59.68
CA LYS DA 44 18.35 -49.82 58.28
C LYS DA 44 19.12 -48.56 57.89
N LEU DA 45 19.08 -47.53 58.69
CA LEU DA 45 19.71 -46.28 58.28
C LEU DA 45 21.21 -46.30 58.54
N TRP DA 46 21.92 -45.39 57.88
CA TRP DA 46 23.36 -45.32 58.01
C TRP DA 46 23.78 -44.89 59.40
N LYS DA 47 22.94 -44.12 60.10
CA LYS DA 47 23.25 -43.73 61.47
C LYS DA 47 23.24 -44.92 62.42
N ASP DA 48 22.58 -46.01 62.05
CA ASP DA 48 22.60 -47.23 62.85
C ASP DA 48 23.70 -48.17 62.36
N VAL DA 49 23.94 -48.22 61.05
CA VAL DA 49 25.00 -49.06 60.51
C VAL DA 49 26.37 -48.54 60.92
N LYS DA 50 26.51 -47.23 61.05
CA LYS DA 50 27.75 -46.65 61.57
C LYS DA 50 27.98 -47.00 63.04
N ALA DA 51 26.93 -47.37 63.77
CA ALA DA 51 27.10 -47.81 65.14
C ALA DA 51 27.48 -49.28 65.24
N ARG DA 52 27.15 -50.09 64.23
CA ARG DA 52 27.60 -51.47 64.23
C ARG DA 52 29.08 -51.60 63.89
N ILE DA 53 29.67 -50.55 63.31
CA ILE DA 53 31.11 -50.54 63.02
C ILE DA 53 31.77 -50.02 64.29
N ALA DA 54 31.99 -50.94 65.22
CA ALA DA 54 32.61 -50.62 66.50
C ALA DA 54 34.05 -51.12 66.52
N LYS EA 1 -14.00 24.77 56.99
CA LYS EA 1 -12.71 24.73 56.33
C LYS EA 1 -12.51 23.41 55.59
N THR EA 2 -11.47 23.33 54.79
CA THR EA 2 -11.24 22.20 53.89
C THR EA 2 -9.99 21.45 54.31
N GLY EA 3 -10.12 20.15 54.53
CA GLY EA 3 -8.98 19.33 54.85
C GLY EA 3 -8.09 19.09 53.65
N LEU EA 4 -6.91 18.55 53.90
CA LEU EA 4 -5.95 18.28 52.84
C LEU EA 4 -6.39 17.03 52.09
N HIS EA 5 -6.55 17.16 50.78
CA HIS EA 5 -7.10 16.05 50.00
C HIS EA 5 -6.11 15.49 48.98
N PHE EA 6 -5.62 16.31 48.05
CA PHE EA 6 -4.80 15.89 46.90
C PHE EA 6 -5.48 14.76 46.13
N GLY EA 7 -6.57 15.10 45.51
CA GLY EA 7 -7.27 14.16 44.64
C GLY EA 7 -8.20 13.25 45.44
N ARG EA 8 -7.87 11.97 45.49
CA ARG EA 8 -8.75 11.00 46.15
C ARG EA 8 -8.39 10.80 47.62
N LEU EA 9 -7.14 10.46 47.91
CA LEU EA 9 -6.76 10.01 49.25
C LEU EA 9 -6.55 11.21 50.16
N SER EA 10 -7.62 11.58 50.86
CA SER EA 10 -7.52 12.67 51.81
C SER EA 10 -6.81 12.22 53.08
N LEU EA 11 -6.56 13.17 53.98
CA LEU EA 11 -5.89 12.84 55.23
C LEU EA 11 -6.81 12.07 56.17
N ARG EA 12 -8.12 12.37 56.14
CA ARG EA 12 -9.04 11.67 57.02
C ARG EA 12 -9.25 10.23 56.58
N SER EA 13 -9.09 9.94 55.29
CA SER EA 13 -9.16 8.58 54.80
C SER EA 13 -7.82 7.87 54.87
N LEU EA 14 -6.80 8.54 55.39
CA LEU EA 14 -5.49 7.94 55.59
C LEU EA 14 -5.18 7.70 57.05
N THR EA 15 -5.69 8.54 57.95
CA THR EA 15 -5.53 8.30 59.37
C THR EA 15 -6.39 7.13 59.85
N ALA EA 16 -7.43 6.79 59.10
CA ALA EA 16 -8.27 5.65 59.44
C ALA EA 16 -7.79 4.35 58.81
N TYR EA 17 -6.74 4.39 58.00
CA TYR EA 17 -6.16 3.19 57.43
C TYR EA 17 -4.78 2.87 57.97
N ALA EA 18 -4.08 3.84 58.52
CA ALA EA 18 -2.76 3.64 59.09
C ALA EA 18 -2.74 2.72 60.32
N PRO EA 19 -3.78 2.62 61.15
CA PRO EA 19 -3.82 1.48 62.08
C PRO EA 19 -3.91 0.13 61.40
N ASN EA 20 -4.59 0.03 60.28
CA ASN EA 20 -4.70 -1.26 59.61
C ASN EA 20 -3.52 -1.55 58.70
N LEU EA 21 -2.94 -0.52 58.07
CA LEU EA 21 -1.78 -0.75 57.23
C LEU EA 21 -0.54 -1.09 58.04
N MET EA 22 -0.53 -0.80 59.33
CA MET EA 22 0.51 -1.32 60.19
C MET EA 22 0.37 -2.82 60.41
N LEU EA 23 -0.84 -3.37 60.24
CA LEU EA 23 -1.05 -4.80 60.33
C LEU EA 23 -0.79 -5.50 59.01
N TRP EA 24 -0.98 -4.82 57.89
CA TRP EA 24 -0.62 -5.43 56.61
C TRP EA 24 0.88 -5.49 56.43
N GLY EA 25 1.61 -4.56 57.04
CA GLY EA 25 3.06 -4.64 57.04
C GLY EA 25 3.60 -5.70 57.97
N GLY EA 26 2.78 -6.20 58.88
CA GLY EA 26 3.16 -7.32 59.71
C GLY EA 26 2.72 -8.62 59.10
N ALA EA 27 1.58 -8.60 58.40
CA ALA EA 27 1.10 -9.79 57.72
C ALA EA 27 1.85 -10.10 56.45
N SER EA 28 2.63 -9.14 55.93
CA SER EA 28 3.51 -9.40 54.82
C SER EA 28 4.94 -9.65 55.24
N MET EA 29 5.34 -9.17 56.43
CA MET EA 29 6.64 -9.54 56.96
C MET EA 29 6.65 -10.99 57.42
N LEU EA 30 5.54 -11.47 57.95
CA LEU EA 30 5.39 -12.90 58.20
C LEU EA 30 5.15 -13.66 56.91
N GLY EA 31 4.75 -12.98 55.84
CA GLY EA 31 4.67 -13.63 54.55
C GLY EA 31 6.01 -13.96 53.95
N LEU EA 32 7.05 -13.22 54.33
CA LEU EA 32 8.40 -13.54 53.87
C LEU EA 32 8.99 -14.70 54.66
N PHE EA 33 8.72 -14.77 55.96
CA PHE EA 33 9.28 -15.81 56.80
C PHE EA 33 8.69 -17.18 56.52
N VAL EA 34 7.63 -17.27 55.74
CA VAL EA 34 7.18 -18.57 55.26
C VAL EA 34 7.97 -18.97 54.02
N PHE EA 35 8.22 -18.02 53.12
CA PHE EA 35 8.78 -18.35 51.82
C PHE EA 35 10.29 -18.21 51.74
N THR EA 36 10.94 -17.76 52.81
CA THR EA 36 12.40 -17.75 52.83
C THR EA 36 13.02 -18.66 53.87
N GLU EA 37 12.36 -18.88 55.01
CA GLU EA 37 12.91 -19.78 56.02
C GLU EA 37 12.85 -21.20 55.48
N GLY EA 38 14.01 -21.70 55.11
CA GLY EA 38 14.15 -22.79 54.16
C GLY EA 38 15.41 -22.56 53.35
N TRP EA 39 15.93 -21.33 53.40
CA TRP EA 39 17.28 -21.02 52.95
C TRP EA 39 17.82 -19.95 53.87
N PRO EA 40 19.10 -20.01 54.26
CA PRO EA 40 19.58 -19.21 55.40
C PRO EA 40 19.62 -17.72 55.16
N LYS EA 41 18.59 -17.04 55.67
CA LYS EA 41 18.50 -15.58 55.63
C LYS EA 41 17.99 -15.15 56.99
N PHE EA 42 18.84 -14.50 57.77
CA PHE EA 42 18.55 -14.13 59.15
C PHE EA 42 18.12 -12.67 59.16
N GLN EA 43 16.86 -12.44 59.51
CA GLN EA 43 16.30 -11.11 59.65
C GLN EA 43 16.15 -10.78 61.12
N ASP EA 44 16.56 -9.58 61.51
CA ASP EA 44 16.47 -9.13 62.89
C ASP EA 44 16.44 -7.61 62.98
N THR FA 1 -40.07 -28.31 -12.64
CA THR FA 1 -39.58 -27.00 -12.28
C THR FA 1 -38.83 -27.06 -10.95
N GLY FA 2 -37.78 -27.86 -10.90
CA GLY FA 2 -36.94 -27.92 -9.72
C GLY FA 2 -35.50 -28.14 -10.12
N LEU FA 3 -34.61 -27.45 -9.41
CA LEU FA 3 -33.18 -27.56 -9.64
C LEU FA 3 -32.58 -28.50 -8.60
N HIS FA 4 -31.44 -29.10 -8.91
CA HIS FA 4 -30.72 -29.88 -7.94
C HIS FA 4 -29.91 -28.95 -7.05
N PHE FA 5 -29.92 -29.22 -5.76
CA PHE FA 5 -29.39 -28.26 -4.80
C PHE FA 5 -29.07 -28.95 -3.49
N GLY FA 6 -28.04 -28.44 -2.82
CA GLY FA 6 -27.70 -28.78 -1.46
C GLY FA 6 -27.25 -27.55 -0.70
N ARG FA 7 -27.87 -26.40 -1.00
CA ARG FA 7 -27.53 -24.99 -0.80
C ARG FA 7 -26.47 -24.52 -1.82
N LEU FA 8 -25.89 -25.41 -2.60
CA LEU FA 8 -25.20 -25.03 -3.83
C LEU FA 8 -25.98 -25.63 -4.99
N SER FA 9 -26.16 -24.86 -6.04
CA SER FA 9 -26.99 -25.29 -7.13
C SER FA 9 -26.16 -25.94 -8.22
N LEU FA 10 -26.75 -26.92 -8.89
CA LEU FA 10 -26.08 -27.51 -10.05
C LEU FA 10 -25.99 -26.51 -11.20
N ARG FA 11 -26.97 -25.62 -11.33
CA ARG FA 11 -26.86 -24.54 -12.28
C ARG FA 11 -25.84 -23.50 -11.84
N SER FA 12 -25.58 -23.38 -10.55
CA SER FA 12 -24.55 -22.48 -10.05
C SER FA 12 -23.22 -23.19 -9.83
N LEU FA 13 -23.14 -24.48 -10.14
CA LEU FA 13 -21.85 -25.16 -10.15
C LEU FA 13 -21.23 -25.16 -11.54
N THR FA 14 -22.05 -25.31 -12.57
CA THR FA 14 -21.54 -25.27 -13.94
C THR FA 14 -21.21 -23.86 -14.41
N ALA FA 15 -21.51 -22.85 -13.62
CA ALA FA 15 -21.06 -21.50 -13.92
C ALA FA 15 -19.67 -21.23 -13.38
N TYR FA 16 -19.16 -22.10 -12.50
CA TYR FA 16 -17.82 -21.96 -11.96
C TYR FA 16 -16.85 -23.00 -12.49
N ALA FA 17 -17.35 -24.09 -13.09
CA ALA FA 17 -16.47 -25.12 -13.61
C ALA FA 17 -15.51 -24.66 -14.70
N PRO FA 18 -15.79 -23.61 -15.51
CA PRO FA 18 -14.67 -22.94 -16.18
C PRO FA 18 -13.65 -22.36 -15.22
N ASN FA 19 -14.08 -21.53 -14.29
CA ASN FA 19 -13.12 -20.85 -13.43
C ASN FA 19 -12.61 -21.73 -12.29
N LEU FA 20 -13.16 -22.92 -12.10
CA LEU FA 20 -12.52 -23.83 -11.16
C LEU FA 20 -11.39 -24.58 -11.81
N MET FA 21 -11.43 -24.77 -13.13
CA MET FA 21 -10.30 -25.36 -13.82
C MET FA 21 -9.20 -24.35 -14.05
N LEU FA 22 -9.54 -23.07 -14.21
CA LEU FA 22 -8.52 -22.05 -14.32
C LEU FA 22 -7.83 -21.77 -12.99
N TRP FA 23 -8.47 -22.11 -11.88
CA TRP FA 23 -7.82 -21.98 -10.59
C TRP FA 23 -6.97 -23.19 -10.24
N GLY FA 24 -7.27 -24.35 -10.81
CA GLY FA 24 -6.37 -25.48 -10.68
C GLY FA 24 -5.08 -25.25 -11.44
N GLY FA 25 -5.17 -24.59 -12.60
CA GLY FA 25 -3.97 -24.25 -13.34
C GLY FA 25 -3.16 -23.16 -12.69
N ALA FA 26 -3.81 -22.24 -11.99
CA ALA FA 26 -3.06 -21.19 -11.32
C ALA FA 26 -2.45 -21.65 -10.00
N SER FA 27 -2.78 -22.85 -9.54
CA SER FA 27 -2.14 -23.42 -8.37
C SER FA 27 -1.01 -24.37 -8.74
N MET FA 28 -1.17 -25.13 -9.83
CA MET FA 28 -0.05 -25.91 -10.35
C MET FA 28 1.06 -25.01 -10.86
N LEU FA 29 0.71 -23.85 -11.40
CA LEU FA 29 1.72 -22.85 -11.73
C LEU FA 29 2.30 -22.19 -10.49
N GLY FA 30 1.64 -22.32 -9.35
CA GLY FA 30 2.20 -21.80 -8.12
C GLY FA 30 2.98 -22.87 -7.39
N LEU FA 31 2.67 -24.12 -7.69
CA LEU FA 31 3.43 -25.22 -7.13
C LEU FA 31 4.79 -25.34 -7.80
N PHE FA 32 4.86 -25.03 -9.10
CA PHE FA 32 6.13 -25.12 -9.81
C PHE FA 32 7.08 -24.01 -9.44
N VAL FA 33 6.57 -22.90 -8.93
CA VAL FA 33 7.44 -21.80 -8.53
C VAL FA 33 8.16 -22.12 -7.24
N PHE FA 34 7.40 -22.57 -6.24
CA PHE FA 34 7.99 -22.79 -4.92
C PHE FA 34 8.74 -24.10 -4.81
N THR FA 35 8.43 -25.08 -5.67
CA THR FA 35 9.10 -26.36 -5.59
C THR FA 35 9.98 -26.60 -6.81
N GLU FA 36 10.75 -25.60 -7.20
CA GLU FA 36 11.92 -25.81 -8.04
C GLU FA 36 13.15 -25.52 -7.20
N GLY FA 37 14.26 -26.12 -7.57
CA GLY FA 37 15.37 -26.29 -6.67
C GLY FA 37 15.31 -27.57 -5.88
N TRP FA 38 14.13 -28.16 -5.75
CA TRP FA 38 13.93 -29.53 -5.33
C TRP FA 38 14.51 -30.44 -6.41
N PRO FA 39 15.59 -31.17 -6.13
CA PRO FA 39 16.22 -31.97 -7.20
C PRO FA 39 15.41 -33.19 -7.61
N LYS FA 40 14.44 -33.61 -6.80
CA LYS FA 40 13.56 -34.69 -7.24
C LYS FA 40 12.56 -34.19 -8.27
N PHE FA 41 12.03 -32.98 -8.09
CA PHE FA 41 11.09 -32.42 -9.04
C PHE FA 41 11.75 -31.88 -10.29
N GLN FA 42 13.07 -31.80 -10.32
CA GLN FA 42 13.76 -31.39 -11.54
C GLN FA 42 13.98 -32.55 -12.51
N ASP FA 43 13.32 -33.69 -12.32
CA ASP FA 43 13.27 -34.69 -13.37
C ASP FA 43 12.24 -34.33 -14.42
N THR FA 44 11.21 -33.57 -14.04
CA THR FA 44 10.21 -33.05 -14.96
C THR FA 44 10.17 -31.52 -14.93
N LEU FA 45 11.31 -30.88 -14.72
CA LEU FA 45 11.32 -29.43 -14.67
C LEU FA 45 12.51 -28.81 -15.39
N TYR FA 46 13.54 -29.57 -15.75
CA TYR FA 46 14.39 -29.13 -16.86
C TYR FA 46 14.25 -30.05 -18.06
N LYS FA 47 13.06 -30.62 -18.24
CA LYS FA 47 12.68 -31.19 -19.52
C LYS FA 47 12.19 -30.12 -20.49
N LYS FA 48 11.99 -28.90 -20.02
CA LYS FA 48 11.56 -27.79 -20.85
C LYS FA 48 12.65 -27.42 -21.83
N ILE FA 49 12.25 -26.81 -22.96
CA ILE FA 49 13.11 -26.79 -24.12
C ILE FA 49 14.21 -25.74 -23.94
N PRO FA 50 13.94 -24.51 -23.44
CA PRO FA 50 15.03 -23.78 -22.76
C PRO FA 50 14.94 -24.01 -21.27
N LEU FA 51 15.86 -23.42 -20.52
CA LEU FA 51 15.93 -23.42 -19.04
C LEU FA 51 15.70 -24.78 -18.37
#